data_2Q51
#
_entry.id   2Q51
#
_cell.length_a   145.551
_cell.length_b   145.551
_cell.length_c   103.396
_cell.angle_alpha   90.00
_cell.angle_beta   90.00
_cell.angle_gamma   90.00
#
_symmetry.space_group_name_H-M   'P 42 21 2'
#
loop_
_entity.id
_entity.type
_entity.pdbx_description
1 polymer Aspartoacylase
2 non-polymer 'ZINC ION'
3 non-polymer 'PHOSPHATE ION'
4 water water
#
_entity_poly.entity_id   1
_entity_poly.type   'polypeptide(L)'
_entity_poly.pdbx_seq_one_letter_code
;AIATSCHIAEEHIQKVAIFGGTHGNELTGVFLVKHWLENGAEIQRTGLEVKPFITNPRAVKKCTRYIDCDLNRIFDLENL
GKK(MSE)SEDLPYEVRRAQEINHLFGPKDSEDSYDIIFDLHNTTSN(MSE)GCTLILEDSRNNFLIQ(MSE)FHYIKTS
LAPLPCYVYLIEHPSLKYATTRSIAKYPVGIEVGPQPQGVLRADILDQ(MSE)RK(MSE)IKHALDFIHHFNEGKEFPPC
AIEVYKIIEKVDYPRDENGEIAAIIHPNLQDQDWKPLHPGDP(MSE)FLTLDGKTIPLGGDCTVYPVFVNEAAYYEKKEA
FAKTTKLTLNAKSIRCCLH
;
_entity_poly.pdbx_strand_id   A,B
#
# COMPACT_ATOMS: atom_id res chain seq x y z
N GLU A 11 -26.80 33.10 -2.17
CA GLU A 11 -27.88 32.11 -1.78
C GLU A 11 -27.66 31.49 -0.39
N HIS A 12 -28.26 30.32 -0.24
CA HIS A 12 -28.20 29.56 0.99
C HIS A 12 -27.54 28.21 0.65
N ILE A 13 -27.97 27.17 1.38
CA ILE A 13 -27.50 25.79 1.22
C ILE A 13 -28.61 25.09 0.41
N GLN A 14 -28.46 23.77 0.26
CA GLN A 14 -29.41 22.97 -0.47
C GLN A 14 -28.90 21.55 -0.61
N LYS A 15 -28.48 21.20 -1.82
CA LYS A 15 -27.97 19.88 -2.16
C LYS A 15 -26.54 19.54 -1.63
N VAL A 16 -26.42 18.37 -0.98
CA VAL A 16 -25.13 17.92 -0.41
C VAL A 16 -24.68 16.53 -0.90
N ALA A 17 -23.41 16.41 -1.27
CA ALA A 17 -22.91 15.11 -1.73
C ALA A 17 -21.66 14.56 -1.03
N ILE A 18 -21.56 13.24 -1.06
CA ILE A 18 -20.41 12.53 -0.53
C ILE A 18 -19.93 11.64 -1.66
N PHE A 19 -18.80 12.03 -2.26
CA PHE A 19 -18.17 11.30 -3.34
C PHE A 19 -17.14 10.30 -2.84
N GLY A 20 -17.29 9.04 -3.27
CA GLY A 20 -16.34 8.00 -2.94
C GLY A 20 -16.00 7.23 -4.23
N GLY A 21 -14.71 7.10 -4.55
CA GLY A 21 -14.34 6.34 -5.73
C GLY A 21 -13.55 7.04 -6.84
N THR A 22 -13.13 8.28 -6.58
CA THR A 22 -12.35 9.08 -7.54
C THR A 22 -11.01 8.34 -7.89
N HIS A 23 -10.42 7.78 -6.84
CA HIS A 23 -9.22 6.96 -6.97
C HIS A 23 -9.79 5.59 -6.60
N GLY A 24 -9.94 4.75 -7.61
CA GLY A 24 -10.51 3.41 -7.46
C GLY A 24 -9.89 2.44 -6.48
N ASN A 25 -8.63 2.63 -6.11
CA ASN A 25 -8.03 1.70 -5.20
C ASN A 25 -7.63 2.39 -3.91
N GLU A 26 -8.50 3.31 -3.45
CA GLU A 26 -8.40 4.05 -2.16
C GLU A 26 -9.70 3.57 -1.44
N LEU A 27 -9.62 2.46 -0.71
CA LEU A 27 -10.84 1.87 -0.18
C LEU A 27 -11.57 2.35 1.03
N THR A 28 -10.92 2.91 2.04
CA THR A 28 -11.78 3.29 3.17
C THR A 28 -12.50 4.54 2.73
N GLY A 29 -12.03 5.19 1.67
CA GLY A 29 -12.75 6.34 1.20
C GLY A 29 -13.96 5.88 0.35
N VAL A 30 -13.82 4.68 -0.23
CA VAL A 30 -14.84 4.11 -1.11
C VAL A 30 -15.86 3.20 -0.48
N PHE A 31 -15.42 2.18 0.25
CA PHE A 31 -16.29 1.20 0.94
C PHE A 31 -17.66 1.81 1.36
N LEU A 32 -17.67 2.57 2.46
CA LEU A 32 -18.84 3.27 3.00
C LEU A 32 -19.88 3.71 1.98
N VAL A 33 -19.46 4.18 0.81
CA VAL A 33 -20.44 4.65 -0.17
C VAL A 33 -21.25 3.50 -0.73
N LYS A 34 -20.59 2.39 -1.02
CA LYS A 34 -21.27 1.24 -1.55
C LYS A 34 -22.44 0.88 -0.64
N HIS A 35 -22.25 1.08 0.66
CA HIS A 35 -23.30 0.79 1.65
C HIS A 35 -24.38 1.89 1.66
N TRP A 36 -23.95 3.13 1.49
CA TRP A 36 -24.84 4.29 1.50
C TRP A 36 -25.49 4.43 0.12
N LEU A 37 -25.97 3.30 -0.36
CA LEU A 37 -26.62 3.16 -1.63
C LEU A 37 -27.36 1.84 -1.44
N GLU A 38 -26.89 1.10 -0.45
CA GLU A 38 -27.48 -0.16 -0.11
C GLU A 38 -28.46 0.21 1.01
N ASN A 39 -27.99 0.43 2.23
CA ASN A 39 -28.92 0.81 3.31
C ASN A 39 -28.53 2.13 3.96
N GLY A 40 -28.62 3.19 3.16
CA GLY A 40 -28.24 4.53 3.60
C GLY A 40 -28.76 5.17 4.86
N ALA A 41 -29.55 4.45 5.64
CA ALA A 41 -30.13 4.98 6.88
C ALA A 41 -29.07 5.48 7.86
N GLU A 42 -27.83 5.04 7.62
CA GLU A 42 -26.65 5.35 8.40
C GLU A 42 -26.12 6.77 8.38
N ILE A 43 -26.71 7.65 7.59
CA ILE A 43 -26.17 8.98 7.50
C ILE A 43 -27.18 10.08 7.21
N GLN A 44 -28.45 9.71 7.00
CA GLN A 44 -29.55 10.65 6.75
C GLN A 44 -30.12 11.24 8.08
N ARG A 45 -29.99 12.57 8.26
CA ARG A 45 -30.48 13.30 9.48
C ARG A 45 -31.93 13.83 9.39
N THR A 46 -32.40 14.59 10.38
CA THR A 46 -33.81 15.10 10.34
C THR A 46 -33.98 16.58 9.97
N GLY A 47 -33.51 16.96 8.78
CA GLY A 47 -33.60 18.33 8.33
C GLY A 47 -32.68 18.54 7.15
N LEU A 48 -31.40 18.17 7.35
CA LEU A 48 -30.36 18.28 6.32
C LEU A 48 -30.47 17.23 5.20
N GLU A 49 -29.92 17.54 4.02
CA GLU A 49 -29.95 16.59 2.92
C GLU A 49 -28.54 16.27 2.34
N VAL A 50 -28.12 15.00 2.48
CA VAL A 50 -26.81 14.49 2.03
C VAL A 50 -26.91 13.42 0.96
N LYS A 51 -26.14 13.57 -0.11
CA LYS A 51 -26.16 12.59 -1.21
C LYS A 51 -24.83 11.81 -1.38
N PRO A 52 -24.85 10.47 -1.13
CA PRO A 52 -23.68 9.57 -1.25
C PRO A 52 -23.61 8.97 -2.67
N PHE A 53 -22.49 9.17 -3.35
CA PHE A 53 -22.33 8.73 -4.74
C PHE A 53 -20.93 8.16 -5.01
N ILE A 54 -20.85 7.04 -5.77
CA ILE A 54 -19.54 6.45 -6.14
C ILE A 54 -19.17 7.05 -7.47
N THR A 55 -18.11 7.88 -7.51
CA THR A 55 -17.71 8.55 -8.77
C THR A 55 -17.12 7.74 -9.91
N ASN A 56 -16.08 6.92 -9.67
CA ASN A 56 -15.51 6.11 -10.75
C ASN A 56 -15.77 4.62 -10.54
N PRO A 57 -17.01 4.16 -10.83
CA PRO A 57 -17.44 2.77 -10.69
C PRO A 57 -16.50 1.76 -11.27
N ARG A 58 -15.99 2.08 -12.46
CA ARG A 58 -15.08 1.16 -13.12
C ARG A 58 -13.68 1.07 -12.45
N ALA A 59 -13.18 2.21 -11.94
CA ALA A 59 -11.87 2.19 -11.30
C ALA A 59 -12.01 1.60 -9.89
N VAL A 60 -13.25 1.49 -9.41
CA VAL A 60 -13.49 0.88 -8.09
C VAL A 60 -13.46 -0.60 -8.35
N LYS A 61 -14.32 -1.10 -9.24
CA LYS A 61 -14.36 -2.53 -9.50
C LYS A 61 -13.00 -3.21 -9.71
N LYS A 62 -12.15 -2.65 -10.58
CA LYS A 62 -10.83 -3.22 -10.82
C LYS A 62 -10.07 -3.09 -9.49
N CYS A 63 -10.34 -1.95 -8.83
CA CYS A 63 -9.68 -1.55 -7.58
C CYS A 63 -8.33 -0.97 -8.11
N THR A 64 -8.42 0.13 -8.86
CA THR A 64 -7.21 0.66 -9.46
C THR A 64 -7.24 2.20 -9.68
N ARG A 65 -6.30 2.95 -9.07
CA ARG A 65 -6.23 4.43 -9.18
C ARG A 65 -7.13 4.93 -10.29
N TYR A 66 -6.78 4.66 -11.53
CA TYR A 66 -7.69 5.01 -12.62
C TYR A 66 -7.71 3.96 -13.76
N ILE A 67 -8.56 4.19 -14.78
CA ILE A 67 -8.64 3.28 -15.91
C ILE A 67 -8.12 3.94 -17.17
N ASP A 68 -8.23 5.25 -17.27
CA ASP A 68 -7.77 5.92 -18.46
C ASP A 68 -6.97 7.15 -18.09
N CYS A 69 -7.44 7.87 -17.06
CA CYS A 69 -6.79 9.08 -16.55
C CYS A 69 -7.34 9.51 -15.20
N ASP A 70 -6.54 10.24 -14.44
CA ASP A 70 -6.94 10.69 -13.10
C ASP A 70 -8.21 11.50 -13.09
N LEU A 71 -9.32 10.87 -12.70
CA LEU A 71 -10.62 11.54 -12.62
C LEU A 71 -10.54 12.78 -11.77
N ASN A 72 -9.54 12.81 -10.89
CA ASN A 72 -9.36 13.92 -9.98
C ASN A 72 -8.68 15.17 -10.54
N ARG A 73 -8.26 15.12 -11.80
CA ARG A 73 -7.58 16.24 -12.41
C ARG A 73 -8.36 16.73 -13.64
N ILE A 74 -9.60 16.29 -13.73
CA ILE A 74 -10.42 16.64 -14.89
C ILE A 74 -11.84 17.21 -14.65
N PHE A 75 -12.01 18.02 -13.62
CA PHE A 75 -13.32 18.60 -13.36
C PHE A 75 -13.17 20.10 -13.59
N ASP A 76 -13.05 20.43 -14.86
CA ASP A 76 -12.87 21.79 -15.26
C ASP A 76 -13.03 21.95 -16.78
N LEU A 77 -13.12 23.22 -17.20
CA LEU A 77 -13.29 23.59 -18.58
C LEU A 77 -12.46 22.62 -19.38
N GLU A 78 -11.14 22.88 -19.43
CA GLU A 78 -10.15 22.06 -20.12
C GLU A 78 -10.66 20.64 -20.48
N ASN A 79 -11.20 19.91 -19.51
CA ASN A 79 -11.71 18.56 -19.75
C ASN A 79 -13.17 18.52 -20.01
N LEU A 80 -13.92 19.07 -19.05
CA LEU A 80 -15.37 19.12 -19.14
C LEU A 80 -15.79 19.57 -20.52
N GLY A 81 -15.19 20.66 -20.99
CA GLY A 81 -15.52 21.18 -22.31
C GLY A 81 -15.39 20.29 -23.55
N LYS A 82 -14.51 19.29 -23.53
CA LYS A 82 -14.32 18.40 -24.68
C LYS A 82 -15.61 17.67 -25.14
N LYS A 83 -15.78 17.49 -26.45
CA LYS A 83 -16.97 16.81 -27.03
C LYS A 83 -17.04 15.26 -27.32
N SER A 85 -17.39 11.52 -27.89
CA SER A 85 -16.79 10.45 -28.67
C SER A 85 -16.55 9.25 -27.76
N GLU A 86 -17.46 8.29 -27.96
CA GLU A 86 -17.43 7.03 -27.26
C GLU A 86 -15.98 6.55 -27.23
N ASP A 87 -15.12 7.25 -27.97
CA ASP A 87 -13.70 6.94 -28.03
C ASP A 87 -12.95 7.50 -26.83
N LEU A 88 -13.13 8.80 -26.59
CA LEU A 88 -12.51 9.54 -25.48
C LEU A 88 -12.20 8.69 -24.23
N PRO A 89 -11.17 9.09 -23.46
CA PRO A 89 -10.75 8.42 -22.23
C PRO A 89 -11.88 8.33 -21.23
N TYR A 90 -12.16 7.10 -20.79
CA TYR A 90 -13.23 6.83 -19.85
C TYR A 90 -13.55 7.92 -18.78
N GLU A 91 -12.55 8.25 -17.95
CA GLU A 91 -12.76 9.24 -16.90
C GLU A 91 -13.28 10.61 -17.40
N VAL A 92 -12.94 10.98 -18.64
CA VAL A 92 -13.45 12.24 -19.19
C VAL A 92 -15.02 12.26 -19.18
N ARG A 93 -15.61 11.57 -20.15
CA ARG A 93 -17.06 11.40 -20.26
C ARG A 93 -17.72 11.34 -18.87
N ARG A 94 -16.96 10.82 -17.93
CA ARG A 94 -17.40 10.61 -16.58
C ARG A 94 -17.50 11.95 -15.78
N ALA A 95 -16.46 12.79 -15.88
CA ALA A 95 -16.44 14.10 -15.20
C ALA A 95 -17.55 14.99 -15.83
N GLN A 96 -17.72 14.81 -17.15
CA GLN A 96 -18.71 15.50 -17.94
C GLN A 96 -20.09 15.30 -17.33
N GLU A 97 -20.54 14.06 -17.39
CA GLU A 97 -21.82 13.65 -16.82
C GLU A 97 -21.91 14.07 -15.36
N ILE A 98 -20.87 13.75 -14.58
CA ILE A 98 -20.85 14.12 -13.18
C ILE A 98 -21.25 15.61 -13.03
N ASN A 99 -20.93 16.40 -14.06
CA ASN A 99 -21.30 17.81 -14.05
C ASN A 99 -22.84 17.96 -14.06
N HIS A 100 -23.56 16.99 -14.63
CA HIS A 100 -25.04 17.09 -14.60
C HIS A 100 -25.65 16.72 -13.29
N LEU A 101 -25.23 15.63 -12.69
CA LEU A 101 -25.79 15.26 -11.42
C LEU A 101 -25.55 16.22 -10.20
N PHE A 102 -24.35 16.79 -10.07
CA PHE A 102 -24.05 17.65 -8.91
C PHE A 102 -23.57 19.03 -9.38
N GLY A 103 -23.42 19.13 -10.70
CA GLY A 103 -22.97 20.36 -11.33
C GLY A 103 -24.05 20.87 -12.25
N PRO A 104 -23.69 21.45 -13.41
CA PRO A 104 -22.33 21.66 -13.88
C PRO A 104 -21.54 22.51 -12.91
N LYS A 105 -20.21 22.57 -13.08
CA LYS A 105 -19.32 23.40 -12.22
C LYS A 105 -19.56 24.87 -12.64
N ASP A 106 -19.40 25.80 -11.67
CA ASP A 106 -19.61 27.23 -11.89
C ASP A 106 -21.08 27.61 -12.15
N SER A 107 -21.93 26.59 -12.31
CA SER A 107 -23.35 26.78 -12.50
C SER A 107 -24.00 27.22 -11.18
N GLU A 108 -25.32 27.24 -11.17
CA GLU A 108 -26.07 27.70 -10.02
C GLU A 108 -26.86 26.64 -9.29
N ASP A 109 -27.44 25.73 -10.03
CA ASP A 109 -28.22 24.66 -9.45
C ASP A 109 -27.31 23.61 -8.81
N SER A 110 -26.03 23.69 -9.16
CA SER A 110 -25.03 22.73 -8.70
C SER A 110 -24.62 22.84 -7.25
N TYR A 111 -24.59 21.68 -6.60
CA TYR A 111 -24.22 21.55 -5.19
C TYR A 111 -23.28 22.62 -4.64
N ASP A 112 -23.40 22.80 -3.33
CA ASP A 112 -22.62 23.79 -2.62
C ASP A 112 -21.78 23.05 -1.56
N ILE A 113 -22.21 21.84 -1.25
CA ILE A 113 -21.48 20.97 -0.32
C ILE A 113 -21.40 19.49 -0.80
N ILE A 114 -20.28 19.14 -1.44
CA ILE A 114 -19.97 17.77 -1.89
C ILE A 114 -18.68 17.40 -1.13
N PHE A 115 -18.46 16.11 -0.87
CA PHE A 115 -17.21 15.65 -0.21
C PHE A 115 -16.49 14.61 -1.13
N ASP A 116 -15.22 14.85 -1.46
CA ASP A 116 -14.39 14.00 -2.32
C ASP A 116 -13.51 13.07 -1.44
N LEU A 117 -14.09 12.05 -0.79
CA LEU A 117 -13.32 11.11 0.08
C LEU A 117 -12.10 10.36 -0.55
N HIS A 118 -10.98 10.37 0.16
CA HIS A 118 -9.74 9.71 -0.25
C HIS A 118 -8.97 9.00 0.89
N ASN A 119 -7.83 8.39 0.52
CA ASN A 119 -6.95 7.72 1.47
C ASN A 119 -5.54 7.76 0.92
N THR A 120 -4.57 7.97 1.80
CA THR A 120 -3.15 8.05 1.39
C THR A 120 -2.25 6.97 1.99
N THR A 121 -1.02 6.91 1.52
CA THR A 121 -0.07 5.92 2.05
C THR A 121 0.90 6.66 2.95
N SER A 122 1.02 7.97 2.77
CA SER A 122 1.91 8.76 3.60
C SER A 122 1.31 8.81 5.02
N ASN A 123 2.16 9.01 6.03
CA ASN A 123 1.63 9.07 7.38
C ASN A 123 1.02 10.41 7.82
N GLY A 125 -2.66 11.03 8.88
CA GLY A 125 -3.80 11.17 9.78
C GLY A 125 -4.83 12.13 9.22
N CYS A 126 -5.81 12.55 10.03
CA CYS A 126 -6.89 13.43 9.54
C CYS A 126 -6.37 14.63 8.78
N THR A 127 -6.83 14.76 7.53
CA THR A 127 -6.43 15.87 6.67
C THR A 127 -7.59 16.47 5.88
N LEU A 128 -7.88 17.75 6.16
CA LEU A 128 -8.93 18.46 5.45
C LEU A 128 -8.17 19.28 4.42
N ILE A 129 -8.66 19.31 3.19
CA ILE A 129 -7.97 20.07 2.17
C ILE A 129 -8.71 21.35 1.75
N LEU A 130 -8.05 22.48 1.91
CA LEU A 130 -8.65 23.73 1.54
C LEU A 130 -8.16 24.13 0.14
N GLU A 131 -9.09 24.58 -0.72
CA GLU A 131 -8.75 24.99 -2.09
C GLU A 131 -8.31 26.49 -2.19
N ASP A 132 -9.23 27.45 -2.16
CA ASP A 132 -8.82 28.88 -2.18
C ASP A 132 -8.70 29.24 -0.69
N SER A 133 -7.84 30.20 -0.37
CA SER A 133 -7.65 30.60 1.02
C SER A 133 -8.77 31.50 1.48
N ARG A 134 -9.17 32.43 0.63
CA ARG A 134 -10.27 33.33 0.96
C ARG A 134 -11.53 32.47 0.91
N ASN A 135 -11.81 31.77 2.00
CA ASN A 135 -12.98 30.93 2.10
C ASN A 135 -13.50 31.01 3.52
N ASN A 136 -13.75 32.26 3.95
CA ASN A 136 -14.28 32.55 5.27
C ASN A 136 -15.01 31.30 5.79
N PHE A 137 -16.17 31.01 5.21
CA PHE A 137 -16.93 29.86 5.69
C PHE A 137 -16.05 28.64 5.84
N LEU A 138 -15.71 28.01 4.70
CA LEU A 138 -14.88 26.81 4.73
C LEU A 138 -13.92 26.89 5.89
N ILE A 139 -13.37 28.06 6.18
CA ILE A 139 -12.45 28.08 7.30
C ILE A 139 -13.16 27.88 8.62
N GLN A 140 -14.34 28.51 8.80
CA GLN A 140 -15.06 28.33 10.07
C GLN A 140 -15.25 26.82 10.24
N PHE A 142 -13.48 24.25 8.50
CA PHE A 142 -12.17 23.62 8.63
C PHE A 142 -11.65 23.98 10.00
N HIS A 143 -12.23 25.02 10.58
CA HIS A 143 -11.86 25.42 11.92
C HIS A 143 -12.75 24.66 12.90
N TYR A 144 -14.02 24.43 12.54
CA TYR A 144 -15.01 23.71 13.38
C TYR A 144 -14.91 22.17 13.34
N ILE A 145 -14.01 21.67 12.49
CA ILE A 145 -13.74 20.25 12.34
C ILE A 145 -12.54 19.90 13.22
N LYS A 146 -11.45 20.64 13.03
CA LYS A 146 -10.25 20.43 13.84
C LYS A 146 -10.73 20.41 15.28
N THR A 147 -11.53 21.40 15.66
CA THR A 147 -12.01 21.45 17.02
C THR A 147 -12.85 20.25 17.37
N SER A 148 -13.94 20.00 16.66
CA SER A 148 -14.75 18.83 16.97
C SER A 148 -14.00 17.50 16.97
N LEU A 149 -12.72 17.52 16.59
CA LEU A 149 -11.88 16.31 16.52
C LEU A 149 -11.08 15.81 17.69
N ALA A 150 -10.38 16.69 18.39
CA ALA A 150 -9.61 16.21 19.55
C ALA A 150 -10.34 15.22 20.47
N PRO A 151 -9.56 14.35 21.12
CA PRO A 151 -8.10 14.34 21.01
C PRO A 151 -7.44 13.82 19.72
N LEU A 152 -8.19 13.14 18.85
CA LEU A 152 -7.66 12.57 17.61
C LEU A 152 -7.29 13.73 16.73
N PRO A 153 -6.02 13.80 16.32
CA PRO A 153 -5.39 14.82 15.47
C PRO A 153 -6.00 14.99 14.08
N CYS A 154 -6.07 16.24 13.63
CA CYS A 154 -6.64 16.65 12.34
C CYS A 154 -5.79 17.78 11.79
N TYR A 155 -5.62 17.81 10.48
CA TYR A 155 -4.78 18.82 9.84
C TYR A 155 -5.39 19.48 8.63
N VAL A 156 -5.00 20.73 8.38
CA VAL A 156 -5.52 21.43 7.20
C VAL A 156 -4.43 21.74 6.19
N TYR A 157 -4.64 21.26 4.95
CA TYR A 157 -3.74 21.42 3.82
C TYR A 157 -4.29 22.47 2.84
N LEU A 158 -3.50 23.47 2.46
CA LEU A 158 -3.99 24.47 1.50
C LEU A 158 -3.27 24.45 0.12
N ILE A 159 -4.04 24.46 -0.96
CA ILE A 159 -3.49 24.50 -2.33
C ILE A 159 -3.70 25.93 -2.93
N GLU A 160 -2.89 26.92 -2.53
CA GLU A 160 -3.16 28.27 -3.04
C GLU A 160 -2.70 28.54 -4.47
N HIS A 161 -3.51 28.12 -5.43
CA HIS A 161 -3.18 28.32 -6.83
C HIS A 161 -3.19 29.83 -7.17
N PRO A 162 -2.00 30.46 -7.18
CA PRO A 162 -2.01 31.89 -7.50
C PRO A 162 -2.69 31.95 -8.86
N SER A 163 -2.30 30.97 -9.68
CA SER A 163 -2.83 30.75 -11.03
C SER A 163 -4.30 31.14 -10.93
N LEU A 164 -4.97 30.45 -10.00
CA LEU A 164 -6.36 30.64 -9.65
C LEU A 164 -7.37 29.76 -10.37
N LYS A 165 -7.08 28.46 -10.54
CA LYS A 165 -8.04 27.56 -11.20
C LYS A 165 -7.97 26.07 -10.84
N TYR A 166 -9.07 25.48 -10.41
CA TYR A 166 -9.00 24.07 -10.03
C TYR A 166 -9.75 23.09 -10.94
N ALA A 167 -9.26 21.84 -11.00
CA ALA A 167 -9.83 20.79 -11.85
C ALA A 167 -10.27 19.55 -11.06
N THR A 168 -10.23 19.62 -9.72
CA THR A 168 -10.61 18.51 -8.86
C THR A 168 -12.05 18.11 -8.97
N THR A 169 -12.33 16.85 -8.62
CA THR A 169 -13.68 16.32 -8.64
C THR A 169 -14.58 17.17 -7.73
N ARG A 170 -14.12 17.41 -6.51
CA ARG A 170 -14.90 18.22 -5.55
C ARG A 170 -15.12 19.72 -5.95
N SER A 171 -14.32 20.16 -6.92
CA SER A 171 -14.36 21.54 -7.38
C SER A 171 -15.63 21.93 -8.17
N ILE A 172 -16.62 21.05 -8.19
CA ILE A 172 -17.88 21.39 -8.84
C ILE A 172 -18.76 22.20 -7.82
N ALA A 173 -18.58 21.96 -6.51
CA ALA A 173 -19.39 22.61 -5.47
C ALA A 173 -19.02 24.06 -5.10
N LYS A 174 -20.00 24.87 -4.67
CA LYS A 174 -19.74 26.25 -4.26
C LYS A 174 -18.57 26.22 -3.26
N TYR A 175 -18.77 25.46 -2.19
CA TYR A 175 -17.78 25.34 -1.11
C TYR A 175 -17.15 23.93 -1.02
N PRO A 176 -16.09 23.62 -1.81
CA PRO A 176 -15.42 22.29 -1.80
C PRO A 176 -14.72 21.89 -0.51
N VAL A 177 -14.60 20.59 -0.28
CA VAL A 177 -13.92 20.07 0.91
C VAL A 177 -13.19 18.74 0.68
N GLY A 178 -11.88 18.73 0.80
CA GLY A 178 -11.19 17.47 0.58
C GLY A 178 -11.03 16.68 1.88
N ILE A 179 -11.44 15.40 1.93
CA ILE A 179 -11.20 14.57 3.14
C ILE A 179 -10.23 13.40 2.80
N GLU A 180 -9.11 13.33 3.51
CA GLU A 180 -8.12 12.29 3.25
C GLU A 180 -7.67 11.63 4.54
N VAL A 181 -7.49 10.31 4.52
CA VAL A 181 -7.02 9.69 5.76
C VAL A 181 -5.84 8.76 5.51
N GLY A 182 -4.76 8.96 6.26
CA GLY A 182 -3.57 8.12 6.10
C GLY A 182 -3.21 7.35 7.36
N PRO A 183 -2.53 6.20 7.24
CA PRO A 183 -2.08 5.57 5.99
C PRO A 183 -2.80 4.24 5.66
N GLN A 184 -3.24 4.11 4.43
CA GLN A 184 -3.96 2.90 4.07
C GLN A 184 -3.58 2.49 2.66
N PRO A 185 -2.62 1.57 2.61
CA PRO A 185 -2.06 0.99 1.38
C PRO A 185 -3.11 0.85 0.31
N GLN A 186 -2.80 1.28 -0.91
CA GLN A 186 -3.81 1.13 -1.93
C GLN A 186 -4.16 -0.37 -1.95
N GLY A 187 -5.45 -0.66 -2.21
CA GLY A 187 -5.93 -2.03 -2.32
C GLY A 187 -6.30 -2.73 -1.04
N VAL A 188 -6.15 -2.00 0.05
CA VAL A 188 -6.46 -2.58 1.36
C VAL A 188 -7.60 -1.77 2.00
N LEU A 189 -8.28 -2.40 2.97
CA LEU A 189 -9.35 -1.79 3.78
C LEU A 189 -9.18 -2.02 5.30
N ARG A 190 -8.55 -1.07 6.00
CA ARG A 190 -8.34 -1.17 7.45
C ARG A 190 -9.51 -0.62 8.28
N ALA A 191 -10.22 -1.50 9.00
CA ALA A 191 -11.38 -1.11 9.80
C ALA A 191 -11.05 0.04 10.74
N ASP A 192 -9.76 0.23 10.96
CA ASP A 192 -9.29 1.29 11.81
C ASP A 192 -9.41 2.64 11.07
N ILE A 193 -8.99 2.66 9.80
CA ILE A 193 -9.11 3.87 9.00
C ILE A 193 -10.57 4.09 8.63
N LEU A 194 -11.37 3.02 8.63
CA LEU A 194 -12.77 3.21 8.34
C LEU A 194 -13.47 3.94 9.52
N ASP A 195 -12.65 4.42 10.47
CA ASP A 195 -13.18 5.15 11.61
C ASP A 195 -12.20 6.22 12.09
N GLN A 196 -10.96 6.19 11.60
CA GLN A 196 -9.94 7.20 11.97
C GLN A 196 -10.42 8.56 11.44
N ARG A 198 -14.50 8.74 10.55
CA ARG A 198 -15.94 8.90 10.58
C ARG A 198 -16.30 10.11 11.43
N LYS A 199 -15.41 10.45 12.35
CA LYS A 199 -15.61 11.58 13.24
C LYS A 199 -15.98 12.98 12.68
N ILE A 201 -17.57 13.50 9.15
CA ILE A 201 -18.67 13.34 8.19
C ILE A 201 -20.06 13.51 8.80
N LYS A 202 -20.53 12.46 9.46
CA LYS A 202 -21.84 12.43 10.08
C LYS A 202 -21.86 13.50 11.14
N HIS A 203 -20.69 14.05 11.43
CA HIS A 203 -20.55 15.13 12.41
C HIS A 203 -20.37 16.43 11.65
N ALA A 204 -20.22 16.31 10.34
CA ALA A 204 -20.07 17.45 9.45
C ALA A 204 -21.47 17.65 8.91
N LEU A 205 -22.12 16.55 8.56
CA LEU A 205 -23.48 16.58 8.05
C LEU A 205 -24.27 17.40 9.08
N ASP A 206 -23.63 17.62 10.23
CA ASP A 206 -24.15 18.39 11.35
C ASP A 206 -23.89 19.87 11.14
N PHE A 207 -22.61 20.24 11.05
CA PHE A 207 -22.27 21.64 10.86
C PHE A 207 -22.89 22.26 9.60
N ILE A 208 -23.39 21.40 8.72
CA ILE A 208 -24.03 21.86 7.50
C ILE A 208 -25.56 21.96 7.66
N HIS A 209 -26.01 21.87 8.92
CA HIS A 209 -27.43 21.91 9.29
C HIS A 209 -27.59 22.96 10.36
N HIS A 210 -26.84 22.72 11.43
CA HIS A 210 -26.83 23.57 12.59
C HIS A 210 -26.52 25.02 12.25
N PHE A 211 -25.56 25.22 11.34
CA PHE A 211 -25.16 26.58 10.94
C PHE A 211 -26.44 27.35 10.61
N ASN A 212 -27.36 26.64 9.93
CA ASN A 212 -28.62 27.21 9.53
C ASN A 212 -29.26 27.97 10.69
N GLU A 213 -29.27 27.37 11.88
CA GLU A 213 -29.89 28.04 13.02
C GLU A 213 -29.30 29.41 13.14
N GLY A 214 -28.22 29.66 12.42
CA GLY A 214 -27.62 30.97 12.46
C GLY A 214 -26.80 31.25 13.69
N LYS A 215 -26.11 30.20 14.17
CA LYS A 215 -25.23 30.31 15.34
C LYS A 215 -23.94 30.94 14.82
N GLU A 216 -23.29 31.72 15.67
CA GLU A 216 -22.06 32.43 15.34
C GLU A 216 -20.88 32.18 16.27
N PHE A 217 -19.68 32.30 15.69
CA PHE A 217 -18.39 32.11 16.37
C PHE A 217 -17.49 33.29 16.02
N PRO A 218 -16.53 33.63 16.91
CA PRO A 218 -15.62 34.74 16.63
C PRO A 218 -14.84 34.46 15.32
N PRO A 219 -14.41 35.52 14.60
CA PRO A 219 -13.68 35.34 13.33
C PRO A 219 -12.68 34.17 13.33
N CYS A 220 -11.97 33.95 12.24
CA CYS A 220 -11.10 32.79 12.24
C CYS A 220 -9.73 32.92 11.55
N ALA A 221 -8.75 32.14 12.04
CA ALA A 221 -7.39 32.21 11.48
C ALA A 221 -6.56 30.92 11.38
N ILE A 222 -7.17 29.78 11.06
CA ILE A 222 -6.39 28.55 10.99
C ILE A 222 -5.03 28.74 10.32
N GLU A 223 -3.96 28.61 11.10
CA GLU A 223 -2.63 28.72 10.53
C GLU A 223 -2.32 27.34 9.94
N VAL A 224 -2.52 27.21 8.64
CA VAL A 224 -2.28 25.95 7.96
C VAL A 224 -0.85 25.81 7.37
N TYR A 225 -0.65 24.69 6.67
CA TYR A 225 0.58 24.29 6.00
C TYR A 225 0.24 24.38 4.54
N LYS A 226 0.93 25.21 3.77
CA LYS A 226 0.53 25.32 2.37
C LYS A 226 1.54 24.78 1.37
N ILE A 227 1.01 24.04 0.40
CA ILE A 227 1.83 23.47 -0.62
C ILE A 227 2.61 24.62 -1.25
N ILE A 228 3.94 24.54 -1.25
CA ILE A 228 4.73 25.61 -1.87
C ILE A 228 5.72 25.09 -2.88
N GLU A 229 6.13 23.83 -2.75
CA GLU A 229 7.11 23.25 -3.67
C GLU A 229 7.31 21.75 -3.45
N LYS A 230 7.10 20.94 -4.50
CA LYS A 230 7.28 19.48 -4.39
C LYS A 230 8.78 19.07 -4.50
N VAL A 231 9.22 18.10 -3.71
CA VAL A 231 10.62 17.66 -3.72
C VAL A 231 10.83 16.41 -4.60
N ASP A 232 11.88 16.50 -5.41
CA ASP A 232 12.22 15.48 -6.34
C ASP A 232 12.96 14.29 -5.74
N TYR A 233 13.06 13.23 -6.51
CA TYR A 233 13.76 12.08 -5.99
C TYR A 233 15.17 12.13 -6.52
N PRO A 234 16.17 12.15 -5.64
CA PRO A 234 17.55 12.17 -6.12
C PRO A 234 17.70 10.89 -6.94
N ARG A 235 17.82 11.03 -8.26
CA ARG A 235 17.95 9.87 -9.15
C ARG A 235 19.44 9.60 -9.42
N ASP A 236 19.83 8.32 -9.56
CA ASP A 236 21.23 7.98 -9.81
C ASP A 236 21.64 8.58 -11.15
N GLU A 237 22.02 7.72 -12.08
CA GLU A 237 22.39 8.16 -13.41
C GLU A 237 21.45 7.55 -14.45
N ASN A 238 21.86 6.43 -15.07
CA ASN A 238 21.06 5.74 -16.08
C ASN A 238 19.53 6.01 -15.99
N GLY A 239 19.00 6.17 -14.78
CA GLY A 239 17.58 6.45 -14.62
C GLY A 239 17.02 6.24 -13.21
N GLU A 240 17.22 5.03 -12.70
CA GLU A 240 16.78 4.51 -11.38
C GLU A 240 17.12 5.41 -10.19
N ILE A 241 16.35 5.29 -9.11
CA ILE A 241 16.59 6.14 -7.93
C ILE A 241 18.00 6.06 -7.42
N ALA A 242 18.31 6.82 -6.38
CA ALA A 242 19.66 6.86 -5.82
C ALA A 242 19.72 6.92 -4.30
N ALA A 243 18.90 7.81 -3.74
CA ALA A 243 18.80 8.03 -2.31
C ALA A 243 17.34 8.32 -2.01
N ILE A 244 16.73 7.41 -1.22
CA ILE A 244 15.34 7.46 -0.81
C ILE A 244 14.98 8.11 0.54
N ILE A 245 13.71 8.48 0.73
CA ILE A 245 13.24 9.11 1.96
C ILE A 245 14.01 8.51 3.13
N HIS A 246 14.66 9.36 3.93
CA HIS A 246 15.48 8.91 5.06
C HIS A 246 14.74 8.31 6.28
N PRO A 247 15.41 7.42 7.01
CA PRO A 247 14.66 6.90 8.15
C PRO A 247 14.66 7.92 9.30
N ASN A 248 14.00 9.05 9.05
CA ASN A 248 13.87 10.13 10.02
C ASN A 248 12.74 11.04 9.52
N LEU A 249 12.53 11.03 8.20
CA LEU A 249 11.48 11.82 7.57
C LEU A 249 10.29 10.89 7.45
N GLN A 250 10.58 9.62 7.24
CA GLN A 250 9.54 8.60 7.13
C GLN A 250 8.48 8.65 8.24
N ASP A 251 7.23 8.80 7.81
CA ASP A 251 6.08 8.87 8.68
C ASP A 251 6.27 10.04 9.57
N GLN A 252 6.49 11.20 8.95
CA GLN A 252 6.70 12.46 9.69
C GLN A 252 6.00 13.68 9.08
N ASP A 253 4.87 13.47 8.44
CA ASP A 253 4.14 14.57 7.83
C ASP A 253 3.72 15.60 8.87
N TRP A 254 3.48 16.82 8.40
CA TRP A 254 3.08 17.94 9.24
C TRP A 254 4.09 18.39 10.30
N LYS A 255 5.29 17.77 10.31
CA LYS A 255 6.35 18.11 11.28
C LYS A 255 7.54 18.88 10.61
N PRO A 256 8.25 19.72 11.40
CA PRO A 256 9.38 20.52 10.91
C PRO A 256 10.61 19.78 10.38
N LEU A 257 11.30 20.32 9.38
CA LEU A 257 12.45 19.63 8.80
C LEU A 257 13.67 20.53 8.60
N HIS A 258 14.24 21.04 9.69
CA HIS A 258 15.39 21.96 9.59
C HIS A 258 16.58 21.44 8.78
N PRO A 259 17.48 22.33 8.40
CA PRO A 259 18.68 22.06 7.61
C PRO A 259 19.53 20.81 7.88
N GLY A 260 19.49 20.31 9.09
CA GLY A 260 20.23 19.10 9.34
C GLY A 260 19.33 17.90 9.06
N ASP A 261 18.08 18.02 9.48
CA ASP A 261 17.06 17.00 9.32
C ASP A 261 17.36 16.16 8.08
N PRO A 262 17.54 14.85 8.23
CA PRO A 262 17.83 14.08 7.01
C PRO A 262 16.62 14.01 6.09
N PHE A 264 16.81 12.30 2.31
CA PHE A 264 17.02 11.17 1.43
C PHE A 264 18.23 10.45 1.92
N LEU A 265 18.11 9.12 1.91
CA LEU A 265 19.17 8.19 2.28
C LEU A 265 19.55 7.39 1.02
N THR A 266 20.84 7.35 0.69
CA THR A 266 21.28 6.60 -0.50
C THR A 266 21.54 5.16 -0.09
N LEU A 267 21.31 4.23 -1.02
CA LEU A 267 21.48 2.82 -0.74
C LEU A 267 22.89 2.48 -0.35
N ASP A 268 23.83 3.35 -0.68
CA ASP A 268 25.21 3.07 -0.32
C ASP A 268 25.49 3.64 1.08
N GLY A 269 24.41 4.00 1.76
CA GLY A 269 24.53 4.50 3.12
C GLY A 269 24.53 5.98 3.41
N LYS A 270 24.56 6.83 2.39
CA LYS A 270 24.60 8.25 2.71
C LYS A 270 23.26 9.01 2.82
N THR A 271 23.36 10.19 3.44
CA THR A 271 22.21 11.09 3.66
C THR A 271 22.27 12.32 2.73
N ILE A 272 21.16 13.04 2.63
CA ILE A 272 21.07 14.24 1.81
C ILE A 272 20.06 15.19 2.54
N PRO A 273 20.57 16.11 3.39
CA PRO A 273 19.80 17.08 4.18
C PRO A 273 19.04 18.17 3.48
N LEU A 274 18.32 19.00 4.24
CA LEU A 274 17.51 20.05 3.67
C LEU A 274 18.15 21.40 3.28
N GLY A 275 17.70 21.94 2.14
CA GLY A 275 18.19 23.22 1.67
C GLY A 275 17.56 24.40 2.38
N GLY A 276 18.32 25.50 2.40
CA GLY A 276 17.88 26.70 3.05
C GLY A 276 18.22 26.65 4.52
N ASP A 277 17.48 27.41 5.31
CA ASP A 277 17.71 27.45 6.75
C ASP A 277 16.39 27.79 7.44
N CYS A 278 15.30 27.74 6.67
CA CYS A 278 13.99 28.02 7.22
C CYS A 278 13.24 26.72 7.41
N THR A 279 12.47 26.62 8.48
CA THR A 279 11.74 25.40 8.81
C THR A 279 10.56 25.10 7.92
N VAL A 280 10.29 23.81 7.75
CA VAL A 280 9.15 23.35 6.94
C VAL A 280 8.53 22.10 7.55
N TYR A 281 7.30 21.81 7.17
CA TYR A 281 6.65 20.62 7.70
C TYR A 281 6.28 19.70 6.53
N PRO A 282 7.19 18.80 6.12
CA PRO A 282 6.81 17.94 4.98
C PRO A 282 5.48 17.20 5.14
N VAL A 283 4.77 17.11 4.02
CA VAL A 283 3.47 16.45 3.92
C VAL A 283 3.55 15.53 2.68
N PHE A 284 2.70 14.50 2.65
CA PHE A 284 2.67 13.50 1.57
C PHE A 284 3.99 12.72 1.41
N VAL A 285 4.62 12.43 2.55
CA VAL A 285 5.88 11.73 2.59
C VAL A 285 5.74 10.28 2.27
N ASN A 286 6.36 9.89 1.16
CA ASN A 286 6.34 8.52 0.67
C ASN A 286 4.93 8.05 0.28
N GLU A 287 4.25 8.82 -0.58
CA GLU A 287 2.92 8.48 -1.05
C GLU A 287 3.03 7.63 -2.32
N ALA A 288 2.37 6.47 -2.31
CA ALA A 288 2.39 5.51 -3.40
C ALA A 288 2.20 6.10 -4.76
N ALA A 289 0.99 6.56 -5.05
CA ALA A 289 0.69 7.14 -6.37
C ALA A 289 1.88 7.82 -7.05
N TYR A 290 1.98 9.11 -6.70
CA TYR A 290 2.97 10.04 -7.17
C TYR A 290 4.41 9.51 -7.34
N TYR A 291 4.62 8.19 -7.30
CA TYR A 291 5.98 7.72 -7.50
C TYR A 291 6.34 7.87 -8.98
N GLU A 292 5.37 7.67 -9.88
CA GLU A 292 5.66 7.80 -11.31
C GLU A 292 6.07 9.26 -11.60
N LYS A 293 5.82 10.13 -10.63
CA LYS A 293 6.13 11.55 -10.74
C LYS A 293 7.52 11.84 -10.21
N LYS A 294 8.22 10.83 -9.72
CA LYS A 294 9.57 11.02 -9.16
C LYS A 294 9.44 11.88 -7.89
N GLU A 295 8.28 11.83 -7.22
CA GLU A 295 8.05 12.63 -6.03
C GLU A 295 8.14 11.93 -4.67
N ALA A 296 8.94 12.55 -3.80
CA ALA A 296 9.18 12.06 -2.45
C ALA A 296 8.25 12.78 -1.46
N PHE A 297 8.07 14.08 -1.67
CA PHE A 297 7.17 14.83 -0.81
C PHE A 297 6.98 16.27 -1.22
N ALA A 298 6.07 16.93 -0.52
CA ALA A 298 5.77 18.34 -0.74
C ALA A 298 6.34 19.09 0.47
N LYS A 299 7.22 20.06 0.22
CA LYS A 299 7.84 20.86 1.28
C LYS A 299 6.87 21.94 1.62
N THR A 300 6.59 22.14 2.91
CA THR A 300 5.60 23.15 3.32
C THR A 300 6.06 24.03 4.48
N THR A 301 5.64 25.32 4.48
CA THR A 301 5.92 26.31 5.54
C THR A 301 4.59 26.38 6.27
N LYS A 302 4.62 26.31 7.59
CA LYS A 302 3.39 26.32 8.38
C LYS A 302 2.70 27.67 8.39
N LEU A 303 2.61 28.27 7.19
CA LEU A 303 2.00 29.58 6.93
C LEU A 303 0.57 29.79 7.45
N THR A 304 0.25 31.06 7.72
CA THR A 304 -1.01 31.44 8.31
C THR A 304 -2.26 31.66 7.44
N LEU A 305 -3.42 31.72 8.11
CA LEU A 305 -4.74 31.86 7.49
C LEU A 305 -5.84 32.50 8.36
N ASN A 306 -6.01 33.81 8.26
CA ASN A 306 -7.03 34.53 9.02
C ASN A 306 -8.15 34.75 8.05
N ALA A 307 -9.37 34.76 8.63
CA ALA A 307 -10.68 34.94 7.95
C ALA A 307 -11.48 36.17 8.49
N LYS A 308 -12.73 35.84 8.91
CA LYS A 308 -13.75 36.70 9.55
C LYS A 308 -14.94 35.92 10.15
N SER A 309 -15.51 36.47 11.21
CA SER A 309 -16.68 35.89 11.88
C SER A 309 -17.76 35.56 10.83
N ILE A 310 -18.75 34.75 11.21
CA ILE A 310 -19.85 34.35 10.31
C ILE A 310 -21.16 34.00 11.05
N ARG A 311 -22.28 34.40 10.43
CA ARG A 311 -23.64 34.18 10.95
C ARG A 311 -24.45 33.56 9.82
N CYS A 312 -25.58 32.96 10.15
CA CYS A 312 -26.43 32.35 9.13
C CYS A 312 -27.76 33.09 9.06
N GLU B 11 26.80 -31.47 -0.15
CA GLU B 11 27.18 -31.10 -1.56
C GLU B 11 27.36 -29.59 -1.68
N HIS B 12 28.51 -29.23 -2.26
CA HIS B 12 28.97 -27.86 -2.47
C HIS B 12 28.16 -26.98 -3.46
N ILE B 13 27.79 -25.79 -3.00
CA ILE B 13 26.98 -24.84 -3.79
C ILE B 13 27.82 -23.96 -4.72
N GLN B 14 27.30 -23.68 -5.90
CA GLN B 14 27.99 -22.87 -6.89
C GLN B 14 27.18 -21.72 -7.51
N LYS B 15 26.00 -22.07 -8.02
CA LYS B 15 25.12 -21.08 -8.65
C LYS B 15 24.08 -20.56 -7.63
N VAL B 16 24.11 -19.24 -7.40
CA VAL B 16 23.20 -18.57 -6.46
C VAL B 16 22.69 -17.29 -7.09
N ALA B 17 21.38 -17.23 -7.29
CA ALA B 17 20.79 -16.03 -7.86
C ALA B 17 19.82 -15.38 -6.86
N ILE B 18 19.77 -14.05 -6.87
CA ILE B 18 18.83 -13.30 -6.03
C ILE B 18 17.86 -12.67 -7.02
N PHE B 19 16.63 -13.16 -7.08
CA PHE B 19 15.56 -12.64 -7.98
C PHE B 19 14.75 -11.54 -7.28
N GLY B 20 14.47 -10.45 -8.02
CA GLY B 20 13.69 -9.33 -7.50
C GLY B 20 12.77 -8.82 -8.60
N GLY B 21 11.74 -8.01 -8.28
CA GLY B 21 10.85 -7.54 -9.33
C GLY B 21 9.91 -8.65 -9.82
N THR B 22 9.89 -9.73 -9.06
CA THR B 22 9.06 -10.88 -9.30
C THR B 22 7.60 -10.37 -9.42
N HIS B 23 7.15 -9.58 -8.44
CA HIS B 23 5.85 -8.94 -8.49
C HIS B 23 6.11 -7.40 -8.63
N GLY B 24 5.34 -6.68 -9.46
CA GLY B 24 5.61 -5.25 -9.64
C GLY B 24 5.39 -4.16 -8.57
N ASN B 25 4.43 -4.37 -7.66
CA ASN B 25 4.12 -3.42 -6.58
C ASN B 25 5.33 -3.43 -5.64
N GLU B 26 5.71 -4.66 -5.24
CA GLU B 26 6.87 -4.95 -4.37
C GLU B 26 8.09 -4.26 -4.98
N LEU B 27 8.82 -3.44 -4.21
CA LEU B 27 9.94 -2.74 -4.82
C LEU B 27 11.28 -2.91 -4.12
N THR B 28 11.28 -3.16 -2.81
CA THR B 28 12.55 -3.29 -2.08
C THR B 28 13.56 -4.19 -2.83
N GLY B 29 13.03 -5.15 -3.57
CA GLY B 29 13.89 -6.02 -4.32
C GLY B 29 14.26 -5.43 -5.66
N VAL B 30 13.35 -4.66 -6.25
CA VAL B 30 13.66 -4.05 -7.51
C VAL B 30 14.84 -3.10 -7.28
N PHE B 31 14.84 -2.37 -6.17
CA PHE B 31 15.91 -1.43 -5.84
C PHE B 31 17.21 -2.14 -5.44
N LEU B 32 17.09 -3.13 -4.53
CA LEU B 32 18.25 -3.89 -4.07
C LEU B 32 18.92 -4.62 -5.24
N VAL B 33 18.14 -5.41 -5.98
CA VAL B 33 18.69 -6.14 -7.10
C VAL B 33 19.47 -5.15 -7.98
N LYS B 34 18.81 -4.13 -8.50
CA LYS B 34 19.45 -3.15 -9.35
C LYS B 34 20.76 -2.59 -8.80
N HIS B 35 20.75 -2.09 -7.57
CA HIS B 35 21.96 -1.57 -6.91
C HIS B 35 23.13 -2.59 -6.98
N TRP B 36 22.81 -3.88 -6.77
CA TRP B 36 23.81 -4.94 -6.83
C TRP B 36 24.19 -5.16 -8.30
N LEU B 37 23.21 -5.10 -9.20
CA LEU B 37 23.49 -5.24 -10.63
C LEU B 37 24.49 -4.23 -11.10
N GLU B 38 24.81 -3.25 -10.24
CA GLU B 38 25.77 -2.22 -10.55
C GLU B 38 26.96 -2.40 -9.64
N ASN B 39 26.75 -3.05 -8.50
CA ASN B 39 27.83 -3.38 -7.56
C ASN B 39 27.52 -4.39 -6.41
N GLY B 40 27.68 -5.65 -6.79
CA GLY B 40 27.40 -6.76 -5.91
C GLY B 40 28.43 -7.02 -4.85
N ALA B 41 29.32 -6.06 -4.62
CA ALA B 41 30.35 -6.25 -3.60
C ALA B 41 29.70 -6.74 -2.28
N GLU B 42 28.60 -6.10 -1.87
CA GLU B 42 27.84 -6.52 -0.68
C GLU B 42 27.28 -7.96 -0.81
N ILE B 43 27.10 -8.41 -2.04
CA ILE B 43 26.55 -9.75 -2.22
C ILE B 43 27.50 -10.76 -2.87
N GLN B 44 28.66 -10.32 -3.33
CA GLN B 44 29.58 -11.28 -3.94
C GLN B 44 30.28 -12.07 -2.85
N ARG B 45 30.49 -13.37 -3.02
CA ARG B 45 31.22 -14.09 -1.97
C ARG B 45 32.34 -14.90 -2.57
N THR B 46 33.33 -15.24 -1.74
CA THR B 46 34.45 -16.03 -2.23
C THR B 46 33.97 -17.46 -2.45
N GLY B 47 34.12 -17.93 -3.68
CA GLY B 47 33.75 -19.29 -4.04
C GLY B 47 32.30 -19.56 -4.37
N LEU B 48 31.62 -18.49 -4.78
CA LEU B 48 30.22 -18.55 -5.10
C LEU B 48 29.87 -17.61 -6.24
N GLU B 49 28.75 -17.88 -6.89
CA GLU B 49 28.31 -16.94 -7.92
C GLU B 49 26.91 -16.52 -7.55
N VAL B 50 26.72 -15.22 -7.36
CA VAL B 50 25.43 -14.65 -7.03
C VAL B 50 25.06 -13.66 -8.15
N LYS B 51 24.15 -14.05 -9.02
CA LYS B 51 23.74 -13.15 -10.11
C LYS B 51 22.42 -12.40 -9.76
N PRO B 52 22.48 -11.11 -9.38
CA PRO B 52 21.17 -10.52 -9.08
C PRO B 52 20.44 -10.43 -10.41
N PHE B 53 19.14 -10.65 -10.37
CA PHE B 53 18.37 -10.63 -11.58
C PHE B 53 16.92 -10.17 -11.35
N ILE B 54 16.39 -9.38 -12.29
CA ILE B 54 15.02 -8.87 -12.23
C ILE B 54 14.16 -9.86 -13.01
N THR B 55 13.13 -10.44 -12.39
CA THR B 55 12.39 -11.44 -13.13
C THR B 55 11.30 -10.98 -14.05
N ASN B 56 10.60 -9.91 -13.67
CA ASN B 56 9.47 -9.39 -14.42
C ASN B 56 9.66 -7.93 -14.78
N PRO B 57 10.63 -7.67 -15.66
CA PRO B 57 11.03 -6.35 -16.18
C PRO B 57 9.85 -5.44 -16.50
N ARG B 58 8.87 -6.04 -17.17
CA ARG B 58 7.70 -5.28 -17.58
C ARG B 58 6.75 -4.84 -16.46
N ALA B 59 6.36 -5.80 -15.62
CA ALA B 59 5.44 -5.50 -14.53
C ALA B 59 6.09 -4.47 -13.62
N VAL B 60 7.41 -4.44 -13.68
CA VAL B 60 8.16 -3.49 -12.89
C VAL B 60 7.94 -2.10 -13.52
N LYS B 61 7.85 -2.04 -14.86
CA LYS B 61 7.62 -0.77 -15.55
C LYS B 61 6.15 -0.25 -15.46
N LYS B 62 5.14 -1.10 -15.34
CA LYS B 62 3.74 -0.62 -15.24
C LYS B 62 3.20 -0.79 -13.78
N CYS B 63 4.06 -0.56 -12.78
CA CYS B 63 3.80 -0.82 -11.35
C CYS B 63 2.61 -1.71 -10.97
N THR B 64 2.43 -2.69 -11.85
CA THR B 64 1.41 -3.73 -11.80
C THR B 64 1.90 -4.93 -10.96
N ARG B 65 1.00 -5.84 -10.60
CA ARG B 65 1.45 -7.03 -9.89
C ARG B 65 1.96 -7.91 -11.02
N TYR B 66 1.65 -7.49 -12.26
CA TYR B 66 2.10 -8.14 -13.50
C TYR B 66 1.46 -7.69 -14.82
N ILE B 67 1.67 -8.48 -15.88
CA ILE B 67 1.08 -8.17 -17.19
C ILE B 67 -0.12 -9.09 -17.42
N ASP B 68 0.10 -10.32 -17.88
CA ASP B 68 -0.98 -11.30 -18.10
C ASP B 68 -1.44 -12.02 -16.82
N CYS B 69 -0.54 -12.75 -16.17
CA CYS B 69 -0.85 -13.41 -14.90
C CYS B 69 0.40 -13.42 -14.03
N ASP B 70 0.29 -13.93 -12.79
CA ASP B 70 1.42 -13.98 -11.85
C ASP B 70 2.60 -14.83 -12.32
N LEU B 71 3.83 -14.39 -12.07
CA LEU B 71 4.99 -15.18 -12.50
C LEU B 71 5.45 -16.12 -11.38
N ASN B 72 4.73 -16.08 -10.25
CA ASN B 72 5.02 -16.93 -9.08
C ASN B 72 4.05 -18.09 -9.00
N ARG B 73 3.35 -18.35 -10.09
CA ARG B 73 2.42 -19.45 -10.12
C ARG B 73 2.52 -20.26 -11.40
N ILE B 74 3.54 -20.05 -12.20
CA ILE B 74 3.61 -20.79 -13.45
C ILE B 74 4.83 -21.65 -13.75
N PHE B 75 5.73 -21.82 -12.78
CA PHE B 75 6.91 -22.61 -13.03
C PHE B 75 6.64 -24.06 -12.76
N ASP B 76 5.68 -24.59 -13.54
CA ASP B 76 5.23 -25.96 -13.48
C ASP B 76 5.16 -26.51 -14.91
N LEU B 77 4.97 -27.83 -15.00
CA LEU B 77 4.91 -28.59 -16.25
C LEU B 77 3.84 -28.14 -17.24
N GLU B 78 2.68 -27.63 -16.77
CA GLU B 78 1.64 -27.16 -17.71
C GLU B 78 2.25 -26.02 -18.52
N ASN B 79 2.74 -24.99 -17.85
CA ASN B 79 3.37 -23.86 -18.56
C ASN B 79 4.67 -24.33 -19.18
N LEU B 80 5.52 -24.99 -18.39
CA LEU B 80 6.79 -25.43 -18.87
C LEU B 80 6.70 -26.34 -20.08
N GLY B 81 5.57 -26.97 -20.29
CA GLY B 81 5.45 -27.82 -21.47
C GLY B 81 5.12 -27.05 -22.77
N LYS B 82 4.92 -25.74 -22.67
CA LYS B 82 4.60 -24.90 -23.84
C LYS B 82 5.88 -24.40 -24.52
N LYS B 83 5.96 -24.45 -25.86
CA LYS B 83 7.10 -23.96 -26.69
C LYS B 83 6.97 -22.40 -26.90
N SER B 85 6.66 -18.52 -28.16
CA SER B 85 5.87 -17.89 -29.27
C SER B 85 5.34 -16.42 -29.05
N GLU B 86 4.50 -15.89 -29.97
CA GLU B 86 3.94 -14.50 -29.83
C GLU B 86 2.67 -14.51 -29.02
N ASP B 87 1.76 -15.37 -29.44
CA ASP B 87 0.46 -15.61 -28.82
C ASP B 87 0.70 -15.97 -27.37
N LEU B 88 1.81 -16.66 -27.13
CA LEU B 88 2.19 -17.03 -25.77
C LEU B 88 2.23 -15.74 -24.96
N PRO B 89 1.46 -15.69 -23.88
CA PRO B 89 1.50 -14.45 -23.09
C PRO B 89 2.85 -14.18 -22.42
N TYR B 90 3.11 -12.89 -22.18
CA TYR B 90 4.35 -12.40 -21.56
C TYR B 90 4.97 -13.29 -20.47
N GLU B 91 4.32 -13.38 -19.31
CA GLU B 91 4.87 -14.18 -18.22
C GLU B 91 5.34 -15.60 -18.60
N VAL B 92 4.43 -16.37 -19.20
CA VAL B 92 4.75 -17.73 -19.66
C VAL B 92 6.07 -17.71 -20.44
N ARG B 93 6.27 -16.67 -21.23
CA ARG B 93 7.46 -16.48 -22.04
C ARG B 93 8.72 -16.21 -21.16
N ARG B 94 8.60 -15.25 -20.24
CA ARG B 94 9.68 -14.83 -19.34
C ARG B 94 10.09 -15.95 -18.39
N ALA B 95 9.11 -16.72 -17.92
CA ALA B 95 9.32 -17.86 -17.02
C ALA B 95 10.35 -18.79 -17.60
N GLN B 96 10.11 -19.20 -18.86
CA GLN B 96 11.00 -20.08 -19.60
C GLN B 96 12.43 -19.58 -19.66
N GLU B 97 12.57 -18.33 -20.09
CA GLU B 97 13.86 -17.66 -20.20
C GLU B 97 14.64 -17.71 -18.89
N ILE B 98 13.91 -17.78 -17.79
CA ILE B 98 14.49 -17.85 -16.44
C ILE B 98 14.79 -19.34 -16.22
N ASN B 99 13.88 -20.20 -16.72
CA ASN B 99 14.04 -21.64 -16.62
C ASN B 99 15.09 -22.12 -17.62
N HIS B 100 15.34 -21.29 -18.64
CA HIS B 100 16.34 -21.56 -19.63
C HIS B 100 17.59 -21.11 -18.90
N LEU B 101 17.66 -19.82 -18.55
CA LEU B 101 18.80 -19.22 -17.82
C LEU B 101 19.14 -19.85 -16.47
N PHE B 102 18.13 -20.09 -15.63
CA PHE B 102 18.44 -20.65 -14.32
C PHE B 102 17.94 -22.11 -14.19
N GLY B 103 17.43 -22.65 -15.32
CA GLY B 103 16.91 -24.03 -15.37
C GLY B 103 17.61 -25.03 -16.31
N PRO B 104 16.93 -26.05 -16.89
CA PRO B 104 15.54 -26.54 -16.91
C PRO B 104 15.17 -26.98 -15.50
N LYS B 105 13.88 -27.26 -15.25
CA LYS B 105 13.54 -27.55 -13.86
C LYS B 105 13.82 -28.97 -13.29
N ASP B 106 13.59 -29.13 -11.98
CA ASP B 106 13.80 -30.36 -11.22
C ASP B 106 14.99 -31.14 -11.79
N SER B 107 15.84 -30.45 -12.52
CA SER B 107 17.02 -31.06 -13.13
C SER B 107 18.31 -30.55 -12.45
N GLU B 108 19.34 -31.39 -12.26
CA GLU B 108 20.56 -30.92 -11.60
C GLU B 108 21.32 -30.05 -12.55
N ASP B 109 20.84 -30.05 -13.80
CA ASP B 109 21.45 -29.26 -14.86
C ASP B 109 21.25 -27.74 -14.50
N SER B 110 20.33 -27.45 -13.57
CA SER B 110 20.01 -26.06 -13.17
C SER B 110 20.55 -25.45 -11.88
N TYR B 111 20.34 -24.15 -11.73
CA TYR B 111 20.80 -23.36 -10.58
C TYR B 111 20.61 -24.01 -9.20
N ASP B 112 21.56 -23.76 -8.30
CA ASP B 112 21.52 -24.34 -6.97
C ASP B 112 20.55 -23.76 -5.99
N ILE B 113 20.80 -22.50 -5.59
CA ILE B 113 19.96 -21.79 -4.62
C ILE B 113 19.42 -20.51 -5.22
N ILE B 114 18.14 -20.22 -5.02
CA ILE B 114 17.59 -18.94 -5.49
C ILE B 114 16.79 -18.29 -4.37
N PHE B 115 17.09 -17.02 -4.13
CA PHE B 115 16.39 -16.23 -3.16
C PHE B 115 15.45 -15.31 -3.95
N ASP B 116 14.14 -15.34 -3.69
CA ASP B 116 13.25 -14.42 -4.40
C ASP B 116 12.64 -13.49 -3.36
N LEU B 117 12.89 -12.18 -3.50
CA LEU B 117 12.35 -11.17 -2.57
C LEU B 117 10.86 -10.73 -2.83
N HIS B 118 10.14 -10.47 -1.75
CA HIS B 118 8.75 -10.07 -1.83
C HIS B 118 8.37 -9.22 -0.59
N ASN B 119 7.72 -8.09 -0.80
CA ASN B 119 7.30 -7.26 0.32
C ASN B 119 5.82 -7.60 0.52
N THR B 120 5.26 -7.43 1.72
CA THR B 120 3.84 -7.70 1.90
C THR B 120 3.22 -6.51 2.61
N THR B 121 1.92 -6.31 2.48
CA THR B 121 1.29 -5.18 3.20
C THR B 121 1.01 -5.55 4.66
N SER B 122 0.96 -6.85 4.99
CA SER B 122 0.73 -7.31 6.39
C SER B 122 1.93 -7.02 7.28
N ASN B 123 1.65 -6.67 8.54
CA ASN B 123 2.73 -6.35 9.45
C ASN B 123 3.35 -7.65 9.95
N GLY B 125 7.05 -8.37 9.22
CA GLY B 125 8.49 -8.30 9.29
C GLY B 125 9.26 -9.35 8.49
N CYS B 126 10.42 -9.77 9.02
CA CYS B 126 11.26 -10.69 8.32
C CYS B 126 10.69 -12.08 8.23
N THR B 127 10.30 -12.46 7.01
CA THR B 127 9.73 -13.79 6.80
C THR B 127 10.53 -14.67 5.81
N LEU B 128 10.86 -15.89 6.25
CA LEU B 128 11.54 -16.85 5.37
C LEU B 128 10.48 -17.80 4.86
N ILE B 129 10.48 -18.14 3.59
CA ILE B 129 9.48 -19.07 3.09
C ILE B 129 10.05 -20.39 2.61
N LEU B 130 9.70 -21.45 3.35
CA LEU B 130 10.10 -22.82 3.05
C LEU B 130 8.93 -23.62 2.44
N GLU B 131 9.20 -24.35 1.35
CA GLU B 131 8.13 -25.12 0.71
C GLU B 131 7.95 -26.54 1.30
N ASP B 132 9.02 -27.33 1.36
CA ASP B 132 8.95 -28.68 1.92
C ASP B 132 9.82 -28.76 3.18
N SER B 133 9.25 -29.32 4.26
CA SER B 133 9.91 -29.46 5.57
C SER B 133 10.90 -30.64 5.67
N ARG B 134 10.39 -31.87 5.62
CA ARG B 134 11.25 -33.05 5.62
C ARG B 134 12.20 -32.72 4.47
N ASN B 135 13.47 -32.52 4.78
CA ASN B 135 14.52 -32.22 3.80
C ASN B 135 15.44 -31.48 4.71
N ASN B 136 16.48 -32.19 5.18
CA ASN B 136 17.40 -31.60 6.13
C ASN B 136 18.19 -30.47 5.52
N PHE B 137 18.64 -30.56 4.26
CA PHE B 137 19.44 -29.42 3.73
C PHE B 137 19.04 -27.99 4.19
N LEU B 138 18.01 -27.43 3.53
CA LEU B 138 17.50 -26.07 3.78
C LEU B 138 16.87 -25.63 5.10
N ILE B 139 16.95 -26.46 6.15
CA ILE B 139 16.43 -26.08 7.47
C ILE B 139 17.47 -25.39 8.35
N GLN B 140 18.72 -25.86 8.31
CA GLN B 140 19.79 -25.23 9.09
C GLN B 140 19.96 -23.81 8.65
N PHE B 142 17.90 -21.53 7.54
CA PHE B 142 16.96 -20.64 8.22
C PHE B 142 17.32 -20.45 9.67
N HIS B 143 17.74 -21.53 10.32
CA HIS B 143 18.15 -21.41 11.71
C HIS B 143 19.29 -20.37 11.85
N TYR B 144 20.33 -20.53 11.02
CA TYR B 144 21.45 -19.61 11.08
C TYR B 144 20.94 -18.15 10.93
N ILE B 145 19.94 -17.95 10.06
CA ILE B 145 19.39 -16.63 9.84
C ILE B 145 18.67 -16.17 11.09
N LYS B 146 17.72 -16.98 11.58
CA LYS B 146 16.98 -16.60 12.79
C LYS B 146 17.95 -15.99 13.82
N THR B 147 19.03 -16.73 14.14
CA THR B 147 20.08 -16.32 15.08
C THR B 147 21.04 -15.21 14.65
N SER B 148 21.41 -15.18 13.39
CA SER B 148 22.31 -14.15 12.90
C SER B 148 21.60 -12.83 12.61
N LEU B 149 20.29 -12.87 12.35
CA LEU B 149 19.53 -11.66 12.09
C LEU B 149 18.91 -11.07 13.36
N ALA B 150 18.91 -11.84 14.44
CA ALA B 150 18.32 -11.44 15.75
C ALA B 150 18.52 -9.98 16.15
N PRO B 151 17.87 -9.51 17.23
CA PRO B 151 16.94 -10.14 18.16
C PRO B 151 15.48 -9.77 17.79
N LEU B 152 15.31 -9.49 16.49
CA LEU B 152 14.03 -9.14 15.90
C LEU B 152 13.47 -10.43 15.39
N PRO B 153 12.14 -10.63 15.45
CA PRO B 153 11.54 -11.89 14.96
C PRO B 153 12.02 -12.05 13.54
N CYS B 154 12.17 -13.30 13.11
CA CYS B 154 12.57 -13.56 11.75
C CYS B 154 11.80 -14.85 11.54
N TYR B 155 10.49 -14.77 11.82
CA TYR B 155 9.52 -15.88 11.69
C TYR B 155 9.70 -16.59 10.35
N VAL B 156 9.38 -17.88 10.31
CA VAL B 156 9.48 -18.76 9.11
C VAL B 156 8.12 -19.37 8.75
N TYR B 157 7.68 -19.20 7.49
CA TYR B 157 6.39 -19.73 6.99
C TYR B 157 6.54 -21.00 6.09
N LEU B 158 5.70 -22.04 6.31
CA LEU B 158 5.78 -23.30 5.52
C LEU B 158 4.61 -23.64 4.54
N ILE B 159 4.97 -24.19 3.38
CA ILE B 159 3.93 -24.54 2.41
C ILE B 159 3.85 -26.08 2.19
N GLU B 160 3.78 -26.85 3.27
CA GLU B 160 3.72 -28.31 3.17
C GLU B 160 2.64 -28.74 2.23
N HIS B 161 3.06 -29.24 1.08
CA HIS B 161 2.14 -29.76 0.07
C HIS B 161 2.22 -31.29 0.07
N PRO B 162 1.39 -31.97 0.91
CA PRO B 162 1.57 -33.43 0.79
C PRO B 162 1.77 -33.88 -0.70
N SER B 163 1.11 -33.17 -1.63
CA SER B 163 1.21 -33.46 -3.07
C SER B 163 2.70 -33.52 -3.46
N LEU B 164 3.50 -32.75 -2.73
CA LEU B 164 4.95 -32.66 -2.89
C LEU B 164 5.37 -31.74 -4.04
N LYS B 165 4.47 -30.82 -4.44
CA LYS B 165 4.71 -29.90 -5.59
C LYS B 165 4.61 -28.36 -5.42
N TYR B 166 5.43 -27.63 -6.17
CA TYR B 166 5.45 -26.17 -6.12
C TYR B 166 5.52 -25.39 -7.47
N ALA B 167 5.09 -24.12 -7.51
CA ALA B 167 5.15 -23.40 -8.80
C ALA B 167 5.75 -22.03 -8.65
N THR B 168 6.60 -21.84 -7.65
CA THR B 168 7.23 -20.57 -7.46
C THR B 168 8.44 -20.37 -8.38
N THR B 169 8.55 -19.18 -8.95
CA THR B 169 9.67 -18.83 -9.82
C THR B 169 10.92 -19.30 -9.09
N ARG B 170 10.92 -19.26 -7.77
CA ARG B 170 12.10 -19.71 -7.02
C ARG B 170 12.27 -21.23 -7.04
N SER B 171 11.19 -21.97 -7.27
CA SER B 171 11.30 -23.42 -7.23
C SER B 171 12.17 -24.08 -8.33
N ILE B 172 12.81 -23.28 -9.19
CA ILE B 172 13.69 -23.83 -10.22
C ILE B 172 14.94 -24.32 -9.48
N ALA B 173 15.37 -23.51 -8.54
CA ALA B 173 16.53 -23.80 -7.72
C ALA B 173 16.38 -25.15 -7.03
N LYS B 174 17.52 -25.75 -6.70
CA LYS B 174 17.58 -27.01 -5.99
C LYS B 174 17.30 -26.73 -4.50
N TYR B 175 17.36 -25.44 -4.17
CA TYR B 175 17.15 -24.96 -2.83
C TYR B 175 16.53 -23.58 -2.84
N PRO B 176 15.20 -23.51 -3.03
CA PRO B 176 14.41 -22.26 -3.07
C PRO B 176 14.27 -21.58 -1.71
N VAL B 177 14.46 -20.28 -1.68
CA VAL B 177 14.32 -19.56 -0.43
C VAL B 177 13.49 -18.29 -0.66
N GLY B 178 12.37 -18.17 0.05
CA GLY B 178 11.54 -16.99 -0.08
C GLY B 178 11.92 -15.95 0.94
N ILE B 179 12.02 -14.70 0.52
CA ILE B 179 12.30 -13.64 1.48
C ILE B 179 11.19 -12.59 1.36
N GLU B 180 10.32 -12.54 2.38
CA GLU B 180 9.21 -11.61 2.40
C GLU B 180 9.35 -10.67 3.61
N VAL B 181 9.04 -9.40 3.39
CA VAL B 181 9.15 -8.43 4.47
C VAL B 181 8.03 -7.40 4.38
N GLY B 182 7.45 -7.09 5.53
CA GLY B 182 6.36 -6.14 5.64
C GLY B 182 6.44 -5.39 6.95
N PRO B 183 5.83 -4.21 7.07
CA PRO B 183 5.03 -3.56 6.02
C PRO B 183 5.65 -2.39 5.18
N GLN B 184 5.48 -2.47 3.85
CA GLN B 184 6.04 -1.47 2.93
C GLN B 184 5.11 -1.44 1.72
N PRO B 185 4.10 -0.52 1.75
CA PRO B 185 3.13 -0.41 0.64
C PRO B 185 3.68 -0.67 -0.75
N GLN B 186 2.77 -1.11 -1.61
CA GLN B 186 3.08 -1.41 -2.99
C GLN B 186 3.54 -0.14 -3.67
N GLY B 187 4.67 -0.17 -4.32
CA GLY B 187 5.12 1.00 -5.01
C GLY B 187 5.44 2.20 -4.14
N VAL B 188 5.91 1.93 -2.93
CA VAL B 188 6.31 3.01 -1.99
C VAL B 188 7.44 2.38 -1.25
N LEU B 189 8.67 2.81 -1.51
CA LEU B 189 9.81 2.21 -0.84
C LEU B 189 10.24 2.98 0.40
N ARG B 190 10.34 2.25 1.51
CA ARG B 190 10.73 2.79 2.82
C ARG B 190 12.19 2.38 3.21
N ALA B 191 13.02 3.37 3.54
CA ALA B 191 14.40 3.12 3.94
C ALA B 191 14.58 1.91 4.87
N ASP B 192 13.73 1.82 5.90
CA ASP B 192 13.73 0.73 6.91
C ASP B 192 13.51 -0.74 6.44
N ILE B 193 12.35 -1.00 5.86
CA ILE B 193 11.99 -2.31 5.31
C ILE B 193 13.19 -2.83 4.51
N LEU B 194 13.72 -1.97 3.64
CA LEU B 194 14.84 -2.29 2.77
C LEU B 194 16.06 -2.69 3.61
N ASP B 195 16.12 -2.19 4.82
CA ASP B 195 17.24 -2.56 5.65
C ASP B 195 17.15 -3.98 6.29
N GLN B 196 15.94 -4.39 6.66
CA GLN B 196 15.75 -5.69 7.26
C GLN B 196 16.12 -6.73 6.20
N ARG B 198 17.87 -6.34 3.56
CA ARG B 198 19.26 -6.16 3.24
C ARG B 198 20.10 -7.07 4.16
N LYS B 199 19.73 -7.07 5.45
CA LYS B 199 20.40 -7.88 6.46
C LYS B 199 20.08 -9.39 6.38
N ILE B 201 19.46 -11.10 3.61
CA ILE B 201 20.24 -11.54 2.49
C ILE B 201 21.71 -11.69 2.92
N LYS B 202 22.25 -10.72 3.65
CA LYS B 202 23.65 -10.85 4.11
C LYS B 202 23.84 -12.25 4.73
N HIS B 203 23.24 -12.47 5.88
CA HIS B 203 23.41 -13.77 6.52
C HIS B 203 23.22 -14.97 5.61
N ALA B 204 22.26 -14.89 4.70
CA ALA B 204 22.04 -15.98 3.76
C ALA B 204 23.20 -16.19 2.73
N LEU B 205 23.73 -15.11 2.14
CA LEU B 205 24.83 -15.19 1.17
C LEU B 205 26.06 -15.62 1.89
N ASP B 206 26.49 -14.77 2.83
CA ASP B 206 27.64 -15.08 3.67
C ASP B 206 27.46 -16.58 4.08
N PHE B 207 26.35 -16.90 4.75
CA PHE B 207 26.07 -18.27 5.16
C PHE B 207 26.69 -19.30 4.23
N ILE B 208 26.11 -19.44 3.04
CA ILE B 208 26.62 -20.40 2.06
C ILE B 208 28.15 -20.33 2.00
N HIS B 209 28.69 -19.13 2.20
CA HIS B 209 30.15 -18.93 2.15
C HIS B 209 31.03 -19.75 3.16
N HIS B 210 30.68 -19.69 4.46
CA HIS B 210 31.44 -20.43 5.50
C HIS B 210 31.07 -21.93 5.38
N PHE B 211 29.83 -22.23 4.95
CA PHE B 211 29.42 -23.63 4.77
C PHE B 211 30.25 -24.16 3.59
N ASN B 212 30.21 -23.44 2.47
CA ASN B 212 30.98 -23.86 1.32
C ASN B 212 32.41 -24.08 1.78
N GLU B 213 32.95 -23.14 2.56
CA GLU B 213 34.29 -23.26 3.12
C GLU B 213 34.19 -24.19 4.34
N GLY B 214 33.62 -25.39 4.12
CA GLY B 214 33.46 -26.47 5.10
C GLY B 214 33.05 -26.31 6.56
N LYS B 215 32.40 -25.21 6.91
CA LYS B 215 31.97 -25.04 8.27
C LYS B 215 31.07 -26.24 8.62
N GLU B 216 31.29 -26.83 9.78
CA GLU B 216 30.46 -27.95 10.22
C GLU B 216 29.28 -27.31 10.98
N PHE B 217 28.15 -27.98 10.96
CA PHE B 217 26.98 -27.47 11.66
C PHE B 217 26.33 -28.57 12.50
N PRO B 218 26.03 -28.26 13.76
CA PRO B 218 25.40 -29.18 14.70
C PRO B 218 23.90 -29.24 14.52
N PRO B 219 23.29 -30.33 14.96
CA PRO B 219 21.83 -30.45 14.82
C PRO B 219 21.10 -29.28 15.47
N CYS B 220 20.03 -28.81 14.82
CA CYS B 220 19.18 -27.71 15.35
C CYS B 220 17.70 -27.89 14.99
N ALA B 221 16.87 -27.01 15.52
CA ALA B 221 15.44 -27.12 15.26
C ALA B 221 14.79 -25.74 15.07
N ILE B 222 13.72 -25.66 14.27
CA ILE B 222 13.04 -24.36 14.14
C ILE B 222 11.51 -24.34 14.29
N GLU B 223 10.99 -23.29 14.97
CA GLU B 223 9.52 -23.08 15.13
C GLU B 223 9.08 -22.57 13.78
N VAL B 224 7.96 -23.10 13.26
CA VAL B 224 7.45 -22.63 11.95
C VAL B 224 5.92 -22.50 11.95
N TYR B 225 5.36 -21.85 10.93
CA TYR B 225 3.89 -21.77 10.88
C TYR B 225 3.32 -22.41 9.59
N LYS B 226 2.46 -23.41 9.75
CA LYS B 226 1.85 -24.11 8.62
C LYS B 226 0.44 -23.59 8.41
N ILE B 227 0.16 -23.23 7.17
CA ILE B 227 -1.15 -22.75 6.77
C ILE B 227 -2.10 -23.93 6.97
N ILE B 228 -3.18 -23.71 7.70
CA ILE B 228 -4.11 -24.79 7.96
C ILE B 228 -5.53 -24.45 7.58
N GLU B 229 -5.78 -23.18 7.21
CA GLU B 229 -7.10 -22.71 6.80
C GLU B 229 -7.15 -21.27 6.31
N LYS B 230 -7.25 -21.06 5.01
CA LYS B 230 -7.36 -19.69 4.51
C LYS B 230 -8.74 -19.17 4.95
N VAL B 231 -8.76 -18.27 5.93
CA VAL B 231 -9.98 -17.67 6.48
C VAL B 231 -10.46 -16.53 5.61
N ASP B 232 -11.74 -16.51 5.25
CA ASP B 232 -12.24 -15.43 4.41
C ASP B 232 -13.11 -14.30 5.03
N TYR B 233 -13.13 -13.17 4.33
CA TYR B 233 -13.89 -11.98 4.70
C TYR B 233 -15.37 -12.33 4.37
N PRO B 234 -16.31 -12.00 5.26
CA PRO B 234 -17.72 -12.28 5.02
C PRO B 234 -18.19 -11.64 3.68
N ARG B 235 -19.08 -12.32 2.95
CA ARG B 235 -19.56 -11.77 1.69
C ARG B 235 -20.96 -11.14 1.91
N ASP B 236 -21.58 -10.61 0.85
CA ASP B 236 -22.89 -9.98 0.98
C ASP B 236 -24.04 -10.83 0.39
N GLU B 237 -25.24 -10.23 0.32
CA GLU B 237 -26.41 -10.91 -0.21
C GLU B 237 -25.94 -11.68 -1.44
N ASN B 238 -25.41 -10.95 -2.42
CA ASN B 238 -24.91 -11.53 -3.65
C ASN B 238 -23.50 -12.10 -3.51
N GLY B 239 -22.53 -11.21 -3.34
CA GLY B 239 -21.15 -11.64 -3.18
C GLY B 239 -20.16 -10.64 -2.62
N GLU B 240 -20.56 -9.36 -2.52
CA GLU B 240 -19.70 -8.27 -2.03
C GLU B 240 -19.17 -8.48 -0.60
N ILE B 241 -18.02 -7.87 -0.31
CA ILE B 241 -17.44 -7.99 1.01
C ILE B 241 -18.30 -7.33 2.08
N ALA B 242 -18.93 -8.17 2.87
CA ALA B 242 -19.76 -7.73 3.99
C ALA B 242 -18.83 -7.17 5.09
N ALA B 243 -18.48 -8.05 6.04
CA ALA B 243 -17.60 -7.70 7.14
C ALA B 243 -16.20 -7.46 6.59
N ILE B 244 -15.26 -7.28 7.52
CA ILE B 244 -13.87 -7.00 7.25
C ILE B 244 -12.94 -7.56 8.40
N ILE B 245 -11.61 -7.48 8.29
CA ILE B 245 -10.73 -7.98 9.33
C ILE B 245 -11.13 -7.16 10.54
N HIS B 246 -10.97 -7.69 11.75
CA HIS B 246 -11.37 -6.92 12.91
C HIS B 246 -10.31 -5.93 13.26
N PRO B 247 -10.65 -4.91 14.05
CA PRO B 247 -9.57 -3.96 14.37
C PRO B 247 -8.40 -4.48 15.14
N ASN B 248 -8.67 -4.94 16.35
CA ASN B 248 -7.68 -5.43 17.29
C ASN B 248 -6.73 -6.54 16.86
N LEU B 249 -7.05 -7.16 15.70
CA LEU B 249 -6.30 -8.22 15.05
C LEU B 249 -5.31 -7.63 14.04
N GLN B 250 -5.71 -6.52 13.42
CA GLN B 250 -4.89 -5.83 12.42
C GLN B 250 -3.54 -5.57 13.01
N ASP B 251 -2.51 -6.00 12.27
CA ASP B 251 -1.11 -5.84 12.61
C ASP B 251 -0.59 -6.91 13.57
N GLN B 252 -1.44 -7.90 13.88
CA GLN B 252 -1.10 -8.99 14.81
C GLN B 252 -0.79 -10.33 14.15
N ASP B 253 -0.13 -10.30 12.99
CA ASP B 253 0.27 -11.52 12.30
C ASP B 253 1.19 -12.24 13.29
N TRP B 254 1.25 -13.57 13.19
CA TRP B 254 2.12 -14.42 14.03
C TRP B 254 1.74 -14.58 15.50
N LYS B 255 0.89 -13.69 16.02
CA LYS B 255 0.46 -13.74 17.42
C LYS B 255 -0.80 -14.60 17.51
N PRO B 256 -0.99 -15.29 18.65
CA PRO B 256 -2.06 -16.21 19.05
C PRO B 256 -3.53 -15.81 18.86
N LEU B 257 -4.31 -16.68 18.21
CA LEU B 257 -5.72 -16.38 18.01
C LEU B 257 -6.62 -17.53 18.45
N HIS B 258 -7.31 -17.31 19.58
CA HIS B 258 -8.22 -18.28 20.16
C HIS B 258 -9.63 -18.20 19.54
N PRO B 259 -10.42 -19.28 19.70
CA PRO B 259 -11.79 -19.42 19.19
C PRO B 259 -12.83 -18.29 19.32
N GLY B 260 -12.82 -17.57 20.42
CA GLY B 260 -13.83 -16.53 20.51
C GLY B 260 -13.33 -15.12 20.41
N ASP B 261 -12.14 -14.94 19.83
CA ASP B 261 -11.57 -13.62 19.73
C ASP B 261 -11.99 -12.91 18.46
N PRO B 262 -11.94 -11.59 18.45
CA PRO B 262 -12.38 -10.93 17.21
C PRO B 262 -11.57 -11.29 15.97
N PHE B 264 -13.46 -10.57 12.68
CA PHE B 264 -14.05 -9.64 11.71
C PHE B 264 -14.92 -8.57 12.34
N LEU B 265 -15.48 -7.72 11.47
CA LEU B 265 -16.36 -6.58 11.83
C LEU B 265 -17.22 -6.16 10.63
N THR B 266 -18.33 -5.50 10.91
CA THR B 266 -19.25 -5.01 9.86
C THR B 266 -19.49 -3.54 10.13
N LEU B 267 -19.75 -2.73 9.10
CA LEU B 267 -20.01 -1.32 9.36
C LEU B 267 -21.06 -1.06 10.45
N ASP B 268 -22.08 -1.91 10.61
CA ASP B 268 -23.06 -1.62 11.67
C ASP B 268 -22.51 -1.98 13.07
N GLY B 269 -21.19 -1.88 13.17
CA GLY B 269 -20.53 -2.16 14.42
C GLY B 269 -20.48 -3.61 14.85
N LYS B 270 -20.95 -4.52 13.99
CA LYS B 270 -20.95 -5.93 14.32
C LYS B 270 -19.57 -6.67 14.30
N THR B 271 -19.41 -7.58 15.28
CA THR B 271 -18.20 -8.39 15.47
C THR B 271 -18.42 -9.88 15.18
N ILE B 272 -17.52 -10.47 14.39
CA ILE B 272 -17.61 -11.87 14.05
C ILE B 272 -16.42 -12.59 14.59
N PRO B 273 -16.67 -13.62 15.42
CA PRO B 273 -15.66 -14.45 16.07
C PRO B 273 -15.11 -15.61 15.25
N LEU B 274 -13.95 -16.06 15.71
CA LEU B 274 -13.17 -17.14 15.11
C LEU B 274 -13.79 -18.58 14.90
N GLY B 275 -14.09 -19.27 16.00
CA GLY B 275 -14.63 -20.60 15.89
C GLY B 275 -13.59 -21.69 16.07
N GLY B 276 -13.98 -22.93 15.82
CA GLY B 276 -13.05 -24.04 16.02
C GLY B 276 -12.73 -24.17 17.50
N ASP B 277 -11.95 -25.18 17.89
CA ASP B 277 -11.63 -25.34 19.30
C ASP B 277 -10.13 -25.40 19.57
N CYS B 278 -9.41 -24.45 18.98
CA CYS B 278 -7.96 -24.37 19.16
C CYS B 278 -7.37 -23.02 18.75
N THR B 279 -6.07 -22.89 19.02
CA THR B 279 -5.31 -21.69 18.73
C THR B 279 -4.79 -21.60 17.30
N VAL B 280 -4.93 -20.43 16.72
CA VAL B 280 -4.48 -20.23 15.37
C VAL B 280 -3.57 -19.02 15.31
N TYR B 281 -2.74 -18.94 14.28
CA TYR B 281 -1.83 -17.80 14.14
C TYR B 281 -2.05 -17.16 12.80
N PRO B 282 -2.88 -16.12 12.80
CA PRO B 282 -3.19 -15.40 11.56
C PRO B 282 -1.93 -14.81 10.93
N VAL B 283 -1.74 -15.13 9.66
CA VAL B 283 -0.61 -14.59 8.90
C VAL B 283 -1.20 -13.96 7.63
N PHE B 284 -0.52 -12.95 7.12
CA PHE B 284 -0.98 -12.26 5.93
C PHE B 284 -2.31 -11.59 6.22
N VAL B 285 -2.45 -11.15 7.48
CA VAL B 285 -3.62 -10.44 7.94
C VAL B 285 -3.72 -9.13 7.16
N ASN B 286 -4.70 -9.10 6.27
CA ASN B 286 -5.04 -7.95 5.42
C ASN B 286 -4.04 -7.61 4.35
N GLU B 287 -3.66 -8.59 3.54
CA GLU B 287 -2.71 -8.37 2.45
C GLU B 287 -3.39 -7.73 1.22
N ALA B 288 -2.79 -6.68 0.66
CA ALA B 288 -3.38 -6.02 -0.50
C ALA B 288 -3.79 -7.03 -1.56
N ALA B 289 -2.90 -7.97 -1.88
CA ALA B 289 -3.16 -8.98 -2.89
C ALA B 289 -4.15 -10.04 -2.42
N TYR B 290 -4.42 -10.09 -1.12
CA TYR B 290 -5.35 -11.09 -0.66
C TYR B 290 -6.78 -10.87 -1.13
N TYR B 291 -7.26 -9.62 -1.21
CA TYR B 291 -8.61 -9.43 -1.73
C TYR B 291 -8.60 -10.09 -3.09
N GLU B 292 -7.51 -9.92 -3.82
CA GLU B 292 -7.38 -10.58 -5.11
C GLU B 292 -7.07 -12.08 -5.03
N LYS B 293 -6.28 -12.52 -4.05
CA LYS B 293 -5.97 -13.95 -3.95
C LYS B 293 -6.98 -14.51 -2.99
N LYS B 294 -7.92 -13.65 -2.63
CA LYS B 294 -9.02 -13.94 -1.69
C LYS B 294 -8.49 -14.51 -0.37
N GLU B 295 -9.04 -14.02 0.75
CA GLU B 295 -8.62 -14.41 2.08
C GLU B 295 -8.49 -13.13 2.90
N ALA B 296 -9.06 -13.12 4.09
CA ALA B 296 -8.94 -11.97 4.94
C ALA B 296 -7.59 -12.14 5.65
N PHE B 297 -7.19 -13.38 5.86
CA PHE B 297 -5.88 -13.68 6.50
C PHE B 297 -5.66 -15.18 6.46
N ALA B 298 -4.42 -15.64 6.67
CA ALA B 298 -4.13 -17.09 6.71
C ALA B 298 -4.12 -17.63 8.17
N LYS B 299 -4.78 -18.78 8.35
CA LYS B 299 -4.86 -19.43 9.64
C LYS B 299 -3.73 -20.46 9.66
N THR B 300 -2.90 -20.44 10.70
CA THR B 300 -1.79 -21.37 10.72
C THR B 300 -1.47 -21.99 12.05
N THR B 301 -0.74 -23.10 11.97
CA THR B 301 -0.24 -23.77 13.18
C THR B 301 1.28 -23.58 13.30
N LYS B 302 1.73 -23.50 14.55
CA LYS B 302 3.13 -23.34 14.84
C LYS B 302 3.60 -24.79 15.11
N LEU B 303 4.42 -25.34 14.23
CA LEU B 303 4.90 -26.70 14.42
C LEU B 303 6.42 -26.68 14.39
N THR B 304 7.06 -27.68 15.02
CA THR B 304 8.53 -27.69 15.02
C THR B 304 9.20 -28.54 13.96
N LEU B 305 10.27 -28.02 13.40
CA LEU B 305 11.02 -28.76 12.43
C LEU B 305 12.37 -28.99 13.11
N ASN B 306 12.80 -30.25 13.09
CA ASN B 306 14.08 -30.65 13.67
C ASN B 306 14.98 -31.06 12.53
N ALA B 307 16.14 -30.42 12.37
CA ALA B 307 17.04 -30.83 11.30
C ALA B 307 18.21 -31.62 11.83
N LYS B 308 18.86 -32.35 10.91
CA LYS B 308 20.07 -33.13 11.22
C LYS B 308 21.25 -32.20 10.97
N SER B 309 22.35 -32.42 11.69
CA SER B 309 23.52 -31.57 11.55
C SER B 309 24.08 -31.81 10.17
N ILE B 310 24.44 -30.75 9.45
CA ILE B 310 24.99 -30.87 8.10
C ILE B 310 26.44 -30.36 8.07
N ARG B 311 27.17 -30.79 7.05
CA ARG B 311 28.56 -30.36 6.87
C ARG B 311 28.96 -30.46 5.42
N CYS B 312 29.52 -29.40 4.85
CA CYS B 312 29.92 -29.52 3.44
C CYS B 312 31.15 -30.42 3.32
N GLU A 11 -25.31 32.57 3.60
CA GLU A 11 -26.54 31.85 3.13
C GLU A 11 -26.57 30.38 3.53
N HIS A 12 -27.75 29.80 3.32
CA HIS A 12 -28.08 28.40 3.64
C HIS A 12 -27.20 27.31 3.03
N ILE A 13 -27.54 26.06 3.38
CA ILE A 13 -26.84 24.86 2.89
C ILE A 13 -27.91 23.79 2.73
N GLN A 14 -28.33 23.55 1.50
CA GLN A 14 -29.38 22.57 1.23
C GLN A 14 -28.85 21.42 0.42
N LYS A 15 -27.75 21.65 -0.29
CA LYS A 15 -27.14 20.62 -1.14
C LYS A 15 -25.72 20.20 -0.73
N VAL A 16 -25.62 19.02 -0.10
CA VAL A 16 -24.35 18.46 0.33
C VAL A 16 -24.23 16.98 -0.01
N ALA A 17 -23.17 16.63 -0.73
CA ALA A 17 -22.90 15.23 -1.09
C ALA A 17 -21.55 14.70 -0.58
N ILE A 18 -21.47 13.38 -0.49
CA ILE A 18 -20.26 12.70 -0.08
C ILE A 18 -19.95 11.69 -1.17
N PHE A 19 -18.82 11.94 -1.84
CA PHE A 19 -18.32 11.11 -2.94
C PHE A 19 -17.19 10.20 -2.54
N GLY A 20 -17.29 8.92 -2.95
CA GLY A 20 -16.25 7.94 -2.67
C GLY A 20 -15.89 7.14 -3.92
N GLY A 21 -14.60 6.81 -4.07
CA GLY A 21 -14.18 6.05 -5.24
C GLY A 21 -13.60 6.90 -6.36
N THR A 22 -13.30 8.17 -6.07
CA THR A 22 -12.69 9.00 -7.12
C THR A 22 -11.44 8.25 -7.63
N HIS A 23 -10.74 7.59 -6.71
CA HIS A 23 -9.62 6.71 -7.08
C HIS A 23 -10.09 5.34 -6.59
N GLY A 24 -10.27 4.43 -7.54
CA GLY A 24 -10.77 3.11 -7.27
C GLY A 24 -10.09 2.15 -6.32
N ASN A 25 -8.82 2.35 -6.01
CA ASN A 25 -8.20 1.43 -5.10
C ASN A 25 -8.11 1.93 -3.68
N GLU A 26 -8.55 3.18 -3.44
CA GLU A 26 -8.58 3.71 -2.06
C GLU A 26 -9.85 3.08 -1.41
N LEU A 27 -9.75 2.32 -0.33
CA LEU A 27 -10.99 1.67 0.06
C LEU A 27 -11.89 2.23 1.11
N THR A 28 -11.41 3.19 1.91
CA THR A 28 -12.30 3.68 2.95
C THR A 28 -13.63 4.17 2.38
N GLY A 29 -13.58 5.13 1.47
CA GLY A 29 -14.83 5.64 0.89
C GLY A 29 -15.63 4.77 -0.07
N VAL A 30 -14.96 3.93 -0.85
CA VAL A 30 -15.66 3.08 -1.78
C VAL A 30 -16.50 2.19 -0.91
N PHE A 31 -16.09 2.12 0.35
CA PHE A 31 -16.71 1.32 1.39
C PHE A 31 -17.63 2.22 2.31
N LEU A 32 -17.06 3.30 2.85
CA LEU A 32 -17.82 4.19 3.70
C LEU A 32 -19.02 4.73 2.97
N VAL A 33 -18.94 4.88 1.64
CA VAL A 33 -20.08 5.40 0.86
C VAL A 33 -21.18 4.34 0.55
N LYS A 34 -20.78 3.19 0.01
CA LYS A 34 -21.71 2.11 -0.30
C LYS A 34 -22.55 1.63 0.90
N HIS A 35 -22.03 1.74 2.11
CA HIS A 35 -22.79 1.36 3.31
C HIS A 35 -23.99 2.36 3.39
N TRP A 36 -23.66 3.63 3.21
CA TRP A 36 -24.66 4.68 3.23
C TRP A 36 -25.79 4.41 2.24
N LEU A 37 -25.47 4.12 0.98
CA LEU A 37 -26.51 3.83 0.00
C LEU A 37 -27.39 2.72 0.58
N GLU A 38 -26.85 1.84 1.41
CA GLU A 38 -27.69 0.80 1.95
C GLU A 38 -28.59 1.42 3.03
N ASN A 39 -28.06 2.37 3.78
CA ASN A 39 -28.80 3.08 4.82
C ASN A 39 -28.04 4.35 5.30
N GLY A 40 -28.53 5.48 4.80
CA GLY A 40 -27.96 6.80 5.08
C GLY A 40 -28.08 7.56 6.40
N ALA A 41 -28.84 7.04 7.36
CA ALA A 41 -28.95 7.70 8.67
C ALA A 41 -27.57 8.33 8.99
N GLU A 42 -26.63 7.54 9.52
CA GLU A 42 -25.29 8.01 9.89
C GLU A 42 -24.83 9.34 9.25
N ILE A 43 -25.34 9.63 8.05
CA ILE A 43 -25.03 10.89 7.37
C ILE A 43 -26.23 11.82 7.38
N GLN A 44 -27.40 11.30 6.98
CA GLN A 44 -28.65 12.08 6.93
C GLN A 44 -28.86 12.98 8.11
N ARG A 45 -29.45 14.15 7.85
CA ARG A 45 -29.72 15.05 8.95
C ARG A 45 -31.16 15.55 8.98
N THR A 46 -31.64 15.88 10.17
CA THR A 46 -32.99 16.38 10.27
C THR A 46 -32.97 17.58 9.34
N GLY A 47 -33.80 17.49 8.30
CA GLY A 47 -33.88 18.53 7.29
C GLY A 47 -32.80 18.56 6.22
N LEU A 48 -32.14 17.42 5.95
CA LEU A 48 -31.06 17.38 4.93
C LEU A 48 -30.89 15.99 4.28
N GLU A 49 -31.14 15.94 2.98
CA GLU A 49 -31.05 14.69 2.23
C GLU A 49 -29.66 14.61 1.62
N VAL A 50 -28.79 13.82 2.23
CA VAL A 50 -27.40 13.66 1.79
C VAL A 50 -27.24 12.51 0.81
N LYS A 51 -26.69 12.80 -0.35
CA LYS A 51 -26.51 11.78 -1.38
C LYS A 51 -25.08 11.24 -1.48
N PRO A 52 -24.87 9.99 -1.01
CA PRO A 52 -23.57 9.34 -1.06
C PRO A 52 -23.41 8.78 -2.46
N PHE A 53 -22.48 9.35 -3.21
CA PHE A 53 -22.25 8.95 -4.59
C PHE A 53 -20.88 8.29 -4.75
N ILE A 54 -20.87 7.18 -5.49
CA ILE A 54 -19.63 6.44 -5.78
C ILE A 54 -19.22 6.99 -7.13
N THR A 55 -18.17 7.82 -7.15
CA THR A 55 -17.71 8.48 -8.40
C THR A 55 -17.11 7.69 -9.59
N ASN A 56 -16.12 6.84 -9.36
CA ASN A 56 -15.55 6.07 -10.48
C ASN A 56 -15.85 4.58 -10.34
N PRO A 57 -17.10 4.17 -10.68
CA PRO A 57 -17.56 2.79 -10.59
C PRO A 57 -16.62 1.79 -11.19
N ARG A 58 -16.10 2.12 -12.37
CA ARG A 58 -15.20 1.22 -13.04
C ARG A 58 -13.80 1.12 -12.37
N ALA A 59 -13.27 2.25 -11.89
CA ALA A 59 -11.96 2.22 -11.24
C ALA A 59 -12.06 1.67 -9.80
N VAL A 60 -13.28 1.65 -9.26
CA VAL A 60 -13.50 1.12 -7.90
C VAL A 60 -13.38 -0.37 -8.00
N LYS A 61 -14.11 -0.94 -8.96
CA LYS A 61 -14.21 -2.36 -9.24
C LYS A 61 -12.93 -3.15 -9.53
N LYS A 62 -12.07 -2.63 -10.40
CA LYS A 62 -10.83 -3.28 -10.79
C LYS A 62 -9.74 -3.01 -9.74
N CYS A 63 -10.17 -2.33 -8.66
CA CYS A 63 -9.29 -1.85 -7.57
C CYS A 63 -8.03 -1.23 -8.22
N THR A 64 -8.24 -0.07 -8.82
CA THR A 64 -7.17 0.58 -9.52
C THR A 64 -7.39 2.10 -9.46
N ARG A 65 -6.33 2.90 -9.36
CA ARG A 65 -6.45 4.38 -9.26
C ARG A 65 -7.39 4.90 -10.32
N TYR A 66 -7.09 4.60 -11.57
CA TYR A 66 -7.99 4.97 -12.65
C TYR A 66 -7.94 3.97 -13.85
N ILE A 67 -8.72 4.26 -14.90
CA ILE A 67 -8.73 3.41 -16.09
C ILE A 67 -7.90 4.00 -17.22
N ASP A 68 -8.14 5.26 -17.56
CA ASP A 68 -7.41 5.90 -18.63
C ASP A 68 -6.61 7.12 -18.19
N CYS A 69 -7.18 7.90 -17.25
CA CYS A 69 -6.51 9.09 -16.72
C CYS A 69 -7.06 9.44 -15.35
N ASP A 70 -6.40 10.36 -14.66
CA ASP A 70 -6.86 10.73 -13.31
C ASP A 70 -8.14 11.54 -13.27
N LEU A 71 -9.21 10.93 -12.79
CA LEU A 71 -10.53 11.60 -12.69
C LEU A 71 -10.38 12.87 -11.88
N ASN A 72 -9.51 12.81 -10.87
CA ASN A 72 -9.29 13.94 -9.98
C ASN A 72 -8.47 15.10 -10.54
N ARG A 73 -8.18 15.06 -11.84
CA ARG A 73 -7.38 16.10 -12.44
C ARG A 73 -8.08 16.68 -13.70
N ILE A 74 -9.35 16.31 -13.87
CA ILE A 74 -10.10 16.73 -15.03
C ILE A 74 -11.51 17.37 -14.81
N PHE A 75 -11.68 18.16 -13.76
CA PHE A 75 -12.98 18.80 -13.59
C PHE A 75 -12.86 20.31 -13.85
N ASP A 76 -12.49 20.58 -15.11
CA ASP A 76 -12.33 21.90 -15.61
C ASP A 76 -12.67 22.01 -17.11
N LEU A 77 -12.77 23.25 -17.58
CA LEU A 77 -13.15 23.60 -18.94
C LEU A 77 -12.57 22.77 -20.08
N GLU A 78 -11.23 22.60 -20.06
CA GLU A 78 -10.48 21.85 -21.07
C GLU A 78 -10.89 20.39 -21.19
N ASN A 79 -11.31 19.79 -20.07
CA ASN A 79 -11.71 18.39 -20.11
C ASN A 79 -13.18 18.34 -20.25
N LEU A 80 -13.85 19.11 -19.41
CA LEU A 80 -15.31 19.18 -19.41
C LEU A 80 -15.74 19.69 -20.77
N GLY A 81 -14.90 20.51 -21.39
CA GLY A 81 -15.21 21.02 -22.72
C GLY A 81 -15.23 20.00 -23.87
N LYS A 82 -14.42 18.93 -23.81
CA LYS A 82 -14.43 17.92 -24.89
C LYS A 82 -15.85 17.32 -25.01
N LYS A 83 -16.40 17.24 -26.22
CA LYS A 83 -17.75 16.69 -26.54
C LYS A 83 -17.95 15.15 -26.37
N SER A 85 -18.45 11.34 -26.80
CA SER A 85 -18.19 10.44 -27.91
C SER A 85 -17.59 9.16 -27.33
N GLU A 86 -17.75 8.10 -28.09
CA GLU A 86 -17.20 6.84 -27.65
C GLU A 86 -15.68 6.87 -27.80
N ASP A 87 -15.12 8.02 -28.18
CA ASP A 87 -13.67 8.13 -28.34
C ASP A 87 -13.08 8.90 -27.16
N LEU A 88 -13.92 9.50 -26.31
CA LEU A 88 -13.35 10.21 -25.17
C LEU A 88 -12.84 9.19 -24.12
N PRO A 89 -11.69 9.47 -23.47
CA PRO A 89 -11.20 8.51 -22.46
C PRO A 89 -12.27 8.28 -21.39
N TYR A 90 -12.40 7.04 -20.93
CA TYR A 90 -13.42 6.71 -19.94
C TYR A 90 -13.63 7.84 -18.88
N GLU A 91 -12.55 8.21 -18.20
CA GLU A 91 -12.61 9.24 -17.19
C GLU A 91 -13.19 10.57 -17.70
N VAL A 92 -12.80 11.01 -18.89
CA VAL A 92 -13.38 12.25 -19.39
C VAL A 92 -14.89 12.11 -19.71
N ARG A 93 -15.31 10.88 -20.00
CA ARG A 93 -16.72 10.62 -20.28
C ARG A 93 -17.48 10.51 -18.93
N ARG A 94 -16.82 9.95 -17.90
CA ARG A 94 -17.46 9.76 -16.61
C ARG A 94 -17.64 11.07 -15.87
N ALA A 95 -16.60 11.92 -15.89
CA ALA A 95 -16.66 13.23 -15.22
C ALA A 95 -18.01 13.93 -15.57
N GLN A 96 -18.09 14.34 -16.85
CA GLN A 96 -19.25 15.02 -17.46
C GLN A 96 -20.63 14.83 -16.78
N GLU A 97 -20.98 13.58 -16.49
CA GLU A 97 -22.25 13.24 -15.85
C GLU A 97 -22.26 13.75 -14.42
N ILE A 98 -21.13 13.55 -13.73
CA ILE A 98 -20.94 14.05 -12.36
C ILE A 98 -21.02 15.56 -12.58
N ASN A 99 -20.19 16.02 -13.51
CA ASN A 99 -20.14 17.42 -13.91
C ASN A 99 -21.56 17.90 -14.18
N HIS A 100 -22.46 16.96 -14.45
CA HIS A 100 -23.83 17.33 -14.74
C HIS A 100 -24.84 17.02 -13.64
N LEU A 101 -24.82 15.80 -13.12
CA LEU A 101 -25.71 15.43 -12.05
C LEU A 101 -25.46 16.32 -10.80
N PHE A 102 -24.22 16.76 -10.59
CA PHE A 102 -23.92 17.58 -9.42
C PHE A 102 -23.40 18.96 -9.88
N GLY A 103 -23.19 19.06 -11.20
CA GLY A 103 -22.68 20.30 -11.78
C GLY A 103 -23.83 21.21 -12.13
N PRO A 104 -23.66 22.07 -13.16
CA PRO A 104 -22.47 22.23 -14.02
C PRO A 104 -21.47 23.16 -13.35
N LYS A 105 -20.20 22.75 -13.21
CA LYS A 105 -19.21 23.64 -12.56
C LYS A 105 -19.31 25.01 -13.25
N ASP A 106 -19.23 26.06 -12.41
CA ASP A 106 -19.33 27.48 -12.80
C ASP A 106 -20.81 27.95 -12.61
N SER A 107 -21.72 26.98 -12.65
CA SER A 107 -23.14 27.21 -12.46
C SER A 107 -23.42 27.60 -11.01
N GLU A 108 -24.69 27.54 -10.63
CA GLU A 108 -25.15 27.92 -9.30
C GLU A 108 -26.23 26.94 -8.87
N ASP A 109 -26.58 26.03 -9.76
CA ASP A 109 -27.59 25.04 -9.45
C ASP A 109 -26.93 23.80 -8.82
N SER A 110 -25.63 23.65 -9.05
CA SER A 110 -24.87 22.51 -8.54
C SER A 110 -24.86 22.40 -7.03
N TYR A 111 -24.99 21.16 -6.54
CA TYR A 111 -24.99 20.87 -5.10
C TYR A 111 -24.11 21.90 -4.35
N ASP A 112 -24.48 22.23 -3.11
CA ASP A 112 -23.77 23.25 -2.34
C ASP A 112 -22.37 22.95 -1.84
N ILE A 113 -22.24 21.89 -1.04
CA ILE A 113 -20.95 21.47 -0.52
C ILE A 113 -20.78 20.01 -0.94
N ILE A 114 -19.57 19.62 -1.34
CA ILE A 114 -19.33 18.22 -1.69
C ILE A 114 -18.12 17.71 -0.89
N PHE A 115 -18.19 16.44 -0.48
CA PHE A 115 -17.09 15.80 0.25
C PHE A 115 -16.49 14.72 -0.68
N ASP A 116 -15.22 14.91 -1.08
CA ASP A 116 -14.51 13.96 -1.95
C ASP A 116 -13.61 13.09 -1.01
N LEU A 117 -14.06 11.89 -0.64
CA LEU A 117 -13.27 11.00 0.24
C LEU A 117 -12.03 10.34 -0.43
N HIS A 118 -10.90 10.46 0.23
CA HIS A 118 -9.65 9.89 -0.24
C HIS A 118 -8.82 9.13 0.82
N ASN A 119 -7.71 8.55 0.35
CA ASN A 119 -6.79 7.76 1.17
C ASN A 119 -5.36 8.08 0.81
N THR A 120 -4.44 8.00 1.77
CA THR A 120 -3.01 8.24 1.48
C THR A 120 -2.14 7.20 2.17
N THR A 121 -1.13 6.72 1.48
CA THR A 121 -0.22 5.73 2.06
C THR A 121 0.71 6.44 3.02
N SER A 122 0.66 7.78 3.02
CA SER A 122 1.46 8.57 3.92
C SER A 122 0.79 8.65 5.32
N ASN A 123 1.61 8.89 6.34
CA ASN A 123 1.13 8.95 7.72
C ASN A 123 0.66 10.34 8.17
N GLY A 125 -2.77 10.89 9.08
CA GLY A 125 -3.95 10.82 9.92
C GLY A 125 -5.18 11.42 9.28
N CYS A 126 -5.78 12.43 9.91
CA CYS A 126 -6.97 13.09 9.33
C CYS A 126 -6.56 14.42 8.73
N THR A 127 -6.84 14.58 7.44
CA THR A 127 -6.49 15.82 6.76
C THR A 127 -7.68 16.39 5.99
N LEU A 128 -7.89 17.71 6.15
CA LEU A 128 -8.96 18.40 5.43
C LEU A 128 -8.28 19.21 4.35
N ILE A 129 -8.81 19.16 3.13
CA ILE A 129 -8.22 19.92 2.05
C ILE A 129 -9.15 21.07 1.62
N LEU A 130 -8.65 22.29 1.82
CA LEU A 130 -9.37 23.50 1.52
C LEU A 130 -9.62 23.77 0.03
N GLU A 131 -10.71 24.45 -0.36
CA GLU A 131 -10.88 24.74 -1.78
C GLU A 131 -9.76 25.76 -1.95
N ASP A 132 -9.95 26.94 -1.32
CA ASP A 132 -9.02 28.10 -1.41
C ASP A 132 -8.66 28.80 -0.06
N SER A 133 -7.98 29.96 -0.12
CA SER A 133 -7.57 30.74 1.07
C SER A 133 -8.73 31.53 1.62
N ARG A 134 -9.40 32.26 0.73
CA ARG A 134 -10.55 33.05 1.10
C ARG A 134 -11.74 32.10 1.01
N ASN A 135 -12.12 31.50 2.13
CA ASN A 135 -13.23 30.56 2.20
C ASN A 135 -13.75 30.53 3.63
N ASN A 136 -14.22 31.68 4.10
CA ASN A 136 -14.76 31.84 5.45
C ASN A 136 -15.62 30.63 5.89
N PHE A 137 -16.64 30.31 5.09
CA PHE A 137 -17.52 29.20 5.44
C PHE A 137 -16.74 27.88 5.57
N LEU A 138 -15.67 27.75 4.79
CA LEU A 138 -14.86 26.55 4.87
C LEU A 138 -13.94 26.66 6.06
N ILE A 139 -13.27 27.80 6.23
CA ILE A 139 -12.35 27.93 7.34
C ILE A 139 -13.13 27.81 8.61
N GLN A 140 -14.23 28.56 8.68
CA GLN A 140 -15.06 28.51 9.88
C GLN A 140 -15.23 27.07 10.33
N PHE A 142 -13.56 24.24 9.24
CA PHE A 142 -12.34 23.47 9.47
C PHE A 142 -11.93 23.74 10.91
N HIS A 143 -12.02 25.01 11.31
CA HIS A 143 -11.68 25.36 12.65
C HIS A 143 -12.49 24.43 13.52
N TYR A 144 -13.73 24.17 13.11
CA TYR A 144 -14.66 23.28 13.85
C TYR A 144 -14.22 21.80 13.83
N ILE A 145 -14.10 21.25 12.61
CA ILE A 145 -13.70 19.88 12.45
C ILE A 145 -12.55 19.62 13.41
N LYS A 146 -11.52 20.47 13.32
CA LYS A 146 -10.39 20.39 14.23
C LYS A 146 -10.98 20.54 15.62
N THR A 147 -11.88 21.50 15.82
CA THR A 147 -12.44 21.63 17.16
C THR A 147 -12.90 20.25 17.53
N SER A 148 -13.99 19.78 16.95
CA SER A 148 -14.53 18.45 17.23
C SER A 148 -13.51 17.31 17.48
N LEU A 149 -12.67 17.05 16.47
CA LEU A 149 -11.66 16.00 16.51
C LEU A 149 -10.84 15.94 17.75
N ALA A 150 -10.26 17.07 18.12
CA ALA A 150 -9.47 17.21 19.33
C ALA A 150 -9.89 16.26 20.48
N PRO A 151 -8.93 15.52 21.10
CA PRO A 151 -7.48 15.36 20.96
C PRO A 151 -6.98 14.60 19.73
N LEU A 152 -7.87 14.08 18.91
CA LEU A 152 -7.43 13.39 17.70
C LEU A 152 -6.99 14.58 16.85
N PRO A 153 -5.79 14.47 16.26
CA PRO A 153 -5.15 15.48 15.40
C PRO A 153 -5.93 15.58 14.10
N CYS A 154 -5.86 16.74 13.44
CA CYS A 154 -6.58 16.97 12.17
C CYS A 154 -5.86 18.13 11.57
N TYR A 155 -5.39 17.94 10.35
CA TYR A 155 -4.62 19.00 9.69
C TYR A 155 -5.31 19.59 8.50
N VAL A 156 -4.97 20.84 8.20
CA VAL A 156 -5.56 21.47 7.03
C VAL A 156 -4.53 21.72 5.93
N TYR A 157 -4.77 21.09 4.77
CA TYR A 157 -3.91 21.23 3.62
C TYR A 157 -4.51 22.30 2.68
N LEU A 158 -3.85 23.45 2.57
CA LEU A 158 -4.35 24.51 1.71
C LEU A 158 -3.80 24.49 0.28
N ILE A 159 -4.66 24.63 -0.73
CA ILE A 159 -4.18 24.69 -2.12
C ILE A 159 -4.48 26.01 -2.92
N GLU A 160 -3.74 26.27 -4.01
CA GLU A 160 -3.95 27.48 -4.81
C GLU A 160 -3.41 27.31 -6.24
N HIS A 161 -4.33 27.17 -7.18
CA HIS A 161 -4.03 26.95 -8.58
C HIS A 161 -4.13 28.19 -9.46
N PRO A 162 -2.97 28.72 -9.93
CA PRO A 162 -2.74 29.91 -10.76
C PRO A 162 -3.89 30.38 -11.64
N SER A 163 -4.64 29.41 -12.13
CA SER A 163 -5.77 29.67 -12.97
C SER A 163 -6.82 30.31 -12.09
N LEU A 164 -6.72 29.99 -10.80
CA LEU A 164 -7.64 30.40 -9.72
C LEU A 164 -8.84 29.43 -9.74
N LYS A 165 -8.66 28.34 -10.51
CA LYS A 165 -9.66 27.28 -10.72
C LYS A 165 -9.10 25.87 -10.47
N TYR A 166 -9.64 25.16 -9.49
CA TYR A 166 -9.20 23.78 -9.23
C TYR A 166 -9.72 22.93 -10.37
N ALA A 167 -9.40 21.63 -10.39
CA ALA A 167 -9.89 20.76 -11.49
C ALA A 167 -10.21 19.34 -11.02
N THR A 168 -10.41 19.18 -9.71
CA THR A 168 -10.70 17.89 -9.10
C THR A 168 -12.19 17.62 -8.99
N THR A 169 -12.57 16.35 -8.86
CA THR A 169 -14.00 15.95 -8.74
C THR A 169 -14.80 16.89 -7.81
N ARG A 170 -14.21 17.29 -6.69
CA ARG A 170 -14.92 18.16 -5.74
C ARG A 170 -15.11 19.66 -6.11
N SER A 171 -14.21 20.18 -6.94
CA SER A 171 -14.26 21.57 -7.35
C SER A 171 -15.59 21.93 -8.04
N ILE A 172 -16.42 20.93 -8.29
CA ILE A 172 -17.72 21.19 -8.91
C ILE A 172 -18.67 21.93 -7.92
N ALA A 173 -18.59 21.65 -6.61
CA ALA A 173 -19.49 22.25 -5.62
C ALA A 173 -19.33 23.75 -5.38
N LYS A 174 -20.20 24.30 -4.52
CA LYS A 174 -20.14 25.71 -4.13
C LYS A 174 -19.05 25.73 -3.07
N TYR A 175 -19.15 24.77 -2.16
CA TYR A 175 -18.20 24.59 -1.06
C TYR A 175 -17.62 23.19 -1.10
N PRO A 176 -16.54 22.98 -1.88
CA PRO A 176 -15.81 21.71 -2.08
C PRO A 176 -14.78 21.43 -0.97
N VAL A 177 -14.98 20.33 -0.25
CA VAL A 177 -14.05 19.94 0.81
C VAL A 177 -13.32 18.61 0.53
N GLY A 178 -12.04 18.57 0.90
CA GLY A 178 -11.31 17.34 0.67
C GLY A 178 -11.15 16.54 1.97
N ILE A 179 -11.46 15.24 1.97
CA ILE A 179 -11.20 14.42 3.15
C ILE A 179 -10.21 13.26 2.82
N GLU A 180 -9.10 13.19 3.54
CA GLU A 180 -8.08 12.16 3.30
C GLU A 180 -7.67 11.53 4.63
N VAL A 181 -7.39 10.23 4.66
CA VAL A 181 -6.99 9.66 5.95
C VAL A 181 -5.84 8.66 5.97
N GLY A 182 -4.65 9.10 6.40
CA GLY A 182 -3.51 8.18 6.43
C GLY A 182 -3.15 7.56 7.78
N PRO A 183 -2.40 6.46 7.79
CA PRO A 183 -1.90 5.81 6.58
C PRO A 183 -2.59 4.47 6.25
N GLN A 184 -2.70 4.18 4.96
CA GLN A 184 -3.26 2.91 4.58
C GLN A 184 -2.71 2.58 3.24
N PRO A 185 -2.33 1.32 3.00
CA PRO A 185 -1.80 0.97 1.67
C PRO A 185 -2.93 0.95 0.64
N GLN A 186 -2.63 1.20 -0.63
CA GLN A 186 -3.70 1.12 -1.62
C GLN A 186 -4.12 -0.36 -1.70
N GLY A 187 -5.40 -0.58 -1.97
CA GLY A 187 -5.94 -1.93 -2.13
C GLY A 187 -6.25 -2.64 -0.84
N VAL A 188 -6.18 -1.89 0.23
CA VAL A 188 -6.45 -2.47 1.54
C VAL A 188 -7.58 -1.68 2.20
N LEU A 189 -8.15 -2.23 3.27
CA LEU A 189 -9.22 -1.62 4.04
C LEU A 189 -9.03 -1.69 5.59
N ARG A 190 -8.24 -0.78 6.18
CA ARG A 190 -8.02 -0.77 7.65
C ARG A 190 -9.13 -0.07 8.45
N ALA A 191 -9.95 -0.88 9.16
CA ALA A 191 -11.08 -0.42 9.97
C ALA A 191 -10.78 0.88 10.63
N ASP A 192 -9.90 0.78 11.60
CA ASP A 192 -9.40 1.91 12.35
C ASP A 192 -9.45 3.22 11.52
N ILE A 193 -8.70 3.26 10.42
CA ILE A 193 -8.69 4.39 9.50
C ILE A 193 -10.17 4.73 9.31
N LEU A 194 -10.85 3.86 8.58
CA LEU A 194 -12.25 4.03 8.30
C LEU A 194 -13.02 4.85 9.37
N ASP A 195 -13.27 4.23 10.51
CA ASP A 195 -14.01 4.88 11.55
C ASP A 195 -13.34 6.16 12.02
N GLN A 196 -12.02 6.22 11.90
CA GLN A 196 -11.34 7.43 12.33
C GLN A 196 -11.66 8.59 11.37
N ARG A 198 -15.19 8.58 9.63
CA ARG A 198 -16.61 8.86 9.64
C ARG A 198 -16.86 9.92 10.71
N LYS A 199 -16.04 9.86 11.75
CA LYS A 199 -16.09 10.82 12.84
C LYS A 199 -16.03 12.23 12.23
N ILE A 201 -16.64 13.27 9.00
CA ILE A 201 -17.84 13.49 8.20
C ILE A 201 -19.10 13.60 9.07
N LYS A 202 -19.26 12.65 10.01
CA LYS A 202 -20.42 12.68 10.90
C LYS A 202 -20.37 13.95 11.75
N HIS A 203 -19.23 14.64 11.75
CA HIS A 203 -19.12 15.90 12.51
C HIS A 203 -19.28 17.07 11.56
N ALA A 204 -18.80 16.91 10.33
CA ALA A 204 -18.95 17.97 9.33
C ALA A 204 -20.46 18.19 9.08
N LEU A 205 -21.20 17.10 8.80
CA LEU A 205 -22.63 17.18 8.54
C LEU A 205 -23.35 17.83 9.75
N ASP A 206 -22.75 17.70 10.94
CA ASP A 206 -23.30 18.29 12.16
C ASP A 206 -23.01 19.79 12.18
N PHE A 207 -21.78 20.20 11.88
CA PHE A 207 -21.49 21.63 11.82
C PHE A 207 -22.49 22.29 10.85
N ILE A 208 -22.71 21.65 9.70
CA ILE A 208 -23.64 22.25 8.76
C ILE A 208 -25.00 22.34 9.44
N HIS A 209 -25.44 21.22 10.01
CA HIS A 209 -26.73 21.17 10.69
C HIS A 209 -26.87 22.33 11.67
N HIS A 210 -25.81 22.59 12.43
CA HIS A 210 -25.80 23.67 13.40
C HIS A 210 -25.69 25.05 12.75
N PHE A 211 -24.88 25.18 11.69
CA PHE A 211 -24.73 26.46 10.95
C PHE A 211 -26.06 26.76 10.31
N ASN A 212 -26.75 25.70 9.89
CA ASN A 212 -28.05 25.82 9.26
C ASN A 212 -29.03 26.37 10.26
N GLU A 213 -29.26 25.60 11.32
CA GLU A 213 -30.21 25.98 12.37
C GLU A 213 -29.87 27.27 13.11
N GLY A 214 -28.62 27.73 13.04
CA GLY A 214 -28.28 28.94 13.75
C GLY A 214 -27.16 28.67 14.76
N LYS A 215 -26.57 29.74 15.29
CA LYS A 215 -25.47 29.69 16.26
C LYS A 215 -24.58 30.94 16.03
N GLU A 216 -23.28 30.83 16.28
CA GLU A 216 -22.36 31.95 16.12
C GLU A 216 -20.90 31.55 16.34
N PHE A 217 -19.97 32.24 15.70
CA PHE A 217 -18.54 31.97 15.91
C PHE A 217 -17.67 33.24 15.79
N PRO A 218 -16.80 33.49 16.78
CA PRO A 218 -15.90 34.63 16.81
C PRO A 218 -14.83 34.42 15.72
N PRO A 219 -14.11 35.48 15.34
CA PRO A 219 -13.09 35.27 14.29
C PRO A 219 -12.01 34.18 14.62
N CYS A 220 -12.03 33.09 13.86
CA CYS A 220 -11.09 31.99 14.05
C CYS A 220 -9.87 32.13 13.13
N ALA A 221 -8.75 31.57 13.57
CA ALA A 221 -7.54 31.71 12.80
C ALA A 221 -6.75 30.43 12.51
N ILE A 222 -7.43 29.36 12.09
CA ILE A 222 -6.74 28.08 11.87
C ILE A 222 -5.35 28.10 11.27
N GLU A 223 -4.54 27.12 11.68
CA GLU A 223 -3.20 26.91 11.13
C GLU A 223 -3.43 26.03 9.88
N VAL A 224 -2.70 26.30 8.81
CA VAL A 224 -2.82 25.52 7.60
C VAL A 224 -1.48 25.34 6.86
N TYR A 225 -1.40 24.24 6.09
CA TYR A 225 -0.21 23.89 5.34
C TYR A 225 -0.47 24.12 3.87
N LYS A 226 0.21 25.15 3.38
CA LYS A 226 0.12 25.62 2.01
C LYS A 226 1.24 24.99 1.22
N ILE A 227 0.87 24.20 0.25
CA ILE A 227 1.84 23.55 -0.59
C ILE A 227 2.71 24.64 -1.24
N ILE A 228 4.03 24.48 -1.23
CA ILE A 228 4.88 25.48 -1.89
C ILE A 228 5.85 24.83 -2.88
N GLU A 229 6.15 23.54 -2.67
CA GLU A 229 7.04 22.80 -3.56
C GLU A 229 6.88 21.27 -3.50
N LYS A 230 6.83 20.60 -4.66
CA LYS A 230 6.78 19.13 -4.72
C LYS A 230 8.27 18.81 -4.84
N VAL A 231 8.81 17.90 -4.02
CA VAL A 231 10.24 17.56 -4.04
C VAL A 231 10.60 16.28 -4.82
N ASP A 232 11.83 16.23 -5.30
CA ASP A 232 12.26 15.11 -6.09
C ASP A 232 13.07 14.04 -5.41
N TYR A 233 13.21 12.93 -6.11
CA TYR A 233 14.01 11.86 -5.61
C TYR A 233 15.33 12.21 -6.28
N PRO A 234 16.44 12.12 -5.54
CA PRO A 234 17.72 12.40 -6.18
C PRO A 234 17.76 11.49 -7.38
N ARG A 235 18.17 11.98 -8.54
CA ARG A 235 18.18 11.07 -9.70
C ARG A 235 19.59 10.69 -10.19
N ASP A 236 19.68 9.93 -11.28
CA ASP A 236 20.99 9.56 -11.81
C ASP A 236 21.03 9.81 -13.32
N GLU A 237 22.07 9.34 -14.00
CA GLU A 237 22.18 9.54 -15.45
C GLU A 237 20.87 9.18 -16.15
N ASN A 238 20.52 7.89 -16.19
CA ASN A 238 19.29 7.43 -16.83
C ASN A 238 18.13 8.20 -16.23
N GLY A 239 18.38 8.86 -15.10
CA GLY A 239 17.35 9.63 -14.43
C GLY A 239 16.52 8.77 -13.48
N GLU A 240 17.17 7.85 -12.78
CA GLU A 240 16.42 7.00 -11.88
C GLU A 240 16.60 7.44 -10.46
N ILE A 241 15.59 7.11 -9.65
CA ILE A 241 15.57 7.42 -8.23
C ILE A 241 16.92 6.93 -7.62
N ALA A 242 17.76 7.90 -7.31
CA ALA A 242 19.10 7.66 -6.79
C ALA A 242 19.19 7.78 -5.27
N ALA A 243 18.03 7.98 -4.64
CA ALA A 243 17.97 8.08 -3.18
C ALA A 243 16.51 8.07 -2.68
N ILE A 244 16.31 7.30 -1.60
CA ILE A 244 15.05 7.06 -0.93
C ILE A 244 14.74 7.94 0.32
N ILE A 245 13.47 8.02 0.71
CA ILE A 245 13.10 8.83 1.87
C ILE A 245 13.82 8.23 3.08
N HIS A 246 14.53 9.09 3.84
CA HIS A 246 15.30 8.63 5.00
C HIS A 246 14.48 7.84 6.05
N PRO A 247 15.07 6.77 6.59
CA PRO A 247 14.33 5.98 7.59
C PRO A 247 13.66 6.83 8.67
N ASN A 248 14.26 8.01 8.97
CA ASN A 248 13.72 8.93 9.99
C ASN A 248 12.45 9.63 9.57
N LEU A 249 12.64 10.62 8.68
CA LEU A 249 11.58 11.46 8.11
C LEU A 249 10.37 10.59 7.82
N GLN A 250 10.64 9.34 7.45
CA GLN A 250 9.56 8.38 7.21
C GLN A 250 8.47 8.45 8.28
N ASP A 251 7.25 8.68 7.79
CA ASP A 251 6.05 8.79 8.62
C ASP A 251 6.27 9.90 9.59
N GLN A 252 6.57 11.09 9.06
CA GLN A 252 6.81 12.29 9.87
C GLN A 252 6.15 13.57 9.33
N ASP A 253 4.98 13.44 8.69
CA ASP A 253 4.27 14.59 8.17
C ASP A 253 3.83 15.49 9.31
N TRP A 254 3.77 16.80 9.04
CA TRP A 254 3.36 17.81 10.04
C TRP A 254 4.36 18.12 11.18
N LYS A 255 5.15 17.12 11.61
CA LYS A 255 6.17 17.30 12.64
C LYS A 255 7.22 18.11 11.87
N PRO A 256 7.86 19.12 12.49
CA PRO A 256 8.82 19.84 11.65
C PRO A 256 10.21 19.27 11.60
N LEU A 257 10.80 19.27 10.40
CA LEU A 257 12.14 18.76 10.09
C LEU A 257 13.05 19.94 9.84
N HIS A 258 14.31 19.83 10.25
CA HIS A 258 15.24 20.95 10.12
C HIS A 258 16.50 20.77 9.26
N PRO A 259 17.09 21.89 8.84
CA PRO A 259 18.30 21.95 8.02
C PRO A 259 19.32 20.81 8.05
N GLY A 260 19.48 20.16 9.18
CA GLY A 260 20.43 19.07 9.20
C GLY A 260 19.80 17.70 9.44
N ASP A 261 18.49 17.67 9.65
CA ASP A 261 17.77 16.43 9.91
C ASP A 261 17.67 15.70 8.60
N PRO A 262 17.91 14.37 8.60
CA PRO A 262 17.86 13.57 7.36
C PRO A 262 16.57 13.73 6.53
N PHE A 264 16.73 12.38 2.59
CA PHE A 264 16.89 11.34 1.56
C PHE A 264 18.07 10.45 1.84
N LEU A 265 17.91 9.17 1.52
CA LEU A 265 18.96 8.15 1.66
C LEU A 265 19.49 7.66 0.29
N THR A 266 20.75 8.01 0.02
CA THR A 266 21.45 7.68 -1.23
C THR A 266 21.45 6.19 -1.50
N LEU A 267 21.11 5.81 -2.73
CA LEU A 267 21.08 4.40 -3.12
C LEU A 267 22.38 3.82 -2.56
N ASP A 268 23.51 4.46 -2.93
CA ASP A 268 24.83 4.04 -2.50
C ASP A 268 24.96 4.00 -0.98
N GLY A 269 24.00 4.56 -0.27
CA GLY A 269 24.02 4.45 1.17
C GLY A 269 24.41 5.50 2.19
N LYS A 270 24.70 6.73 1.79
CA LYS A 270 25.08 7.72 2.79
C LYS A 270 23.85 8.49 3.30
N THR A 271 24.00 9.15 4.45
CA THR A 271 22.84 9.86 4.95
C THR A 271 22.80 11.34 4.56
N ILE A 272 21.62 11.82 4.15
CA ILE A 272 21.41 13.21 3.69
C ILE A 272 20.38 14.09 4.48
N PRO A 273 20.87 15.12 5.20
CA PRO A 273 20.09 16.08 6.01
C PRO A 273 19.30 17.17 5.26
N LEU A 274 18.05 17.38 5.67
CA LEU A 274 17.14 18.37 5.09
C LEU A 274 17.88 19.30 4.20
N GLY A 275 18.15 20.51 4.69
CA GLY A 275 18.85 21.51 3.90
C GLY A 275 17.95 22.63 3.44
N GLY A 276 18.40 23.35 2.41
CA GLY A 276 17.62 24.47 1.87
C GLY A 276 17.85 25.78 2.60
N ASP A 277 16.80 26.56 2.84
CA ASP A 277 16.91 27.83 3.56
C ASP A 277 16.13 27.94 4.88
N CYS A 278 15.18 27.06 5.14
CA CYS A 278 14.40 27.09 6.40
C CYS A 278 13.63 25.81 6.67
N THR A 279 13.14 25.73 7.90
CA THR A 279 12.34 24.62 8.39
C THR A 279 11.15 24.48 7.45
N VAL A 280 10.52 23.29 7.42
CA VAL A 280 9.35 23.10 6.54
C VAL A 280 8.36 22.04 7.08
N TYR A 281 7.25 21.85 6.40
CA TYR A 281 6.32 20.85 6.92
C TYR A 281 5.93 19.71 6.00
N PRO A 282 6.42 18.50 6.30
CA PRO A 282 6.14 17.29 5.52
C PRO A 282 4.68 16.88 5.42
N VAL A 283 4.28 16.63 4.18
CA VAL A 283 2.93 16.24 3.79
C VAL A 283 3.12 15.33 2.57
N PHE A 284 2.34 14.25 2.48
CA PHE A 284 2.47 13.31 1.38
C PHE A 284 3.87 12.67 1.28
N VAL A 285 4.47 12.40 2.44
CA VAL A 285 5.79 11.84 2.51
C VAL A 285 5.78 10.37 2.22
N ASN A 286 6.49 10.00 1.15
CA ASN A 286 6.59 8.63 0.71
C ASN A 286 5.20 8.06 0.40
N GLU A 287 4.44 8.82 -0.41
CA GLU A 287 3.10 8.46 -0.86
C GLU A 287 3.28 7.71 -2.16
N ALA A 288 2.52 6.63 -2.32
CA ALA A 288 2.56 5.75 -3.49
C ALA A 288 2.13 6.44 -4.75
N ALA A 289 0.96 7.07 -4.69
CA ALA A 289 0.41 7.80 -5.84
C ALA A 289 1.42 8.69 -6.54
N TYR A 290 2.39 9.22 -5.80
CA TYR A 290 3.33 10.12 -6.44
C TYR A 290 4.73 9.59 -6.79
N TYR A 291 4.92 8.28 -6.96
CA TYR A 291 6.24 7.78 -7.34
C TYR A 291 6.49 7.97 -8.84
N GLU A 292 5.50 7.66 -9.68
CA GLU A 292 5.68 7.81 -11.14
C GLU A 292 6.03 9.26 -11.48
N LYS A 293 5.79 10.16 -10.54
CA LYS A 293 6.04 11.59 -10.72
C LYS A 293 7.43 11.98 -10.21
N LYS A 294 8.20 11.01 -9.73
CA LYS A 294 9.54 11.30 -9.19
C LYS A 294 9.44 12.17 -7.92
N GLU A 295 8.23 12.33 -7.37
CA GLU A 295 8.00 13.15 -6.19
C GLU A 295 8.09 12.38 -4.88
N ALA A 296 8.90 12.90 -3.96
CA ALA A 296 9.09 12.26 -2.67
C ALA A 296 8.21 12.86 -1.56
N PHE A 297 7.91 14.15 -1.68
CA PHE A 297 7.02 14.77 -0.71
C PHE A 297 6.67 16.19 -1.05
N ALA A 298 5.76 16.75 -0.26
CA ALA A 298 5.35 18.13 -0.45
C ALA A 298 5.96 18.95 0.69
N LYS A 299 6.73 19.98 0.31
CA LYS A 299 7.38 20.90 1.25
C LYS A 299 6.35 21.98 1.52
N THR A 300 5.96 22.15 2.79
CA THR A 300 4.94 23.14 3.17
C THR A 300 5.39 24.11 4.26
N THR A 301 4.71 25.27 4.34
CA THR A 301 4.96 26.32 5.34
C THR A 301 3.69 26.54 6.16
N LYS A 302 3.81 26.50 7.50
CA LYS A 302 2.66 26.69 8.38
C LYS A 302 2.25 28.17 8.36
N LEU A 303 0.94 28.45 8.28
CA LEU A 303 0.46 29.84 8.27
C LEU A 303 -0.94 30.02 8.87
N THR A 304 -1.35 31.26 9.11
CA THR A 304 -2.67 31.44 9.69
C THR A 304 -3.66 32.06 8.73
N LEU A 305 -4.89 31.55 8.74
CA LEU A 305 -5.95 32.06 7.88
C LEU A 305 -7.05 32.52 8.80
N ASN A 306 -7.63 33.69 8.53
CA ASN A 306 -8.70 34.22 9.38
C ASN A 306 -10.11 34.19 8.79
N ALA A 307 -11.11 33.93 9.63
CA ALA A 307 -12.49 33.91 9.17
C ALA A 307 -13.39 34.99 9.83
N LYS A 308 -14.01 35.84 9.00
CA LYS A 308 -14.93 36.85 9.53
C LYS A 308 -16.04 36.06 10.21
N SER A 309 -16.54 36.57 11.34
CA SER A 309 -17.61 35.92 12.09
C SER A 309 -18.75 35.52 11.16
N ILE A 310 -19.41 34.41 11.45
CA ILE A 310 -20.52 33.95 10.59
C ILE A 310 -21.74 33.51 11.39
N ARG A 311 -22.90 33.75 10.78
CA ARG A 311 -24.21 33.41 11.37
C ARG A 311 -25.20 33.16 10.24
N CYS A 312 -26.11 32.21 10.43
CA CYS A 312 -27.08 31.92 9.38
C CYS A 312 -28.35 32.69 9.65
N GLU B 11 26.81 -31.97 -1.09
CA GLU B 11 27.14 -31.53 -2.47
C GLU B 11 27.21 -30.00 -2.55
N HIS B 12 28.45 -29.51 -2.71
CA HIS B 12 28.84 -28.08 -2.79
C HIS B 12 27.96 -27.11 -3.60
N ILE B 13 27.73 -25.92 -3.02
CA ILE B 13 26.92 -24.86 -3.65
C ILE B 13 27.81 -23.88 -4.40
N GLN B 14 27.50 -23.62 -5.67
CA GLN B 14 28.29 -22.68 -6.44
C GLN B 14 27.38 -21.69 -7.22
N LYS B 15 26.17 -22.15 -7.52
CA LYS B 15 25.19 -21.35 -8.25
C LYS B 15 24.12 -20.72 -7.33
N VAL B 16 24.15 -19.40 -7.18
CA VAL B 16 23.21 -18.66 -6.32
C VAL B 16 22.57 -17.47 -7.05
N ALA B 17 21.27 -17.28 -6.84
CA ALA B 17 20.60 -16.14 -7.46
C ALA B 17 19.74 -15.34 -6.47
N ILE B 18 19.65 -14.03 -6.72
CA ILE B 18 18.80 -13.11 -5.96
C ILE B 18 18.06 -12.41 -7.10
N PHE B 19 16.77 -12.70 -7.28
CA PHE B 19 15.89 -12.10 -8.34
C PHE B 19 15.29 -10.71 -8.03
N GLY B 20 14.40 -10.22 -8.89
CA GLY B 20 13.83 -8.90 -8.59
C GLY B 20 12.52 -8.44 -9.22
N GLY B 21 11.77 -7.55 -8.55
CA GLY B 21 10.52 -7.11 -9.11
C GLY B 21 9.87 -8.40 -9.53
N THR B 22 10.19 -9.42 -8.73
CA THR B 22 9.67 -10.73 -8.92
C THR B 22 8.19 -10.45 -9.21
N HIS B 23 7.51 -9.69 -8.33
CA HIS B 23 6.12 -9.20 -8.51
C HIS B 23 6.27 -7.65 -8.69
N GLY B 24 5.37 -6.97 -9.43
CA GLY B 24 5.54 -5.52 -9.65
C GLY B 24 5.40 -4.43 -8.58
N ASN B 25 4.35 -4.50 -7.74
CA ASN B 25 4.10 -3.52 -6.68
C ASN B 25 5.27 -3.51 -5.69
N GLU B 26 5.67 -4.73 -5.27
CA GLU B 26 6.78 -4.99 -4.36
C GLU B 26 8.05 -4.32 -4.92
N LEU B 27 8.71 -3.46 -4.15
CA LEU B 27 9.88 -2.75 -4.68
C LEU B 27 11.16 -2.92 -3.87
N THR B 28 11.11 -3.50 -2.67
CA THR B 28 12.37 -3.62 -1.93
C THR B 28 13.42 -4.37 -2.80
N GLY B 29 13.01 -5.50 -3.37
CA GLY B 29 13.93 -6.23 -4.21
C GLY B 29 14.28 -5.57 -5.54
N VAL B 30 13.35 -4.81 -6.13
CA VAL B 30 13.64 -4.16 -7.38
C VAL B 30 14.76 -3.13 -7.16
N PHE B 31 14.62 -2.32 -6.12
CA PHE B 31 15.60 -1.29 -5.83
C PHE B 31 16.94 -1.95 -5.50
N LEU B 32 16.89 -3.02 -4.70
CA LEU B 32 18.08 -3.79 -4.31
C LEU B 32 18.80 -4.40 -5.53
N VAL B 33 18.06 -5.22 -6.27
CA VAL B 33 18.60 -5.89 -7.43
C VAL B 33 19.06 -4.89 -8.51
N LYS B 34 18.32 -3.82 -8.74
CA LYS B 34 18.74 -2.91 -9.77
C LYS B 34 20.07 -2.34 -9.41
N HIS B 35 20.36 -2.35 -8.12
CA HIS B 35 21.64 -1.84 -7.58
C HIS B 35 22.80 -2.87 -7.66
N TRP B 36 22.60 -4.08 -7.12
CA TRP B 36 23.62 -5.14 -7.12
C TRP B 36 24.05 -5.44 -8.57
N LEU B 37 23.34 -4.84 -9.52
CA LEU B 37 23.67 -4.97 -10.94
C LEU B 37 24.64 -3.88 -11.37
N GLU B 38 24.61 -2.73 -10.68
CA GLU B 38 25.52 -1.67 -11.00
C GLU B 38 26.78 -2.00 -10.25
N ASN B 39 26.61 -2.56 -9.06
CA ASN B 39 27.74 -2.99 -8.26
C ASN B 39 27.35 -3.97 -7.17
N GLY B 40 27.77 -5.24 -7.35
CA GLY B 40 27.43 -6.27 -6.40
C GLY B 40 28.42 -6.64 -5.30
N ALA B 41 29.28 -5.72 -4.89
CA ALA B 41 30.25 -6.06 -3.87
C ALA B 41 29.61 -6.71 -2.62
N GLU B 42 28.59 -6.05 -2.03
CA GLU B 42 27.85 -6.54 -0.86
C GLU B 42 27.31 -7.99 -0.95
N ILE B 43 27.03 -8.45 -2.16
CA ILE B 43 26.49 -9.79 -2.29
C ILE B 43 27.48 -10.78 -2.92
N GLN B 44 28.65 -10.30 -3.33
CA GLN B 44 29.61 -11.25 -3.93
C GLN B 44 30.29 -12.04 -2.82
N ARG B 45 30.52 -13.33 -2.97
CA ARG B 45 31.26 -14.05 -1.91
C ARG B 45 32.41 -14.79 -2.53
N THR B 46 33.37 -15.19 -1.70
CA THR B 46 34.51 -15.94 -2.22
C THR B 46 34.05 -17.38 -2.48
N GLY B 47 34.25 -17.83 -3.71
CA GLY B 47 33.89 -19.18 -4.11
C GLY B 47 32.42 -19.41 -4.33
N LEU B 48 31.75 -18.32 -4.69
CA LEU B 48 30.34 -18.30 -4.91
C LEU B 48 29.95 -17.49 -6.14
N GLU B 49 28.83 -17.85 -6.75
CA GLU B 49 28.36 -17.04 -7.86
C GLU B 49 26.92 -16.66 -7.55
N VAL B 50 26.69 -15.36 -7.40
CA VAL B 50 25.37 -14.83 -7.10
C VAL B 50 24.93 -13.88 -8.24
N LYS B 51 23.95 -14.28 -9.04
CA LYS B 51 23.50 -13.40 -10.11
C LYS B 51 22.27 -12.58 -9.63
N PRO B 52 22.38 -11.24 -9.58
CA PRO B 52 21.24 -10.46 -9.15
C PRO B 52 20.54 -10.10 -10.45
N PHE B 53 19.47 -10.83 -10.72
CA PHE B 53 18.66 -10.72 -11.92
C PHE B 53 17.23 -10.25 -11.59
N ILE B 54 16.61 -9.48 -12.48
CA ILE B 54 15.23 -8.99 -12.29
C ILE B 54 14.33 -9.96 -13.03
N THR B 55 13.25 -10.46 -12.39
CA THR B 55 12.49 -11.46 -13.11
C THR B 55 11.41 -10.97 -14.04
N ASN B 56 10.72 -9.89 -13.64
CA ASN B 56 9.61 -9.34 -14.40
C ASN B 56 9.88 -7.86 -14.69
N PRO B 57 10.86 -7.60 -15.57
CA PRO B 57 11.40 -6.35 -16.09
C PRO B 57 10.34 -5.32 -16.41
N ARG B 58 9.23 -5.89 -16.90
CA ARG B 58 8.05 -5.17 -17.35
C ARG B 58 7.04 -4.76 -16.27
N ALA B 59 6.52 -5.75 -15.56
CA ALA B 59 5.53 -5.48 -14.52
C ALA B 59 6.15 -4.46 -13.60
N VAL B 60 7.47 -4.39 -13.67
CA VAL B 60 8.23 -3.44 -12.87
C VAL B 60 8.04 -2.07 -13.56
N LYS B 61 8.10 -2.03 -14.89
CA LYS B 61 7.91 -0.76 -15.60
C LYS B 61 6.47 -0.21 -15.47
N LYS B 62 5.45 -1.07 -15.37
CA LYS B 62 4.08 -0.55 -15.23
C LYS B 62 3.71 -0.53 -13.73
N CYS B 63 4.74 -0.66 -12.88
CA CYS B 63 4.60 -0.77 -11.41
C CYS B 63 3.29 -1.49 -11.09
N THR B 64 3.26 -2.72 -11.54
CA THR B 64 2.09 -3.52 -11.39
C THR B 64 2.46 -4.95 -10.95
N ARG B 65 1.56 -5.62 -10.22
CA ARG B 65 1.79 -6.99 -9.75
C ARG B 65 2.11 -7.86 -10.94
N TYR B 66 1.12 -8.19 -11.77
CA TYR B 66 1.40 -8.96 -12.98
C TYR B 66 0.88 -8.25 -14.20
N ILE B 67 1.41 -8.63 -15.38
CA ILE B 67 1.01 -8.03 -16.67
C ILE B 67 -0.01 -8.92 -17.36
N ASP B 68 0.31 -10.18 -17.60
CA ASP B 68 -0.63 -11.12 -18.20
C ASP B 68 -1.11 -12.22 -17.23
N CYS B 69 -0.21 -12.77 -16.39
CA CYS B 69 -0.58 -13.78 -15.36
C CYS B 69 0.31 -13.70 -14.12
N ASP B 70 -0.17 -14.16 -12.96
CA ASP B 70 0.58 -14.13 -11.67
C ASP B 70 1.88 -14.89 -11.85
N LEU B 71 3.01 -14.19 -11.89
CA LEU B 71 4.27 -14.90 -12.13
C LEU B 71 4.49 -16.14 -11.27
N ASN B 72 4.77 -15.88 -9.98
CA ASN B 72 5.08 -16.87 -8.95
C ASN B 72 4.07 -17.98 -8.81
N ARG B 73 3.28 -18.20 -9.84
CA ARG B 73 2.29 -19.25 -9.79
C ARG B 73 2.37 -20.25 -10.92
N ILE B 74 3.26 -20.02 -11.88
CA ILE B 74 3.32 -20.89 -13.06
C ILE B 74 4.59 -21.68 -13.46
N PHE B 75 5.55 -21.87 -12.56
CA PHE B 75 6.76 -22.58 -12.96
C PHE B 75 6.59 -24.09 -12.87
N ASP B 76 5.99 -24.65 -13.91
CA ASP B 76 5.70 -26.07 -14.00
C ASP B 76 5.69 -26.63 -15.46
N LEU B 77 5.70 -27.97 -15.56
CA LEU B 77 5.76 -28.73 -16.84
C LEU B 77 4.58 -28.54 -17.79
N GLU B 78 3.70 -27.65 -17.37
CA GLU B 78 2.50 -27.32 -18.13
C GLU B 78 2.70 -26.03 -18.93
N ASN B 79 3.41 -25.07 -18.34
CA ASN B 79 3.68 -23.79 -19.00
C ASN B 79 5.14 -23.73 -19.33
N LEU B 80 5.96 -24.25 -18.40
CA LEU B 80 7.41 -24.22 -18.57
C LEU B 80 7.86 -24.98 -19.78
N GLY B 81 7.01 -25.91 -20.23
CA GLY B 81 7.31 -26.73 -21.40
C GLY B 81 6.35 -26.85 -22.58
N LYS B 82 5.30 -26.02 -22.66
CA LYS B 82 4.39 -26.10 -23.80
C LYS B 82 5.14 -25.46 -25.01
N LYS B 83 4.65 -25.59 -26.25
CA LYS B 83 5.39 -25.01 -27.39
C LYS B 83 5.30 -23.45 -27.39
N SER B 85 4.71 -19.81 -28.10
CA SER B 85 3.75 -19.15 -28.97
C SER B 85 3.47 -17.73 -28.44
N GLU B 86 3.56 -16.73 -29.30
CA GLU B 86 3.35 -15.36 -28.86
C GLU B 86 1.97 -15.07 -28.26
N ASP B 87 1.14 -16.11 -28.16
CA ASP B 87 -0.19 -15.97 -27.60
C ASP B 87 -0.11 -16.29 -26.12
N LEU B 88 1.00 -16.87 -25.72
CA LEU B 88 1.20 -17.25 -24.33
C LEU B 88 1.33 -16.00 -23.49
N PRO B 89 0.58 -15.94 -22.36
CA PRO B 89 0.62 -14.77 -21.46
C PRO B 89 2.06 -14.40 -21.05
N TYR B 90 2.39 -13.12 -21.28
CA TYR B 90 3.72 -12.58 -20.98
C TYR B 90 4.51 -13.37 -19.94
N GLU B 91 3.93 -13.60 -18.76
CA GLU B 91 4.65 -14.33 -17.72
C GLU B 91 5.05 -15.77 -18.13
N VAL B 92 4.14 -16.48 -18.82
CA VAL B 92 4.44 -17.81 -19.34
C VAL B 92 5.66 -17.73 -20.27
N ARG B 93 5.53 -16.92 -21.31
CA ARG B 93 6.59 -16.71 -22.28
C ARG B 93 7.86 -16.48 -21.47
N ARG B 94 7.68 -15.81 -20.34
CA ARG B 94 8.80 -15.45 -19.45
C ARG B 94 9.30 -16.62 -18.61
N ALA B 95 8.37 -17.48 -18.18
CA ALA B 95 8.70 -18.62 -17.36
C ALA B 95 9.59 -19.61 -18.11
N GLN B 96 9.71 -19.43 -19.42
CA GLN B 96 10.60 -20.29 -20.20
C GLN B 96 12.02 -19.71 -20.33
N GLU B 97 12.12 -18.39 -20.27
CA GLU B 97 13.40 -17.72 -20.36
C GLU B 97 14.23 -17.79 -19.06
N ILE B 98 13.53 -17.75 -17.93
CA ILE B 98 14.16 -17.82 -16.61
C ILE B 98 14.62 -19.27 -16.33
N ASN B 99 13.79 -20.24 -16.75
CA ASN B 99 14.08 -21.66 -16.55
C ASN B 99 15.26 -22.16 -17.39
N HIS B 100 15.77 -21.27 -18.23
CA HIS B 100 16.90 -21.55 -19.06
C HIS B 100 18.14 -20.95 -18.45
N LEU B 101 18.04 -19.69 -18.03
CA LEU B 101 19.13 -18.96 -17.40
C LEU B 101 19.53 -19.54 -16.04
N PHE B 102 18.56 -19.95 -15.22
CA PHE B 102 18.86 -20.48 -13.88
C PHE B 102 18.36 -21.92 -13.72
N GLY B 103 17.76 -22.43 -14.80
CA GLY B 103 17.22 -23.80 -14.84
C GLY B 103 18.07 -24.80 -15.64
N PRO B 104 17.47 -25.83 -16.27
CA PRO B 104 16.03 -26.10 -16.25
C PRO B 104 15.67 -26.59 -14.86
N LYS B 105 14.36 -26.67 -14.59
CA LYS B 105 13.90 -27.07 -13.28
C LYS B 105 14.06 -28.58 -13.04
N ASP B 106 14.43 -28.95 -11.81
CA ASP B 106 14.56 -30.34 -11.45
C ASP B 106 15.73 -31.04 -12.21
N SER B 107 16.61 -30.25 -12.81
CA SER B 107 17.79 -30.79 -13.51
C SER B 107 19.07 -30.66 -12.64
N GLU B 108 20.13 -31.42 -12.93
CA GLU B 108 21.33 -31.29 -12.12
C GLU B 108 22.04 -29.95 -12.34
N ASP B 109 21.91 -29.37 -13.53
CA ASP B 109 22.57 -28.11 -13.89
C ASP B 109 22.00 -26.81 -13.37
N SER B 110 20.70 -26.79 -13.14
CA SER B 110 19.97 -25.62 -12.66
C SER B 110 20.63 -25.02 -11.44
N TYR B 111 20.42 -23.72 -11.23
CA TYR B 111 21.02 -23.06 -10.07
C TYR B 111 20.77 -23.85 -8.78
N ASP B 112 21.64 -23.64 -7.79
CA ASP B 112 21.51 -24.39 -6.55
C ASP B 112 20.60 -23.79 -5.51
N ILE B 113 20.73 -22.47 -5.31
CA ILE B 113 19.95 -21.74 -4.34
C ILE B 113 19.46 -20.47 -4.98
N ILE B 114 18.14 -20.23 -4.99
CA ILE B 114 17.61 -18.97 -5.51
C ILE B 114 16.83 -18.29 -4.39
N PHE B 115 17.17 -17.03 -4.14
CA PHE B 115 16.48 -16.24 -3.15
C PHE B 115 15.50 -15.37 -3.96
N ASP B 116 14.20 -15.41 -3.66
CA ASP B 116 13.27 -14.56 -4.38
C ASP B 116 12.66 -13.56 -3.41
N LEU B 117 12.95 -12.27 -3.62
CA LEU B 117 12.41 -11.20 -2.72
C LEU B 117 10.91 -10.75 -3.00
N HIS B 118 10.19 -10.47 -1.91
CA HIS B 118 8.81 -10.06 -1.97
C HIS B 118 8.47 -9.13 -0.78
N ASN B 119 7.36 -8.41 -0.88
CA ASN B 119 6.88 -7.52 0.19
C ASN B 119 5.41 -7.87 0.49
N THR B 120 4.93 -7.53 1.67
CA THR B 120 3.54 -7.78 1.98
C THR B 120 3.03 -6.52 2.59
N THR B 121 1.74 -6.25 2.44
CA THR B 121 1.18 -5.04 3.07
C THR B 121 0.95 -5.45 4.52
N SER B 122 0.87 -6.75 4.78
CA SER B 122 0.66 -7.29 6.13
C SER B 122 1.89 -7.06 7.03
N ASN B 123 1.65 -6.96 8.33
CA ASN B 123 2.75 -6.69 9.23
C ASN B 123 3.46 -7.94 9.70
N GLY B 125 6.72 -8.64 9.17
CA GLY B 125 8.12 -8.45 9.49
C GLY B 125 9.05 -9.24 8.57
N CYS B 126 10.09 -9.86 9.13
CA CYS B 126 11.01 -10.61 8.30
C CYS B 126 10.56 -12.03 8.18
N THR B 127 10.19 -12.42 6.96
CA THR B 127 9.72 -13.79 6.74
C THR B 127 10.52 -14.67 5.78
N LEU B 128 10.82 -15.90 6.23
CA LEU B 128 11.50 -16.89 5.40
C LEU B 128 10.42 -17.85 4.93
N ILE B 129 10.34 -18.15 3.64
CA ILE B 129 9.32 -19.08 3.18
C ILE B 129 9.98 -20.38 2.80
N LEU B 130 9.61 -21.44 3.52
CA LEU B 130 10.13 -22.79 3.27
C LEU B 130 9.16 -23.72 2.51
N GLU B 131 9.67 -24.50 1.57
CA GLU B 131 8.81 -25.44 0.83
C GLU B 131 9.17 -26.94 1.07
N ASP B 132 10.44 -27.27 1.28
CA ASP B 132 10.85 -28.66 1.56
C ASP B 132 10.58 -28.80 3.06
N SER B 133 9.68 -29.70 3.46
CA SER B 133 9.37 -29.91 4.88
C SER B 133 10.56 -30.59 5.58
N ARG B 134 11.28 -31.39 4.83
CA ARG B 134 12.43 -32.10 5.35
C ARG B 134 13.66 -31.58 4.58
N ASN B 135 14.19 -30.40 4.88
CA ASN B 135 15.38 -29.89 4.15
C ASN B 135 16.45 -29.36 5.13
N ASN B 136 17.25 -30.25 5.70
CA ASN B 136 18.29 -29.84 6.64
C ASN B 136 19.10 -28.62 6.17
N PHE B 137 19.59 -28.64 4.94
CA PHE B 137 20.34 -27.50 4.48
C PHE B 137 19.52 -26.22 4.63
N LEU B 138 18.26 -26.21 4.15
CA LEU B 138 17.44 -25.00 4.30
C LEU B 138 17.07 -24.70 5.75
N ILE B 139 16.69 -25.75 6.47
CA ILE B 139 16.34 -25.62 7.88
C ILE B 139 17.53 -25.08 8.65
N GLN B 140 18.70 -25.60 8.30
CA GLN B 140 19.96 -25.17 8.89
C GLN B 140 20.15 -23.69 8.50
N PHE B 142 18.01 -21.21 7.54
CA PHE B 142 17.06 -20.34 8.24
C PHE B 142 17.47 -20.11 9.68
N HIS B 143 17.78 -21.20 10.37
CA HIS B 143 18.23 -21.10 11.75
C HIS B 143 19.37 -20.07 11.92
N TYR B 144 20.39 -20.23 11.06
CA TYR B 144 21.54 -19.33 11.08
C TYR B 144 21.13 -17.84 10.86
N ILE B 145 20.15 -17.60 9.96
CA ILE B 145 19.70 -16.25 9.71
C ILE B 145 19.01 -15.74 10.97
N LYS B 146 18.08 -16.54 11.49
CA LYS B 146 17.34 -16.16 12.72
C LYS B 146 18.30 -15.66 13.82
N THR B 147 19.24 -16.52 14.19
CA THR B 147 20.27 -16.24 15.19
C THR B 147 21.16 -15.09 14.75
N SER B 148 21.35 -14.93 13.46
CA SER B 148 22.16 -13.84 12.94
C SER B 148 21.38 -12.53 12.97
N LEU B 149 20.06 -12.60 13.11
CA LEU B 149 19.23 -11.39 13.16
C LEU B 149 18.68 -11.08 14.57
N ALA B 150 18.74 -12.05 15.50
CA ALA B 150 18.21 -11.81 16.85
C ALA B 150 18.87 -10.52 17.37
N PRO B 151 18.14 -9.71 18.14
CA PRO B 151 16.77 -9.74 18.68
C PRO B 151 15.74 -9.32 17.66
N LEU B 152 16.16 -9.15 16.41
CA LEU B 152 15.23 -8.79 15.35
C LEU B 152 14.47 -10.08 15.05
N PRO B 153 13.15 -10.09 15.28
CA PRO B 153 12.28 -11.26 15.05
C PRO B 153 12.31 -11.69 13.60
N CYS B 154 12.23 -13.00 13.37
CA CYS B 154 12.24 -13.52 12.01
C CYS B 154 11.46 -14.81 12.04
N TYR B 155 10.34 -14.86 11.32
CA TYR B 155 9.47 -16.03 11.32
C TYR B 155 9.65 -16.83 10.04
N VAL B 156 9.34 -18.12 10.12
CA VAL B 156 9.44 -19.05 9.00
C VAL B 156 8.04 -19.55 8.66
N TYR B 157 7.61 -19.29 7.42
CA TYR B 157 6.29 -19.69 6.93
C TYR B 157 6.47 -21.00 6.11
N LEU B 158 5.72 -22.06 6.42
CA LEU B 158 5.84 -23.35 5.71
C LEU B 158 4.78 -23.73 4.67
N ILE B 159 5.23 -24.26 3.52
CA ILE B 159 4.26 -24.68 2.51
C ILE B 159 4.34 -26.20 2.22
N GLU B 160 3.65 -27.00 3.04
CA GLU B 160 3.67 -28.44 2.85
C GLU B 160 2.57 -28.78 1.89
N HIS B 161 2.93 -28.88 0.60
CA HIS B 161 2.00 -29.22 -0.46
C HIS B 161 1.88 -30.73 -0.64
N PRO B 162 0.71 -31.31 -0.32
CA PRO B 162 0.68 -32.74 -0.53
C PRO B 162 1.01 -33.09 -1.98
N SER B 163 0.54 -32.23 -2.90
CA SER B 163 0.81 -32.42 -4.33
C SER B 163 2.32 -32.66 -4.57
N LEU B 164 3.14 -32.15 -3.65
CA LEU B 164 4.58 -32.26 -3.73
C LEU B 164 5.07 -31.44 -4.91
N LYS B 165 4.17 -30.64 -5.47
CA LYS B 165 4.51 -29.79 -6.59
C LYS B 165 4.43 -28.29 -6.23
N TYR B 166 5.40 -27.54 -6.70
CA TYR B 166 5.44 -26.09 -6.49
C TYR B 166 5.55 -25.32 -7.84
N ALA B 167 4.98 -24.12 -7.92
CA ALA B 167 5.06 -23.38 -9.18
C ALA B 167 5.62 -22.00 -8.92
N THR B 168 6.49 -21.90 -7.93
CA THR B 168 7.10 -20.65 -7.61
C THR B 168 8.30 -20.35 -8.52
N THR B 169 8.51 -19.07 -8.80
CA THR B 169 9.63 -18.64 -9.63
C THR B 169 10.86 -19.24 -8.98
N ARG B 170 10.94 -19.20 -7.65
CA ARG B 170 12.11 -19.75 -6.96
C ARG B 170 12.22 -21.28 -7.01
N SER B 171 11.11 -21.98 -7.20
CA SER B 171 11.19 -23.44 -7.18
C SER B 171 12.10 -24.09 -8.25
N ILE B 172 12.74 -23.27 -9.09
CA ILE B 172 13.66 -23.74 -10.13
C ILE B 172 14.97 -24.21 -9.46
N ALA B 173 15.33 -23.52 -8.38
CA ALA B 173 16.53 -23.83 -7.62
C ALA B 173 16.41 -25.19 -6.92
N LYS B 174 17.57 -25.78 -6.59
CA LYS B 174 17.63 -27.05 -5.86
C LYS B 174 17.28 -26.75 -4.39
N TYR B 175 17.40 -25.47 -4.04
CA TYR B 175 17.13 -24.99 -2.70
C TYR B 175 16.53 -23.61 -2.77
N PRO B 176 15.19 -23.52 -2.97
CA PRO B 176 14.43 -22.26 -3.06
C PRO B 176 14.32 -21.56 -1.70
N VAL B 177 14.50 -20.25 -1.69
CA VAL B 177 14.37 -19.53 -0.44
C VAL B 177 13.53 -18.27 -0.66
N GLY B 178 12.47 -18.11 0.12
CA GLY B 178 11.62 -16.94 0.00
C GLY B 178 12.02 -15.82 0.94
N ILE B 179 11.93 -14.60 0.48
CA ILE B 179 12.19 -13.48 1.37
C ILE B 179 10.98 -12.54 1.29
N GLU B 180 10.04 -12.72 2.23
CA GLU B 180 8.84 -11.92 2.29
C GLU B 180 9.02 -10.93 3.41
N VAL B 181 9.03 -9.65 3.07
CA VAL B 181 9.18 -8.65 4.08
C VAL B 181 8.11 -7.59 3.91
N GLY B 182 7.53 -7.23 5.06
CA GLY B 182 6.45 -6.27 5.17
C GLY B 182 6.38 -5.85 6.62
N PRO B 183 5.44 -5.02 7.04
CA PRO B 183 4.37 -4.41 6.25
C PRO B 183 4.87 -3.35 5.31
N GLN B 184 4.38 -3.34 4.08
CA GLN B 184 4.72 -2.24 3.21
C GLN B 184 3.69 -2.09 2.10
N PRO B 185 3.20 -0.85 1.84
CA PRO B 185 2.21 -0.68 0.76
C PRO B 185 2.81 -0.94 -0.62
N GLN B 186 2.05 -1.57 -1.49
CA GLN B 186 2.53 -1.86 -2.84
C GLN B 186 2.94 -0.56 -3.48
N GLY B 187 3.98 -0.57 -4.28
CA GLY B 187 4.38 0.65 -4.95
C GLY B 187 5.14 1.59 -4.06
N VAL B 188 5.53 1.15 -2.87
CA VAL B 188 6.26 2.08 -2.00
C VAL B 188 7.66 1.55 -1.79
N LEU B 189 8.54 2.35 -1.21
CA LEU B 189 9.90 1.90 -0.95
C LEU B 189 10.42 2.49 0.35
N ARG B 190 10.15 1.82 1.48
CA ARG B 190 10.61 2.31 2.81
C ARG B 190 12.09 1.97 3.09
N ALA B 191 12.85 2.97 3.54
CA ALA B 191 14.27 2.80 3.88
C ALA B 191 14.45 1.62 4.84
N ASP B 192 13.66 1.61 5.93
CA ASP B 192 13.69 0.55 6.96
C ASP B 192 13.45 -0.91 6.48
N ILE B 193 12.32 -1.13 5.81
CA ILE B 193 11.95 -2.42 5.25
C ILE B 193 13.15 -2.94 4.43
N LEU B 194 13.81 -2.02 3.73
CA LEU B 194 14.96 -2.35 2.89
C LEU B 194 16.16 -2.81 3.72
N ASP B 195 16.39 -2.14 4.84
CA ASP B 195 17.50 -2.52 5.69
C ASP B 195 17.32 -3.94 6.30
N GLN B 196 16.06 -4.28 6.59
CA GLN B 196 15.72 -5.57 7.14
C GLN B 196 15.99 -6.60 6.04
N ARG B 198 17.78 -6.57 3.65
CA ARG B 198 19.21 -6.74 3.49
C ARG B 198 19.84 -7.62 4.56
N LYS B 199 19.49 -7.38 5.81
CA LYS B 199 20.01 -8.17 6.92
C LYS B 199 19.74 -9.66 6.71
N ILE B 201 19.42 -11.27 3.76
CA ILE B 201 20.32 -11.68 2.72
C ILE B 201 21.80 -11.56 3.11
N LYS B 202 22.20 -10.50 3.83
CA LYS B 202 23.61 -10.43 4.25
C LYS B 202 23.89 -11.63 5.15
N HIS B 203 22.84 -12.23 5.68
CA HIS B 203 23.06 -13.38 6.53
C HIS B 203 22.89 -14.72 5.84
N ALA B 204 21.84 -14.84 5.04
CA ALA B 204 21.67 -16.06 4.30
C ALA B 204 23.04 -16.38 3.66
N LEU B 205 23.68 -15.39 3.03
CA LEU B 205 24.99 -15.62 2.40
C LEU B 205 26.08 -16.05 3.42
N ASP B 206 26.18 -15.33 4.54
CA ASP B 206 27.16 -15.63 5.56
C ASP B 206 27.12 -17.12 5.81
N PHE B 207 25.92 -17.69 5.75
CA PHE B 207 25.73 -19.12 5.94
C PHE B 207 26.37 -19.87 4.79
N ILE B 208 25.90 -19.62 3.56
CA ILE B 208 26.47 -20.30 2.39
C ILE B 208 28.00 -20.18 2.42
N HIS B 209 28.50 -19.02 2.85
CA HIS B 209 29.94 -18.83 2.91
C HIS B 209 30.63 -19.81 3.90
N HIS B 210 30.18 -19.77 5.17
CA HIS B 210 30.74 -20.60 6.23
C HIS B 210 30.60 -22.07 5.87
N PHE B 211 29.41 -22.45 5.41
CA PHE B 211 29.18 -23.80 4.99
C PHE B 211 30.28 -24.08 3.95
N ASN B 212 30.49 -23.11 3.06
CA ASN B 212 31.53 -23.22 2.04
C ASN B 212 32.95 -23.28 2.64
N GLU B 213 33.16 -22.58 3.75
CA GLU B 213 34.45 -22.57 4.41
C GLU B 213 34.60 -23.90 5.15
N GLY B 214 33.47 -24.50 5.54
CA GLY B 214 33.51 -25.80 6.22
C GLY B 214 33.11 -25.87 7.69
N LYS B 215 31.91 -25.40 8.01
CA LYS B 215 31.44 -25.43 9.40
C LYS B 215 30.42 -26.53 9.79
N GLU B 216 30.69 -27.25 10.88
CA GLU B 216 29.76 -28.25 11.38
C GLU B 216 28.50 -27.56 11.88
N PHE B 217 27.39 -28.26 11.69
CA PHE B 217 26.07 -27.84 12.14
C PHE B 217 25.43 -29.09 12.75
N PRO B 218 25.22 -29.11 14.07
CA PRO B 218 24.61 -30.25 14.74
C PRO B 218 23.11 -30.23 14.50
N PRO B 219 22.35 -31.06 15.27
CA PRO B 219 20.88 -31.18 15.21
C PRO B 219 20.44 -29.80 15.63
N CYS B 220 19.52 -29.18 14.89
CA CYS B 220 19.06 -27.83 15.26
C CYS B 220 17.55 -27.63 15.22
N ALA B 221 17.11 -26.44 15.59
CA ALA B 221 15.69 -26.19 15.55
C ALA B 221 15.28 -24.76 15.18
N ILE B 222 14.00 -24.62 14.83
CA ILE B 222 13.35 -23.37 14.45
C ILE B 222 11.82 -23.53 14.57
N GLU B 223 11.09 -22.41 14.51
CA GLU B 223 9.62 -22.50 14.55
C GLU B 223 9.15 -22.25 13.11
N VAL B 224 8.08 -22.93 12.71
CA VAL B 224 7.54 -22.76 11.37
C VAL B 224 6.02 -22.68 11.42
N TYR B 225 5.41 -21.86 10.55
CA TYR B 225 3.94 -21.83 10.53
C TYR B 225 3.45 -22.30 9.16
N LYS B 226 3.13 -23.59 9.06
CA LYS B 226 2.68 -24.24 7.84
C LYS B 226 1.32 -23.76 7.44
N ILE B 227 1.09 -23.61 6.14
CA ILE B 227 -0.22 -23.18 5.75
C ILE B 227 -1.18 -24.40 5.68
N ILE B 228 -2.42 -24.14 6.11
CA ILE B 228 -3.51 -25.12 6.15
C ILE B 228 -4.77 -24.49 5.59
N GLU B 229 -4.81 -23.16 5.51
CA GLU B 229 -6.01 -22.49 5.01
C GLU B 229 -5.99 -20.97 4.70
N LYS B 230 -6.80 -20.57 3.73
CA LYS B 230 -6.93 -19.16 3.44
C LYS B 230 -8.33 -18.80 3.95
N VAL B 231 -8.48 -17.73 4.73
CA VAL B 231 -9.84 -17.35 5.20
C VAL B 231 -10.53 -16.37 4.22
N ASP B 232 -11.79 -16.64 3.88
CA ASP B 232 -12.53 -15.81 2.95
C ASP B 232 -13.24 -14.75 3.81
N TYR B 233 -13.36 -13.52 3.30
CA TYR B 233 -14.01 -12.46 4.06
C TYR B 233 -15.54 -12.76 4.22
N PRO B 234 -16.12 -12.32 5.33
CA PRO B 234 -17.55 -12.49 5.64
C PRO B 234 -18.41 -11.80 4.59
N ARG B 235 -18.71 -12.48 3.50
CA ARG B 235 -19.50 -11.91 2.38
C ARG B 235 -21.01 -11.95 2.62
N ASP B 236 -21.78 -11.09 1.94
CA ASP B 236 -23.23 -11.14 2.10
C ASP B 236 -23.97 -11.82 0.92
N GLU B 237 -25.30 -11.95 1.01
CA GLU B 237 -26.10 -12.60 -0.05
C GLU B 237 -25.65 -12.00 -1.39
N ASN B 238 -25.28 -10.72 -1.35
CA ASN B 238 -24.83 -9.96 -2.49
C ASN B 238 -23.42 -10.28 -2.95
N GLY B 239 -22.71 -11.06 -2.16
CA GLY B 239 -21.34 -11.45 -2.48
C GLY B 239 -20.34 -10.36 -2.18
N GLU B 240 -20.84 -9.21 -1.70
CA GLU B 240 -19.98 -8.06 -1.39
C GLU B 240 -19.44 -8.12 0.06
N ILE B 241 -18.13 -7.98 0.24
CA ILE B 241 -17.57 -8.03 1.58
C ILE B 241 -18.48 -7.30 2.57
N ALA B 242 -18.89 -8.06 3.59
CA ALA B 242 -19.78 -7.57 4.65
C ALA B 242 -19.09 -7.27 6.01
N ALA B 243 -17.86 -7.73 6.18
CA ALA B 243 -17.13 -7.51 7.41
C ALA B 243 -15.62 -7.35 7.11
N ILE B 244 -14.95 -6.46 7.83
CA ILE B 244 -13.53 -6.25 7.60
C ILE B 244 -12.70 -6.75 8.81
N ILE B 245 -11.38 -6.92 8.66
CA ILE B 245 -10.57 -7.37 9.80
C ILE B 245 -10.84 -6.54 11.09
N HIS B 246 -10.94 -7.17 12.24
CA HIS B 246 -11.22 -6.40 13.43
C HIS B 246 -9.99 -5.61 13.81
N PRO B 247 -10.15 -4.47 14.48
CA PRO B 247 -8.90 -3.75 14.80
C PRO B 247 -8.01 -4.57 15.71
N ASN B 248 -8.62 -5.54 16.38
CA ASN B 248 -7.88 -6.41 17.28
C ASN B 248 -6.96 -7.41 16.54
N LEU B 249 -7.44 -7.94 15.41
CA LEU B 249 -6.67 -8.86 14.62
C LEU B 249 -5.60 -8.16 13.81
N GLN B 250 -5.96 -6.98 13.31
CA GLN B 250 -5.09 -6.13 12.48
C GLN B 250 -3.69 -5.93 13.01
N ASP B 251 -2.73 -6.07 12.09
CA ASP B 251 -1.32 -5.92 12.38
C ASP B 251 -0.90 -6.84 13.50
N GLN B 252 -1.62 -7.95 13.62
CA GLN B 252 -1.37 -8.97 14.65
C GLN B 252 -0.91 -10.29 14.08
N ASP B 253 -0.29 -10.22 12.91
CA ASP B 253 0.26 -11.37 12.22
C ASP B 253 1.27 -11.98 13.20
N TRP B 254 1.33 -13.31 13.23
CA TRP B 254 2.27 -14.10 14.08
C TRP B 254 1.84 -14.33 15.53
N LYS B 255 1.12 -13.38 16.13
CA LYS B 255 0.67 -13.50 17.51
C LYS B 255 -0.41 -14.57 17.58
N PRO B 256 -0.74 -15.05 18.78
CA PRO B 256 -1.76 -16.09 18.96
C PRO B 256 -3.20 -15.60 18.95
N LEU B 257 -4.07 -16.32 18.24
CA LEU B 257 -5.48 -15.95 18.18
C LEU B 257 -6.32 -17.08 18.79
N HIS B 258 -7.05 -16.72 19.84
CA HIS B 258 -7.88 -17.65 20.56
C HIS B 258 -9.33 -17.76 20.05
N PRO B 259 -10.01 -18.85 20.43
CA PRO B 259 -11.39 -18.99 19.96
C PRO B 259 -12.32 -17.86 20.32
N GLY B 260 -12.05 -17.18 21.41
CA GLY B 260 -12.95 -16.07 21.73
C GLY B 260 -12.61 -14.67 21.21
N ASP B 261 -11.46 -14.52 20.54
CA ASP B 261 -10.96 -13.23 20.06
C ASP B 261 -11.61 -12.55 18.88
N PRO B 262 -11.64 -11.21 18.91
CA PRO B 262 -12.27 -10.47 17.80
C PRO B 262 -11.49 -10.78 16.53
N PHE B 264 -13.47 -10.10 12.97
CA PHE B 264 -14.09 -9.21 11.99
C PHE B 264 -14.91 -8.17 12.72
N LEU B 265 -14.98 -6.98 12.12
CA LEU B 265 -15.76 -5.86 12.62
C LEU B 265 -16.65 -5.38 11.47
N THR B 266 -17.96 -5.32 11.73
CA THR B 266 -18.90 -4.88 10.70
C THR B 266 -18.95 -3.37 10.68
N LEU B 267 -19.29 -2.77 9.54
CA LEU B 267 -19.34 -1.33 9.48
C LEU B 267 -20.48 -0.83 10.33
N ASP B 268 -21.32 -1.76 10.78
CA ASP B 268 -22.46 -1.43 11.64
C ASP B 268 -22.01 -1.49 13.12
N GLY B 269 -20.77 -1.91 13.33
CA GLY B 269 -20.23 -1.94 14.67
C GLY B 269 -20.15 -3.22 15.48
N LYS B 270 -20.57 -4.39 14.96
CA LYS B 270 -20.47 -5.60 15.77
C LYS B 270 -19.18 -6.38 15.53
N THR B 271 -18.74 -7.09 16.57
CA THR B 271 -17.53 -7.89 16.51
C THR B 271 -17.88 -9.36 16.33
N ILE B 272 -17.17 -10.01 15.40
CA ILE B 272 -17.32 -11.42 15.13
C ILE B 272 -16.01 -11.97 15.60
N PRO B 273 -16.03 -12.88 16.60
CA PRO B 273 -14.91 -13.58 17.26
C PRO B 273 -14.38 -14.73 16.42
N LEU B 274 -13.24 -15.29 16.80
CA LEU B 274 -12.68 -16.39 16.04
C LEU B 274 -13.62 -17.62 15.92
N GLY B 275 -13.88 -18.31 17.01
CA GLY B 275 -14.73 -19.47 16.90
C GLY B 275 -13.96 -20.73 16.53
N GLY B 276 -14.68 -21.70 15.96
CA GLY B 276 -14.06 -22.97 15.59
C GLY B 276 -13.79 -23.67 16.91
N ASP B 277 -12.96 -24.72 16.92
CA ASP B 277 -12.68 -25.41 18.18
C ASP B 277 -11.24 -25.35 18.65
N CYS B 278 -10.40 -24.57 17.97
CA CYS B 278 -9.03 -24.42 18.43
C CYS B 278 -8.43 -23.05 18.13
N THR B 279 -7.13 -22.98 18.41
CA THR B 279 -6.32 -21.78 18.28
C THR B 279 -5.58 -21.61 16.95
N VAL B 280 -5.14 -20.40 16.65
CA VAL B 280 -4.49 -20.16 15.38
C VAL B 280 -3.46 -19.02 15.34
N TYR B 281 -2.73 -18.93 14.23
CA TYR B 281 -1.73 -17.89 14.04
C TYR B 281 -1.97 -17.22 12.73
N PRO B 282 -2.73 -16.14 12.76
CA PRO B 282 -3.02 -15.42 11.52
C PRO B 282 -1.78 -14.77 10.93
N VAL B 283 -1.54 -15.07 9.65
CA VAL B 283 -0.42 -14.46 8.91
C VAL B 283 -1.06 -13.94 7.62
N PHE B 284 -0.43 -12.94 7.02
CA PHE B 284 -0.94 -12.38 5.80
C PHE B 284 -2.30 -11.71 6.08
N VAL B 285 -2.46 -11.33 7.36
CA VAL B 285 -3.63 -10.62 7.82
C VAL B 285 -3.63 -9.31 7.04
N ASN B 286 -4.74 -9.03 6.38
CA ASN B 286 -4.99 -7.83 5.62
C ASN B 286 -4.06 -7.57 4.46
N GLU B 287 -3.77 -8.60 3.65
CA GLU B 287 -2.86 -8.46 2.51
C GLU B 287 -3.57 -8.00 1.21
N ALA B 288 -3.10 -6.91 0.60
CA ALA B 288 -3.70 -6.40 -0.63
C ALA B 288 -3.75 -7.46 -1.73
N ALA B 289 -2.61 -8.06 -2.02
CA ALA B 289 -2.54 -9.08 -3.05
C ALA B 289 -3.67 -10.06 -2.86
N TYR B 290 -4.19 -10.16 -1.65
CA TYR B 290 -5.24 -11.12 -1.42
C TYR B 290 -6.65 -10.58 -1.16
N TYR B 291 -7.10 -9.64 -2.00
CA TYR B 291 -8.43 -9.10 -1.88
C TYR B 291 -9.21 -9.58 -3.08
N GLU B 292 -8.52 -9.79 -4.20
CA GLU B 292 -9.13 -10.28 -5.46
C GLU B 292 -10.03 -11.51 -5.22
N LYS B 293 -9.76 -12.21 -4.13
CA LYS B 293 -10.51 -13.42 -3.81
C LYS B 293 -11.19 -13.24 -2.48
N LYS B 294 -11.18 -12.00 -1.99
CA LYS B 294 -11.79 -11.63 -0.73
C LYS B 294 -11.32 -12.38 0.48
N GLU B 295 -10.03 -12.72 0.52
CA GLU B 295 -9.43 -13.46 1.63
C GLU B 295 -8.96 -12.53 2.75
N ALA B 296 -9.51 -12.72 3.94
CA ALA B 296 -9.11 -11.91 5.05
C ALA B 296 -7.69 -12.28 5.48
N PHE B 297 -7.48 -13.48 5.99
CA PHE B 297 -6.12 -13.91 6.39
C PHE B 297 -5.94 -15.41 6.19
N ALA B 298 -4.73 -15.93 6.45
CA ALA B 298 -4.42 -17.37 6.33
C ALA B 298 -4.59 -18.15 7.66
N LYS B 299 -5.04 -19.38 7.56
CA LYS B 299 -5.15 -20.20 8.78
C LYS B 299 -3.99 -21.17 8.72
N THR B 300 -2.96 -20.85 9.49
CA THR B 300 -1.77 -21.66 9.54
C THR B 300 -1.65 -22.34 10.89
N THR B 301 -0.72 -23.28 11.00
CA THR B 301 -0.51 -23.86 12.31
C THR B 301 0.98 -23.92 12.62
N LYS B 302 1.30 -24.04 13.90
CA LYS B 302 2.68 -24.00 14.31
C LYS B 302 3.23 -25.38 14.68
N LEU B 303 4.36 -25.71 14.10
CA LEU B 303 4.98 -26.98 14.34
C LEU B 303 6.48 -26.83 14.38
N THR B 304 7.16 -27.75 15.10
CA THR B 304 8.63 -27.64 15.14
C THR B 304 9.30 -28.53 14.13
N LEU B 305 10.30 -28.01 13.47
CA LEU B 305 11.02 -28.81 12.53
C LEU B 305 12.42 -29.01 13.14
N ASN B 306 12.89 -30.26 13.05
CA ASN B 306 14.22 -30.64 13.54
C ASN B 306 14.97 -31.15 12.33
N ALA B 307 16.09 -30.54 11.96
CA ALA B 307 16.83 -31.01 10.78
C ALA B 307 18.24 -31.53 11.06
N LYS B 308 18.50 -32.79 10.68
CA LYS B 308 19.83 -33.41 10.85
C LYS B 308 20.99 -32.44 10.60
N SER B 309 22.09 -32.71 11.30
CA SER B 309 23.31 -31.93 11.23
C SER B 309 23.83 -31.99 9.81
N ILE B 310 24.56 -30.98 9.36
CA ILE B 310 25.09 -30.97 8.00
C ILE B 310 26.53 -30.44 8.00
N ARG B 311 27.27 -30.80 6.94
CA ARG B 311 28.66 -30.36 6.78
C ARG B 311 29.01 -30.07 5.33
N CYS B 312 29.57 -28.90 5.01
CA CYS B 312 29.94 -28.64 3.59
C CYS B 312 29.81 -29.90 2.70
N GLU A 11 -26.05 32.67 3.87
CA GLU A 11 -27.29 32.36 3.10
C GLU A 11 -27.94 31.06 3.51
N HIS A 12 -27.59 29.98 2.81
CA HIS A 12 -28.13 28.65 3.12
C HIS A 12 -27.20 27.49 2.72
N ILE A 13 -27.54 26.29 3.20
CA ILE A 13 -26.78 25.06 2.88
C ILE A 13 -27.75 23.92 2.61
N GLN A 14 -27.97 23.63 1.33
CA GLN A 14 -28.88 22.59 0.87
C GLN A 14 -28.10 21.43 0.28
N LYS A 15 -28.45 21.05 -0.95
CA LYS A 15 -27.81 19.94 -1.67
C LYS A 15 -26.38 19.59 -1.18
N VAL A 16 -26.25 18.38 -0.61
CA VAL A 16 -24.97 17.89 -0.09
C VAL A 16 -24.60 16.49 -0.59
N ALA A 17 -23.43 16.38 -1.21
CA ALA A 17 -22.95 15.09 -1.71
C ALA A 17 -21.65 14.61 -1.05
N ILE A 18 -21.54 13.30 -0.92
CA ILE A 18 -20.34 12.66 -0.39
C ILE A 18 -19.90 11.70 -1.49
N PHE A 19 -18.78 12.03 -2.15
CA PHE A 19 -18.20 11.22 -3.21
C PHE A 19 -17.18 10.23 -2.69
N GLY A 20 -17.30 8.96 -3.11
CA GLY A 20 -16.36 7.93 -2.73
C GLY A 20 -15.95 7.11 -3.96
N GLY A 21 -14.67 6.75 -4.06
CA GLY A 21 -14.21 5.97 -5.20
C GLY A 21 -13.66 6.79 -6.35
N THR A 22 -13.26 8.03 -6.09
CA THR A 22 -12.67 8.83 -7.17
C THR A 22 -11.44 8.04 -7.72
N HIS A 23 -10.95 7.12 -6.88
CA HIS A 23 -9.87 6.19 -7.25
C HIS A 23 -10.33 4.87 -6.64
N GLY A 24 -10.64 3.93 -7.53
CA GLY A 24 -11.16 2.63 -7.14
C GLY A 24 -10.37 1.71 -6.24
N ASN A 25 -9.13 2.10 -5.94
CA ASN A 25 -8.31 1.29 -5.10
C ASN A 25 -8.18 1.86 -3.70
N GLU A 26 -8.62 3.11 -3.50
CA GLU A 26 -8.61 3.71 -2.15
C GLU A 26 -9.90 3.11 -1.50
N LEU A 27 -9.79 2.30 -0.44
CA LEU A 27 -11.04 1.66 -0.02
C LEU A 27 -11.96 2.26 0.98
N THR A 28 -11.46 3.14 1.85
CA THR A 28 -12.36 3.66 2.87
C THR A 28 -13.68 4.18 2.25
N GLY A 29 -13.58 5.14 1.36
CA GLY A 29 -14.79 5.66 0.72
C GLY A 29 -15.72 4.68 0.02
N VAL A 30 -15.15 3.64 -0.56
CA VAL A 30 -15.94 2.62 -1.24
C VAL A 30 -16.82 1.96 -0.17
N PHE A 31 -16.22 1.17 0.71
CA PHE A 31 -16.95 0.50 1.79
C PHE A 31 -18.17 1.37 2.26
N LEU A 32 -17.92 2.42 3.05
CA LEU A 32 -18.98 3.29 3.51
C LEU A 32 -19.91 3.83 2.41
N VAL A 33 -19.38 4.21 1.23
CA VAL A 33 -20.28 4.73 0.18
C VAL A 33 -21.15 3.63 -0.43
N LYS A 34 -20.55 2.51 -0.76
CA LYS A 34 -21.33 1.41 -1.29
C LYS A 34 -22.38 1.08 -0.25
N HIS A 35 -21.97 1.04 1.02
CA HIS A 35 -22.91 0.74 2.09
C HIS A 35 -24.05 1.79 2.17
N TRP A 36 -23.67 3.07 2.13
CA TRP A 36 -24.64 4.15 2.20
C TRP A 36 -25.67 4.05 1.09
N LEU A 37 -25.23 3.78 -0.14
CA LEU A 37 -26.15 3.62 -1.22
C LEU A 37 -27.21 2.63 -0.80
N GLU A 38 -26.86 1.65 0.04
CA GLU A 38 -27.83 0.66 0.51
C GLU A 38 -28.65 1.20 1.70
N ASN A 39 -27.95 1.71 2.72
CA ASN A 39 -28.60 2.27 3.91
C ASN A 39 -27.90 3.59 4.24
N GLY A 40 -28.54 4.67 3.81
CA GLY A 40 -27.97 5.98 4.03
C GLY A 40 -28.41 6.49 5.36
N ALA A 41 -29.00 5.58 6.11
CA ALA A 41 -29.47 5.90 7.45
C ALA A 41 -28.33 6.53 8.23
N GLU A 42 -27.17 5.83 8.24
CA GLU A 42 -25.99 6.29 8.95
C GLU A 42 -25.50 7.70 8.65
N ILE A 43 -26.17 8.41 7.75
CA ILE A 43 -25.68 9.71 7.40
C ILE A 43 -26.74 10.78 7.13
N GLN A 44 -27.92 10.36 6.66
CA GLN A 44 -29.04 11.27 6.38
C GLN A 44 -29.33 12.16 7.58
N ARG A 45 -29.82 13.38 7.35
CA ARG A 45 -30.11 14.28 8.47
C ARG A 45 -31.56 14.79 8.60
N THR A 46 -32.04 15.00 9.83
CA THR A 46 -33.42 15.49 10.02
C THR A 46 -33.60 16.71 9.11
N GLY A 47 -34.41 16.51 8.08
CA GLY A 47 -34.59 17.56 7.09
C GLY A 47 -33.39 17.80 6.20
N LEU A 48 -32.34 16.97 6.31
CA LEU A 48 -31.11 17.11 5.49
C LEU A 48 -30.79 15.84 4.70
N GLU A 49 -30.86 15.98 3.37
CA GLU A 49 -30.64 14.88 2.44
C GLU A 49 -29.20 14.81 1.89
N VAL A 50 -28.46 13.78 2.30
CA VAL A 50 -27.09 13.60 1.85
C VAL A 50 -27.02 12.44 0.87
N LYS A 51 -26.53 12.73 -0.32
CA LYS A 51 -26.44 11.71 -1.38
C LYS A 51 -25.04 11.11 -1.64
N PRO A 52 -24.89 9.79 -1.39
CA PRO A 52 -23.61 9.10 -1.61
C PRO A 52 -23.50 8.80 -3.09
N PHE A 53 -22.29 8.88 -3.62
CA PHE A 53 -22.08 8.65 -5.05
C PHE A 53 -20.68 8.07 -5.31
N ILE A 54 -20.61 6.95 -6.05
CA ILE A 54 -19.31 6.36 -6.41
C ILE A 54 -18.91 6.99 -7.74
N THR A 55 -17.99 7.95 -7.71
CA THR A 55 -17.57 8.65 -8.93
C THR A 55 -16.94 7.83 -10.06
N ASN A 56 -15.92 7.00 -9.77
CA ASN A 56 -15.31 6.20 -10.83
C ASN A 56 -15.55 4.69 -10.61
N PRO A 57 -16.72 4.20 -11.08
CA PRO A 57 -17.15 2.81 -10.95
C PRO A 57 -16.20 1.77 -11.54
N ARG A 58 -15.68 2.04 -12.73
CA ARG A 58 -14.76 1.07 -13.33
C ARG A 58 -13.41 0.94 -12.60
N ALA A 59 -12.91 2.07 -12.08
CA ALA A 59 -11.65 2.06 -11.37
C ALA A 59 -11.90 1.34 -10.04
N VAL A 60 -13.18 1.21 -9.67
CA VAL A 60 -13.55 0.50 -8.45
C VAL A 60 -13.78 -0.93 -8.92
N LYS A 61 -14.05 -1.15 -10.21
CA LYS A 61 -14.18 -2.53 -10.67
C LYS A 61 -12.78 -3.21 -10.90
N LYS A 62 -11.90 -2.57 -11.67
CA LYS A 62 -10.58 -3.13 -11.95
C LYS A 62 -9.77 -2.93 -10.72
N CYS A 63 -10.31 -2.05 -9.88
CA CYS A 63 -9.66 -1.73 -8.63
C CYS A 63 -8.28 -1.02 -8.81
N THR A 64 -8.30 0.26 -9.16
CA THR A 64 -7.05 1.01 -9.30
C THR A 64 -7.27 2.50 -9.12
N ARG A 65 -6.24 3.30 -9.36
CA ARG A 65 -6.37 4.74 -9.21
C ARG A 65 -7.33 5.17 -10.31
N TYR A 66 -7.09 4.68 -11.52
CA TYR A 66 -8.00 4.98 -12.62
C TYR A 66 -7.93 4.03 -13.85
N ILE A 67 -8.61 4.42 -14.94
CA ILE A 67 -8.60 3.63 -16.17
C ILE A 67 -7.77 4.28 -17.26
N ASP A 68 -7.35 5.52 -17.08
CA ASP A 68 -6.51 6.16 -18.08
C ASP A 68 -5.79 7.46 -17.65
N CYS A 69 -6.24 8.01 -16.51
CA CYS A 69 -5.72 9.25 -15.97
C CYS A 69 -6.65 9.66 -14.84
N ASP A 70 -6.11 10.36 -13.83
CA ASP A 70 -6.86 10.76 -12.63
C ASP A 70 -8.05 11.63 -12.85
N LEU A 71 -9.22 11.08 -12.49
CA LEU A 71 -10.50 11.77 -12.59
C LEU A 71 -10.37 13.10 -11.86
N ASN A 72 -9.56 13.05 -10.80
CA ASN A 72 -9.31 14.19 -9.92
C ASN A 72 -8.43 15.31 -10.51
N ARG A 73 -8.17 15.24 -11.80
CA ARG A 73 -7.30 16.22 -12.45
C ARG A 73 -7.87 16.86 -13.75
N ILE A 74 -9.06 16.42 -14.14
CA ILE A 74 -9.68 16.85 -15.39
C ILE A 74 -10.98 17.70 -15.34
N PHE A 75 -11.45 18.09 -14.16
CA PHE A 75 -12.67 18.90 -14.12
C PHE A 75 -12.43 20.40 -14.49
N ASP A 76 -12.05 20.58 -15.76
CA ASP A 76 -11.77 21.87 -16.36
C ASP A 76 -12.33 21.80 -17.80
N LEU A 77 -12.06 22.81 -18.64
CA LEU A 77 -12.56 22.84 -20.03
C LEU A 77 -11.95 21.90 -21.12
N GLU A 78 -10.64 21.56 -21.12
CA GLU A 78 -10.19 20.67 -22.19
C GLU A 78 -11.23 19.56 -22.08
N ASN A 79 -11.58 19.20 -20.85
CA ASN A 79 -12.52 18.11 -20.62
C ASN A 79 -14.00 18.36 -20.33
N LEU A 80 -14.30 18.95 -19.17
CA LEU A 80 -15.67 19.19 -18.73
C LEU A 80 -16.64 19.77 -19.74
N GLY A 81 -16.07 20.14 -20.89
CA GLY A 81 -16.81 20.70 -22.02
C GLY A 81 -16.27 20.49 -23.43
N LYS A 82 -15.80 19.28 -23.76
CA LYS A 82 -15.32 19.00 -25.13
C LYS A 82 -16.39 18.15 -25.84
N LYS A 83 -16.54 18.22 -27.18
CA LYS A 83 -17.66 17.45 -27.77
C LYS A 83 -17.76 16.02 -27.31
N SER A 85 -17.63 13.17 -27.19
CA SER A 85 -17.25 12.08 -28.07
C SER A 85 -17.78 10.78 -27.53
N GLU A 86 -18.33 9.94 -28.40
CA GLU A 86 -18.80 8.66 -27.94
C GLU A 86 -17.53 8.09 -27.30
N ASP A 87 -16.56 7.86 -28.18
CA ASP A 87 -15.25 7.32 -27.89
C ASP A 87 -14.55 7.98 -26.75
N LEU A 88 -14.97 9.17 -26.36
CA LEU A 88 -14.31 9.88 -25.26
C LEU A 88 -13.62 8.97 -24.22
N PRO A 89 -12.45 9.41 -23.70
CA PRO A 89 -11.80 8.55 -22.69
C PRO A 89 -12.67 8.39 -21.44
N TYR A 90 -12.99 7.14 -21.11
CA TYR A 90 -13.85 6.80 -19.97
C TYR A 90 -13.96 7.90 -18.88
N GLU A 91 -12.79 8.35 -18.40
CA GLU A 91 -12.70 9.37 -17.38
C GLU A 91 -13.42 10.66 -17.77
N VAL A 92 -13.13 11.15 -18.97
CA VAL A 92 -13.79 12.38 -19.43
C VAL A 92 -15.35 12.30 -19.43
N ARG A 93 -15.89 11.16 -19.84
CA ARG A 93 -17.34 10.94 -19.83
C ARG A 93 -17.93 11.14 -18.41
N ARG A 94 -17.53 10.27 -17.46
CA ARG A 94 -18.05 10.32 -16.08
C ARG A 94 -17.93 11.74 -15.42
N ALA A 95 -16.82 12.44 -15.69
CA ALA A 95 -16.60 13.81 -15.17
C ALA A 95 -17.82 14.64 -15.66
N GLN A 96 -18.01 14.58 -16.99
CA GLN A 96 -19.13 15.23 -17.67
C GLN A 96 -20.46 14.76 -17.03
N GLU A 97 -20.61 13.42 -16.97
CA GLU A 97 -21.78 12.75 -16.38
C GLU A 97 -22.01 13.29 -14.96
N ILE A 98 -20.95 13.23 -14.16
CA ILE A 98 -20.97 13.72 -12.78
C ILE A 98 -21.31 15.23 -12.78
N ASN A 99 -20.89 15.91 -13.86
CA ASN A 99 -21.15 17.33 -13.98
C ASN A 99 -22.61 17.66 -14.38
N HIS A 100 -23.45 16.64 -14.53
CA HIS A 100 -24.86 16.93 -14.79
C HIS A 100 -25.60 16.61 -13.52
N LEU A 101 -25.26 15.52 -12.85
CA LEU A 101 -25.89 15.20 -11.59
C LEU A 101 -25.59 16.18 -10.43
N PHE A 102 -24.37 16.70 -10.35
CA PHE A 102 -24.02 17.59 -9.24
C PHE A 102 -23.47 18.90 -9.85
N GLY A 103 -23.19 18.79 -11.16
CA GLY A 103 -22.68 19.92 -11.92
C GLY A 103 -23.87 20.52 -12.59
N PRO A 104 -23.71 21.31 -13.66
CA PRO A 104 -22.45 21.68 -14.32
C PRO A 104 -21.68 22.71 -13.50
N LYS A 105 -20.44 22.36 -13.14
CA LYS A 105 -19.59 23.24 -12.34
C LYS A 105 -19.85 24.72 -12.72
N ASP A 106 -20.00 25.55 -11.69
CA ASP A 106 -20.28 27.00 -11.80
C ASP A 106 -21.75 27.49 -11.81
N SER A 107 -22.70 26.65 -12.23
CA SER A 107 -24.09 27.09 -12.19
C SER A 107 -24.47 27.52 -10.76
N GLU A 108 -25.19 28.62 -10.65
CA GLU A 108 -25.60 29.10 -9.34
C GLU A 108 -26.67 28.19 -8.75
N ASP A 109 -26.46 26.88 -8.88
CA ASP A 109 -27.40 25.90 -8.34
C ASP A 109 -26.76 24.66 -7.73
N SER A 110 -25.75 24.10 -8.42
CA SER A 110 -25.04 22.90 -7.98
C SER A 110 -25.05 22.68 -6.46
N TYR A 111 -25.00 21.41 -6.05
CA TYR A 111 -25.00 21.05 -4.63
C TYR A 111 -24.13 22.05 -3.85
N ASP A 112 -24.50 22.33 -2.61
CA ASP A 112 -23.78 23.31 -1.77
C ASP A 112 -22.34 22.96 -1.46
N ILE A 113 -22.18 21.86 -0.74
CA ILE A 113 -20.87 21.38 -0.33
C ILE A 113 -20.61 20.02 -0.98
N ILE A 114 -19.34 19.70 -1.21
CA ILE A 114 -19.01 18.37 -1.72
C ILE A 114 -17.88 17.79 -0.85
N PHE A 115 -18.12 16.61 -0.29
CA PHE A 115 -17.12 15.90 0.52
C PHE A 115 -16.53 14.77 -0.34
N ASP A 116 -15.30 14.92 -0.83
CA ASP A 116 -14.68 13.85 -1.61
C ASP A 116 -13.70 13.05 -0.69
N LEU A 117 -13.97 11.77 -0.51
CA LEU A 117 -13.12 10.91 0.33
C LEU A 117 -11.89 10.33 -0.37
N HIS A 118 -10.76 10.44 0.28
CA HIS A 118 -9.50 9.91 -0.23
C HIS A 118 -8.64 9.20 0.84
N ASN A 119 -7.59 8.53 0.34
CA ASN A 119 -6.67 7.77 1.16
C ASN A 119 -5.24 8.10 0.78
N THR A 120 -4.33 8.06 1.74
CA THR A 120 -2.91 8.30 1.48
C THR A 120 -2.07 7.26 2.20
N THR A 121 -1.15 6.65 1.46
CA THR A 121 -0.27 5.64 2.05
C THR A 121 0.67 6.38 3.00
N SER A 122 0.64 7.70 2.96
CA SER A 122 1.46 8.51 3.83
C SER A 122 0.79 8.63 5.23
N ASN A 123 1.62 8.91 6.23
CA ASN A 123 1.16 9.02 7.61
C ASN A 123 0.63 10.40 7.99
N GLY A 125 -2.53 11.05 8.76
CA GLY A 125 -3.60 10.98 9.73
C GLY A 125 -4.88 11.50 9.11
N CYS A 126 -5.60 12.37 9.81
CA CYS A 126 -6.86 12.96 9.26
C CYS A 126 -6.54 14.34 8.73
N THR A 127 -6.78 14.53 7.44
CA THR A 127 -6.50 15.81 6.80
C THR A 127 -7.71 16.36 6.03
N LEU A 128 -7.96 17.66 6.19
CA LEU A 128 -9.06 18.31 5.47
C LEU A 128 -8.43 19.08 4.32
N ILE A 129 -8.99 18.94 3.12
CA ILE A 129 -8.42 19.63 1.99
C ILE A 129 -9.27 20.82 1.52
N LEU A 130 -8.68 22.00 1.73
CA LEU A 130 -9.27 23.28 1.42
C LEU A 130 -8.70 23.91 0.17
N GLU A 131 -9.54 24.37 -0.77
CA GLU A 131 -9.01 25.02 -1.98
C GLU A 131 -9.20 26.54 -2.07
N ASP A 132 -10.23 27.12 -1.43
CA ASP A 132 -10.33 28.59 -1.46
C ASP A 132 -9.46 28.95 -0.24
N SER A 133 -8.67 30.02 -0.34
CA SER A 133 -7.78 30.47 0.73
C SER A 133 -8.53 31.46 1.59
N ARG A 134 -9.02 32.51 0.95
CA ARG A 134 -9.80 33.55 1.60
C ARG A 134 -11.18 32.87 1.60
N ASN A 135 -11.70 32.50 2.77
CA ASN A 135 -12.98 31.80 2.79
C ASN A 135 -13.47 31.44 4.19
N ASN A 136 -14.11 32.41 4.84
CA ASN A 136 -14.65 32.25 6.20
C ASN A 136 -15.55 31.01 6.42
N PHE A 137 -16.39 30.70 5.43
CA PHE A 137 -17.29 29.56 5.57
C PHE A 137 -16.55 28.22 5.61
N LEU A 138 -15.74 27.95 4.58
CA LEU A 138 -15.00 26.70 4.59
C LEU A 138 -14.13 26.70 5.83
N ILE A 139 -13.51 27.83 6.15
CA ILE A 139 -12.68 27.87 7.33
C ILE A 139 -13.60 27.72 8.52
N GLN A 140 -14.85 28.18 8.36
CA GLN A 140 -15.81 28.04 9.43
C GLN A 140 -15.85 26.55 9.83
N PHE A 142 -14.11 23.75 9.05
CA PHE A 142 -12.89 23.09 9.47
C PHE A 142 -12.59 23.35 10.97
N HIS A 143 -13.08 24.47 11.49
CA HIS A 143 -12.85 24.73 12.88
C HIS A 143 -13.63 23.70 13.66
N TYR A 144 -14.96 23.69 13.47
CA TYR A 144 -15.81 22.72 14.19
C TYR A 144 -15.30 21.27 14.12
N ILE A 145 -15.35 20.65 12.92
CA ILE A 145 -14.94 19.25 12.73
C ILE A 145 -13.62 18.93 13.43
N LYS A 146 -12.58 19.68 13.10
CA LYS A 146 -11.29 19.43 13.69
C LYS A 146 -11.34 19.64 15.18
N THR A 147 -11.61 20.88 15.57
CA THR A 147 -11.60 21.28 16.97
C THR A 147 -12.26 20.37 18.00
N SER A 148 -13.41 19.76 17.73
CA SER A 148 -14.06 18.89 18.73
C SER A 148 -13.30 17.61 19.33
N LEU A 149 -12.91 16.78 18.32
CA LEU A 149 -12.09 15.54 18.38
C LEU A 149 -10.64 15.93 18.47
N ALA A 150 -10.37 17.23 18.49
CA ALA A 150 -9.05 17.61 18.78
C ALA A 150 -9.07 17.16 20.28
N PRO A 151 -7.91 16.90 20.94
CA PRO A 151 -6.51 17.14 20.49
C PRO A 151 -5.97 16.24 19.34
N LEU A 152 -6.69 15.17 19.08
CA LEU A 152 -6.30 14.28 18.01
C LEU A 152 -6.17 15.28 16.89
N PRO A 153 -5.03 15.24 16.18
CA PRO A 153 -4.69 16.11 15.06
C PRO A 153 -5.80 15.96 14.07
N CYS A 154 -5.84 16.88 13.12
CA CYS A 154 -6.88 16.90 12.10
C CYS A 154 -6.42 18.13 11.39
N TYR A 155 -5.29 17.94 10.70
CA TYR A 155 -4.59 18.97 9.94
C TYR A 155 -5.39 19.34 8.73
N VAL A 156 -5.23 20.59 8.30
CA VAL A 156 -5.92 21.07 7.13
C VAL A 156 -4.88 21.44 6.07
N TYR A 157 -5.00 20.82 4.89
CA TYR A 157 -4.09 21.06 3.80
C TYR A 157 -4.71 22.13 2.88
N LEU A 158 -4.01 23.25 2.69
CA LEU A 158 -4.51 24.32 1.82
C LEU A 158 -3.79 24.45 0.49
N ILE A 159 -4.53 24.59 -0.60
CA ILE A 159 -3.92 24.78 -1.93
C ILE A 159 -4.15 26.22 -2.54
N GLU A 160 -3.08 26.97 -2.80
CA GLU A 160 -3.27 28.33 -3.33
C GLU A 160 -3.04 28.45 -4.85
N HIS A 161 -4.09 28.43 -5.65
CA HIS A 161 -3.85 28.58 -7.09
C HIS A 161 -3.82 30.01 -7.60
N PRO A 162 -2.62 30.50 -7.95
CA PRO A 162 -2.58 31.88 -8.45
C PRO A 162 -3.61 32.07 -9.59
N SER A 163 -3.69 31.07 -10.48
CA SER A 163 -4.61 31.06 -11.62
C SER A 163 -6.05 31.04 -11.15
N LEU A 164 -6.25 30.82 -9.85
CA LEU A 164 -7.59 30.79 -9.27
C LEU A 164 -8.46 29.62 -9.77
N LYS A 165 -7.85 28.69 -10.53
CA LYS A 165 -8.55 27.54 -11.12
C LYS A 165 -8.25 26.15 -10.55
N TYR A 166 -9.26 25.29 -10.51
CA TYR A 166 -9.06 23.93 -10.02
C TYR A 166 -9.76 22.90 -10.95
N ALA A 167 -9.19 21.69 -11.06
CA ALA A 167 -9.74 20.66 -11.94
C ALA A 167 -10.21 19.42 -11.18
N THR A 168 -10.18 19.48 -9.85
CA THR A 168 -10.60 18.37 -9.01
C THR A 168 -12.05 18.02 -9.12
N THR A 169 -12.34 16.74 -8.91
CA THR A 169 -13.72 16.22 -8.96
C THR A 169 -14.63 17.11 -8.10
N ARG A 170 -14.42 17.10 -6.79
CA ARG A 170 -15.26 17.90 -5.89
C ARG A 170 -15.44 19.39 -6.27
N SER A 171 -14.60 19.88 -7.19
CA SER A 171 -14.65 21.28 -7.59
C SER A 171 -15.94 21.57 -8.37
N ILE A 172 -16.78 20.57 -8.55
CA ILE A 172 -18.07 20.82 -9.16
C ILE A 172 -18.73 21.84 -8.19
N ALA A 173 -18.61 21.57 -6.88
CA ALA A 173 -19.20 22.41 -5.83
C ALA A 173 -18.65 23.81 -5.73
N LYS A 174 -19.48 24.73 -5.23
CA LYS A 174 -19.05 26.10 -5.02
C LYS A 174 -18.46 26.05 -3.61
N TYR A 175 -18.47 24.84 -3.05
CA TYR A 175 -17.93 24.57 -1.72
C TYR A 175 -17.34 23.15 -1.67
N PRO A 176 -16.13 22.95 -2.26
CA PRO A 176 -15.43 21.65 -2.31
C PRO A 176 -14.81 21.30 -0.96
N VAL A 177 -15.11 20.10 -0.47
CA VAL A 177 -14.55 19.61 0.78
C VAL A 177 -14.07 18.17 0.58
N GLY A 178 -12.75 17.99 0.60
CA GLY A 178 -12.20 16.66 0.43
C GLY A 178 -11.71 16.09 1.75
N ILE A 179 -11.95 14.81 2.01
CA ILE A 179 -11.44 14.25 3.26
C ILE A 179 -10.24 13.31 2.98
N GLU A 180 -9.12 13.62 3.61
CA GLU A 180 -7.91 12.84 3.37
C GLU A 180 -7.61 11.93 4.54
N VAL A 181 -7.64 10.61 4.30
CA VAL A 181 -7.32 9.73 5.38
C VAL A 181 -6.18 8.77 5.03
N GLY A 182 -5.15 8.77 5.90
CA GLY A 182 -3.97 7.92 5.75
C GLY A 182 -3.16 7.89 7.03
N PRO A 183 -2.24 6.92 7.22
CA PRO A 183 -1.81 5.82 6.36
C PRO A 183 -2.64 4.56 6.20
N GLN A 184 -2.71 4.10 4.94
CA GLN A 184 -3.36 2.85 4.61
C GLN A 184 -2.78 2.53 3.27
N PRO A 185 -2.38 1.26 3.03
CA PRO A 185 -1.82 0.97 1.70
C PRO A 185 -2.94 0.94 0.65
N GLN A 186 -2.63 1.20 -0.62
CA GLN A 186 -3.69 1.11 -1.62
C GLN A 186 -4.09 -0.37 -1.72
N GLY A 187 -5.38 -0.60 -1.99
CA GLY A 187 -5.92 -1.94 -2.16
C GLY A 187 -6.34 -2.62 -0.88
N VAL A 188 -6.13 -1.93 0.20
CA VAL A 188 -6.48 -2.48 1.51
C VAL A 188 -7.57 -1.62 2.15
N LEU A 189 -8.22 -2.17 3.18
CA LEU A 189 -9.25 -1.48 3.97
C LEU A 189 -9.13 -1.74 5.50
N ARG A 190 -8.42 -0.85 6.21
CA ARG A 190 -8.22 -0.98 7.67
C ARG A 190 -9.37 -0.39 8.51
N ALA A 191 -9.67 -1.03 9.65
CA ALA A 191 -10.76 -0.56 10.52
C ALA A 191 -10.44 0.73 11.23
N ASP A 192 -9.17 0.93 11.58
CA ASP A 192 -8.80 2.18 12.25
C ASP A 192 -9.07 3.36 11.31
N ILE A 193 -8.67 3.22 10.05
CA ILE A 193 -8.94 4.27 9.07
C ILE A 193 -10.44 4.54 9.05
N LEU A 194 -11.27 3.50 8.89
CA LEU A 194 -12.69 3.76 8.86
C LEU A 194 -13.21 4.61 10.05
N ASP A 195 -12.80 4.32 11.27
CA ASP A 195 -13.28 5.10 12.38
C ASP A 195 -12.81 6.53 12.10
N GLN A 196 -11.64 6.66 11.46
CA GLN A 196 -11.13 8.01 11.12
C GLN A 196 -12.02 8.71 10.05
N ARG A 198 -15.14 8.10 9.53
CA ARG A 198 -16.36 8.41 10.22
C ARG A 198 -16.26 9.60 11.16
N LYS A 199 -15.32 9.62 12.09
CA LYS A 199 -15.20 10.81 12.95
C LYS A 199 -15.18 12.13 12.12
N ILE A 201 -16.43 12.73 8.86
CA ILE A 201 -17.74 13.00 8.29
C ILE A 201 -18.71 13.38 9.44
N LYS A 202 -18.70 12.55 10.50
CA LYS A 202 -19.53 12.76 11.70
C LYS A 202 -19.75 14.22 12.03
N HIS A 203 -18.65 14.95 12.25
CA HIS A 203 -18.75 16.35 12.61
C HIS A 203 -19.19 17.20 11.46
N ALA A 204 -18.88 16.79 10.23
CA ALA A 204 -19.35 17.55 9.06
C ALA A 204 -20.87 17.36 8.80
N LEU A 205 -21.54 16.54 9.61
CA LEU A 205 -22.97 16.35 9.44
C LEU A 205 -23.71 16.53 10.79
N ASP A 206 -22.99 16.33 11.90
CA ASP A 206 -23.57 16.55 13.23
C ASP A 206 -23.18 18.02 13.38
N PHE A 207 -23.13 18.71 12.25
CA PHE A 207 -22.86 20.16 12.15
C PHE A 207 -23.77 20.72 11.06
N ILE A 208 -23.79 20.10 9.87
CA ILE A 208 -24.65 20.63 8.81
C ILE A 208 -26.10 20.60 9.21
N HIS A 209 -26.56 19.45 9.73
CA HIS A 209 -27.94 19.27 10.18
C HIS A 209 -28.25 20.51 11.02
N HIS A 210 -27.34 20.83 11.92
CA HIS A 210 -27.45 22.00 12.77
C HIS A 210 -27.36 23.37 12.07
N PHE A 211 -26.59 23.48 10.99
CA PHE A 211 -26.51 24.77 10.33
C PHE A 211 -27.84 25.07 9.63
N ASN A 212 -28.48 24.05 9.09
CA ASN A 212 -29.77 24.25 8.44
C ASN A 212 -30.73 24.68 9.56
N GLU A 213 -30.27 24.52 10.80
CA GLU A 213 -31.05 24.84 12.00
C GLU A 213 -30.60 26.23 12.40
N GLY A 214 -29.80 26.84 11.52
CA GLY A 214 -29.29 28.18 11.72
C GLY A 214 -28.68 28.42 13.08
N LYS A 215 -27.71 27.59 13.46
CA LYS A 215 -27.02 27.75 14.73
C LYS A 215 -26.01 28.86 14.55
N GLU A 216 -25.52 29.41 15.66
CA GLU A 216 -24.54 30.52 15.58
C GLU A 216 -23.08 30.13 15.89
N PHE A 217 -22.15 30.91 15.37
CA PHE A 217 -20.72 30.68 15.58
C PHE A 217 -19.94 32.00 15.61
N PRO A 218 -19.26 32.29 16.72
CA PRO A 218 -18.44 33.49 17.01
C PRO A 218 -17.21 33.61 16.15
N PRO A 219 -16.37 34.61 16.42
CA PRO A 219 -15.21 34.65 15.55
C PRO A 219 -14.53 33.34 15.87
N CYS A 220 -14.18 32.62 14.82
CA CYS A 220 -13.55 31.31 14.97
C CYS A 220 -12.19 31.39 14.21
N ALA A 221 -11.54 30.26 13.93
CA ALA A 221 -10.26 30.28 13.21
C ALA A 221 -9.70 28.86 13.12
N ILE A 222 -8.86 28.57 12.14
CA ILE A 222 -8.25 27.23 12.04
C ILE A 222 -6.87 27.28 11.42
N GLU A 223 -6.02 26.33 11.78
CA GLU A 223 -4.68 26.33 11.21
C GLU A 223 -4.69 25.41 9.98
N VAL A 224 -3.92 25.79 8.98
CA VAL A 224 -3.83 25.04 7.73
C VAL A 224 -2.39 25.02 7.21
N TYR A 225 -2.17 24.26 6.11
CA TYR A 225 -0.86 24.11 5.46
C TYR A 225 -0.91 24.31 3.92
N LYS A 226 -0.14 25.29 3.46
CA LYS A 226 -0.01 25.65 2.04
C LYS A 226 1.31 25.03 1.59
N ILE A 227 1.41 24.65 0.33
CA ILE A 227 2.62 24.02 -0.21
C ILE A 227 3.45 25.00 -1.04
N ILE A 228 4.78 24.91 -0.95
CA ILE A 228 5.64 25.83 -1.73
C ILE A 228 6.33 25.13 -2.93
N GLU A 229 6.92 23.95 -2.73
CA GLU A 229 7.59 23.23 -3.80
C GLU A 229 7.60 21.71 -3.55
N LYS A 230 7.45 20.92 -4.62
CA LYS A 230 7.51 19.45 -4.51
C LYS A 230 9.01 19.05 -4.54
N VAL A 231 9.38 17.95 -3.89
CA VAL A 231 10.79 17.53 -3.88
C VAL A 231 10.97 16.33 -4.84
N ASP A 232 11.82 16.49 -5.85
CA ASP A 232 12.01 15.43 -6.81
C ASP A 232 12.80 14.33 -6.15
N TYR A 233 12.96 13.22 -6.84
CA TYR A 233 13.75 12.17 -6.28
C TYR A 233 15.12 12.38 -6.93
N PRO A 234 16.19 12.14 -6.17
CA PRO A 234 17.56 12.25 -6.66
C PRO A 234 17.67 11.13 -7.69
N ARG A 235 18.49 11.29 -8.72
CA ARG A 235 18.59 10.22 -9.71
C ARG A 235 20.03 9.83 -10.09
N ASP A 236 20.35 8.53 -10.16
CA ASP A 236 21.72 8.19 -10.56
C ASP A 236 21.77 8.00 -12.07
N GLU A 237 22.96 7.81 -12.62
CA GLU A 237 23.12 7.72 -14.08
C GLU A 237 22.37 6.63 -14.85
N ASN A 238 21.32 6.07 -14.25
CA ASN A 238 20.55 5.04 -14.94
C ASN A 238 19.26 5.64 -15.55
N GLY A 239 18.67 6.61 -14.88
CA GLY A 239 17.45 7.19 -15.40
C GLY A 239 16.33 6.78 -14.47
N GLU A 240 16.73 6.45 -13.26
CA GLU A 240 15.83 6.01 -12.19
C GLU A 240 16.19 6.64 -10.85
N ILE A 241 15.55 6.13 -9.80
CA ILE A 241 15.78 6.64 -8.45
C ILE A 241 17.19 6.22 -7.98
N ALA A 242 17.75 7.00 -7.07
CA ALA A 242 19.11 6.79 -6.57
C ALA A 242 19.17 6.61 -5.06
N ALA A 243 18.50 7.50 -4.34
CA ALA A 243 18.47 7.43 -2.88
C ALA A 243 16.99 7.34 -2.50
N ILE A 244 16.70 7.17 -1.21
CA ILE A 244 15.33 7.09 -0.73
C ILE A 244 15.02 7.87 0.56
N ILE A 245 13.75 8.29 0.72
CA ILE A 245 13.33 9.05 1.90
C ILE A 245 14.03 8.46 3.12
N HIS A 246 14.69 9.32 3.91
CA HIS A 246 15.43 8.86 5.08
C HIS A 246 14.61 8.04 6.09
N PRO A 247 15.16 6.92 6.57
CA PRO A 247 14.42 6.10 7.53
C PRO A 247 13.73 6.91 8.63
N ASN A 248 14.32 8.07 8.97
CA ASN A 248 13.79 8.97 10.02
C ASN A 248 12.49 9.64 9.65
N LEU A 249 12.66 10.69 8.84
CA LEU A 249 11.60 11.55 8.29
C LEU A 249 10.39 10.66 7.99
N GLN A 250 10.69 9.45 7.52
CA GLN A 250 9.64 8.48 7.24
C GLN A 250 8.55 8.45 8.32
N ASP A 251 7.32 8.61 7.83
CA ASP A 251 6.10 8.61 8.60
C ASP A 251 6.01 9.79 9.50
N GLN A 252 6.80 10.83 9.22
CA GLN A 252 6.75 12.04 10.06
C GLN A 252 6.31 13.31 9.35
N ASP A 253 5.08 13.25 8.81
CA ASP A 253 4.44 14.34 8.11
C ASP A 253 3.98 15.39 9.11
N TRP A 254 3.83 16.61 8.65
CA TRP A 254 3.41 17.73 9.49
C TRP A 254 4.45 18.22 10.50
N LYS A 255 5.58 17.50 10.63
CA LYS A 255 6.66 17.89 11.56
C LYS A 255 7.69 18.77 10.81
N PRO A 256 8.35 19.68 11.54
CA PRO A 256 9.33 20.59 10.92
C PRO A 256 10.67 20.02 10.43
N LEU A 257 10.97 20.24 9.15
CA LEU A 257 12.20 19.72 8.59
C LEU A 257 13.23 20.83 8.45
N HIS A 258 14.23 20.83 9.33
CA HIS A 258 15.28 21.87 9.28
C HIS A 258 16.32 21.55 8.21
N PRO A 259 17.07 22.57 7.79
CA PRO A 259 18.11 22.43 6.76
C PRO A 259 19.10 21.24 6.79
N GLY A 260 19.67 20.95 7.94
CA GLY A 260 20.63 19.86 8.00
C GLY A 260 20.05 18.52 8.38
N ASP A 261 18.76 18.49 8.69
CA ASP A 261 18.07 17.26 9.09
C ASP A 261 18.12 16.25 7.96
N PRO A 262 18.14 14.95 8.29
CA PRO A 262 18.18 13.96 7.21
C PRO A 262 16.99 14.07 6.27
N PHE A 264 17.20 12.36 2.67
CA PHE A 264 17.32 11.15 1.90
C PHE A 264 18.52 10.41 2.41
N LEU A 265 18.32 9.11 2.63
CA LEU A 265 19.37 8.22 3.06
C LEU A 265 19.91 7.60 1.76
N THR A 266 21.23 7.45 1.62
CA THR A 266 21.71 6.86 0.38
C THR A 266 22.05 5.39 0.53
N LEU A 267 21.84 4.65 -0.56
CA LEU A 267 22.09 3.22 -0.67
C LEU A 267 23.41 2.83 -0.04
N ASP A 268 24.37 3.73 -0.13
CA ASP A 268 25.65 3.46 0.52
C ASP A 268 25.38 3.69 2.04
N GLY A 269 24.87 4.87 2.36
CA GLY A 269 24.55 5.22 3.73
C GLY A 269 24.59 6.71 4.07
N LYS A 270 24.93 7.54 3.08
CA LYS A 270 24.98 8.96 3.40
C LYS A 270 23.61 9.61 3.42
N THR A 271 23.46 10.58 4.32
CA THR A 271 22.19 11.29 4.42
C THR A 271 22.24 12.60 3.58
N ILE A 272 21.34 12.71 2.61
CA ILE A 272 21.27 13.90 1.78
C ILE A 272 20.36 14.92 2.48
N PRO A 273 20.96 15.92 3.15
CA PRO A 273 20.20 16.95 3.89
C PRO A 273 19.48 18.03 3.10
N LEU A 274 18.43 18.56 3.76
CA LEU A 274 17.48 19.56 3.25
C LEU A 274 17.84 20.83 2.43
N GLY A 275 18.34 21.86 3.10
CA GLY A 275 18.69 23.07 2.38
C GLY A 275 17.83 24.29 2.73
N GLY A 276 18.42 25.46 2.47
CA GLY A 276 17.75 26.69 2.76
C GLY A 276 17.94 27.07 4.21
N ASP A 277 17.36 28.20 4.59
CA ASP A 277 17.45 28.68 5.96
C ASP A 277 16.07 29.04 6.48
N CYS A 278 15.21 28.03 6.62
CA CYS A 278 13.87 28.23 7.13
C CYS A 278 13.19 26.90 7.38
N THR A 279 12.35 26.85 8.41
CA THR A 279 11.66 25.60 8.76
C THR A 279 10.49 25.29 7.85
N VAL A 280 10.24 23.99 7.68
CA VAL A 280 9.12 23.51 6.85
C VAL A 280 8.51 22.26 7.48
N TYR A 281 7.32 21.89 7.04
CA TYR A 281 6.70 20.70 7.60
C TYR A 281 6.34 19.74 6.46
N PRO A 282 7.27 18.82 6.09
CA PRO A 282 6.92 17.92 4.98
C PRO A 282 5.58 17.20 5.11
N VAL A 283 4.87 17.13 3.99
CA VAL A 283 3.55 16.49 3.89
C VAL A 283 3.60 15.54 2.68
N PHE A 284 2.70 14.57 2.65
CA PHE A 284 2.64 13.55 1.60
C PHE A 284 3.98 12.78 1.43
N VAL A 285 4.73 12.68 2.53
CA VAL A 285 6.01 12.02 2.53
C VAL A 285 5.89 10.73 1.76
N ASN A 286 6.79 10.52 0.83
CA ASN A 286 6.82 9.29 0.07
C ASN A 286 5.45 8.58 -0.06
N GLU A 287 4.51 9.17 -0.83
CA GLU A 287 3.17 8.61 -1.04
C GLU A 287 3.23 7.74 -2.30
N ALA A 288 2.51 6.62 -2.31
CA ALA A 288 2.50 5.69 -3.43
C ALA A 288 2.07 6.39 -4.69
N ALA A 289 0.91 7.02 -4.64
CA ALA A 289 0.36 7.75 -5.79
C ALA A 289 1.37 8.63 -6.50
N TYR A 290 2.33 9.18 -5.77
CA TYR A 290 3.28 10.05 -6.42
C TYR A 290 4.67 9.50 -6.77
N TYR A 291 4.83 8.17 -6.84
CA TYR A 291 6.13 7.66 -7.25
C TYR A 291 6.20 7.74 -8.76
N GLU A 292 5.06 7.61 -9.44
CA GLU A 292 5.04 7.67 -10.89
C GLU A 292 5.88 8.81 -11.45
N LYS A 293 5.99 9.88 -10.67
CA LYS A 293 6.74 11.05 -11.09
C LYS A 293 7.96 11.25 -10.22
N LYS A 294 8.35 10.21 -9.51
CA LYS A 294 9.52 10.28 -8.64
C LYS A 294 9.49 11.52 -7.73
N GLU A 295 8.34 11.72 -7.08
CA GLU A 295 8.12 12.83 -6.17
C GLU A 295 8.08 12.25 -4.76
N ALA A 296 9.00 12.72 -3.92
CA ALA A 296 9.07 12.24 -2.57
C ALA A 296 7.92 12.86 -1.78
N PHE A 297 8.22 13.90 -1.02
CA PHE A 297 7.15 14.56 -0.26
C PHE A 297 6.97 15.95 -0.81
N ALA A 298 5.90 16.59 -0.37
CA ALA A 298 5.62 17.98 -0.78
C ALA A 298 6.19 18.87 0.32
N LYS A 299 7.01 19.86 -0.08
CA LYS A 299 7.63 20.81 0.84
C LYS A 299 6.62 21.93 1.06
N THR A 300 6.05 21.97 2.26
CA THR A 300 5.03 22.98 2.62
C THR A 300 5.55 24.00 3.62
N THR A 301 4.82 25.13 3.75
CA THR A 301 5.13 26.22 4.69
C THR A 301 3.91 26.42 5.57
N LYS A 302 4.15 26.82 6.81
CA LYS A 302 3.05 27.00 7.76
C LYS A 302 2.56 28.44 7.84
N LEU A 303 1.37 28.72 7.27
CA LEU A 303 0.78 30.08 7.34
C LEU A 303 -0.49 29.94 8.16
N THR A 304 -0.75 30.88 9.09
CA THR A 304 -1.93 30.77 9.96
C THR A 304 -3.14 31.62 9.53
N LEU A 305 -4.33 31.11 9.81
CA LEU A 305 -5.55 31.79 9.43
C LEU A 305 -6.13 32.54 10.61
N ASN A 306 -7.39 32.91 10.50
CA ASN A 306 -8.17 33.60 11.54
C ASN A 306 -9.51 33.89 10.83
N ALA A 307 -10.63 33.61 11.49
CA ALA A 307 -11.96 33.82 10.88
C ALA A 307 -12.95 34.79 11.57
N LYS A 308 -14.22 34.69 11.15
CA LYS A 308 -15.34 35.49 11.65
C LYS A 308 -16.42 34.57 12.23
N SER A 309 -17.55 35.20 12.62
CA SER A 309 -18.73 34.53 13.21
C SER A 309 -19.80 34.39 12.13
N ILE A 310 -20.44 33.23 12.00
CA ILE A 310 -21.47 33.01 10.94
C ILE A 310 -22.84 32.41 11.37
N ARG A 311 -23.90 32.77 10.61
CA ARG A 311 -25.27 32.30 10.83
C ARG A 311 -26.06 32.14 9.53
N CYS A 312 -27.05 31.24 9.53
CA CYS A 312 -27.88 30.98 8.34
C CYS A 312 -29.32 31.46 8.48
N GLU B 11 28.99 -30.21 0.33
CA GLU B 11 29.04 -30.23 -1.16
C GLU B 11 29.37 -28.88 -1.84
N HIS B 12 29.80 -27.89 -1.06
CA HIS B 12 30.14 -26.54 -1.56
C HIS B 12 29.12 -25.99 -2.55
N ILE B 13 28.41 -24.93 -2.16
CA ILE B 13 27.41 -24.29 -3.02
C ILE B 13 28.07 -23.45 -4.13
N GLN B 14 27.56 -23.58 -5.36
CA GLN B 14 28.09 -22.87 -6.51
C GLN B 14 27.24 -21.77 -7.19
N LYS B 15 26.08 -22.15 -7.70
CA LYS B 15 25.19 -21.21 -8.37
C LYS B 15 24.13 -20.62 -7.40
N VAL B 16 24.19 -19.30 -7.21
CA VAL B 16 23.27 -18.58 -6.31
C VAL B 16 22.79 -17.29 -6.95
N ALA B 17 21.50 -17.23 -7.26
CA ALA B 17 20.93 -16.02 -7.86
C ALA B 17 19.93 -15.39 -6.86
N ILE B 18 19.84 -14.05 -6.88
CA ILE B 18 18.86 -13.34 -6.06
C ILE B 18 17.87 -12.70 -7.05
N PHE B 19 16.64 -13.21 -7.09
CA PHE B 19 15.57 -12.69 -7.97
C PHE B 19 14.74 -11.61 -7.24
N GLY B 20 14.48 -10.50 -7.95
CA GLY B 20 13.70 -9.39 -7.41
C GLY B 20 12.81 -8.90 -8.55
N GLY B 21 11.72 -8.17 -8.26
CA GLY B 21 10.86 -7.72 -9.34
C GLY B 21 9.88 -8.78 -9.85
N THR B 22 9.81 -9.91 -9.15
CA THR B 22 8.89 -10.99 -9.49
C THR B 22 7.49 -10.36 -9.56
N HIS B 23 7.28 -9.42 -8.65
CA HIS B 23 6.07 -8.64 -8.60
C HIS B 23 6.50 -7.13 -8.79
N GLY B 24 6.36 -6.60 -10.01
CA GLY B 24 6.81 -5.25 -10.34
C GLY B 24 6.49 -4.05 -9.46
N ASN B 25 5.68 -4.29 -8.44
CA ASN B 25 5.27 -3.23 -7.51
C ASN B 25 5.52 -3.64 -6.06
N GLU B 26 6.58 -4.45 -5.88
CA GLU B 26 7.10 -4.92 -4.59
C GLU B 26 8.57 -4.48 -4.62
N LEU B 27 8.72 -3.16 -4.65
CA LEU B 27 9.98 -2.43 -4.75
C LEU B 27 11.16 -2.78 -3.84
N THR B 28 10.95 -3.47 -2.70
CA THR B 28 12.13 -3.74 -1.88
C THR B 28 13.17 -4.46 -2.77
N GLY B 29 12.75 -5.57 -3.36
CA GLY B 29 13.68 -6.28 -4.23
C GLY B 29 14.10 -5.58 -5.53
N VAL B 30 13.25 -4.73 -6.10
CA VAL B 30 13.62 -4.07 -7.32
C VAL B 30 14.81 -3.12 -7.11
N PHE B 31 14.81 -2.35 -6.02
CA PHE B 31 15.91 -1.41 -5.78
C PHE B 31 17.20 -2.07 -5.25
N LEU B 32 17.05 -3.17 -4.49
CA LEU B 32 18.23 -3.89 -3.98
C LEU B 32 18.93 -4.59 -5.14
N VAL B 33 18.14 -5.36 -5.90
CA VAL B 33 18.69 -6.09 -7.04
C VAL B 33 19.45 -5.12 -7.95
N LYS B 34 18.78 -4.10 -8.47
CA LYS B 34 19.41 -3.14 -9.36
C LYS B 34 20.73 -2.56 -8.84
N HIS B 35 20.73 -2.09 -7.60
CA HIS B 35 21.93 -1.55 -6.95
C HIS B 35 23.11 -2.56 -7.04
N TRP B 36 22.81 -3.84 -6.78
CA TRP B 36 23.81 -4.91 -6.86
C TRP B 36 24.23 -5.09 -8.33
N LEU B 37 23.32 -4.83 -9.27
CA LEU B 37 23.65 -4.93 -10.68
C LEU B 37 24.64 -3.84 -11.11
N GLU B 38 24.67 -2.73 -10.39
CA GLU B 38 25.60 -1.68 -10.71
C GLU B 38 26.83 -2.05 -9.93
N ASN B 39 26.64 -2.63 -8.74
CA ASN B 39 27.75 -3.10 -7.92
C ASN B 39 27.44 -4.13 -6.81
N GLY B 40 27.73 -5.40 -7.15
CA GLY B 40 27.45 -6.50 -6.24
C GLY B 40 28.43 -6.80 -5.14
N ALA B 41 29.35 -5.88 -4.83
CA ALA B 41 30.33 -6.15 -3.79
C ALA B 41 29.70 -6.75 -2.52
N GLU B 42 28.64 -6.09 -1.99
CA GLU B 42 27.89 -6.54 -0.81
C GLU B 42 27.31 -7.97 -0.89
N ILE B 43 27.05 -8.46 -2.10
CA ILE B 43 26.49 -9.80 -2.22
C ILE B 43 27.48 -10.80 -2.84
N GLN B 44 28.66 -10.36 -3.25
CA GLN B 44 29.60 -11.31 -3.82
C GLN B 44 30.27 -12.10 -2.70
N ARG B 45 30.52 -13.40 -2.85
CA ARG B 45 31.22 -14.13 -1.77
C ARG B 45 32.35 -14.92 -2.38
N THR B 46 33.44 -15.09 -1.64
CA THR B 46 34.56 -15.85 -2.19
C THR B 46 34.10 -17.30 -2.43
N GLY B 47 34.28 -17.76 -3.66
CA GLY B 47 33.93 -19.12 -4.03
C GLY B 47 32.46 -19.36 -4.27
N LEU B 48 31.80 -18.27 -4.63
CA LEU B 48 30.38 -18.26 -4.87
C LEU B 48 30.04 -17.36 -6.04
N GLU B 49 29.02 -17.69 -6.80
CA GLU B 49 28.62 -16.76 -7.84
C GLU B 49 27.16 -16.41 -7.53
N VAL B 50 26.93 -15.16 -7.15
CA VAL B 50 25.60 -14.69 -6.84
C VAL B 50 25.15 -13.71 -7.95
N LYS B 51 24.11 -14.06 -8.68
CA LYS B 51 23.64 -13.16 -9.71
C LYS B 51 22.35 -12.40 -9.33
N PRO B 52 22.37 -11.06 -9.38
CA PRO B 52 21.12 -10.38 -9.03
C PRO B 52 20.40 -10.25 -10.36
N PHE B 53 19.16 -10.67 -10.39
CA PHE B 53 18.38 -10.65 -11.62
C PHE B 53 16.93 -10.18 -11.38
N ILE B 54 16.40 -9.38 -12.31
CA ILE B 54 15.03 -8.87 -12.23
C ILE B 54 14.16 -9.85 -13.01
N THR B 55 13.16 -10.44 -12.37
CA THR B 55 12.42 -11.45 -13.10
C THR B 55 11.31 -11.01 -14.02
N ASN B 56 10.63 -9.91 -13.64
CA ASN B 56 9.49 -9.40 -14.38
C ASN B 56 9.68 -7.92 -14.75
N PRO B 57 10.60 -7.67 -15.68
CA PRO B 57 10.99 -6.35 -16.19
C PRO B 57 9.79 -5.47 -16.51
N ARG B 58 8.84 -6.07 -17.21
CA ARG B 58 7.67 -5.32 -17.62
C ARG B 58 6.71 -4.87 -16.50
N ALA B 59 6.36 -5.81 -15.63
CA ALA B 59 5.45 -5.50 -14.53
C ALA B 59 6.12 -4.48 -13.63
N VAL B 60 7.44 -4.45 -13.70
CA VAL B 60 8.19 -3.50 -12.89
C VAL B 60 7.99 -2.12 -13.55
N LYS B 61 7.96 -2.08 -14.89
CA LYS B 61 7.75 -0.80 -15.58
C LYS B 61 6.30 -0.26 -15.49
N LYS B 62 5.27 -1.11 -15.50
CA LYS B 62 3.89 -0.61 -15.40
C LYS B 62 3.43 -0.63 -13.93
N CYS B 63 4.40 -0.64 -13.03
CA CYS B 63 4.23 -0.78 -11.57
C CYS B 63 3.02 -1.58 -11.06
N THR B 64 2.91 -2.79 -11.58
CA THR B 64 1.87 -3.69 -11.18
C THR B 64 2.39 -5.03 -10.67
N ARG B 65 1.46 -5.83 -10.12
CA ARG B 65 1.76 -7.16 -9.60
C ARG B 65 2.10 -7.97 -10.83
N TYR B 66 1.11 -8.22 -11.68
CA TYR B 66 1.38 -8.94 -12.94
C TYR B 66 0.84 -8.22 -14.14
N ILE B 67 1.35 -8.60 -15.33
CA ILE B 67 0.95 -8.01 -16.63
C ILE B 67 -0.09 -8.89 -17.31
N ASP B 68 0.24 -10.16 -17.54
CA ASP B 68 -0.70 -11.13 -18.13
C ASP B 68 -1.14 -12.23 -17.15
N CYS B 69 -0.18 -12.90 -16.50
CA CYS B 69 -0.50 -13.96 -15.52
C CYS B 69 0.37 -13.78 -14.28
N ASP B 70 -0.01 -14.34 -13.13
CA ASP B 70 0.78 -14.23 -11.88
C ASP B 70 2.10 -14.98 -12.10
N LEU B 71 3.22 -14.26 -12.13
CA LEU B 71 4.48 -14.95 -12.40
C LEU B 71 4.68 -16.18 -11.54
N ASN B 72 4.82 -15.91 -10.23
CA ASN B 72 5.06 -16.90 -9.16
C ASN B 72 4.07 -18.03 -9.07
N ARG B 73 3.43 -18.35 -10.18
CA ARG B 73 2.49 -19.46 -10.18
C ARG B 73 2.52 -20.27 -11.47
N ILE B 74 3.53 -20.11 -12.31
CA ILE B 74 3.50 -20.84 -13.57
C ILE B 74 4.67 -21.72 -14.02
N PHE B 75 5.66 -21.92 -13.16
CA PHE B 75 6.79 -22.72 -13.58
C PHE B 75 6.45 -24.20 -13.77
N ASP B 76 5.16 -24.48 -13.80
CA ASP B 76 4.59 -25.81 -13.98
C ASP B 76 4.89 -26.37 -15.36
N LEU B 77 4.57 -27.66 -15.52
CA LEU B 77 4.80 -28.43 -16.73
C LEU B 77 3.78 -28.25 -17.86
N GLU B 78 2.84 -27.30 -17.67
CA GLU B 78 1.82 -26.96 -18.65
C GLU B 78 2.27 -25.70 -19.40
N ASN B 79 2.89 -24.77 -18.66
CA ASN B 79 3.43 -23.52 -19.23
C ASN B 79 4.87 -23.72 -19.54
N LEU B 80 5.65 -24.08 -18.49
CA LEU B 80 7.09 -24.26 -18.64
C LEU B 80 7.48 -25.16 -19.75
N GLY B 81 6.61 -26.12 -20.07
CA GLY B 81 6.90 -27.05 -21.17
C GLY B 81 6.10 -26.95 -22.47
N LYS B 82 5.08 -26.11 -22.53
CA LYS B 82 4.29 -25.99 -23.77
C LYS B 82 5.12 -25.24 -24.85
N LYS B 83 4.81 -25.45 -26.14
CA LYS B 83 5.57 -24.80 -27.26
C LYS B 83 5.49 -23.25 -27.26
N SER B 85 4.84 -19.71 -28.04
CA SER B 85 3.82 -19.13 -28.90
C SER B 85 3.48 -17.71 -28.40
N GLU B 86 3.56 -16.72 -29.27
CA GLU B 86 3.29 -15.35 -28.84
C GLU B 86 1.91 -15.10 -28.21
N ASP B 87 1.05 -16.12 -28.21
CA ASP B 87 -0.27 -16.00 -27.62
C ASP B 87 -0.17 -16.32 -26.14
N LEU B 88 0.96 -16.90 -25.76
CA LEU B 88 1.16 -17.25 -24.36
C LEU B 88 1.28 -16.00 -23.53
N PRO B 89 0.52 -15.92 -22.42
CA PRO B 89 0.55 -14.73 -21.54
C PRO B 89 1.99 -14.34 -21.14
N TYR B 90 2.26 -13.04 -21.27
CA TYR B 90 3.59 -12.51 -20.97
C TYR B 90 4.40 -13.32 -19.94
N GLU B 91 3.84 -13.55 -18.75
CA GLU B 91 4.57 -14.30 -17.74
C GLU B 91 4.94 -15.75 -18.16
N VAL B 92 4.05 -16.41 -18.89
CA VAL B 92 4.35 -17.76 -19.39
C VAL B 92 5.57 -17.63 -20.33
N ARG B 93 5.43 -16.78 -21.33
CA ARG B 93 6.48 -16.54 -22.29
C ARG B 93 7.74 -16.13 -21.53
N ARG B 94 7.56 -15.25 -20.55
CA ARG B 94 8.68 -14.74 -19.74
C ARG B 94 9.32 -15.84 -18.92
N ALA B 95 8.50 -16.54 -18.14
CA ALA B 95 8.93 -17.66 -17.28
C ALA B 95 10.04 -18.47 -17.90
N GLN B 96 9.76 -19.03 -19.09
CA GLN B 96 10.71 -19.85 -19.84
C GLN B 96 12.15 -19.36 -19.95
N GLU B 97 12.31 -18.06 -20.17
CA GLU B 97 13.63 -17.49 -20.27
C GLU B 97 14.34 -17.68 -18.92
N ILE B 98 13.55 -17.74 -17.85
CA ILE B 98 14.06 -17.95 -16.49
C ILE B 98 14.24 -19.48 -16.37
N ASN B 99 13.21 -20.21 -16.87
CA ASN B 99 13.16 -21.67 -16.96
C ASN B 99 14.38 -22.12 -17.70
N HIS B 100 14.66 -21.42 -18.80
CA HIS B 100 15.81 -21.72 -19.63
C HIS B 100 17.08 -21.09 -19.08
N LEU B 101 17.06 -19.83 -18.65
CA LEU B 101 18.27 -19.20 -18.06
C LEU B 101 18.74 -19.81 -16.75
N PHE B 102 17.88 -19.91 -15.74
CA PHE B 102 18.34 -20.49 -14.49
C PHE B 102 17.97 -21.96 -14.42
N GLY B 103 17.69 -22.52 -15.60
CA GLY B 103 17.30 -23.93 -15.72
C GLY B 103 17.85 -24.86 -16.80
N PRO B 104 17.10 -25.93 -17.09
CA PRO B 104 15.82 -26.25 -16.47
C PRO B 104 15.90 -26.81 -15.04
N LYS B 105 14.87 -26.44 -14.27
CA LYS B 105 14.67 -26.85 -12.88
C LYS B 105 14.86 -28.40 -12.83
N ASP B 106 14.72 -28.98 -11.65
CA ASP B 106 14.77 -30.44 -11.55
C ASP B 106 15.97 -31.10 -12.28
N SER B 107 16.91 -30.31 -12.78
CA SER B 107 18.09 -30.85 -13.47
C SER B 107 19.38 -30.71 -12.63
N GLU B 108 20.39 -31.56 -12.89
CA GLU B 108 21.62 -31.42 -12.12
C GLU B 108 22.19 -30.01 -12.32
N ASP B 109 22.04 -29.46 -13.52
CA ASP B 109 22.59 -28.13 -13.88
C ASP B 109 21.94 -26.87 -13.33
N SER B 110 20.63 -26.94 -13.11
CA SER B 110 19.84 -25.84 -12.60
C SER B 110 20.53 -25.16 -11.46
N TYR B 111 20.24 -23.88 -11.25
CA TYR B 111 20.89 -23.16 -10.16
C TYR B 111 20.73 -23.87 -8.82
N ASP B 112 21.67 -23.66 -7.91
CA ASP B 112 21.62 -24.32 -6.63
C ASP B 112 20.63 -23.74 -5.66
N ILE B 113 20.83 -22.46 -5.34
CA ILE B 113 19.98 -21.73 -4.41
C ILE B 113 19.47 -20.46 -5.06
N ILE B 114 18.17 -20.20 -4.97
CA ILE B 114 17.62 -18.95 -5.49
C ILE B 114 16.81 -18.26 -4.38
N PHE B 115 17.07 -16.98 -4.19
CA PHE B 115 16.34 -16.18 -3.23
C PHE B 115 15.30 -15.37 -4.05
N ASP B 116 14.00 -15.55 -3.78
CA ASP B 116 12.92 -14.85 -4.48
C ASP B 116 12.45 -13.75 -3.51
N LEU B 117 12.82 -12.48 -3.72
CA LEU B 117 12.37 -11.38 -2.81
C LEU B 117 10.90 -10.88 -3.05
N HIS B 118 10.18 -10.61 -1.96
CA HIS B 118 8.80 -10.15 -2.02
C HIS B 118 8.47 -9.20 -0.85
N ASN B 119 7.31 -8.56 -0.91
CA ASN B 119 6.82 -7.64 0.12
C ASN B 119 5.37 -8.00 0.50
N THR B 120 4.93 -7.58 1.67
CA THR B 120 3.57 -7.86 2.07
C THR B 120 3.04 -6.57 2.66
N THR B 121 1.73 -6.34 2.55
CA THR B 121 1.17 -5.14 3.17
C THR B 121 0.94 -5.50 4.64
N SER B 122 0.87 -6.78 4.97
CA SER B 122 0.68 -7.27 6.36
C SER B 122 1.90 -7.02 7.23
N ASN B 123 1.64 -6.74 8.52
CA ASN B 123 2.74 -6.44 9.42
C ASN B 123 3.35 -7.73 9.93
N GLY B 125 6.99 -8.41 9.25
CA GLY B 125 8.42 -8.29 9.35
C GLY B 125 9.24 -9.26 8.49
N CYS B 126 10.28 -9.86 9.09
CA CYS B 126 11.14 -10.74 8.32
C CYS B 126 10.61 -12.15 8.21
N THR B 127 10.24 -12.51 6.98
CA THR B 127 9.71 -13.85 6.74
C THR B 127 10.51 -14.72 5.76
N LEU B 128 10.87 -15.93 6.21
CA LEU B 128 11.55 -16.89 5.33
C LEU B 128 10.44 -17.83 4.91
N ILE B 129 10.39 -18.24 3.65
CA ILE B 129 9.34 -19.16 3.22
C ILE B 129 9.93 -20.48 2.76
N LEU B 130 9.47 -21.55 3.40
CA LEU B 130 9.88 -22.92 3.07
C LEU B 130 8.76 -23.76 2.39
N GLU B 131 9.14 -24.53 1.37
CA GLU B 131 8.15 -25.38 0.68
C GLU B 131 8.24 -26.86 1.17
N ASP B 132 9.45 -27.42 1.16
CA ASP B 132 9.67 -28.79 1.59
C ASP B 132 10.18 -28.77 3.03
N SER B 133 9.45 -29.37 3.97
CA SER B 133 9.87 -29.38 5.39
C SER B 133 10.94 -30.44 5.67
N ARG B 134 11.14 -31.32 4.70
CA ARG B 134 12.19 -32.33 4.78
C ARG B 134 13.30 -31.61 3.99
N ASN B 135 14.17 -30.86 4.68
CA ASN B 135 15.26 -30.16 4.01
C ASN B 135 16.26 -29.61 5.04
N ASN B 136 17.13 -30.46 5.56
CA ASN B 136 18.08 -30.03 6.56
C ASN B 136 18.88 -28.79 6.16
N PHE B 137 19.54 -28.82 5.01
CA PHE B 137 20.32 -27.67 4.57
C PHE B 137 19.55 -26.37 4.78
N LEU B 138 18.35 -26.25 4.18
CA LEU B 138 17.52 -25.02 4.32
C LEU B 138 17.10 -24.70 5.74
N ILE B 139 16.67 -25.74 6.47
CA ILE B 139 16.25 -25.59 7.86
C ILE B 139 17.38 -25.03 8.70
N GLN B 140 18.55 -25.61 8.47
CA GLN B 140 19.76 -25.19 9.14
C GLN B 140 20.15 -23.78 8.67
N PHE B 142 18.19 -21.21 7.61
CA PHE B 142 17.27 -20.24 8.22
C PHE B 142 17.61 -19.99 9.69
N HIS B 143 17.83 -21.09 10.42
CA HIS B 143 18.19 -21.03 11.84
C HIS B 143 19.33 -20.00 12.05
N TYR B 144 20.37 -20.12 11.22
CA TYR B 144 21.50 -19.18 11.30
C TYR B 144 21.09 -17.70 11.01
N ILE B 145 20.11 -17.50 10.11
CA ILE B 145 19.65 -16.16 9.78
C ILE B 145 18.95 -15.60 11.02
N LYS B 146 18.00 -16.38 11.54
CA LYS B 146 17.25 -15.98 12.75
C LYS B 146 18.26 -15.58 13.85
N THR B 147 19.17 -16.51 14.11
CA THR B 147 20.24 -16.34 15.10
C THR B 147 21.13 -15.14 14.84
N SER B 148 21.31 -14.78 13.57
CA SER B 148 22.11 -13.61 13.23
C SER B 148 21.32 -12.33 13.47
N LEU B 149 20.05 -12.29 13.02
CA LEU B 149 19.23 -11.09 13.23
C LEU B 149 18.67 -11.04 14.67
N ALA B 150 18.85 -12.13 15.43
CA ALA B 150 18.35 -12.19 16.82
C ALA B 150 18.69 -10.90 17.56
N PRO B 151 17.89 -10.52 18.55
CA PRO B 151 16.68 -11.12 19.10
C PRO B 151 15.51 -10.83 18.14
N LEU B 152 15.84 -10.13 17.05
CA LEU B 152 14.87 -9.73 16.04
C LEU B 152 14.19 -10.92 15.37
N PRO B 153 12.84 -10.96 15.41
CA PRO B 153 11.99 -12.00 14.83
C PRO B 153 12.31 -12.12 13.36
N CYS B 154 12.39 -13.34 12.86
CA CYS B 154 12.64 -13.57 11.47
C CYS B 154 11.86 -14.84 11.39
N TYR B 155 10.53 -14.72 11.35
CA TYR B 155 9.58 -15.83 11.29
C TYR B 155 9.74 -16.66 10.02
N VAL B 156 9.43 -17.94 10.12
CA VAL B 156 9.51 -18.90 9.00
C VAL B 156 8.13 -19.45 8.68
N TYR B 157 7.66 -19.23 7.44
CA TYR B 157 6.35 -19.70 6.98
C TYR B 157 6.49 -20.97 6.09
N LEU B 158 5.67 -22.01 6.32
CA LEU B 158 5.74 -23.27 5.54
C LEU B 158 4.64 -23.56 4.49
N ILE B 159 5.07 -23.97 3.29
CA ILE B 159 4.08 -24.31 2.27
C ILE B 159 4.08 -25.83 2.13
N GLU B 160 3.42 -26.52 3.06
CA GLU B 160 3.39 -27.98 3.05
C GLU B 160 2.36 -28.47 2.09
N HIS B 161 2.68 -29.58 1.46
CA HIS B 161 1.85 -30.26 0.48
C HIS B 161 1.96 -31.79 0.62
N PRO B 162 0.88 -32.48 1.08
CA PRO B 162 1.10 -33.94 1.13
C PRO B 162 1.35 -34.38 -0.36
N SER B 163 1.01 -33.47 -1.27
CA SER B 163 1.16 -33.61 -2.74
C SER B 163 2.59 -33.25 -3.14
N LEU B 164 3.03 -32.10 -2.65
CA LEU B 164 4.34 -31.52 -2.88
C LEU B 164 4.62 -30.69 -4.15
N LYS B 165 3.61 -30.33 -4.92
CA LYS B 165 3.88 -29.51 -6.10
C LYS B 165 3.98 -28.00 -5.70
N TYR B 166 5.11 -27.39 -6.05
CA TYR B 166 5.38 -25.97 -5.77
C TYR B 166 5.79 -25.21 -7.05
N ALA B 167 4.94 -24.28 -7.54
CA ALA B 167 5.24 -23.55 -8.78
C ALA B 167 5.70 -22.11 -8.60
N THR B 168 6.39 -21.82 -7.51
CA THR B 168 6.85 -20.48 -7.29
C THR B 168 7.82 -20.11 -8.42
N THR B 169 8.59 -19.03 -8.24
CA THR B 169 9.57 -18.61 -9.24
C THR B 169 10.87 -19.19 -8.72
N ARG B 170 11.03 -19.17 -7.40
CA ARG B 170 12.24 -19.71 -6.79
C ARG B 170 12.28 -21.23 -6.95
N SER B 171 11.12 -21.83 -7.18
CA SER B 171 11.08 -23.28 -7.30
C SER B 171 12.20 -23.88 -8.17
N ILE B 172 12.67 -23.14 -9.18
CA ILE B 172 13.76 -23.57 -10.07
C ILE B 172 14.98 -24.16 -9.34
N ALA B 173 15.44 -23.43 -8.33
CA ALA B 173 16.58 -23.82 -7.54
C ALA B 173 16.43 -25.20 -6.88
N LYS B 174 17.58 -25.81 -6.55
CA LYS B 174 17.62 -27.09 -5.84
C LYS B 174 17.24 -26.80 -4.39
N TYR B 175 17.41 -25.53 -4.02
CA TYR B 175 17.13 -25.03 -2.70
C TYR B 175 16.51 -23.65 -2.77
N PRO B 176 15.19 -23.57 -2.96
CA PRO B 176 14.43 -22.30 -3.07
C PRO B 176 14.29 -21.60 -1.71
N VAL B 177 14.47 -20.29 -1.70
CA VAL B 177 14.33 -19.55 -0.45
C VAL B 177 13.51 -18.29 -0.66
N GLY B 178 12.40 -18.18 0.08
CA GLY B 178 11.55 -17.00 -0.02
C GLY B 178 11.94 -16.00 1.06
N ILE B 179 12.21 -14.76 0.68
CA ILE B 179 12.52 -13.73 1.67
C ILE B 179 11.49 -12.62 1.49
N GLU B 180 10.49 -12.57 2.38
CA GLU B 180 9.43 -11.57 2.34
C GLU B 180 9.51 -10.65 3.57
N VAL B 181 9.12 -9.40 3.40
CA VAL B 181 9.17 -8.47 4.51
C VAL B 181 8.06 -7.43 4.47
N GLY B 182 7.55 -7.10 5.65
CA GLY B 182 6.47 -6.15 5.77
C GLY B 182 6.46 -5.41 7.10
N PRO B 183 5.46 -4.58 7.32
CA PRO B 183 4.39 -4.37 6.33
C PRO B 183 4.80 -3.29 5.38
N GLN B 184 4.39 -3.36 4.11
CA GLN B 184 4.70 -2.24 3.26
C GLN B 184 3.71 -2.06 2.12
N PRO B 185 3.30 -0.80 1.81
CA PRO B 185 2.35 -0.63 0.69
C PRO B 185 3.03 -0.84 -0.66
N GLN B 186 2.27 -1.33 -1.63
CA GLN B 186 2.83 -1.57 -2.94
C GLN B 186 3.41 -0.29 -3.54
N GLY B 187 4.14 -0.41 -4.63
CA GLY B 187 4.71 0.78 -5.20
C GLY B 187 5.28 1.75 -4.18
N VAL B 188 5.66 1.28 -3.00
CA VAL B 188 6.24 2.21 -1.99
C VAL B 188 7.52 1.66 -1.44
N LEU B 189 8.56 2.49 -1.37
CA LEU B 189 9.84 2.03 -0.86
C LEU B 189 10.25 2.66 0.47
N ARG B 190 10.19 1.86 1.54
CA ARG B 190 10.57 2.34 2.89
C ARG B 190 12.06 2.00 3.19
N ALA B 191 12.80 2.97 3.72
CA ALA B 191 14.19 2.78 4.07
C ALA B 191 14.36 1.59 5.03
N ASP B 192 13.55 1.53 6.10
CA ASP B 192 13.62 0.43 7.09
C ASP B 192 13.37 -1.01 6.56
N ILE B 193 12.25 -1.19 5.87
CA ILE B 193 11.90 -2.48 5.25
C ILE B 193 13.12 -2.96 4.45
N LEU B 194 13.79 -2.01 3.81
CA LEU B 194 14.96 -2.27 2.95
C LEU B 194 16.16 -2.75 3.79
N ASP B 195 16.35 -2.13 4.95
CA ASP B 195 17.46 -2.53 5.79
C ASP B 195 17.27 -3.96 6.40
N GLN B 196 16.01 -4.31 6.69
CA GLN B 196 15.70 -5.61 7.23
C GLN B 196 16.11 -6.66 6.19
N ARG B 198 17.95 -6.24 3.65
CA ARG B 198 19.37 -6.05 3.36
C ARG B 198 20.16 -6.98 4.29
N LYS B 199 19.73 -7.04 5.56
CA LYS B 199 20.37 -7.87 6.57
C LYS B 199 20.05 -9.37 6.43
N ILE B 201 19.52 -11.00 3.68
CA ILE B 201 20.35 -11.44 2.57
C ILE B 201 21.80 -11.58 3.06
N LYS B 202 22.32 -10.55 3.75
CA LYS B 202 23.70 -10.61 4.27
C LYS B 202 23.95 -11.94 5.00
N HIS B 203 23.16 -12.21 6.02
CA HIS B 203 23.33 -13.44 6.76
C HIS B 203 23.18 -14.70 5.93
N ALA B 204 22.11 -14.76 5.14
CA ALA B 204 21.90 -15.90 4.30
C ALA B 204 23.21 -16.22 3.53
N LEU B 205 23.81 -15.22 2.85
CA LEU B 205 25.06 -15.46 2.11
C LEU B 205 26.21 -15.88 3.06
N ASP B 206 26.28 -15.23 4.23
CA ASP B 206 27.32 -15.53 5.21
C ASP B 206 27.26 -17.02 5.53
N PHE B 207 26.03 -17.53 5.66
CA PHE B 207 25.82 -18.95 5.94
C PHE B 207 26.40 -19.80 4.83
N ILE B 208 25.87 -19.67 3.61
CA ILE B 208 26.37 -20.44 2.47
C ILE B 208 27.89 -20.42 2.52
N HIS B 209 28.43 -19.28 2.95
CA HIS B 209 29.87 -19.18 3.07
C HIS B 209 30.45 -20.18 4.10
N HIS B 210 30.03 -20.01 5.36
CA HIS B 210 30.49 -20.83 6.49
C HIS B 210 30.29 -22.35 6.28
N PHE B 211 29.31 -22.70 5.47
CA PHE B 211 29.00 -24.08 5.14
C PHE B 211 30.10 -24.57 4.19
N ASN B 212 30.32 -23.74 3.16
CA ASN B 212 31.32 -23.98 2.13
C ASN B 212 32.76 -23.95 2.66
N GLU B 213 32.89 -23.78 3.97
CA GLU B 213 34.19 -23.76 4.60
C GLU B 213 34.46 -25.17 5.12
N GLY B 214 33.38 -25.96 5.28
CA GLY B 214 33.51 -27.33 5.73
C GLY B 214 32.98 -27.73 7.09
N LYS B 215 32.84 -26.80 8.02
CA LYS B 215 32.32 -27.14 9.34
C LYS B 215 30.98 -27.91 9.26
N GLU B 216 30.71 -28.74 10.27
CA GLU B 216 29.48 -29.50 10.30
C GLU B 216 28.53 -28.76 11.25
N PHE B 217 27.31 -28.47 10.78
CA PHE B 217 26.36 -27.79 11.66
C PHE B 217 25.67 -28.80 12.56
N PRO B 218 25.68 -28.55 13.88
CA PRO B 218 25.04 -29.44 14.84
C PRO B 218 23.54 -29.46 14.70
N PRO B 219 22.90 -30.53 15.18
CA PRO B 219 21.42 -30.61 15.08
C PRO B 219 20.90 -29.31 15.63
N CYS B 220 19.84 -28.78 15.00
CA CYS B 220 19.20 -27.51 15.42
C CYS B 220 17.69 -27.59 15.31
N ALA B 221 17.04 -26.46 15.59
CA ALA B 221 15.60 -26.44 15.49
C ALA B 221 15.02 -25.04 15.24
N ILE B 222 13.91 -24.98 14.51
CA ILE B 222 13.25 -23.70 14.27
C ILE B 222 11.73 -23.79 14.38
N GLU B 223 11.07 -22.64 14.55
CA GLU B 223 9.62 -22.63 14.60
C GLU B 223 9.17 -22.33 13.17
N VAL B 224 8.11 -23.01 12.73
CA VAL B 224 7.58 -22.79 11.40
C VAL B 224 6.06 -22.73 11.53
N TYR B 225 5.42 -21.63 11.13
CA TYR B 225 3.96 -21.57 11.25
C TYR B 225 3.34 -22.25 9.99
N LYS B 226 2.52 -23.29 10.20
CA LYS B 226 1.91 -24.05 9.09
C LYS B 226 0.48 -23.62 8.78
N ILE B 227 0.26 -23.30 7.51
CA ILE B 227 -1.02 -22.87 7.01
C ILE B 227 -1.96 -24.05 6.76
N ILE B 228 -3.18 -23.96 7.31
CA ILE B 228 -4.20 -24.99 7.19
C ILE B 228 -5.28 -24.57 6.20
N GLU B 229 -5.81 -23.35 6.33
CA GLU B 229 -6.85 -22.88 5.39
C GLU B 229 -6.94 -21.38 5.20
N LYS B 230 -7.23 -20.95 3.97
CA LYS B 230 -7.43 -19.52 3.70
C LYS B 230 -8.75 -19.09 4.38
N VAL B 231 -8.79 -17.92 5.02
CA VAL B 231 -10.04 -17.43 5.65
C VAL B 231 -10.42 -16.10 5.00
N ASP B 232 -11.60 -16.02 4.38
CA ASP B 232 -12.04 -14.77 3.72
C ASP B 232 -12.82 -13.69 4.54
N TYR B 233 -12.86 -12.46 4.00
CA TYR B 233 -13.54 -11.31 4.63
C TYR B 233 -15.06 -11.43 4.44
N PRO B 234 -15.79 -12.00 5.43
CA PRO B 234 -17.26 -12.21 5.47
C PRO B 234 -18.11 -11.43 4.45
N ARG B 235 -18.49 -12.08 3.35
CA ARG B 235 -19.28 -11.43 2.29
C ARG B 235 -20.72 -11.07 2.73
N ASP B 236 -21.55 -10.57 1.80
CA ASP B 236 -22.93 -10.21 2.13
C ASP B 236 -23.98 -10.80 1.18
N GLU B 237 -25.20 -10.22 1.20
CA GLU B 237 -26.29 -10.69 0.32
C GLU B 237 -26.23 -9.96 -1.02
N ASN B 238 -25.12 -10.15 -1.73
CA ASN B 238 -24.86 -9.57 -3.04
C ASN B 238 -23.49 -10.08 -3.41
N GLY B 239 -22.82 -10.63 -2.41
CA GLY B 239 -21.48 -11.16 -2.61
C GLY B 239 -20.44 -10.14 -2.25
N GLU B 240 -20.89 -8.97 -1.76
CA GLU B 240 -19.98 -7.87 -1.39
C GLU B 240 -19.48 -7.98 0.06
N ILE B 241 -18.17 -7.81 0.25
CA ILE B 241 -17.62 -7.87 1.59
C ILE B 241 -18.46 -7.08 2.60
N ALA B 242 -18.94 -7.81 3.60
CA ALA B 242 -19.77 -7.26 4.67
C ALA B 242 -19.05 -7.08 6.02
N ALA B 243 -17.83 -7.61 6.13
CA ALA B 243 -17.07 -7.51 7.36
C ALA B 243 -15.56 -7.38 7.07
N ILE B 244 -14.90 -6.47 7.78
CA ILE B 244 -13.48 -6.26 7.58
C ILE B 244 -12.66 -6.80 8.77
N ILE B 245 -11.35 -7.02 8.61
CA ILE B 245 -10.54 -7.52 9.72
C ILE B 245 -10.85 -6.75 11.03
N HIS B 246 -11.01 -7.44 12.15
CA HIS B 246 -11.33 -6.67 13.34
C HIS B 246 -10.20 -5.75 13.66
N PRO B 247 -10.44 -4.67 14.41
CA PRO B 247 -9.25 -3.84 14.63
C PRO B 247 -8.08 -4.46 15.35
N ASN B 248 -8.35 -5.00 16.54
CA ASN B 248 -7.35 -5.61 17.41
C ASN B 248 -6.46 -6.66 16.82
N LEU B 249 -6.95 -7.30 15.74
CA LEU B 249 -6.28 -8.33 14.99
C LEU B 249 -5.29 -7.72 13.99
N GLN B 250 -5.70 -6.59 13.40
CA GLN B 250 -4.88 -5.88 12.42
C GLN B 250 -3.52 -5.65 13.03
N ASP B 251 -2.50 -6.01 12.24
CA ASP B 251 -1.09 -5.86 12.60
C ASP B 251 -0.56 -6.92 13.56
N GLN B 252 -1.42 -7.90 13.89
CA GLN B 252 -1.06 -8.99 14.81
C GLN B 252 -0.78 -10.34 14.15
N ASP B 253 -0.12 -10.33 13.00
CA ASP B 253 0.26 -11.57 12.31
C ASP B 253 1.17 -12.28 13.31
N TRP B 254 1.22 -13.61 13.19
CA TRP B 254 2.09 -14.47 14.03
C TRP B 254 1.71 -14.62 15.50
N LYS B 255 0.86 -13.71 16.01
CA LYS B 255 0.43 -13.76 17.42
C LYS B 255 -0.85 -14.59 17.52
N PRO B 256 -1.02 -15.30 18.65
CA PRO B 256 -2.10 -16.20 19.07
C PRO B 256 -3.57 -15.83 18.85
N LEU B 257 -4.33 -16.72 18.22
CA LEU B 257 -5.74 -16.44 17.99
C LEU B 257 -6.66 -17.59 18.39
N HIS B 258 -7.36 -17.40 19.51
CA HIS B 258 -8.29 -18.39 20.06
C HIS B 258 -9.69 -18.26 19.43
N PRO B 259 -10.50 -19.33 19.55
CA PRO B 259 -11.88 -19.49 19.04
C PRO B 259 -12.93 -18.36 19.11
N GLY B 260 -12.94 -17.58 20.17
CA GLY B 260 -13.94 -16.54 20.20
C GLY B 260 -13.39 -15.14 20.28
N ASP B 261 -12.20 -14.94 19.73
CA ASP B 261 -11.59 -13.63 19.79
C ASP B 261 -11.93 -12.80 18.56
N PRO B 262 -11.80 -11.47 18.65
CA PRO B 262 -12.16 -10.69 17.47
C PRO B 262 -11.36 -11.02 16.22
N PHE B 264 -13.41 -10.30 12.99
CA PHE B 264 -14.05 -9.35 12.07
C PHE B 264 -14.93 -8.38 12.84
N LEU B 265 -15.07 -7.18 12.27
CA LEU B 265 -15.89 -6.08 12.81
C LEU B 265 -16.84 -5.61 11.68
N THR B 266 -18.07 -5.26 12.06
CA THR B 266 -19.07 -4.80 11.06
C THR B 266 -19.41 -3.34 11.22
N LEU B 267 -20.09 -2.77 10.21
CA LEU B 267 -20.52 -1.38 10.30
C LEU B 267 -21.51 -1.24 11.48
N ASP B 268 -22.46 -2.16 11.60
CA ASP B 268 -23.42 -2.09 12.73
C ASP B 268 -22.65 -2.43 14.02
N GLY B 269 -21.33 -2.29 13.91
CA GLY B 269 -20.43 -2.53 15.03
C GLY B 269 -20.21 -3.91 15.62
N LYS B 270 -20.84 -4.97 15.10
CA LYS B 270 -20.64 -6.28 15.73
C LYS B 270 -19.36 -7.01 15.29
N THR B 271 -18.88 -7.88 16.19
CA THR B 271 -17.67 -8.68 15.95
C THR B 271 -18.07 -10.08 15.48
N ILE B 272 -17.28 -10.62 14.56
CA ILE B 272 -17.53 -11.96 14.07
C ILE B 272 -16.33 -12.75 14.51
N PRO B 273 -16.55 -13.71 15.41
CA PRO B 273 -15.54 -14.58 15.99
C PRO B 273 -15.02 -15.73 15.14
N LEU B 274 -13.87 -16.23 15.59
CA LEU B 274 -13.13 -17.31 14.94
C LEU B 274 -13.75 -18.74 14.74
N GLY B 275 -14.05 -19.42 15.85
CA GLY B 275 -14.59 -20.76 15.76
C GLY B 275 -13.52 -21.80 15.99
N GLY B 276 -13.89 -23.06 15.78
CA GLY B 276 -12.94 -24.15 16.00
C GLY B 276 -12.66 -24.31 17.49
N ASP B 277 -11.87 -25.31 17.89
CA ASP B 277 -11.60 -25.51 19.30
C ASP B 277 -10.10 -25.50 19.56
N CYS B 278 -9.40 -24.55 18.94
CA CYS B 278 -7.96 -24.44 19.11
C CYS B 278 -7.39 -23.07 18.71
N THR B 279 -6.10 -22.92 18.99
CA THR B 279 -5.35 -21.71 18.71
C THR B 279 -4.79 -21.65 17.30
N VAL B 280 -4.94 -20.49 16.69
CA VAL B 280 -4.46 -20.31 15.33
C VAL B 280 -3.59 -19.06 15.28
N TYR B 281 -2.78 -18.94 14.25
CA TYR B 281 -1.90 -17.79 14.12
C TYR B 281 -2.04 -17.25 12.72
N PRO B 282 -2.79 -16.16 12.58
CA PRO B 282 -2.98 -15.58 11.25
C PRO B 282 -1.77 -14.84 10.73
N VAL B 283 -1.46 -15.07 9.45
CA VAL B 283 -0.37 -14.37 8.79
C VAL B 283 -1.04 -13.79 7.54
N PHE B 284 -0.40 -12.78 6.95
CA PHE B 284 -0.96 -12.18 5.76
C PHE B 284 -2.30 -11.54 6.09
N VAL B 285 -2.42 -11.09 7.35
CA VAL B 285 -3.58 -10.42 7.87
C VAL B 285 -3.78 -9.10 7.14
N ASN B 286 -4.63 -9.14 6.13
CA ASN B 286 -5.04 -7.99 5.33
C ASN B 286 -4.05 -7.61 4.25
N GLU B 287 -3.66 -8.58 3.44
CA GLU B 287 -2.72 -8.32 2.34
C GLU B 287 -3.48 -7.86 1.08
N ALA B 288 -2.99 -6.79 0.44
CA ALA B 288 -3.66 -6.29 -0.76
C ALA B 288 -3.92 -7.37 -1.79
N ALA B 289 -2.92 -8.17 -2.11
CA ALA B 289 -3.05 -9.22 -3.10
C ALA B 289 -4.03 -10.33 -2.73
N TYR B 290 -4.59 -10.29 -1.52
CA TYR B 290 -5.47 -11.36 -1.18
C TYR B 290 -6.98 -11.11 -1.14
N TYR B 291 -7.43 -9.89 -1.45
CA TYR B 291 -8.87 -9.64 -1.48
C TYR B 291 -9.48 -10.46 -2.61
N GLU B 292 -9.10 -10.13 -3.83
CA GLU B 292 -9.64 -10.87 -4.97
C GLU B 292 -9.42 -12.36 -4.70
N LYS B 293 -8.18 -12.82 -4.89
CA LYS B 293 -7.80 -14.22 -4.66
C LYS B 293 -8.13 -14.63 -3.22
N LYS B 294 -9.41 -14.42 -2.85
CA LYS B 294 -9.97 -14.66 -1.50
C LYS B 294 -8.97 -15.07 -0.39
N GLU B 295 -9.03 -14.34 0.74
CA GLU B 295 -8.17 -14.55 1.89
C GLU B 295 -8.09 -13.30 2.77
N ALA B 296 -8.97 -13.20 3.76
CA ALA B 296 -8.92 -12.08 4.67
C ALA B 296 -7.63 -12.25 5.44
N PHE B 297 -7.19 -13.50 5.61
CA PHE B 297 -5.94 -13.82 6.31
C PHE B 297 -5.67 -15.32 6.21
N ALA B 298 -4.49 -15.78 6.60
CA ALA B 298 -4.17 -17.21 6.60
C ALA B 298 -4.35 -17.84 8.01
N LYS B 299 -4.87 -19.06 8.05
CA LYS B 299 -5.08 -19.77 9.31
C LYS B 299 -3.95 -20.81 9.36
N THR B 300 -3.08 -20.67 10.35
CA THR B 300 -1.93 -21.59 10.47
C THR B 300 -1.75 -22.27 11.81
N THR B 301 -1.13 -23.45 11.77
CA THR B 301 -0.80 -24.24 12.97
C THR B 301 0.70 -24.14 13.19
N LYS B 302 1.11 -23.88 14.44
CA LYS B 302 2.55 -23.74 14.66
C LYS B 302 3.20 -25.09 14.97
N LEU B 303 4.29 -25.40 14.27
CA LEU B 303 4.97 -26.65 14.50
C LEU B 303 6.50 -26.53 14.53
N THR B 304 7.16 -27.55 15.08
CA THR B 304 8.63 -27.52 15.14
C THR B 304 9.32 -28.43 14.16
N LEU B 305 10.26 -27.90 13.41
CA LEU B 305 10.97 -28.73 12.48
C LEU B 305 12.34 -28.97 13.16
N ASN B 306 12.76 -30.23 13.12
CA ASN B 306 14.05 -30.63 13.69
C ASN B 306 14.94 -31.06 12.55
N ALA B 307 16.09 -30.42 12.38
CA ALA B 307 17.00 -30.84 11.31
C ALA B 307 18.13 -31.70 11.81
N LYS B 308 18.76 -32.42 10.88
CA LYS B 308 19.94 -33.25 11.16
C LYS B 308 21.14 -32.38 10.81
N SER B 309 22.24 -32.61 11.52
CA SER B 309 23.47 -31.87 11.31
C SER B 309 23.86 -32.05 9.88
N ILE B 310 24.44 -31.03 9.26
CA ILE B 310 24.86 -31.12 7.87
C ILE B 310 26.34 -30.77 7.84
N ARG B 311 27.07 -31.36 6.89
CA ARG B 311 28.50 -31.09 6.79
C ARG B 311 28.89 -30.83 5.35
N CYS B 312 29.54 -29.72 5.06
CA CYS B 312 29.92 -29.51 3.66
C CYS B 312 31.18 -30.30 3.33
N GLU A 11 -27.63 31.70 0.96
CA GLU A 11 -28.34 31.86 2.27
C GLU A 11 -28.66 30.48 2.81
N HIS A 12 -28.83 29.50 1.93
CA HIS A 12 -29.18 28.15 2.38
C HIS A 12 -28.52 26.94 1.70
N ILE A 13 -27.61 26.27 2.42
CA ILE A 13 -26.88 25.08 1.95
C ILE A 13 -27.82 23.97 1.48
N GLN A 14 -28.12 23.99 0.19
CA GLN A 14 -29.04 23.06 -0.45
C GLN A 14 -28.48 21.69 -0.79
N LYS A 15 -28.07 21.51 -2.05
CA LYS A 15 -27.55 20.26 -2.57
C LYS A 15 -26.13 19.91 -2.03
N VAL A 16 -26.08 18.82 -1.25
CA VAL A 16 -24.85 18.34 -0.61
C VAL A 16 -24.51 16.88 -0.92
N ALA A 17 -23.35 16.67 -1.54
CA ALA A 17 -22.90 15.31 -1.89
C ALA A 17 -21.52 14.97 -1.33
N ILE A 18 -21.28 13.67 -1.25
CA ILE A 18 -19.98 13.15 -0.82
C ILE A 18 -19.65 12.02 -1.80
N PHE A 19 -18.58 12.21 -2.58
CA PHE A 19 -18.15 11.17 -3.52
C PHE A 19 -17.16 10.26 -2.82
N GLY A 20 -17.27 8.96 -3.14
CA GLY A 20 -16.36 7.95 -2.62
C GLY A 20 -15.94 7.12 -3.84
N GLY A 21 -14.64 6.86 -3.99
CA GLY A 21 -14.20 6.08 -5.13
C GLY A 21 -13.65 6.93 -6.26
N THR A 22 -13.35 8.21 -5.98
CA THR A 22 -12.76 9.03 -7.03
C THR A 22 -11.55 8.24 -7.57
N HIS A 23 -10.86 7.53 -6.68
CA HIS A 23 -9.76 6.62 -7.08
C HIS A 23 -10.22 5.24 -6.62
N GLY A 24 -10.36 4.33 -7.58
CA GLY A 24 -10.84 2.99 -7.33
C GLY A 24 -10.15 2.07 -6.34
N ASN A 25 -8.91 2.33 -6.00
CA ASN A 25 -8.25 1.46 -5.07
C ASN A 25 -8.15 1.99 -3.65
N GLU A 26 -8.53 3.25 -3.43
CA GLU A 26 -8.54 3.81 -2.05
C GLU A 26 -9.83 3.17 -1.43
N LEU A 27 -9.74 2.41 -0.32
CA LEU A 27 -10.99 1.75 0.04
C LEU A 27 -11.91 2.26 1.11
N THR A 28 -11.49 3.22 1.92
CA THR A 28 -12.38 3.65 2.97
C THR A 28 -13.76 4.10 2.47
N GLY A 29 -13.80 5.08 1.58
CA GLY A 29 -15.09 5.55 1.09
C GLY A 29 -15.82 4.75 0.01
N VAL A 30 -15.09 3.97 -0.77
CA VAL A 30 -15.68 3.16 -1.81
C VAL A 30 -16.57 2.16 -1.14
N PHE A 31 -16.30 1.99 0.15
CA PHE A 31 -16.95 1.07 1.08
C PHE A 31 -18.20 1.70 1.78
N LEU A 32 -18.01 2.84 2.44
CA LEU A 32 -19.07 3.58 3.11
C LEU A 32 -20.10 4.07 2.08
N VAL A 33 -19.63 4.51 0.92
CA VAL A 33 -20.55 5.02 -0.09
C VAL A 33 -21.46 3.88 -0.55
N LYS A 34 -20.96 2.67 -0.42
CA LYS A 34 -21.74 1.50 -0.77
C LYS A 34 -22.61 1.02 0.40
N HIS A 35 -22.16 1.24 1.63
CA HIS A 35 -22.95 0.86 2.81
C HIS A 35 -24.11 1.87 2.98
N TRP A 36 -23.88 3.09 2.49
CA TRP A 36 -24.84 4.17 2.58
C TRP A 36 -25.82 4.16 1.42
N LEU A 37 -25.36 3.73 0.25
CA LEU A 37 -26.24 3.62 -0.87
C LEU A 37 -27.15 2.45 -0.46
N GLU A 38 -27.27 2.22 0.85
CA GLU A 38 -28.10 1.15 1.37
C GLU A 38 -28.60 1.40 2.79
N ASN A 39 -27.72 1.85 3.68
CA ASN A 39 -28.08 2.16 5.07
C ASN A 39 -27.70 3.64 5.28
N GLY A 40 -28.36 4.49 4.50
CA GLY A 40 -28.11 5.93 4.51
C GLY A 40 -28.48 6.64 5.79
N ALA A 41 -28.99 5.87 6.74
CA ALA A 41 -29.37 6.40 8.04
C ALA A 41 -28.30 7.35 8.58
N GLU A 42 -27.02 6.91 8.56
CA GLU A 42 -25.91 7.73 9.05
C GLU A 42 -25.70 9.00 8.23
N ILE A 43 -25.95 8.91 6.93
CA ILE A 43 -25.73 10.07 6.05
C ILE A 43 -26.94 10.78 5.48
N GLN A 44 -28.10 10.57 6.08
CA GLN A 44 -29.32 11.22 5.60
C GLN A 44 -29.78 12.14 6.72
N ARG A 45 -29.98 13.43 6.42
CA ARG A 45 -30.44 14.40 7.42
C ARG A 45 -31.82 14.94 7.02
N THR A 46 -32.45 15.83 7.80
CA THR A 46 -33.78 16.39 7.37
C THR A 46 -33.59 17.80 6.81
N GLY A 47 -33.89 18.00 5.53
CA GLY A 47 -33.71 19.33 4.98
C GLY A 47 -32.36 19.51 4.32
N LEU A 48 -31.61 18.42 4.31
CA LEU A 48 -30.31 18.33 3.72
C LEU A 48 -30.52 16.99 3.05
N GLU A 49 -30.67 17.02 1.74
CA GLU A 49 -30.84 15.80 0.99
C GLU A 49 -29.39 15.60 0.57
N VAL A 50 -28.82 14.49 1.06
CA VAL A 50 -27.42 14.09 0.84
C VAL A 50 -27.27 12.70 0.20
N LYS A 51 -26.76 12.67 -1.04
CA LYS A 51 -26.63 11.42 -1.82
C LYS A 51 -25.23 10.83 -2.11
N PRO A 52 -25.05 9.51 -1.92
CA PRO A 52 -23.77 8.86 -2.20
C PRO A 52 -23.74 8.58 -3.70
N PHE A 53 -22.58 8.21 -4.23
CA PHE A 53 -22.43 7.99 -5.67
C PHE A 53 -20.98 7.57 -5.98
N ILE A 54 -20.78 6.50 -6.77
CA ILE A 54 -19.38 6.19 -7.12
C ILE A 54 -18.94 6.93 -8.41
N THR A 55 -17.98 7.85 -8.27
CA THR A 55 -17.49 8.65 -9.41
C THR A 55 -16.66 7.91 -10.46
N ASN A 56 -15.83 6.95 -10.05
CA ASN A 56 -14.98 6.22 -11.01
C ASN A 56 -15.17 4.68 -10.99
N PRO A 57 -16.30 4.18 -11.52
CA PRO A 57 -16.65 2.76 -11.55
C PRO A 57 -15.67 1.76 -12.20
N ARG A 58 -15.21 2.04 -13.41
CA ARG A 58 -14.28 1.11 -14.10
C ARG A 58 -13.18 0.56 -13.18
N ALA A 59 -12.28 1.45 -12.82
CA ALA A 59 -11.18 1.16 -11.94
C ALA A 59 -11.77 0.52 -10.70
N VAL A 60 -12.82 1.09 -10.09
CA VAL A 60 -13.36 0.46 -8.87
C VAL A 60 -13.70 -0.97 -9.20
N LYS A 61 -14.08 -1.27 -10.43
CA LYS A 61 -14.31 -2.67 -10.75
C LYS A 61 -12.92 -3.37 -10.79
N LYS A 62 -11.89 -2.66 -11.29
CA LYS A 62 -10.53 -3.21 -11.39
C LYS A 62 -9.82 -3.11 -10.05
N CYS A 63 -10.11 -2.03 -9.35
CA CYS A 63 -9.52 -1.67 -8.06
C CYS A 63 -8.17 -0.93 -8.27
N THR A 64 -8.17 0.08 -9.13
CA THR A 64 -6.96 0.85 -9.35
C THR A 64 -7.24 2.33 -9.19
N ARG A 65 -6.19 3.17 -9.30
CA ARG A 65 -6.33 4.62 -9.15
C ARG A 65 -7.30 5.04 -10.23
N TYR A 66 -7.02 4.65 -11.46
CA TYR A 66 -7.93 4.95 -12.56
C TYR A 66 -7.81 3.99 -13.79
N ILE A 67 -8.39 4.40 -14.91
CA ILE A 67 -8.34 3.60 -16.14
C ILE A 67 -7.40 4.23 -17.14
N ASP A 68 -7.55 5.54 -17.38
CA ASP A 68 -6.69 6.22 -18.32
C ASP A 68 -5.93 7.46 -17.78
N CYS A 69 -6.44 8.01 -16.67
CA CYS A 69 -5.89 9.18 -16.00
C CYS A 69 -6.80 9.63 -14.86
N ASP A 70 -6.24 10.34 -13.88
CA ASP A 70 -6.93 10.79 -12.66
C ASP A 70 -8.15 11.63 -12.87
N LEU A 71 -9.29 11.06 -12.49
CA LEU A 71 -10.60 11.73 -12.58
C LEU A 71 -10.51 13.03 -11.81
N ASN A 72 -9.55 13.06 -10.88
CA ASN A 72 -9.32 14.21 -10.00
C ASN A 72 -8.46 15.34 -10.59
N ARG A 73 -8.25 15.31 -11.91
CA ARG A 73 -7.40 16.31 -12.56
C ARG A 73 -8.00 16.90 -13.88
N ILE A 74 -9.19 16.47 -14.22
CA ILE A 74 -9.82 16.84 -15.49
C ILE A 74 -11.14 17.64 -15.52
N PHE A 75 -11.79 17.84 -14.38
CA PHE A 75 -13.04 18.59 -14.37
C PHE A 75 -12.87 20.05 -14.90
N ASP A 76 -11.73 20.32 -15.53
CA ASP A 76 -11.48 21.62 -16.07
C ASP A 76 -12.17 21.72 -17.43
N LEU A 77 -11.86 22.77 -18.19
CA LEU A 77 -12.46 23.02 -19.49
C LEU A 77 -11.88 22.32 -20.78
N GLU A 78 -10.63 21.76 -20.77
CA GLU A 78 -10.16 21.05 -21.95
C GLU A 78 -11.12 19.87 -21.94
N ASN A 79 -11.41 19.40 -20.73
CA ASN A 79 -12.27 18.25 -20.56
C ASN A 79 -13.74 18.50 -20.39
N LEU A 80 -14.11 19.26 -19.36
CA LEU A 80 -15.51 19.51 -19.11
C LEU A 80 -16.22 20.17 -20.26
N GLY A 81 -15.45 20.59 -21.27
CA GLY A 81 -16.05 21.22 -22.44
C GLY A 81 -15.83 20.59 -23.79
N LYS A 82 -15.22 19.41 -23.84
CA LYS A 82 -14.99 18.75 -25.13
C LYS A 82 -16.17 17.88 -25.51
N LYS A 83 -16.52 17.82 -26.80
CA LYS A 83 -17.70 17.02 -27.19
C LYS A 83 -17.79 15.56 -26.75
N SER A 85 -17.96 12.00 -26.56
CA SER A 85 -17.71 10.93 -27.49
C SER A 85 -17.43 9.59 -26.80
N GLU A 86 -17.84 8.55 -27.51
CA GLU A 86 -17.68 7.20 -27.03
C GLU A 86 -16.20 6.81 -27.10
N ASP A 87 -15.38 7.63 -27.74
CA ASP A 87 -13.99 7.30 -27.85
C ASP A 87 -13.05 8.08 -26.94
N LEU A 88 -13.56 9.11 -26.25
CA LEU A 88 -12.71 9.86 -25.31
C LEU A 88 -12.30 8.94 -24.13
N PRO A 89 -11.19 9.27 -23.44
CA PRO A 89 -10.74 8.46 -22.30
C PRO A 89 -11.86 8.32 -21.27
N TYR A 90 -12.09 7.09 -20.81
CA TYR A 90 -13.16 6.82 -19.86
C TYR A 90 -13.39 7.96 -18.83
N GLU A 91 -12.35 8.27 -18.05
CA GLU A 91 -12.46 9.32 -17.04
C GLU A 91 -12.98 10.66 -17.58
N VAL A 92 -12.66 11.01 -18.83
CA VAL A 92 -13.19 12.27 -19.35
C VAL A 92 -14.69 12.17 -19.77
N ARG A 93 -15.03 11.03 -20.39
CA ARG A 93 -16.41 10.81 -20.76
C ARG A 93 -17.15 10.86 -19.43
N ARG A 94 -16.39 10.70 -18.35
CA ARG A 94 -16.99 10.65 -17.04
C ARG A 94 -16.98 11.96 -16.26
N ALA A 95 -15.99 12.83 -16.49
CA ALA A 95 -15.97 14.11 -15.78
C ALA A 95 -17.12 14.94 -16.36
N GLN A 96 -17.47 14.64 -17.61
CA GLN A 96 -18.56 15.34 -18.22
C GLN A 96 -19.82 14.61 -17.78
N GLU A 97 -19.75 13.26 -17.79
CA GLU A 97 -20.87 12.41 -17.33
C GLU A 97 -21.20 12.72 -15.86
N ILE A 98 -20.25 13.28 -15.10
CA ILE A 98 -20.47 13.63 -13.69
C ILE A 98 -20.87 15.11 -13.41
N ASN A 99 -20.29 16.07 -14.13
CA ASN A 99 -20.71 17.45 -13.89
C ASN A 99 -22.16 17.76 -14.36
N HIS A 100 -22.61 17.07 -15.41
CA HIS A 100 -23.97 17.28 -15.91
C HIS A 100 -24.97 16.69 -14.89
N LEU A 101 -24.59 16.67 -13.62
CA LEU A 101 -25.44 16.09 -12.56
C LEU A 101 -25.29 16.66 -11.10
N PHE A 102 -24.11 17.10 -10.67
CA PHE A 102 -23.98 17.63 -9.29
C PHE A 102 -23.72 19.17 -9.25
N GLY A 103 -23.61 19.75 -10.44
CA GLY A 103 -23.38 21.17 -10.59
C GLY A 103 -24.51 21.70 -11.42
N PRO A 104 -24.25 22.25 -12.62
CA PRO A 104 -22.95 22.44 -13.30
C PRO A 104 -22.01 23.33 -12.51
N LYS A 105 -20.71 23.18 -12.76
CA LYS A 105 -19.67 23.97 -12.09
C LYS A 105 -19.72 25.40 -12.65
N ASP A 106 -19.40 26.37 -11.79
CA ASP A 106 -19.42 27.80 -12.15
C ASP A 106 -20.87 28.22 -12.48
N SER A 107 -21.78 27.25 -12.43
CA SER A 107 -23.18 27.43 -12.72
C SER A 107 -23.97 27.61 -11.42
N GLU A 108 -25.28 27.89 -11.54
CA GLU A 108 -26.08 28.09 -10.35
C GLU A 108 -26.83 26.83 -9.88
N ASP A 109 -26.99 25.85 -10.75
CA ASP A 109 -27.67 24.64 -10.33
C ASP A 109 -26.61 23.83 -9.55
N SER A 110 -25.42 24.40 -9.39
CA SER A 110 -24.33 23.71 -8.72
C SER A 110 -24.63 23.20 -7.31
N TYR A 111 -23.96 22.12 -6.92
CA TYR A 111 -24.13 21.58 -5.58
C TYR A 111 -23.45 22.54 -4.63
N ASP A 112 -23.94 22.55 -3.40
CA ASP A 112 -23.47 23.44 -2.34
C ASP A 112 -22.15 23.04 -1.72
N ILE A 113 -22.14 21.89 -1.06
CA ILE A 113 -20.93 21.37 -0.47
C ILE A 113 -20.88 19.89 -0.83
N ILE A 114 -19.78 19.44 -1.44
CA ILE A 114 -19.59 18.02 -1.76
C ILE A 114 -18.35 17.57 -0.98
N PHE A 115 -18.30 16.30 -0.60
CA PHE A 115 -17.12 15.75 0.11
C PHE A 115 -16.45 14.69 -0.79
N ASP A 116 -15.16 14.89 -1.09
CA ASP A 116 -14.37 13.96 -1.92
C ASP A 116 -13.45 13.15 -0.94
N LEU A 117 -13.79 11.88 -0.67
CA LEU A 117 -12.99 11.04 0.25
C LEU A 117 -11.72 10.43 -0.43
N HIS A 118 -10.58 10.59 0.23
CA HIS A 118 -9.33 10.04 -0.26
C HIS A 118 -8.43 9.40 0.82
N ASN A 119 -7.56 8.50 0.36
CA ASN A 119 -6.63 7.78 1.21
C ASN A 119 -5.22 8.12 0.80
N THR A 120 -4.29 8.06 1.75
CA THR A 120 -2.88 8.30 1.47
C THR A 120 -2.03 7.29 2.21
N THR A 121 -1.13 6.64 1.50
CA THR A 121 -0.24 5.68 2.12
C THR A 121 0.69 6.42 3.07
N SER A 122 0.60 7.75 3.07
CA SER A 122 1.38 8.59 3.97
C SER A 122 0.67 8.65 5.36
N ASN A 123 1.46 9.00 6.38
CA ASN A 123 0.97 9.06 7.75
C ASN A 123 0.58 10.43 8.35
N GLY A 125 -2.95 10.76 9.29
CA GLY A 125 -4.24 10.52 9.91
C GLY A 125 -5.39 11.19 9.22
N CYS A 126 -6.07 12.10 9.91
CA CYS A 126 -7.24 12.82 9.37
C CYS A 126 -6.82 14.16 8.78
N THR A 127 -6.86 14.26 7.45
CA THR A 127 -6.50 15.50 6.79
C THR A 127 -7.67 16.05 6.00
N LEU A 128 -7.93 17.34 6.21
CA LEU A 128 -9.02 18.03 5.54
C LEU A 128 -8.30 18.99 4.57
N ILE A 129 -8.76 19.06 3.32
CA ILE A 129 -8.11 19.92 2.33
C ILE A 129 -8.91 21.16 1.90
N LEU A 130 -8.21 22.27 1.72
CA LEU A 130 -8.82 23.52 1.34
C LEU A 130 -8.24 24.01 0.00
N GLU A 131 -9.09 24.48 -0.94
CA GLU A 131 -8.61 24.98 -2.24
C GLU A 131 -8.33 26.51 -2.24
N ASP A 132 -9.35 27.35 -2.12
CA ASP A 132 -9.12 28.81 -2.05
C ASP A 132 -8.93 29.14 -0.57
N SER A 133 -8.05 30.10 -0.29
CA SER A 133 -7.77 30.51 1.08
C SER A 133 -8.80 31.51 1.55
N ARG A 134 -8.99 32.56 0.77
CA ARG A 134 -10.00 33.56 1.11
C ARG A 134 -11.31 32.82 0.94
N ASN A 135 -11.71 32.10 1.99
CA ASN A 135 -12.96 31.33 1.96
C ASN A 135 -13.46 31.22 3.39
N ASN A 136 -13.71 32.40 3.97
CA ASN A 136 -14.24 32.54 5.33
C ASN A 136 -15.04 31.30 5.69
N PHE A 137 -16.21 31.15 5.05
CA PHE A 137 -17.05 30.01 5.40
C PHE A 137 -16.21 28.78 5.67
N LEU A 138 -15.58 28.27 4.62
CA LEU A 138 -14.76 27.08 4.75
C LEU A 138 -13.91 27.10 5.99
N ILE A 139 -13.31 28.24 6.33
CA ILE A 139 -12.49 28.23 7.52
C ILE A 139 -13.39 27.93 8.70
N GLN A 140 -14.59 28.51 8.70
CA GLN A 140 -15.50 28.25 9.82
C GLN A 140 -15.62 26.74 10.03
N PHE A 142 -13.84 24.55 9.14
CA PHE A 142 -12.54 24.05 9.54
C PHE A 142 -12.34 24.46 11.01
N HIS A 143 -13.38 24.21 11.80
CA HIS A 143 -13.31 24.48 13.20
C HIS A 143 -14.14 23.47 13.96
N TYR A 144 -15.47 23.51 13.78
CA TYR A 144 -16.30 22.56 14.49
C TYR A 144 -15.62 21.20 14.42
N ILE A 145 -15.20 20.82 13.20
CA ILE A 145 -14.55 19.54 12.94
C ILE A 145 -13.37 19.17 13.85
N LYS A 146 -12.38 20.05 13.97
CA LYS A 146 -11.21 19.81 14.82
C LYS A 146 -11.58 19.91 16.31
N THR A 147 -12.65 20.62 16.60
CA THR A 147 -13.03 20.70 17.99
C THR A 147 -13.71 19.39 18.30
N SER A 148 -14.57 18.99 17.37
CA SER A 148 -15.31 17.77 17.59
C SER A 148 -14.51 16.49 17.35
N LEU A 149 -13.27 16.66 16.87
CA LEU A 149 -12.35 15.54 16.58
C LEU A 149 -11.32 15.28 17.64
N ALA A 150 -10.65 16.36 18.05
CA ALA A 150 -9.65 16.33 19.10
C ALA A 150 -10.01 15.42 20.31
N PRO A 151 -9.00 14.84 20.97
CA PRO A 151 -7.56 14.95 20.70
C PRO A 151 -7.02 14.18 19.50
N LEU A 152 -7.88 13.54 18.72
CA LEU A 152 -7.43 12.82 17.54
C LEU A 152 -7.08 13.99 16.66
N PRO A 153 -5.83 14.04 16.18
CA PRO A 153 -5.25 15.09 15.32
C PRO A 153 -5.91 15.14 13.94
N CYS A 154 -6.12 16.37 13.47
CA CYS A 154 -6.75 16.67 12.18
C CYS A 154 -6.00 17.84 11.59
N TYR A 155 -5.63 17.71 10.31
CA TYR A 155 -4.84 18.75 9.66
C TYR A 155 -5.46 19.35 8.43
N VAL A 156 -5.13 20.63 8.19
CA VAL A 156 -5.65 21.31 7.02
C VAL A 156 -4.54 21.69 6.04
N TYR A 157 -4.71 21.23 4.79
CA TYR A 157 -3.77 21.47 3.71
C TYR A 157 -4.31 22.52 2.71
N LEU A 158 -3.50 23.53 2.34
CA LEU A 158 -3.97 24.51 1.37
C LEU A 158 -3.27 24.46 -0.03
N ILE A 159 -4.06 24.31 -1.10
CA ILE A 159 -3.51 24.29 -2.46
C ILE A 159 -3.69 25.70 -3.10
N GLU A 160 -2.88 26.71 -2.74
CA GLU A 160 -3.13 28.06 -3.29
C GLU A 160 -2.66 28.31 -4.71
N HIS A 161 -3.37 27.75 -5.67
CA HIS A 161 -2.97 27.95 -7.04
C HIS A 161 -3.07 29.45 -7.38
N PRO A 162 -1.90 30.10 -7.62
CA PRO A 162 -2.04 31.51 -7.96
C PRO A 162 -3.11 31.57 -9.05
N SER A 163 -3.00 30.59 -9.97
CA SER A 163 -3.91 30.39 -11.10
C SER A 163 -5.25 30.99 -10.74
N LEU A 164 -5.91 30.31 -9.81
CA LEU A 164 -7.23 30.59 -9.27
C LEU A 164 -8.19 29.55 -9.82
N LYS A 165 -7.62 28.54 -10.50
CA LYS A 165 -8.40 27.48 -11.13
C LYS A 165 -8.17 26.07 -10.56
N TYR A 166 -9.19 25.22 -10.60
CA TYR A 166 -9.03 23.87 -10.09
C TYR A 166 -9.74 22.82 -10.98
N ALA A 167 -9.18 21.61 -11.05
CA ALA A 167 -9.75 20.57 -11.88
C ALA A 167 -10.27 19.37 -11.07
N THR A 168 -10.18 19.44 -9.75
CA THR A 168 -10.64 18.37 -8.87
C THR A 168 -12.05 17.95 -9.16
N THR A 169 -12.44 16.83 -8.55
CA THR A 169 -13.76 16.26 -8.68
C THR A 169 -14.70 17.12 -7.81
N ARG A 170 -14.28 17.40 -6.59
CA ARG A 170 -15.11 18.21 -5.66
C ARG A 170 -15.25 19.72 -6.00
N SER A 171 -14.40 20.21 -6.90
CA SER A 171 -14.41 21.59 -7.29
C SER A 171 -15.72 21.93 -8.03
N ILE A 172 -16.49 20.90 -8.38
CA ILE A 172 -17.78 21.12 -9.01
C ILE A 172 -18.71 21.88 -8.02
N ALA A 173 -18.58 21.65 -6.71
CA ALA A 173 -19.44 22.27 -5.71
C ALA A 173 -19.26 23.76 -5.49
N LYS A 174 -20.12 24.33 -4.64
CA LYS A 174 -20.04 25.74 -4.26
C LYS A 174 -18.99 25.78 -3.17
N TYR A 175 -19.08 24.81 -2.25
CA TYR A 175 -18.16 24.67 -1.13
C TYR A 175 -17.51 23.29 -1.16
N PRO A 176 -16.34 23.15 -1.82
CA PRO A 176 -15.57 21.89 -1.96
C PRO A 176 -14.74 21.62 -0.73
N VAL A 177 -14.84 20.42 -0.20
CA VAL A 177 -14.05 20.01 0.98
C VAL A 177 -13.35 18.67 0.74
N GLY A 178 -12.03 18.65 0.84
CA GLY A 178 -11.36 17.38 0.64
C GLY A 178 -11.18 16.60 1.94
N ILE A 179 -11.54 15.31 1.98
CA ILE A 179 -11.29 14.50 3.17
C ILE A 179 -10.28 13.37 2.82
N GLU A 180 -9.10 13.40 3.41
CA GLU A 180 -8.09 12.40 3.11
C GLU A 180 -7.58 11.76 4.38
N VAL A 181 -7.48 10.44 4.39
CA VAL A 181 -6.94 9.81 5.59
C VAL A 181 -5.98 8.70 5.22
N GLY A 182 -4.87 8.67 5.97
CA GLY A 182 -3.84 7.67 5.76
C GLY A 182 -3.46 6.90 7.01
N PRO A 183 -2.79 5.76 6.86
CA PRO A 183 -2.38 5.23 5.55
C PRO A 183 -3.12 3.90 5.27
N GLN A 184 -4.15 3.99 4.45
CA GLN A 184 -4.95 2.80 4.11
C GLN A 184 -4.51 2.61 2.63
N PRO A 185 -3.42 1.82 2.52
CA PRO A 185 -2.63 1.34 1.37
C PRO A 185 -3.46 0.98 0.17
N GLN A 186 -3.05 1.44 -1.00
CA GLN A 186 -3.86 1.12 -2.16
C GLN A 186 -4.16 -0.38 -2.10
N GLY A 187 -5.46 -0.70 -2.24
CA GLY A 187 -5.92 -2.07 -2.27
C GLY A 187 -6.34 -2.67 -0.95
N VAL A 188 -6.05 -1.96 0.12
CA VAL A 188 -6.39 -2.46 1.45
C VAL A 188 -7.55 -1.66 2.04
N LEU A 189 -8.18 -2.24 3.08
CA LEU A 189 -9.27 -1.66 3.87
C LEU A 189 -9.12 -1.85 5.40
N ARG A 190 -8.48 -0.92 6.09
CA ARG A 190 -8.29 -0.99 7.56
C ARG A 190 -9.46 -0.39 8.35
N ALA A 191 -9.89 -1.07 9.41
CA ALA A 191 -11.03 -0.61 10.24
C ALA A 191 -10.78 0.76 10.77
N ASP A 192 -9.81 0.84 11.65
CA ASP A 192 -9.41 2.07 12.29
C ASP A 192 -9.50 3.35 11.41
N ILE A 193 -8.80 3.37 10.26
CA ILE A 193 -8.88 4.50 9.35
C ILE A 193 -10.36 4.70 8.99
N LEU A 194 -11.02 3.63 8.52
CA LEU A 194 -12.42 3.73 8.17
C LEU A 194 -13.30 4.32 9.29
N ASP A 195 -12.90 4.09 10.53
CA ASP A 195 -13.65 4.56 11.66
C ASP A 195 -13.34 6.00 11.83
N GLN A 196 -12.07 6.32 11.69
CA GLN A 196 -11.70 7.71 11.85
C GLN A 196 -12.54 8.53 10.84
N ARG A 198 -15.17 7.82 9.41
CA ARG A 198 -16.61 7.66 9.45
C ARG A 198 -16.98 8.71 10.46
N LYS A 199 -16.13 8.85 11.47
CA LYS A 199 -16.34 9.89 12.47
C LYS A 199 -16.23 11.21 11.69
N ILE A 201 -17.90 11.88 8.73
CA ILE A 201 -19.00 12.12 7.83
C ILE A 201 -20.28 12.40 8.64
N LYS A 202 -20.60 11.54 9.61
CA LYS A 202 -21.83 11.72 10.39
C LYS A 202 -21.85 13.11 11.00
N HIS A 203 -20.72 13.60 11.49
CA HIS A 203 -20.70 14.95 12.06
C HIS A 203 -20.83 15.99 10.96
N ALA A 204 -20.11 15.78 9.86
CA ALA A 204 -20.16 16.72 8.76
C ALA A 204 -21.57 16.78 8.18
N LEU A 205 -22.39 15.82 8.60
CA LEU A 205 -23.76 15.78 8.13
C LEU A 205 -24.62 16.15 9.30
N ASP A 206 -23.99 16.76 10.30
CA ASP A 206 -24.58 17.27 11.54
C ASP A 206 -24.20 18.74 11.40
N PHE A 207 -23.00 18.98 10.88
CA PHE A 207 -22.49 20.31 10.69
C PHE A 207 -23.32 21.07 9.65
N ILE A 208 -24.04 20.35 8.81
CA ILE A 208 -24.86 21.08 7.86
C ILE A 208 -26.31 20.93 8.20
N HIS A 209 -26.67 19.81 8.86
CA HIS A 209 -28.07 19.51 9.25
C HIS A 209 -28.69 20.62 10.08
N HIS A 210 -27.82 21.26 10.83
CA HIS A 210 -28.17 22.35 11.68
C HIS A 210 -27.96 23.66 10.94
N PHE A 211 -26.76 23.88 10.41
CA PHE A 211 -26.57 25.14 9.72
C PHE A 211 -27.67 25.32 8.67
N ASN A 212 -28.11 24.23 8.07
CA ASN A 212 -29.15 24.29 7.06
C ASN A 212 -30.38 24.81 7.79
N GLU A 213 -30.45 24.43 9.05
CA GLU A 213 -31.51 24.84 9.97
C GLU A 213 -31.14 26.24 10.42
N GLY A 214 -30.36 26.93 9.60
CA GLY A 214 -29.97 28.29 9.95
C GLY A 214 -29.35 28.50 11.32
N LYS A 215 -28.03 28.51 11.36
CA LYS A 215 -27.36 28.75 12.63
C LYS A 215 -26.32 29.80 12.34
N GLU A 216 -25.88 30.44 13.40
CA GLU A 216 -24.89 31.50 13.31
C GLU A 216 -23.59 31.02 13.88
N PHE A 217 -22.50 31.31 13.22
CA PHE A 217 -21.22 30.90 13.76
C PHE A 217 -20.28 32.07 14.05
N PRO A 218 -19.73 32.10 15.28
CA PRO A 218 -18.81 33.11 15.76
C PRO A 218 -17.50 33.13 15.01
N PRO A 219 -16.78 34.26 15.05
CA PRO A 219 -15.50 34.29 14.31
C PRO A 219 -14.55 33.24 14.89
N CYS A 220 -13.88 32.50 14.02
CA CYS A 220 -12.91 31.48 14.45
C CYS A 220 -11.68 31.48 13.56
N ALA A 221 -10.61 30.85 14.03
CA ALA A 221 -9.37 30.77 13.25
C ALA A 221 -9.07 29.29 13.08
N ILE A 222 -8.25 28.93 12.10
CA ILE A 222 -7.86 27.51 11.95
C ILE A 222 -6.42 27.46 11.49
N GLU A 223 -5.66 26.48 11.99
CA GLU A 223 -4.28 26.36 11.53
C GLU A 223 -4.31 25.55 10.24
N VAL A 224 -3.41 25.91 9.32
CA VAL A 224 -3.28 25.24 8.04
C VAL A 224 -1.80 25.13 7.64
N TYR A 225 -1.54 24.33 6.60
CA TYR A 225 -0.18 24.08 6.06
C TYR A 225 -0.13 24.43 4.58
N LYS A 226 0.76 25.34 4.20
CA LYS A 226 0.88 25.81 2.80
C LYS A 226 2.08 25.11 2.13
N ILE A 227 1.99 24.85 0.83
CA ILE A 227 3.04 24.18 0.05
C ILE A 227 3.73 25.10 -0.95
N ILE A 228 4.96 24.79 -1.37
CA ILE A 228 5.68 25.59 -2.37
C ILE A 228 6.12 24.79 -3.66
N GLU A 229 6.46 23.50 -3.53
CA GLU A 229 6.77 22.64 -4.71
C GLU A 229 6.42 21.15 -4.47
N LYS A 230 7.04 20.31 -5.28
CA LYS A 230 6.95 18.89 -5.19
C LYS A 230 8.45 18.76 -4.97
N VAL A 231 8.92 17.91 -4.05
CA VAL A 231 10.37 17.77 -3.85
C VAL A 231 10.72 16.39 -4.42
N ASP A 232 10.48 16.21 -5.72
CA ASP A 232 10.72 14.95 -6.40
C ASP A 232 12.05 14.41 -5.95
N TYR A 233 12.21 13.09 -6.14
CA TYR A 233 13.38 12.34 -5.73
C TYR A 233 14.58 12.68 -6.58
N PRO A 234 15.80 12.48 -6.01
CA PRO A 234 17.15 12.66 -6.53
C PRO A 234 17.34 11.63 -7.62
N ARG A 235 17.80 12.04 -8.80
CA ARG A 235 17.93 11.04 -9.87
C ARG A 235 19.39 10.77 -10.29
N ASP A 236 19.63 10.08 -11.40
CA ASP A 236 21.00 9.82 -11.84
C ASP A 236 21.17 10.12 -13.35
N GLU A 237 22.35 9.82 -13.89
CA GLU A 237 22.62 10.07 -15.31
C GLU A 237 21.42 9.59 -16.17
N ASN A 238 21.13 8.29 -16.15
CA ASN A 238 20.00 7.72 -16.89
C ASN A 238 18.69 8.34 -16.40
N GLY A 239 18.73 8.85 -15.17
CA GLY A 239 17.56 9.48 -14.59
C GLY A 239 16.86 8.62 -13.55
N GLU A 240 17.42 7.47 -13.23
CA GLU A 240 16.79 6.59 -12.26
C GLU A 240 16.93 7.10 -10.84
N ILE A 241 16.13 6.53 -9.94
CA ILE A 241 16.18 6.92 -8.53
C ILE A 241 17.48 6.36 -7.98
N ALA A 242 18.06 7.07 -7.02
CA ALA A 242 19.37 6.75 -6.44
C ALA A 242 19.37 6.51 -4.93
N ALA A 243 18.74 7.45 -4.24
CA ALA A 243 18.60 7.42 -2.79
C ALA A 243 17.10 7.46 -2.52
N ILE A 244 16.73 7.26 -1.24
CA ILE A 244 15.33 7.28 -0.84
C ILE A 244 15.04 7.92 0.54
N ILE A 245 13.85 8.51 0.68
CA ILE A 245 13.41 9.17 1.92
C ILE A 245 14.18 8.59 3.10
N HIS A 246 14.81 9.46 3.91
CA HIS A 246 15.61 8.99 5.06
C HIS A 246 14.82 8.17 6.08
N PRO A 247 15.37 7.03 6.50
CA PRO A 247 14.63 6.22 7.48
C PRO A 247 13.90 7.07 8.53
N ASN A 248 14.50 8.20 8.90
CA ASN A 248 13.95 9.13 9.89
C ASN A 248 12.67 9.81 9.46
N LEU A 249 12.81 10.74 8.50
CA LEU A 249 11.69 11.52 7.95
C LEU A 249 10.47 10.65 7.77
N GLN A 250 10.70 9.39 7.40
CA GLN A 250 9.61 8.43 7.23
C GLN A 250 8.55 8.50 8.34
N ASP A 251 7.32 8.77 7.90
CA ASP A 251 6.14 8.86 8.75
C ASP A 251 6.32 10.02 9.68
N GLN A 252 6.61 11.19 9.10
CA GLN A 252 6.81 12.41 9.88
C GLN A 252 6.16 13.66 9.27
N ASP A 253 5.02 13.46 8.60
CA ASP A 253 4.29 14.56 7.99
C ASP A 253 3.81 15.55 9.03
N TRP A 254 3.51 16.77 8.59
CA TRP A 254 3.02 17.84 9.46
C TRP A 254 4.07 18.39 10.45
N LYS A 255 5.20 17.68 10.59
CA LYS A 255 6.28 18.12 11.51
C LYS A 255 7.42 18.85 10.78
N PRO A 256 8.04 19.84 11.46
CA PRO A 256 9.12 20.67 10.93
C PRO A 256 10.39 19.97 10.51
N LEU A 257 11.03 20.45 9.44
CA LEU A 257 12.25 19.84 8.97
C LEU A 257 13.28 20.93 8.73
N HIS A 258 14.35 20.95 9.53
CA HIS A 258 15.38 21.99 9.40
C HIS A 258 16.48 21.57 8.43
N PRO A 259 17.12 22.55 7.80
CA PRO A 259 18.19 22.39 6.81
C PRO A 259 19.18 21.20 6.85
N GLY A 260 19.75 20.91 8.01
CA GLY A 260 20.71 19.82 8.07
C GLY A 260 20.15 18.48 8.47
N ASP A 261 18.83 18.40 8.62
CA ASP A 261 18.16 17.16 9.01
C ASP A 261 18.18 16.18 7.85
N PRO A 262 18.27 14.88 8.15
CA PRO A 262 18.28 13.90 7.05
C PRO A 262 17.04 14.07 6.16
N PHE A 264 17.06 12.41 2.40
CA PHE A 264 17.14 11.30 1.47
C PHE A 264 18.31 10.49 1.89
N LEU A 265 18.12 9.16 1.80
CA LEU A 265 19.14 8.17 2.12
C LEU A 265 19.48 7.36 0.86
N THR A 266 20.76 7.30 0.51
CA THR A 266 21.19 6.54 -0.67
C THR A 266 21.48 5.12 -0.24
N LEU A 267 21.28 4.15 -1.15
CA LEU A 267 21.50 2.75 -0.83
C LEU A 267 22.94 2.51 -0.38
N ASP A 268 23.81 3.50 -0.52
CA ASP A 268 25.18 3.30 -0.07
C ASP A 268 25.32 3.71 1.40
N GLY A 269 24.17 3.99 2.01
CA GLY A 269 24.10 4.32 3.41
C GLY A 269 24.43 5.72 3.88
N LYS A 270 24.57 6.64 2.94
CA LYS A 270 24.91 8.01 3.32
C LYS A 270 23.69 8.92 3.51
N THR A 271 23.77 9.90 4.42
CA THR A 271 22.62 10.80 4.58
C THR A 271 22.70 12.09 3.74
N ILE A 272 21.55 12.49 3.21
CA ILE A 272 21.41 13.70 2.41
C ILE A 272 20.41 14.61 3.15
N PRO A 273 20.87 15.78 3.66
CA PRO A 273 20.06 16.75 4.42
C PRO A 273 19.22 17.76 3.66
N LEU A 274 18.28 18.39 4.36
CA LEU A 274 17.34 19.33 3.78
C LEU A 274 17.86 20.48 2.91
N GLY A 275 18.02 21.67 3.48
CA GLY A 275 18.48 22.80 2.69
C GLY A 275 17.72 24.10 2.96
N GLY A 276 18.37 25.20 2.60
CA GLY A 276 17.79 26.51 2.79
C GLY A 276 17.95 26.94 4.24
N ASP A 277 17.27 28.02 4.60
CA ASP A 277 17.33 28.50 5.96
C ASP A 277 15.96 28.87 6.49
N CYS A 278 15.15 27.85 6.73
CA CYS A 278 13.81 28.03 7.28
C CYS A 278 13.11 26.71 7.49
N THR A 279 12.26 26.66 8.51
CA THR A 279 11.53 25.43 8.84
C THR A 279 10.49 25.11 7.79
N VAL A 280 10.22 23.81 7.61
CA VAL A 280 9.20 23.38 6.64
C VAL A 280 8.37 22.20 7.15
N TYR A 281 7.26 21.91 6.49
CA TYR A 281 6.45 20.79 6.95
C TYR A 281 6.28 19.75 5.87
N PRO A 282 7.13 18.71 5.86
CA PRO A 282 6.88 17.76 4.78
C PRO A 282 5.53 17.08 5.00
N VAL A 283 4.75 17.01 3.92
CA VAL A 283 3.42 16.39 3.90
C VAL A 283 3.46 15.48 2.66
N PHE A 284 2.61 14.44 2.64
CA PHE A 284 2.58 13.45 1.55
C PHE A 284 3.93 12.73 1.37
N VAL A 285 4.58 12.45 2.50
CA VAL A 285 5.88 11.82 2.53
C VAL A 285 5.83 10.35 2.18
N ASN A 286 6.66 9.96 1.20
CA ASN A 286 6.74 8.59 0.75
C ASN A 286 5.37 8.00 0.52
N GLU A 287 4.58 8.69 -0.34
CA GLU A 287 3.23 8.32 -0.75
C GLU A 287 3.38 7.67 -2.12
N ALA A 288 2.57 6.64 -2.36
CA ALA A 288 2.58 5.83 -3.58
C ALA A 288 2.27 6.56 -4.86
N ALA A 289 1.18 7.32 -4.88
CA ALA A 289 0.79 8.09 -6.08
C ALA A 289 1.84 9.12 -6.49
N TYR A 290 2.67 9.54 -5.55
CA TYR A 290 3.66 10.53 -5.90
C TYR A 290 4.97 9.99 -6.56
N TYR A 291 5.26 8.68 -6.52
CA TYR A 291 6.49 8.25 -7.21
C TYR A 291 6.39 8.64 -8.70
N GLU A 292 5.37 8.13 -9.38
CA GLU A 292 5.20 8.48 -10.78
C GLU A 292 5.03 10.00 -10.82
N LYS A 293 4.15 10.50 -9.94
CA LYS A 293 3.85 11.93 -9.84
C LYS A 293 5.02 12.76 -9.26
N LYS A 294 6.24 12.48 -9.74
CA LYS A 294 7.46 13.16 -9.29
C LYS A 294 7.30 14.05 -8.03
N GLU A 295 7.43 13.43 -6.86
CA GLU A 295 7.32 14.13 -5.59
C GLU A 295 7.64 13.12 -4.49
N ALA A 296 8.70 13.37 -3.75
CA ALA A 296 9.05 12.46 -2.66
C ALA A 296 8.31 12.90 -1.40
N PHE A 297 7.65 14.05 -1.51
CA PHE A 297 6.83 14.62 -0.44
C PHE A 297 6.51 16.05 -0.78
N ALA A 298 5.72 16.69 0.06
CA ALA A 298 5.38 18.09 -0.17
C ALA A 298 5.99 18.93 0.98
N LYS A 299 6.78 19.94 0.61
CA LYS A 299 7.42 20.85 1.57
C LYS A 299 6.39 21.92 1.88
N THR A 300 6.14 22.19 3.16
CA THR A 300 5.11 23.17 3.53
C THR A 300 5.46 24.18 4.63
N THR A 301 4.82 25.37 4.60
CA THR A 301 5.01 26.42 5.63
C THR A 301 3.65 26.68 6.29
N LYS A 302 3.65 26.91 7.61
CA LYS A 302 2.39 27.17 8.33
C LYS A 302 1.86 28.58 8.17
N LEU A 303 0.58 28.78 8.51
CA LEU A 303 -0.07 30.11 8.48
C LEU A 303 -1.47 30.10 9.13
N THR A 304 -2.03 31.27 9.36
CA THR A 304 -3.34 31.31 9.99
C THR A 304 -4.46 31.88 9.16
N LEU A 305 -5.59 31.18 9.13
CA LEU A 305 -6.73 31.64 8.37
C LEU A 305 -7.82 32.13 9.31
N ASN A 306 -8.48 33.23 8.95
CA ASN A 306 -9.55 33.82 9.74
C ASN A 306 -10.87 33.82 8.97
N ALA A 307 -11.94 33.33 9.59
CA ALA A 307 -13.23 33.27 8.90
C ALA A 307 -14.36 34.07 9.53
N LYS A 308 -14.53 35.31 9.08
CA LYS A 308 -15.58 36.22 9.59
C LYS A 308 -16.74 35.37 10.12
N SER A 309 -17.36 35.83 11.20
CA SER A 309 -18.49 35.10 11.78
C SER A 309 -19.43 34.84 10.61
N ILE A 310 -20.28 33.83 10.72
CA ILE A 310 -21.21 33.51 9.65
C ILE A 310 -22.60 33.29 10.22
N ARG A 311 -23.65 33.57 9.43
CA ARG A 311 -25.04 33.41 9.86
C ARG A 311 -26.06 33.62 8.72
N CYS A 312 -26.56 32.51 8.20
CA CYS A 312 -27.53 32.45 7.11
C CYS A 312 -28.89 33.10 7.38
N GLU B 11 26.66 -31.42 0.52
CA GLU B 11 27.53 -31.09 -0.65
C GLU B 11 27.54 -29.61 -1.06
N HIS B 12 28.72 -29.20 -1.53
CA HIS B 12 29.10 -27.85 -1.99
C HIS B 12 28.09 -27.02 -2.80
N ILE B 13 28.04 -25.72 -2.54
CA ILE B 13 27.13 -24.81 -3.26
C ILE B 13 27.87 -23.97 -4.31
N GLN B 14 27.53 -24.19 -5.57
CA GLN B 14 28.14 -23.47 -6.68
C GLN B 14 27.45 -22.15 -7.06
N LYS B 15 26.24 -22.22 -7.58
CA LYS B 15 25.56 -20.99 -8.01
C LYS B 15 24.43 -20.49 -7.07
N VAL B 16 24.39 -19.16 -6.88
CA VAL B 16 23.40 -18.49 -6.02
C VAL B 16 22.83 -17.28 -6.77
N ALA B 17 21.51 -17.24 -6.91
CA ALA B 17 20.89 -16.07 -7.55
C ALA B 17 19.98 -15.32 -6.54
N ILE B 18 19.76 -14.04 -6.80
CA ILE B 18 18.84 -13.25 -5.99
C ILE B 18 17.87 -12.63 -7.00
N PHE B 19 16.65 -13.17 -7.07
CA PHE B 19 15.59 -12.67 -7.98
C PHE B 19 14.77 -11.58 -7.27
N GLY B 20 14.52 -10.48 -8.01
CA GLY B 20 13.74 -9.36 -7.48
C GLY B 20 12.79 -8.95 -8.59
N GLY B 21 11.65 -8.33 -8.25
CA GLY B 21 10.71 -7.95 -9.29
C GLY B 21 9.78 -9.04 -9.85
N THR B 22 9.59 -10.14 -9.14
CA THR B 22 8.68 -11.20 -9.59
C THR B 22 7.28 -10.54 -9.61
N HIS B 23 7.13 -9.59 -8.68
CA HIS B 23 5.93 -8.78 -8.58
C HIS B 23 6.39 -7.29 -8.79
N GLY B 24 6.17 -6.74 -9.99
CA GLY B 24 6.63 -5.40 -10.33
C GLY B 24 6.41 -4.18 -9.44
N ASN B 25 5.53 -4.34 -8.45
CA ASN B 25 5.19 -3.26 -7.54
C ASN B 25 5.56 -3.59 -6.10
N GLU B 26 6.53 -4.50 -5.95
CA GLU B 26 7.13 -4.93 -4.69
C GLU B 26 8.59 -4.51 -4.90
N LEU B 27 8.83 -3.22 -4.66
CA LEU B 27 10.11 -2.55 -4.90
C LEU B 27 11.33 -2.87 -4.01
N THR B 28 11.15 -3.36 -2.78
CA THR B 28 12.36 -3.61 -1.98
C THR B 28 13.39 -4.38 -2.83
N GLY B 29 12.93 -5.46 -3.45
CA GLY B 29 13.82 -6.23 -4.30
C GLY B 29 14.20 -5.54 -5.61
N VAL B 30 13.30 -4.73 -6.17
CA VAL B 30 13.64 -4.06 -7.40
C VAL B 30 14.82 -3.10 -7.18
N PHE B 31 14.79 -2.34 -6.09
CA PHE B 31 15.88 -1.39 -5.85
C PHE B 31 17.18 -2.06 -5.39
N LEU B 32 17.05 -3.16 -4.63
CA LEU B 32 18.23 -3.91 -4.17
C LEU B 32 18.91 -4.60 -5.37
N VAL B 33 18.12 -5.38 -6.13
CA VAL B 33 18.66 -6.08 -7.27
C VAL B 33 19.38 -5.09 -8.20
N LYS B 34 18.73 -4.01 -8.61
CA LYS B 34 19.36 -3.07 -9.51
C LYS B 34 20.74 -2.60 -9.08
N HIS B 35 20.83 -1.93 -7.93
CA HIS B 35 22.08 -1.45 -7.35
C HIS B 35 23.16 -2.56 -7.32
N TRP B 36 22.70 -3.83 -7.26
CA TRP B 36 23.60 -4.99 -7.25
C TRP B 36 23.91 -5.40 -8.70
N LEU B 37 23.24 -4.73 -9.63
CA LEU B 37 23.47 -4.94 -11.05
C LEU B 37 24.41 -3.88 -11.57
N GLU B 38 24.37 -2.68 -10.96
CA GLU B 38 25.24 -1.58 -11.35
C GLU B 38 26.54 -1.93 -10.68
N ASN B 39 26.47 -2.20 -9.40
CA ASN B 39 27.65 -2.60 -8.67
C ASN B 39 27.26 -3.64 -7.66
N GLY B 40 27.64 -4.89 -7.93
CA GLY B 40 27.30 -6.00 -7.04
C GLY B 40 28.37 -6.44 -6.07
N ALA B 41 29.01 -5.50 -5.38
CA ALA B 41 30.04 -5.89 -4.46
C ALA B 41 29.45 -6.57 -3.25
N GLU B 42 28.42 -5.93 -2.67
CA GLU B 42 27.71 -6.44 -1.49
C GLU B 42 27.29 -7.92 -1.58
N ILE B 43 26.50 -8.24 -2.61
CA ILE B 43 26.03 -9.62 -2.73
C ILE B 43 27.11 -10.64 -3.12
N GLN B 44 28.25 -10.57 -2.44
CA GLN B 44 29.35 -11.53 -2.70
C GLN B 44 30.12 -12.05 -1.44
N ARG B 45 30.59 -13.30 -1.51
CA ARG B 45 31.37 -13.92 -0.43
C ARG B 45 32.46 -14.66 -1.16
N THR B 46 33.74 -14.43 -0.83
CA THR B 46 34.78 -15.13 -1.60
C THR B 46 34.45 -16.63 -1.87
N GLY B 47 34.63 -17.01 -3.14
CA GLY B 47 34.37 -18.37 -3.54
C GLY B 47 32.91 -18.70 -3.59
N LEU B 48 32.16 -17.82 -4.25
CA LEU B 48 30.72 -17.95 -4.42
C LEU B 48 30.20 -16.78 -5.25
N GLU B 49 29.93 -17.00 -6.54
CA GLU B 49 29.38 -15.92 -7.37
C GLU B 49 27.82 -15.90 -7.29
N VAL B 50 27.25 -14.72 -7.04
CA VAL B 50 25.79 -14.62 -6.97
C VAL B 50 25.23 -13.73 -8.11
N LYS B 51 24.29 -14.25 -8.89
CA LYS B 51 23.72 -13.44 -9.98
C LYS B 51 22.42 -12.72 -9.54
N PRO B 52 22.38 -11.38 -9.61
CA PRO B 52 21.14 -10.71 -9.21
C PRO B 52 20.35 -10.65 -10.50
N PHE B 53 19.04 -10.69 -10.40
CA PHE B 53 18.22 -10.72 -11.61
C PHE B 53 16.78 -10.24 -11.37
N ILE B 54 16.30 -9.39 -12.27
CA ILE B 54 14.94 -8.86 -12.21
C ILE B 54 14.06 -9.85 -12.99
N THR B 55 13.07 -10.44 -12.34
CA THR B 55 12.33 -11.45 -13.08
C THR B 55 11.20 -11.03 -13.97
N ASN B 56 10.54 -9.91 -13.62
CA ASN B 56 9.38 -9.43 -14.37
C ASN B 56 9.52 -7.97 -14.80
N PRO B 57 10.43 -7.72 -15.74
CA PRO B 57 10.73 -6.40 -16.28
C PRO B 57 9.48 -5.58 -16.59
N ARG B 58 8.62 -6.14 -17.44
CA ARG B 58 7.44 -5.39 -17.81
C ARG B 58 6.53 -4.97 -16.64
N ALA B 59 6.37 -5.86 -15.65
CA ALA B 59 5.53 -5.57 -14.52
C ALA B 59 6.19 -4.55 -13.59
N VAL B 60 7.52 -4.60 -13.54
CA VAL B 60 8.24 -3.65 -12.72
C VAL B 60 8.00 -2.33 -13.46
N LYS B 61 7.94 -2.41 -14.78
CA LYS B 61 7.69 -1.25 -15.64
C LYS B 61 6.33 -0.56 -15.42
N LYS B 62 5.22 -1.27 -15.57
CA LYS B 62 3.90 -0.63 -15.38
C LYS B 62 3.56 -0.61 -13.88
N CYS B 63 4.59 -0.67 -13.05
CA CYS B 63 4.48 -0.77 -11.58
C CYS B 63 3.22 -1.51 -11.11
N THR B 64 3.18 -2.78 -11.47
CA THR B 64 2.07 -3.59 -11.10
C THR B 64 2.48 -5.02 -10.71
N ARG B 65 1.57 -5.74 -10.03
CA ARG B 65 1.81 -7.12 -9.60
C ARG B 65 2.22 -7.90 -10.84
N TYR B 66 1.24 -8.23 -11.69
CA TYR B 66 1.56 -8.91 -12.94
C TYR B 66 0.95 -8.23 -14.12
N ILE B 67 1.45 -8.59 -15.32
CA ILE B 67 0.99 -8.02 -16.62
C ILE B 67 -0.05 -8.92 -17.26
N ASP B 68 0.31 -10.17 -17.54
CA ASP B 68 -0.64 -11.15 -18.11
C ASP B 68 -1.11 -12.23 -17.12
N CYS B 69 -0.19 -12.83 -16.36
CA CYS B 69 -0.55 -13.84 -15.32
C CYS B 69 0.44 -13.73 -14.16
N ASP B 70 0.09 -14.29 -13.00
CA ASP B 70 0.95 -14.26 -11.79
C ASP B 70 2.25 -15.05 -12.09
N LEU B 71 3.39 -14.36 -12.20
CA LEU B 71 4.64 -15.08 -12.54
C LEU B 71 5.07 -15.99 -11.42
N ASN B 72 4.24 -16.07 -10.37
CA ASN B 72 4.55 -16.90 -9.22
C ASN B 72 3.80 -18.21 -9.14
N ARG B 73 3.23 -18.65 -10.25
CA ARG B 73 2.52 -19.92 -10.25
C ARG B 73 2.47 -20.48 -11.67
N ILE B 74 3.57 -20.37 -12.40
CA ILE B 74 3.57 -20.85 -13.77
C ILE B 74 4.72 -21.79 -14.16
N PHE B 75 5.69 -21.94 -13.27
CA PHE B 75 6.80 -22.78 -13.59
C PHE B 75 6.34 -24.25 -13.62
N ASP B 76 5.05 -24.42 -13.32
CA ASP B 76 4.35 -25.70 -13.32
C ASP B 76 4.48 -26.29 -14.72
N LEU B 77 3.77 -27.40 -14.99
CA LEU B 77 3.89 -28.05 -16.28
C LEU B 77 2.95 -27.58 -17.41
N GLU B 78 1.68 -27.23 -17.15
CA GLU B 78 0.91 -26.78 -18.31
C GLU B 78 1.72 -25.62 -18.91
N ASN B 79 2.34 -24.81 -18.05
CA ASN B 79 3.15 -23.65 -18.49
C ASN B 79 4.59 -23.93 -18.86
N LEU B 80 5.45 -24.09 -17.85
CA LEU B 80 6.89 -24.25 -18.09
C LEU B 80 7.28 -25.16 -19.19
N GLY B 81 6.41 -26.11 -19.51
CA GLY B 81 6.67 -27.01 -20.62
C GLY B 81 5.84 -26.79 -21.88
N LYS B 82 4.92 -25.82 -21.91
CA LYS B 82 4.11 -25.62 -23.11
C LYS B 82 4.85 -24.81 -24.20
N LYS B 83 4.77 -25.26 -25.45
CA LYS B 83 5.44 -24.61 -26.59
C LYS B 83 5.20 -23.08 -26.62
N SER B 85 5.13 -19.11 -27.59
CA SER B 85 4.55 -18.46 -28.76
C SER B 85 4.06 -17.06 -28.41
N GLU B 86 4.37 -16.09 -29.27
CA GLU B 86 4.03 -14.69 -29.07
C GLU B 86 2.65 -14.46 -28.46
N ASP B 87 1.78 -15.44 -28.69
CA ASP B 87 0.40 -15.47 -28.21
C ASP B 87 0.29 -15.87 -26.74
N LEU B 88 1.23 -16.68 -26.27
CA LEU B 88 1.20 -17.09 -24.88
C LEU B 88 1.29 -15.88 -23.95
N PRO B 89 0.63 -15.95 -22.79
CA PRO B 89 0.66 -14.82 -21.83
C PRO B 89 2.10 -14.38 -21.46
N TYR B 90 2.31 -13.06 -21.42
CA TYR B 90 3.61 -12.50 -21.08
C TYR B 90 4.37 -13.30 -20.00
N GLU B 91 3.76 -13.50 -18.83
CA GLU B 91 4.44 -14.22 -17.76
C GLU B 91 4.83 -15.68 -18.05
N VAL B 92 3.96 -16.45 -18.70
CA VAL B 92 4.35 -17.80 -19.06
C VAL B 92 5.31 -17.69 -20.26
N ARG B 93 5.00 -16.82 -21.21
CA ARG B 93 5.89 -16.64 -22.33
C ARG B 93 7.19 -16.18 -21.70
N ARG B 94 7.08 -15.51 -20.55
CA ARG B 94 8.27 -15.02 -19.82
C ARG B 94 8.92 -16.11 -19.00
N ALA B 95 8.11 -16.77 -18.15
CA ALA B 95 8.57 -17.87 -17.29
C ALA B 95 9.36 -18.89 -18.07
N GLN B 96 8.74 -19.44 -19.11
CA GLN B 96 9.42 -20.42 -19.93
C GLN B 96 10.75 -19.89 -20.52
N GLU B 97 11.05 -18.62 -20.26
CA GLU B 97 12.33 -18.08 -20.68
C GLU B 97 13.19 -18.05 -19.41
N ILE B 98 12.72 -17.37 -18.36
CA ILE B 98 13.45 -17.33 -17.10
C ILE B 98 14.13 -18.68 -16.82
N ASN B 99 13.39 -19.78 -17.08
CA ASN B 99 13.88 -21.14 -16.82
C ASN B 99 15.10 -21.62 -17.63
N HIS B 100 15.28 -21.09 -18.82
CA HIS B 100 16.44 -21.46 -19.60
C HIS B 100 17.66 -21.00 -18.82
N LEU B 101 17.72 -19.71 -18.47
CA LEU B 101 18.83 -19.12 -17.71
C LEU B 101 19.20 -19.72 -16.35
N PHE B 102 18.23 -19.92 -15.45
CA PHE B 102 18.59 -20.45 -14.13
C PHE B 102 18.15 -21.90 -13.91
N GLY B 103 17.58 -22.47 -14.98
CA GLY B 103 17.11 -23.85 -14.96
C GLY B 103 18.01 -24.85 -15.68
N PRO B 104 17.46 -25.91 -16.32
CA PRO B 104 16.01 -26.16 -16.33
C PRO B 104 15.64 -26.60 -14.92
N LYS B 105 14.33 -26.57 -14.64
CA LYS B 105 13.86 -26.92 -13.31
C LYS B 105 13.97 -28.44 -13.12
N ASP B 106 14.80 -28.86 -12.15
CA ASP B 106 14.98 -30.27 -11.82
C ASP B 106 16.14 -30.91 -12.55
N SER B 107 17.13 -30.10 -12.91
CA SER B 107 18.34 -30.57 -13.59
C SER B 107 19.58 -30.55 -12.68
N GLU B 108 20.57 -31.39 -12.96
CA GLU B 108 21.78 -31.34 -12.13
C GLU B 108 22.38 -29.94 -12.30
N ASP B 109 22.32 -29.38 -13.50
CA ASP B 109 22.89 -28.06 -13.84
C ASP B 109 22.31 -26.80 -13.23
N SER B 110 20.99 -26.76 -13.16
CA SER B 110 20.22 -25.64 -12.63
C SER B 110 20.85 -24.96 -11.42
N TYR B 111 20.61 -23.67 -11.25
CA TYR B 111 21.18 -22.97 -10.10
C TYR B 111 20.93 -23.76 -8.82
N ASP B 112 21.74 -23.55 -7.81
CA ASP B 112 21.57 -24.32 -6.59
C ASP B 112 20.65 -23.71 -5.58
N ILE B 113 20.81 -22.40 -5.36
CA ILE B 113 20.01 -21.65 -4.41
C ILE B 113 19.45 -20.41 -5.07
N ILE B 114 18.14 -20.21 -4.98
CA ILE B 114 17.56 -18.97 -5.51
C ILE B 114 16.77 -18.29 -4.38
N PHE B 115 17.12 -17.02 -4.13
CA PHE B 115 16.44 -16.22 -3.15
C PHE B 115 15.46 -15.36 -3.97
N ASP B 116 14.16 -15.39 -3.70
CA ASP B 116 13.21 -14.55 -4.43
C ASP B 116 12.60 -13.58 -3.43
N LEU B 117 12.88 -12.28 -3.58
CA LEU B 117 12.35 -11.23 -2.68
C LEU B 117 10.87 -10.76 -2.96
N HIS B 118 10.15 -10.46 -1.88
CA HIS B 118 8.77 -10.02 -1.94
C HIS B 118 8.45 -9.16 -0.69
N ASN B 119 7.42 -8.33 -0.76
CA ASN B 119 6.99 -7.54 0.40
C ASN B 119 5.52 -7.91 0.61
N THR B 120 4.97 -7.55 1.74
CA THR B 120 3.57 -7.82 1.95
C THR B 120 3.04 -6.58 2.60
N THR B 121 1.76 -6.29 2.43
CA THR B 121 1.20 -5.10 3.09
C THR B 121 0.96 -5.52 4.53
N SER B 122 0.91 -6.83 4.79
CA SER B 122 0.71 -7.34 6.16
C SER B 122 1.92 -7.08 7.05
N ASN B 123 1.67 -6.96 8.35
CA ASN B 123 2.76 -6.66 9.25
C ASN B 123 3.45 -7.93 9.73
N GLY B 125 6.75 -8.63 9.17
CA GLY B 125 8.15 -8.44 9.49
C GLY B 125 9.06 -9.25 8.57
N CYS B 126 10.06 -9.94 9.13
CA CYS B 126 10.97 -10.70 8.30
C CYS B 126 10.53 -12.14 8.17
N THR B 127 10.15 -12.51 6.94
CA THR B 127 9.69 -13.88 6.70
C THR B 127 10.51 -14.76 5.75
N LEU B 128 10.75 -16.00 6.18
CA LEU B 128 11.44 -16.97 5.34
C LEU B 128 10.44 -17.94 4.73
N ILE B 129 10.48 -18.15 3.42
CA ILE B 129 9.52 -19.10 2.84
C ILE B 129 10.20 -20.36 2.31
N LEU B 130 10.05 -21.42 3.11
CA LEU B 130 10.58 -22.75 2.82
C LEU B 130 9.55 -23.74 2.29
N GLU B 131 9.87 -24.53 1.26
CA GLU B 131 8.89 -25.48 0.75
C GLU B 131 9.19 -26.98 1.08
N ASP B 132 10.46 -27.36 1.22
CA ASP B 132 10.85 -28.73 1.57
C ASP B 132 10.61 -28.82 3.07
N SER B 133 9.71 -29.69 3.52
CA SER B 133 9.46 -29.86 4.97
C SER B 133 10.64 -30.65 5.55
N ARG B 134 11.24 -31.44 4.69
CA ARG B 134 12.39 -32.25 5.02
C ARG B 134 13.53 -31.61 4.19
N ASN B 135 14.28 -30.68 4.78
CA ASN B 135 15.41 -30.03 4.07
C ASN B 135 16.42 -29.47 5.08
N ASN B 136 17.25 -30.33 5.65
CA ASN B 136 18.23 -29.90 6.62
C ASN B 136 19.05 -28.67 6.18
N PHE B 137 19.55 -28.68 4.96
CA PHE B 137 20.32 -27.53 4.51
C PHE B 137 19.51 -26.25 4.67
N LEU B 138 18.26 -26.23 4.18
CA LEU B 138 17.42 -25.02 4.33
C LEU B 138 17.06 -24.72 5.78
N ILE B 139 16.68 -25.76 6.51
CA ILE B 139 16.32 -25.63 7.92
C ILE B 139 17.51 -25.10 8.68
N GLN B 140 18.68 -25.65 8.36
CA GLN B 140 19.93 -25.24 8.95
C GLN B 140 20.11 -23.75 8.65
N PHE B 142 17.96 -21.32 7.67
CA PHE B 142 16.97 -20.48 8.37
C PHE B 142 17.30 -20.30 9.84
N HIS B 143 17.94 -21.32 10.41
CA HIS B 143 18.32 -21.21 11.80
C HIS B 143 19.38 -20.09 11.99
N TYR B 144 20.45 -20.16 11.19
CA TYR B 144 21.51 -19.16 11.28
C TYR B 144 21.00 -17.70 11.09
N ILE B 145 20.14 -17.46 10.08
CA ILE B 145 19.62 -16.14 9.81
C ILE B 145 18.91 -15.61 11.06
N LYS B 146 17.97 -16.41 11.57
CA LYS B 146 17.22 -16.04 12.78
C LYS B 146 18.21 -15.63 13.90
N THR B 147 19.03 -16.60 14.28
CA THR B 147 20.07 -16.45 15.29
C THR B 147 20.95 -15.22 15.11
N SER B 148 21.16 -14.81 13.87
CA SER B 148 21.95 -13.63 13.58
C SER B 148 21.11 -12.34 13.69
N LEU B 149 19.79 -12.45 13.44
CA LEU B 149 18.87 -11.32 13.50
C LEU B 149 18.34 -10.89 14.90
N ALA B 150 18.36 -11.80 15.89
CA ALA B 150 17.94 -11.49 17.25
C ALA B 150 18.78 -10.25 17.51
N PRO B 151 18.21 -9.18 18.05
CA PRO B 151 16.81 -9.01 18.41
C PRO B 151 15.69 -8.81 17.42
N LEU B 152 16.07 -8.50 16.19
CA LEU B 152 15.16 -8.26 15.11
C LEU B 152 14.52 -9.62 14.90
N PRO B 153 13.21 -9.78 15.15
CA PRO B 153 12.44 -11.03 15.02
C PRO B 153 12.45 -11.54 13.58
N CYS B 154 12.25 -12.85 13.41
CA CYS B 154 12.24 -13.46 12.08
C CYS B 154 11.47 -14.75 12.12
N TYR B 155 10.37 -14.82 11.36
CA TYR B 155 9.49 -16.00 11.35
C TYR B 155 9.68 -16.79 10.07
N VAL B 156 9.36 -18.08 10.13
CA VAL B 156 9.46 -19.00 9.01
C VAL B 156 8.07 -19.51 8.64
N TYR B 157 7.64 -19.23 7.42
CA TYR B 157 6.34 -19.67 6.90
C TYR B 157 6.58 -20.87 5.96
N LEU B 158 5.87 -21.98 6.19
CA LEU B 158 6.01 -23.23 5.39
C LEU B 158 4.94 -23.51 4.32
N ILE B 159 5.37 -23.95 3.14
CA ILE B 159 4.35 -24.28 2.14
C ILE B 159 4.37 -25.78 2.00
N GLU B 160 3.20 -26.42 1.93
CA GLU B 160 3.18 -27.88 1.86
C GLU B 160 2.26 -28.52 0.85
N HIS B 161 2.70 -28.70 -0.39
CA HIS B 161 1.82 -29.30 -1.38
C HIS B 161 1.84 -30.81 -1.35
N PRO B 162 0.64 -31.42 -1.34
CA PRO B 162 0.54 -32.88 -1.31
C PRO B 162 0.75 -33.49 -2.72
N SER B 163 1.15 -32.59 -3.63
CA SER B 163 1.46 -32.91 -4.99
C SER B 163 2.98 -33.12 -5.04
N LEU B 164 3.67 -32.79 -3.95
CA LEU B 164 5.14 -32.91 -3.85
C LEU B 164 5.84 -32.09 -4.97
N LYS B 165 5.08 -31.17 -5.58
CA LYS B 165 5.59 -30.31 -6.65
C LYS B 165 5.29 -28.85 -6.31
N TYR B 166 5.94 -27.94 -7.01
CA TYR B 166 5.68 -26.50 -6.81
C TYR B 166 5.57 -25.74 -8.18
N ALA B 167 4.93 -24.58 -8.21
CA ALA B 167 4.74 -23.84 -9.47
C ALA B 167 5.56 -22.60 -9.51
N THR B 168 5.75 -22.01 -8.33
CA THR B 168 6.50 -20.80 -8.08
C THR B 168 7.61 -20.41 -9.04
N THR B 169 8.35 -19.37 -8.66
CA THR B 169 9.45 -18.85 -9.46
C THR B 169 10.77 -19.30 -8.84
N ARG B 170 10.86 -19.31 -7.51
CA ARG B 170 12.10 -19.74 -6.87
C ARG B 170 12.29 -21.27 -6.95
N SER B 171 11.23 -22.00 -7.27
CA SER B 171 11.34 -23.45 -7.29
C SER B 171 12.19 -24.04 -8.44
N ILE B 172 12.93 -23.19 -9.13
CA ILE B 172 13.84 -23.63 -10.20
C ILE B 172 15.05 -24.24 -9.47
N ALA B 173 15.49 -23.52 -8.44
CA ALA B 173 16.61 -23.90 -7.61
C ALA B 173 16.46 -25.26 -6.92
N LYS B 174 17.61 -25.86 -6.55
CA LYS B 174 17.65 -27.13 -5.82
C LYS B 174 17.22 -26.82 -4.37
N TYR B 175 17.46 -25.57 -3.99
CA TYR B 175 17.15 -25.06 -2.68
C TYR B 175 16.53 -23.67 -2.77
N PRO B 176 15.20 -23.60 -2.95
CA PRO B 176 14.43 -22.33 -3.08
C PRO B 176 14.26 -21.63 -1.73
N VAL B 177 14.48 -20.33 -1.71
CA VAL B 177 14.32 -19.58 -0.47
C VAL B 177 13.49 -18.32 -0.70
N GLY B 178 12.37 -18.19 0.00
CA GLY B 178 11.52 -17.02 -0.13
C GLY B 178 11.89 -16.00 0.93
N ILE B 179 12.10 -14.76 0.53
CA ILE B 179 12.38 -13.70 1.52
C ILE B 179 11.29 -12.64 1.39
N GLU B 180 10.45 -12.52 2.42
CA GLU B 180 9.36 -11.55 2.43
C GLU B 180 9.54 -10.60 3.64
N VAL B 181 9.23 -9.34 3.43
CA VAL B 181 9.37 -8.37 4.50
C VAL B 181 8.19 -7.41 4.48
N GLY B 182 7.68 -7.10 5.68
CA GLY B 182 6.54 -6.22 5.80
C GLY B 182 6.50 -5.43 7.09
N PRO B 183 5.49 -4.60 7.28
CA PRO B 183 4.41 -4.41 6.30
C PRO B 183 4.82 -3.33 5.33
N GLN B 184 4.36 -3.39 4.08
CA GLN B 184 4.65 -2.27 3.21
C GLN B 184 3.64 -2.12 2.07
N PRO B 185 3.17 -0.88 1.79
CA PRO B 185 2.19 -0.73 0.69
C PRO B 185 2.82 -0.96 -0.68
N GLN B 186 2.08 -1.58 -1.58
CA GLN B 186 2.61 -1.87 -2.91
C GLN B 186 3.02 -0.55 -3.53
N GLY B 187 4.09 -0.52 -4.29
CA GLY B 187 4.50 0.69 -4.92
C GLY B 187 5.20 1.66 -4.02
N VAL B 188 5.60 1.21 -2.83
CA VAL B 188 6.29 2.15 -1.91
C VAL B 188 7.59 1.59 -1.42
N LEU B 189 8.59 2.45 -1.26
CA LEU B 189 9.89 2.01 -0.78
C LEU B 189 10.28 2.64 0.56
N ARG B 190 10.19 1.86 1.64
CA ARG B 190 10.55 2.35 2.99
C ARG B 190 12.05 2.06 3.30
N ALA B 191 12.81 3.09 3.65
CA ALA B 191 14.23 2.93 3.97
C ALA B 191 14.46 1.75 4.91
N ASP B 192 13.63 1.62 5.96
CA ASP B 192 13.73 0.51 6.94
C ASP B 192 13.49 -0.93 6.42
N ILE B 193 12.33 -1.15 5.81
CA ILE B 193 11.96 -2.44 5.22
C ILE B 193 13.14 -2.98 4.39
N LEU B 194 13.79 -2.07 3.66
CA LEU B 194 14.91 -2.44 2.80
C LEU B 194 16.13 -2.87 3.64
N ASP B 195 16.34 -2.19 4.76
CA ASP B 195 17.47 -2.57 5.59
C ASP B 195 17.35 -3.99 6.20
N GLN B 196 16.11 -4.42 6.43
CA GLN B 196 15.83 -5.72 6.98
C GLN B 196 16.10 -6.77 5.89
N ARG B 198 17.85 -6.71 3.49
CA ARG B 198 19.30 -6.79 3.31
C ARG B 198 20.05 -7.65 4.35
N LYS B 199 19.81 -7.35 5.62
CA LYS B 199 20.45 -8.05 6.74
C LYS B 199 20.41 -9.57 6.58
N ILE B 201 19.75 -11.30 3.59
CA ILE B 201 20.45 -11.63 2.39
C ILE B 201 21.90 -11.73 2.86
N LYS B 202 22.37 -10.76 3.65
CA LYS B 202 23.75 -10.85 4.15
C LYS B 202 23.93 -12.18 4.91
N HIS B 203 23.27 -12.32 6.04
CA HIS B 203 23.39 -13.56 6.80
C HIS B 203 23.25 -14.82 5.97
N ALA B 204 22.26 -14.82 5.08
CA ALA B 204 22.05 -15.96 4.21
C ALA B 204 23.33 -16.26 3.40
N LEU B 205 23.87 -15.27 2.66
CA LEU B 205 25.08 -15.49 1.87
C LEU B 205 26.26 -15.92 2.79
N ASP B 206 26.39 -15.22 3.91
CA ASP B 206 27.44 -15.52 4.90
C ASP B 206 27.40 -17.00 5.25
N PHE B 207 26.22 -17.45 5.64
CA PHE B 207 25.99 -18.85 5.99
C PHE B 207 26.49 -19.77 4.87
N ILE B 208 25.88 -19.65 3.68
CA ILE B 208 26.25 -20.48 2.53
C ILE B 208 27.78 -20.52 2.39
N HIS B 209 28.38 -19.33 2.28
CA HIS B 209 29.82 -19.26 2.12
C HIS B 209 30.53 -20.21 3.11
N HIS B 210 30.10 -20.14 4.38
CA HIS B 210 30.66 -20.99 5.45
C HIS B 210 30.54 -22.47 5.06
N PHE B 211 29.33 -22.86 4.63
CA PHE B 211 29.06 -24.21 4.20
C PHE B 211 29.99 -24.59 3.05
N ASN B 212 30.04 -23.73 2.04
CA ASN B 212 30.88 -24.01 0.89
C ASN B 212 32.28 -24.42 1.32
N GLU B 213 32.66 -23.99 2.53
CA GLU B 213 33.95 -24.32 3.14
C GLU B 213 33.72 -25.56 4.00
N GLY B 214 32.97 -26.51 3.44
CA GLY B 214 32.67 -27.72 4.17
C GLY B 214 32.50 -27.39 5.62
N LYS B 215 31.89 -26.25 5.89
CA LYS B 215 31.73 -25.93 7.29
C LYS B 215 30.73 -27.01 7.65
N GLU B 216 30.68 -27.27 8.95
CA GLU B 216 29.82 -28.26 9.54
C GLU B 216 28.92 -27.51 10.55
N PHE B 217 27.73 -28.04 10.78
CA PHE B 217 26.83 -27.42 11.74
C PHE B 217 26.12 -28.51 12.55
N PRO B 218 25.94 -28.28 13.85
CA PRO B 218 25.28 -29.21 14.76
C PRO B 218 23.78 -29.26 14.58
N PRO B 219 23.18 -30.37 14.98
CA PRO B 219 21.70 -30.48 14.84
C PRO B 219 21.07 -29.28 15.53
N CYS B 220 20.01 -28.72 14.91
CA CYS B 220 19.28 -27.56 15.48
C CYS B 220 17.78 -27.59 15.18
N ALA B 221 17.08 -26.57 15.64
CA ALA B 221 15.64 -26.53 15.41
C ALA B 221 15.07 -25.13 15.15
N ILE B 222 13.90 -25.08 14.50
CA ILE B 222 13.22 -23.80 14.26
C ILE B 222 11.69 -23.91 14.35
N GLU B 223 11.02 -22.77 14.59
CA GLU B 223 9.55 -22.75 14.66
C GLU B 223 9.09 -22.50 13.21
N VAL B 224 8.00 -23.13 12.79
CA VAL B 224 7.50 -22.90 11.44
C VAL B 224 5.99 -22.73 11.42
N TYR B 225 5.46 -22.17 10.34
CA TYR B 225 4.01 -22.03 10.25
C TYR B 225 3.46 -22.68 8.96
N LYS B 226 2.34 -23.37 9.11
CA LYS B 226 1.73 -24.05 7.98
C LYS B 226 0.38 -23.39 7.77
N ILE B 227 0.15 -22.88 6.56
CA ILE B 227 -1.10 -22.19 6.23
C ILE B 227 -2.24 -23.21 6.06
N ILE B 228 -2.60 -23.88 7.15
CA ILE B 228 -3.66 -24.91 7.13
C ILE B 228 -4.93 -24.44 6.47
N GLU B 229 -5.14 -23.12 6.43
CA GLU B 229 -6.33 -22.57 5.77
C GLU B 229 -6.38 -21.06 5.51
N LYS B 230 -6.99 -20.69 4.40
CA LYS B 230 -7.16 -19.28 4.12
C LYS B 230 -8.52 -18.93 4.76
N VAL B 231 -8.52 -18.23 5.89
CA VAL B 231 -9.78 -17.84 6.56
C VAL B 231 -10.49 -16.96 5.56
N ASP B 232 -11.69 -17.35 5.13
CA ASP B 232 -12.33 -16.57 4.08
C ASP B 232 -13.06 -15.30 4.44
N TYR B 233 -13.35 -14.52 3.39
CA TYR B 233 -14.00 -13.23 3.53
C TYR B 233 -15.53 -13.28 3.58
N PRO B 234 -16.10 -12.60 4.58
CA PRO B 234 -17.56 -12.57 4.68
C PRO B 234 -18.02 -11.85 3.41
N ARG B 235 -18.23 -12.63 2.36
CA ARG B 235 -18.68 -12.12 1.07
C ARG B 235 -20.17 -12.10 1.36
N ASP B 236 -21.01 -11.52 0.52
CA ASP B 236 -22.47 -11.49 0.84
C ASP B 236 -23.38 -12.00 -0.29
N GLU B 237 -24.69 -12.18 -0.04
CA GLU B 237 -25.60 -12.67 -1.09
C GLU B 237 -25.22 -12.14 -2.48
N ASN B 238 -24.75 -10.88 -2.54
CA ASN B 238 -24.33 -10.25 -3.79
C ASN B 238 -22.84 -10.37 -4.01
N GLY B 239 -22.19 -11.27 -3.27
CA GLY B 239 -20.76 -11.47 -3.38
C GLY B 239 -19.99 -10.38 -2.68
N GLU B 240 -20.65 -9.25 -2.40
CA GLU B 240 -20.02 -8.09 -1.75
C GLU B 240 -19.49 -8.36 -0.35
N ILE B 241 -18.23 -7.96 -0.10
CA ILE B 241 -17.64 -8.15 1.20
C ILE B 241 -18.51 -7.56 2.30
N ALA B 242 -18.61 -8.29 3.41
CA ALA B 242 -19.39 -7.87 4.56
C ALA B 242 -18.47 -7.22 5.62
N ALA B 243 -18.19 -7.95 6.70
CA ALA B 243 -17.36 -7.43 7.75
C ALA B 243 -15.90 -7.32 7.28
N ILE B 244 -15.10 -6.58 8.03
CA ILE B 244 -13.70 -6.40 7.71
C ILE B 244 -12.81 -6.84 8.90
N ILE B 245 -11.50 -7.05 8.68
CA ILE B 245 -10.63 -7.45 9.78
C ILE B 245 -10.90 -6.64 11.08
N HIS B 246 -11.04 -7.30 12.22
CA HIS B 246 -11.32 -6.52 13.41
C HIS B 246 -10.15 -5.66 13.71
N PRO B 247 -10.35 -4.55 14.43
CA PRO B 247 -9.13 -3.77 14.66
C PRO B 247 -8.00 -4.44 15.39
N ASN B 248 -8.29 -4.94 16.58
CA ASN B 248 -7.33 -5.60 17.46
C ASN B 248 -6.44 -6.65 16.85
N LEU B 249 -6.92 -7.26 15.77
CA LEU B 249 -6.25 -8.29 14.99
C LEU B 249 -5.29 -7.67 13.97
N GLN B 250 -5.71 -6.56 13.38
CA GLN B 250 -4.92 -5.86 12.37
C GLN B 250 -3.52 -5.70 12.90
N ASP B 251 -2.55 -6.05 12.04
CA ASP B 251 -1.15 -5.95 12.33
C ASP B 251 -0.66 -6.91 13.42
N GLN B 252 -1.48 -7.92 13.74
CA GLN B 252 -1.14 -8.91 14.76
C GLN B 252 -0.80 -10.26 14.17
N ASP B 253 -0.11 -10.27 13.03
CA ASP B 253 0.32 -11.51 12.40
C ASP B 253 1.25 -12.17 13.41
N TRP B 254 1.42 -13.48 13.26
CA TRP B 254 2.31 -14.30 14.13
C TRP B 254 1.87 -14.45 15.59
N LYS B 255 1.13 -13.47 16.10
CA LYS B 255 0.65 -13.49 17.49
C LYS B 255 -0.54 -14.45 17.60
N PRO B 256 -0.67 -15.12 18.73
CA PRO B 256 -1.73 -16.08 19.02
C PRO B 256 -3.09 -15.42 19.20
N LEU B 257 -4.09 -15.96 18.52
CA LEU B 257 -5.46 -15.46 18.58
C LEU B 257 -6.29 -16.60 19.25
N HIS B 258 -6.98 -16.26 20.33
CA HIS B 258 -7.74 -17.26 21.03
C HIS B 258 -9.24 -17.32 20.70
N PRO B 259 -9.84 -18.49 20.87
CA PRO B 259 -11.27 -18.63 20.57
C PRO B 259 -12.09 -17.49 21.13
N GLY B 260 -11.55 -16.81 22.12
CA GLY B 260 -12.24 -15.66 22.68
C GLY B 260 -12.12 -14.38 21.83
N ASP B 261 -10.87 -13.94 21.64
CA ASP B 261 -10.42 -12.77 20.86
C ASP B 261 -11.21 -12.35 19.63
N PRO B 262 -11.32 -11.03 19.40
CA PRO B 262 -12.06 -10.50 18.24
C PRO B 262 -11.33 -10.78 16.94
N PHE B 264 -13.43 -9.82 13.55
CA PHE B 264 -14.07 -8.92 12.60
C PHE B 264 -14.78 -7.75 13.29
N LEU B 265 -15.08 -6.73 12.49
CA LEU B 265 -15.78 -5.54 12.95
C LEU B 265 -16.62 -5.04 11.77
N THR B 266 -17.91 -4.92 12.00
CA THR B 266 -18.81 -4.44 10.94
C THR B 266 -18.86 -2.92 10.96
N LEU B 267 -19.37 -2.32 9.88
CA LEU B 267 -19.48 -0.87 9.85
C LEU B 267 -20.61 -0.43 10.78
N ASP B 268 -21.40 -1.39 11.27
CA ASP B 268 -22.47 -1.06 12.20
C ASP B 268 -21.83 -1.15 13.59
N GLY B 269 -20.61 -1.67 13.59
CA GLY B 269 -19.81 -1.77 14.79
C GLY B 269 -19.88 -2.97 15.71
N LYS B 270 -20.24 -4.16 15.21
CA LYS B 270 -20.25 -5.32 16.10
C LYS B 270 -18.94 -6.08 15.94
N THR B 271 -18.39 -6.55 17.06
CA THR B 271 -17.15 -7.32 17.02
C THR B 271 -17.46 -8.83 16.93
N ILE B 272 -17.06 -9.45 15.83
CA ILE B 272 -17.23 -10.89 15.66
C ILE B 272 -15.96 -11.46 16.25
N PRO B 273 -16.08 -12.47 17.13
CA PRO B 273 -14.97 -13.14 17.82
C PRO B 273 -14.33 -14.22 17.01
N LEU B 274 -13.08 -14.50 17.32
CA LEU B 274 -12.36 -15.55 16.63
C LEU B 274 -13.32 -16.65 16.27
N GLY B 275 -13.39 -17.68 17.10
CA GLY B 275 -14.26 -18.82 16.81
C GLY B 275 -13.49 -19.92 16.11
N GLY B 276 -14.01 -20.37 14.97
CA GLY B 276 -13.39 -21.44 14.22
C GLY B 276 -13.65 -22.71 15.00
N ASP B 277 -12.60 -23.25 15.66
CA ASP B 277 -12.71 -24.47 16.46
C ASP B 277 -11.48 -24.79 17.36
N CYS B 278 -10.37 -24.09 17.16
CA CYS B 278 -9.21 -24.31 18.04
C CYS B 278 -8.60 -22.92 18.08
N THR B 279 -7.29 -22.87 18.30
CA THR B 279 -6.56 -21.63 18.40
C THR B 279 -5.74 -21.35 17.13
N VAL B 280 -5.28 -20.11 16.97
CA VAL B 280 -4.55 -19.78 15.76
C VAL B 280 -3.51 -18.67 15.86
N TYR B 281 -2.71 -18.55 14.81
CA TYR B 281 -1.68 -17.54 14.71
C TYR B 281 -1.89 -16.95 13.35
N PRO B 282 -2.52 -15.78 13.30
CA PRO B 282 -2.72 -15.25 11.95
C PRO B 282 -1.45 -14.63 11.38
N VAL B 283 -1.22 -14.94 10.10
CA VAL B 283 -0.09 -14.40 9.34
C VAL B 283 -0.78 -14.07 8.03
N PHE B 284 -0.36 -12.98 7.41
CA PHE B 284 -0.90 -12.51 6.15
C PHE B 284 -2.27 -11.87 6.38
N VAL B 285 -2.39 -11.27 7.57
CA VAL B 285 -3.59 -10.55 7.95
C VAL B 285 -3.60 -9.31 7.05
N ASN B 286 -4.74 -9.08 6.42
CA ASN B 286 -5.03 -7.97 5.54
C ASN B 286 -4.06 -7.62 4.43
N GLU B 287 -3.74 -8.59 3.57
CA GLU B 287 -2.82 -8.36 2.45
C GLU B 287 -3.57 -7.89 1.17
N ALA B 288 -3.03 -6.89 0.47
CA ALA B 288 -3.68 -6.40 -0.74
C ALA B 288 -4.01 -7.49 -1.76
N ALA B 289 -3.06 -8.36 -2.06
CA ALA B 289 -3.30 -9.42 -3.02
C ALA B 289 -4.28 -10.49 -2.51
N TYR B 290 -4.73 -10.36 -1.27
CA TYR B 290 -5.65 -11.33 -0.75
C TYR B 290 -7.13 -11.05 -1.01
N TYR B 291 -7.54 -9.78 -1.19
CA TYR B 291 -8.94 -9.52 -1.46
C TYR B 291 -9.42 -10.34 -2.64
N GLU B 292 -8.94 -10.00 -3.83
CA GLU B 292 -9.33 -10.77 -4.99
C GLU B 292 -9.23 -12.24 -4.56
N LYS B 293 -8.01 -12.68 -4.20
CA LYS B 293 -7.74 -14.06 -3.74
C LYS B 293 -8.49 -14.48 -2.46
N LYS B 294 -9.70 -13.90 -2.25
CA LYS B 294 -10.64 -14.11 -1.10
C LYS B 294 -10.11 -14.56 0.30
N GLU B 295 -9.20 -13.78 0.89
CA GLU B 295 -8.63 -14.13 2.18
C GLU B 295 -8.47 -12.88 3.05
N ALA B 296 -9.11 -12.90 4.20
CA ALA B 296 -8.99 -11.79 5.12
C ALA B 296 -7.64 -11.98 5.79
N PHE B 297 -7.32 -13.21 6.15
CA PHE B 297 -6.01 -13.52 6.76
C PHE B 297 -5.75 -15.01 6.61
N ALA B 298 -4.49 -15.43 6.81
CA ALA B 298 -4.12 -16.84 6.74
C ALA B 298 -4.34 -17.62 8.07
N LYS B 299 -4.86 -18.84 7.95
CA LYS B 299 -5.06 -19.67 9.14
C LYS B 299 -3.92 -20.67 9.11
N THR B 300 -2.85 -20.31 9.81
CA THR B 300 -1.67 -21.13 9.87
C THR B 300 -1.58 -21.85 11.20
N THR B 301 -0.91 -23.00 11.19
CA THR B 301 -0.70 -23.72 12.43
C THR B 301 0.81 -23.86 12.67
N LYS B 302 1.19 -23.89 13.94
CA LYS B 302 2.60 -23.90 14.29
C LYS B 302 3.23 -25.23 14.65
N LEU B 303 4.51 -25.36 14.35
CA LEU B 303 5.23 -26.57 14.63
C LEU B 303 6.74 -26.37 14.65
N THR B 304 7.42 -27.45 15.08
CA THR B 304 8.89 -27.44 15.14
C THR B 304 9.46 -28.45 14.19
N LEU B 305 10.41 -28.03 13.37
CA LEU B 305 11.03 -28.94 12.45
C LEU B 305 12.51 -29.04 12.91
N ASN B 306 13.17 -30.14 12.53
CA ASN B 306 14.58 -30.36 12.90
C ASN B 306 15.54 -30.67 11.76
N ALA B 307 16.81 -30.32 11.92
CA ALA B 307 17.79 -30.59 10.88
C ALA B 307 18.94 -31.45 11.34
N LYS B 308 19.06 -32.66 10.76
CA LYS B 308 20.18 -33.57 11.08
C LYS B 308 21.44 -32.71 11.04
N SER B 309 22.48 -33.09 11.78
CA SER B 309 23.72 -32.33 11.80
C SER B 309 24.05 -32.15 10.32
N ILE B 310 24.82 -31.15 9.95
CA ILE B 310 25.13 -30.97 8.53
C ILE B 310 26.65 -30.69 8.35
N ARG B 311 27.19 -31.20 7.24
CA ARG B 311 28.61 -31.02 6.92
C ARG B 311 28.77 -31.05 5.42
N CYS B 312 29.55 -30.14 4.86
CA CYS B 312 29.80 -30.13 3.41
C CYS B 312 31.11 -30.88 3.16
N GLU A 11 -26.00 31.70 2.57
CA GLU A 11 -27.38 31.27 2.20
C GLU A 11 -27.68 29.83 2.56
N HIS A 12 -28.87 29.37 2.19
CA HIS A 12 -29.34 28.02 2.51
C HIS A 12 -28.69 26.82 1.78
N ILE A 13 -27.87 26.06 2.52
CA ILE A 13 -27.17 24.87 2.00
C ILE A 13 -28.11 23.69 1.76
N GLN A 14 -28.67 23.59 0.55
CA GLN A 14 -29.58 22.51 0.23
C GLN A 14 -28.80 21.30 -0.25
N LYS A 15 -28.32 21.37 -1.48
CA LYS A 15 -27.59 20.26 -2.10
C LYS A 15 -26.16 19.92 -1.58
N VAL A 16 -26.04 18.75 -0.92
CA VAL A 16 -24.78 18.26 -0.35
C VAL A 16 -24.44 16.83 -0.79
N ALA A 17 -23.22 16.65 -1.26
CA ALA A 17 -22.78 15.30 -1.71
C ALA A 17 -21.50 14.79 -1.02
N ILE A 18 -21.42 13.48 -0.92
CA ILE A 18 -20.24 12.79 -0.39
C ILE A 18 -19.85 11.79 -1.47
N PHE A 19 -18.74 12.07 -2.17
CA PHE A 19 -18.22 11.21 -3.22
C PHE A 19 -17.25 10.16 -2.72
N GLY A 20 -17.41 8.92 -3.20
CA GLY A 20 -16.52 7.83 -2.84
C GLY A 20 -16.02 7.09 -4.09
N GLY A 21 -14.75 6.65 -4.05
CA GLY A 21 -14.19 5.94 -5.16
C GLY A 21 -13.67 6.87 -6.25
N THR A 22 -13.44 8.14 -5.92
CA THR A 22 -12.89 9.02 -6.96
C THR A 22 -11.70 8.26 -7.52
N HIS A 23 -10.95 7.59 -6.63
CA HIS A 23 -9.83 6.68 -7.04
C HIS A 23 -10.29 5.32 -6.51
N GLY A 24 -10.50 4.39 -7.44
CA GLY A 24 -10.99 3.06 -7.13
C GLY A 24 -10.23 2.09 -6.26
N ASN A 25 -8.96 2.34 -6.00
CA ASN A 25 -8.24 1.41 -5.17
C ASN A 25 -8.10 1.91 -3.75
N GLU A 26 -8.62 3.12 -3.49
CA GLU A 26 -8.63 3.69 -2.12
C GLU A 26 -9.95 3.14 -1.49
N LEU A 27 -9.88 2.26 -0.49
CA LEU A 27 -11.13 1.66 -0.07
C LEU A 27 -12.01 2.27 0.97
N THR A 28 -11.48 3.09 1.88
CA THR A 28 -12.34 3.62 2.92
C THR A 28 -13.65 4.16 2.33
N GLY A 29 -13.53 5.04 1.35
CA GLY A 29 -14.74 5.58 0.74
C GLY A 29 -15.60 4.65 -0.12
N VAL A 30 -14.97 3.74 -0.84
CA VAL A 30 -15.72 2.82 -1.66
C VAL A 30 -16.60 2.03 -0.70
N PHE A 31 -16.07 1.76 0.48
CA PHE A 31 -16.77 1.01 1.52
C PHE A 31 -17.71 1.95 2.36
N LEU A 32 -17.16 3.01 2.96
CA LEU A 32 -18.01 3.93 3.70
C LEU A 32 -19.18 4.40 2.88
N VAL A 33 -18.94 4.88 1.66
CA VAL A 33 -20.05 5.36 0.80
C VAL A 33 -21.13 4.30 0.44
N LYS A 34 -20.71 3.18 -0.14
CA LYS A 34 -21.63 2.12 -0.49
C LYS A 34 -22.56 1.69 0.66
N HIS A 35 -22.04 1.56 1.87
CA HIS A 35 -22.88 1.20 3.04
C HIS A 35 -24.03 2.23 3.17
N TRP A 36 -23.68 3.51 3.03
CA TRP A 36 -24.65 4.58 3.13
C TRP A 36 -25.79 4.38 2.14
N LEU A 37 -25.48 4.01 0.90
CA LEU A 37 -26.54 3.77 -0.04
C LEU A 37 -27.43 2.67 0.55
N GLU A 38 -26.83 1.66 1.17
CA GLU A 38 -27.67 0.63 1.75
C GLU A 38 -28.60 1.27 2.80
N ASN A 39 -28.04 2.16 3.62
CA ASN A 39 -28.81 2.89 4.65
C ASN A 39 -28.02 4.15 5.13
N GLY A 40 -28.47 5.31 4.62
CA GLY A 40 -27.86 6.60 4.89
C GLY A 40 -28.15 7.40 6.16
N ALA A 41 -28.87 6.80 7.08
CA ALA A 41 -29.19 7.44 8.36
C ALA A 41 -28.02 8.23 8.93
N GLU A 42 -26.79 7.71 8.78
CA GLU A 42 -25.57 8.32 9.33
C GLU A 42 -25.21 9.68 8.75
N ILE A 43 -25.07 9.74 7.44
CA ILE A 43 -24.70 11.02 6.86
C ILE A 43 -25.92 11.91 6.65
N GLN A 44 -26.82 11.90 7.64
CA GLN A 44 -28.05 12.71 7.63
C GLN A 44 -28.37 13.35 8.99
N ARG A 45 -28.93 14.57 8.95
CA ARG A 45 -29.34 15.28 10.15
C ARG A 45 -30.71 15.93 9.81
N THR A 46 -31.76 15.67 10.58
CA THR A 46 -33.04 16.30 10.24
C THR A 46 -32.72 17.69 9.71
N GLY A 47 -33.28 17.99 8.54
CA GLY A 47 -33.06 19.27 7.89
C GLY A 47 -31.70 19.37 7.21
N LEU A 48 -31.52 18.62 6.11
CA LEU A 48 -30.26 18.62 5.36
C LEU A 48 -30.23 17.64 4.14
N GLU A 49 -29.70 18.09 3.00
CA GLU A 49 -29.57 17.24 1.79
C GLU A 49 -28.18 16.67 1.76
N VAL A 50 -28.04 15.39 2.07
CA VAL A 50 -26.74 14.74 2.06
C VAL A 50 -26.83 13.54 1.14
N LYS A 51 -26.05 13.56 0.07
CA LYS A 51 -26.09 12.45 -0.88
C LYS A 51 -24.75 11.69 -1.07
N PRO A 52 -24.74 10.37 -0.78
CA PRO A 52 -23.58 9.48 -0.91
C PRO A 52 -23.51 8.91 -2.33
N PHE A 53 -22.50 9.34 -3.08
CA PHE A 53 -22.33 8.92 -4.47
C PHE A 53 -20.96 8.29 -4.71
N ILE A 54 -20.94 7.18 -5.46
CA ILE A 54 -19.69 6.48 -5.81
C ILE A 54 -19.31 7.01 -7.17
N THR A 55 -18.21 7.77 -7.26
CA THR A 55 -17.77 8.42 -8.53
C THR A 55 -17.17 7.63 -9.71
N ASN A 56 -16.01 6.99 -9.54
CA ASN A 56 -15.43 6.22 -10.64
C ASN A 56 -15.73 4.73 -10.42
N PRO A 57 -16.88 4.27 -10.95
CA PRO A 57 -17.35 2.89 -10.81
C PRO A 57 -16.42 1.85 -11.38
N ARG A 58 -15.85 2.13 -12.55
CA ARG A 58 -14.95 1.15 -13.14
C ARG A 58 -13.59 1.04 -12.43
N ALA A 59 -13.08 2.17 -11.95
CA ALA A 59 -11.80 2.17 -11.27
C ALA A 59 -12.02 1.49 -9.91
N VAL A 60 -13.28 1.18 -9.61
CA VAL A 60 -13.62 0.46 -8.39
C VAL A 60 -13.83 -0.96 -8.89
N LYS A 61 -14.06 -1.16 -10.18
CA LYS A 61 -14.17 -2.53 -10.67
C LYS A 61 -12.78 -3.18 -10.94
N LYS A 62 -11.92 -2.55 -11.75
CA LYS A 62 -10.59 -3.10 -12.06
C LYS A 62 -9.78 -2.89 -10.84
N CYS A 63 -10.35 -2.06 -9.98
CA CYS A 63 -9.69 -1.75 -8.73
C CYS A 63 -8.30 -1.03 -8.92
N THR A 64 -8.32 0.28 -9.10
CA THR A 64 -7.09 1.06 -9.26
C THR A 64 -7.32 2.55 -9.12
N ARG A 65 -6.26 3.34 -9.28
CA ARG A 65 -6.37 4.79 -9.16
C ARG A 65 -7.35 5.19 -10.26
N TYR A 66 -7.11 4.71 -11.47
CA TYR A 66 -8.02 4.97 -12.57
C TYR A 66 -7.94 3.96 -13.77
N ILE A 67 -8.74 4.20 -14.81
CA ILE A 67 -8.73 3.34 -15.99
C ILE A 67 -8.00 3.98 -17.16
N ASP A 68 -8.38 5.19 -17.54
CA ASP A 68 -7.75 5.89 -18.64
C ASP A 68 -6.95 7.09 -18.17
N CYS A 69 -7.49 7.81 -17.17
CA CYS A 69 -6.79 8.99 -16.61
C CYS A 69 -7.31 9.43 -15.25
N ASP A 70 -6.52 10.21 -14.52
CA ASP A 70 -6.90 10.68 -13.18
C ASP A 70 -8.12 11.55 -13.15
N LEU A 71 -9.19 11.05 -12.54
CA LEU A 71 -10.45 11.80 -12.42
C LEU A 71 -10.19 13.12 -11.68
N ASN A 72 -10.16 13.04 -10.34
CA ASN A 72 -9.98 14.19 -9.41
C ASN A 72 -8.86 15.16 -9.78
N ARG A 73 -8.39 15.08 -11.03
CA ARG A 73 -7.28 15.89 -11.53
C ARG A 73 -7.62 16.73 -12.78
N ILE A 74 -8.65 16.31 -13.52
CA ILE A 74 -9.06 16.98 -14.77
C ILE A 74 -10.31 17.89 -14.72
N PHE A 75 -10.94 18.08 -13.56
CA PHE A 75 -12.18 18.88 -13.55
C PHE A 75 -12.07 20.40 -13.87
N ASP A 76 -11.79 20.64 -15.14
CA ASP A 76 -11.63 21.95 -15.70
C ASP A 76 -12.35 22.04 -17.06
N LEU A 77 -12.42 23.26 -17.58
CA LEU A 77 -13.06 23.58 -18.84
C LEU A 77 -12.55 22.73 -20.00
N GLU A 78 -11.21 22.58 -20.06
CA GLU A 78 -10.50 21.81 -21.08
C GLU A 78 -11.05 20.40 -21.26
N ASN A 79 -11.79 19.93 -20.26
CA ASN A 79 -12.36 18.60 -20.33
C ASN A 79 -13.83 18.58 -19.98
N LEU A 80 -14.20 19.14 -18.83
CA LEU A 80 -15.59 19.16 -18.39
C LEU A 80 -16.53 19.81 -19.41
N GLY A 81 -15.89 20.26 -20.50
CA GLY A 81 -16.58 20.90 -21.62
C GLY A 81 -16.15 20.56 -23.04
N LYS A 82 -15.57 19.39 -23.27
CA LYS A 82 -15.18 19.02 -24.64
C LYS A 82 -16.18 17.97 -25.17
N LYS A 83 -16.53 18.03 -26.46
CA LYS A 83 -17.56 17.13 -27.03
C LYS A 83 -17.64 15.62 -26.73
N SER A 85 -18.21 11.72 -26.70
CA SER A 85 -18.01 10.69 -27.67
C SER A 85 -17.60 9.36 -27.01
N GLU A 86 -17.98 8.30 -27.69
CA GLU A 86 -17.67 6.98 -27.21
C GLU A 86 -16.15 6.77 -27.20
N ASP A 87 -15.43 7.57 -27.97
CA ASP A 87 -13.98 7.44 -28.04
C ASP A 87 -13.24 8.30 -27.04
N LEU A 88 -13.94 9.10 -26.23
CA LEU A 88 -13.22 9.89 -25.23
C LEU A 88 -12.73 8.97 -24.08
N PRO A 89 -11.57 9.31 -23.48
CA PRO A 89 -11.05 8.49 -22.37
C PRO A 89 -12.10 8.36 -21.26
N TYR A 90 -12.33 7.12 -20.82
CA TYR A 90 -13.34 6.83 -19.82
C TYR A 90 -13.58 7.91 -18.72
N GLU A 91 -12.54 8.21 -17.93
CA GLU A 91 -12.70 9.21 -16.87
C GLU A 91 -13.19 10.57 -17.37
N VAL A 92 -12.79 10.96 -18.58
CA VAL A 92 -13.27 12.23 -19.12
C VAL A 92 -14.83 12.20 -19.21
N ARG A 93 -15.33 11.33 -20.07
CA ARG A 93 -16.77 11.18 -20.21
C ARG A 93 -17.37 11.29 -18.78
N ARG A 94 -17.04 10.33 -17.93
CA ARG A 94 -17.53 10.25 -16.58
C ARG A 94 -17.46 11.65 -15.92
N ALA A 95 -16.42 12.43 -16.25
CA ALA A 95 -16.27 13.79 -15.72
C ALA A 95 -17.38 14.67 -16.34
N GLN A 96 -17.62 14.47 -17.64
CA GLN A 96 -18.67 15.21 -18.30
C GLN A 96 -19.98 14.74 -17.69
N GLU A 97 -20.16 13.41 -17.68
CA GLU A 97 -21.35 12.77 -17.13
C GLU A 97 -21.55 13.22 -15.66
N ILE A 98 -20.47 13.35 -14.90
CA ILE A 98 -20.56 13.80 -13.50
C ILE A 98 -20.91 15.31 -13.28
N ASN A 99 -20.33 16.20 -14.10
CA ASN A 99 -20.69 17.61 -13.94
C ASN A 99 -22.22 17.81 -14.21
N HIS A 100 -22.80 17.01 -15.11
CA HIS A 100 -24.23 17.14 -15.41
C HIS A 100 -25.06 16.86 -14.14
N LEU A 101 -24.66 15.86 -13.34
CA LEU A 101 -25.38 15.53 -12.11
C LEU A 101 -25.26 16.45 -10.85
N PHE A 102 -24.06 16.93 -10.49
CA PHE A 102 -23.94 17.75 -9.27
C PHE A 102 -23.51 19.22 -9.56
N GLY A 103 -23.37 19.50 -10.86
CA GLY A 103 -22.98 20.83 -11.31
C GLY A 103 -24.19 21.46 -11.94
N PRO A 104 -24.04 22.14 -13.09
CA PRO A 104 -22.78 22.35 -13.83
C PRO A 104 -21.83 23.15 -12.98
N LYS A 105 -20.54 22.80 -12.99
CA LYS A 105 -19.56 23.56 -12.19
C LYS A 105 -19.82 25.04 -12.53
N ASP A 106 -19.87 25.88 -11.50
CA ASP A 106 -20.14 27.33 -11.66
C ASP A 106 -21.61 27.71 -12.00
N SER A 107 -22.48 26.71 -12.20
CA SER A 107 -23.88 26.94 -12.47
C SER A 107 -24.63 27.22 -11.17
N GLU A 108 -25.67 28.03 -11.24
CA GLU A 108 -26.39 28.35 -10.00
C GLU A 108 -27.04 27.16 -9.31
N ASP A 109 -27.28 26.09 -10.05
CA ASP A 109 -27.91 24.92 -9.45
C ASP A 109 -26.87 23.92 -8.98
N SER A 110 -25.60 24.31 -9.09
CA SER A 110 -24.51 23.45 -8.68
C SER A 110 -24.70 22.99 -7.24
N TYR A 111 -24.31 21.75 -6.95
CA TYR A 111 -24.44 21.25 -5.58
C TYR A 111 -23.80 22.25 -4.64
N ASP A 112 -24.30 22.28 -3.43
CA ASP A 112 -23.84 23.21 -2.42
C ASP A 112 -22.50 22.81 -1.86
N ILE A 113 -22.43 21.59 -1.34
CA ILE A 113 -21.19 21.05 -0.80
C ILE A 113 -21.03 19.58 -1.23
N ILE A 114 -19.89 19.23 -1.83
CA ILE A 114 -19.60 17.84 -2.18
C ILE A 114 -18.39 17.50 -1.30
N PHE A 115 -18.42 16.37 -0.61
CA PHE A 115 -17.30 15.90 0.24
C PHE A 115 -16.64 14.74 -0.55
N ASP A 116 -15.37 14.88 -0.95
CA ASP A 116 -14.70 13.80 -1.66
C ASP A 116 -13.74 13.02 -0.70
N LEU A 117 -14.06 11.74 -0.46
CA LEU A 117 -13.22 10.90 0.42
C LEU A 117 -12.00 10.30 -0.32
N HIS A 118 -10.84 10.47 0.29
CA HIS A 118 -9.59 9.94 -0.25
C HIS A 118 -8.73 9.20 0.80
N ASN A 119 -7.70 8.50 0.31
CA ASN A 119 -6.80 7.73 1.15
C ASN A 119 -5.36 7.92 0.73
N THR A 120 -4.47 8.05 1.72
CA THR A 120 -3.04 8.22 1.44
C THR A 120 -2.17 7.18 2.16
N THR A 121 -1.17 6.67 1.47
CA THR A 121 -0.27 5.68 2.06
C THR A 121 0.68 6.40 3.00
N SER A 122 0.63 7.73 2.97
CA SER A 122 1.46 8.53 3.85
C SER A 122 0.81 8.65 5.26
N ASN A 123 1.66 8.91 6.25
CA ASN A 123 1.22 9.01 7.63
C ASN A 123 0.70 10.39 8.04
N GLY A 125 -2.55 10.96 8.86
CA GLY A 125 -3.70 10.89 9.74
C GLY A 125 -4.94 11.45 9.10
N CYS A 126 -5.67 12.31 9.82
CA CYS A 126 -6.89 12.94 9.27
C CYS A 126 -6.55 14.32 8.72
N THR A 127 -6.84 14.50 7.43
CA THR A 127 -6.55 15.78 6.79
C THR A 127 -7.74 16.35 6.02
N LEU A 128 -7.96 17.65 6.20
CA LEU A 128 -9.03 18.36 5.50
C LEU A 128 -8.33 19.14 4.40
N ILE A 129 -8.84 19.05 3.17
CA ILE A 129 -8.21 19.76 2.08
C ILE A 129 -9.01 21.02 1.70
N LEU A 130 -8.36 22.17 1.86
CA LEU A 130 -8.95 23.45 1.59
C LEU A 130 -8.46 24.14 0.32
N GLU A 131 -9.37 24.76 -0.44
CA GLU A 131 -8.97 25.48 -1.67
C GLU A 131 -9.53 26.93 -1.82
N ASP A 132 -10.61 27.24 -1.10
CA ASP A 132 -11.20 28.58 -1.12
C ASP A 132 -10.55 29.32 0.07
N SER A 133 -9.21 29.33 0.13
CA SER A 133 -8.42 29.99 1.21
C SER A 133 -9.16 31.14 1.86
N ARG A 134 -9.90 31.85 1.03
CA ARG A 134 -10.72 32.95 1.47
C ARG A 134 -12.14 32.36 1.48
N ASN A 135 -12.49 31.67 2.56
CA ASN A 135 -13.83 31.08 2.71
C ASN A 135 -14.10 30.87 4.19
N ASN A 136 -14.95 31.74 4.75
CA ASN A 136 -15.33 31.69 6.17
C ASN A 136 -16.14 30.43 6.57
N PHE A 137 -17.05 30.05 5.68
CA PHE A 137 -17.90 28.89 5.87
C PHE A 137 -17.01 27.63 6.00
N LEU A 138 -15.98 27.56 5.15
CA LEU A 138 -15.03 26.44 5.16
C LEU A 138 -14.14 26.50 6.39
N ILE A 139 -13.51 27.65 6.64
CA ILE A 139 -12.63 27.74 7.80
C ILE A 139 -13.43 27.37 9.05
N GLN A 140 -14.70 27.77 9.06
CA GLN A 140 -15.58 27.47 10.17
C GLN A 140 -15.84 25.99 10.29
N PHE A 142 -14.26 23.47 9.22
CA PHE A 142 -13.05 22.79 9.61
C PHE A 142 -12.73 23.01 11.08
N HIS A 143 -12.83 24.27 11.50
CA HIS A 143 -12.54 24.58 12.89
C HIS A 143 -13.40 23.66 13.73
N TYR A 144 -14.71 23.69 13.51
CA TYR A 144 -15.63 22.83 14.26
C TYR A 144 -15.06 21.39 14.28
N ILE A 145 -14.80 20.86 13.09
CA ILE A 145 -14.28 19.50 12.92
C ILE A 145 -13.09 19.15 13.82
N LYS A 146 -12.08 20.01 13.88
CA LYS A 146 -10.89 19.81 14.72
C LYS A 146 -11.28 19.83 16.21
N THR A 147 -12.15 20.77 16.58
CA THR A 147 -12.58 20.84 17.95
C THR A 147 -13.32 19.55 18.16
N SER A 148 -14.13 19.23 17.16
CA SER A 148 -14.93 18.02 17.16
C SER A 148 -14.05 16.78 17.38
N LEU A 149 -12.96 16.70 16.61
CA LEU A 149 -12.01 15.58 16.65
C LEU A 149 -11.02 15.59 17.76
N ALA A 150 -10.45 16.77 18.04
CA ALA A 150 -9.50 16.96 19.13
C ALA A 150 -9.87 16.11 20.39
N PRO A 151 -8.88 15.47 21.04
CA PRO A 151 -7.43 15.31 20.88
C PRO A 151 -6.94 14.53 19.66
N LEU A 152 -7.86 13.97 18.89
CA LEU A 152 -7.44 13.26 17.69
C LEU A 152 -6.97 14.39 16.82
N PRO A 153 -5.76 14.27 16.26
CA PRO A 153 -5.14 15.27 15.38
C PRO A 153 -5.89 15.26 14.05
N CYS A 154 -6.06 16.45 13.47
CA CYS A 154 -6.79 16.62 12.22
C CYS A 154 -6.22 17.87 11.59
N TYR A 155 -5.42 17.67 10.54
CA TYR A 155 -4.72 18.76 9.87
C TYR A 155 -5.45 19.22 8.64
N VAL A 156 -5.25 20.51 8.32
CA VAL A 156 -5.89 21.09 7.13
C VAL A 156 -4.80 21.48 6.13
N TYR A 157 -4.92 20.94 4.91
CA TYR A 157 -3.99 21.21 3.83
C TYR A 157 -4.63 22.24 2.90
N LEU A 158 -3.93 23.35 2.62
CA LEU A 158 -4.47 24.37 1.72
C LEU A 158 -3.83 24.39 0.33
N ILE A 159 -4.64 24.27 -0.73
CA ILE A 159 -4.06 24.38 -2.09
C ILE A 159 -4.38 25.76 -2.74
N GLU A 160 -3.36 26.53 -3.09
CA GLU A 160 -3.62 27.87 -3.62
C GLU A 160 -2.99 28.23 -4.97
N HIS A 161 -3.72 27.93 -6.03
CA HIS A 161 -3.25 28.22 -7.37
C HIS A 161 -3.38 29.71 -7.74
N PRO A 162 -2.26 30.34 -8.15
CA PRO A 162 -2.31 31.76 -8.53
C PRO A 162 -3.23 32.04 -9.75
N SER A 163 -3.56 30.95 -10.48
CA SER A 163 -4.43 30.99 -11.65
C SER A 163 -5.87 31.03 -11.19
N LEU A 164 -6.08 30.80 -9.89
CA LEU A 164 -7.41 30.79 -9.29
C LEU A 164 -8.29 29.65 -9.79
N LYS A 165 -7.68 28.69 -10.51
CA LYS A 165 -8.41 27.55 -11.09
C LYS A 165 -8.14 26.17 -10.47
N TYR A 166 -9.12 25.28 -10.53
CA TYR A 166 -8.95 23.94 -9.98
C TYR A 166 -9.65 22.87 -10.86
N ALA A 167 -9.09 21.65 -10.92
CA ALA A 167 -9.67 20.60 -11.75
C ALA A 167 -10.04 19.35 -10.95
N THR A 168 -10.28 19.53 -9.64
CA THR A 168 -10.63 18.44 -8.76
C THR A 168 -12.08 18.05 -8.90
N THR A 169 -12.37 16.80 -8.55
CA THR A 169 -13.73 16.27 -8.61
C THR A 169 -14.65 17.10 -7.71
N ARG A 170 -14.21 17.41 -6.50
CA ARG A 170 -15.02 18.21 -5.56
C ARG A 170 -15.16 19.72 -5.92
N SER A 171 -14.27 20.20 -6.79
CA SER A 171 -14.26 21.56 -7.21
C SER A 171 -15.55 21.87 -8.00
N ILE A 172 -16.31 20.84 -8.32
CA ILE A 172 -17.56 21.05 -9.03
C ILE A 172 -18.64 21.69 -8.12
N ALA A 173 -18.48 21.68 -6.79
CA ALA A 173 -19.50 22.24 -5.88
C ALA A 173 -19.29 23.68 -5.45
N LYS A 174 -20.28 24.24 -4.76
CA LYS A 174 -20.18 25.61 -4.24
C LYS A 174 -19.16 25.61 -3.12
N TYR A 175 -19.32 24.67 -2.19
CA TYR A 175 -18.41 24.50 -1.04
C TYR A 175 -17.72 23.13 -1.11
N PRO A 176 -16.52 23.07 -1.74
CA PRO A 176 -15.67 21.88 -1.93
C PRO A 176 -14.89 21.43 -0.70
N VAL A 177 -14.96 20.15 -0.39
CA VAL A 177 -14.20 19.64 0.75
C VAL A 177 -13.37 18.37 0.43
N GLY A 178 -12.12 18.39 0.86
CA GLY A 178 -11.30 17.23 0.64
C GLY A 178 -11.15 16.46 1.94
N ILE A 179 -11.47 15.16 1.97
CA ILE A 179 -11.22 14.37 3.19
C ILE A 179 -10.22 13.21 2.86
N GLU A 180 -9.15 13.11 3.64
CA GLU A 180 -8.13 12.08 3.42
C GLU A 180 -7.76 11.41 4.75
N VAL A 181 -7.41 10.14 4.76
CA VAL A 181 -7.05 9.55 6.07
C VAL A 181 -5.86 8.59 6.11
N GLY A 182 -4.67 9.09 6.38
CA GLY A 182 -3.50 8.21 6.44
C GLY A 182 -3.13 7.59 7.78
N PRO A 183 -2.37 6.48 7.78
CA PRO A 183 -1.85 5.83 6.57
C PRO A 183 -2.55 4.51 6.25
N GLN A 184 -2.62 4.18 4.96
CA GLN A 184 -3.20 2.92 4.61
C GLN A 184 -2.69 2.52 3.27
N PRO A 185 -2.31 1.23 3.09
CA PRO A 185 -1.82 0.86 1.75
C PRO A 185 -3.00 0.92 0.77
N GLN A 186 -2.73 1.14 -0.51
CA GLN A 186 -3.82 1.14 -1.46
C GLN A 186 -4.47 -0.26 -1.41
N GLY A 187 -5.74 -0.33 -1.75
CA GLY A 187 -6.42 -1.61 -1.77
C GLY A 187 -6.50 -2.29 -0.43
N VAL A 188 -6.58 -1.51 0.63
CA VAL A 188 -6.67 -2.15 1.94
C VAL A 188 -7.54 -1.44 2.97
N LEU A 189 -8.54 -2.15 3.48
CA LEU A 189 -9.44 -1.57 4.48
C LEU A 189 -8.96 -1.66 5.93
N ARG A 190 -8.41 -0.58 6.49
CA ARG A 190 -7.95 -0.55 7.89
C ARG A 190 -8.91 0.19 8.84
N ALA A 191 -9.69 -0.58 9.61
CA ALA A 191 -10.71 -0.10 10.55
C ALA A 191 -10.36 1.19 11.23
N ASP A 192 -9.13 1.33 11.71
CA ASP A 192 -8.77 2.59 12.35
C ASP A 192 -8.99 3.72 11.34
N ILE A 193 -8.44 3.60 10.14
CA ILE A 193 -8.61 4.60 9.10
C ILE A 193 -10.10 4.88 8.89
N LEU A 194 -10.90 3.82 8.84
CA LEU A 194 -12.33 3.95 8.65
C LEU A 194 -13.09 4.64 9.81
N ASP A 195 -12.82 4.23 11.04
CA ASP A 195 -13.47 4.77 12.20
C ASP A 195 -13.19 6.27 12.16
N GLN A 196 -11.94 6.59 11.83
CA GLN A 196 -11.57 8.00 11.78
C GLN A 196 -12.28 8.81 10.67
N ARG A 198 -15.21 7.85 8.97
CA ARG A 198 -16.65 7.90 9.15
C ARG A 198 -16.94 8.82 10.31
N LYS A 199 -16.00 8.89 11.27
CA LYS A 199 -16.18 9.80 12.41
C LYS A 199 -16.03 11.24 11.89
N ILE A 201 -16.81 12.41 8.92
CA ILE A 201 -17.99 12.82 8.19
C ILE A 201 -19.16 13.06 9.18
N LYS A 202 -19.30 12.17 10.18
CA LYS A 202 -20.37 12.37 11.18
C LYS A 202 -20.05 13.56 12.09
N HIS A 203 -19.24 14.49 11.57
CA HIS A 203 -18.89 15.71 12.30
C HIS A 203 -18.96 16.93 11.40
N ALA A 204 -18.60 16.77 10.12
CA ALA A 204 -18.70 17.88 9.18
C ALA A 204 -20.20 18.13 8.93
N LEU A 205 -21.01 17.07 8.98
CA LEU A 205 -22.44 17.22 8.76
C LEU A 205 -23.10 17.88 9.98
N ASP A 206 -22.58 17.60 11.19
CA ASP A 206 -23.12 18.22 12.40
C ASP A 206 -23.03 19.73 12.15
N PHE A 207 -21.91 20.18 11.59
CA PHE A 207 -21.73 21.59 11.27
C PHE A 207 -22.84 22.16 10.33
N ILE A 208 -22.94 21.64 9.10
CA ILE A 208 -23.96 22.16 8.19
C ILE A 208 -25.37 22.21 8.78
N HIS A 209 -25.82 21.09 9.34
CA HIS A 209 -27.16 21.01 9.94
C HIS A 209 -27.36 22.23 10.84
N HIS A 210 -26.47 22.36 11.80
CA HIS A 210 -26.55 23.48 12.71
C HIS A 210 -26.71 24.75 11.93
N PHE A 211 -25.78 25.01 11.01
CA PHE A 211 -25.87 26.21 10.20
C PHE A 211 -27.30 26.34 9.65
N ASN A 212 -27.59 25.55 8.62
CA ASN A 212 -28.88 25.61 7.99
C ASN A 212 -30.04 25.50 9.00
N GLU A 213 -29.73 25.33 10.29
CA GLU A 213 -30.75 25.24 11.36
C GLU A 213 -30.78 26.46 12.28
N GLY A 214 -30.08 27.52 11.87
CA GLY A 214 -30.06 28.75 12.65
C GLY A 214 -28.82 28.98 13.49
N LYS A 215 -28.08 27.92 13.74
CA LYS A 215 -26.88 28.01 14.55
C LYS A 215 -25.97 29.13 14.05
N GLU A 216 -25.37 29.85 15.00
CA GLU A 216 -24.47 30.97 14.72
C GLU A 216 -23.05 30.52 15.10
N PHE A 217 -22.04 31.31 14.74
CA PHE A 217 -20.66 30.94 15.07
C PHE A 217 -19.72 32.13 15.26
N PRO A 218 -19.08 32.22 16.45
CA PRO A 218 -18.13 33.26 16.91
C PRO A 218 -16.75 33.21 16.29
N PRO A 219 -16.19 34.38 16.01
CA PRO A 219 -14.86 34.46 15.39
C PRO A 219 -13.85 33.46 15.97
N CYS A 220 -13.17 32.73 15.07
CA CYS A 220 -12.13 31.73 15.40
C CYS A 220 -11.08 31.70 14.31
N ALA A 221 -10.01 30.94 14.54
CA ALA A 221 -8.94 30.84 13.54
C ALA A 221 -8.45 29.40 13.43
N ILE A 222 -7.91 29.00 12.26
CA ILE A 222 -7.34 27.64 12.14
C ILE A 222 -5.99 27.70 11.42
N GLU A 223 -5.08 26.80 11.80
CA GLU A 223 -3.78 26.73 11.11
C GLU A 223 -3.95 25.82 9.88
N VAL A 224 -3.15 26.09 8.85
CA VAL A 224 -3.18 25.31 7.62
C VAL A 224 -1.78 25.15 7.00
N TYR A 225 -1.66 24.18 6.10
CA TYR A 225 -0.42 23.88 5.39
C TYR A 225 -0.59 24.07 3.89
N LYS A 226 0.22 24.99 3.37
CA LYS A 226 0.20 25.41 1.98
C LYS A 226 1.45 24.87 1.29
N ILE A 227 1.24 24.22 0.16
CA ILE A 227 2.37 23.67 -0.57
C ILE A 227 3.30 24.77 -1.06
N ILE A 228 4.51 24.84 -0.55
CA ILE A 228 5.43 25.87 -1.01
C ILE A 228 6.42 25.34 -2.03
N GLU A 229 6.45 24.00 -2.20
CA GLU A 229 7.35 23.32 -3.16
C GLU A 229 7.25 21.80 -3.04
N LYS A 230 7.03 21.10 -4.18
CA LYS A 230 6.96 19.64 -4.19
C LYS A 230 8.37 19.10 -4.48
N VAL A 231 9.04 18.58 -3.45
CA VAL A 231 10.39 18.01 -3.49
C VAL A 231 10.30 16.53 -3.78
N ASP A 232 10.84 16.15 -4.94
CA ASP A 232 10.84 14.76 -5.33
C ASP A 232 12.23 14.23 -5.08
N TYR A 233 12.27 12.97 -4.64
CA TYR A 233 13.46 12.22 -4.36
C TYR A 233 14.30 12.32 -5.66
N PRO A 234 15.65 12.10 -5.59
CA PRO A 234 16.68 12.11 -6.65
C PRO A 234 16.52 11.06 -7.80
N ARG A 235 16.52 11.52 -9.04
CA ARG A 235 16.33 10.65 -10.20
C ARG A 235 17.68 10.25 -10.81
N ASP A 236 18.01 8.96 -10.78
CA ASP A 236 19.27 8.40 -11.27
C ASP A 236 19.89 8.99 -12.56
N GLU A 237 20.90 8.33 -13.09
CA GLU A 237 21.54 8.83 -14.30
C GLU A 237 20.73 8.48 -15.56
N ASN A 238 19.51 8.01 -15.35
CA ASN A 238 18.61 7.62 -16.42
C ASN A 238 17.28 8.31 -16.14
N GLY A 239 17.35 9.31 -15.26
CA GLY A 239 16.16 10.06 -14.88
C GLY A 239 15.17 9.22 -14.10
N GLU A 240 15.65 8.11 -13.56
CA GLU A 240 14.82 7.21 -12.78
C GLU A 240 15.24 7.46 -11.34
N ILE A 241 14.40 7.14 -10.35
CA ILE A 241 14.76 7.37 -8.94
C ILE A 241 16.21 6.92 -8.61
N ALA A 242 16.82 7.65 -7.67
CA ALA A 242 18.19 7.41 -7.23
C ALA A 242 18.29 7.46 -5.70
N ALA A 243 17.17 7.45 -5.02
CA ALA A 243 17.23 7.46 -3.56
C ALA A 243 15.93 7.01 -2.83
N ILE A 244 15.98 6.97 -1.49
CA ILE A 244 14.85 6.57 -0.67
C ILE A 244 14.51 7.59 0.44
N ILE A 245 13.25 7.63 0.87
CA ILE A 245 12.90 8.57 1.95
C ILE A 245 13.73 8.11 3.16
N HIS A 246 14.47 9.05 3.75
CA HIS A 246 15.35 8.77 4.91
C HIS A 246 14.64 8.23 6.18
N PRO A 247 15.38 7.55 7.04
CA PRO A 247 14.64 7.08 8.23
C PRO A 247 14.66 8.13 9.35
N ASN A 248 14.05 9.27 9.06
CA ASN A 248 13.93 10.43 9.96
C ASN A 248 12.73 11.22 9.47
N LEU A 249 12.50 11.13 8.16
CA LEU A 249 11.40 11.81 7.49
C LEU A 249 10.24 10.82 7.34
N GLN A 250 10.59 9.54 7.22
CA GLN A 250 9.56 8.51 7.10
C GLN A 250 8.47 8.57 8.18
N ASP A 251 7.23 8.63 7.71
CA ASP A 251 6.05 8.71 8.53
C ASP A 251 6.27 9.88 9.41
N GLN A 252 6.60 11.01 8.79
CA GLN A 252 6.87 12.26 9.52
C GLN A 252 6.15 13.52 9.00
N ASP A 253 4.97 13.33 8.41
CA ASP A 253 4.20 14.45 7.89
C ASP A 253 3.70 15.31 9.03
N TRP A 254 3.43 16.58 8.74
CA TRP A 254 2.92 17.52 9.75
C TRP A 254 3.95 18.02 10.79
N LYS A 255 5.05 17.28 11.01
CA LYS A 255 6.11 17.69 11.96
C LYS A 255 7.11 18.59 11.20
N PRO A 256 7.90 19.43 11.92
CA PRO A 256 8.82 20.32 11.19
C PRO A 256 10.13 19.83 10.62
N LEU A 257 10.57 20.42 9.53
CA LEU A 257 11.81 20.02 8.90
C LEU A 257 12.69 21.24 8.63
N HIS A 258 13.94 21.16 9.10
CA HIS A 258 14.89 22.26 8.93
C HIS A 258 15.74 22.08 7.67
N PRO A 259 16.57 23.10 7.35
CA PRO A 259 17.47 23.16 6.18
C PRO A 259 18.36 21.95 5.88
N GLY A 260 19.36 21.70 6.73
CA GLY A 260 20.26 20.59 6.47
C GLY A 260 20.09 19.44 7.41
N ASP A 261 19.12 18.57 7.10
CA ASP A 261 18.84 17.40 7.93
C ASP A 261 18.74 16.20 7.00
N PRO A 262 18.89 14.99 7.54
CA PRO A 262 18.79 13.84 6.62
C PRO A 262 17.47 13.91 5.87
N PHE A 264 17.18 12.24 2.31
CA PHE A 264 17.26 11.10 1.44
C PHE A 264 18.46 10.36 1.90
N LEU A 265 18.27 9.04 1.94
CA LEU A 265 19.31 8.09 2.33
C LEU A 265 19.70 7.29 1.07
N THR A 266 20.93 6.81 1.02
CA THR A 266 21.27 5.98 -0.13
C THR A 266 21.66 4.65 0.43
N LEU A 267 21.62 3.63 -0.42
CA LEU A 267 21.96 2.28 -0.03
C LEU A 267 23.41 2.21 0.43
N ASP A 268 24.25 3.02 -0.19
CA ASP A 268 25.66 3.05 0.19
C ASP A 268 25.83 3.81 1.52
N GLY A 269 24.73 4.41 1.98
CA GLY A 269 24.75 5.12 3.23
C GLY A 269 24.70 6.64 3.15
N LYS A 270 24.83 7.21 1.96
CA LYS A 270 24.79 8.64 1.92
C LYS A 270 23.40 9.27 2.17
N THR A 271 23.45 10.54 2.54
CA THR A 271 22.28 11.34 2.86
C THR A 271 22.29 12.54 1.94
N ILE A 272 21.13 12.99 1.50
CA ILE A 272 21.06 14.16 0.62
C ILE A 272 20.25 15.21 1.39
N PRO A 273 20.94 16.12 2.10
CA PRO A 273 20.21 17.14 2.87
C PRO A 273 19.57 18.29 2.11
N LEU A 274 18.41 18.71 2.67
CA LEU A 274 17.43 19.73 2.19
C LEU A 274 17.70 21.12 1.52
N GLY A 275 18.26 22.06 2.28
CA GLY A 275 18.53 23.38 1.74
C GLY A 275 17.70 24.54 2.27
N GLY A 276 18.33 25.72 2.32
CA GLY A 276 17.66 26.91 2.79
C GLY A 276 17.86 27.29 4.24
N ASP A 277 17.18 28.37 4.63
CA ASP A 277 17.24 28.88 5.99
C ASP A 277 15.83 29.13 6.54
N CYS A 278 15.07 28.04 6.67
CA CYS A 278 13.72 28.13 7.21
C CYS A 278 13.12 26.77 7.44
N THR A 279 12.29 26.65 8.48
CA THR A 279 11.65 25.37 8.82
C THR A 279 10.43 25.09 7.96
N VAL A 280 10.15 23.81 7.74
CA VAL A 280 8.99 23.40 6.96
C VAL A 280 8.34 22.15 7.57
N TYR A 281 7.15 21.82 7.12
CA TYR A 281 6.51 20.65 7.68
C TYR A 281 6.15 19.67 6.56
N PRO A 282 7.06 18.73 6.24
CA PRO A 282 6.70 17.81 5.15
C PRO A 282 5.36 17.09 5.35
N VAL A 283 4.61 17.00 4.24
CA VAL A 283 3.29 16.37 4.15
C VAL A 283 3.36 15.46 2.90
N PHE A 284 2.45 14.50 2.77
CA PHE A 284 2.45 13.54 1.66
C PHE A 284 3.80 12.83 1.44
N VAL A 285 4.46 12.50 2.56
CA VAL A 285 5.76 11.88 2.54
C VAL A 285 5.73 10.42 2.17
N ASN A 286 6.53 10.06 1.18
CA ASN A 286 6.63 8.70 0.70
C ASN A 286 5.25 8.11 0.39
N GLU A 287 4.48 8.86 -0.42
CA GLU A 287 3.14 8.48 -0.86
C GLU A 287 3.35 7.74 -2.17
N ALA A 288 2.56 6.68 -2.36
CA ALA A 288 2.64 5.80 -3.54
C ALA A 288 2.28 6.49 -4.83
N ALA A 289 1.16 7.21 -4.82
CA ALA A 289 0.70 7.93 -6.01
C ALA A 289 1.71 8.94 -6.56
N TYR A 290 2.70 9.35 -5.78
CA TYR A 290 3.60 10.33 -6.32
C TYR A 290 5.05 9.94 -6.70
N TYR A 291 5.43 8.66 -6.63
CA TYR A 291 6.79 8.32 -7.05
C TYR A 291 7.01 8.80 -8.48
N GLU A 292 6.16 8.34 -9.40
CA GLU A 292 6.32 8.77 -10.78
C GLU A 292 6.15 10.29 -10.90
N LYS A 293 4.95 10.78 -10.61
CA LYS A 293 4.62 12.23 -10.67
C LYS A 293 5.53 12.99 -9.68
N LYS A 294 6.85 12.89 -9.93
CA LYS A 294 7.91 13.51 -9.12
C LYS A 294 7.52 14.25 -7.83
N GLU A 295 7.29 13.50 -6.75
CA GLU A 295 6.95 14.08 -5.46
C GLU A 295 7.32 13.11 -4.32
N ALA A 296 8.29 13.52 -3.49
CA ALA A 296 8.71 12.69 -2.36
C ALA A 296 7.88 12.94 -1.11
N PHE A 297 7.18 14.05 -1.10
CA PHE A 297 6.33 14.43 0.02
C PHE A 297 5.69 15.73 -0.34
N ALA A 298 5.76 16.66 0.60
CA ALA A 298 5.23 17.99 0.44
C ALA A 298 5.88 18.91 1.46
N LYS A 299 6.67 19.88 0.98
CA LYS A 299 7.37 20.88 1.82
C LYS A 299 6.33 21.95 2.11
N THR A 300 6.08 22.23 3.40
CA THR A 300 5.04 23.22 3.77
C THR A 300 5.40 24.27 4.82
N THR A 301 4.80 25.47 4.72
CA THR A 301 5.01 26.54 5.71
C THR A 301 3.64 26.75 6.36
N LYS A 302 3.60 26.74 7.69
CA LYS A 302 2.33 26.92 8.41
C LYS A 302 1.78 28.33 8.19
N LEU A 303 0.45 28.48 8.13
CA LEU A 303 -0.19 29.80 7.95
C LEU A 303 -1.47 30.00 8.80
N THR A 304 -1.93 31.23 8.95
CA THR A 304 -3.13 31.44 9.79
C THR A 304 -4.40 31.94 9.13
N LEU A 305 -5.53 31.26 9.40
CA LEU A 305 -6.81 31.65 8.82
C LEU A 305 -7.88 31.90 9.89
N ASN A 306 -8.57 33.06 9.79
CA ASN A 306 -9.64 33.44 10.71
C ASN A 306 -10.97 33.44 9.93
N ALA A 307 -12.08 33.10 10.57
CA ALA A 307 -13.36 33.04 9.88
C ALA A 307 -14.49 33.79 10.59
N LYS A 308 -15.55 34.05 9.84
CA LYS A 308 -16.67 34.78 10.40
C LYS A 308 -17.88 33.94 10.79
N SER A 309 -18.85 34.66 11.33
CA SER A 309 -20.12 34.13 11.83
C SER A 309 -21.09 33.77 10.69
N ILE A 310 -21.64 32.56 10.72
CA ILE A 310 -22.56 32.21 9.65
C ILE A 310 -23.97 31.77 10.10
N ARG A 311 -24.95 32.13 9.26
CA ARG A 311 -26.35 31.83 9.53
C ARG A 311 -27.13 31.56 8.24
N CYS A 312 -28.30 30.92 8.36
CA CYS A 312 -29.10 30.60 7.19
C CYS A 312 -30.49 31.26 7.08
N GLU B 11 31.23 -31.20 0.34
CA GLU B 11 30.02 -30.51 -0.20
C GLU B 11 30.16 -29.00 -0.30
N HIS B 12 29.62 -28.45 -1.39
CA HIS B 12 29.66 -27.00 -1.62
C HIS B 12 28.42 -26.37 -2.23
N ILE B 13 28.46 -25.05 -2.38
CA ILE B 13 27.40 -24.24 -2.98
C ILE B 13 28.06 -23.32 -4.00
N GLN B 14 27.68 -23.47 -5.27
CA GLN B 14 28.27 -22.69 -6.35
C GLN B 14 27.36 -21.68 -7.09
N LYS B 15 26.17 -22.12 -7.46
CA LYS B 15 25.24 -21.22 -8.17
C LYS B 15 24.17 -20.63 -7.23
N VAL B 16 24.19 -19.30 -7.08
CA VAL B 16 23.24 -18.58 -6.23
C VAL B 16 22.72 -17.34 -6.94
N ALA B 17 21.41 -17.23 -7.03
CA ALA B 17 20.84 -16.03 -7.65
C ALA B 17 19.90 -15.32 -6.65
N ILE B 18 19.74 -14.01 -6.82
CA ILE B 18 18.82 -13.24 -5.99
C ILE B 18 17.87 -12.63 -7.01
N PHE B 19 16.64 -13.14 -7.08
CA PHE B 19 15.57 -12.64 -7.99
C PHE B 19 14.75 -11.53 -7.30
N GLY B 20 14.48 -10.45 -8.05
CA GLY B 20 13.70 -9.33 -7.53
C GLY B 20 12.76 -8.86 -8.64
N GLY B 21 11.70 -8.10 -8.32
CA GLY B 21 10.79 -7.67 -9.37
C GLY B 21 9.81 -8.75 -9.86
N THR B 22 9.68 -9.80 -9.08
CA THR B 22 8.77 -10.90 -9.35
C THR B 22 7.34 -10.33 -9.31
N HIS B 23 7.16 -9.34 -8.45
CA HIS B 23 5.91 -8.63 -8.35
C HIS B 23 6.18 -7.10 -8.57
N GLY B 24 5.39 -6.41 -9.41
CA GLY B 24 5.67 -5.00 -9.68
C GLY B 24 5.40 -3.88 -8.65
N ASN B 25 4.58 -4.15 -7.64
CA ASN B 25 4.27 -3.20 -6.57
C ASN B 25 5.47 -3.24 -5.62
N GLU B 26 5.83 -4.47 -5.23
CA GLU B 26 6.96 -4.77 -4.34
C GLU B 26 8.22 -4.22 -5.01
N LEU B 27 8.95 -3.32 -4.35
CA LEU B 27 10.10 -2.70 -5.00
C LEU B 27 11.43 -2.89 -4.29
N THR B 28 11.41 -3.03 -2.95
CA THR B 28 12.67 -3.16 -2.22
C THR B 28 13.62 -4.17 -2.91
N GLY B 29 13.03 -5.24 -3.43
CA GLY B 29 13.85 -6.20 -4.14
C GLY B 29 14.27 -5.61 -5.49
N VAL B 30 13.37 -4.86 -6.10
CA VAL B 30 13.66 -4.24 -7.37
C VAL B 30 14.77 -3.20 -7.17
N PHE B 31 14.62 -2.38 -6.14
CA PHE B 31 15.59 -1.32 -5.87
C PHE B 31 16.94 -1.96 -5.53
N LEU B 32 16.89 -3.03 -4.71
CA LEU B 32 18.11 -3.77 -4.31
C LEU B 32 18.82 -4.38 -5.52
N VAL B 33 18.07 -5.18 -6.28
CA VAL B 33 18.61 -5.84 -7.46
C VAL B 33 19.03 -4.85 -8.55
N LYS B 34 18.31 -3.75 -8.71
CA LYS B 34 18.71 -2.86 -9.76
C LYS B 34 20.04 -2.25 -9.47
N HIS B 35 20.39 -2.19 -8.19
CA HIS B 35 21.70 -1.66 -7.74
C HIS B 35 22.79 -2.75 -7.79
N TRP B 36 22.42 -3.99 -7.42
CA TRP B 36 23.35 -5.13 -7.40
C TRP B 36 23.63 -5.65 -8.82
N LEU B 37 23.08 -4.95 -9.79
CA LEU B 37 23.32 -5.28 -11.18
C LEU B 37 24.24 -4.24 -11.70
N GLU B 38 24.30 -3.10 -10.98
CA GLU B 38 25.12 -1.95 -11.30
C GLU B 38 26.26 -1.82 -10.31
N ASN B 39 26.53 -2.90 -9.60
CA ASN B 39 27.60 -2.99 -8.61
C ASN B 39 27.36 -4.13 -7.65
N GLY B 40 27.65 -5.36 -8.10
CA GLY B 40 27.46 -6.56 -7.30
C GLY B 40 28.31 -6.60 -6.04
N ALA B 41 29.07 -5.54 -5.85
CA ALA B 41 29.95 -5.42 -4.72
C ALA B 41 29.23 -5.66 -3.44
N GLU B 42 27.90 -5.69 -3.48
CA GLU B 42 27.21 -6.03 -2.25
C GLU B 42 26.99 -7.56 -2.13
N ILE B 43 26.53 -8.20 -3.20
CA ILE B 43 26.26 -9.64 -3.13
C ILE B 43 27.35 -10.68 -3.47
N GLN B 44 28.60 -10.46 -3.02
CA GLN B 44 29.65 -11.46 -3.26
C GLN B 44 30.29 -11.96 -1.94
N ARG B 45 31.24 -12.91 -2.02
CA ARG B 45 31.96 -13.42 -0.83
C ARG B 45 33.38 -13.82 -1.28
N THR B 46 34.37 -14.02 -0.39
CA THR B 46 35.71 -14.37 -0.95
C THR B 46 35.59 -15.81 -1.43
N GLY B 47 35.36 -15.94 -2.74
CA GLY B 47 35.17 -17.23 -3.36
C GLY B 47 33.72 -17.63 -3.60
N LEU B 48 32.77 -16.69 -3.56
CA LEU B 48 31.35 -16.99 -3.81
C LEU B 48 30.82 -16.12 -4.95
N GLU B 49 30.26 -16.77 -5.96
CA GLU B 49 29.75 -16.13 -7.17
C GLU B 49 28.21 -16.16 -7.32
N VAL B 50 27.56 -15.08 -6.88
CA VAL B 50 26.09 -15.00 -6.91
C VAL B 50 25.50 -14.00 -7.94
N LYS B 51 24.35 -14.33 -8.50
CA LYS B 51 23.74 -13.43 -9.49
C LYS B 51 22.43 -12.70 -9.11
N PRO B 52 22.33 -11.38 -9.42
CA PRO B 52 21.10 -10.66 -9.11
C PRO B 52 20.36 -10.68 -10.43
N PHE B 53 19.05 -10.53 -10.38
CA PHE B 53 18.29 -10.60 -11.61
C PHE B 53 16.82 -10.16 -11.42
N ILE B 54 16.32 -9.33 -12.34
CA ILE B 54 14.94 -8.85 -12.29
C ILE B 54 14.10 -9.83 -13.08
N THR B 55 13.08 -10.42 -12.45
CA THR B 55 12.34 -11.44 -13.18
C THR B 55 11.23 -10.99 -14.10
N ASN B 56 10.53 -9.92 -13.72
CA ASN B 56 9.38 -9.43 -14.45
C ASN B 56 9.49 -7.94 -14.82
N PRO B 57 10.35 -7.64 -15.80
CA PRO B 57 10.56 -6.27 -16.24
C PRO B 57 9.26 -5.57 -16.61
N ARG B 58 8.53 -6.15 -17.57
CA ARG B 58 7.29 -5.54 -18.01
C ARG B 58 6.49 -4.98 -16.82
N ALA B 59 6.55 -5.72 -15.70
CA ALA B 59 5.85 -5.33 -14.52
C ALA B 59 6.59 -4.35 -13.61
N VAL B 60 7.87 -4.61 -13.31
CA VAL B 60 8.63 -3.71 -12.45
C VAL B 60 8.58 -2.33 -13.02
N LYS B 61 9.03 -2.23 -14.28
CA LYS B 61 9.05 -0.98 -15.03
C LYS B 61 7.64 -0.73 -15.47
N LYS B 62 6.79 -0.53 -14.46
CA LYS B 62 5.35 -0.24 -14.54
C LYS B 62 4.81 -0.09 -13.07
N CYS B 63 5.30 -0.95 -12.15
CA CYS B 63 4.90 -1.02 -10.73
C CYS B 63 3.48 -1.62 -10.64
N THR B 64 3.29 -2.62 -11.48
CA THR B 64 2.06 -3.33 -11.56
C THR B 64 2.41 -4.75 -11.08
N ARG B 65 1.49 -5.39 -10.35
CA ARG B 65 1.73 -6.74 -9.84
C ARG B 65 2.02 -7.72 -10.97
N TYR B 66 2.02 -7.22 -12.22
CA TYR B 66 2.36 -8.02 -13.42
C TYR B 66 1.73 -7.66 -14.77
N ILE B 67 1.64 -8.66 -15.64
CA ILE B 67 1.01 -8.53 -16.97
C ILE B 67 -0.17 -9.50 -16.99
N ASP B 68 -0.06 -10.62 -17.71
CA ASP B 68 -1.15 -11.62 -17.76
C ASP B 68 -1.45 -12.33 -16.42
N CYS B 69 -0.42 -12.80 -15.72
CA CYS B 69 -0.60 -13.46 -14.41
C CYS B 69 0.58 -13.42 -13.43
N ASP B 70 0.27 -13.59 -12.15
CA ASP B 70 1.26 -13.62 -11.08
C ASP B 70 2.41 -14.54 -11.43
N LEU B 71 3.63 -14.01 -11.55
CA LEU B 71 4.76 -14.87 -11.94
C LEU B 71 5.04 -16.11 -11.09
N ASN B 72 5.05 -15.93 -9.77
CA ASN B 72 5.36 -16.98 -8.78
C ASN B 72 4.25 -18.04 -8.74
N ARG B 73 3.60 -18.26 -9.88
CA ARG B 73 2.55 -19.27 -9.93
C ARG B 73 2.58 -20.19 -11.14
N ILE B 74 3.52 -20.01 -12.06
CA ILE B 74 3.52 -20.85 -13.23
C ILE B 74 4.80 -21.65 -13.57
N PHE B 75 5.68 -21.85 -12.59
CA PHE B 75 6.90 -22.58 -12.86
C PHE B 75 6.72 -24.05 -12.56
N ASP B 76 5.83 -24.66 -13.32
CA ASP B 76 5.48 -26.06 -13.25
C ASP B 76 5.44 -26.57 -14.69
N LEU B 77 5.32 -27.90 -14.86
CA LEU B 77 5.29 -28.57 -16.15
C LEU B 77 4.36 -27.96 -17.20
N GLU B 78 3.04 -28.01 -16.96
CA GLU B 78 2.03 -27.49 -17.91
C GLU B 78 2.48 -26.22 -18.61
N ASN B 79 2.98 -25.25 -17.85
CA ASN B 79 3.47 -24.01 -18.48
C ASN B 79 4.77 -24.35 -19.17
N LEU B 80 5.66 -25.02 -18.43
CA LEU B 80 6.95 -25.37 -18.96
C LEU B 80 6.85 -26.29 -20.18
N GLY B 81 5.65 -26.76 -20.47
CA GLY B 81 5.50 -27.63 -21.62
C GLY B 81 4.85 -26.98 -22.86
N LYS B 82 4.07 -25.93 -22.65
CA LYS B 82 3.39 -25.21 -23.72
C LYS B 82 4.40 -24.77 -24.81
N LYS B 83 3.97 -24.78 -26.08
CA LYS B 83 4.84 -24.35 -27.19
C LYS B 83 5.05 -22.84 -27.31
N SER B 85 6.17 -19.37 -29.61
CA SER B 85 6.14 -18.60 -30.89
C SER B 85 6.40 -17.19 -30.34
N GLU B 86 5.40 -16.31 -30.36
CA GLU B 86 5.60 -14.96 -29.84
C GLU B 86 4.33 -14.40 -29.15
N ASP B 87 3.20 -15.02 -29.44
CA ASP B 87 1.88 -14.64 -28.93
C ASP B 87 1.52 -15.08 -27.51
N LEU B 88 1.81 -16.34 -27.19
CA LEU B 88 1.54 -16.88 -25.87
C LEU B 88 1.63 -15.88 -24.71
N PRO B 89 0.93 -16.20 -23.60
CA PRO B 89 1.01 -15.23 -22.49
C PRO B 89 2.44 -14.86 -22.05
N TYR B 90 2.67 -13.54 -21.99
CA TYR B 90 3.95 -12.97 -21.58
C TYR B 90 4.46 -13.65 -20.30
N GLU B 91 3.53 -14.20 -19.52
CA GLU B 91 3.90 -14.86 -18.28
C GLU B 91 4.54 -16.24 -18.51
N VAL B 92 4.14 -16.92 -19.58
CA VAL B 92 4.73 -18.21 -19.93
C VAL B 92 6.14 -18.06 -20.56
N ARG B 93 6.33 -16.99 -21.32
CA ARG B 93 7.60 -16.70 -22.01
C ARG B 93 8.83 -16.48 -21.09
N ARG B 94 8.70 -15.53 -20.15
CA ARG B 94 9.75 -15.15 -19.20
C ARG B 94 10.11 -16.33 -18.25
N ALA B 95 9.12 -17.17 -17.97
CA ALA B 95 9.24 -18.35 -17.11
C ALA B 95 10.13 -19.39 -17.79
N GLN B 96 9.92 -19.55 -19.10
CA GLN B 96 10.73 -20.48 -19.89
C GLN B 96 12.17 -19.96 -19.97
N GLU B 97 12.29 -18.67 -20.25
CA GLU B 97 13.56 -17.99 -20.34
C GLU B 97 14.38 -17.92 -19.03
N ILE B 98 13.69 -17.86 -17.90
CA ILE B 98 14.35 -17.82 -16.59
C ILE B 98 14.75 -19.28 -16.28
N ASN B 99 13.90 -20.22 -16.75
CA ASN B 99 14.13 -21.66 -16.57
C ASN B 99 15.31 -22.15 -17.41
N HIS B 100 15.73 -21.31 -18.33
CA HIS B 100 16.85 -21.59 -19.18
C HIS B 100 18.09 -21.01 -18.55
N LEU B 101 18.01 -19.75 -18.12
CA LEU B 101 19.09 -19.04 -17.44
C LEU B 101 19.48 -19.60 -16.07
N PHE B 102 18.51 -19.95 -15.23
CA PHE B 102 18.83 -20.45 -13.89
C PHE B 102 18.36 -21.90 -13.68
N GLY B 103 17.74 -22.44 -14.75
CA GLY B 103 17.24 -23.81 -14.75
C GLY B 103 18.11 -24.80 -15.52
N PRO B 104 17.54 -25.85 -16.14
CA PRO B 104 16.10 -26.14 -16.10
C PRO B 104 15.74 -26.63 -14.71
N LYS B 105 14.42 -26.65 -14.43
CA LYS B 105 13.92 -27.05 -13.14
C LYS B 105 14.09 -28.56 -12.90
N ASP B 106 14.43 -28.92 -11.67
CA ASP B 106 14.57 -30.32 -11.33
C ASP B 106 15.63 -31.05 -12.19
N SER B 107 16.37 -30.32 -13.03
CA SER B 107 17.44 -30.97 -13.81
C SER B 107 18.73 -30.91 -12.96
N GLU B 108 19.56 -31.96 -12.96
CA GLU B 108 20.74 -31.85 -12.10
C GLU B 108 21.63 -30.62 -12.41
N ASP B 109 21.52 -30.11 -13.64
CA ASP B 109 22.30 -28.96 -14.12
C ASP B 109 21.60 -27.60 -13.92
N SER B 110 21.97 -26.87 -12.86
CA SER B 110 21.33 -25.58 -12.56
C SER B 110 21.75 -24.85 -11.25
N TYR B 111 21.20 -23.65 -11.03
CA TYR B 111 21.53 -22.89 -9.83
C TYR B 111 21.19 -23.67 -8.57
N ASP B 112 22.05 -23.58 -7.59
CA ASP B 112 21.83 -24.32 -6.38
C ASP B 112 20.73 -23.75 -5.53
N ILE B 113 20.89 -22.45 -5.21
CA ILE B 113 19.95 -21.73 -4.38
C ILE B 113 19.39 -20.53 -5.11
N ILE B 114 18.11 -20.23 -4.88
CA ILE B 114 17.51 -19.03 -5.46
C ILE B 114 16.72 -18.30 -4.36
N PHE B 115 17.05 -17.03 -4.16
CA PHE B 115 16.36 -16.19 -3.20
C PHE B 115 15.40 -15.31 -4.03
N ASP B 116 14.10 -15.33 -3.76
CA ASP B 116 13.22 -14.43 -4.48
C ASP B 116 12.65 -13.49 -3.44
N LEU B 117 12.94 -12.19 -3.58
CA LEU B 117 12.44 -11.17 -2.63
C LEU B 117 10.94 -10.75 -2.88
N HIS B 118 10.22 -10.54 -1.79
CA HIS B 118 8.82 -10.18 -1.86
C HIS B 118 8.46 -9.26 -0.67
N ASN B 119 7.73 -8.18 -0.94
CA ASN B 119 7.31 -7.25 0.12
C ASN B 119 5.83 -7.58 0.40
N THR B 120 5.34 -7.42 1.63
CA THR B 120 3.91 -7.68 1.89
C THR B 120 3.30 -6.48 2.60
N THR B 121 2.02 -6.20 2.35
CA THR B 121 1.37 -5.07 3.06
C THR B 121 1.03 -5.50 4.47
N SER B 122 1.01 -6.80 4.73
CA SER B 122 0.72 -7.33 6.07
C SER B 122 1.91 -7.10 7.02
N ASN B 123 1.62 -6.97 8.30
CA ASN B 123 2.70 -6.70 9.24
C ASN B 123 3.38 -7.96 9.72
N GLY B 125 6.73 -8.63 9.19
CA GLY B 125 8.13 -8.45 9.49
C GLY B 125 9.05 -9.30 8.61
N CYS B 126 10.12 -9.85 9.19
CA CYS B 126 11.04 -10.65 8.39
C CYS B 126 10.56 -12.05 8.27
N THR B 127 10.19 -12.43 7.04
CA THR B 127 9.69 -13.78 6.80
C THR B 127 10.51 -14.63 5.82
N LEU B 128 10.84 -15.86 6.25
CA LEU B 128 11.53 -16.81 5.38
C LEU B 128 10.48 -17.80 4.89
N ILE B 129 10.44 -18.09 3.59
CA ILE B 129 9.46 -19.05 3.11
C ILE B 129 10.17 -20.32 2.66
N LEU B 130 10.00 -21.36 3.46
CA LEU B 130 10.57 -22.68 3.20
C LEU B 130 9.55 -23.62 2.52
N GLU B 131 9.94 -24.31 1.46
CA GLU B 131 8.99 -25.20 0.80
C GLU B 131 9.17 -26.72 1.01
N ASP B 132 10.00 -27.15 1.95
CA ASP B 132 10.19 -28.57 2.26
C ASP B 132 10.28 -28.63 3.79
N SER B 133 9.48 -29.46 4.46
CA SER B 133 9.54 -29.52 5.92
C SER B 133 10.60 -30.54 6.36
N ARG B 134 11.19 -31.20 5.40
CA ARG B 134 12.21 -32.18 5.71
C ARG B 134 13.51 -31.70 5.05
N ASN B 135 13.47 -30.49 4.48
CA ASN B 135 14.60 -29.95 3.74
C ASN B 135 15.82 -29.68 4.57
N ASN B 136 16.78 -30.57 4.46
CA ASN B 136 18.04 -30.49 5.16
C ASN B 136 18.82 -29.15 5.18
N PHE B 137 19.25 -28.63 4.04
CA PHE B 137 20.03 -27.38 3.98
C PHE B 137 19.27 -26.03 4.07
N LEU B 138 17.93 -26.07 4.16
CA LEU B 138 17.19 -24.79 4.30
C LEU B 138 17.00 -24.44 5.77
N ILE B 139 16.55 -25.45 6.53
CA ILE B 139 16.32 -25.31 7.96
C ILE B 139 17.57 -24.75 8.59
N GLN B 140 18.65 -24.86 7.82
CA GLN B 140 19.98 -24.42 8.17
C GLN B 140 20.41 -22.95 7.85
N PHE B 142 18.28 -20.36 7.51
CA PHE B 142 17.21 -19.75 8.31
C PHE B 142 17.57 -19.67 9.81
N HIS B 143 17.73 -20.84 10.43
CA HIS B 143 18.11 -20.94 11.85
C HIS B 143 19.29 -19.95 12.08
N TYR B 144 20.32 -20.09 11.24
CA TYR B 144 21.47 -19.18 11.33
C TYR B 144 21.02 -17.70 11.14
N ILE B 145 20.14 -17.45 10.15
CA ILE B 145 19.64 -16.11 9.86
C ILE B 145 18.94 -15.60 11.10
N LYS B 146 18.01 -16.41 11.62
CA LYS B 146 17.26 -16.06 12.84
C LYS B 146 18.27 -15.62 13.93
N THR B 147 19.18 -16.54 14.22
CA THR B 147 20.25 -16.35 15.19
C THR B 147 21.11 -15.13 14.91
N SER B 148 21.30 -14.79 13.64
CA SER B 148 22.07 -13.63 13.27
C SER B 148 21.25 -12.34 13.41
N LEU B 149 19.95 -12.40 13.04
CA LEU B 149 19.08 -11.24 13.17
C LEU B 149 18.57 -10.98 14.61
N ALA B 150 18.66 -12.00 15.49
CA ALA B 150 18.21 -11.83 16.88
C ALA B 150 18.85 -10.55 17.42
N PRO B 151 18.10 -9.73 18.16
CA PRO B 151 16.73 -9.69 18.68
C PRO B 151 15.69 -9.27 17.67
N LEU B 152 16.12 -9.11 16.41
CA LEU B 152 15.19 -8.75 15.34
C LEU B 152 14.46 -10.04 15.02
N PRO B 153 13.13 -10.07 15.23
CA PRO B 153 12.28 -11.26 14.97
C PRO B 153 12.35 -11.66 13.50
N CYS B 154 12.33 -12.97 13.26
CA CYS B 154 12.39 -13.53 11.90
C CYS B 154 11.59 -14.80 11.97
N TYR B 155 10.42 -14.82 11.32
CA TYR B 155 9.53 -15.98 11.34
C TYR B 155 9.69 -16.79 10.06
N VAL B 156 9.38 -18.07 10.15
CA VAL B 156 9.47 -19.01 9.02
C VAL B 156 8.07 -19.51 8.69
N TYR B 157 7.63 -19.24 7.45
CA TYR B 157 6.32 -19.66 6.96
C TYR B 157 6.55 -20.90 6.07
N LEU B 158 5.86 -22.02 6.37
CA LEU B 158 6.02 -23.28 5.61
C LEU B 158 4.91 -23.62 4.61
N ILE B 159 5.30 -24.08 3.42
CA ILE B 159 4.27 -24.46 2.44
C ILE B 159 4.36 -25.95 2.14
N GLU B 160 3.23 -26.63 1.93
CA GLU B 160 3.29 -28.07 1.67
C GLU B 160 2.15 -28.68 0.84
N HIS B 161 2.22 -28.63 -0.49
CA HIS B 161 1.13 -29.20 -1.30
C HIS B 161 1.26 -30.69 -1.30
N PRO B 162 0.16 -31.42 -1.09
CA PRO B 162 0.31 -32.88 -1.09
C PRO B 162 0.55 -33.45 -2.52
N SER B 163 0.82 -32.53 -3.44
CA SER B 163 1.14 -32.83 -4.82
C SER B 163 2.66 -33.00 -4.86
N LEU B 164 3.34 -32.41 -3.88
CA LEU B 164 4.80 -32.43 -3.76
C LEU B 164 5.35 -31.58 -4.92
N LYS B 165 4.50 -30.69 -5.43
CA LYS B 165 4.85 -29.79 -6.53
C LYS B 165 4.71 -28.30 -6.14
N TYR B 166 5.58 -27.47 -6.71
CA TYR B 166 5.54 -26.04 -6.46
C TYR B 166 5.56 -25.19 -7.78
N ALA B 167 5.17 -23.91 -7.73
CA ALA B 167 5.21 -23.14 -8.98
C ALA B 167 5.77 -21.74 -8.81
N THR B 168 6.88 -21.64 -8.11
CA THR B 168 7.55 -20.37 -7.88
C THR B 168 8.87 -20.18 -8.69
N THR B 169 9.21 -18.93 -8.99
CA THR B 169 10.44 -18.60 -9.73
C THR B 169 11.61 -19.02 -8.86
N ARG B 170 11.33 -19.33 -7.60
CA ARG B 170 12.43 -19.75 -6.74
C ARG B 170 12.52 -21.27 -6.70
N SER B 171 11.51 -21.97 -7.23
CA SER B 171 11.53 -23.42 -7.15
C SER B 171 12.27 -24.22 -8.23
N ILE B 172 12.91 -23.55 -9.20
CA ILE B 172 13.68 -24.27 -10.22
C ILE B 172 14.94 -24.79 -9.50
N ALA B 173 15.43 -23.93 -8.61
CA ALA B 173 16.59 -24.16 -7.78
C ALA B 173 16.49 -25.46 -6.97
N LYS B 174 17.65 -25.99 -6.58
CA LYS B 174 17.74 -27.22 -5.75
C LYS B 174 17.28 -26.85 -4.32
N TYR B 175 17.54 -25.60 -3.95
CA TYR B 175 17.19 -25.07 -2.65
C TYR B 175 16.56 -23.70 -2.76
N PRO B 176 15.22 -23.64 -2.95
CA PRO B 176 14.43 -22.39 -3.07
C PRO B 176 14.24 -21.69 -1.75
N VAL B 177 14.48 -20.39 -1.72
CA VAL B 177 14.30 -19.60 -0.51
C VAL B 177 13.47 -18.33 -0.81
N GLY B 178 12.24 -18.29 -0.31
CA GLY B 178 11.39 -17.13 -0.53
C GLY B 178 11.61 -16.22 0.66
N ILE B 179 11.99 -14.96 0.44
CA ILE B 179 12.22 -13.96 1.50
C ILE B 179 11.07 -12.92 1.57
N GLU B 180 10.91 -12.23 2.70
CA GLU B 180 9.83 -11.26 2.78
C GLU B 180 9.89 -10.36 4.04
N VAL B 181 9.34 -9.16 3.91
CA VAL B 181 9.31 -8.21 5.03
C VAL B 181 8.09 -7.30 5.02
N GLY B 182 7.45 -7.18 6.18
CA GLY B 182 6.27 -6.35 6.28
C GLY B 182 6.39 -5.31 7.39
N PRO B 183 5.49 -4.34 7.39
CA PRO B 183 4.46 -4.33 6.35
C PRO B 183 4.82 -3.24 5.36
N GLN B 184 4.41 -3.37 4.11
CA GLN B 184 4.68 -2.26 3.22
C GLN B 184 3.65 -2.13 2.11
N PRO B 185 3.13 -0.90 1.86
CA PRO B 185 2.14 -0.72 0.78
C PRO B 185 2.74 -0.96 -0.59
N GLN B 186 2.00 -1.61 -1.48
CA GLN B 186 2.49 -1.88 -2.82
C GLN B 186 2.91 -0.56 -3.46
N GLY B 187 3.92 -0.58 -4.31
CA GLY B 187 4.32 0.63 -4.96
C GLY B 187 5.04 1.61 -4.09
N VAL B 188 5.54 1.16 -2.95
CA VAL B 188 6.25 2.10 -2.05
C VAL B 188 7.67 1.61 -1.92
N LEU B 189 8.51 2.30 -1.16
CA LEU B 189 9.89 1.89 -0.94
C LEU B 189 10.46 2.47 0.35
N ARG B 190 10.14 1.86 1.50
CA ARG B 190 10.62 2.34 2.82
C ARG B 190 12.11 2.02 3.10
N ALA B 191 12.88 3.05 3.49
CA ALA B 191 14.31 2.91 3.81
C ALA B 191 14.53 1.76 4.79
N ASP B 192 13.76 1.80 5.89
CA ASP B 192 13.74 0.80 7.00
C ASP B 192 13.54 -0.67 6.54
N ILE B 193 12.33 -0.93 6.03
CA ILE B 193 11.94 -2.21 5.47
C ILE B 193 13.12 -2.78 4.70
N LEU B 194 13.63 -1.97 3.76
CA LEU B 194 14.74 -2.34 2.89
C LEU B 194 15.95 -2.76 3.71
N ASP B 195 16.17 -2.11 4.83
CA ASP B 195 17.31 -2.49 5.64
C ASP B 195 17.20 -3.94 6.20
N GLN B 196 15.95 -4.36 6.47
CA GLN B 196 15.70 -5.69 6.97
C GLN B 196 15.98 -6.66 5.82
N ARG B 198 17.53 -6.13 3.50
CA ARG B 198 18.97 -5.87 3.24
C ARG B 198 19.87 -6.60 4.28
N LYS B 199 19.43 -6.69 5.53
CA LYS B 199 20.20 -7.37 6.57
C LYS B 199 19.94 -8.89 6.51
N ILE B 201 19.56 -10.75 3.70
CA ILE B 201 20.35 -11.30 2.62
C ILE B 201 21.81 -11.50 3.06
N LYS B 202 22.35 -10.61 3.89
CA LYS B 202 23.74 -10.76 4.37
C LYS B 202 23.90 -12.07 5.16
N HIS B 203 23.44 -12.08 6.40
CA HIS B 203 23.51 -13.29 7.23
C HIS B 203 23.20 -14.50 6.36
N ALA B 204 22.16 -14.33 5.55
CA ALA B 204 21.73 -15.33 4.64
C ALA B 204 22.99 -15.92 3.99
N LEU B 205 23.79 -15.09 3.33
CA LEU B 205 25.01 -15.59 2.68
C LEU B 205 26.09 -16.08 3.68
N ASP B 206 26.20 -15.38 4.82
CA ASP B 206 27.17 -15.72 5.83
C ASP B 206 27.15 -17.21 6.10
N PHE B 207 25.94 -17.78 6.19
CA PHE B 207 25.77 -19.21 6.43
C PHE B 207 26.13 -20.08 5.21
N ILE B 208 25.80 -19.60 4.01
CA ILE B 208 26.13 -20.36 2.81
C ILE B 208 27.65 -20.43 2.80
N HIS B 209 28.26 -19.26 2.94
CA HIS B 209 29.70 -19.23 2.90
C HIS B 209 30.37 -20.06 4.03
N HIS B 210 29.90 -19.90 5.28
CA HIS B 210 30.47 -20.64 6.42
C HIS B 210 30.44 -22.12 5.99
N PHE B 211 29.24 -22.60 5.66
CA PHE B 211 29.03 -23.95 5.19
C PHE B 211 30.14 -24.34 4.23
N ASN B 212 30.32 -23.52 3.19
CA ASN B 212 31.35 -23.76 2.19
C ASN B 212 32.78 -23.84 2.72
N GLU B 213 33.06 -23.16 3.83
CA GLU B 213 34.38 -23.15 4.43
C GLU B 213 34.71 -24.50 5.05
N GLY B 214 33.66 -25.27 5.41
CA GLY B 214 33.86 -26.57 6.00
C GLY B 214 33.21 -26.83 7.34
N LYS B 215 32.73 -25.79 8.00
CA LYS B 215 32.10 -25.94 9.30
C LYS B 215 31.10 -27.11 9.41
N GLU B 216 31.23 -27.90 10.46
CA GLU B 216 30.32 -29.00 10.69
C GLU B 216 29.17 -28.40 11.50
N PHE B 217 28.17 -27.89 10.80
CA PHE B 217 27.01 -27.31 11.45
C PHE B 217 26.38 -28.35 12.37
N PRO B 218 26.21 -28.00 13.65
CA PRO B 218 25.61 -28.89 14.65
C PRO B 218 24.12 -29.03 14.45
N PRO B 219 23.59 -30.18 14.78
CA PRO B 219 22.15 -30.37 14.61
C PRO B 219 21.27 -29.35 15.35
N CYS B 220 20.17 -28.90 14.71
CA CYS B 220 19.20 -27.95 15.32
C CYS B 220 17.72 -28.27 15.06
N ALA B 221 16.87 -27.27 15.25
CA ALA B 221 15.43 -27.43 15.07
C ALA B 221 14.76 -26.06 14.89
N ILE B 222 13.68 -25.97 14.10
CA ILE B 222 13.01 -24.66 14.01
C ILE B 222 11.48 -24.63 14.10
N GLU B 223 10.94 -23.57 14.73
CA GLU B 223 9.48 -23.34 14.82
C GLU B 223 9.05 -22.85 13.44
N VAL B 224 7.88 -23.29 13.00
CA VAL B 224 7.37 -22.83 11.69
C VAL B 224 5.86 -22.64 11.67
N TYR B 225 5.34 -22.17 10.54
CA TYR B 225 3.89 -22.04 10.42
C TYR B 225 3.35 -22.66 9.13
N LYS B 226 2.37 -23.54 9.30
CA LYS B 226 1.75 -24.22 8.18
C LYS B 226 0.40 -23.54 7.96
N ILE B 227 0.17 -23.09 6.72
CA ILE B 227 -1.06 -22.42 6.34
C ILE B 227 -2.17 -23.47 6.18
N ILE B 228 -2.85 -23.81 7.27
CA ILE B 228 -3.91 -24.84 7.26
C ILE B 228 -5.10 -24.48 6.40
N GLU B 229 -5.58 -23.23 6.48
CA GLU B 229 -6.71 -22.80 5.66
C GLU B 229 -6.81 -21.30 5.46
N LYS B 230 -6.96 -20.87 4.21
CA LYS B 230 -7.13 -19.44 3.97
C LYS B 230 -8.54 -19.03 4.40
N VAL B 231 -8.65 -17.99 5.21
CA VAL B 231 -9.96 -17.52 5.68
C VAL B 231 -10.36 -16.21 5.01
N ASP B 232 -11.54 -16.17 4.38
CA ASP B 232 -12.02 -14.96 3.71
C ASP B 232 -12.91 -14.02 4.57
N TYR B 233 -13.05 -12.77 4.12
CA TYR B 233 -13.85 -11.77 4.81
C TYR B 233 -15.34 -12.17 4.66
N PRO B 234 -16.14 -11.96 5.71
CA PRO B 234 -17.57 -12.25 5.71
C PRO B 234 -18.28 -11.54 4.55
N ARG B 235 -18.48 -12.22 3.42
CA ARG B 235 -19.12 -11.60 2.25
C ARG B 235 -20.58 -11.13 2.48
N ASP B 236 -21.39 -11.03 1.42
CA ASP B 236 -22.79 -10.59 1.58
C ASP B 236 -23.78 -11.24 0.58
N GLU B 237 -24.94 -10.61 0.37
CA GLU B 237 -25.93 -11.17 -0.55
C GLU B 237 -25.45 -11.20 -2.00
N ASN B 238 -24.56 -10.28 -2.34
CA ASN B 238 -24.02 -10.20 -3.69
C ASN B 238 -22.58 -10.68 -3.68
N GLY B 239 -22.21 -11.34 -2.58
CA GLY B 239 -20.87 -11.87 -2.42
C GLY B 239 -19.91 -10.75 -2.10
N GLU B 240 -20.44 -9.69 -1.48
CA GLU B 240 -19.67 -8.49 -1.15
C GLU B 240 -19.20 -8.44 0.32
N ILE B 241 -17.93 -8.12 0.55
CA ILE B 241 -17.44 -8.03 1.92
C ILE B 241 -18.42 -7.23 2.79
N ALA B 242 -18.66 -7.75 3.99
CA ALA B 242 -19.57 -7.14 4.96
C ALA B 242 -18.92 -6.86 6.32
N ALA B 243 -17.82 -7.54 6.60
CA ALA B 243 -17.10 -7.35 7.84
C ALA B 243 -15.61 -7.19 7.49
N ILE B 244 -14.95 -6.20 8.10
CA ILE B 244 -13.54 -5.99 7.82
C ILE B 244 -12.71 -6.48 9.02
N ILE B 245 -11.42 -6.76 8.84
CA ILE B 245 -10.60 -7.21 9.97
C ILE B 245 -10.84 -6.38 11.27
N HIS B 246 -11.01 -7.04 12.39
CA HIS B 246 -11.26 -6.27 13.61
C HIS B 246 -10.01 -5.51 13.96
N PRO B 247 -10.14 -4.29 14.47
CA PRO B 247 -8.90 -3.57 14.80
C PRO B 247 -7.91 -4.37 15.63
N ASN B 248 -8.43 -5.28 16.45
CA ASN B 248 -7.58 -6.09 17.31
C ASN B 248 -6.80 -7.22 16.63
N LEU B 249 -7.28 -7.69 15.48
CA LEU B 249 -6.60 -8.72 14.74
C LEU B 249 -5.52 -8.06 13.90
N GLN B 250 -5.86 -6.88 13.38
CA GLN B 250 -5.00 -6.06 12.52
C GLN B 250 -3.65 -5.77 13.12
N ASP B 251 -2.63 -5.97 12.28
CA ASP B 251 -1.23 -5.75 12.60
C ASP B 251 -0.68 -6.77 13.58
N GLN B 252 -1.52 -7.75 13.93
CA GLN B 252 -1.16 -8.81 14.86
C GLN B 252 -0.79 -10.09 14.14
N ASP B 253 -0.11 -9.93 13.02
CA ASP B 253 0.37 -11.02 12.20
C ASP B 253 1.34 -11.77 13.13
N TRP B 254 1.32 -13.10 13.06
CA TRP B 254 2.18 -14.02 13.86
C TRP B 254 1.85 -14.22 15.34
N LYS B 255 1.09 -13.31 15.95
CA LYS B 255 0.76 -13.43 17.36
C LYS B 255 -0.27 -14.50 17.65
N PRO B 256 -0.35 -14.95 18.90
CA PRO B 256 -1.25 -15.97 19.38
C PRO B 256 -2.67 -15.47 19.40
N LEU B 257 -3.53 -16.15 18.65
CA LEU B 257 -4.94 -15.82 18.57
C LEU B 257 -5.62 -17.05 19.22
N HIS B 258 -5.83 -16.94 20.54
CA HIS B 258 -6.46 -18.00 21.32
C HIS B 258 -7.91 -17.63 21.18
N PRO B 259 -8.81 -18.63 21.10
CA PRO B 259 -10.26 -18.47 20.94
C PRO B 259 -11.01 -17.46 21.81
N GLY B 260 -10.38 -16.33 22.14
CA GLY B 260 -10.98 -15.28 22.98
C GLY B 260 -10.57 -13.84 22.64
N ASP B 261 -10.33 -13.63 21.35
CA ASP B 261 -9.90 -12.36 20.78
C ASP B 261 -10.86 -11.93 19.67
N PRO B 262 -11.06 -10.61 19.50
CA PRO B 262 -11.98 -10.19 18.43
C PRO B 262 -11.34 -10.54 17.08
N PHE B 264 -13.46 -9.60 13.71
CA PHE B 264 -14.10 -8.74 12.74
C PHE B 264 -14.83 -7.57 13.40
N LEU B 265 -15.06 -6.55 12.61
CA LEU B 265 -15.75 -5.36 13.07
C LEU B 265 -16.61 -4.86 11.92
N THR B 266 -17.90 -4.65 12.19
CA THR B 266 -18.79 -4.14 11.16
C THR B 266 -18.90 -2.62 11.26
N LEU B 267 -19.58 -2.01 10.28
CA LEU B 267 -19.78 -0.56 10.31
C LEU B 267 -20.91 -0.16 11.30
N ASP B 268 -21.40 -1.12 12.08
CA ASP B 268 -22.43 -0.82 13.06
C ASP B 268 -21.91 -1.38 14.37
N GLY B 269 -20.76 -2.05 14.28
CA GLY B 269 -20.10 -2.59 15.46
C GLY B 269 -20.07 -4.07 15.78
N LYS B 270 -20.96 -4.88 15.20
CA LYS B 270 -20.99 -6.30 15.58
C LYS B 270 -19.71 -7.07 15.25
N THR B 271 -19.09 -7.59 16.30
CA THR B 271 -17.86 -8.36 16.19
C THR B 271 -18.14 -9.83 15.87
N ILE B 272 -17.25 -10.42 15.10
CA ILE B 272 -17.31 -11.81 14.75
C ILE B 272 -15.96 -12.27 15.23
N PRO B 273 -15.93 -12.97 16.38
CA PRO B 273 -14.76 -13.54 17.09
C PRO B 273 -14.28 -14.81 16.40
N LEU B 274 -13.47 -15.59 17.10
CA LEU B 274 -13.01 -16.83 16.49
C LEU B 274 -13.77 -18.08 17.02
N GLY B 275 -13.62 -18.37 18.30
CA GLY B 275 -14.25 -19.56 18.85
C GLY B 275 -13.60 -20.90 18.47
N GLY B 276 -14.31 -21.69 17.65
CA GLY B 276 -13.80 -22.96 17.18
C GLY B 276 -13.41 -24.01 18.21
N ASP B 277 -12.22 -23.83 18.82
CA ASP B 277 -11.69 -24.74 19.85
C ASP B 277 -10.19 -24.57 20.05
N CYS B 278 -9.44 -24.63 18.95
CA CYS B 278 -8.01 -24.49 19.02
C CYS B 278 -7.50 -23.12 18.57
N THR B 279 -6.22 -22.92 18.82
CA THR B 279 -5.50 -21.71 18.53
C THR B 279 -4.88 -21.63 17.13
N VAL B 280 -4.97 -20.46 16.54
CA VAL B 280 -4.46 -20.28 15.19
C VAL B 280 -3.48 -19.11 15.12
N TYR B 281 -2.71 -19.05 14.04
CA TYR B 281 -1.73 -17.97 13.89
C TYR B 281 -1.93 -17.28 12.57
N PRO B 282 -2.72 -16.21 12.59
CA PRO B 282 -3.00 -15.47 11.37
C PRO B 282 -1.76 -14.76 10.81
N VAL B 283 -1.50 -15.02 9.54
CA VAL B 283 -0.39 -14.37 8.82
C VAL B 283 -1.05 -13.82 7.55
N PHE B 284 -0.41 -12.81 6.96
CA PHE B 284 -0.96 -12.22 5.76
C PHE B 284 -2.31 -11.56 6.07
N VAL B 285 -2.42 -11.09 7.32
CA VAL B 285 -3.59 -10.41 7.83
C VAL B 285 -3.82 -9.09 7.09
N ASN B 286 -4.61 -9.17 6.03
CA ASN B 286 -5.03 -8.03 5.23
C ASN B 286 -4.00 -7.53 4.25
N GLU B 287 -3.54 -8.42 3.35
CA GLU B 287 -2.54 -8.03 2.34
C GLU B 287 -3.19 -7.38 1.10
N ALA B 288 -2.61 -6.28 0.65
CA ALA B 288 -3.13 -5.57 -0.51
C ALA B 288 -3.74 -6.44 -1.57
N ALA B 289 -2.99 -7.48 -1.98
CA ALA B 289 -3.36 -8.43 -3.01
C ALA B 289 -4.59 -9.28 -2.71
N TYR B 290 -4.39 -10.14 -1.71
CA TYR B 290 -5.39 -11.07 -1.20
C TYR B 290 -6.80 -10.48 -1.09
N TYR B 291 -6.90 -9.16 -1.10
CA TYR B 291 -8.17 -8.48 -1.01
C TYR B 291 -8.97 -8.82 -2.23
N GLU B 292 -8.32 -9.22 -3.29
CA GLU B 292 -9.08 -9.58 -4.46
C GLU B 292 -9.14 -11.09 -4.62
N LYS B 293 -7.98 -11.73 -4.66
CA LYS B 293 -7.91 -13.18 -4.82
C LYS B 293 -8.55 -13.96 -3.63
N LYS B 294 -9.81 -13.59 -3.31
CA LYS B 294 -10.68 -14.14 -2.23
C LYS B 294 -10.02 -14.74 -0.95
N GLU B 295 -9.85 -13.88 0.07
CA GLU B 295 -9.18 -14.27 1.30
C GLU B 295 -9.34 -13.07 2.18
N ALA B 296 -8.78 -13.16 3.39
CA ALA B 296 -8.82 -12.11 4.39
C ALA B 296 -7.58 -12.30 5.27
N PHE B 297 -7.25 -13.55 5.57
CA PHE B 297 -6.04 -13.85 6.36
C PHE B 297 -5.63 -15.32 6.25
N ALA B 298 -4.95 -15.82 7.26
CA ALA B 298 -4.55 -17.24 7.30
C ALA B 298 -4.69 -17.88 8.73
N LYS B 299 -5.06 -19.15 8.74
CA LYS B 299 -5.19 -19.95 9.95
C LYS B 299 -4.01 -20.91 9.87
N THR B 300 -3.07 -20.77 10.81
CA THR B 300 -1.91 -21.66 10.78
C THR B 300 -1.73 -22.40 12.08
N THR B 301 -1.30 -23.67 11.98
CA THR B 301 -1.05 -24.53 13.16
C THR B 301 0.44 -24.48 13.42
N LYS B 302 0.85 -24.02 14.61
CA LYS B 302 2.29 -23.88 14.80
C LYS B 302 3.06 -25.19 15.04
N LEU B 303 4.22 -25.35 14.41
CA LEU B 303 5.01 -26.56 14.59
C LEU B 303 6.53 -26.41 14.60
N THR B 304 7.21 -27.45 15.10
CA THR B 304 8.70 -27.45 15.15
C THR B 304 9.29 -28.45 14.20
N LEU B 305 10.19 -27.99 13.35
CA LEU B 305 10.83 -28.89 12.41
C LEU B 305 12.14 -29.28 13.10
N ASN B 306 12.55 -30.54 12.94
CA ASN B 306 13.82 -31.00 13.53
C ASN B 306 14.66 -31.59 12.42
N ALA B 307 15.69 -30.85 11.99
CA ALA B 307 16.59 -31.30 10.91
C ALA B 307 18.04 -31.57 11.29
N LYS B 308 18.58 -32.67 10.77
CA LYS B 308 19.96 -33.11 11.02
C LYS B 308 21.07 -32.05 10.78
N SER B 309 22.32 -32.48 11.00
CA SER B 309 23.48 -31.64 10.79
C SER B 309 23.99 -31.88 9.38
N ILE B 310 24.61 -30.88 8.76
CA ILE B 310 25.14 -31.04 7.42
C ILE B 310 26.64 -30.76 7.54
N ARG B 311 27.41 -31.08 6.50
CA ARG B 311 28.84 -30.82 6.55
C ARG B 311 29.43 -30.32 5.26
N CYS B 312 30.39 -29.39 5.34
CA CYS B 312 31.02 -29.04 4.08
C CYS B 312 32.10 -30.09 3.78
N GLU A 11 -29.31 29.44 5.02
CA GLU A 11 -30.71 29.20 5.45
C GLU A 11 -31.05 27.71 5.40
N HIS A 12 -31.16 27.18 4.18
CA HIS A 12 -31.48 25.77 3.96
C HIS A 12 -30.70 25.23 2.75
N ILE A 13 -29.70 24.37 3.04
CA ILE A 13 -28.83 23.77 2.02
C ILE A 13 -29.02 22.26 2.03
N GLN A 14 -29.37 21.69 0.87
CA GLN A 14 -29.60 20.24 0.78
C GLN A 14 -28.82 19.51 -0.34
N LYS A 15 -28.51 20.22 -1.42
CA LYS A 15 -27.74 19.63 -2.49
C LYS A 15 -26.33 19.37 -1.89
N VAL A 16 -26.24 18.29 -1.10
CA VAL A 16 -25.01 17.87 -0.43
C VAL A 16 -24.57 16.49 -0.92
N ALA A 17 -23.35 16.41 -1.41
CA ALA A 17 -22.84 15.13 -1.90
C ALA A 17 -21.60 14.59 -1.19
N ILE A 18 -21.50 13.27 -1.17
CA ILE A 18 -20.34 12.57 -0.62
C ILE A 18 -19.91 11.61 -1.71
N PHE A 19 -18.79 11.92 -2.39
CA PHE A 19 -18.24 11.06 -3.43
C PHE A 19 -17.28 10.03 -2.87
N GLY A 20 -17.38 8.79 -3.39
CA GLY A 20 -16.50 7.71 -3.00
C GLY A 20 -15.94 7.02 -4.26
N GLY A 21 -14.69 6.56 -4.19
CA GLY A 21 -14.09 5.90 -5.32
C GLY A 21 -13.57 6.83 -6.41
N THR A 22 -13.33 8.11 -6.07
CA THR A 22 -12.76 9.01 -7.08
C THR A 22 -11.45 8.38 -7.55
N HIS A 23 -10.65 7.91 -6.60
CA HIS A 23 -9.41 7.17 -6.90
C HIS A 23 -9.70 5.72 -6.51
N GLY A 24 -9.39 4.80 -7.41
CA GLY A 24 -9.65 3.39 -7.16
C GLY A 24 -8.85 2.74 -6.04
N ASN A 25 -7.58 3.11 -5.89
CA ASN A 25 -6.80 2.50 -4.83
C ASN A 25 -7.39 2.72 -3.43
N GLU A 26 -8.16 3.80 -3.26
CA GLU A 26 -8.72 4.18 -1.96
C GLU A 26 -10.19 3.77 -1.61
N LEU A 27 -10.31 2.61 -0.93
CA LEU A 27 -11.57 1.97 -0.55
C LEU A 27 -12.36 2.53 0.61
N THR A 28 -11.71 3.10 1.63
CA THR A 28 -12.48 3.57 2.79
C THR A 28 -13.83 4.15 2.36
N GLY A 29 -13.78 5.21 1.54
CA GLY A 29 -15.02 5.81 1.07
C GLY A 29 -15.88 4.91 0.17
N VAL A 30 -15.24 3.97 -0.52
CA VAL A 30 -15.94 3.04 -1.38
C VAL A 30 -16.83 2.18 -0.48
N PHE A 31 -16.20 1.52 0.48
CA PHE A 31 -16.92 0.68 1.44
C PHE A 31 -18.11 1.48 2.07
N LEU A 32 -17.82 2.60 2.73
CA LEU A 32 -18.84 3.45 3.31
C LEU A 32 -19.85 3.92 2.25
N VAL A 33 -19.38 4.31 1.06
CA VAL A 33 -20.32 4.78 0.03
C VAL A 33 -21.20 3.65 -0.52
N LYS A 34 -20.60 2.51 -0.80
CA LYS A 34 -21.40 1.40 -1.26
C LYS A 34 -22.48 1.12 -0.23
N HIS A 35 -22.12 1.23 1.06
CA HIS A 35 -23.10 0.98 2.12
C HIS A 35 -24.11 2.14 2.26
N TRP A 36 -23.64 3.37 2.10
CA TRP A 36 -24.50 4.54 2.22
C TRP A 36 -25.20 4.79 0.91
N LEU A 37 -25.67 3.70 0.32
CA LEU A 37 -26.36 3.63 -0.93
C LEU A 37 -27.34 2.50 -0.73
N GLU A 38 -27.55 2.14 0.54
CA GLU A 38 -28.46 1.06 0.89
C GLU A 38 -29.02 1.23 2.31
N ASN A 39 -28.26 1.93 3.17
CA ASN A 39 -28.57 2.22 4.57
C ASN A 39 -27.94 3.59 4.86
N GLY A 40 -28.59 4.64 4.32
CA GLY A 40 -28.08 5.98 4.46
C GLY A 40 -28.37 6.80 5.69
N ALA A 41 -28.87 6.14 6.73
CA ALA A 41 -29.17 6.81 7.98
C ALA A 41 -28.02 7.67 8.52
N GLU A 42 -26.79 7.13 8.58
CA GLU A 42 -25.64 7.88 9.12
C GLU A 42 -25.43 9.27 8.51
N ILE A 43 -25.53 9.35 7.19
CA ILE A 43 -25.29 10.66 6.57
C ILE A 43 -26.55 11.43 6.17
N GLN A 44 -27.64 11.23 6.91
CA GLN A 44 -28.92 11.92 6.68
C GLN A 44 -29.26 12.80 7.88
N ARG A 45 -30.20 13.71 7.72
CA ARG A 45 -30.65 14.58 8.83
C ARG A 45 -32.15 14.70 8.70
N THR A 46 -32.91 14.88 9.79
CA THR A 46 -34.42 14.97 9.69
C THR A 46 -34.84 15.90 8.55
N GLY A 47 -34.11 17.01 8.46
CA GLY A 47 -34.33 17.95 7.40
C GLY A 47 -33.13 18.12 6.47
N LEU A 48 -32.48 17.01 6.08
CA LEU A 48 -31.29 17.06 5.20
C LEU A 48 -30.98 15.78 4.40
N GLU A 49 -31.12 15.88 3.09
CA GLU A 49 -30.91 14.76 2.19
C GLU A 49 -29.55 14.78 1.51
N VAL A 50 -28.71 13.80 1.86
CA VAL A 50 -27.36 13.67 1.35
C VAL A 50 -27.24 12.43 0.45
N LYS A 51 -26.72 12.62 -0.76
CA LYS A 51 -26.63 11.56 -1.78
C LYS A 51 -25.26 10.97 -2.17
N PRO A 52 -25.13 9.63 -2.15
CA PRO A 52 -23.91 8.91 -2.51
C PRO A 52 -23.93 8.60 -4.00
N PHE A 53 -22.79 8.13 -4.52
CA PHE A 53 -22.64 7.85 -5.96
C PHE A 53 -21.18 7.43 -6.21
N ILE A 54 -20.91 6.38 -6.97
CA ILE A 54 -19.47 6.13 -7.24
C ILE A 54 -18.98 6.90 -8.51
N THR A 55 -18.04 7.83 -8.33
CA THR A 55 -17.50 8.64 -9.43
C THR A 55 -16.63 7.93 -10.46
N ASN A 56 -15.86 6.91 -10.07
CA ASN A 56 -14.98 6.20 -11.02
C ASN A 56 -15.15 4.65 -10.98
N PRO A 57 -16.29 4.14 -11.50
CA PRO A 57 -16.64 2.71 -11.53
C PRO A 57 -15.67 1.71 -12.16
N ARG A 58 -15.24 1.96 -13.40
CA ARG A 58 -14.31 1.04 -14.08
C ARG A 58 -13.22 0.49 -13.14
N ALA A 59 -12.32 1.39 -12.79
CA ALA A 59 -11.22 1.14 -11.90
C ALA A 59 -11.72 0.53 -10.61
N VAL A 60 -12.73 1.11 -9.97
CA VAL A 60 -13.21 0.54 -8.69
C VAL A 60 -13.44 -0.92 -8.93
N LYS A 61 -14.39 -1.26 -9.79
CA LYS A 61 -14.62 -2.67 -10.06
C LYS A 61 -13.26 -3.41 -10.15
N LYS A 62 -12.21 -2.70 -10.54
CA LYS A 62 -10.91 -3.31 -10.66
C LYS A 62 -10.01 -3.06 -9.44
N CYS A 63 -10.39 -2.06 -8.63
CA CYS A 63 -9.62 -1.60 -7.46
C CYS A 63 -8.31 -1.03 -8.08
N THR A 64 -8.43 0.10 -8.78
CA THR A 64 -7.25 0.59 -9.46
C THR A 64 -7.19 2.10 -9.78
N ARG A 65 -6.44 2.90 -9.00
CA ARG A 65 -6.31 4.38 -9.16
C ARG A 65 -7.16 4.86 -10.32
N TYR A 66 -6.72 4.60 -11.55
CA TYR A 66 -7.60 4.96 -12.67
C TYR A 66 -7.57 3.95 -13.86
N ILE A 67 -8.30 4.29 -14.92
CA ILE A 67 -8.37 3.46 -16.12
C ILE A 67 -7.59 4.09 -17.26
N ASP A 68 -7.90 5.33 -17.60
CA ASP A 68 -7.19 6.00 -18.66
C ASP A 68 -6.40 7.22 -18.21
N CYS A 69 -7.00 7.99 -17.29
CA CYS A 69 -6.38 9.18 -16.73
C CYS A 69 -6.97 9.49 -15.37
N ASP A 70 -6.37 10.42 -14.63
CA ASP A 70 -6.87 10.75 -13.29
C ASP A 70 -8.16 11.54 -13.28
N LEU A 71 -9.25 10.90 -12.86
CA LEU A 71 -10.57 11.55 -12.78
C LEU A 71 -10.49 12.82 -11.97
N ASN A 72 -9.47 12.85 -11.10
CA ASN A 72 -9.27 13.99 -10.21
C ASN A 72 -8.54 15.23 -10.76
N ARG A 73 -8.29 15.27 -12.07
CA ARG A 73 -7.56 16.42 -12.61
C ARG A 73 -8.11 16.98 -13.94
N ILE A 74 -9.32 16.56 -14.28
CA ILE A 74 -9.94 16.93 -15.53
C ILE A 74 -11.29 17.69 -15.47
N PHE A 75 -11.82 17.93 -14.28
CA PHE A 75 -13.07 18.66 -14.15
C PHE A 75 -12.86 20.15 -14.55
N ASP A 76 -11.96 20.36 -15.50
CA ASP A 76 -11.69 21.70 -15.97
C ASP A 76 -12.39 21.82 -17.33
N LEU A 77 -12.51 23.05 -17.81
CA LEU A 77 -13.17 23.37 -19.06
C LEU A 77 -12.65 22.64 -20.32
N GLU A 78 -11.35 22.26 -20.29
CA GLU A 78 -10.72 21.56 -21.40
C GLU A 78 -11.35 20.20 -21.59
N ASN A 79 -11.85 19.62 -20.51
CA ASN A 79 -12.47 18.32 -20.60
C ASN A 79 -13.95 18.40 -20.34
N LEU A 80 -14.33 19.18 -19.33
CA LEU A 80 -15.73 19.32 -18.97
C LEU A 80 -16.54 19.99 -20.05
N GLY A 81 -15.86 20.32 -21.15
CA GLY A 81 -16.51 20.96 -22.29
C GLY A 81 -16.05 20.55 -23.68
N LYS A 82 -15.41 19.39 -23.81
CA LYS A 82 -14.96 18.93 -25.11
C LYS A 82 -16.00 17.97 -25.71
N LYS A 83 -16.14 17.90 -27.03
CA LYS A 83 -17.20 17.02 -27.58
C LYS A 83 -17.24 15.51 -27.23
N SER A 85 -18.21 11.60 -26.95
CA SER A 85 -18.18 10.53 -27.94
C SER A 85 -17.79 9.19 -27.34
N GLU A 86 -18.08 8.15 -28.12
CA GLU A 86 -17.73 6.82 -27.67
C GLU A 86 -16.19 6.75 -27.57
N ASP A 87 -15.50 7.61 -28.34
CA ASP A 87 -14.06 7.63 -28.33
C ASP A 87 -13.56 8.57 -27.24
N LEU A 88 -14.44 9.14 -26.43
CA LEU A 88 -13.95 10.01 -25.37
C LEU A 88 -13.24 9.17 -24.28
N PRO A 89 -12.11 9.64 -23.75
CA PRO A 89 -11.43 8.85 -22.69
C PRO A 89 -12.30 8.68 -21.43
N TYR A 90 -12.81 7.46 -21.27
CA TYR A 90 -13.69 7.08 -20.15
C TYR A 90 -13.83 8.14 -19.03
N GLU A 91 -12.70 8.45 -18.37
CA GLU A 91 -12.69 9.41 -17.30
C GLU A 91 -13.33 10.75 -17.68
N VAL A 92 -12.95 11.28 -18.85
CA VAL A 92 -13.57 12.54 -19.29
C VAL A 92 -15.11 12.43 -19.49
N ARG A 93 -15.54 11.35 -20.13
CA ARG A 93 -16.96 11.10 -20.33
C ARG A 93 -17.68 11.03 -18.97
N ARG A 94 -16.90 10.84 -17.91
CA ARG A 94 -17.46 10.69 -16.57
C ARG A 94 -17.48 12.00 -15.73
N ALA A 95 -16.45 12.84 -15.87
CA ALA A 95 -16.39 14.12 -15.16
C ALA A 95 -17.60 14.94 -15.70
N GLN A 96 -17.87 14.72 -16.99
CA GLN A 96 -18.98 15.32 -17.72
C GLN A 96 -20.32 14.76 -17.18
N GLU A 97 -20.42 13.42 -17.18
CA GLU A 97 -21.59 12.70 -16.67
C GLU A 97 -21.85 13.20 -15.26
N ILE A 98 -20.79 13.21 -14.45
CA ILE A 98 -20.87 13.71 -13.10
C ILE A 98 -21.23 15.23 -13.16
N ASN A 99 -20.92 15.84 -14.30
CA ASN A 99 -21.24 17.24 -14.48
C ASN A 99 -22.68 17.55 -14.96
N HIS A 100 -23.59 16.66 -14.60
CA HIS A 100 -25.01 16.85 -14.87
C HIS A 100 -25.74 16.52 -13.58
N LEU A 101 -25.44 15.38 -12.97
CA LEU A 101 -26.07 15.06 -11.71
C LEU A 101 -25.67 16.10 -10.65
N PHE A 102 -24.44 16.57 -10.75
CA PHE A 102 -23.96 17.55 -9.80
C PHE A 102 -23.45 18.68 -10.67
N GLY A 103 -22.66 18.32 -11.68
CA GLY A 103 -22.12 19.34 -12.54
C GLY A 103 -23.26 20.06 -13.20
N PRO A 104 -23.01 21.21 -13.84
CA PRO A 104 -21.71 21.89 -14.00
C PRO A 104 -21.00 22.05 -12.66
N LYS A 105 -19.76 22.54 -12.69
CA LYS A 105 -18.94 22.84 -11.49
C LYS A 105 -19.19 24.32 -11.07
N ASP A 106 -20.03 24.56 -10.05
CA ASP A 106 -20.27 25.90 -9.54
C ASP A 106 -21.22 26.86 -10.25
N SER A 107 -22.46 26.89 -9.80
CA SER A 107 -23.43 27.73 -10.44
C SER A 107 -24.53 27.80 -9.42
N GLU A 108 -25.46 28.73 -9.59
CA GLU A 108 -26.57 28.84 -8.66
C GLU A 108 -27.05 27.41 -8.39
N ASP A 109 -27.34 26.66 -9.46
CA ASP A 109 -27.80 25.31 -9.30
C ASP A 109 -26.70 24.29 -9.00
N SER A 110 -25.45 24.63 -9.32
CA SER A 110 -24.38 23.69 -9.04
C SER A 110 -24.24 23.47 -7.53
N TYR A 111 -23.87 22.26 -7.16
CA TYR A 111 -23.71 21.88 -5.75
C TYR A 111 -22.94 22.85 -4.85
N ASP A 112 -23.31 22.80 -3.56
CA ASP A 112 -22.77 23.65 -2.50
C ASP A 112 -21.86 22.97 -1.45
N ILE A 113 -22.33 21.87 -0.86
CA ILE A 113 -21.51 21.13 0.10
C ILE A 113 -20.82 20.01 -0.67
N ILE A 114 -19.49 19.93 -0.60
CA ILE A 114 -18.83 18.81 -1.28
C ILE A 114 -17.56 18.20 -0.65
N PHE A 115 -17.73 16.96 -0.19
CA PHE A 115 -16.68 16.13 0.43
C PHE A 115 -16.15 15.06 -0.57
N ASP A 116 -14.89 15.16 -0.98
CA ASP A 116 -14.26 14.18 -1.89
C ASP A 116 -13.37 13.26 -0.96
N LEU A 117 -13.82 12.04 -0.65
CA LEU A 117 -13.06 11.12 0.23
C LEU A 117 -11.79 10.48 -0.42
N HIS A 118 -10.64 10.65 0.21
CA HIS A 118 -9.41 10.08 -0.29
C HIS A 118 -8.50 9.40 0.76
N ASN A 119 -7.65 8.50 0.25
CA ASN A 119 -6.72 7.71 1.04
C ASN A 119 -5.29 7.97 0.61
N THR A 120 -4.39 8.04 1.59
CA THR A 120 -2.97 8.24 1.31
C THR A 120 -2.14 7.15 1.99
N THR A 121 -0.97 6.88 1.44
CA THR A 121 -0.10 5.88 2.06
C THR A 121 0.82 6.64 3.01
N SER A 122 0.72 7.97 2.95
CA SER A 122 1.46 8.84 3.85
C SER A 122 0.70 8.65 5.21
N ASN A 123 1.45 8.60 6.32
CA ASN A 123 0.85 8.38 7.65
C ASN A 123 0.01 9.55 8.15
N GLY A 125 -4.47 10.62 8.15
CA GLY A 125 -5.70 10.48 8.95
C GLY A 125 -6.78 11.56 8.83
N CYS A 126 -6.74 12.56 9.71
CA CYS A 126 -7.71 13.63 9.63
C CYS A 126 -7.04 14.74 8.83
N THR A 127 -7.32 14.74 7.52
CA THR A 127 -6.79 15.76 6.62
C THR A 127 -7.90 16.51 5.87
N LEU A 128 -7.97 17.82 6.06
CA LEU A 128 -8.97 18.62 5.35
C LEU A 128 -8.22 19.41 4.28
N ILE A 129 -8.73 19.40 3.06
CA ILE A 129 -8.07 20.15 2.01
C ILE A 129 -8.92 21.33 1.51
N LEU A 130 -8.38 22.54 1.61
CA LEU A 130 -9.10 23.71 1.18
C LEU A 130 -8.48 24.29 -0.10
N GLU A 131 -9.31 24.76 -1.07
CA GLU A 131 -8.75 25.33 -2.31
C GLU A 131 -8.84 26.88 -2.44
N ASP A 132 -9.02 27.58 -1.31
CA ASP A 132 -9.06 29.05 -1.26
C ASP A 132 -9.09 29.43 0.22
N SER A 133 -8.06 30.12 0.69
CA SER A 133 -7.95 30.53 2.08
C SER A 133 -8.83 31.73 2.38
N ARG A 134 -10.09 31.65 1.96
CA ARG A 134 -11.05 32.71 2.18
C ARG A 134 -12.46 32.21 2.59
N ASN A 135 -13.07 31.30 1.82
CA ASN A 135 -14.43 30.80 2.12
C ASN A 135 -14.62 30.67 3.63
N ASN A 136 -15.55 31.48 4.16
CA ASN A 136 -15.82 31.50 5.61
C ASN A 136 -16.57 30.26 6.15
N PHE A 137 -17.42 29.68 5.30
CA PHE A 137 -18.20 28.52 5.65
C PHE A 137 -17.30 27.27 5.91
N LEU A 138 -16.26 27.11 5.10
CA LEU A 138 -15.34 25.97 5.24
C LEU A 138 -14.37 26.16 6.41
N ILE A 139 -13.78 27.35 6.52
CA ILE A 139 -12.83 27.60 7.61
C ILE A 139 -13.56 27.29 8.92
N GLN A 140 -14.79 27.76 9.00
CA GLN A 140 -15.62 27.54 10.18
C GLN A 140 -15.92 26.04 10.33
N PHE A 142 -14.14 23.53 9.24
CA PHE A 142 -12.91 22.86 9.60
C PHE A 142 -12.58 23.09 11.08
N HIS A 143 -12.71 24.34 11.51
CA HIS A 143 -12.43 24.66 12.88
C HIS A 143 -13.30 23.74 13.72
N TYR A 144 -14.60 23.70 13.40
CA TYR A 144 -15.54 22.84 14.14
C TYR A 144 -15.00 21.39 14.24
N ILE A 145 -14.79 20.75 13.08
CA ILE A 145 -14.32 19.37 13.01
C ILE A 145 -13.05 19.07 13.82
N LYS A 146 -12.03 19.92 13.73
CA LYS A 146 -10.77 19.74 14.48
C LYS A 146 -11.04 19.71 15.99
N THR A 147 -11.71 20.75 16.48
CA THR A 147 -12.03 20.86 17.89
C THR A 147 -12.87 19.64 18.22
N SER A 148 -13.80 19.35 17.32
CA SER A 148 -14.65 18.20 17.52
C SER A 148 -13.83 16.90 17.63
N LEU A 149 -12.84 16.76 16.74
CA LEU A 149 -11.97 15.60 16.69
C LEU A 149 -10.93 15.60 17.78
N ALA A 150 -10.42 16.78 18.08
CA ALA A 150 -9.45 17.02 19.13
C ALA A 150 -9.78 16.26 20.45
N PRO A 151 -8.77 15.69 21.16
CA PRO A 151 -7.31 15.56 21.04
C PRO A 151 -6.81 14.75 19.84
N LEU A 152 -7.71 14.34 18.96
CA LEU A 152 -7.27 13.62 17.80
C LEU A 152 -6.80 14.73 16.87
N PRO A 153 -5.58 14.60 16.32
CA PRO A 153 -4.99 15.60 15.41
C PRO A 153 -5.90 15.64 14.21
N CYS A 154 -5.83 16.70 13.41
CA CYS A 154 -6.70 16.84 12.25
C CYS A 154 -6.15 18.07 11.60
N TYR A 155 -5.24 17.85 10.65
CA TYR A 155 -4.53 18.92 9.95
C TYR A 155 -5.28 19.42 8.76
N VAL A 156 -5.01 20.68 8.40
CA VAL A 156 -5.66 21.27 7.23
C VAL A 156 -4.63 21.58 6.15
N TYR A 157 -4.86 20.99 4.97
CA TYR A 157 -4.01 21.15 3.80
C TYR A 157 -4.61 22.20 2.86
N LEU A 158 -3.91 23.31 2.64
CA LEU A 158 -4.43 24.35 1.75
C LEU A 158 -3.73 24.41 0.38
N ILE A 159 -4.51 24.54 -0.70
CA ILE A 159 -3.93 24.66 -2.04
C ILE A 159 -4.15 26.08 -2.69
N GLU A 160 -3.11 26.91 -2.75
CA GLU A 160 -3.27 28.26 -3.31
C GLU A 160 -2.67 28.42 -4.70
N HIS A 161 -3.28 27.80 -5.69
CA HIS A 161 -2.78 27.92 -7.04
C HIS A 161 -2.86 29.41 -7.38
N PRO A 162 -1.70 30.04 -7.64
CA PRO A 162 -1.81 31.46 -7.99
C PRO A 162 -2.86 31.54 -9.10
N SER A 163 -2.72 30.61 -10.05
CA SER A 163 -3.62 30.46 -11.20
C SER A 163 -4.95 31.07 -10.81
N LEU A 164 -5.57 30.38 -9.86
CA LEU A 164 -6.86 30.66 -9.26
C LEU A 164 -7.79 29.61 -9.83
N LYS A 165 -7.19 28.52 -10.35
CA LYS A 165 -7.95 27.41 -10.93
C LYS A 165 -7.83 26.09 -10.14
N TYR A 166 -8.82 25.21 -10.30
CA TYR A 166 -8.81 23.90 -9.62
C TYR A 166 -9.59 22.91 -10.47
N ALA A 167 -9.05 21.71 -10.70
CA ALA A 167 -9.72 20.73 -11.56
C ALA A 167 -10.20 19.48 -10.83
N THR A 168 -10.18 19.54 -9.50
CA THR A 168 -10.60 18.45 -8.64
C THR A 168 -11.98 17.96 -8.95
N THR A 169 -12.36 16.88 -8.28
CA THR A 169 -13.67 16.27 -8.42
C THR A 169 -14.57 17.06 -7.47
N ARG A 170 -13.98 17.61 -6.43
CA ARG A 170 -14.76 18.41 -5.44
C ARG A 170 -14.96 19.91 -5.82
N SER A 171 -14.20 20.35 -6.83
CA SER A 171 -14.25 21.71 -7.30
C SER A 171 -15.59 22.05 -7.98
N ILE A 172 -16.44 21.06 -8.18
CA ILE A 172 -17.75 21.34 -8.76
C ILE A 172 -18.66 22.08 -7.73
N ALA A 173 -18.46 21.86 -6.43
CA ALA A 173 -19.31 22.48 -5.40
C ALA A 173 -19.10 23.95 -5.10
N LYS A 174 -20.08 24.56 -4.40
CA LYS A 174 -20.01 25.96 -3.98
C LYS A 174 -18.85 26.00 -3.02
N TYR A 175 -19.00 25.25 -1.94
CA TYR A 175 -18.01 25.14 -0.86
C TYR A 175 -17.41 23.74 -0.90
N PRO A 176 -16.25 23.55 -1.58
CA PRO A 176 -15.52 22.25 -1.72
C PRO A 176 -14.82 21.73 -0.49
N VAL A 177 -14.73 20.41 -0.37
CA VAL A 177 -14.01 19.80 0.75
C VAL A 177 -13.37 18.43 0.43
N GLY A 178 -12.09 18.33 0.76
CA GLY A 178 -11.44 17.06 0.54
C GLY A 178 -11.27 16.35 1.88
N ILE A 179 -11.69 15.09 2.00
CA ILE A 179 -11.44 14.39 3.27
C ILE A 179 -10.29 13.40 3.00
N GLU A 180 -9.15 13.64 3.63
CA GLU A 180 -7.98 12.82 3.39
C GLU A 180 -7.66 11.88 4.54
N VAL A 181 -7.64 10.58 4.27
CA VAL A 181 -7.32 9.69 5.35
C VAL A 181 -6.23 8.68 4.99
N GLY A 182 -5.22 8.62 5.86
CA GLY A 182 -4.07 7.73 5.72
C GLY A 182 -3.30 7.59 7.02
N PRO A 183 -2.34 6.68 7.16
CA PRO A 183 -1.80 5.71 6.20
C PRO A 183 -2.59 4.43 5.99
N GLN A 184 -2.75 4.05 4.72
CA GLN A 184 -3.40 2.80 4.41
C GLN A 184 -2.88 2.40 3.07
N PRO A 185 -2.32 1.17 2.94
CA PRO A 185 -1.82 0.81 1.61
C PRO A 185 -2.96 0.84 0.57
N GLN A 186 -2.65 1.16 -0.69
CA GLN A 186 -3.71 1.12 -1.68
C GLN A 186 -4.14 -0.35 -1.74
N GLY A 187 -5.42 -0.57 -2.05
CA GLY A 187 -5.97 -1.91 -2.19
C GLY A 187 -6.39 -2.57 -0.92
N VAL A 188 -6.11 -1.89 0.19
CA VAL A 188 -6.44 -2.44 1.49
C VAL A 188 -7.55 -1.59 2.11
N LEU A 189 -8.20 -2.12 3.17
CA LEU A 189 -9.23 -1.43 3.93
C LEU A 189 -9.12 -1.68 5.46
N ARG A 190 -8.42 -0.80 6.18
CA ARG A 190 -8.23 -0.91 7.65
C ARG A 190 -9.39 -0.32 8.48
N ALA A 191 -9.68 -0.93 9.63
CA ALA A 191 -10.77 -0.48 10.50
C ALA A 191 -10.52 0.90 11.08
N ASP A 192 -9.41 1.06 11.78
CA ASP A 192 -9.13 2.37 12.36
C ASP A 192 -9.25 3.51 11.35
N ILE A 193 -8.73 3.31 10.13
CA ILE A 193 -8.84 4.32 9.09
C ILE A 193 -10.32 4.58 8.81
N LEU A 194 -11.08 3.53 8.53
CA LEU A 194 -12.49 3.67 8.27
C LEU A 194 -13.31 4.34 9.41
N ASP A 195 -12.90 4.10 10.64
CA ASP A 195 -13.58 4.63 11.79
C ASP A 195 -13.28 6.09 11.88
N GLN A 196 -12.03 6.41 11.65
CA GLN A 196 -11.65 7.81 11.71
C GLN A 196 -12.38 8.65 10.63
N ARG A 198 -15.09 7.77 9.05
CA ARG A 198 -16.54 7.75 9.18
C ARG A 198 -16.90 8.65 10.34
N LYS A 199 -15.94 8.86 11.25
CA LYS A 199 -16.16 9.75 12.37
C LYS A 199 -16.04 11.21 11.89
N ILE A 201 -16.84 12.45 8.87
CA ILE A 201 -18.02 12.83 8.12
C ILE A 201 -19.08 13.34 9.14
N LYS A 202 -19.20 12.63 10.27
CA LYS A 202 -20.17 13.01 11.31
C LYS A 202 -20.03 14.44 11.80
N HIS A 203 -18.82 14.84 12.17
CA HIS A 203 -18.64 16.20 12.66
C HIS A 203 -18.93 17.20 11.58
N ALA A 204 -18.48 16.96 10.36
CA ALA A 204 -18.80 17.89 9.28
C ALA A 204 -20.33 17.98 9.12
N LEU A 205 -21.00 16.82 9.01
CA LEU A 205 -22.45 16.82 8.86
C LEU A 205 -23.13 17.45 10.09
N ASP A 206 -22.49 17.36 11.27
CA ASP A 206 -23.05 18.00 12.47
C ASP A 206 -22.97 19.51 12.16
N PHE A 207 -21.87 19.93 11.52
CA PHE A 207 -21.70 21.32 11.14
C PHE A 207 -22.75 21.73 10.07
N ILE A 208 -23.23 20.76 9.29
CA ILE A 208 -24.22 21.10 8.27
C ILE A 208 -25.64 21.28 8.84
N HIS A 209 -26.04 20.39 9.74
CA HIS A 209 -27.38 20.48 10.33
C HIS A 209 -27.48 21.49 11.47
N HIS A 210 -26.55 22.44 11.46
CA HIS A 210 -26.52 23.52 12.41
C HIS A 210 -26.48 24.82 11.65
N PHE A 211 -25.42 25.08 10.87
CA PHE A 211 -25.31 26.33 10.13
C PHE A 211 -26.60 26.72 9.40
N ASN A 212 -27.33 25.73 8.88
CA ASN A 212 -28.53 26.05 8.20
C ASN A 212 -29.58 26.39 9.23
N GLU A 213 -29.39 25.86 10.45
CA GLU A 213 -30.31 26.14 11.57
C GLU A 213 -29.95 27.52 12.13
N GLY A 214 -29.58 28.40 11.22
CA GLY A 214 -29.25 29.74 11.62
C GLY A 214 -28.39 29.80 12.84
N LYS A 215 -27.57 28.76 13.02
CA LYS A 215 -26.66 28.76 14.13
C LYS A 215 -25.63 29.81 13.70
N GLU A 216 -25.69 30.99 14.32
CA GLU A 216 -24.77 32.04 13.97
C GLU A 216 -23.37 31.64 14.41
N PHE A 217 -22.47 31.46 13.45
CA PHE A 217 -21.11 31.10 13.80
C PHE A 217 -20.19 32.32 13.92
N PRO A 218 -19.42 32.40 15.02
CA PRO A 218 -18.46 33.47 15.34
C PRO A 218 -17.19 33.40 14.53
N PRO A 219 -16.49 34.55 14.41
CA PRO A 219 -15.22 34.57 13.64
C PRO A 219 -14.33 33.47 14.23
N CYS A 220 -13.44 32.90 13.42
CA CYS A 220 -12.54 31.86 13.91
C CYS A 220 -11.16 31.92 13.27
N ALA A 221 -10.28 31.02 13.69
CA ALA A 221 -8.94 30.95 13.15
C ALA A 221 -8.51 29.49 13.15
N ILE A 222 -7.85 29.03 12.09
CA ILE A 222 -7.32 27.65 12.10
C ILE A 222 -5.90 27.71 11.60
N GLU A 223 -5.09 26.70 11.91
CA GLU A 223 -3.72 26.66 11.38
C GLU A 223 -3.84 25.79 10.10
N VAL A 224 -3.09 26.16 9.07
CA VAL A 224 -3.11 25.41 7.82
C VAL A 224 -1.75 25.35 7.11
N TYR A 225 -1.63 24.35 6.22
CA TYR A 225 -0.41 24.09 5.43
C TYR A 225 -0.65 24.33 3.94
N LYS A 226 0.05 25.35 3.43
CA LYS A 226 -0.03 25.81 2.06
C LYS A 226 1.05 25.14 1.23
N ILE A 227 0.63 24.19 0.43
CA ILE A 227 1.53 23.48 -0.44
C ILE A 227 2.35 24.56 -1.18
N ILE A 228 3.67 24.44 -1.23
CA ILE A 228 4.47 25.44 -1.95
C ILE A 228 5.43 24.88 -2.98
N GLU A 229 5.99 23.70 -2.70
CA GLU A 229 6.93 23.08 -3.63
C GLU A 229 7.00 21.55 -3.51
N LYS A 230 6.66 20.84 -4.59
CA LYS A 230 6.72 19.37 -4.60
C LYS A 230 8.20 19.01 -4.78
N VAL A 231 8.76 18.29 -3.81
CA VAL A 231 10.16 17.86 -3.79
C VAL A 231 10.22 16.37 -4.16
N ASP A 232 10.81 16.09 -5.32
CA ASP A 232 10.92 14.72 -5.77
C ASP A 232 12.27 14.16 -5.38
N TYR A 233 12.35 12.84 -5.45
CA TYR A 233 13.54 12.09 -5.10
C TYR A 233 14.61 12.50 -6.10
N PRO A 234 15.89 12.34 -5.70
CA PRO A 234 17.15 12.60 -6.41
C PRO A 234 17.26 11.59 -7.55
N ARG A 235 17.59 12.03 -8.76
CA ARG A 235 17.64 11.07 -9.86
C ARG A 235 19.08 10.75 -10.32
N ASP A 236 19.26 9.99 -11.39
CA ASP A 236 20.60 9.70 -11.86
C ASP A 236 20.72 9.86 -13.38
N GLU A 237 21.70 9.15 -13.94
CA GLU A 237 21.96 9.18 -15.38
C GLU A 237 20.68 8.88 -16.13
N ASN A 238 20.41 7.59 -16.34
CA ASN A 238 19.19 7.15 -17.01
C ASN A 238 18.05 7.95 -16.43
N GLY A 239 18.21 8.32 -15.16
CA GLY A 239 17.20 9.10 -14.48
C GLY A 239 16.43 8.36 -13.40
N GLU A 240 17.00 7.26 -12.91
CA GLU A 240 16.29 6.51 -11.88
C GLU A 240 16.49 7.09 -10.51
N ILE A 241 15.57 6.73 -9.63
CA ILE A 241 15.59 7.17 -8.23
C ILE A 241 16.93 6.76 -7.62
N ALA A 242 17.73 7.78 -7.31
CA ALA A 242 19.09 7.62 -6.78
C ALA A 242 19.17 7.72 -5.26
N ALA A 243 18.02 7.89 -4.63
CA ALA A 243 17.97 7.99 -3.17
C ALA A 243 16.52 7.95 -2.65
N ILE A 244 16.34 7.16 -1.58
CA ILE A 244 15.08 6.90 -0.88
C ILE A 244 14.73 7.85 0.29
N ILE A 245 13.46 7.88 0.68
CA ILE A 245 13.05 8.74 1.79
C ILE A 245 13.79 8.21 3.02
N HIS A 246 14.52 9.11 3.70
CA HIS A 246 15.30 8.72 4.88
C HIS A 246 14.48 8.11 6.01
N PRO A 247 15.15 7.48 6.97
CA PRO A 247 14.25 6.95 8.00
C PRO A 247 13.74 8.00 8.99
N ASN A 248 14.46 9.09 9.22
CA ASN A 248 13.95 10.10 10.15
C ASN A 248 12.84 10.96 9.55
N LEU A 249 12.77 10.99 8.21
CA LEU A 249 11.75 11.79 7.52
C LEU A 249 10.54 10.92 7.23
N GLN A 250 10.73 9.60 7.32
CA GLN A 250 9.63 8.65 7.12
C GLN A 250 8.56 8.70 8.23
N ASP A 251 7.31 8.84 7.80
CA ASP A 251 6.15 8.90 8.70
C ASP A 251 6.37 10.07 9.57
N GLN A 252 6.73 11.18 8.94
CA GLN A 252 6.99 12.42 9.67
C GLN A 252 6.29 13.67 9.12
N ASP A 253 5.11 13.47 8.54
CA ASP A 253 4.32 14.55 7.97
C ASP A 253 3.81 15.50 9.03
N TRP A 254 3.45 16.70 8.62
CA TRP A 254 2.91 17.71 9.51
C TRP A 254 3.95 18.26 10.51
N LYS A 255 5.09 17.57 10.67
CA LYS A 255 6.15 18.01 11.60
C LYS A 255 7.28 18.77 10.86
N PRO A 256 7.90 19.76 11.55
CA PRO A 256 8.96 20.59 10.99
C PRO A 256 10.26 19.91 10.60
N LEU A 257 10.89 20.40 9.55
CA LEU A 257 12.15 19.82 9.10
C LEU A 257 13.14 20.96 8.92
N HIS A 258 14.31 20.85 9.55
CA HIS A 258 15.32 21.90 9.47
C HIS A 258 16.49 21.51 8.57
N PRO A 259 17.22 22.51 8.07
CA PRO A 259 18.36 22.29 7.18
C PRO A 259 19.35 21.12 7.36
N GLY A 260 19.65 20.73 8.57
CA GLY A 260 20.58 19.63 8.70
C GLY A 260 19.95 18.25 8.86
N ASP A 261 18.65 18.24 9.15
CA ASP A 261 17.90 17.01 9.36
C ASP A 261 18.01 16.09 8.16
N PRO A 262 18.17 14.78 8.38
CA PRO A 262 18.27 13.86 7.22
C PRO A 262 17.05 13.97 6.31
N PHE A 264 17.07 12.32 2.43
CA PHE A 264 17.19 11.25 1.46
C PHE A 264 18.37 10.45 1.88
N LEU A 265 18.16 9.13 1.87
CA LEU A 265 19.17 8.14 2.22
C LEU A 265 19.62 7.36 0.97
N THR A 266 20.90 7.02 0.89
CA THR A 266 21.35 6.22 -0.24
C THR A 266 21.84 4.92 0.32
N LEU A 267 21.66 3.85 -0.45
CA LEU A 267 22.03 2.50 -0.04
C LEU A 267 23.38 2.40 0.65
N ASP A 268 24.31 3.24 0.21
CA ASP A 268 25.62 3.20 0.86
C ASP A 268 25.48 3.61 2.34
N GLY A 269 24.72 4.68 2.58
CA GLY A 269 24.50 5.19 3.92
C GLY A 269 24.57 6.71 3.98
N LYS A 270 24.88 7.29 2.83
CA LYS A 270 24.99 8.74 2.75
C LYS A 270 23.65 9.42 3.10
N THR A 271 23.70 10.42 3.97
CA THR A 271 22.48 11.15 4.30
C THR A 271 22.39 12.52 3.58
N ILE A 272 21.33 12.71 2.81
CA ILE A 272 21.13 13.97 2.11
C ILE A 272 20.15 14.78 2.99
N PRO A 273 20.64 15.90 3.60
CA PRO A 273 19.83 16.76 4.48
C PRO A 273 18.92 17.79 3.84
N LEU A 274 18.09 18.43 4.65
CA LEU A 274 17.16 19.42 4.15
C LEU A 274 17.85 20.65 3.59
N GLY A 275 18.93 21.08 4.25
CA GLY A 275 19.61 22.26 3.76
C GLY A 275 18.64 23.42 3.63
N GLY A 276 19.00 24.40 2.79
CA GLY A 276 18.12 25.55 2.59
C GLY A 276 18.20 26.61 3.66
N ASP A 277 17.69 27.78 3.31
CA ASP A 277 17.71 28.93 4.21
C ASP A 277 16.46 29.11 5.07
N CYS A 278 15.56 28.14 5.04
CA CYS A 278 14.33 28.18 5.85
C CYS A 278 13.88 26.80 6.25
N THR A 279 13.16 26.75 7.36
CA THR A 279 12.62 25.51 7.87
C THR A 279 11.38 25.26 7.04
N VAL A 280 11.22 24.04 6.52
CA VAL A 280 10.04 23.74 5.70
C VAL A 280 9.09 22.72 6.30
N TYR A 281 7.95 22.47 5.65
CA TYR A 281 7.01 21.55 6.24
C TYR A 281 6.57 20.54 5.19
N PRO A 282 7.01 19.26 5.33
CA PRO A 282 6.65 18.21 4.37
C PRO A 282 5.37 17.45 4.75
N VAL A 283 4.57 17.18 3.74
CA VAL A 283 3.32 16.44 3.87
C VAL A 283 3.34 15.49 2.66
N PHE A 284 2.48 14.47 2.66
CA PHE A 284 2.47 13.47 1.59
C PHE A 284 3.83 12.78 1.40
N VAL A 285 4.47 12.45 2.52
CA VAL A 285 5.78 11.84 2.53
C VAL A 285 5.71 10.38 2.20
N ASN A 286 6.45 10.01 1.15
CA ASN A 286 6.51 8.64 0.67
C ASN A 286 5.13 8.12 0.30
N GLU A 287 4.37 8.92 -0.47
CA GLU A 287 3.04 8.59 -0.93
C GLU A 287 3.27 7.79 -2.22
N ALA A 288 2.50 6.71 -2.38
CA ALA A 288 2.60 5.80 -3.52
C ALA A 288 2.23 6.48 -4.81
N ALA A 289 1.11 7.19 -4.80
CA ALA A 289 0.64 7.90 -5.99
C ALA A 289 1.65 8.89 -6.56
N TYR A 290 2.58 9.37 -5.76
CA TYR A 290 3.51 10.34 -6.32
C TYR A 290 4.93 9.90 -6.77
N TYR A 291 5.26 8.59 -6.77
CA TYR A 291 6.61 8.24 -7.27
C TYR A 291 6.75 8.67 -8.74
N GLU A 292 5.93 8.09 -9.62
CA GLU A 292 6.01 8.47 -11.02
C GLU A 292 5.77 9.96 -11.15
N LYS A 293 4.77 10.46 -10.40
CA LYS A 293 4.42 11.89 -10.41
C LYS A 293 5.46 12.71 -9.64
N LYS A 294 6.74 12.40 -9.87
CA LYS A 294 7.86 13.09 -9.21
C LYS A 294 7.54 13.93 -7.95
N GLU A 295 7.54 13.26 -6.80
CA GLU A 295 7.28 13.87 -5.49
C GLU A 295 7.63 12.84 -4.40
N ALA A 296 8.72 13.10 -3.69
CA ALA A 296 9.15 12.21 -2.62
C ALA A 296 8.38 12.64 -1.36
N PHE A 297 7.89 13.87 -1.42
CA PHE A 297 7.09 14.45 -0.35
C PHE A 297 6.79 15.87 -0.77
N ALA A 298 5.70 16.42 -0.27
CA ALA A 298 5.36 17.81 -0.60
C ALA A 298 5.86 18.76 0.48
N LYS A 299 6.53 19.82 0.05
CA LYS A 299 7.04 20.86 0.96
C LYS A 299 5.99 21.97 1.01
N THR A 300 5.30 22.03 2.15
CA THR A 300 4.22 23.00 2.39
C THR A 300 4.69 24.31 3.05
N THR A 301 3.76 24.96 3.74
CA THR A 301 4.03 26.17 4.52
C THR A 301 2.97 26.21 5.60
N LYS A 302 3.39 26.56 6.80
CA LYS A 302 2.49 26.61 7.94
C LYS A 302 2.18 28.07 8.20
N LEU A 303 1.12 28.59 7.56
CA LEU A 303 0.71 30.00 7.70
C LEU A 303 -0.59 30.08 8.48
N THR A 304 -0.96 31.24 9.02
CA THR A 304 -2.22 31.26 9.79
C THR A 304 -3.43 31.85 9.08
N LEU A 305 -4.54 31.14 9.14
CA LEU A 305 -5.76 31.62 8.53
C LEU A 305 -6.62 32.10 9.68
N ASN A 306 -7.22 33.28 9.54
CA ASN A 306 -8.11 33.87 10.56
C ASN A 306 -9.41 34.13 9.83
N ALA A 307 -10.56 33.82 10.43
CA ALA A 307 -11.86 34.08 9.78
C ALA A 307 -12.90 34.92 10.59
N LYS A 308 -13.78 35.61 9.87
CA LYS A 308 -14.85 36.42 10.47
C LYS A 308 -16.07 35.51 10.70
N SER A 309 -17.00 35.97 11.54
CA SER A 309 -18.20 35.21 11.85
C SER A 309 -18.88 34.92 10.52
N ILE A 310 -19.87 34.03 10.53
CA ILE A 310 -20.60 33.68 9.32
C ILE A 310 -22.08 33.48 9.58
N ARG A 311 -22.93 33.95 8.65
CA ARG A 311 -24.39 33.84 8.77
C ARG A 311 -24.94 33.04 7.59
N CYS A 312 -26.23 32.69 7.68
CA CYS A 312 -26.91 31.93 6.63
C CYS A 312 -26.74 32.60 5.26
N GLU B 11 28.10 -30.93 -4.06
CA GLU B 11 29.21 -30.45 -3.18
C GLU B 11 29.40 -28.93 -3.16
N HIS B 12 29.46 -28.36 -1.96
CA HIS B 12 29.62 -26.93 -1.78
C HIS B 12 28.39 -26.11 -2.19
N ILE B 13 28.62 -24.99 -2.87
CA ILE B 13 27.57 -24.09 -3.35
C ILE B 13 28.21 -23.01 -4.25
N GLN B 14 27.98 -23.06 -5.56
CA GLN B 14 28.55 -22.07 -6.49
C GLN B 14 27.57 -21.18 -7.31
N LYS B 15 26.53 -21.79 -7.88
CA LYS B 15 25.55 -21.01 -8.66
C LYS B 15 24.44 -20.51 -7.71
N VAL B 16 24.34 -19.19 -7.56
CA VAL B 16 23.37 -18.57 -6.66
C VAL B 16 22.88 -17.22 -7.15
N ALA B 17 21.59 -17.16 -7.47
CA ALA B 17 20.96 -15.93 -7.96
C ALA B 17 19.97 -15.35 -6.92
N ILE B 18 19.83 -14.02 -6.94
CA ILE B 18 18.85 -13.34 -6.08
C ILE B 18 17.86 -12.70 -7.05
N PHE B 19 16.62 -13.20 -7.11
CA PHE B 19 15.56 -12.65 -7.99
C PHE B 19 14.76 -11.56 -7.27
N GLY B 20 14.48 -10.46 -8.00
CA GLY B 20 13.71 -9.33 -7.47
C GLY B 20 12.79 -8.82 -8.58
N GLY B 21 11.80 -7.98 -8.27
CA GLY B 21 10.91 -7.52 -9.32
C GLY B 21 9.99 -8.64 -9.78
N THR B 22 10.04 -9.71 -9.00
CA THR B 22 9.23 -10.88 -9.21
C THR B 22 7.78 -10.43 -9.40
N HIS B 23 7.23 -9.71 -8.41
CA HIS B 23 5.89 -9.13 -8.52
C HIS B 23 6.03 -7.61 -8.69
N GLY B 24 5.18 -6.98 -9.52
CA GLY B 24 5.29 -5.54 -9.72
C GLY B 24 5.47 -4.66 -8.49
N ASN B 25 4.34 -4.29 -7.86
CA ASN B 25 4.18 -3.45 -6.67
C ASN B 25 5.36 -3.47 -5.70
N GLU B 26 5.72 -4.69 -5.26
CA GLU B 26 6.85 -4.97 -4.36
C GLU B 26 8.09 -4.31 -4.98
N LEU B 27 8.80 -3.45 -4.25
CA LEU B 27 9.95 -2.78 -4.84
C LEU B 27 11.27 -2.95 -4.11
N THR B 28 11.23 -3.19 -2.79
CA THR B 28 12.49 -3.31 -2.05
C THR B 28 13.48 -4.25 -2.77
N GLY B 29 12.94 -5.31 -3.36
CA GLY B 29 13.82 -6.20 -4.09
C GLY B 29 14.22 -5.60 -5.44
N VAL B 30 13.32 -4.85 -6.06
CA VAL B 30 13.64 -4.25 -7.33
C VAL B 30 14.75 -3.21 -7.13
N PHE B 31 14.61 -2.39 -6.09
CA PHE B 31 15.60 -1.36 -5.81
C PHE B 31 16.93 -2.01 -5.40
N LEU B 32 16.83 -3.07 -4.57
CA LEU B 32 18.01 -3.81 -4.09
C LEU B 32 18.77 -4.50 -5.22
N VAL B 33 18.04 -5.37 -5.95
CA VAL B 33 18.66 -6.10 -7.04
C VAL B 33 19.45 -5.12 -7.93
N LYS B 34 18.78 -4.11 -8.47
CA LYS B 34 19.43 -3.14 -9.32
C LYS B 34 20.73 -2.59 -8.73
N HIS B 35 20.76 -2.34 -7.43
CA HIS B 35 21.99 -1.88 -6.76
C HIS B 35 23.07 -2.97 -7.04
N TRP B 36 22.75 -4.24 -6.69
CA TRP B 36 23.66 -5.37 -6.90
C TRP B 36 23.73 -5.76 -8.39
N LEU B 37 23.24 -4.88 -9.26
CA LEU B 37 23.25 -5.08 -10.70
C LEU B 37 24.28 -4.23 -11.43
N GLU B 38 24.59 -3.05 -10.85
CA GLU B 38 25.59 -2.12 -11.39
C GLU B 38 26.54 -1.80 -10.25
N ASN B 39 26.08 -1.10 -9.21
CA ASN B 39 26.99 -0.84 -8.08
C ASN B 39 26.99 -2.20 -7.43
N GLY B 40 27.90 -3.05 -7.89
CA GLY B 40 28.00 -4.43 -7.42
C GLY B 40 28.83 -4.90 -6.25
N ALA B 41 28.17 -5.59 -5.31
CA ALA B 41 28.85 -6.09 -4.15
C ALA B 41 28.09 -6.99 -3.15
N GLU B 42 27.60 -6.37 -2.07
CA GLU B 42 26.94 -7.06 -0.94
C GLU B 42 26.73 -8.54 -1.14
N ILE B 43 26.20 -8.90 -2.30
CA ILE B 43 25.90 -10.30 -2.58
C ILE B 43 27.13 -11.14 -2.98
N GLN B 44 28.31 -10.73 -2.47
CA GLN B 44 29.58 -11.44 -2.71
C GLN B 44 30.19 -11.89 -1.32
N ARG B 45 31.09 -12.88 -1.31
CA ARG B 45 31.79 -13.33 -0.07
C ARG B 45 33.07 -14.09 -0.43
N THR B 46 33.70 -14.82 0.49
CA THR B 46 34.89 -15.58 0.07
C THR B 46 34.46 -16.73 -0.89
N GLY B 47 34.98 -16.64 -2.11
CA GLY B 47 34.69 -17.62 -3.15
C GLY B 47 33.24 -17.87 -3.43
N LEU B 48 32.50 -16.86 -3.88
CA LEU B 48 31.07 -17.00 -4.20
C LEU B 48 30.65 -15.97 -5.27
N GLU B 49 30.29 -16.45 -6.46
CA GLU B 49 29.88 -15.57 -7.55
C GLU B 49 28.35 -15.44 -7.64
N VAL B 50 27.74 -14.65 -6.74
CA VAL B 50 26.29 -14.49 -6.72
C VAL B 50 25.72 -13.51 -7.77
N LYS B 51 24.64 -13.89 -8.42
CA LYS B 51 24.03 -13.04 -9.45
C LYS B 51 22.62 -12.45 -9.12
N PRO B 52 22.40 -11.17 -9.46
CA PRO B 52 21.11 -10.56 -9.18
C PRO B 52 20.35 -10.66 -10.50
N PHE B 53 19.04 -10.49 -10.44
CA PHE B 53 18.25 -10.61 -11.64
C PHE B 53 16.79 -10.15 -11.44
N ILE B 54 16.28 -9.34 -12.37
CA ILE B 54 14.90 -8.84 -12.29
C ILE B 54 14.03 -9.82 -13.07
N THR B 55 12.97 -10.35 -12.46
CA THR B 55 12.24 -11.36 -13.19
C THR B 55 11.08 -11.00 -14.12
N ASN B 56 10.28 -9.99 -13.74
CA ASN B 56 9.09 -9.62 -14.50
C ASN B 56 9.13 -8.24 -15.14
N PRO B 57 10.03 -8.07 -16.11
CA PRO B 57 10.21 -6.82 -16.84
C PRO B 57 8.96 -6.03 -17.17
N ARG B 58 8.19 -6.49 -18.16
CA ARG B 58 6.97 -5.78 -18.55
C ARG B 58 6.01 -5.57 -17.35
N ALA B 59 6.58 -5.52 -16.15
CA ALA B 59 5.84 -5.33 -14.91
C ALA B 59 6.52 -4.41 -13.88
N VAL B 60 7.78 -4.67 -13.54
CA VAL B 60 8.49 -3.82 -12.58
C VAL B 60 8.41 -2.40 -13.06
N LYS B 61 8.81 -2.24 -14.34
CA LYS B 61 8.80 -0.96 -15.02
C LYS B 61 7.35 -0.69 -15.30
N LYS B 62 6.61 -0.38 -14.23
CA LYS B 62 5.19 -0.03 -14.22
C LYS B 62 4.58 0.03 -12.76
N CYS B 63 5.08 -0.81 -11.83
CA CYS B 63 4.61 -0.95 -10.44
C CYS B 63 3.22 -1.64 -10.42
N THR B 64 3.09 -2.51 -11.41
CA THR B 64 1.94 -3.32 -11.62
C THR B 64 2.39 -4.72 -11.17
N ARG B 65 1.52 -5.40 -10.41
CA ARG B 65 1.80 -6.74 -9.89
C ARG B 65 2.25 -7.70 -10.98
N TYR B 66 1.38 -7.94 -11.97
CA TYR B 66 1.74 -8.80 -13.10
C TYR B 66 1.03 -8.34 -14.34
N ILE B 67 1.48 -8.80 -15.51
CA ILE B 67 0.88 -8.38 -16.79
C ILE B 67 -0.29 -9.23 -17.23
N ASP B 68 -0.02 -10.45 -17.72
CA ASP B 68 -1.08 -11.37 -18.11
C ASP B 68 -1.47 -12.25 -16.92
N CYS B 69 -0.52 -12.97 -16.33
CA CYS B 69 -0.80 -13.80 -15.16
C CYS B 69 0.27 -13.64 -14.09
N ASP B 70 -0.01 -14.10 -12.87
CA ASP B 70 0.90 -14.04 -11.72
C ASP B 70 2.15 -14.83 -12.04
N LEU B 71 3.31 -14.17 -12.12
CA LEU B 71 4.53 -14.89 -12.48
C LEU B 71 4.78 -16.07 -11.58
N ASN B 72 4.78 -15.77 -10.26
CA ASN B 72 5.05 -16.73 -9.17
C ASN B 72 4.07 -17.85 -8.99
N ARG B 73 3.16 -18.04 -9.92
CA ARG B 73 2.22 -19.12 -9.76
C ARG B 73 2.33 -20.19 -10.83
N ILE B 74 3.15 -19.96 -11.85
CA ILE B 74 3.25 -20.86 -12.98
C ILE B 74 4.55 -21.62 -13.31
N PHE B 75 5.41 -21.90 -12.33
CA PHE B 75 6.66 -22.60 -12.64
C PHE B 75 6.67 -24.08 -12.35
N ASP B 76 6.02 -24.81 -13.24
CA ASP B 76 5.90 -26.26 -13.19
C ASP B 76 5.92 -26.72 -14.66
N LEU B 77 5.99 -28.05 -14.88
CA LEU B 77 6.05 -28.64 -16.22
C LEU B 77 5.09 -27.98 -17.18
N GLU B 78 3.82 -28.23 -16.89
CA GLU B 78 2.65 -27.76 -17.64
C GLU B 78 2.77 -26.50 -18.50
N ASN B 79 3.49 -25.47 -18.04
CA ASN B 79 3.64 -24.28 -18.87
C ASN B 79 4.80 -24.56 -19.78
N LEU B 80 5.75 -25.33 -19.25
CA LEU B 80 6.92 -25.61 -20.02
C LEU B 80 6.84 -26.78 -21.03
N GLY B 81 5.63 -27.02 -21.55
CA GLY B 81 5.38 -28.10 -22.51
C GLY B 81 4.46 -27.88 -23.72
N LYS B 82 4.64 -26.73 -24.36
CA LYS B 82 3.88 -26.34 -25.56
C LYS B 82 5.02 -25.65 -26.36
N LYS B 83 4.96 -25.67 -27.69
CA LYS B 83 6.01 -25.04 -28.50
C LYS B 83 6.12 -23.60 -27.95
N SER B 85 6.50 -19.99 -28.15
CA SER B 85 6.23 -19.06 -29.24
C SER B 85 6.38 -17.59 -28.88
N GLU B 86 5.92 -16.73 -29.78
CA GLU B 86 5.92 -15.29 -29.55
C GLU B 86 4.48 -14.81 -29.37
N ASP B 87 3.59 -15.35 -30.20
CA ASP B 87 2.18 -14.96 -30.16
C ASP B 87 1.50 -15.46 -28.90
N LEU B 88 2.26 -16.13 -28.05
CA LEU B 88 1.77 -16.60 -26.77
C LEU B 88 1.84 -15.38 -25.85
N PRO B 89 1.55 -15.56 -24.56
CA PRO B 89 1.61 -14.39 -23.68
C PRO B 89 2.92 -14.23 -22.90
N TYR B 90 3.18 -12.98 -22.50
CA TYR B 90 4.39 -12.54 -21.76
C TYR B 90 5.00 -13.38 -20.63
N GLU B 91 4.36 -13.41 -19.47
CA GLU B 91 4.92 -14.14 -18.33
C GLU B 91 5.38 -15.57 -18.67
N VAL B 92 4.48 -16.36 -19.26
CA VAL B 92 4.78 -17.73 -19.68
C VAL B 92 6.11 -17.74 -20.44
N ARG B 93 6.35 -16.68 -21.20
CA ARG B 93 7.57 -16.50 -21.99
C ARG B 93 8.82 -16.28 -21.09
N ARG B 94 8.73 -15.34 -20.16
CA ARG B 94 9.79 -14.98 -19.23
C ARG B 94 10.12 -16.15 -18.29
N ALA B 95 9.08 -16.95 -17.99
CA ALA B 95 9.17 -18.14 -17.14
C ALA B 95 10.00 -19.20 -17.85
N GLN B 96 9.60 -19.48 -19.10
CA GLN B 96 10.33 -20.43 -19.93
C GLN B 96 11.72 -19.85 -20.24
N GLU B 97 11.84 -18.54 -20.17
CA GLU B 97 13.12 -17.89 -20.40
C GLU B 97 13.94 -17.89 -19.10
N ILE B 98 13.30 -17.58 -17.98
CA ILE B 98 13.99 -17.57 -16.69
C ILE B 98 14.49 -19.01 -16.40
N ASN B 99 13.65 -20.00 -16.72
CA ASN B 99 13.99 -21.41 -16.51
C ASN B 99 15.20 -21.90 -17.31
N HIS B 100 15.43 -21.28 -18.45
CA HIS B 100 16.56 -21.65 -19.24
C HIS B 100 17.84 -21.09 -18.67
N LEU B 101 17.78 -19.88 -18.13
CA LEU B 101 18.92 -19.20 -17.50
C LEU B 101 19.35 -19.69 -16.10
N PHE B 102 18.42 -19.81 -15.15
CA PHE B 102 18.83 -20.21 -13.77
C PHE B 102 18.47 -21.65 -13.45
N GLY B 103 17.81 -22.27 -14.41
CA GLY B 103 17.42 -23.65 -14.25
C GLY B 103 18.25 -24.54 -15.15
N PRO B 104 17.60 -25.46 -15.88
CA PRO B 104 16.14 -25.50 -15.70
C PRO B 104 15.73 -26.17 -14.39
N LYS B 105 14.46 -25.96 -13.99
CA LYS B 105 13.84 -26.52 -12.77
C LYS B 105 13.97 -28.05 -12.86
N ASP B 106 14.56 -28.68 -11.83
CA ASP B 106 14.72 -30.13 -11.79
C ASP B 106 15.86 -30.58 -12.68
N SER B 107 16.40 -29.64 -13.45
CA SER B 107 17.53 -29.92 -14.33
C SER B 107 18.74 -30.18 -13.43
N GLU B 108 19.94 -30.29 -13.98
CA GLU B 108 21.09 -30.50 -13.12
C GLU B 108 22.03 -29.31 -13.13
N ASP B 109 21.98 -28.50 -14.18
CA ASP B 109 22.84 -27.31 -14.25
C ASP B 109 22.38 -26.31 -13.23
N SER B 110 21.10 -26.45 -12.89
CA SER B 110 20.35 -25.64 -11.93
C SER B 110 21.10 -24.94 -10.78
N TYR B 111 20.77 -23.67 -10.55
CA TYR B 111 21.40 -22.96 -9.43
C TYR B 111 21.13 -23.75 -8.16
N ASP B 112 21.99 -23.59 -7.18
CA ASP B 112 21.84 -24.34 -5.96
C ASP B 112 20.90 -23.70 -4.94
N ILE B 113 20.98 -22.38 -4.86
CA ILE B 113 20.16 -21.60 -3.97
C ILE B 113 19.84 -20.32 -4.69
N ILE B 114 18.54 -20.02 -4.86
CA ILE B 114 18.09 -18.73 -5.44
C ILE B 114 17.14 -18.13 -4.40
N PHE B 115 17.25 -16.83 -4.20
CA PHE B 115 16.38 -16.15 -3.27
C PHE B 115 15.30 -15.36 -4.10
N ASP B 116 14.01 -15.61 -3.85
CA ASP B 116 12.89 -14.95 -4.55
C ASP B 116 12.47 -13.81 -3.61
N LEU B 117 12.85 -12.55 -3.86
CA LEU B 117 12.43 -11.43 -2.97
C LEU B 117 10.95 -10.91 -3.20
N HIS B 118 10.25 -10.64 -2.09
CA HIS B 118 8.88 -10.18 -2.11
C HIS B 118 8.59 -9.23 -0.92
N ASN B 119 7.39 -8.66 -0.89
CA ASN B 119 6.93 -7.75 0.17
C ASN B 119 5.42 -7.97 0.44
N THR B 120 4.96 -7.68 1.64
CA THR B 120 3.53 -7.83 1.91
C THR B 120 3.04 -6.57 2.55
N THR B 121 1.74 -6.31 2.46
CA THR B 121 1.19 -5.13 3.10
C THR B 121 0.97 -5.51 4.56
N SER B 122 0.90 -6.82 4.85
CA SER B 122 0.73 -7.34 6.22
C SER B 122 1.95 -7.06 7.10
N ASN B 123 1.69 -6.90 8.39
CA ASN B 123 2.78 -6.59 9.29
C ASN B 123 3.45 -7.86 9.79
N GLY B 125 6.83 -8.56 9.19
CA GLY B 125 8.25 -8.39 9.45
C GLY B 125 9.14 -9.24 8.55
N CYS B 126 10.14 -9.92 9.12
CA CYS B 126 11.03 -10.72 8.30
C CYS B 126 10.57 -12.14 8.17
N THR B 127 10.18 -12.51 6.96
CA THR B 127 9.69 -13.86 6.72
C THR B 127 10.51 -14.72 5.74
N LEU B 128 10.83 -15.94 6.17
CA LEU B 128 11.53 -16.89 5.30
C LEU B 128 10.48 -17.87 4.79
N ILE B 129 10.46 -18.14 3.50
CA ILE B 129 9.48 -19.10 3.00
C ILE B 129 10.13 -20.36 2.48
N LEU B 130 9.89 -21.44 3.22
CA LEU B 130 10.39 -22.79 2.91
C LEU B 130 9.31 -23.74 2.35
N GLU B 131 9.65 -24.57 1.36
CA GLU B 131 8.64 -25.50 0.82
C GLU B 131 8.83 -26.98 1.29
N ASP B 132 10.08 -27.38 1.58
CA ASP B 132 10.34 -28.74 2.06
C ASP B 132 10.42 -28.69 3.58
N SER B 133 9.66 -29.53 4.30
CA SER B 133 9.74 -29.54 5.77
C SER B 133 10.82 -30.56 6.10
N ARG B 134 11.23 -31.27 5.08
CA ARG B 134 12.29 -32.27 5.16
C ARG B 134 13.40 -31.65 4.30
N ASN B 135 14.16 -30.70 4.83
CA ASN B 135 15.25 -30.07 4.07
C ASN B 135 16.31 -29.51 5.05
N ASN B 136 17.12 -30.40 5.62
CA ASN B 136 18.13 -29.96 6.57
C ASN B 136 18.96 -28.74 6.14
N PHE B 137 19.52 -28.77 4.95
CA PHE B 137 20.29 -27.63 4.51
C PHE B 137 19.51 -26.33 4.70
N LEU B 138 18.28 -26.27 4.15
CA LEU B 138 17.45 -25.05 4.30
C LEU B 138 17.07 -24.74 5.74
N ILE B 139 16.69 -25.79 6.48
CA ILE B 139 16.33 -25.64 7.88
C ILE B 139 17.51 -25.11 8.65
N GLN B 140 18.69 -25.64 8.29
CA GLN B 140 19.95 -25.23 8.89
C GLN B 140 20.12 -23.72 8.72
N PHE B 142 17.94 -21.30 7.86
CA PHE B 142 16.89 -20.55 8.55
C PHE B 142 17.17 -20.44 10.05
N HIS B 143 17.92 -21.42 10.57
CA HIS B 143 18.26 -21.35 11.98
C HIS B 143 19.36 -20.27 12.13
N TYR B 144 20.35 -20.30 11.23
CA TYR B 144 21.45 -19.31 11.28
C TYR B 144 21.01 -17.83 11.05
N ILE B 145 20.11 -17.58 10.08
CA ILE B 145 19.65 -16.23 9.78
C ILE B 145 18.96 -15.69 11.03
N LYS B 146 18.02 -16.48 11.56
CA LYS B 146 17.29 -16.10 12.78
C LYS B 146 18.28 -15.62 13.86
N THR B 147 19.23 -16.50 14.18
CA THR B 147 20.29 -16.26 15.15
C THR B 147 21.16 -15.07 14.78
N SER B 148 21.33 -14.83 13.49
CA SER B 148 22.11 -13.69 13.03
C SER B 148 21.32 -12.38 13.20
N LEU B 149 20.02 -12.41 12.91
CA LEU B 149 19.18 -11.21 13.06
C LEU B 149 18.65 -10.95 14.50
N ALA B 150 18.74 -11.95 15.38
CA ALA B 150 18.26 -11.80 16.78
C ALA B 150 18.88 -10.52 17.34
N PRO B 151 18.14 -9.73 18.12
CA PRO B 151 16.77 -9.74 18.63
C PRO B 151 15.71 -9.29 17.64
N LEU B 152 16.13 -9.13 16.39
CA LEU B 152 15.20 -8.76 15.33
C LEU B 152 14.46 -10.05 15.04
N PRO B 153 13.13 -10.07 15.27
CA PRO B 153 12.27 -11.26 15.04
C PRO B 153 12.35 -11.69 13.59
N CYS B 154 12.20 -13.00 13.35
CA CYS B 154 12.26 -13.54 12.00
C CYS B 154 11.48 -14.83 12.03
N TYR B 155 10.36 -14.88 11.32
CA TYR B 155 9.50 -16.06 11.31
C TYR B 155 9.67 -16.86 10.03
N VAL B 156 9.33 -18.13 10.10
CA VAL B 156 9.42 -19.06 8.98
C VAL B 156 8.03 -19.57 8.64
N TYR B 157 7.60 -19.31 7.39
CA TYR B 157 6.29 -19.72 6.88
C TYR B 157 6.51 -21.01 6.05
N LEU B 158 5.77 -22.09 6.34
CA LEU B 158 5.92 -23.37 5.62
C LEU B 158 4.86 -23.80 4.61
N ILE B 159 5.28 -24.44 3.52
CA ILE B 159 4.28 -24.93 2.58
C ILE B 159 4.43 -26.40 2.13
N GLU B 160 3.72 -27.31 2.79
CA GLU B 160 3.80 -28.70 2.40
C GLU B 160 2.65 -29.00 1.46
N HIS B 161 2.99 -29.24 0.20
CA HIS B 161 2.03 -29.57 -0.84
C HIS B 161 1.89 -31.08 -1.02
N PRO B 162 0.66 -31.62 -0.89
CA PRO B 162 0.57 -33.08 -1.08
C PRO B 162 0.70 -33.55 -2.55
N SER B 163 1.04 -32.58 -3.42
CA SER B 163 1.28 -32.83 -4.83
C SER B 163 2.79 -33.03 -4.99
N LEU B 164 3.55 -32.61 -3.99
CA LEU B 164 5.02 -32.70 -4.00
C LEU B 164 5.60 -31.91 -5.19
N LYS B 165 4.77 -31.00 -5.71
CA LYS B 165 5.14 -30.13 -6.83
C LYS B 165 4.91 -28.68 -6.43
N TYR B 166 5.74 -27.78 -6.94
CA TYR B 166 5.57 -26.35 -6.67
C TYR B 166 5.60 -25.49 -7.98
N ALA B 167 5.12 -24.24 -7.93
CA ALA B 167 5.13 -23.43 -9.15
C ALA B 167 5.69 -22.04 -8.87
N THR B 168 6.51 -21.93 -7.83
CA THR B 168 7.10 -20.65 -7.53
C THR B 168 8.32 -20.39 -8.42
N THR B 169 8.46 -19.14 -8.86
CA THR B 169 9.58 -18.72 -9.67
C THR B 169 10.84 -19.24 -8.98
N ARG B 170 10.83 -19.27 -7.65
CA ARG B 170 12.01 -19.76 -6.94
C ARG B 170 12.18 -21.29 -6.94
N SER B 171 11.07 -22.03 -6.91
CA SER B 171 11.19 -23.48 -6.85
C SER B 171 12.03 -24.10 -7.98
N ILE B 172 12.51 -23.26 -8.90
CA ILE B 172 13.36 -23.65 -10.04
C ILE B 172 14.81 -23.80 -9.57
N ALA B 173 14.98 -23.95 -8.26
CA ALA B 173 16.30 -24.09 -7.68
C ALA B 173 16.36 -25.38 -6.86
N LYS B 174 17.57 -25.84 -6.55
CA LYS B 174 17.78 -27.02 -5.70
C LYS B 174 17.15 -26.71 -4.34
N TYR B 175 17.62 -25.62 -3.74
CA TYR B 175 17.11 -25.13 -2.47
C TYR B 175 16.52 -23.75 -2.67
N PRO B 176 15.18 -23.66 -2.87
CA PRO B 176 14.47 -22.38 -3.07
C PRO B 176 14.27 -21.65 -1.74
N VAL B 177 14.49 -20.34 -1.73
CA VAL B 177 14.30 -19.59 -0.50
C VAL B 177 13.45 -18.34 -0.74
N GLY B 178 12.39 -18.19 0.07
CA GLY B 178 11.53 -17.02 -0.05
C GLY B 178 11.93 -15.99 1.01
N ILE B 179 12.10 -14.75 0.62
CA ILE B 179 12.42 -13.71 1.59
C ILE B 179 11.38 -12.60 1.45
N GLU B 180 10.37 -12.59 2.33
CA GLU B 180 9.31 -11.59 2.31
C GLU B 180 9.45 -10.66 3.53
N VAL B 181 9.19 -9.38 3.31
CA VAL B 181 9.31 -8.43 4.39
C VAL B 181 8.16 -7.45 4.36
N GLY B 182 7.67 -7.08 5.54
CA GLY B 182 6.55 -6.17 5.67
C GLY B 182 6.51 -5.47 7.02
N PRO B 183 5.49 -4.66 7.27
CA PRO B 183 4.40 -4.41 6.32
C PRO B 183 4.81 -3.33 5.35
N GLN B 184 4.36 -3.40 4.10
CA GLN B 184 4.67 -2.29 3.23
C GLN B 184 3.63 -2.14 2.11
N PRO B 185 3.12 -0.90 1.86
CA PRO B 185 2.13 -0.72 0.79
C PRO B 185 2.70 -0.97 -0.59
N GLN B 186 1.94 -1.65 -1.45
CA GLN B 186 2.42 -1.94 -2.81
C GLN B 186 2.75 -0.64 -3.47
N GLY B 187 3.93 -0.53 -4.05
CA GLY B 187 4.31 0.67 -4.75
C GLY B 187 5.19 1.57 -3.95
N VAL B 188 5.48 1.19 -2.71
CA VAL B 188 6.29 2.10 -1.90
C VAL B 188 7.68 1.55 -1.71
N LEU B 189 8.60 2.35 -1.17
CA LEU B 189 9.95 1.87 -0.96
C LEU B 189 10.50 2.39 0.37
N ARG B 190 10.08 1.81 1.49
CA ARG B 190 10.57 2.24 2.82
C ARG B 190 12.05 1.89 3.10
N ALA B 191 12.79 2.87 3.62
CA ALA B 191 14.20 2.69 3.96
C ALA B 191 14.38 1.54 4.95
N ASP B 192 13.58 1.52 6.02
CA ASP B 192 13.64 0.45 7.04
C ASP B 192 13.39 -0.99 6.54
N ILE B 193 12.28 -1.18 5.83
CA ILE B 193 11.92 -2.46 5.23
C ILE B 193 13.13 -2.95 4.42
N LEU B 194 13.83 -2.00 3.81
CA LEU B 194 14.99 -2.29 2.97
C LEU B 194 16.20 -2.76 3.81
N ASP B 195 16.40 -2.11 4.96
CA ASP B 195 17.51 -2.52 5.81
C ASP B 195 17.29 -3.95 6.40
N GLN B 196 16.02 -4.28 6.68
CA GLN B 196 15.68 -5.57 7.21
C GLN B 196 16.08 -6.61 6.17
N ARG B 198 17.88 -6.24 3.66
CA ARG B 198 19.29 -6.07 3.37
C ARG B 198 20.07 -7.00 4.31
N LYS B 199 19.61 -7.08 5.56
CA LYS B 199 20.22 -7.93 6.57
C LYS B 199 19.84 -9.41 6.44
N ILE B 201 19.39 -11.08 3.74
CA ILE B 201 20.29 -11.56 2.72
C ILE B 201 21.77 -11.49 3.13
N LYS B 202 22.20 -10.44 3.82
CA LYS B 202 23.61 -10.40 4.26
C LYS B 202 23.87 -11.59 5.16
N HIS B 203 22.80 -12.20 5.67
CA HIS B 203 22.99 -13.34 6.54
C HIS B 203 22.83 -14.69 5.85
N ALA B 204 21.80 -14.82 5.03
CA ALA B 204 21.66 -16.04 4.30
C ALA B 204 23.03 -16.37 3.68
N LEU B 205 23.67 -15.39 3.03
CA LEU B 205 24.98 -15.62 2.41
C LEU B 205 26.09 -16.05 3.41
N ASP B 206 26.15 -15.34 4.54
CA ASP B 206 27.16 -15.64 5.55
C ASP B 206 27.13 -17.14 5.80
N PHE B 207 25.92 -17.68 5.95
CA PHE B 207 25.75 -19.11 6.16
C PHE B 207 26.30 -19.84 4.94
N ILE B 208 26.04 -19.30 3.74
CA ILE B 208 26.57 -19.94 2.54
C ILE B 208 28.09 -19.90 2.59
N HIS B 209 28.64 -18.85 3.21
CA HIS B 209 30.09 -18.75 3.35
C HIS B 209 30.66 -19.79 4.35
N HIS B 210 30.14 -19.74 5.58
CA HIS B 210 30.56 -20.61 6.67
C HIS B 210 30.45 -22.09 6.30
N PHE B 211 29.45 -22.40 5.49
CA PHE B 211 29.23 -23.76 5.02
C PHE B 211 30.37 -24.06 4.04
N ASN B 212 30.61 -23.13 3.13
CA ASN B 212 31.67 -23.27 2.12
C ASN B 212 33.10 -23.21 2.68
N GLU B 213 33.21 -23.20 4.00
CA GLU B 213 34.48 -23.17 4.67
C GLU B 213 34.75 -24.55 5.25
N GLY B 214 33.68 -25.30 5.54
CA GLY B 214 33.81 -26.65 6.08
C GLY B 214 33.15 -26.95 7.41
N LYS B 215 32.69 -25.91 8.11
CA LYS B 215 32.04 -26.08 9.41
C LYS B 215 30.95 -27.18 9.43
N GLU B 216 30.97 -28.02 10.48
CA GLU B 216 29.96 -29.06 10.61
C GLU B 216 28.85 -28.46 11.49
N PHE B 217 27.67 -28.25 10.93
CA PHE B 217 26.56 -27.70 11.70
C PHE B 217 25.85 -28.80 12.49
N PRO B 218 25.67 -28.60 13.81
CA PRO B 218 25.00 -29.58 14.67
C PRO B 218 23.49 -29.55 14.45
N PRO B 219 22.79 -30.52 15.02
CA PRO B 219 21.32 -30.58 14.89
C PRO B 219 20.81 -29.23 15.36
N CYS B 220 19.64 -28.79 14.85
CA CYS B 220 19.02 -27.52 15.27
C CYS B 220 17.51 -27.56 15.25
N ALA B 221 16.88 -26.54 15.82
CA ALA B 221 15.43 -26.51 15.84
C ALA B 221 14.72 -25.13 15.80
N ILE B 222 14.04 -24.89 14.67
CA ILE B 222 13.30 -23.65 14.44
C ILE B 222 11.78 -23.80 14.50
N GLU B 223 11.08 -22.68 14.67
CA GLU B 223 9.60 -22.70 14.70
C GLU B 223 9.17 -22.41 13.27
N VAL B 224 8.07 -23.03 12.83
CA VAL B 224 7.56 -22.80 11.49
C VAL B 224 6.05 -22.70 11.49
N TYR B 225 5.47 -21.88 10.59
CA TYR B 225 4.02 -21.81 10.52
C TYR B 225 3.56 -22.34 9.16
N LYS B 226 2.97 -23.53 9.16
CA LYS B 226 2.53 -24.19 7.95
C LYS B 226 1.13 -23.70 7.61
N ILE B 227 0.89 -23.43 6.34
CA ILE B 227 -0.44 -22.98 5.98
C ILE B 227 -1.37 -24.19 5.97
N ILE B 228 -2.56 -23.98 6.55
CA ILE B 228 -3.62 -25.00 6.64
C ILE B 228 -4.89 -24.44 6.02
N GLU B 229 -5.05 -23.12 6.03
CA GLU B 229 -6.25 -22.52 5.45
C GLU B 229 -6.29 -21.01 5.09
N LYS B 230 -7.07 -20.69 4.06
CA LYS B 230 -7.30 -19.30 3.68
C LYS B 230 -8.66 -18.96 4.29
N VAL B 231 -8.79 -17.85 5.03
CA VAL B 231 -10.11 -17.47 5.56
C VAL B 231 -10.71 -16.52 4.51
N ASP B 232 -11.88 -16.86 3.94
CA ASP B 232 -12.48 -16.02 2.91
C ASP B 232 -13.18 -14.88 3.61
N TYR B 233 -13.30 -13.73 2.94
CA TYR B 233 -13.96 -12.59 3.57
C TYR B 233 -15.48 -12.81 3.67
N PRO B 234 -16.07 -12.32 4.76
CA PRO B 234 -17.52 -12.45 4.92
C PRO B 234 -18.12 -11.64 3.77
N ARG B 235 -19.05 -12.25 3.03
CA ARG B 235 -19.66 -11.55 1.90
C ARG B 235 -21.12 -11.16 2.19
N ASP B 236 -21.71 -10.32 1.35
CA ASP B 236 -23.11 -9.91 1.54
C ASP B 236 -24.07 -10.64 0.57
N GLU B 237 -25.31 -10.16 0.45
CA GLU B 237 -26.28 -10.81 -0.43
C GLU B 237 -25.94 -10.48 -1.89
N ASN B 238 -24.67 -10.16 -2.15
CA ASN B 238 -24.21 -9.83 -3.50
C ASN B 238 -22.76 -10.19 -3.72
N GLY B 239 -22.24 -11.09 -2.89
CA GLY B 239 -20.84 -11.51 -2.99
C GLY B 239 -19.93 -10.37 -2.63
N GLU B 240 -20.51 -9.28 -2.14
CA GLU B 240 -19.74 -8.09 -1.77
C GLU B 240 -19.15 -8.23 -0.35
N ILE B 241 -17.89 -7.84 -0.17
CA ILE B 241 -17.31 -7.95 1.16
C ILE B 241 -18.22 -7.30 2.18
N ALA B 242 -18.84 -8.15 2.99
CA ALA B 242 -19.75 -7.71 4.03
C ALA B 242 -19.12 -7.57 5.43
N ALA B 243 -17.80 -7.39 5.51
CA ALA B 243 -17.10 -7.26 6.80
C ALA B 243 -15.57 -7.11 6.60
N ILE B 244 -14.91 -6.43 7.53
CA ILE B 244 -13.47 -6.23 7.43
C ILE B 244 -12.69 -6.78 8.66
N ILE B 245 -11.35 -6.87 8.60
CA ILE B 245 -10.58 -7.37 9.74
C ILE B 245 -10.86 -6.57 11.06
N HIS B 246 -10.94 -7.23 12.22
CA HIS B 246 -11.22 -6.47 13.41
C HIS B 246 -10.00 -5.64 13.78
N PRO B 247 -10.17 -4.58 14.58
CA PRO B 247 -8.92 -3.84 14.86
C PRO B 247 -7.90 -4.62 15.68
N ASN B 248 -8.33 -5.66 16.36
CA ASN B 248 -7.41 -6.50 17.15
C ASN B 248 -6.56 -7.35 16.18
N LEU B 249 -7.24 -8.18 15.38
CA LEU B 249 -6.54 -9.02 14.44
C LEU B 249 -5.46 -8.24 13.71
N GLN B 250 -5.85 -7.06 13.22
CA GLN B 250 -4.98 -6.16 12.46
C GLN B 250 -3.62 -5.93 13.09
N ASP B 251 -2.59 -6.18 12.30
CA ASP B 251 -1.18 -6.01 12.68
C ASP B 251 -0.67 -7.07 13.64
N GLN B 252 -1.46 -8.12 13.83
CA GLN B 252 -1.13 -9.20 14.74
C GLN B 252 -0.83 -10.56 14.10
N ASP B 253 -0.21 -10.56 12.93
CA ASP B 253 0.16 -11.80 12.26
C ASP B 253 1.12 -12.50 13.21
N TRP B 254 1.24 -13.83 13.06
CA TRP B 254 2.15 -14.70 13.85
C TRP B 254 1.77 -14.86 15.33
N LYS B 255 0.81 -14.07 15.81
CA LYS B 255 0.38 -14.13 17.20
C LYS B 255 -0.94 -14.90 17.31
N PRO B 256 -1.06 -15.75 18.35
CA PRO B 256 -2.16 -16.65 18.72
C PRO B 256 -3.59 -16.17 18.57
N LEU B 257 -4.42 -16.96 17.90
CA LEU B 257 -5.81 -16.59 17.74
C LEU B 257 -6.66 -17.75 18.24
N HIS B 258 -6.85 -17.79 19.56
CA HIS B 258 -7.62 -18.83 20.21
C HIS B 258 -9.07 -18.78 19.75
N PRO B 259 -9.84 -19.79 20.12
CA PRO B 259 -11.25 -19.76 19.71
C PRO B 259 -12.00 -18.65 20.44
N GLY B 260 -11.47 -18.22 21.56
CA GLY B 260 -12.14 -17.13 22.20
C GLY B 260 -12.06 -16.01 21.17
N ASP B 261 -10.80 -15.58 20.97
CA ASP B 261 -10.38 -14.52 20.05
C ASP B 261 -11.41 -14.02 19.03
N PRO B 262 -11.53 -12.69 18.90
CA PRO B 262 -12.43 -11.95 18.01
C PRO B 262 -12.35 -12.37 16.55
N PHE B 264 -13.72 -10.39 12.81
CA PHE B 264 -14.15 -9.38 11.83
C PHE B 264 -14.98 -8.26 12.42
N LEU B 265 -15.72 -7.58 11.53
CA LEU B 265 -16.58 -6.44 11.88
C LEU B 265 -17.25 -5.85 10.64
N THR B 266 -18.47 -5.35 10.83
CA THR B 266 -19.24 -4.69 9.77
C THR B 266 -19.30 -3.23 10.17
N LEU B 267 -19.83 -2.35 9.32
CA LEU B 267 -19.93 -0.95 9.70
C LEU B 267 -20.90 -0.68 10.86
N ASP B 268 -21.95 -1.48 11.03
CA ASP B 268 -22.85 -1.16 12.14
C ASP B 268 -22.52 -1.95 13.42
N GLY B 269 -21.23 -1.99 13.72
CA GLY B 269 -20.77 -2.67 14.90
C GLY B 269 -20.70 -4.19 14.90
N LYS B 270 -21.23 -4.88 13.91
CA LYS B 270 -21.14 -6.33 14.02
C LYS B 270 -19.71 -6.91 14.05
N THR B 271 -19.49 -7.80 15.02
CA THR B 271 -18.24 -8.51 15.28
C THR B 271 -18.45 -10.01 15.04
N ILE B 272 -17.61 -10.59 14.18
CA ILE B 272 -17.72 -12.00 13.87
C ILE B 272 -16.56 -12.68 14.50
N PRO B 273 -16.83 -13.68 15.35
CA PRO B 273 -15.87 -14.49 16.10
C PRO B 273 -15.35 -15.72 15.36
N LEU B 274 -14.08 -16.00 15.66
CA LEU B 274 -13.29 -17.10 15.07
C LEU B 274 -13.86 -18.56 14.90
N GLY B 275 -14.11 -19.23 16.02
CA GLY B 275 -14.61 -20.59 15.94
C GLY B 275 -13.54 -21.66 16.11
N GLY B 276 -13.92 -22.91 15.87
CA GLY B 276 -12.98 -24.01 16.03
C GLY B 276 -12.66 -24.21 17.50
N ASP B 277 -11.89 -25.24 17.85
CA ASP B 277 -11.58 -25.47 19.26
C ASP B 277 -10.08 -25.47 19.52
N CYS B 278 -9.37 -24.53 18.90
CA CYS B 278 -7.93 -24.43 19.08
C CYS B 278 -7.34 -23.08 18.66
N THR B 279 -6.05 -22.91 18.97
CA THR B 279 -5.30 -21.70 18.67
C THR B 279 -4.80 -21.66 17.24
N VAL B 280 -4.98 -20.52 16.60
CA VAL B 280 -4.55 -20.39 15.23
C VAL B 280 -3.60 -19.20 15.09
N TYR B 281 -2.75 -19.22 14.06
CA TYR B 281 -1.80 -18.13 13.87
C TYR B 281 -2.04 -17.47 12.55
N PRO B 282 -2.73 -16.32 12.58
CA PRO B 282 -3.03 -15.59 11.36
C PRO B 282 -1.80 -14.89 10.81
N VAL B 283 -1.51 -15.16 9.53
CA VAL B 283 -0.40 -14.48 8.86
C VAL B 283 -1.03 -13.93 7.58
N PHE B 284 -0.42 -12.92 6.99
CA PHE B 284 -0.94 -12.32 5.79
C PHE B 284 -2.29 -11.67 6.10
N VAL B 285 -2.42 -11.28 7.38
CA VAL B 285 -3.59 -10.58 7.87
C VAL B 285 -3.63 -9.25 7.13
N ASN B 286 -4.67 -9.08 6.32
CA ASN B 286 -4.97 -7.88 5.55
C ASN B 286 -4.03 -7.59 4.40
N GLU B 287 -3.69 -8.61 3.61
CA GLU B 287 -2.77 -8.42 2.48
C GLU B 287 -3.47 -7.85 1.23
N ALA B 288 -2.93 -6.76 0.67
CA ALA B 288 -3.53 -6.15 -0.52
C ALA B 288 -3.84 -7.15 -1.62
N ALA B 289 -2.89 -8.02 -1.92
CA ALA B 289 -3.05 -9.01 -2.96
C ALA B 289 -4.05 -10.12 -2.64
N TYR B 290 -4.43 -10.25 -1.38
CA TYR B 290 -5.35 -11.32 -1.09
C TYR B 290 -6.84 -10.97 -1.05
N TYR B 291 -7.18 -9.68 -1.18
CA TYR B 291 -8.58 -9.28 -1.21
C TYR B 291 -9.17 -9.94 -2.44
N GLU B 292 -8.83 -9.39 -3.60
CA GLU B 292 -9.36 -10.01 -4.80
C GLU B 292 -9.13 -11.49 -4.62
N LYS B 293 -7.85 -11.87 -4.56
CA LYS B 293 -7.44 -13.27 -4.38
C LYS B 293 -7.96 -13.87 -3.07
N LYS B 294 -9.19 -13.46 -2.70
CA LYS B 294 -9.94 -13.86 -1.49
C LYS B 294 -9.10 -14.56 -0.37
N GLU B 295 -9.06 -13.90 0.80
CA GLU B 295 -8.30 -14.37 1.94
C GLU B 295 -8.16 -13.18 2.88
N ALA B 296 -9.06 -13.06 3.84
CA ALA B 296 -8.96 -11.97 4.79
C ALA B 296 -7.63 -12.19 5.51
N PHE B 297 -7.24 -13.45 5.68
CA PHE B 297 -5.95 -13.80 6.33
C PHE B 297 -5.72 -15.30 6.24
N ALA B 298 -4.49 -15.76 6.45
CA ALA B 298 -4.18 -17.21 6.43
C ALA B 298 -4.24 -17.84 7.85
N LYS B 299 -4.77 -19.06 7.91
CA LYS B 299 -4.87 -19.76 9.18
C LYS B 299 -3.81 -20.88 9.13
N THR B 300 -2.85 -20.78 10.04
CA THR B 300 -1.74 -21.73 10.10
C THR B 300 -1.61 -22.49 11.39
N THR B 301 -0.86 -23.59 11.34
CA THR B 301 -0.59 -24.35 12.55
C THR B 301 0.88 -24.17 12.87
N LYS B 302 1.22 -24.09 14.15
CA LYS B 302 2.61 -23.88 14.50
C LYS B 302 3.23 -25.22 14.85
N LEU B 303 4.30 -25.57 14.16
CA LEU B 303 4.95 -26.83 14.39
C LEU B 303 6.47 -26.70 14.41
N THR B 304 7.15 -27.69 15.01
CA THR B 304 8.62 -27.62 15.04
C THR B 304 9.30 -28.50 14.02
N LEU B 305 10.31 -27.95 13.37
CA LEU B 305 11.04 -28.74 12.42
C LEU B 305 12.41 -28.95 13.08
N ASN B 306 12.87 -30.20 13.01
CA ASN B 306 14.17 -30.60 13.57
C ASN B 306 15.08 -30.96 12.42
N ALA B 307 16.26 -30.35 12.33
CA ALA B 307 17.17 -30.72 11.25
C ALA B 307 18.29 -31.60 11.75
N LYS B 308 18.78 -32.46 10.85
CA LYS B 308 19.93 -33.32 11.16
C LYS B 308 21.14 -32.45 10.82
N SER B 309 22.19 -32.58 11.64
CA SER B 309 23.40 -31.79 11.45
C SER B 309 23.91 -32.04 10.07
N ILE B 310 24.32 -31.00 9.35
CA ILE B 310 24.80 -31.14 7.98
C ILE B 310 26.30 -30.81 7.92
N ARG B 311 26.97 -31.36 6.90
CA ARG B 311 28.40 -31.11 6.73
C ARG B 311 28.69 -31.09 5.24
N CYS B 312 29.50 -30.15 4.78
CA CYS B 312 29.85 -30.11 3.35
C CYS B 312 31.18 -30.85 3.19
N GLU A 11 -26.62 32.41 4.94
CA GLU A 11 -28.03 32.28 4.48
C GLU A 11 -28.62 30.85 4.62
N HIS A 12 -28.10 29.87 3.89
CA HIS A 12 -28.60 28.48 4.01
C HIS A 12 -27.83 27.37 3.23
N ILE A 13 -27.79 26.15 3.76
CA ILE A 13 -27.09 25.04 3.07
C ILE A 13 -28.03 23.93 2.59
N GLN A 14 -28.20 23.80 1.29
CA GLN A 14 -29.10 22.78 0.70
C GLN A 14 -28.34 21.57 0.21
N LYS A 15 -28.45 21.31 -1.08
CA LYS A 15 -27.82 20.17 -1.75
C LYS A 15 -26.38 19.80 -1.27
N VAL A 16 -26.25 18.57 -0.75
CA VAL A 16 -24.98 18.05 -0.24
C VAL A 16 -24.56 16.66 -0.75
N ALA A 17 -23.32 16.57 -1.24
CA ALA A 17 -22.79 15.30 -1.74
C ALA A 17 -21.47 14.84 -1.10
N ILE A 18 -21.39 13.53 -0.89
CA ILE A 18 -20.18 12.89 -0.38
C ILE A 18 -19.79 11.86 -1.45
N PHE A 19 -18.68 12.11 -2.15
CA PHE A 19 -18.17 11.23 -3.19
C PHE A 19 -17.18 10.21 -2.68
N GLY A 20 -17.34 8.96 -3.15
CA GLY A 20 -16.42 7.88 -2.79
C GLY A 20 -15.95 7.12 -4.03
N GLY A 21 -14.67 6.73 -4.06
CA GLY A 21 -14.16 5.99 -5.20
C GLY A 21 -13.63 6.90 -6.30
N THR A 22 -13.37 8.16 -5.99
CA THR A 22 -12.78 9.03 -7.02
C THR A 22 -11.56 8.28 -7.56
N HIS A 23 -10.85 7.60 -6.64
CA HIS A 23 -9.72 6.72 -7.02
C HIS A 23 -10.19 5.33 -6.55
N GLY A 24 -10.37 4.45 -7.52
CA GLY A 24 -10.87 3.11 -7.28
C GLY A 24 -10.19 2.13 -6.35
N ASN A 25 -8.91 2.33 -6.06
CA ASN A 25 -8.26 1.40 -5.18
C ASN A 25 -8.19 1.93 -3.76
N GLU A 26 -8.71 3.14 -3.55
CA GLU A 26 -8.76 3.74 -2.20
C GLU A 26 -10.12 3.26 -1.54
N LEU A 27 -10.06 2.09 -0.88
CA LEU A 27 -11.22 1.43 -0.32
C LEU A 27 -12.07 2.06 0.73
N THR A 28 -11.49 2.74 1.71
CA THR A 28 -12.35 3.29 2.76
C THR A 28 -13.47 4.04 2.03
N GLY A 29 -13.10 4.60 0.89
CA GLY A 29 -14.08 5.28 0.07
C GLY A 29 -15.21 4.40 -0.47
N VAL A 30 -14.88 3.17 -0.84
CA VAL A 30 -15.89 2.27 -1.34
C VAL A 30 -16.74 1.77 -0.14
N PHE A 31 -16.09 1.22 0.87
CA PHE A 31 -16.83 0.73 2.05
C PHE A 31 -17.70 1.84 2.76
N LEU A 32 -17.07 2.93 3.24
CA LEU A 32 -17.88 3.96 3.87
C LEU A 32 -19.01 4.48 3.01
N VAL A 33 -18.79 4.70 1.70
CA VAL A 33 -19.88 5.20 0.82
C VAL A 33 -21.00 4.19 0.46
N LYS A 34 -20.64 3.05 -0.12
CA LYS A 34 -21.62 2.02 -0.47
C LYS A 34 -22.53 1.64 0.72
N HIS A 35 -22.03 1.77 1.94
CA HIS A 35 -22.82 1.48 3.14
C HIS A 35 -24.02 2.48 3.20
N TRP A 36 -23.79 3.70 2.72
CA TRP A 36 -24.82 4.72 2.71
C TRP A 36 -25.86 4.40 1.64
N LEU A 37 -25.43 3.90 0.49
CA LEU A 37 -26.37 3.51 -0.56
C LEU A 37 -27.08 2.24 -0.10
N GLU A 38 -27.42 2.21 1.19
CA GLU A 38 -28.12 1.08 1.75
C GLU A 38 -28.76 1.51 3.05
N ASN A 39 -28.20 2.53 3.67
CA ASN A 39 -28.73 3.01 4.91
C ASN A 39 -28.04 4.35 5.27
N GLY A 40 -28.59 5.40 4.67
CA GLY A 40 -28.08 6.76 4.83
C GLY A 40 -28.19 7.51 6.15
N ALA A 41 -28.82 6.94 7.18
CA ALA A 41 -28.88 7.63 8.47
C ALA A 41 -27.48 8.20 8.74
N GLU A 42 -26.65 7.50 9.52
CA GLU A 42 -25.27 7.93 9.84
C GLU A 42 -24.81 9.28 9.23
N ILE A 43 -25.24 9.53 7.99
CA ILE A 43 -24.94 10.79 7.32
C ILE A 43 -26.15 11.72 7.43
N GLN A 44 -27.35 11.24 7.05
CA GLN A 44 -28.59 12.04 7.11
C GLN A 44 -28.78 12.74 8.46
N ARG A 45 -29.22 13.99 8.42
CA ARG A 45 -29.45 14.74 9.64
C ARG A 45 -30.89 15.30 9.80
N THR A 46 -31.07 16.21 10.75
CA THR A 46 -32.38 16.81 10.90
C THR A 46 -32.49 17.84 9.80
N GLY A 47 -33.51 17.67 8.96
CA GLY A 47 -33.72 18.58 7.87
C GLY A 47 -32.52 18.69 6.96
N LEU A 48 -31.79 17.57 6.78
CA LEU A 48 -30.61 17.54 5.93
C LEU A 48 -30.47 16.27 5.07
N GLU A 49 -30.45 16.44 3.74
CA GLU A 49 -30.30 15.31 2.82
C GLU A 49 -28.83 15.22 2.28
N VAL A 50 -28.31 13.98 2.21
CA VAL A 50 -26.95 13.74 1.74
C VAL A 50 -26.94 12.72 0.62
N LYS A 51 -26.54 13.18 -0.57
CA LYS A 51 -26.48 12.39 -1.82
C LYS A 51 -25.16 11.57 -1.92
N PRO A 52 -25.12 10.29 -1.45
CA PRO A 52 -23.87 9.54 -1.56
C PRO A 52 -23.64 9.01 -2.97
N PHE A 53 -22.45 9.30 -3.50
CA PHE A 53 -22.13 8.92 -4.86
C PHE A 53 -20.75 8.25 -4.99
N ILE A 54 -20.71 7.16 -5.78
CA ILE A 54 -19.45 6.45 -6.06
C ILE A 54 -19.05 6.96 -7.42
N THR A 55 -18.11 7.91 -7.46
CA THR A 55 -17.69 8.55 -8.74
C THR A 55 -17.08 7.72 -9.88
N ASN A 56 -16.07 6.89 -9.60
CA ASN A 56 -15.47 6.09 -10.67
C ASN A 56 -15.75 4.59 -10.50
N PRO A 57 -16.99 4.15 -10.80
CA PRO A 57 -17.44 2.76 -10.67
C PRO A 57 -16.51 1.77 -11.29
N ARG A 58 -16.03 2.08 -12.49
CA ARG A 58 -15.14 1.17 -13.17
C ARG A 58 -13.74 1.06 -12.51
N ALA A 59 -13.18 2.19 -12.10
CA ALA A 59 -11.86 2.15 -11.46
C ALA A 59 -12.01 1.53 -10.08
N VAL A 60 -13.25 1.47 -9.58
CA VAL A 60 -13.51 0.83 -8.28
C VAL A 60 -13.56 -0.65 -8.56
N LYS A 61 -14.08 -1.06 -9.70
CA LYS A 61 -14.13 -2.50 -9.98
C LYS A 61 -12.82 -3.20 -10.47
N LYS A 62 -11.90 -2.48 -11.13
CA LYS A 62 -10.66 -3.10 -11.60
C LYS A 62 -9.70 -2.94 -10.46
N CYS A 63 -10.15 -2.08 -9.55
CA CYS A 63 -9.40 -1.75 -8.35
C CYS A 63 -8.08 -0.96 -8.54
N THR A 64 -8.14 0.19 -9.21
CA THR A 64 -6.94 1.00 -9.37
C THR A 64 -7.24 2.46 -9.17
N ARG A 65 -6.24 3.31 -9.34
CA ARG A 65 -6.41 4.75 -9.18
C ARG A 65 -7.38 5.16 -10.28
N TYR A 66 -7.13 4.67 -11.49
CA TYR A 66 -8.05 4.95 -12.60
C TYR A 66 -7.95 3.95 -13.80
N ILE A 67 -8.77 4.18 -14.82
CA ILE A 67 -8.75 3.33 -16.01
C ILE A 67 -8.02 3.97 -17.17
N ASP A 68 -8.42 5.18 -17.55
CA ASP A 68 -7.79 5.88 -18.65
C ASP A 68 -6.99 7.08 -18.15
N CYS A 69 -7.52 7.77 -17.14
CA CYS A 69 -6.83 8.93 -16.54
C CYS A 69 -7.40 9.43 -15.23
N ASP A 70 -6.61 10.20 -14.48
CA ASP A 70 -7.03 10.71 -13.16
C ASP A 70 -8.30 11.52 -13.16
N LEU A 71 -9.37 10.90 -12.68
CA LEU A 71 -10.69 11.57 -12.59
C LEU A 71 -10.57 12.82 -11.76
N ASN A 72 -9.65 12.80 -10.80
CA ASN A 72 -9.44 13.94 -9.91
C ASN A 72 -8.61 15.11 -10.45
N ARG A 73 -8.28 15.06 -11.74
CA ARG A 73 -7.43 16.10 -12.33
C ARG A 73 -7.97 16.83 -13.60
N ILE A 74 -9.14 16.43 -14.08
CA ILE A 74 -9.71 17.02 -15.29
C ILE A 74 -11.09 17.72 -15.16
N PHE A 75 -11.54 18.06 -13.95
CA PHE A 75 -12.84 18.73 -13.84
C PHE A 75 -12.67 20.24 -14.16
N ASP A 76 -12.26 20.48 -15.41
CA ASP A 76 -12.03 21.80 -15.92
C ASP A 76 -12.59 21.93 -17.35
N LEU A 77 -12.60 23.17 -17.86
CA LEU A 77 -13.13 23.53 -19.16
C LEU A 77 -12.43 22.97 -20.42
N GLU A 78 -11.21 22.44 -20.21
CA GLU A 78 -10.39 21.83 -21.26
C GLU A 78 -10.87 20.43 -21.53
N ASN A 79 -11.74 19.92 -20.67
CA ASN A 79 -12.25 18.58 -20.83
C ASN A 79 -13.75 18.49 -20.83
N LEU A 80 -14.40 19.52 -20.30
CA LEU A 80 -15.86 19.54 -20.23
C LEU A 80 -16.49 20.26 -21.42
N GLY A 81 -15.67 20.53 -22.44
CA GLY A 81 -16.16 21.21 -23.63
C GLY A 81 -15.95 20.51 -24.97
N LYS A 82 -15.71 19.21 -24.89
CA LYS A 82 -15.50 18.36 -26.06
C LYS A 82 -16.80 17.68 -26.40
N LYS A 83 -17.16 17.60 -27.68
CA LYS A 83 -18.43 16.94 -28.04
C LYS A 83 -18.35 15.58 -27.34
N SER A 85 -18.05 12.24 -26.60
CA SER A 85 -17.84 11.07 -27.43
C SER A 85 -17.49 9.78 -26.66
N GLU A 86 -17.99 8.68 -27.19
CA GLU A 86 -17.76 7.38 -26.61
C GLU A 86 -16.27 7.13 -26.65
N ASP A 87 -15.63 7.65 -27.69
CA ASP A 87 -14.21 7.50 -27.89
C ASP A 87 -13.39 8.37 -26.98
N LEU A 88 -14.02 9.20 -26.16
CA LEU A 88 -13.25 10.01 -25.22
C LEU A 88 -12.70 9.09 -24.10
N PRO A 89 -11.53 9.43 -23.52
CA PRO A 89 -10.99 8.59 -22.44
C PRO A 89 -12.02 8.46 -21.31
N TYR A 90 -12.36 7.21 -20.99
CA TYR A 90 -13.36 6.89 -19.97
C TYR A 90 -13.64 7.96 -18.88
N GLU A 91 -12.63 8.31 -18.08
CA GLU A 91 -12.83 9.28 -17.01
C GLU A 91 -13.38 10.66 -17.45
N VAL A 92 -13.10 11.06 -18.69
CA VAL A 92 -13.65 12.33 -19.18
C VAL A 92 -15.21 12.35 -19.12
N ARG A 93 -15.82 11.35 -19.73
CA ARG A 93 -17.28 11.22 -19.73
C ARG A 93 -17.91 11.34 -18.32
N ARG A 94 -17.59 10.43 -17.40
CA ARG A 94 -18.17 10.43 -16.03
C ARG A 94 -18.10 11.82 -15.32
N ALA A 95 -16.96 12.52 -15.47
CA ALA A 95 -16.77 13.86 -14.90
C ALA A 95 -17.97 14.71 -15.41
N GLN A 96 -18.17 14.67 -16.74
CA GLN A 96 -19.27 15.34 -17.45
C GLN A 96 -20.65 14.95 -16.84
N GLU A 97 -20.92 13.64 -16.79
CA GLU A 97 -22.16 13.05 -16.24
C GLU A 97 -22.30 13.45 -14.74
N ILE A 98 -21.18 13.32 -14.00
CA ILE A 98 -21.10 13.69 -12.57
C ILE A 98 -21.30 15.22 -12.42
N ASN A 99 -20.50 15.94 -13.20
CA ASN A 99 -20.52 17.39 -13.23
C ASN A 99 -21.93 17.86 -13.59
N HIS A 100 -22.58 17.09 -14.45
CA HIS A 100 -23.92 17.42 -14.88
C HIS A 100 -24.93 17.18 -13.77
N LEU A 101 -24.63 16.19 -12.92
CA LEU A 101 -25.49 15.84 -11.81
C LEU A 101 -25.27 16.64 -10.50
N PHE A 102 -24.11 17.27 -10.31
CA PHE A 102 -23.87 18.03 -9.06
C PHE A 102 -23.43 19.51 -9.32
N GLY A 103 -23.30 19.85 -10.60
CA GLY A 103 -22.89 21.19 -11.02
C GLY A 103 -24.00 21.78 -11.84
N PRO A 104 -23.73 22.27 -13.06
CA PRO A 104 -22.49 22.36 -13.84
C PRO A 104 -21.48 23.28 -13.17
N LYS A 105 -20.21 22.86 -13.06
CA LYS A 105 -19.19 23.72 -12.40
C LYS A 105 -19.25 25.10 -13.07
N ASP A 106 -19.07 26.14 -12.22
CA ASP A 106 -19.10 27.56 -12.63
C ASP A 106 -20.56 28.07 -12.51
N SER A 107 -21.51 27.14 -12.62
CA SER A 107 -22.93 27.44 -12.52
C SER A 107 -23.29 27.72 -11.05
N GLU A 108 -24.57 27.56 -10.71
CA GLU A 108 -25.04 27.86 -9.36
C GLU A 108 -26.23 26.98 -8.96
N ASP A 109 -26.87 26.36 -9.95
CA ASP A 109 -28.01 25.50 -9.64
C ASP A 109 -27.37 24.16 -9.36
N SER A 110 -26.68 24.10 -8.21
CA SER A 110 -25.95 22.91 -7.79
C SER A 110 -25.70 22.80 -6.28
N TYR A 111 -25.08 21.69 -5.88
CA TYR A 111 -24.74 21.40 -4.50
C TYR A 111 -23.74 22.41 -3.97
N ASP A 112 -23.77 22.65 -2.66
CA ASP A 112 -22.90 23.65 -2.03
C ASP A 112 -21.70 23.06 -1.28
N ILE A 113 -21.88 21.87 -0.73
CA ILE A 113 -20.76 21.26 -0.07
C ILE A 113 -20.54 19.95 -0.80
N ILE A 114 -19.30 19.71 -1.21
CA ILE A 114 -18.99 18.43 -1.84
C ILE A 114 -17.82 17.85 -1.04
N PHE A 115 -18.02 16.64 -0.51
CA PHE A 115 -16.97 15.91 0.23
C PHE A 115 -16.40 14.81 -0.69
N ASP A 116 -15.15 14.96 -1.09
CA ASP A 116 -14.47 13.97 -1.94
C ASP A 116 -13.57 13.10 -1.00
N LEU A 117 -14.04 11.91 -0.60
CA LEU A 117 -13.26 11.02 0.28
C LEU A 117 -12.01 10.37 -0.39
N HIS A 118 -10.86 10.50 0.26
CA HIS A 118 -9.62 9.93 -0.24
C HIS A 118 -8.77 9.16 0.80
N ASN A 119 -7.67 8.59 0.30
CA ASN A 119 -6.74 7.79 1.08
C ASN A 119 -5.29 8.08 0.72
N THR A 120 -4.40 8.08 1.71
CA THR A 120 -2.96 8.29 1.46
C THR A 120 -2.12 7.23 2.16
N THR A 121 -1.15 6.68 1.46
CA THR A 121 -0.27 5.67 2.05
C THR A 121 0.68 6.37 3.00
N SER A 122 0.67 7.70 2.96
CA SER A 122 1.50 8.49 3.82
C SER A 122 0.86 8.62 5.24
N ASN A 123 1.69 8.86 6.24
CA ASN A 123 1.23 8.97 7.62
C ASN A 123 0.71 10.36 7.98
N GLY A 125 -2.57 11.11 8.68
CA GLY A 125 -3.72 11.13 9.58
C GLY A 125 -4.96 11.79 8.98
N CYS A 126 -6.05 11.89 9.76
CA CYS A 126 -7.34 12.47 9.30
C CYS A 126 -7.12 13.92 8.84
N THR A 127 -7.07 14.12 7.52
CA THR A 127 -6.82 15.46 6.95
C THR A 127 -7.98 16.15 6.22
N LEU A 128 -7.95 17.49 6.23
CA LEU A 128 -8.95 18.31 5.53
C LEU A 128 -8.21 19.12 4.46
N ILE A 129 -8.73 19.12 3.23
CA ILE A 129 -8.08 19.87 2.17
C ILE A 129 -8.89 21.10 1.76
N LEU A 130 -8.26 22.27 1.92
CA LEU A 130 -8.90 23.51 1.59
C LEU A 130 -8.45 23.99 0.22
N GLU A 131 -9.40 24.36 -0.64
CA GLU A 131 -9.07 24.86 -1.98
C GLU A 131 -8.82 26.38 -2.04
N ASP A 132 -9.81 27.22 -1.71
CA ASP A 132 -9.57 28.68 -1.70
C ASP A 132 -9.04 29.02 -0.31
N SER A 133 -8.31 30.14 -0.20
CA SER A 133 -7.75 30.58 1.07
C SER A 133 -8.67 31.62 1.65
N ARG A 134 -8.87 32.70 0.89
CA ARG A 134 -9.78 33.76 1.29
C ARG A 134 -11.11 33.04 1.12
N ASN A 135 -11.53 32.30 2.14
CA ASN A 135 -12.78 31.54 2.08
C ASN A 135 -13.33 31.31 3.49
N ASN A 136 -13.53 32.42 4.19
CA ASN A 136 -14.08 32.43 5.53
C ASN A 136 -14.81 31.15 5.89
N PHE A 137 -16.06 31.05 5.41
CA PHE A 137 -16.90 29.89 5.73
C PHE A 137 -16.00 28.69 5.94
N LEU A 138 -15.47 28.17 4.84
CA LEU A 138 -14.60 27.02 4.90
C LEU A 138 -13.70 27.05 6.12
N ILE A 139 -13.13 28.21 6.44
CA ILE A 139 -12.28 28.23 7.61
C ILE A 139 -13.14 27.92 8.82
N GLN A 140 -14.30 28.58 8.91
CA GLN A 140 -15.19 28.35 10.05
C GLN A 140 -15.37 26.84 10.27
N PHE A 142 -13.75 24.10 8.98
CA PHE A 142 -12.50 23.41 9.30
C PHE A 142 -12.03 23.78 10.71
N HIS A 143 -12.00 25.08 11.00
CA HIS A 143 -11.59 25.49 12.31
C HIS A 143 -12.36 24.60 13.26
N TYR A 144 -13.61 24.33 12.91
CA TYR A 144 -14.48 23.47 13.73
C TYR A 144 -14.02 21.99 13.71
N ILE A 145 -13.99 21.41 12.50
CA ILE A 145 -13.58 20.04 12.33
C ILE A 145 -12.33 19.81 13.17
N LYS A 146 -11.31 20.63 12.92
CA LYS A 146 -10.08 20.55 13.69
C LYS A 146 -10.52 20.51 15.14
N THR A 147 -11.34 21.49 15.53
CA THR A 147 -11.82 21.59 16.90
C THR A 147 -12.65 20.40 17.34
N SER A 148 -13.74 20.08 16.66
CA SER A 148 -14.56 18.93 17.04
C SER A 148 -13.87 17.56 17.05
N LEU A 149 -12.63 17.48 16.57
CA LEU A 149 -11.88 16.22 16.53
C LEU A 149 -10.89 16.02 17.66
N ALA A 150 -10.33 17.12 18.15
CA ALA A 150 -9.40 17.10 19.26
C ALA A 150 -9.83 16.21 20.47
N PRO A 151 -8.87 15.53 21.14
CA PRO A 151 -7.42 15.38 21.03
C PRO A 151 -6.92 14.60 19.81
N LEU A 152 -7.82 14.11 18.97
CA LEU A 152 -7.38 13.40 17.78
C LEU A 152 -6.92 14.55 16.89
N PRO A 153 -5.72 14.41 16.32
CA PRO A 153 -5.10 15.41 15.42
C PRO A 153 -5.91 15.41 14.13
N CYS A 154 -5.96 16.54 13.46
CA CYS A 154 -6.73 16.69 12.22
C CYS A 154 -6.15 17.90 11.56
N TYR A 155 -5.35 17.68 10.53
CA TYR A 155 -4.67 18.75 9.83
C TYR A 155 -5.39 19.25 8.63
N VAL A 156 -5.19 20.54 8.33
CA VAL A 156 -5.82 21.16 7.17
C VAL A 156 -4.74 21.49 6.14
N TYR A 157 -4.85 20.87 4.96
CA TYR A 157 -3.94 21.08 3.87
C TYR A 157 -4.54 22.20 3.03
N LEU A 158 -3.82 23.31 2.87
CA LEU A 158 -4.32 24.43 2.09
C LEU A 158 -3.73 24.51 0.69
N ILE A 159 -4.57 24.62 -0.34
CA ILE A 159 -4.06 24.80 -1.70
C ILE A 159 -4.39 26.23 -2.28
N GLU A 160 -3.68 26.64 -3.34
CA GLU A 160 -3.89 27.96 -3.92
C GLU A 160 -3.61 27.98 -5.43
N HIS A 161 -4.46 28.65 -6.19
CA HIS A 161 -4.21 28.69 -7.63
C HIS A 161 -4.07 30.05 -8.27
N PRO A 162 -3.01 30.20 -9.09
CA PRO A 162 -2.73 31.47 -9.80
C PRO A 162 -3.74 31.63 -10.97
N SER A 163 -4.32 30.49 -11.37
CA SER A 163 -5.33 30.45 -12.42
C SER A 163 -6.68 30.79 -11.80
N LEU A 164 -6.76 30.75 -10.45
CA LEU A 164 -7.99 31.04 -9.69
C LEU A 164 -9.09 29.96 -9.94
N LYS A 165 -8.70 28.83 -10.56
CA LYS A 165 -9.63 27.75 -10.91
C LYS A 165 -9.09 26.34 -10.67
N TYR A 166 -9.60 25.63 -9.67
CA TYR A 166 -9.14 24.24 -9.42
C TYR A 166 -9.72 23.36 -10.51
N ALA A 167 -9.45 22.05 -10.46
CA ALA A 167 -9.97 21.11 -11.50
C ALA A 167 -10.32 19.71 -10.95
N THR A 168 -10.29 19.55 -9.63
CA THR A 168 -10.61 18.29 -9.00
C THR A 168 -12.08 17.96 -9.01
N THR A 169 -12.41 16.73 -8.61
CA THR A 169 -13.79 16.25 -8.55
C THR A 169 -14.65 17.13 -7.63
N ARG A 170 -14.14 17.47 -6.46
CA ARG A 170 -14.93 18.29 -5.51
C ARG A 170 -15.08 19.81 -5.87
N SER A 171 -14.23 20.25 -6.81
CA SER A 171 -14.24 21.63 -7.24
C SER A 171 -15.54 21.97 -7.99
N ILE A 172 -16.37 20.97 -8.24
CA ILE A 172 -17.64 21.19 -8.89
C ILE A 172 -18.65 21.88 -7.92
N ALA A 173 -18.43 21.82 -6.60
CA ALA A 173 -19.35 22.40 -5.62
C ALA A 173 -19.31 23.92 -5.46
N LYS A 174 -19.94 24.41 -4.39
CA LYS A 174 -19.96 25.84 -4.03
C LYS A 174 -18.87 25.94 -2.96
N TYR A 175 -18.92 25.00 -2.03
CA TYR A 175 -17.97 24.90 -0.92
C TYR A 175 -17.33 23.53 -0.95
N PRO A 176 -16.18 23.38 -1.65
CA PRO A 176 -15.46 22.08 -1.75
C PRO A 176 -14.74 21.77 -0.47
N VAL A 177 -14.70 20.51 -0.08
CA VAL A 177 -14.00 20.09 1.15
C VAL A 177 -13.32 18.73 0.94
N GLY A 178 -12.01 18.72 0.72
CA GLY A 178 -11.37 17.43 0.51
C GLY A 178 -11.09 16.67 1.79
N ILE A 179 -11.48 15.38 1.88
CA ILE A 179 -11.16 14.56 3.07
C ILE A 179 -10.17 13.40 2.69
N GLU A 180 -8.93 13.50 3.13
CA GLU A 180 -7.92 12.49 2.82
C GLU A 180 -7.39 11.95 4.11
N VAL A 181 -7.41 10.63 4.28
CA VAL A 181 -6.85 10.08 5.51
C VAL A 181 -5.82 9.00 5.27
N GLY A 182 -4.77 9.02 6.10
CA GLY A 182 -3.68 8.05 6.02
C GLY A 182 -3.12 7.71 7.39
N PRO A 183 -2.28 6.67 7.51
CA PRO A 183 -1.81 5.79 6.44
C PRO A 183 -2.57 4.50 6.17
N GLN A 184 -2.61 4.10 4.90
CA GLN A 184 -3.23 2.85 4.56
C GLN A 184 -2.70 2.46 3.20
N PRO A 185 -2.30 1.19 3.02
CA PRO A 185 -1.79 0.86 1.68
C PRO A 185 -2.96 0.95 0.68
N GLN A 186 -2.68 1.24 -0.60
CA GLN A 186 -3.78 1.29 -1.54
C GLN A 186 -4.40 -0.11 -1.57
N GLY A 187 -5.72 -0.20 -1.77
CA GLY A 187 -6.36 -1.49 -1.84
C GLY A 187 -6.55 -2.17 -0.52
N VAL A 188 -6.48 -1.43 0.57
CA VAL A 188 -6.65 -2.11 1.87
C VAL A 188 -7.57 -1.48 2.89
N LEU A 189 -8.62 -2.20 3.29
CA LEU A 189 -9.54 -1.67 4.30
C LEU A 189 -9.27 -2.07 5.76
N ARG A 190 -8.81 -1.08 6.56
CA ARG A 190 -8.50 -1.21 7.99
C ARG A 190 -9.63 -0.71 8.93
N ALA A 191 -9.29 -0.24 10.13
CA ALA A 191 -10.33 0.26 11.05
C ALA A 191 -10.05 1.67 11.59
N ASP A 192 -8.77 2.03 11.78
CA ASP A 192 -8.44 3.37 12.28
C ASP A 192 -9.01 4.32 11.23
N ILE A 193 -8.31 4.43 10.11
CA ILE A 193 -8.69 5.28 8.97
C ILE A 193 -10.20 5.30 8.79
N LEU A 194 -10.81 4.12 8.96
CA LEU A 194 -12.24 3.98 8.84
C LEU A 194 -13.01 4.71 9.98
N ASP A 195 -12.77 4.32 11.23
CA ASP A 195 -13.43 4.93 12.37
C ASP A 195 -13.16 6.42 12.28
N GLN A 196 -11.93 6.75 11.90
CA GLN A 196 -11.55 8.16 11.80
C GLN A 196 -12.31 8.98 10.74
N ARG A 198 -15.06 8.49 9.22
CA ARG A 198 -16.43 8.69 9.57
C ARG A 198 -16.62 9.75 10.65
N LYS A 199 -15.80 9.69 11.71
CA LYS A 199 -15.87 10.72 12.74
C LYS A 199 -15.71 12.11 12.08
N ILE A 201 -16.60 12.99 8.93
CA ILE A 201 -17.89 13.24 8.28
C ILE A 201 -18.97 13.63 9.33
N LYS A 202 -18.98 12.92 10.47
CA LYS A 202 -19.93 13.19 11.56
C LYS A 202 -19.81 14.62 12.05
N HIS A 203 -18.60 15.07 12.32
CA HIS A 203 -18.45 16.41 12.81
C HIS A 203 -18.60 17.42 11.72
N ALA A 204 -18.23 17.08 10.49
CA ALA A 204 -18.44 18.01 9.39
C ALA A 204 -19.95 18.23 9.25
N LEU A 205 -20.69 17.13 9.10
CA LEU A 205 -22.14 17.22 8.97
C LEU A 205 -22.76 17.94 10.18
N ASP A 206 -22.29 17.65 11.40
CA ASP A 206 -22.80 18.34 12.60
C ASP A 206 -22.77 19.85 12.33
N PHE A 207 -21.58 20.40 12.08
CA PHE A 207 -21.44 21.81 11.77
C PHE A 207 -22.41 22.30 10.64
N ILE A 208 -22.53 21.55 9.56
CA ILE A 208 -23.40 21.98 8.48
C ILE A 208 -24.86 22.05 8.98
N HIS A 209 -25.08 21.42 10.13
CA HIS A 209 -26.41 21.44 10.72
C HIS A 209 -26.55 22.66 11.59
N HIS A 210 -25.55 22.89 12.43
CA HIS A 210 -25.53 24.02 13.33
C HIS A 210 -25.30 25.35 12.62
N PHE A 211 -24.93 25.32 11.34
CA PHE A 211 -24.75 26.56 10.57
C PHE A 211 -26.00 26.66 9.72
N ASN A 212 -26.65 25.50 9.50
CA ASN A 212 -27.87 25.45 8.71
C ASN A 212 -28.90 26.25 9.46
N GLU A 213 -28.88 26.08 10.78
CA GLU A 213 -29.76 26.80 11.69
C GLU A 213 -29.07 28.14 11.93
N GLY A 214 -28.15 28.44 11.03
CA GLY A 214 -27.38 29.66 11.07
C GLY A 214 -26.90 29.96 12.47
N LYS A 215 -25.86 29.26 12.90
CA LYS A 215 -25.34 29.50 14.24
C LYS A 215 -24.39 30.70 14.26
N GLU A 216 -24.53 31.53 15.29
CA GLU A 216 -23.71 32.72 15.48
C GLU A 216 -22.30 32.30 15.83
N PHE A 217 -21.69 31.56 14.90
CA PHE A 217 -20.33 31.07 15.02
C PHE A 217 -19.43 32.30 15.07
N PRO A 218 -18.76 32.52 16.21
CA PRO A 218 -17.86 33.67 16.33
C PRO A 218 -16.69 33.58 15.41
N PRO A 219 -15.98 34.70 15.20
CA PRO A 219 -14.81 34.67 14.32
C PRO A 219 -13.93 33.50 14.76
N CYS A 220 -13.12 32.95 13.84
CA CYS A 220 -12.21 31.83 14.16
C CYS A 220 -10.90 31.95 13.40
N ALA A 221 -9.91 31.15 13.83
CA ALA A 221 -8.60 31.17 13.19
C ALA A 221 -8.03 29.76 13.10
N ILE A 222 -7.28 29.44 12.05
CA ILE A 222 -6.62 28.12 11.99
C ILE A 222 -5.22 28.16 11.37
N GLU A 223 -4.29 27.40 11.95
CA GLU A 223 -2.94 27.28 11.39
C GLU A 223 -3.01 26.28 10.22
N VAL A 224 -2.30 26.54 9.13
CA VAL A 224 -2.31 25.63 7.99
C VAL A 224 -0.96 25.44 7.25
N TYR A 225 -0.92 24.40 6.42
CA TYR A 225 0.23 23.98 5.62
C TYR A 225 -0.11 24.21 4.17
N LYS A 226 0.54 25.22 3.60
CA LYS A 226 0.31 25.63 2.23
C LYS A 226 1.36 24.98 1.35
N ILE A 227 0.90 24.19 0.41
CA ILE A 227 1.80 23.52 -0.49
C ILE A 227 2.74 24.56 -1.10
N ILE A 228 4.01 24.57 -0.72
CA ILE A 228 4.91 25.53 -1.32
C ILE A 228 6.02 24.90 -2.12
N GLU A 229 6.00 23.56 -2.27
CA GLU A 229 7.02 22.84 -3.03
C GLU A 229 6.85 21.31 -3.10
N LYS A 230 6.68 20.77 -4.32
CA LYS A 230 6.58 19.32 -4.53
C LYS A 230 8.05 18.96 -4.76
N VAL A 231 8.66 18.25 -3.80
CA VAL A 231 10.09 17.89 -3.81
C VAL A 231 10.40 16.55 -4.49
N ASP A 232 11.67 16.36 -4.84
CA ASP A 232 12.06 15.18 -5.53
C ASP A 232 13.10 14.24 -4.92
N TYR A 233 13.07 13.00 -5.38
CA TYR A 233 13.98 11.99 -4.91
C TYR A 233 15.29 12.32 -5.62
N PRO A 234 16.41 11.94 -5.03
CA PRO A 234 17.67 12.22 -5.71
C PRO A 234 17.88 11.11 -6.74
N ARG A 235 17.12 11.13 -7.83
CA ARG A 235 17.17 10.11 -8.91
C ARG A 235 18.64 9.93 -9.40
N ASP A 236 18.98 8.77 -9.97
CA ASP A 236 20.38 8.55 -10.40
C ASP A 236 20.85 9.32 -11.60
N GLU A 237 21.55 8.68 -12.54
CA GLU A 237 22.02 9.39 -13.72
C GLU A 237 21.53 8.88 -15.10
N ASN A 238 20.60 7.93 -15.11
CA ASN A 238 20.04 7.42 -16.35
C ASN A 238 18.58 7.79 -16.31
N GLY A 239 18.15 8.18 -15.12
CA GLY A 239 16.78 8.59 -14.87
C GLY A 239 16.35 8.07 -13.51
N GLU A 240 16.14 6.77 -13.44
CA GLU A 240 15.72 6.09 -12.21
C GLU A 240 16.08 6.76 -10.89
N ILE A 241 15.40 6.30 -9.85
CA ILE A 241 15.61 6.84 -8.50
C ILE A 241 17.00 6.47 -7.95
N ALA A 242 17.62 7.42 -7.24
CA ALA A 242 18.97 7.23 -6.70
C ALA A 242 19.10 7.44 -5.21
N ALA A 243 17.96 7.52 -4.54
CA ALA A 243 17.95 7.67 -3.10
C ALA A 243 16.51 7.37 -2.59
N ILE A 244 16.39 7.06 -1.30
CA ILE A 244 15.12 6.75 -0.68
C ILE A 244 14.78 7.66 0.51
N ILE A 245 13.51 7.75 0.88
CA ILE A 245 13.12 8.59 2.02
C ILE A 245 13.73 8.00 3.29
N HIS A 246 14.47 8.85 4.03
CA HIS A 246 15.13 8.46 5.27
C HIS A 246 14.18 7.96 6.38
N PRO A 247 14.70 7.12 7.28
CA PRO A 247 13.71 6.73 8.27
C PRO A 247 13.30 7.85 9.24
N ASN A 248 14.06 8.93 9.31
CA ASN A 248 13.66 10.01 10.21
C ASN A 248 12.65 11.01 9.65
N LEU A 249 12.37 10.91 8.35
CA LEU A 249 11.40 11.79 7.68
C LEU A 249 10.12 10.97 7.52
N GLN A 250 10.28 9.68 7.26
CA GLN A 250 9.14 8.77 7.08
C GLN A 250 8.16 8.82 8.24
N ASP A 251 6.87 8.98 7.91
CA ASP A 251 5.80 8.98 8.89
C ASP A 251 5.73 10.26 9.68
N GLN A 252 6.78 11.06 9.56
CA GLN A 252 6.85 12.32 10.28
C GLN A 252 6.20 13.48 9.51
N ASP A 253 5.09 13.17 8.85
CA ASP A 253 4.33 14.16 8.11
C ASP A 253 3.81 15.10 9.19
N TRP A 254 3.68 16.38 8.86
CA TRP A 254 3.19 17.38 9.80
C TRP A 254 4.21 17.87 10.87
N LYS A 255 5.12 16.99 11.32
CA LYS A 255 6.13 17.39 12.31
C LYS A 255 7.04 18.39 11.55
N PRO A 256 7.63 19.39 12.23
CA PRO A 256 8.46 20.36 11.52
C PRO A 256 9.79 19.95 10.95
N LEU A 257 10.19 20.62 9.86
CA LEU A 257 11.48 20.32 9.25
C LEU A 257 12.27 21.61 9.01
N HIS A 258 13.48 21.65 9.56
CA HIS A 258 14.37 22.82 9.47
C HIS A 258 15.34 22.68 8.33
N PRO A 259 16.20 23.68 8.13
CA PRO A 259 17.17 23.59 7.04
C PRO A 259 18.21 22.49 7.16
N GLY A 260 18.71 22.23 8.36
CA GLY A 260 19.73 21.21 8.49
C GLY A 260 19.32 19.75 8.52
N ASP A 261 18.17 19.49 9.14
CA ASP A 261 17.61 18.14 9.35
C ASP A 261 17.82 17.02 8.34
N PRO A 262 17.64 15.76 8.79
CA PRO A 262 17.81 14.59 7.93
C PRO A 262 16.49 14.03 7.37
N PHE A 264 16.85 11.91 3.82
CA PHE A 264 17.19 10.85 2.88
C PHE A 264 18.25 9.93 3.46
N LEU A 265 18.40 8.77 2.84
CA LEU A 265 19.39 7.81 3.25
C LEU A 265 19.88 7.03 2.01
N THR A 266 20.97 6.27 2.17
CA THR A 266 21.39 5.41 1.08
C THR A 266 21.67 3.98 1.56
N LEU A 267 21.97 3.13 0.60
CA LEU A 267 22.30 1.76 0.93
C LEU A 267 23.65 1.90 1.68
N ASP A 268 24.35 2.98 1.34
CA ASP A 268 25.64 3.28 1.95
C ASP A 268 25.66 4.21 3.16
N GLY A 269 24.63 5.04 3.36
CA GLY A 269 24.62 5.85 4.58
C GLY A 269 24.57 7.37 4.72
N LYS A 270 25.04 8.12 3.75
CA LYS A 270 25.01 9.56 3.93
C LYS A 270 23.58 10.00 3.93
N THR A 271 23.23 10.78 4.94
CA THR A 271 21.89 11.29 5.01
C THR A 271 21.92 12.66 4.30
N ILE A 272 20.88 12.95 3.51
CA ILE A 272 20.79 14.25 2.84
C ILE A 272 19.82 15.19 3.61
N PRO A 273 20.32 16.40 3.99
CA PRO A 273 19.64 17.46 4.73
C PRO A 273 18.56 18.19 3.97
N LEU A 274 18.57 19.51 3.93
CA LEU A 274 17.51 20.21 3.22
C LEU A 274 17.85 21.41 2.27
N GLY A 275 18.54 22.42 2.80
CA GLY A 275 18.87 23.58 1.99
C GLY A 275 17.98 24.77 2.32
N GLY A 276 18.60 25.89 2.70
CA GLY A 276 17.82 27.06 3.04
C GLY A 276 17.91 27.48 4.48
N ASP A 277 17.19 28.55 4.81
CA ASP A 277 17.17 29.11 6.16
C ASP A 277 15.74 29.39 6.66
N CYS A 278 14.97 28.32 6.84
CA CYS A 278 13.61 28.46 7.32
C CYS A 278 12.96 27.11 7.60
N THR A 279 11.95 27.09 8.48
CA THR A 279 11.29 25.83 8.80
C THR A 279 10.32 25.47 7.70
N VAL A 280 10.09 24.17 7.55
CA VAL A 280 9.15 23.66 6.54
C VAL A 280 8.35 22.45 7.00
N TYR A 281 7.29 22.11 6.28
CA TYR A 281 6.52 20.96 6.73
C TYR A 281 6.30 19.94 5.63
N PRO A 282 7.03 18.81 5.69
CA PRO A 282 6.82 17.84 4.63
C PRO A 282 5.47 17.14 4.84
N VAL A 283 4.73 17.01 3.75
CA VAL A 283 3.43 16.36 3.73
C VAL A 283 3.50 15.44 2.49
N PHE A 284 2.67 14.40 2.47
CA PHE A 284 2.69 13.42 1.39
C PHE A 284 4.04 12.65 1.33
N VAL A 285 4.62 12.41 2.49
CA VAL A 285 5.90 11.75 2.58
C VAL A 285 5.80 10.28 2.26
N ASN A 286 6.50 9.90 1.18
CA ASN A 286 6.53 8.53 0.71
C ASN A 286 5.13 8.03 0.37
N GLU A 287 4.40 8.84 -0.42
CA GLU A 287 3.04 8.54 -0.89
C GLU A 287 3.25 7.77 -2.18
N ALA A 288 2.45 6.71 -2.37
CA ALA A 288 2.52 5.84 -3.54
C ALA A 288 2.21 6.57 -4.81
N ALA A 289 1.15 7.38 -4.79
CA ALA A 289 0.76 8.17 -5.97
C ALA A 289 1.91 9.09 -6.37
N TYR A 290 2.92 9.19 -5.51
CA TYR A 290 4.05 10.04 -5.83
C TYR A 290 5.14 9.41 -6.70
N TYR A 291 5.26 8.08 -6.78
CA TYR A 291 6.31 7.58 -7.66
C TYR A 291 5.91 7.65 -9.14
N GLU A 292 4.75 7.12 -9.52
CA GLU A 292 4.42 7.19 -10.94
C GLU A 292 3.98 8.62 -11.20
N LYS A 293 4.43 9.48 -10.31
CA LYS A 293 4.13 10.91 -10.38
C LYS A 293 5.41 11.75 -10.18
N LYS A 294 6.57 11.10 -9.97
CA LYS A 294 7.81 11.83 -9.74
C LYS A 294 7.65 12.89 -8.62
N GLU A 295 7.97 12.51 -7.39
CA GLU A 295 7.85 13.44 -6.27
C GLU A 295 8.03 12.66 -4.97
N ALA A 296 9.00 13.07 -4.16
CA ALA A 296 9.25 12.37 -2.91
C ALA A 296 8.43 12.97 -1.77
N PHE A 297 8.13 14.25 -1.88
CA PHE A 297 7.28 14.89 -0.89
C PHE A 297 7.01 16.33 -1.23
N ALA A 298 6.04 16.90 -0.52
CA ALA A 298 5.69 18.30 -0.70
C ALA A 298 6.14 19.07 0.55
N LYS A 299 6.91 20.15 0.35
CA LYS A 299 7.38 20.97 1.46
C LYS A 299 6.31 22.03 1.64
N THR A 300 5.86 22.22 2.88
CA THR A 300 4.79 23.18 3.17
C THR A 300 5.18 24.25 4.20
N THR A 301 4.48 25.40 4.18
CA THR A 301 4.72 26.49 5.14
C THR A 301 3.46 26.61 6.00
N LYS A 302 3.64 26.77 7.32
CA LYS A 302 2.51 26.88 8.21
C LYS A 302 2.00 28.31 8.32
N LEU A 303 0.67 28.50 8.39
CA LEU A 303 0.09 29.85 8.53
C LEU A 303 -1.32 29.94 9.16
N THR A 304 -1.80 31.16 9.37
CA THR A 304 -3.12 31.29 9.98
C THR A 304 -4.19 31.85 9.08
N LEU A 305 -5.36 31.22 9.11
CA LEU A 305 -6.49 31.68 8.30
C LEU A 305 -7.59 32.14 9.23
N ASN A 306 -8.21 33.28 8.92
CA ASN A 306 -9.29 33.86 9.74
C ASN A 306 -10.65 33.83 9.03
N ALA A 307 -11.69 33.37 9.70
CA ALA A 307 -13.00 33.28 9.07
C ALA A 307 -14.11 34.03 9.81
N LYS A 308 -14.42 35.23 9.33
CA LYS A 308 -15.45 36.10 9.91
C LYS A 308 -16.60 35.26 10.44
N SER A 309 -17.21 35.74 11.53
CA SER A 309 -18.33 35.07 12.16
C SER A 309 -19.31 34.76 11.06
N ILE A 310 -20.18 33.78 11.28
CA ILE A 310 -21.16 33.42 10.26
C ILE A 310 -22.41 32.91 10.95
N ARG A 311 -23.57 33.18 10.36
CA ARG A 311 -24.87 32.73 10.86
C ARG A 311 -25.77 32.48 9.66
N CYS A 312 -26.39 33.56 9.17
CA CYS A 312 -27.25 33.48 8.01
C CYS A 312 -27.21 34.79 7.23
N GLU B 11 27.19 -31.56 -1.19
CA GLU B 11 27.73 -31.07 -2.49
C GLU B 11 27.77 -29.54 -2.63
N HIS B 12 28.99 -29.02 -2.74
CA HIS B 12 29.32 -27.60 -2.86
C HIS B 12 28.44 -26.74 -3.79
N ILE B 13 27.98 -25.62 -3.24
CA ILE B 13 27.11 -24.68 -3.96
C ILE B 13 27.93 -23.67 -4.77
N GLN B 14 27.54 -23.49 -6.04
CA GLN B 14 28.26 -22.57 -6.91
C GLN B 14 27.39 -21.48 -7.57
N LYS B 15 26.24 -21.89 -8.09
CA LYS B 15 25.33 -20.94 -8.74
C LYS B 15 24.20 -20.47 -7.80
N VAL B 16 24.18 -19.17 -7.54
CA VAL B 16 23.21 -18.55 -6.65
C VAL B 16 22.65 -17.29 -7.28
N ALA B 17 21.33 -17.22 -7.34
CA ALA B 17 20.68 -16.03 -7.89
C ALA B 17 19.73 -15.41 -6.85
N ILE B 18 19.72 -14.07 -6.84
CA ILE B 18 18.81 -13.32 -5.99
C ILE B 18 17.84 -12.68 -6.99
N PHE B 19 16.61 -13.20 -7.07
CA PHE B 19 15.56 -12.69 -7.97
C PHE B 19 14.74 -11.60 -7.26
N GLY B 20 14.49 -10.50 -7.99
CA GLY B 20 13.71 -9.38 -7.47
C GLY B 20 12.78 -8.96 -8.60
N GLY B 21 11.66 -8.32 -8.29
CA GLY B 21 10.75 -7.93 -9.35
C GLY B 21 9.78 -8.99 -9.88
N THR B 22 9.58 -10.09 -9.16
CA THR B 22 8.63 -11.14 -9.58
C THR B 22 7.24 -10.45 -9.50
N HIS B 23 7.23 -9.40 -8.68
CA HIS B 23 6.09 -8.54 -8.49
C HIS B 23 6.56 -7.04 -8.73
N GLY B 24 6.44 -6.55 -9.96
CA GLY B 24 6.91 -5.21 -10.32
C GLY B 24 6.57 -4.00 -9.47
N ASN B 25 5.79 -4.25 -8.43
CA ASN B 25 5.35 -3.20 -7.52
C ASN B 25 5.51 -3.63 -6.06
N GLU B 26 6.65 -4.29 -5.78
CA GLU B 26 7.09 -4.73 -4.46
C GLU B 26 8.50 -4.17 -4.21
N LEU B 27 8.78 -3.12 -4.95
CA LEU B 27 10.00 -2.32 -4.97
C LEU B 27 11.19 -2.69 -4.07
N THR B 28 10.98 -3.30 -2.91
CA THR B 28 12.15 -3.61 -2.09
C THR B 28 13.17 -4.39 -2.96
N GLY B 29 12.84 -5.64 -3.27
CA GLY B 29 13.75 -6.39 -4.12
C GLY B 29 14.18 -5.73 -5.43
N VAL B 30 13.30 -4.91 -6.01
CA VAL B 30 13.63 -4.25 -7.26
C VAL B 30 14.73 -3.20 -7.07
N PHE B 31 14.59 -2.33 -6.09
CA PHE B 31 15.57 -1.28 -5.86
C PHE B 31 16.92 -1.93 -5.59
N LEU B 32 16.89 -3.03 -4.83
CA LEU B 32 18.08 -3.81 -4.47
C LEU B 32 18.79 -4.40 -5.71
N VAL B 33 18.03 -5.20 -6.46
CA VAL B 33 18.55 -5.85 -7.63
C VAL B 33 18.88 -4.85 -8.77
N LYS B 34 18.24 -3.69 -8.78
CA LYS B 34 18.52 -2.79 -9.86
C LYS B 34 19.86 -2.17 -9.66
N HIS B 35 20.31 -2.16 -8.41
CA HIS B 35 21.63 -1.60 -8.04
C HIS B 35 22.69 -2.71 -8.01
N TRP B 36 22.28 -3.94 -7.66
CA TRP B 36 23.20 -5.07 -7.60
C TRP B 36 23.55 -5.53 -9.02
N LEU B 37 23.17 -4.71 -9.98
CA LEU B 37 23.50 -4.94 -11.37
C LEU B 37 24.45 -3.81 -11.74
N GLU B 38 24.24 -2.61 -11.18
CA GLU B 38 25.11 -1.48 -11.45
C GLU B 38 26.41 -1.88 -10.80
N ASN B 39 26.38 -2.11 -9.51
CA ASN B 39 27.57 -2.53 -8.81
C ASN B 39 27.22 -3.66 -7.88
N GLY B 40 27.60 -4.88 -8.26
CA GLY B 40 27.30 -6.07 -7.48
C GLY B 40 28.26 -6.34 -6.35
N ALA B 41 29.04 -5.34 -5.99
CA ALA B 41 30.01 -5.49 -4.94
C ALA B 41 29.41 -6.12 -3.73
N GLU B 42 28.24 -5.60 -3.33
CA GLU B 42 27.54 -6.10 -2.14
C GLU B 42 27.28 -7.63 -2.07
N ILE B 43 26.67 -8.20 -3.10
CA ILE B 43 26.39 -9.62 -3.06
C ILE B 43 27.58 -10.52 -3.46
N GLN B 44 28.76 -10.27 -2.89
CA GLN B 44 29.93 -11.10 -3.19
C GLN B 44 30.73 -11.63 -1.92
N ARG B 45 31.19 -12.89 -1.94
CA ARG B 45 31.98 -13.51 -0.84
C ARG B 45 33.46 -13.69 -1.28
N THR B 46 34.43 -13.91 -0.37
CA THR B 46 35.84 -14.08 -0.84
C THR B 46 35.92 -15.49 -1.32
N GLY B 47 35.33 -15.72 -2.49
CA GLY B 47 35.25 -17.04 -3.11
C GLY B 47 33.90 -17.46 -3.68
N LEU B 48 32.88 -16.58 -3.69
CA LEU B 48 31.57 -16.93 -4.28
C LEU B 48 30.96 -15.80 -5.11
N GLU B 49 30.18 -16.18 -6.13
CA GLU B 49 29.52 -15.18 -6.99
C GLU B 49 27.98 -15.14 -6.87
N VAL B 50 27.44 -14.00 -6.47
CA VAL B 50 25.99 -13.89 -6.35
C VAL B 50 25.40 -12.99 -7.44
N LYS B 51 24.80 -13.60 -8.44
CA LYS B 51 24.19 -12.87 -9.56
C LYS B 51 22.73 -12.39 -9.28
N PRO B 52 22.47 -11.08 -9.46
CA PRO B 52 21.11 -10.59 -9.24
C PRO B 52 20.37 -10.69 -10.56
N PHE B 53 19.06 -10.54 -10.50
CA PHE B 53 18.26 -10.66 -11.70
C PHE B 53 16.82 -10.19 -11.47
N ILE B 54 16.30 -9.36 -12.39
CA ILE B 54 14.92 -8.86 -12.30
C ILE B 54 14.05 -9.84 -13.08
N THR B 55 13.07 -10.45 -12.43
CA THR B 55 12.33 -11.46 -13.16
C THR B 55 11.23 -11.01 -14.08
N ASN B 56 10.52 -9.94 -13.69
CA ASN B 56 9.37 -9.45 -14.45
C ASN B 56 9.52 -7.98 -14.84
N PRO B 57 10.45 -7.73 -15.76
CA PRO B 57 10.76 -6.39 -16.28
C PRO B 57 9.53 -5.56 -16.61
N ARG B 58 8.67 -6.12 -17.44
CA ARG B 58 7.48 -5.37 -17.82
C ARG B 58 6.59 -4.92 -16.65
N ALA B 59 6.34 -5.84 -15.72
CA ALA B 59 5.49 -5.54 -14.58
C ALA B 59 6.16 -4.51 -13.67
N VAL B 60 7.49 -4.49 -13.71
CA VAL B 60 8.21 -3.53 -12.90
C VAL B 60 8.01 -2.15 -13.55
N LYS B 61 8.00 -2.11 -14.89
CA LYS B 61 7.79 -0.85 -15.60
C LYS B 61 6.35 -0.27 -15.47
N LYS B 62 5.31 -1.09 -15.45
CA LYS B 62 3.94 -0.54 -15.32
C LYS B 62 3.55 -0.57 -13.82
N CYS B 63 4.57 -0.53 -12.96
CA CYS B 63 4.43 -0.66 -11.49
C CYS B 63 3.18 -1.43 -11.07
N THR B 64 3.12 -2.65 -11.58
CA THR B 64 2.00 -3.48 -11.30
C THR B 64 2.46 -4.89 -10.85
N ARG B 65 1.56 -5.58 -10.14
CA ARG B 65 1.84 -6.94 -9.65
C ARG B 65 2.24 -7.79 -10.83
N TYR B 66 1.28 -8.07 -11.72
CA TYR B 66 1.60 -8.82 -12.93
C TYR B 66 0.98 -8.17 -14.14
N ILE B 67 1.50 -8.54 -15.32
CA ILE B 67 1.03 -8.00 -16.63
C ILE B 67 -0.11 -8.84 -17.16
N ASP B 68 0.17 -10.12 -17.43
CA ASP B 68 -0.85 -11.06 -17.88
C ASP B 68 -1.29 -12.02 -16.76
N CYS B 69 -0.48 -12.11 -15.70
CA CYS B 69 -0.78 -12.95 -14.51
C CYS B 69 0.42 -13.31 -13.64
N ASP B 70 0.22 -13.40 -12.33
CA ASP B 70 1.22 -13.73 -11.32
C ASP B 70 2.30 -14.68 -11.81
N LEU B 71 3.46 -14.15 -12.20
CA LEU B 71 4.53 -15.00 -12.74
C LEU B 71 4.81 -16.13 -11.77
N ASN B 72 4.66 -15.78 -10.47
CA ASN B 72 4.90 -16.70 -9.36
C ASN B 72 4.01 -17.90 -9.23
N ARG B 73 3.24 -18.21 -10.26
CA ARG B 73 2.40 -19.38 -10.17
C ARG B 73 2.50 -20.22 -11.43
N ILE B 74 3.50 -19.94 -12.27
CA ILE B 74 3.60 -20.66 -13.52
C ILE B 74 4.78 -21.63 -13.74
N PHE B 75 5.65 -21.76 -12.76
CA PHE B 75 6.78 -22.64 -12.90
C PHE B 75 6.36 -23.99 -12.39
N ASP B 76 6.43 -24.97 -13.31
CA ASP B 76 6.07 -26.37 -13.12
C ASP B 76 5.88 -26.88 -14.58
N LEU B 77 5.83 -28.21 -14.77
CA LEU B 77 5.69 -28.78 -16.11
C LEU B 77 4.33 -28.57 -16.75
N GLU B 78 3.37 -28.06 -15.98
CA GLU B 78 2.05 -27.81 -16.51
C GLU B 78 2.08 -26.52 -17.29
N ASN B 79 3.25 -26.21 -17.84
CA ASN B 79 3.51 -25.00 -18.60
C ASN B 79 4.85 -25.02 -19.30
N LEU B 80 5.92 -25.26 -18.54
CA LEU B 80 7.23 -25.21 -19.14
C LEU B 80 7.31 -26.14 -20.37
N GLY B 81 6.31 -26.99 -20.54
CA GLY B 81 6.31 -27.89 -21.69
C GLY B 81 5.76 -27.40 -23.02
N LYS B 82 4.55 -26.84 -23.01
CA LYS B 82 3.86 -26.35 -24.21
C LYS B 82 4.79 -25.70 -25.27
N LYS B 83 4.42 -25.80 -26.55
CA LYS B 83 5.26 -25.21 -27.62
C LYS B 83 5.10 -23.65 -27.50
N SER B 85 4.87 -19.59 -28.22
CA SER B 85 4.29 -18.68 -29.21
C SER B 85 4.16 -17.24 -28.73
N GLU B 86 4.35 -16.30 -29.65
CA GLU B 86 4.28 -14.88 -29.34
C GLU B 86 2.93 -14.46 -28.76
N ASP B 87 2.00 -15.41 -28.79
CA ASP B 87 0.64 -15.23 -28.27
C ASP B 87 0.56 -15.66 -26.80
N LEU B 88 1.41 -16.60 -26.40
CA LEU B 88 1.43 -17.07 -25.01
C LEU B 88 1.50 -15.89 -24.05
N PRO B 89 0.85 -16.01 -22.88
CA PRO B 89 0.88 -14.91 -21.89
C PRO B 89 2.30 -14.47 -21.50
N TYR B 90 2.53 -13.15 -21.59
CA TYR B 90 3.83 -12.56 -21.25
C TYR B 90 4.64 -13.31 -20.19
N GLU B 91 4.10 -13.43 -18.98
CA GLU B 91 4.86 -14.08 -17.90
C GLU B 91 5.16 -15.60 -18.10
N VAL B 92 4.21 -16.37 -18.64
CA VAL B 92 4.50 -17.76 -18.93
C VAL B 92 5.32 -17.75 -20.24
N ARG B 93 4.91 -16.89 -21.17
CA ARG B 93 5.65 -16.76 -22.40
C ARG B 93 7.01 -16.29 -21.93
N ARG B 94 7.10 -16.07 -20.62
CA ARG B 94 8.33 -15.62 -19.99
C ARG B 94 9.00 -16.79 -19.26
N ALA B 95 8.19 -17.52 -18.49
CA ALA B 95 8.64 -18.64 -17.65
C ALA B 95 9.50 -19.73 -18.28
N GLN B 96 10.06 -19.46 -19.46
CA GLN B 96 10.98 -20.40 -20.10
C GLN B 96 12.40 -19.87 -19.96
N GLU B 97 12.55 -18.60 -20.28
CA GLU B 97 13.79 -17.86 -20.21
C GLU B 97 14.55 -17.88 -18.89
N ILE B 98 13.81 -17.84 -17.79
CA ILE B 98 14.39 -17.88 -16.44
C ILE B 98 14.73 -19.37 -16.19
N ASN B 99 13.81 -20.23 -16.65
CA ASN B 99 13.93 -21.69 -16.53
C ASN B 99 15.07 -22.19 -17.41
N HIS B 100 15.47 -21.36 -18.36
CA HIS B 100 16.57 -21.66 -19.25
C HIS B 100 17.82 -21.10 -18.65
N LEU B 101 17.79 -19.83 -18.25
CA LEU B 101 18.92 -19.15 -17.60
C LEU B 101 19.32 -19.73 -16.24
N PHE B 102 18.35 -20.02 -15.36
CA PHE B 102 18.70 -20.53 -14.03
C PHE B 102 18.23 -21.97 -13.83
N GLY B 103 17.65 -22.52 -14.90
CA GLY B 103 17.14 -23.90 -14.90
C GLY B 103 17.98 -24.91 -15.69
N PRO B 104 17.38 -25.94 -16.31
CA PRO B 104 15.94 -26.22 -16.31
C PRO B 104 15.57 -26.68 -14.90
N LYS B 105 14.25 -26.75 -14.63
CA LYS B 105 13.77 -27.12 -13.30
C LYS B 105 14.00 -28.63 -13.04
N ASP B 106 14.38 -28.96 -11.81
CA ASP B 106 14.56 -30.34 -11.43
C ASP B 106 15.72 -31.05 -12.21
N SER B 107 16.60 -30.27 -12.82
CA SER B 107 17.76 -30.82 -13.53
C SER B 107 19.05 -30.72 -12.68
N GLU B 108 20.06 -31.54 -12.94
CA GLU B 108 21.28 -31.42 -12.12
C GLU B 108 21.95 -30.06 -12.29
N ASP B 109 21.78 -29.44 -13.46
CA ASP B 109 22.41 -28.15 -13.80
C ASP B 109 21.77 -26.87 -13.29
N SER B 110 20.51 -26.95 -12.89
CA SER B 110 19.77 -25.79 -12.40
C SER B 110 20.48 -25.15 -11.24
N TYR B 111 20.22 -23.87 -11.01
CA TYR B 111 20.87 -23.18 -9.90
C TYR B 111 20.71 -23.91 -8.57
N ASP B 112 21.64 -23.67 -7.65
CA ASP B 112 21.58 -24.35 -6.38
C ASP B 112 20.67 -23.68 -5.39
N ILE B 113 20.87 -22.37 -5.23
CA ILE B 113 20.11 -21.55 -4.30
C ILE B 113 19.51 -20.36 -5.01
N ILE B 114 18.19 -20.19 -4.94
CA ILE B 114 17.58 -18.98 -5.50
C ILE B 114 16.80 -18.29 -4.38
N PHE B 115 17.15 -17.04 -4.13
CA PHE B 115 16.45 -16.24 -3.15
C PHE B 115 15.48 -15.38 -3.99
N ASP B 116 14.18 -15.41 -3.71
CA ASP B 116 13.24 -14.59 -4.46
C ASP B 116 12.63 -13.60 -3.48
N LEU B 117 12.95 -12.31 -3.63
CA LEU B 117 12.41 -11.26 -2.73
C LEU B 117 10.92 -10.80 -3.01
N HIS B 118 10.19 -10.53 -1.93
CA HIS B 118 8.80 -10.11 -2.02
C HIS B 118 8.49 -9.18 -0.83
N ASN B 119 7.30 -8.59 -0.83
CA ASN B 119 6.81 -7.70 0.22
C ASN B 119 5.37 -8.06 0.55
N THR B 120 4.88 -7.60 1.70
CA THR B 120 3.50 -7.86 2.05
C THR B 120 2.99 -6.58 2.64
N THR B 121 1.69 -6.34 2.53
CA THR B 121 1.14 -5.14 3.17
C THR B 121 0.95 -5.52 4.63
N SER B 122 0.89 -6.82 4.92
CA SER B 122 0.75 -7.35 6.31
C SER B 122 1.96 -7.04 7.18
N ASN B 123 1.72 -6.80 8.46
CA ASN B 123 2.81 -6.48 9.35
C ASN B 123 3.43 -7.77 9.86
N GLY B 125 6.88 -8.51 9.22
CA GLY B 125 8.32 -8.37 9.41
C GLY B 125 9.17 -9.25 8.51
N CYS B 126 10.23 -9.85 9.08
CA CYS B 126 11.11 -10.68 8.29
C CYS B 126 10.61 -12.09 8.17
N THR B 127 10.21 -12.46 6.95
CA THR B 127 9.70 -13.80 6.74
C THR B 127 10.49 -14.70 5.77
N LEU B 128 10.83 -15.91 6.26
CA LEU B 128 11.49 -16.90 5.41
C LEU B 128 10.39 -17.86 4.99
N ILE B 129 10.31 -18.20 3.72
CA ILE B 129 9.27 -19.14 3.28
C ILE B 129 9.90 -20.46 2.93
N LEU B 130 9.44 -21.51 3.60
CA LEU B 130 9.91 -22.86 3.36
C LEU B 130 8.93 -23.72 2.52
N GLU B 131 9.46 -24.43 1.52
CA GLU B 131 8.62 -25.27 0.68
C GLU B 131 8.95 -26.78 0.77
N ASP B 132 9.24 -27.27 1.99
CA ASP B 132 9.55 -28.68 2.27
C ASP B 132 9.89 -28.85 3.76
N SER B 133 9.13 -29.67 4.49
CA SER B 133 9.39 -29.88 5.92
C SER B 133 10.66 -30.73 6.06
N ARG B 134 10.95 -31.49 5.02
CA ARG B 134 12.12 -32.36 4.96
C ARG B 134 13.18 -31.60 4.14
N ASN B 135 14.12 -30.92 4.80
CA ASN B 135 15.18 -30.22 4.07
C ASN B 135 16.22 -29.66 5.04
N ASN B 136 17.06 -30.54 5.60
CA ASN B 136 18.05 -30.10 6.56
C ASN B 136 18.86 -28.88 6.13
N PHE B 137 19.49 -28.92 4.97
CA PHE B 137 20.26 -27.77 4.51
C PHE B 137 19.50 -26.48 4.74
N LEU B 138 18.32 -26.33 4.13
CA LEU B 138 17.50 -25.11 4.29
C LEU B 138 17.08 -24.81 5.72
N ILE B 139 16.71 -25.85 6.47
CA ILE B 139 16.34 -25.69 7.87
C ILE B 139 17.51 -25.17 8.64
N GLN B 140 18.68 -25.73 8.33
CA GLN B 140 19.94 -25.33 8.93
C GLN B 140 20.05 -23.82 8.77
N PHE B 142 17.77 -21.51 7.84
CA PHE B 142 16.72 -20.75 8.52
C PHE B 142 17.01 -20.65 10.01
N HIS B 143 17.88 -21.51 10.49
CA HIS B 143 18.25 -21.41 11.88
C HIS B 143 19.32 -20.31 12.02
N TYR B 144 20.33 -20.42 11.16
CA TYR B 144 21.44 -19.46 11.16
C TYR B 144 20.97 -17.99 11.10
N ILE B 145 20.23 -17.63 10.03
CA ILE B 145 19.71 -16.28 9.84
C ILE B 145 19.03 -15.77 11.10
N LYS B 146 18.13 -16.60 11.67
CA LYS B 146 17.41 -16.23 12.90
C LYS B 146 18.34 -15.62 13.99
N THR B 147 19.24 -16.46 14.52
CA THR B 147 20.23 -16.09 15.51
C THR B 147 21.15 -14.99 14.98
N SER B 148 21.35 -14.98 13.67
CA SER B 148 22.17 -13.97 13.02
C SER B 148 21.44 -12.64 13.01
N LEU B 149 20.12 -12.67 13.23
CA LEU B 149 19.31 -11.45 13.26
C LEU B 149 18.73 -11.12 14.64
N ALA B 150 18.78 -12.06 15.59
CA ALA B 150 18.23 -11.82 16.94
C ALA B 150 18.83 -10.52 17.44
N PRO B 151 18.09 -9.71 18.19
CA PRO B 151 16.74 -9.71 18.73
C PRO B 151 15.70 -9.31 17.70
N LEU B 152 16.14 -9.17 16.45
CA LEU B 152 15.24 -8.82 15.36
C LEU B 152 14.51 -10.11 15.04
N PRO B 153 13.18 -10.14 15.26
CA PRO B 153 12.33 -11.32 15.01
C PRO B 153 12.34 -11.71 13.54
N CYS B 154 12.28 -13.02 13.28
CA CYS B 154 12.26 -13.52 11.91
C CYS B 154 11.49 -14.81 11.97
N TYR B 155 10.34 -14.85 11.30
CA TYR B 155 9.48 -16.02 11.30
C TYR B 155 9.65 -16.83 10.03
N VAL B 156 9.35 -18.11 10.12
CA VAL B 156 9.45 -19.04 9.00
C VAL B 156 8.05 -19.54 8.68
N TYR B 157 7.61 -19.28 7.44
CA TYR B 157 6.29 -19.68 6.96
C TYR B 157 6.46 -20.97 6.14
N LEU B 158 5.71 -22.05 6.47
CA LEU B 158 5.83 -23.33 5.74
C LEU B 158 4.73 -23.66 4.72
N ILE B 159 5.15 -24.03 3.50
CA ILE B 159 4.18 -24.40 2.47
C ILE B 159 4.29 -25.89 2.19
N GLU B 160 3.16 -26.57 2.00
CA GLU B 160 3.23 -28.02 1.75
C GLU B 160 2.11 -28.61 0.93
N HIS B 161 2.17 -28.47 -0.40
CA HIS B 161 1.10 -28.99 -1.25
C HIS B 161 1.15 -30.49 -1.25
N PRO B 162 0.00 -31.14 -1.04
CA PRO B 162 0.13 -32.59 -1.05
C PRO B 162 0.43 -33.10 -2.48
N SER B 163 0.48 -32.13 -3.40
CA SER B 163 0.84 -32.39 -4.80
C SER B 163 2.34 -32.70 -4.81
N LEU B 164 3.05 -32.13 -3.84
CA LEU B 164 4.48 -32.25 -3.71
C LEU B 164 5.14 -31.42 -4.80
N LYS B 165 4.34 -30.49 -5.33
CA LYS B 165 4.80 -29.60 -6.39
C LYS B 165 4.69 -28.13 -5.94
N TYR B 166 5.70 -27.33 -6.30
CA TYR B 166 5.69 -25.92 -5.98
C TYR B 166 6.00 -25.08 -7.23
N ALA B 167 5.06 -24.22 -7.64
CA ALA B 167 5.21 -23.42 -8.86
C ALA B 167 5.78 -22.04 -8.66
N THR B 168 6.62 -21.86 -7.65
CA THR B 168 7.22 -20.57 -7.42
C THR B 168 8.43 -20.38 -8.35
N THR B 169 8.54 -19.18 -8.91
CA THR B 169 9.65 -18.84 -9.79
C THR B 169 10.92 -19.31 -9.09
N ARG B 170 10.94 -19.29 -7.76
CA ARG B 170 12.13 -19.75 -7.06
C ARG B 170 12.27 -21.28 -7.06
N SER B 171 11.18 -22.00 -7.30
CA SER B 171 11.26 -23.44 -7.27
C SER B 171 12.16 -24.09 -8.33
N ILE B 172 12.83 -23.27 -9.16
CA ILE B 172 13.76 -23.75 -10.18
C ILE B 172 15.00 -24.32 -9.45
N ALA B 173 15.45 -23.56 -8.45
CA ALA B 173 16.59 -23.91 -7.63
C ALA B 173 16.45 -25.27 -6.94
N LYS B 174 17.60 -25.86 -6.57
CA LYS B 174 17.66 -27.13 -5.84
C LYS B 174 17.22 -26.81 -4.40
N TYR B 175 17.46 -25.57 -4.00
CA TYR B 175 17.13 -25.06 -2.69
C TYR B 175 16.52 -23.68 -2.78
N PRO B 176 15.19 -23.60 -2.97
CA PRO B 176 14.43 -22.33 -3.08
C PRO B 176 14.27 -21.63 -1.73
N VAL B 177 14.47 -20.33 -1.71
CA VAL B 177 14.32 -19.59 -0.46
C VAL B 177 13.49 -18.32 -0.69
N GLY B 178 12.41 -18.17 0.08
CA GLY B 178 11.58 -16.99 -0.03
C GLY B 178 11.96 -15.97 1.04
N ILE B 179 12.17 -14.72 0.65
CA ILE B 179 12.47 -13.68 1.62
C ILE B 179 11.42 -12.59 1.46
N GLU B 180 10.45 -12.54 2.38
CA GLU B 180 9.37 -11.57 2.35
C GLU B 180 9.52 -10.62 3.56
N VAL B 181 9.23 -9.35 3.35
CA VAL B 181 9.34 -8.40 4.43
C VAL B 181 8.19 -7.42 4.40
N GLY B 182 7.68 -7.09 5.59
CA GLY B 182 6.55 -6.19 5.72
C GLY B 182 6.51 -5.46 7.06
N PRO B 183 5.49 -4.64 7.27
CA PRO B 183 4.41 -4.41 6.31
C PRO B 183 4.81 -3.34 5.34
N GLN B 184 4.35 -3.41 4.09
CA GLN B 184 4.65 -2.29 3.21
C GLN B 184 3.64 -2.15 2.08
N PRO B 185 3.14 -0.92 1.80
CA PRO B 185 2.17 -0.74 0.71
C PRO B 185 2.80 -0.97 -0.66
N GLN B 186 2.06 -1.60 -1.56
CA GLN B 186 2.60 -1.87 -2.90
C GLN B 186 2.99 -0.55 -3.51
N GLY B 187 4.02 -0.53 -4.33
CA GLY B 187 4.41 0.68 -4.97
C GLY B 187 5.14 1.64 -4.08
N VAL B 188 5.57 1.18 -2.91
CA VAL B 188 6.29 2.10 -2.02
C VAL B 188 7.68 1.57 -1.76
N LEU B 189 8.57 2.40 -1.22
CA LEU B 189 9.92 1.97 -0.92
C LEU B 189 10.39 2.60 0.39
N ARG B 190 10.23 1.90 1.51
CA ARG B 190 10.65 2.40 2.84
C ARG B 190 12.13 2.10 3.14
N ALA B 191 12.92 3.13 3.47
CA ALA B 191 14.34 2.97 3.79
C ALA B 191 14.56 1.80 4.76
N ASP B 192 13.73 1.76 5.81
CA ASP B 192 13.71 0.73 6.89
C ASP B 192 13.53 -0.75 6.42
N ILE B 193 12.35 -1.02 5.86
CA ILE B 193 11.99 -2.33 5.32
C ILE B 193 13.17 -2.90 4.53
N LEU B 194 13.75 -2.06 3.68
CA LEU B 194 14.87 -2.42 2.83
C LEU B 194 16.10 -2.83 3.65
N ASP B 195 16.31 -2.15 4.76
CA ASP B 195 17.44 -2.48 5.60
C ASP B 195 17.39 -3.93 6.17
N GLN B 196 16.16 -4.41 6.38
CA GLN B 196 15.94 -5.74 6.91
C GLN B 196 16.16 -6.78 5.81
N ARG B 198 17.84 -6.70 3.38
CA ARG B 198 19.27 -6.78 3.21
C ARG B 198 20.02 -7.59 4.29
N LYS B 199 19.67 -7.35 5.56
CA LYS B 199 20.28 -8.05 6.69
C LYS B 199 20.12 -9.57 6.55
N ILE B 201 19.63 -11.20 3.67
CA ILE B 201 20.43 -11.55 2.53
C ILE B 201 21.88 -11.68 3.01
N LYS B 202 22.38 -10.70 3.78
CA LYS B 202 23.77 -10.79 4.30
C LYS B 202 23.97 -12.12 5.05
N HIS B 203 23.40 -12.21 6.24
CA HIS B 203 23.51 -13.43 7.02
C HIS B 203 23.31 -14.70 6.20
N ALA B 204 22.34 -14.65 5.29
CA ALA B 204 22.07 -15.77 4.44
C ALA B 204 23.28 -16.03 3.52
N LEU B 205 23.86 -15.00 2.90
CA LEU B 205 25.04 -15.21 2.04
C LEU B 205 26.29 -15.46 2.90
N ASP B 206 26.09 -16.13 4.05
CA ASP B 206 27.15 -16.47 5.02
C ASP B 206 27.23 -17.95 5.32
N PHE B 207 26.12 -18.46 5.86
CA PHE B 207 25.97 -19.86 6.21
C PHE B 207 26.15 -20.72 4.95
N ILE B 208 25.97 -20.11 3.79
CA ILE B 208 26.15 -20.81 2.52
C ILE B 208 27.64 -21.04 2.32
N HIS B 209 28.38 -19.94 2.18
CA HIS B 209 29.81 -20.05 1.97
C HIS B 209 30.46 -20.83 3.12
N HIS B 210 29.92 -20.64 4.33
CA HIS B 210 30.39 -21.32 5.55
C HIS B 210 30.17 -22.83 5.37
N PHE B 211 29.18 -23.17 4.56
CA PHE B 211 28.83 -24.55 4.23
C PHE B 211 29.89 -25.03 3.26
N ASN B 212 30.14 -24.18 2.26
CA ASN B 212 31.10 -24.48 1.23
C ASN B 212 32.55 -24.49 1.72
N GLU B 213 32.82 -23.82 2.85
CA GLU B 213 34.15 -23.79 3.46
C GLU B 213 34.02 -24.49 4.81
N GLY B 214 33.36 -25.67 4.81
CA GLY B 214 33.14 -26.53 5.97
C GLY B 214 33.09 -26.09 7.44
N LYS B 215 32.08 -25.34 7.84
CA LYS B 215 31.97 -24.93 9.24
C LYS B 215 31.30 -26.01 10.13
N GLU B 216 31.36 -25.80 11.46
CA GLU B 216 30.68 -26.67 12.41
C GLU B 216 29.22 -26.27 12.24
N PHE B 217 28.36 -27.27 12.02
CA PHE B 217 26.93 -27.10 11.82
C PHE B 217 26.19 -28.29 12.44
N PRO B 218 25.93 -28.25 13.75
CA PRO B 218 25.25 -29.31 14.49
C PRO B 218 23.75 -29.41 14.27
N PRO B 219 23.15 -30.48 14.78
CA PRO B 219 21.69 -30.67 14.63
C PRO B 219 21.04 -29.40 15.16
N CYS B 220 19.87 -29.03 14.62
CA CYS B 220 19.17 -27.81 15.08
C CYS B 220 17.65 -27.85 15.00
N ALA B 221 17.04 -26.73 15.38
CA ALA B 221 15.59 -26.66 15.33
C ALA B 221 15.08 -25.22 15.21
N ILE B 222 13.94 -25.04 14.49
CA ILE B 222 13.33 -23.71 14.40
C ILE B 222 11.79 -23.76 14.39
N GLU B 223 11.14 -22.62 14.67
CA GLU B 223 9.66 -22.59 14.67
C GLU B 223 9.19 -22.32 13.23
N VAL B 224 8.11 -22.96 12.82
CA VAL B 224 7.56 -22.76 11.48
C VAL B 224 6.04 -22.71 11.51
N TYR B 225 5.42 -21.87 10.67
CA TYR B 225 3.95 -21.84 10.64
C TYR B 225 3.50 -22.30 9.25
N LYS B 226 2.93 -23.50 9.16
CA LYS B 226 2.49 -24.08 7.91
C LYS B 226 1.09 -23.61 7.59
N ILE B 227 0.82 -23.38 6.31
CA ILE B 227 -0.52 -22.94 5.97
C ILE B 227 -1.44 -24.17 5.92
N ILE B 228 -2.66 -23.98 6.46
CA ILE B 228 -3.70 -25.02 6.51
C ILE B 228 -4.96 -24.49 5.86
N GLU B 229 -5.10 -23.17 5.79
CA GLU B 229 -6.32 -22.59 5.19
C GLU B 229 -6.38 -21.09 4.82
N LYS B 230 -7.18 -20.78 3.80
CA LYS B 230 -7.42 -19.39 3.45
C LYS B 230 -8.71 -19.05 4.23
N VAL B 231 -8.71 -18.00 5.05
CA VAL B 231 -9.94 -17.60 5.77
C VAL B 231 -10.46 -16.31 5.15
N ASP B 232 -11.70 -16.31 4.65
CA ASP B 232 -12.27 -15.13 4.01
C ASP B 232 -13.17 -14.19 4.87
N TYR B 233 -13.44 -12.99 4.35
CA TYR B 233 -14.28 -11.99 5.00
C TYR B 233 -15.75 -12.44 4.88
N PRO B 234 -16.64 -11.89 5.73
CA PRO B 234 -18.06 -12.22 5.69
C PRO B 234 -18.74 -11.55 4.50
N ARG B 235 -18.96 -12.29 3.40
CA ARG B 235 -19.58 -11.70 2.21
C ARG B 235 -21.05 -11.27 2.43
N ASP B 236 -22.00 -11.94 1.77
CA ASP B 236 -23.44 -11.67 1.90
C ASP B 236 -24.27 -12.15 0.69
N GLU B 237 -25.61 -12.13 0.78
CA GLU B 237 -26.46 -12.61 -0.31
C GLU B 237 -25.79 -12.25 -1.65
N ASN B 238 -25.17 -11.07 -1.72
CA ASN B 238 -24.46 -10.62 -2.91
C ASN B 238 -22.96 -10.54 -2.66
N GLY B 239 -22.37 -11.65 -2.19
CA GLY B 239 -20.94 -11.74 -1.89
C GLY B 239 -20.26 -10.41 -1.64
N GLU B 240 -20.21 -9.95 -0.39
CA GLU B 240 -19.61 -8.65 -0.08
C GLU B 240 -19.21 -8.38 1.38
N ILE B 241 -17.99 -7.88 1.56
CA ILE B 241 -17.47 -7.56 2.89
C ILE B 241 -18.41 -6.71 3.78
N ALA B 242 -18.74 -7.30 4.94
CA ALA B 242 -19.63 -6.74 5.94
C ALA B 242 -18.95 -6.11 7.13
N ALA B 243 -17.70 -6.55 7.37
CA ALA B 243 -16.86 -6.04 8.46
C ALA B 243 -15.40 -5.77 7.95
N ILE B 244 -14.56 -5.09 8.72
CA ILE B 244 -13.20 -4.84 8.23
C ILE B 244 -12.12 -5.39 9.17
N ILE B 245 -10.88 -5.61 8.71
CA ILE B 245 -9.93 -6.08 9.73
C ILE B 245 -9.73 -5.06 10.90
N HIS B 246 -10.31 -5.59 11.99
CA HIS B 246 -10.46 -5.08 13.35
C HIS B 246 -9.20 -4.92 14.19
N PRO B 247 -9.20 -3.98 15.13
CA PRO B 247 -8.09 -3.69 16.03
C PRO B 247 -7.28 -4.80 16.75
N ASN B 248 -7.94 -5.88 17.18
CA ASN B 248 -7.25 -7.01 17.86
C ASN B 248 -6.57 -7.84 16.73
N LEU B 249 -7.25 -8.11 15.62
CA LEU B 249 -6.61 -8.91 14.58
C LEU B 249 -5.55 -8.16 13.77
N GLN B 250 -5.94 -6.99 13.27
CA GLN B 250 -5.08 -6.13 12.45
C GLN B 250 -3.65 -6.02 12.93
N ASP B 251 -2.72 -6.17 11.98
CA ASP B 251 -1.29 -6.09 12.25
C ASP B 251 -0.94 -6.96 13.43
N GLN B 252 -1.53 -8.16 13.47
CA GLN B 252 -1.32 -9.14 14.53
C GLN B 252 -0.92 -10.53 14.04
N ASP B 253 -0.32 -10.60 12.85
CA ASP B 253 0.14 -11.87 12.30
C ASP B 253 1.11 -12.42 13.32
N TRP B 254 1.31 -13.74 13.27
CA TRP B 254 2.26 -14.47 14.15
C TRP B 254 1.81 -14.63 15.59
N LYS B 255 1.00 -13.69 16.09
CA LYS B 255 0.50 -13.71 17.47
C LYS B 255 -0.75 -14.59 17.53
N PRO B 256 -0.92 -15.34 18.62
CA PRO B 256 -2.00 -16.27 18.95
C PRO B 256 -3.43 -15.75 18.89
N LEU B 257 -4.32 -16.50 18.22
CA LEU B 257 -5.71 -16.08 18.13
C LEU B 257 -6.65 -17.17 18.70
N HIS B 258 -7.27 -16.83 19.82
CA HIS B 258 -8.18 -17.71 20.53
C HIS B 258 -9.60 -17.72 19.92
N PRO B 259 -10.45 -18.65 20.38
CA PRO B 259 -11.83 -18.79 19.89
C PRO B 259 -12.78 -17.62 19.88
N GLY B 260 -12.86 -16.89 20.97
CA GLY B 260 -13.76 -15.74 20.92
C GLY B 260 -12.92 -14.51 20.75
N ASP B 261 -11.73 -14.68 20.17
CA ASP B 261 -10.79 -13.58 19.98
C ASP B 261 -11.31 -12.56 19.02
N PRO B 262 -11.12 -11.28 19.37
CA PRO B 262 -11.61 -10.23 18.48
C PRO B 262 -10.99 -10.42 17.09
N PHE B 264 -13.20 -9.38 14.19
CA PHE B 264 -13.89 -8.35 13.42
C PHE B 264 -14.59 -7.22 14.17
N LEU B 265 -15.26 -6.37 13.41
CA LEU B 265 -15.95 -5.21 13.95
C LEU B 265 -16.83 -4.63 12.87
N THR B 266 -17.75 -3.77 13.25
CA THR B 266 -18.56 -3.12 12.25
C THR B 266 -18.72 -1.61 12.56
N LEU B 267 -19.67 -1.03 11.85
CA LEU B 267 -19.98 0.36 12.03
C LEU B 267 -21.07 0.34 13.11
N ASP B 268 -21.21 -0.81 13.76
CA ASP B 268 -22.18 -1.04 14.83
C ASP B 268 -21.61 -1.67 16.13
N GLY B 269 -20.43 -2.32 16.04
CA GLY B 269 -19.79 -2.91 17.21
C GLY B 269 -19.59 -4.42 17.39
N LYS B 270 -20.54 -5.21 16.87
CA LYS B 270 -20.54 -6.68 16.95
C LYS B 270 -19.26 -7.25 16.36
N THR B 271 -18.39 -7.74 17.24
CA THR B 271 -17.12 -8.31 16.83
C THR B 271 -17.39 -9.75 16.45
N ILE B 272 -17.34 -10.10 15.17
CA ILE B 272 -17.54 -11.48 14.83
C ILE B 272 -16.31 -12.03 15.48
N PRO B 273 -16.44 -13.10 16.28
CA PRO B 273 -15.39 -13.80 17.04
C PRO B 273 -14.78 -14.94 16.22
N LEU B 274 -13.58 -15.36 16.60
CA LEU B 274 -12.92 -16.43 15.87
C LEU B 274 -13.74 -17.74 15.71
N GLY B 275 -13.89 -18.49 16.78
CA GLY B 275 -14.60 -19.74 16.66
C GLY B 275 -13.65 -20.92 16.73
N GLY B 276 -14.20 -22.13 16.60
CA GLY B 276 -13.35 -23.30 16.70
C GLY B 276 -12.88 -23.37 18.15
N ASP B 277 -12.06 -24.37 18.49
CA ASP B 277 -11.61 -24.52 19.87
C ASP B 277 -10.10 -24.73 20.06
N CYS B 278 -9.37 -23.62 20.19
CA CYS B 278 -7.92 -23.60 20.36
C CYS B 278 -7.33 -22.23 19.98
N THR B 279 -6.01 -22.13 20.04
CA THR B 279 -5.31 -20.92 19.67
C THR B 279 -4.68 -21.07 18.31
N VAL B 280 -5.10 -20.19 17.40
CA VAL B 280 -4.59 -20.24 16.07
C VAL B 280 -3.66 -19.06 15.83
N TYR B 281 -2.94 -19.09 14.72
CA TYR B 281 -2.03 -18.01 14.39
C TYR B 281 -2.36 -17.68 12.95
N PRO B 282 -2.57 -16.38 12.68
CA PRO B 282 -2.90 -15.88 11.35
C PRO B 282 -1.73 -15.10 10.77
N VAL B 283 -1.45 -15.32 9.50
CA VAL B 283 -0.39 -14.58 8.86
C VAL B 283 -1.01 -14.05 7.57
N PHE B 284 -0.43 -12.97 7.03
CA PHE B 284 -0.93 -12.37 5.83
C PHE B 284 -2.29 -11.70 6.11
N VAL B 285 -2.43 -11.27 7.36
CA VAL B 285 -3.60 -10.55 7.84
C VAL B 285 -3.64 -9.22 7.09
N ASN B 286 -4.67 -9.08 6.27
CA ASN B 286 -4.97 -7.89 5.48
C ASN B 286 -4.03 -7.59 4.33
N GLU B 287 -3.70 -8.60 3.53
CA GLU B 287 -2.79 -8.41 2.39
C GLU B 287 -3.55 -7.90 1.14
N ALA B 288 -2.98 -6.91 0.44
CA ALA B 288 -3.63 -6.38 -0.76
C ALA B 288 -3.99 -7.48 -1.76
N ALA B 289 -3.05 -8.37 -2.06
CA ALA B 289 -3.31 -9.43 -3.01
C ALA B 289 -4.30 -10.49 -2.46
N TYR B 290 -4.71 -10.33 -1.21
CA TYR B 290 -5.64 -11.26 -0.63
C TYR B 290 -7.11 -10.96 -0.96
N TYR B 291 -7.50 -9.68 -1.09
CA TYR B 291 -8.88 -9.40 -1.46
C TYR B 291 -9.11 -10.13 -2.76
N GLU B 292 -8.32 -9.75 -3.77
CA GLU B 292 -8.37 -10.41 -5.07
C GLU B 292 -8.98 -11.80 -4.85
N LYS B 293 -8.15 -12.70 -4.33
CA LYS B 293 -8.49 -14.09 -4.04
C LYS B 293 -9.43 -14.37 -2.85
N LYS B 294 -10.40 -13.48 -2.55
CA LYS B 294 -11.32 -13.66 -1.40
C LYS B 294 -10.68 -14.20 -0.08
N GLU B 295 -9.93 -13.36 0.63
CA GLU B 295 -9.28 -13.82 1.85
C GLU B 295 -8.85 -12.72 2.80
N ALA B 296 -9.23 -12.87 4.05
CA ALA B 296 -8.90 -11.91 5.06
C ALA B 296 -7.56 -12.31 5.67
N PHE B 297 -7.33 -13.63 5.77
CA PHE B 297 -6.08 -14.16 6.32
C PHE B 297 -6.05 -15.68 6.17
N ALA B 298 -5.07 -16.31 6.81
CA ALA B 298 -4.92 -17.79 6.81
C ALA B 298 -4.95 -18.42 8.25
N LYS B 299 -5.31 -19.69 8.31
CA LYS B 299 -5.30 -20.44 9.57
C LYS B 299 -4.06 -21.30 9.38
N THR B 300 -3.11 -21.16 10.30
CA THR B 300 -1.86 -21.92 10.23
C THR B 300 -1.66 -22.66 11.53
N THR B 301 -1.00 -23.81 11.47
CA THR B 301 -0.71 -24.55 12.70
C THR B 301 0.76 -24.41 13.01
N LYS B 302 1.10 -24.10 14.26
CA LYS B 302 2.51 -23.91 14.57
C LYS B 302 3.18 -25.24 14.89
N LEU B 303 4.25 -25.57 14.18
CA LEU B 303 4.94 -26.81 14.41
C LEU B 303 6.46 -26.69 14.43
N THR B 304 7.14 -27.66 15.05
CA THR B 304 8.61 -27.59 15.10
C THR B 304 9.31 -28.48 14.10
N LEU B 305 10.29 -27.93 13.42
CA LEU B 305 11.04 -28.72 12.48
C LEU B 305 12.42 -28.92 13.13
N ASN B 306 12.88 -30.17 13.06
CA ASN B 306 14.19 -30.56 13.61
C ASN B 306 15.10 -30.93 12.45
N ALA B 307 16.30 -30.35 12.37
CA ALA B 307 17.20 -30.72 11.29
C ALA B 307 18.45 -31.45 11.76
N LYS B 308 18.93 -32.36 10.92
CA LYS B 308 20.17 -33.11 11.20
C LYS B 308 21.31 -32.10 10.98
N SER B 309 22.55 -32.53 11.16
CA SER B 309 23.68 -31.65 10.91
C SER B 309 24.09 -31.85 9.48
N ILE B 310 24.76 -30.89 8.86
CA ILE B 310 25.18 -31.04 7.46
C ILE B 310 26.69 -30.83 7.42
N ARG B 311 27.28 -31.10 6.24
CA ARG B 311 28.72 -30.92 6.02
C ARG B 311 29.01 -30.87 4.50
N CYS B 312 30.07 -30.20 4.06
CA CYS B 312 30.37 -30.20 2.62
C CYS B 312 31.77 -30.77 2.36
N GLU A 11 -25.98 29.70 3.88
CA GLU A 11 -27.43 30.11 3.95
C GLU A 11 -28.41 28.92 3.97
N HIS A 12 -28.80 28.45 2.79
CA HIS A 12 -29.71 27.32 2.70
C HIS A 12 -28.98 26.17 1.99
N ILE A 13 -28.33 25.31 2.78
CA ILE A 13 -27.58 24.15 2.28
C ILE A 13 -28.47 22.95 2.02
N GLN A 14 -28.82 22.73 0.75
CA GLN A 14 -29.70 21.64 0.33
C GLN A 14 -28.97 20.46 -0.34
N LYS A 15 -28.82 20.55 -1.67
CA LYS A 15 -28.20 19.49 -2.47
C LYS A 15 -26.79 19.08 -1.93
N VAL A 16 -26.73 18.07 -1.06
CA VAL A 16 -25.43 17.64 -0.50
C VAL A 16 -24.88 16.27 -0.93
N ALA A 17 -23.62 16.23 -1.32
CA ALA A 17 -23.00 14.97 -1.74
C ALA A 17 -21.67 14.61 -1.07
N ILE A 18 -21.49 13.31 -0.90
CA ILE A 18 -20.25 12.74 -0.37
C ILE A 18 -19.83 11.77 -1.46
N PHE A 19 -18.71 12.08 -2.11
CA PHE A 19 -18.14 11.26 -3.18
C PHE A 19 -17.11 10.26 -2.67
N GLY A 20 -17.29 9.00 -3.10
CA GLY A 20 -16.35 7.94 -2.74
C GLY A 20 -15.93 7.15 -3.98
N GLY A 21 -14.65 6.78 -4.06
CA GLY A 21 -14.18 6.02 -5.20
C GLY A 21 -13.63 6.90 -6.30
N THR A 22 -13.34 8.17 -6.01
CA THR A 22 -12.75 9.02 -7.05
C THR A 22 -11.53 8.24 -7.57
N HIS A 23 -10.86 7.52 -6.66
CA HIS A 23 -9.76 6.61 -7.04
C HIS A 23 -10.13 5.26 -6.44
N GLY A 24 -10.16 4.26 -7.29
CA GLY A 24 -10.49 2.92 -6.86
C GLY A 24 -9.45 2.37 -5.90
N ASN A 25 -8.17 2.56 -6.14
CA ASN A 25 -7.25 2.00 -5.19
C ASN A 25 -7.29 2.66 -3.82
N GLU A 26 -8.39 3.38 -3.51
CA GLU A 26 -8.64 4.06 -2.20
C GLU A 26 -10.10 3.71 -1.68
N LEU A 27 -10.23 2.56 -1.00
CA LEU A 27 -11.49 1.98 -0.52
C LEU A 27 -12.32 2.54 0.63
N THR A 28 -11.70 3.16 1.64
CA THR A 28 -12.52 3.61 2.78
C THR A 28 -13.91 4.17 2.39
N GLY A 29 -13.93 5.35 1.78
CA GLY A 29 -15.23 5.90 1.39
C GLY A 29 -16.07 5.01 0.46
N VAL A 30 -15.40 4.06 -0.21
CA VAL A 30 -16.06 3.13 -1.11
C VAL A 30 -17.04 2.32 -0.26
N PHE A 31 -16.52 1.55 0.69
CA PHE A 31 -17.39 0.79 1.59
C PHE A 31 -18.40 1.69 2.36
N LEU A 32 -17.99 2.91 2.67
CA LEU A 32 -18.84 3.86 3.36
C LEU A 32 -19.96 4.32 2.43
N VAL A 33 -19.62 4.87 1.26
CA VAL A 33 -20.65 5.33 0.34
C VAL A 33 -21.58 4.19 -0.08
N LYS A 34 -21.07 2.96 0.00
CA LYS A 34 -21.86 1.79 -0.31
C LYS A 34 -22.67 1.31 0.92
N HIS A 35 -22.19 1.63 2.12
CA HIS A 35 -22.90 1.30 3.34
C HIS A 35 -24.11 2.28 3.45
N TRP A 36 -23.81 3.56 3.24
CA TRP A 36 -24.80 4.61 3.29
C TRP A 36 -25.86 4.43 2.22
N LEU A 37 -25.46 4.09 0.99
CA LEU A 37 -26.44 3.86 -0.05
C LEU A 37 -27.35 2.78 0.48
N GLU A 38 -26.81 1.87 1.30
CA GLU A 38 -27.65 0.82 1.82
C GLU A 38 -28.56 1.41 2.91
N ASN A 39 -28.05 2.38 3.66
CA ASN A 39 -28.80 3.06 4.72
C ASN A 39 -28.03 4.31 5.21
N GLY A 40 -28.49 5.48 4.73
CA GLY A 40 -27.88 6.76 5.04
C GLY A 40 -28.12 7.51 6.35
N ALA A 41 -28.94 6.95 7.22
CA ALA A 41 -29.23 7.54 8.53
C ALA A 41 -28.05 8.29 9.11
N GLU A 42 -26.90 7.63 9.10
CA GLU A 42 -25.61 8.10 9.62
C GLU A 42 -25.09 9.39 8.98
N ILE A 43 -25.48 9.62 7.73
CA ILE A 43 -25.04 10.83 7.04
C ILE A 43 -26.22 11.72 6.67
N GLN A 44 -27.36 11.50 7.33
CA GLN A 44 -28.56 12.30 7.14
C GLN A 44 -28.74 13.20 8.36
N ARG A 45 -29.26 14.39 8.17
CA ARG A 45 -29.50 15.25 9.32
C ARG A 45 -30.94 15.78 9.35
N THR A 46 -31.41 16.14 10.53
CA THR A 46 -32.75 16.70 10.58
C THR A 46 -32.58 17.92 9.69
N GLY A 47 -33.40 17.99 8.65
CA GLY A 47 -33.33 19.08 7.71
C GLY A 47 -31.97 19.10 7.04
N LEU A 48 -31.80 18.24 6.03
CA LEU A 48 -30.54 18.13 5.27
C LEU A 48 -30.56 16.99 4.24
N GLU A 49 -30.41 17.29 2.96
CA GLU A 49 -30.39 16.22 1.94
C GLU A 49 -28.93 15.98 1.50
N VAL A 50 -28.46 14.77 1.84
CA VAL A 50 -27.10 14.26 1.62
C VAL A 50 -27.01 13.00 0.78
N LYS A 51 -26.55 13.13 -0.47
CA LYS A 51 -26.46 11.98 -1.35
C LYS A 51 -25.03 11.38 -1.43
N PRO A 52 -24.87 10.10 -1.03
CA PRO A 52 -23.60 9.40 -1.08
C PRO A 52 -23.42 8.83 -2.49
N PHE A 53 -22.47 9.39 -3.22
CA PHE A 53 -22.22 8.99 -4.60
C PHE A 53 -20.87 8.31 -4.76
N ILE A 54 -20.87 7.20 -5.51
CA ILE A 54 -19.64 6.45 -5.80
C ILE A 54 -19.23 6.98 -7.14
N THR A 55 -18.21 7.84 -7.19
CA THR A 55 -17.77 8.48 -8.46
C THR A 55 -17.17 7.68 -9.63
N ASN A 56 -16.17 6.84 -9.37
CA ASN A 56 -15.59 6.05 -10.46
C ASN A 56 -15.91 4.57 -10.30
N PRO A 57 -17.14 4.16 -10.68
CA PRO A 57 -17.60 2.78 -10.57
C PRO A 57 -16.65 1.79 -11.15
N ARG A 58 -16.11 2.11 -12.31
CA ARG A 58 -15.19 1.21 -12.96
C ARG A 58 -13.80 1.13 -12.27
N ALA A 59 -13.30 2.27 -11.78
CA ALA A 59 -12.00 2.26 -11.11
C ALA A 59 -12.11 1.80 -9.65
N VAL A 60 -13.34 1.67 -9.14
CA VAL A 60 -13.52 1.18 -7.77
C VAL A 60 -13.39 -0.33 -7.85
N LYS A 61 -14.03 -0.88 -8.88
CA LYS A 61 -14.11 -2.32 -9.19
C LYS A 61 -12.87 -3.13 -9.57
N LYS A 62 -12.00 -2.58 -10.41
CA LYS A 62 -10.78 -3.24 -10.87
C LYS A 62 -9.59 -2.87 -9.99
N CYS A 63 -9.88 -2.17 -8.88
CA CYS A 63 -8.86 -1.52 -8.03
C CYS A 63 -7.81 -1.01 -8.96
N THR A 64 -8.02 0.18 -9.48
CA THR A 64 -7.07 0.74 -10.37
C THR A 64 -7.18 2.16 -9.89
N ARG A 65 -6.12 2.98 -9.95
CA ARG A 65 -6.27 4.36 -9.46
C ARG A 65 -7.33 4.98 -10.33
N TYR A 66 -7.38 4.49 -11.55
CA TYR A 66 -8.36 4.88 -12.55
C TYR A 66 -8.34 3.87 -13.74
N ILE A 67 -9.17 4.09 -14.76
CA ILE A 67 -9.16 3.18 -15.92
C ILE A 67 -8.14 3.66 -16.95
N ASP A 68 -8.25 4.91 -17.39
CA ASP A 68 -7.33 5.54 -18.35
C ASP A 68 -7.74 7.01 -18.28
N CYS A 69 -7.72 7.58 -17.09
CA CYS A 69 -8.09 8.99 -16.97
C CYS A 69 -8.21 9.41 -15.52
N ASP A 70 -7.13 9.89 -14.95
CA ASP A 70 -7.23 10.32 -13.56
C ASP A 70 -8.46 11.16 -13.40
N LEU A 71 -9.58 10.51 -13.05
CA LEU A 71 -10.86 11.20 -12.86
C LEU A 71 -10.80 12.06 -11.66
N ASN A 72 -9.70 12.82 -11.57
CA ASN A 72 -9.48 13.77 -10.50
C ASN A 72 -8.81 15.09 -10.92
N ARG A 73 -8.27 15.13 -12.14
CA ARG A 73 -7.58 16.34 -12.60
C ARG A 73 -8.23 16.87 -13.88
N ILE A 74 -9.50 16.56 -14.02
CA ILE A 74 -10.25 16.89 -15.21
C ILE A 74 -11.62 17.56 -14.98
N PHE A 75 -11.91 18.03 -13.77
CA PHE A 75 -13.19 18.68 -13.56
C PHE A 75 -13.04 20.19 -13.85
N ASP A 76 -12.86 20.46 -15.13
CA ASP A 76 -12.67 21.79 -15.61
C ASP A 76 -12.90 21.90 -17.14
N LEU A 77 -12.91 23.15 -17.61
CA LEU A 77 -13.19 23.49 -18.99
C LEU A 77 -12.45 22.71 -20.08
N GLU A 78 -11.17 22.38 -19.83
CA GLU A 78 -10.34 21.61 -20.76
C GLU A 78 -10.99 20.28 -21.07
N ASN A 79 -11.50 19.63 -20.03
CA ASN A 79 -12.10 18.32 -20.20
C ASN A 79 -13.58 18.34 -20.29
N LEU A 80 -14.19 19.03 -19.33
CA LEU A 80 -15.64 19.14 -19.29
C LEU A 80 -16.07 19.66 -20.65
N GLY A 81 -15.46 20.75 -21.08
CA GLY A 81 -15.82 21.34 -22.37
C GLY A 81 -15.81 20.51 -23.64
N LYS A 82 -15.46 19.24 -23.55
CA LYS A 82 -15.43 18.39 -24.74
C LYS A 82 -16.80 17.78 -25.08
N LYS A 83 -16.91 17.25 -26.29
CA LYS A 83 -18.16 16.65 -26.82
C LYS A 83 -18.34 15.18 -26.39
N SER A 85 -18.68 11.52 -26.36
CA SER A 85 -18.47 10.52 -27.40
C SER A 85 -17.77 9.24 -26.93
N GLU A 86 -17.76 8.27 -27.84
CA GLU A 86 -17.16 6.98 -27.55
C GLU A 86 -15.67 6.93 -27.84
N ASP A 87 -14.98 8.07 -27.92
CA ASP A 87 -13.55 7.99 -28.21
C ASP A 87 -12.64 8.61 -27.15
N LEU A 88 -13.15 9.48 -26.28
CA LEU A 88 -12.28 10.05 -25.24
C LEU A 88 -12.04 9.00 -24.13
N PRO A 89 -11.03 9.23 -23.26
CA PRO A 89 -10.75 8.29 -22.17
C PRO A 89 -12.01 7.97 -21.35
N TYR A 90 -11.92 6.98 -20.47
CA TYR A 90 -13.08 6.59 -19.68
C TYR A 90 -13.62 7.61 -18.63
N GLU A 91 -12.76 8.09 -17.71
CA GLU A 91 -13.25 9.02 -16.70
C GLU A 91 -13.57 10.43 -17.26
N VAL A 92 -12.88 10.86 -18.33
CA VAL A 92 -13.22 12.16 -18.88
C VAL A 92 -14.76 12.17 -19.08
N ARG A 93 -15.20 11.30 -19.98
CA ARG A 93 -16.61 11.12 -20.25
C ARG A 93 -17.32 11.15 -18.87
N ARG A 94 -16.86 10.32 -17.94
CA ARG A 94 -17.45 10.21 -16.62
C ARG A 94 -17.46 11.61 -15.96
N ALA A 95 -16.42 12.42 -16.22
CA ALA A 95 -16.31 13.78 -15.67
C ALA A 95 -17.39 14.67 -16.33
N GLN A 96 -17.61 14.43 -17.62
CA GLN A 96 -18.62 15.18 -18.32
C GLN A 96 -19.96 14.84 -17.69
N GLU A 97 -20.22 13.53 -17.66
CA GLU A 97 -21.45 12.98 -17.08
C GLU A 97 -21.65 13.46 -15.63
N ILE A 98 -20.57 13.46 -14.84
CA ILE A 98 -20.66 13.90 -13.45
C ILE A 98 -21.09 15.40 -13.29
N ASN A 99 -20.81 16.22 -14.30
CA ASN A 99 -21.20 17.62 -14.22
C ASN A 99 -22.73 17.85 -14.22
N HIS A 100 -23.49 16.97 -14.89
CA HIS A 100 -24.95 17.14 -14.90
C HIS A 100 -25.58 16.81 -13.56
N LEU A 101 -25.15 15.73 -12.92
CA LEU A 101 -25.69 15.41 -11.62
C LEU A 101 -25.38 16.40 -10.46
N PHE A 102 -24.18 17.01 -10.43
CA PHE A 102 -23.84 17.90 -9.30
C PHE A 102 -23.26 19.28 -9.77
N GLY A 103 -22.89 19.33 -11.05
CA GLY A 103 -22.33 20.55 -11.60
C GLY A 103 -23.46 21.38 -12.15
N PRO A 104 -23.19 22.24 -13.13
CA PRO A 104 -21.88 22.47 -13.73
C PRO A 104 -20.97 23.22 -12.76
N LYS A 105 -19.72 22.73 -12.57
CA LYS A 105 -18.73 23.39 -11.66
C LYS A 105 -18.86 24.91 -11.68
N ASP A 106 -19.25 25.56 -10.58
CA ASP A 106 -19.30 27.04 -10.58
C ASP A 106 -20.58 27.64 -11.21
N SER A 107 -21.73 27.35 -10.62
CA SER A 107 -23.00 27.82 -11.14
C SER A 107 -24.11 27.64 -10.10
N GLU A 108 -25.33 28.04 -10.50
CA GLU A 108 -26.50 27.91 -9.66
C GLU A 108 -26.94 26.47 -9.85
N ASP A 109 -26.64 25.95 -11.04
CA ASP A 109 -26.97 24.58 -11.34
C ASP A 109 -26.12 23.72 -10.36
N SER A 110 -25.35 24.38 -9.47
CA SER A 110 -24.45 23.67 -8.54
C SER A 110 -24.94 23.09 -7.21
N TYR A 111 -24.32 21.98 -6.83
CA TYR A 111 -24.62 21.26 -5.59
C TYR A 111 -24.17 22.02 -4.35
N ASP A 112 -24.85 21.78 -3.24
CA ASP A 112 -24.50 22.47 -2.01
C ASP A 112 -23.07 22.26 -1.64
N ILE A 113 -22.78 21.14 -0.97
CA ILE A 113 -21.40 20.81 -0.59
C ILE A 113 -20.87 19.64 -1.42
N ILE A 114 -19.55 19.53 -1.50
CA ILE A 114 -18.94 18.39 -2.18
C ILE A 114 -17.77 17.89 -1.32
N PHE A 115 -18.02 16.83 -0.54
CA PHE A 115 -17.01 16.15 0.33
C PHE A 115 -16.44 14.96 -0.47
N ASP A 116 -15.20 15.02 -0.96
CA ASP A 116 -14.65 13.85 -1.67
C ASP A 116 -13.73 13.03 -0.71
N LEU A 117 -14.05 11.75 -0.52
CA LEU A 117 -13.26 10.88 0.34
C LEU A 117 -12.04 10.26 -0.40
N HIS A 118 -10.88 10.38 0.23
CA HIS A 118 -9.64 9.84 -0.29
C HIS A 118 -8.80 9.11 0.79
N ASN A 119 -7.72 8.47 0.34
CA ASN A 119 -6.82 7.77 1.24
C ASN A 119 -5.40 7.84 0.75
N THR A 120 -4.47 8.09 1.69
CA THR A 120 -3.04 8.19 1.38
C THR A 120 -2.22 7.10 2.03
N THR A 121 -1.04 6.83 1.48
CA THR A 121 -0.16 5.82 2.05
C THR A 121 0.76 6.53 3.03
N SER A 122 0.68 7.87 3.04
CA SER A 122 1.46 8.67 3.97
C SER A 122 0.77 8.68 5.37
N ASN A 123 1.57 8.93 6.40
CA ASN A 123 1.08 8.95 7.78
C ASN A 123 0.63 10.33 8.28
N GLY A 125 -2.85 10.85 9.20
CA GLY A 125 -4.07 10.74 9.96
C GLY A 125 -5.25 11.39 9.29
N CYS A 126 -5.85 12.41 9.95
CA CYS A 126 -7.01 13.12 9.37
C CYS A 126 -6.56 14.42 8.74
N THR A 127 -6.94 14.61 7.48
CA THR A 127 -6.59 15.83 6.77
C THR A 127 -7.78 16.42 6.02
N LEU A 128 -7.93 17.74 6.12
CA LEU A 128 -8.98 18.46 5.42
C LEU A 128 -8.23 19.32 4.40
N ILE A 129 -8.72 19.35 3.16
CA ILE A 129 -8.05 20.15 2.15
C ILE A 129 -8.92 21.31 1.62
N LEU A 130 -8.37 22.52 1.59
CA LEU A 130 -9.10 23.66 1.10
C LEU A 130 -8.41 24.23 -0.14
N GLU A 131 -9.16 24.64 -1.17
CA GLU A 131 -8.53 25.19 -2.38
C GLU A 131 -8.26 26.72 -2.29
N ASP A 132 -9.28 27.54 -1.99
CA ASP A 132 -9.07 28.99 -1.80
C ASP A 132 -9.08 29.15 -0.28
N SER A 133 -8.24 30.04 0.26
CA SER A 133 -8.15 30.25 1.70
C SER A 133 -9.11 31.33 2.18
N ARG A 134 -10.33 31.26 1.67
CA ARG A 134 -11.42 32.17 2.01
C ARG A 134 -12.74 31.37 1.76
N ASN A 135 -13.78 31.65 2.55
CA ASN A 135 -15.12 31.01 2.50
C ASN A 135 -15.45 30.68 3.94
N ASN A 136 -16.16 31.57 4.63
CA ASN A 136 -16.45 31.36 6.08
C ASN A 136 -17.20 30.09 6.55
N PHE A 137 -18.05 29.56 5.67
CA PHE A 137 -18.83 28.36 5.90
C PHE A 137 -17.80 27.23 6.13
N LEU A 138 -17.27 26.72 5.02
CA LEU A 138 -16.28 25.65 5.07
C LEU A 138 -15.24 25.90 6.16
N ILE A 139 -14.72 27.14 6.24
CA ILE A 139 -13.72 27.45 7.25
C ILE A 139 -14.27 27.09 8.64
N GLN A 140 -15.52 27.45 8.92
CA GLN A 140 -16.10 27.11 10.22
C GLN A 140 -16.08 25.61 10.34
N PHE A 142 -14.05 23.44 9.25
CA PHE A 142 -12.70 22.95 9.57
C PHE A 142 -12.30 23.28 11.00
N HIS A 143 -12.38 24.55 11.36
CA HIS A 143 -12.01 24.93 12.70
C HIS A 143 -12.86 24.05 13.59
N TYR A 144 -14.12 23.87 13.18
CA TYR A 144 -15.08 23.03 13.93
C TYR A 144 -14.62 21.54 13.99
N ILE A 145 -14.58 20.88 12.82
CA ILE A 145 -14.18 19.49 12.76
C ILE A 145 -12.85 19.32 13.52
N LYS A 146 -11.86 20.15 13.17
CA LYS A 146 -10.58 20.12 13.85
C LYS A 146 -10.88 20.19 15.34
N THR A 147 -11.52 21.29 15.75
CA THR A 147 -11.83 21.49 17.15
C THR A 147 -12.40 20.25 17.80
N SER A 148 -13.68 19.95 17.57
CA SER A 148 -14.33 18.80 18.19
C SER A 148 -13.46 17.59 18.62
N LEU A 149 -13.00 17.01 17.48
CA LEU A 149 -12.13 15.84 17.23
C LEU A 149 -10.99 15.72 18.15
N ALA A 150 -10.38 16.86 18.41
CA ALA A 150 -9.29 16.92 19.36
C ALA A 150 -9.70 16.11 20.61
N PRO A 151 -8.74 15.44 21.28
CA PRO A 151 -7.30 15.30 21.08
C PRO A 151 -6.83 14.57 19.82
N LEU A 152 -7.76 14.15 18.96
CA LEU A 152 -7.35 13.50 17.72
C LEU A 152 -6.94 14.69 16.86
N PRO A 153 -5.74 14.61 16.24
CA PRO A 153 -5.13 15.62 15.37
C PRO A 153 -5.92 15.74 14.07
N CYS A 154 -5.78 16.85 13.37
CA CYS A 154 -6.48 17.11 12.11
C CYS A 154 -5.78 18.32 11.57
N TYR A 155 -5.31 18.24 10.32
CA TYR A 155 -4.54 19.34 9.73
C TYR A 155 -5.17 19.98 8.53
N VAL A 156 -4.67 21.15 8.15
CA VAL A 156 -5.21 21.80 6.95
C VAL A 156 -4.20 21.92 5.79
N TYR A 157 -4.50 21.22 4.69
CA TYR A 157 -3.67 21.19 3.48
C TYR A 157 -4.19 22.28 2.50
N LEU A 158 -3.55 23.46 2.51
CA LEU A 158 -3.99 24.51 1.58
C LEU A 158 -3.26 24.38 0.22
N ILE A 159 -4.01 24.12 -0.84
CA ILE A 159 -3.43 23.96 -2.18
C ILE A 159 -3.60 25.23 -3.02
N GLU A 160 -3.27 26.40 -2.47
CA GLU A 160 -3.55 27.71 -3.12
C GLU A 160 -2.78 28.05 -4.40
N HIS A 161 -3.25 27.51 -5.53
CA HIS A 161 -2.58 27.74 -6.81
C HIS A 161 -2.55 29.19 -7.27
N PRO A 162 -1.39 29.64 -7.80
CA PRO A 162 -1.29 31.02 -8.30
C PRO A 162 -2.02 30.83 -9.63
N SER A 163 -2.06 29.55 -10.04
CA SER A 163 -2.72 29.01 -11.23
C SER A 163 -4.20 29.31 -11.07
N LEU A 164 -4.65 29.11 -9.84
CA LEU A 164 -6.01 29.35 -9.45
C LEU A 164 -6.93 28.27 -9.99
N LYS A 165 -6.67 27.76 -11.18
CA LYS A 165 -7.54 26.70 -11.70
C LYS A 165 -7.64 25.50 -10.70
N TYR A 166 -8.66 24.67 -10.82
CA TYR A 166 -8.78 23.50 -9.96
C TYR A 166 -9.42 22.34 -10.76
N ALA A 167 -8.82 21.16 -10.76
CA ALA A 167 -9.44 20.09 -11.54
C ALA A 167 -9.85 18.92 -10.64
N THR A 168 -10.07 19.23 -9.37
CA THR A 168 -10.47 18.26 -8.35
C THR A 168 -11.88 17.85 -8.68
N THR A 169 -12.18 16.55 -8.58
CA THR A 169 -13.55 16.09 -8.81
C THR A 169 -14.46 16.92 -7.88
N ARG A 170 -13.92 17.33 -6.74
CA ARG A 170 -14.72 18.12 -5.80
C ARG A 170 -15.03 19.60 -6.20
N SER A 171 -14.21 20.14 -7.11
CA SER A 171 -14.38 21.50 -7.52
C SER A 171 -15.79 21.81 -8.10
N ILE A 172 -16.56 20.80 -8.48
CA ILE A 172 -17.92 21.08 -8.94
C ILE A 172 -18.63 22.01 -7.90
N ALA A 173 -18.34 21.83 -6.60
CA ALA A 173 -19.02 22.60 -5.55
C ALA A 173 -18.54 24.01 -5.20
N LYS A 174 -19.45 24.78 -4.59
CA LYS A 174 -19.18 26.14 -4.13
C LYS A 174 -18.60 25.96 -2.72
N TYR A 175 -18.83 24.76 -2.19
CA TYR A 175 -18.33 24.32 -0.89
C TYR A 175 -17.67 22.95 -1.07
N PRO A 176 -16.49 22.92 -1.73
CA PRO A 176 -15.70 21.69 -2.00
C PRO A 176 -15.02 21.11 -0.78
N VAL A 177 -15.19 19.83 -0.56
CA VAL A 177 -14.54 19.16 0.56
C VAL A 177 -13.68 17.94 0.16
N GLY A 178 -12.49 17.94 0.71
CA GLY A 178 -11.59 16.84 0.46
C GLY A 178 -11.35 16.21 1.83
N ILE A 179 -11.73 14.96 2.03
CA ILE A 179 -11.41 14.33 3.31
C ILE A 179 -10.24 13.37 3.06
N GLU A 180 -9.08 13.68 3.64
CA GLU A 180 -7.90 12.87 3.41
C GLU A 180 -7.60 11.96 4.57
N VAL A 181 -7.62 10.65 4.34
CA VAL A 181 -7.30 9.77 5.44
C VAL A 181 -6.10 8.88 5.08
N GLY A 182 -5.13 8.81 6.00
CA GLY A 182 -3.94 7.99 5.82
C GLY A 182 -3.15 7.88 7.12
N PRO A 183 -2.26 6.90 7.28
CA PRO A 183 -1.82 5.83 6.37
C PRO A 183 -2.65 4.55 6.19
N GLN A 184 -2.72 4.12 4.93
CA GLN A 184 -3.37 2.88 4.60
C GLN A 184 -2.80 2.56 3.25
N PRO A 185 -2.40 1.30 3.00
CA PRO A 185 -1.84 1.00 1.66
C PRO A 185 -2.95 0.94 0.60
N GLN A 186 -2.65 1.21 -0.67
CA GLN A 186 -3.70 1.10 -1.68
C GLN A 186 -4.10 -0.37 -1.78
N GLY A 187 -5.37 -0.60 -2.11
CA GLY A 187 -5.92 -1.94 -2.31
C GLY A 187 -6.31 -2.70 -1.08
N VAL A 188 -6.18 -2.02 0.05
CA VAL A 188 -6.48 -2.64 1.34
C VAL A 188 -7.63 -1.87 2.01
N LEU A 189 -8.37 -2.54 2.90
CA LEU A 189 -9.43 -1.92 3.71
C LEU A 189 -9.27 -2.25 5.21
N ARG A 190 -8.77 -1.29 5.98
CA ARG A 190 -8.56 -1.44 7.42
C ARG A 190 -9.81 -1.24 8.29
N ALA A 191 -9.61 -0.91 9.57
CA ALA A 191 -10.72 -0.66 10.50
C ALA A 191 -10.51 0.64 11.24
N ASP A 192 -9.27 0.94 11.61
CA ASP A 192 -9.01 2.21 12.31
C ASP A 192 -9.15 3.42 11.37
N ILE A 193 -8.55 3.35 10.19
CA ILE A 193 -8.68 4.42 9.21
C ILE A 193 -10.17 4.73 9.09
N LEU A 194 -10.95 3.69 8.79
CA LEU A 194 -12.38 3.87 8.66
C LEU A 194 -13.01 4.58 9.88
N ASP A 195 -12.35 4.54 11.03
CA ASP A 195 -12.89 5.17 12.20
C ASP A 195 -12.56 6.65 12.16
N GLN A 196 -11.31 7.00 11.79
CA GLN A 196 -10.92 8.43 11.71
C GLN A 196 -11.79 9.20 10.69
N ARG A 198 -14.98 8.28 9.65
CA ARG A 198 -16.34 8.41 10.13
C ARG A 198 -16.40 9.63 11.04
N LYS A 199 -15.52 9.71 12.04
CA LYS A 199 -15.50 10.88 12.91
C LYS A 199 -15.32 12.22 12.13
N ILE A 201 -16.41 12.95 8.93
CA ILE A 201 -17.70 13.23 8.33
C ILE A 201 -18.73 13.67 9.42
N LYS A 202 -18.73 12.97 10.57
CA LYS A 202 -19.64 13.28 11.69
C LYS A 202 -19.53 14.73 12.16
N HIS A 203 -18.32 15.21 12.39
CA HIS A 203 -18.21 16.58 12.86
C HIS A 203 -18.24 17.54 11.71
N ALA A 204 -18.77 17.08 10.58
CA ALA A 204 -18.96 17.90 9.40
C ALA A 204 -20.49 18.03 9.25
N LEU A 205 -21.18 16.89 9.09
CA LEU A 205 -22.62 16.89 8.96
C LEU A 205 -23.31 17.30 10.27
N ASP A 206 -22.63 17.13 11.41
CA ASP A 206 -23.18 17.55 12.70
C ASP A 206 -23.13 19.09 12.67
N PHE A 207 -22.20 19.68 11.91
CA PHE A 207 -22.09 21.14 11.80
C PHE A 207 -23.02 21.76 10.72
N ILE A 208 -23.21 21.13 9.57
CA ILE A 208 -24.10 21.76 8.60
C ILE A 208 -25.52 21.77 9.15
N HIS A 209 -25.75 20.94 10.15
CA HIS A 209 -27.04 20.84 10.81
C HIS A 209 -27.15 21.89 11.92
N HIS A 210 -26.02 22.26 12.52
CA HIS A 210 -26.01 23.26 13.57
C HIS A 210 -26.07 24.66 12.93
N PHE A 211 -25.35 24.84 11.82
CA PHE A 211 -25.34 26.11 11.07
C PHE A 211 -26.79 26.31 10.59
N ASN A 212 -27.34 25.24 10.02
CA ASN A 212 -28.69 25.30 9.54
C ASN A 212 -29.70 25.59 10.63
N GLU A 213 -29.48 25.09 11.84
CA GLU A 213 -30.42 25.35 12.94
C GLU A 213 -30.41 26.86 13.21
N GLY A 214 -29.23 27.48 13.23
CA GLY A 214 -29.17 28.91 13.46
C GLY A 214 -27.99 29.42 14.26
N LYS A 215 -27.04 28.55 14.63
CA LYS A 215 -25.88 28.97 15.43
C LYS A 215 -24.83 29.93 14.81
N GLU A 216 -24.16 30.66 15.71
CA GLU A 216 -23.12 31.61 15.36
C GLU A 216 -21.72 31.06 15.72
N PHE A 217 -20.69 31.65 15.13
CA PHE A 217 -19.31 31.26 15.37
C PHE A 217 -18.39 32.50 15.21
N PRO A 218 -17.67 32.90 16.28
CA PRO A 218 -16.80 34.06 16.14
C PRO A 218 -15.60 33.82 15.19
N PRO A 219 -14.76 34.85 14.98
CA PRO A 219 -13.60 34.72 14.09
C PRO A 219 -12.54 33.65 14.44
N CYS A 220 -12.84 32.41 14.08
CA CYS A 220 -11.96 31.28 14.31
C CYS A 220 -10.70 31.44 13.50
N ALA A 221 -9.57 31.14 14.12
CA ALA A 221 -8.32 31.26 13.39
C ALA A 221 -7.71 29.87 13.28
N ILE A 222 -7.26 29.45 12.09
CA ILE A 222 -6.60 28.13 12.01
C ILE A 222 -5.21 28.19 11.37
N GLU A 223 -4.27 27.42 11.95
CA GLU A 223 -2.92 27.30 11.37
C GLU A 223 -3.00 26.30 10.20
N VAL A 224 -2.27 26.56 9.12
CA VAL A 224 -2.29 25.66 7.98
C VAL A 224 -0.91 25.46 7.28
N TYR A 225 -0.87 24.44 6.41
CA TYR A 225 0.29 24.01 5.66
C TYR A 225 0.08 24.26 4.18
N LYS A 226 0.92 25.10 3.60
CA LYS A 226 0.81 25.50 2.18
C LYS A 226 2.06 24.94 1.48
N ILE A 227 1.83 24.23 0.39
CA ILE A 227 2.91 23.59 -0.34
C ILE A 227 3.77 24.52 -1.19
N ILE A 228 4.92 24.97 -0.68
CA ILE A 228 5.79 25.86 -1.45
C ILE A 228 6.42 25.15 -2.67
N GLU A 229 6.95 23.93 -2.49
CA GLU A 229 7.57 23.16 -3.58
C GLU A 229 7.34 21.66 -3.42
N LYS A 230 7.09 20.95 -4.53
CA LYS A 230 6.97 19.49 -4.50
C LYS A 230 8.42 19.02 -4.63
N VAL A 231 8.98 18.44 -3.58
CA VAL A 231 10.38 17.98 -3.52
C VAL A 231 10.51 16.59 -4.13
N ASP A 232 11.42 16.49 -5.10
CA ASP A 232 11.63 15.28 -5.82
C ASP A 232 12.73 14.36 -5.33
N TYR A 233 12.74 13.15 -5.88
CA TYR A 233 13.71 12.16 -5.50
C TYR A 233 14.96 12.51 -6.26
N PRO A 234 16.12 12.34 -5.63
CA PRO A 234 17.42 12.59 -6.22
C PRO A 234 17.63 11.52 -7.27
N ARG A 235 16.84 11.59 -8.35
CA ARG A 235 16.87 10.63 -9.45
C ARG A 235 18.35 10.37 -9.80
N ASP A 236 18.67 9.20 -10.36
CA ASP A 236 20.08 8.94 -10.67
C ASP A 236 20.50 9.61 -11.97
N GLU A 237 21.62 9.19 -12.57
CA GLU A 237 22.04 9.85 -13.82
C GLU A 237 21.55 9.14 -15.08
N ASN A 238 20.36 8.54 -15.00
CA ASN A 238 19.75 7.84 -16.12
C ASN A 238 18.27 7.76 -15.81
N GLY A 239 17.75 8.85 -15.27
CA GLY A 239 16.34 8.91 -14.92
C GLY A 239 16.10 8.33 -13.54
N GLU A 240 15.86 7.02 -13.48
CA GLU A 240 15.61 6.34 -12.22
C GLU A 240 15.90 7.07 -10.92
N ILE A 241 15.08 6.72 -9.92
CA ILE A 241 15.22 7.25 -8.57
C ILE A 241 16.61 6.83 -8.03
N ALA A 242 17.27 7.74 -7.32
CA ALA A 242 18.61 7.45 -6.83
C ALA A 242 18.70 7.53 -5.32
N ALA A 243 17.55 7.50 -4.66
CA ALA A 243 17.54 7.55 -3.21
C ALA A 243 16.15 7.15 -2.60
N ILE A 244 16.13 6.85 -1.29
CA ILE A 244 14.92 6.48 -0.57
C ILE A 244 14.61 7.50 0.55
N ILE A 245 13.33 7.72 0.84
CA ILE A 245 12.98 8.65 1.92
C ILE A 245 13.74 8.16 3.14
N HIS A 246 14.48 9.07 3.82
CA HIS A 246 15.27 8.68 4.99
C HIS A 246 14.43 8.10 6.14
N PRO A 247 15.08 7.35 7.03
CA PRO A 247 14.16 6.86 8.07
C PRO A 247 13.64 7.92 9.06
N ASN A 248 14.38 8.99 9.33
CA ASN A 248 13.84 9.98 10.27
C ASN A 248 12.80 10.91 9.66
N LEU A 249 12.60 10.82 8.34
CA LEU A 249 11.65 11.67 7.64
C LEU A 249 10.33 10.95 7.35
N GLN A 250 10.36 9.62 7.38
CA GLN A 250 9.17 8.79 7.13
C GLN A 250 8.14 8.73 8.29
N ASP A 251 6.86 8.87 7.94
CA ASP A 251 5.75 8.77 8.91
C ASP A 251 5.59 9.98 9.75
N GLN A 252 6.74 10.59 10.03
CA GLN A 252 6.87 11.81 10.79
C GLN A 252 6.02 12.84 10.03
N ASP A 253 5.32 12.34 9.01
CA ASP A 253 4.43 13.07 8.14
C ASP A 253 3.71 14.01 9.12
N TRP A 254 3.79 15.31 8.83
CA TRP A 254 3.20 16.41 9.62
C TRP A 254 4.12 17.11 10.66
N LYS A 255 4.99 16.36 11.37
CA LYS A 255 5.89 16.94 12.39
C LYS A 255 6.86 17.96 11.75
N PRO A 256 7.61 18.76 12.54
CA PRO A 256 8.46 19.68 11.80
C PRO A 256 9.86 19.31 11.47
N LEU A 257 10.15 19.18 10.17
CA LEU A 257 11.48 18.82 9.66
C LEU A 257 12.38 20.03 9.61
N HIS A 258 13.65 19.86 9.95
CA HIS A 258 14.58 20.99 9.99
C HIS A 258 15.73 20.94 8.97
N PRO A 259 16.72 21.85 9.11
CA PRO A 259 17.90 21.94 8.25
C PRO A 259 18.61 20.67 7.81
N GLY A 260 19.90 20.55 8.13
CA GLY A 260 20.68 19.39 7.74
C GLY A 260 20.25 18.07 8.33
N ASP A 261 18.95 17.94 8.58
CA ASP A 261 18.33 16.73 9.16
C ASP A 261 18.32 15.70 8.06
N PRO A 262 18.34 14.39 8.42
CA PRO A 262 18.30 13.36 7.36
C PRO A 262 17.02 13.54 6.55
N PHE A 264 16.85 12.36 2.48
CA PHE A 264 16.89 11.42 1.38
C PHE A 264 18.02 10.50 1.63
N LEU A 265 17.77 9.22 1.30
CA LEU A 265 18.77 8.15 1.46
C LEU A 265 19.03 7.33 0.17
N THR A 266 20.10 7.65 -0.55
CA THR A 266 20.50 6.94 -1.78
C THR A 266 20.97 5.57 -1.28
N LEU A 267 20.72 4.48 -2.02
CA LEU A 267 21.08 3.16 -1.48
C LEU A 267 22.57 2.92 -1.42
N ASP A 268 23.36 3.95 -1.70
CA ASP A 268 24.79 3.80 -1.70
C ASP A 268 25.19 3.92 -0.26
N GLY A 269 24.28 4.45 0.55
CA GLY A 269 24.58 4.54 1.96
C GLY A 269 24.55 5.88 2.67
N LYS A 270 24.55 7.01 1.96
CA LYS A 270 24.56 8.28 2.67
C LYS A 270 23.24 9.08 2.85
N THR A 271 23.32 10.15 3.65
CA THR A 271 22.17 11.03 3.92
C THR A 271 22.20 12.37 3.11
N ILE A 272 21.04 12.82 2.68
CA ILE A 272 20.94 14.09 1.95
C ILE A 272 19.93 14.99 2.70
N PRO A 273 20.43 15.95 3.51
CA PRO A 273 19.67 16.91 4.34
C PRO A 273 18.79 17.97 3.71
N LEU A 274 18.42 18.97 4.50
CA LEU A 274 17.57 20.02 3.99
C LEU A 274 18.27 21.38 4.11
N GLY A 275 18.39 21.84 5.35
CA GLY A 275 19.05 23.10 5.62
C GLY A 275 18.17 24.32 5.59
N GLY A 276 18.77 25.47 5.34
CA GLY A 276 17.98 26.67 5.28
C GLY A 276 17.91 27.37 6.62
N ASP A 277 16.73 27.91 6.92
CA ASP A 277 16.56 28.67 8.16
C ASP A 277 15.12 28.78 8.63
N CYS A 278 14.26 27.93 8.09
CA CYS A 278 12.84 27.93 8.44
C CYS A 278 12.51 26.48 8.76
N THR A 279 11.46 26.27 9.55
CA THR A 279 11.08 24.90 9.86
C THR A 279 10.05 24.53 8.84
N VAL A 280 10.33 23.57 7.97
CA VAL A 280 9.30 23.20 7.01
C VAL A 280 8.50 22.00 7.50
N TYR A 281 7.36 21.75 6.88
CA TYR A 281 6.57 20.63 7.35
C TYR A 281 6.24 19.67 6.22
N PRO A 282 7.16 18.72 5.91
CA PRO A 282 6.82 17.81 4.82
C PRO A 282 5.46 17.13 5.03
N VAL A 283 4.72 17.04 3.93
CA VAL A 283 3.39 16.43 3.88
C VAL A 283 3.42 15.50 2.65
N PHE A 284 2.52 14.52 2.61
CA PHE A 284 2.48 13.54 1.54
C PHE A 284 3.84 12.83 1.35
N VAL A 285 4.47 12.51 2.47
CA VAL A 285 5.78 11.90 2.50
C VAL A 285 5.72 10.45 2.16
N ASN A 286 6.49 10.06 1.13
CA ASN A 286 6.57 8.70 0.67
C ASN A 286 5.19 8.13 0.36
N GLU A 287 4.42 8.88 -0.44
CA GLU A 287 3.08 8.52 -0.88
C GLU A 287 3.27 7.75 -2.18
N ALA A 288 2.49 6.68 -2.34
CA ALA A 288 2.56 5.79 -3.50
C ALA A 288 2.19 6.51 -4.77
N ALA A 289 1.07 7.22 -4.75
CA ALA A 289 0.61 7.98 -5.92
C ALA A 289 1.67 8.93 -6.46
N TYR A 290 2.57 9.39 -5.61
CA TYR A 290 3.56 10.31 -6.12
C TYR A 290 4.91 9.69 -6.58
N TYR A 291 5.08 8.36 -6.52
CA TYR A 291 6.33 7.81 -7.03
C TYR A 291 6.32 7.95 -8.54
N GLU A 292 5.26 7.46 -9.19
CA GLU A 292 5.18 7.60 -10.63
C GLU A 292 5.20 9.06 -10.90
N LYS A 293 4.29 9.74 -10.21
CA LYS A 293 4.14 11.18 -10.35
C LYS A 293 5.48 11.94 -10.27
N LYS A 294 6.29 11.61 -9.25
CA LYS A 294 7.58 12.24 -8.97
C LYS A 294 7.41 13.30 -7.84
N GLU A 295 7.48 12.81 -6.60
CA GLU A 295 7.33 13.62 -5.39
C GLU A 295 7.60 12.67 -4.21
N ALA A 296 8.63 13.00 -3.44
CA ALA A 296 8.97 12.20 -2.27
C ALA A 296 8.06 12.67 -1.14
N PHE A 297 7.73 13.95 -1.21
CA PHE A 297 6.83 14.57 -0.24
C PHE A 297 6.58 15.98 -0.69
N ALA A 298 5.68 16.66 0.00
CA ALA A 298 5.39 18.04 -0.33
C ALA A 298 6.03 18.92 0.75
N LYS A 299 6.85 19.89 0.31
CA LYS A 299 7.54 20.84 1.17
C LYS A 299 6.54 21.97 1.39
N THR A 300 6.08 22.12 2.64
CA THR A 300 5.06 23.13 2.97
C THR A 300 5.48 24.08 4.09
N THR A 301 4.80 25.25 4.18
CA THR A 301 5.01 26.26 5.23
C THR A 301 3.72 26.40 6.02
N LYS A 302 3.84 26.49 7.34
CA LYS A 302 2.68 26.62 8.22
C LYS A 302 2.28 28.08 8.38
N LEU A 303 1.01 28.42 8.07
CA LEU A 303 0.53 29.83 8.20
C LEU A 303 -0.84 29.94 8.86
N THR A 304 -1.28 31.17 9.16
CA THR A 304 -2.58 31.28 9.82
C THR A 304 -3.70 31.86 8.98
N LEU A 305 -4.84 31.17 8.97
CA LEU A 305 -6.00 31.63 8.23
C LEU A 305 -6.99 32.11 9.27
N ASN A 306 -7.49 33.35 9.09
CA ASN A 306 -8.46 33.95 10.02
C ASN A 306 -9.83 34.08 9.36
N ALA A 307 -10.91 33.88 10.10
CA ALA A 307 -12.24 34.03 9.51
C ALA A 307 -13.16 35.01 10.30
N LYS A 308 -13.97 35.80 9.58
CA LYS A 308 -14.89 36.72 10.25
C LYS A 308 -16.07 35.91 10.83
N SER A 309 -16.55 36.36 12.00
CA SER A 309 -17.69 35.75 12.72
C SER A 309 -18.83 35.44 11.77
N ILE A 310 -19.44 34.26 11.90
CA ILE A 310 -20.53 33.87 11.01
C ILE A 310 -21.80 33.46 11.73
N ARG A 311 -22.93 33.71 11.05
CA ARG A 311 -24.26 33.40 11.55
C ARG A 311 -25.18 33.12 10.37
N CYS A 312 -26.14 32.22 10.55
CA CYS A 312 -27.07 31.91 9.46
C CYS A 312 -28.35 32.68 9.67
N GLU B 11 30.49 -32.10 -3.21
CA GLU B 11 29.87 -30.93 -3.88
C GLU B 11 29.73 -29.72 -2.94
N HIS B 12 29.04 -28.68 -3.38
CA HIS B 12 28.93 -27.47 -2.58
C HIS B 12 27.91 -26.51 -3.19
N ILE B 13 27.91 -25.27 -2.69
CA ILE B 13 27.01 -24.24 -3.21
C ILE B 13 27.80 -23.46 -4.28
N GLN B 14 27.37 -23.58 -5.52
CA GLN B 14 28.02 -22.92 -6.65
C GLN B 14 27.22 -21.79 -7.33
N LYS B 15 26.06 -22.14 -7.84
CA LYS B 15 25.20 -21.17 -8.51
C LYS B 15 24.16 -20.59 -7.52
N VAL B 16 24.22 -19.26 -7.32
CA VAL B 16 23.33 -18.56 -6.40
C VAL B 16 22.92 -17.21 -6.94
N ALA B 17 21.68 -17.14 -7.42
CA ALA B 17 21.10 -15.91 -7.96
C ALA B 17 20.06 -15.34 -6.96
N ILE B 18 19.92 -14.02 -6.93
CA ILE B 18 18.91 -13.37 -6.09
C ILE B 18 17.87 -12.75 -7.03
N PHE B 19 16.64 -13.25 -7.01
CA PHE B 19 15.53 -12.73 -7.84
C PHE B 19 14.70 -11.70 -7.07
N GLY B 20 14.47 -10.54 -7.72
CA GLY B 20 13.69 -9.45 -7.16
C GLY B 20 12.83 -8.96 -8.32
N GLY B 21 11.53 -8.77 -8.12
CA GLY B 21 10.70 -8.33 -9.24
C GLY B 21 9.72 -9.34 -9.84
N THR B 22 9.35 -10.38 -9.10
CA THR B 22 8.37 -11.37 -9.56
C THR B 22 6.98 -10.65 -9.54
N HIS B 23 6.93 -9.66 -8.66
CA HIS B 23 5.79 -8.79 -8.52
C HIS B 23 6.35 -7.34 -8.69
N GLY B 24 6.21 -6.77 -9.90
CA GLY B 24 6.77 -5.45 -10.21
C GLY B 24 6.48 -4.24 -9.37
N ASN B 25 5.57 -4.39 -8.41
CA ASN B 25 5.20 -3.29 -7.52
C ASN B 25 5.56 -3.60 -6.08
N GLU B 26 6.58 -4.47 -5.92
CA GLU B 26 7.20 -4.87 -4.66
C GLU B 26 8.67 -4.48 -4.90
N LEU B 27 8.91 -3.18 -4.75
CA LEU B 27 10.17 -2.50 -5.03
C LEU B 27 11.42 -2.81 -4.20
N THR B 28 11.29 -3.06 -2.89
CA THR B 28 12.50 -3.30 -2.09
C THR B 28 13.47 -4.25 -2.83
N GLY B 29 12.91 -5.22 -3.52
CA GLY B 29 13.75 -6.13 -4.27
C GLY B 29 14.16 -5.51 -5.61
N VAL B 30 13.28 -4.73 -6.21
CA VAL B 30 13.63 -4.10 -7.46
C VAL B 30 14.81 -3.14 -7.21
N PHE B 31 14.76 -2.42 -6.09
CA PHE B 31 15.80 -1.47 -5.74
C PHE B 31 17.13 -2.12 -5.39
N LEU B 32 17.07 -3.17 -4.54
CA LEU B 32 18.28 -3.89 -4.12
C LEU B 32 18.94 -4.57 -5.33
N VAL B 33 18.14 -5.33 -6.09
CA VAL B 33 18.68 -6.01 -7.25
C VAL B 33 19.36 -5.03 -8.23
N LYS B 34 18.78 -3.87 -8.48
CA LYS B 34 19.39 -2.95 -9.38
C LYS B 34 20.77 -2.40 -8.97
N HIS B 35 20.85 -1.57 -7.94
CA HIS B 35 22.12 -1.03 -7.45
C HIS B 35 23.20 -2.13 -7.29
N TRP B 36 22.78 -3.39 -7.21
CA TRP B 36 23.70 -4.52 -7.07
C TRP B 36 24.27 -4.82 -8.45
N LEU B 37 23.43 -4.80 -9.48
CA LEU B 37 23.93 -5.00 -10.83
C LEU B 37 24.94 -3.86 -11.06
N GLU B 38 25.25 -3.11 -10.01
CA GLU B 38 26.20 -2.03 -10.09
C GLU B 38 27.34 -2.28 -9.09
N ASN B 39 27.08 -3.01 -8.01
CA ASN B 39 28.13 -3.41 -7.04
C ASN B 39 27.77 -4.52 -5.98
N GLY B 40 27.92 -5.74 -6.49
CA GLY B 40 27.61 -6.96 -5.78
C GLY B 40 28.35 -7.27 -4.52
N ALA B 41 29.14 -6.32 -4.03
CA ALA B 41 29.87 -6.56 -2.78
C ALA B 41 28.97 -7.13 -1.64
N GLU B 42 28.13 -6.28 -1.02
CA GLU B 42 27.24 -6.73 0.06
C GLU B 42 26.69 -8.16 -0.10
N ILE B 43 26.71 -8.61 -1.35
CA ILE B 43 26.19 -9.93 -1.74
C ILE B 43 27.26 -10.90 -2.30
N GLN B 44 28.42 -10.42 -2.77
CA GLN B 44 29.43 -11.37 -3.29
C GLN B 44 30.29 -11.89 -2.11
N ARG B 45 30.44 -13.20 -1.97
CA ARG B 45 31.24 -13.74 -0.87
C ARG B 45 32.46 -14.46 -1.40
N THR B 46 33.60 -14.32 -0.71
CA THR B 46 34.82 -14.98 -1.16
C THR B 46 34.53 -16.45 -1.60
N GLY B 47 34.81 -16.72 -2.87
CA GLY B 47 34.58 -18.03 -3.43
C GLY B 47 33.13 -18.35 -3.61
N LEU B 48 32.27 -17.47 -3.13
CA LEU B 48 30.83 -17.65 -3.25
C LEU B 48 30.26 -16.61 -4.17
N GLU B 49 30.02 -16.99 -5.41
CA GLU B 49 29.45 -16.06 -6.40
C GLU B 49 27.95 -15.79 -6.11
N VAL B 50 27.36 -14.82 -6.83
CA VAL B 50 25.95 -14.45 -6.68
C VAL B 50 25.39 -13.58 -7.84
N LYS B 51 24.27 -13.99 -8.42
CA LYS B 51 23.65 -13.22 -9.49
C LYS B 51 22.38 -12.40 -9.09
N PRO B 52 22.39 -11.09 -9.34
CA PRO B 52 21.22 -10.28 -9.01
C PRO B 52 20.53 -10.07 -10.34
N PHE B 53 19.43 -10.77 -10.50
CA PHE B 53 18.63 -10.72 -11.72
C PHE B 53 17.18 -10.28 -11.43
N ILE B 54 16.58 -9.51 -12.36
CA ILE B 54 15.20 -9.01 -12.21
C ILE B 54 14.27 -9.98 -12.93
N THR B 55 13.13 -10.36 -12.33
CA THR B 55 12.34 -11.35 -13.03
C THR B 55 11.19 -10.91 -13.92
N ASN B 56 10.48 -9.83 -13.56
CA ASN B 56 9.33 -9.38 -14.34
C ASN B 56 9.50 -7.92 -14.77
N PRO B 57 10.46 -7.69 -15.66
CA PRO B 57 10.81 -6.38 -16.22
C PRO B 57 9.60 -5.53 -16.57
N ARG B 58 8.75 -6.11 -17.40
CA ARG B 58 7.59 -5.35 -17.85
C ARG B 58 6.60 -4.94 -16.73
N ALA B 59 6.49 -5.77 -15.71
CA ALA B 59 5.57 -5.48 -14.62
C ALA B 59 6.20 -4.54 -13.60
N VAL B 60 7.53 -4.57 -13.53
CA VAL B 60 8.24 -3.71 -12.61
C VAL B 60 7.96 -2.29 -13.06
N LYS B 61 7.99 -2.10 -14.40
CA LYS B 61 7.75 -0.82 -15.05
C LYS B 61 6.26 -0.43 -15.23
N LYS B 62 5.32 -1.39 -15.21
CA LYS B 62 3.91 -0.95 -15.30
C LYS B 62 3.44 -0.75 -13.84
N CYS B 63 3.84 -1.71 -13.00
CA CYS B 63 3.61 -1.75 -11.54
C CYS B 63 2.48 -2.48 -10.86
N THR B 64 2.43 -3.80 -11.03
CA THR B 64 1.44 -4.60 -10.33
C THR B 64 2.08 -5.93 -10.06
N ARG B 65 1.25 -6.97 -10.10
CA ARG B 65 1.65 -8.33 -9.86
C ARG B 65 2.13 -8.90 -11.20
N TYR B 66 1.53 -8.37 -12.28
CA TYR B 66 1.86 -8.79 -13.66
C TYR B 66 1.16 -8.10 -14.81
N ILE B 67 1.61 -8.43 -16.04
CA ILE B 67 1.06 -7.88 -17.27
C ILE B 67 -0.12 -8.79 -17.65
N ASP B 68 0.11 -10.10 -17.71
CA ASP B 68 -0.93 -11.11 -18.02
C ASP B 68 -1.34 -12.05 -16.87
N CYS B 69 -0.43 -12.92 -16.42
CA CYS B 69 -0.71 -13.81 -15.28
C CYS B 69 0.41 -13.62 -14.27
N ASP B 70 0.25 -14.14 -13.06
CA ASP B 70 1.26 -14.05 -11.98
C ASP B 70 2.48 -14.91 -12.35
N LEU B 71 3.69 -14.33 -12.29
CA LEU B 71 4.87 -15.11 -12.67
C LEU B 71 5.28 -15.99 -11.51
N ASN B 72 4.44 -16.00 -10.46
CA ASN B 72 4.70 -16.80 -9.27
C ASN B 72 3.86 -18.05 -9.14
N ARG B 73 3.03 -18.33 -10.12
CA ARG B 73 2.23 -19.54 -10.06
C ARG B 73 2.40 -20.36 -11.32
N ILE B 74 3.43 -20.08 -12.11
CA ILE B 74 3.59 -20.81 -13.35
C ILE B 74 4.85 -21.65 -13.61
N PHE B 75 5.66 -21.88 -12.58
CA PHE B 75 6.89 -22.62 -12.79
C PHE B 75 6.81 -24.09 -12.41
N ASP B 76 6.39 -24.90 -13.39
CA ASP B 76 6.28 -26.34 -13.24
C ASP B 76 6.13 -26.83 -14.69
N LEU B 77 6.21 -28.15 -14.90
CA LEU B 77 6.12 -28.74 -16.25
C LEU B 77 5.05 -28.04 -17.03
N GLU B 78 3.83 -28.31 -16.57
CA GLU B 78 2.58 -27.77 -17.09
C GLU B 78 2.75 -26.57 -18.01
N ASN B 79 3.49 -25.57 -17.54
CA ASN B 79 3.71 -24.40 -18.36
C ASN B 79 5.07 -24.43 -18.99
N LEU B 80 6.09 -24.65 -18.16
CA LEU B 80 7.44 -24.62 -18.65
C LEU B 80 7.59 -25.43 -19.93
N GLY B 81 6.70 -26.39 -20.15
CA GLY B 81 6.80 -27.22 -21.35
C GLY B 81 5.96 -26.92 -22.61
N LYS B 82 5.19 -25.84 -22.61
CA LYS B 82 4.38 -25.52 -23.79
C LYS B 82 5.32 -24.97 -24.89
N LYS B 83 5.04 -25.25 -26.18
CA LYS B 83 5.90 -24.78 -27.32
C LYS B 83 5.90 -23.22 -27.33
N SER B 85 5.67 -19.53 -28.27
CA SER B 85 4.93 -18.76 -29.27
C SER B 85 4.71 -17.28 -28.96
N GLU B 86 5.11 -16.41 -29.89
CA GLU B 86 4.98 -14.97 -29.72
C GLU B 86 3.54 -14.59 -29.38
N ASP B 87 2.62 -15.53 -29.62
CA ASP B 87 1.20 -15.32 -29.34
C ASP B 87 0.83 -15.78 -27.91
N LEU B 88 1.75 -16.48 -27.25
CA LEU B 88 1.51 -16.91 -25.88
C LEU B 88 1.62 -15.70 -24.96
N PRO B 89 0.94 -15.73 -23.81
CA PRO B 89 1.03 -14.56 -22.92
C PRO B 89 2.45 -14.25 -22.42
N TYR B 90 2.65 -12.98 -22.04
CA TYR B 90 3.95 -12.48 -21.54
C TYR B 90 4.66 -13.33 -20.47
N GLU B 91 4.08 -13.41 -19.27
CA GLU B 91 4.72 -14.17 -18.18
C GLU B 91 5.16 -15.61 -18.52
N VAL B 92 4.23 -16.39 -19.11
CA VAL B 92 4.54 -17.75 -19.52
C VAL B 92 5.87 -17.76 -20.26
N ARG B 93 6.03 -16.85 -21.20
CA ARG B 93 7.25 -16.75 -21.97
C ARG B 93 8.46 -16.46 -21.04
N ARG B 94 8.29 -15.58 -20.05
CA ARG B 94 9.40 -15.27 -19.11
C ARG B 94 9.65 -16.48 -18.20
N ALA B 95 8.63 -17.30 -17.96
CA ALA B 95 8.76 -18.51 -17.13
C ALA B 95 9.57 -19.50 -17.94
N GLN B 96 9.43 -19.44 -19.27
CA GLN B 96 10.21 -20.29 -20.14
C GLN B 96 11.54 -19.56 -20.46
N GLU B 97 11.46 -18.23 -20.54
CA GLU B 97 12.68 -17.46 -20.74
C GLU B 97 13.42 -17.60 -19.39
N ILE B 98 12.84 -17.05 -18.31
CA ILE B 98 13.47 -17.17 -17.00
C ILE B 98 14.07 -18.56 -16.79
N ASN B 99 13.25 -19.61 -17.03
CA ASN B 99 13.70 -20.99 -16.84
C ASN B 99 14.68 -21.58 -17.84
N HIS B 100 14.40 -21.47 -19.13
CA HIS B 100 15.36 -22.02 -20.08
C HIS B 100 16.64 -21.21 -20.01
N LEU B 101 16.81 -20.56 -18.87
CA LEU B 101 17.97 -19.73 -18.52
C LEU B 101 18.46 -20.13 -17.14
N PHE B 102 17.58 -20.07 -16.13
CA PHE B 102 17.99 -20.45 -14.80
C PHE B 102 17.67 -21.90 -14.51
N GLY B 103 17.24 -22.61 -15.55
CA GLY B 103 16.84 -24.02 -15.44
C GLY B 103 17.72 -25.07 -16.16
N PRO B 104 17.15 -26.16 -16.72
CA PRO B 104 15.74 -26.54 -16.78
C PRO B 104 15.34 -26.93 -15.36
N LYS B 105 14.04 -27.15 -15.12
CA LYS B 105 13.65 -27.43 -13.73
C LYS B 105 13.99 -28.85 -13.25
N ASP B 106 13.73 -29.12 -11.96
CA ASP B 106 13.99 -30.39 -11.30
C ASP B 106 15.20 -31.15 -11.93
N SER B 107 16.05 -30.44 -12.65
CA SER B 107 17.23 -31.07 -13.25
C SER B 107 18.50 -30.60 -12.53
N GLU B 108 19.48 -31.48 -12.25
CA GLU B 108 20.68 -31.05 -11.51
C GLU B 108 21.49 -30.04 -12.32
N ASP B 109 21.09 -29.87 -13.57
CA ASP B 109 21.78 -28.99 -14.49
C ASP B 109 21.47 -27.50 -14.19
N SER B 110 20.54 -27.28 -13.26
CA SER B 110 20.10 -25.94 -12.89
C SER B 110 20.80 -25.29 -11.73
N TYR B 111 20.12 -24.31 -11.13
CA TYR B 111 20.66 -23.55 -10.01
C TYR B 111 20.52 -24.17 -8.61
N ASP B 112 21.47 -23.84 -7.75
CA ASP B 112 21.50 -24.39 -6.41
C ASP B 112 20.59 -23.72 -5.43
N ILE B 113 20.78 -22.42 -5.27
CA ILE B 113 20.01 -21.60 -4.34
C ILE B 113 19.45 -20.39 -5.04
N ILE B 114 18.15 -20.18 -4.97
CA ILE B 114 17.55 -18.96 -5.52
C ILE B 114 16.77 -18.28 -4.40
N PHE B 115 17.08 -17.01 -4.17
CA PHE B 115 16.39 -16.21 -3.18
C PHE B 115 15.45 -15.28 -3.97
N ASP B 116 14.12 -15.41 -3.85
CA ASP B 116 13.27 -14.45 -4.56
C ASP B 116 12.68 -13.53 -3.53
N LEU B 117 12.94 -12.24 -3.70
CA LEU B 117 12.41 -11.20 -2.78
C LEU B 117 10.93 -10.77 -3.07
N HIS B 118 10.20 -10.52 -1.99
CA HIS B 118 8.81 -10.12 -2.07
C HIS B 118 8.52 -9.16 -0.91
N ASN B 119 7.33 -8.57 -0.91
CA ASN B 119 6.88 -7.66 0.13
C ASN B 119 5.41 -7.93 0.47
N THR B 120 4.98 -7.53 1.66
CA THR B 120 3.61 -7.76 2.06
C THR B 120 3.05 -6.48 2.63
N THR B 121 1.76 -6.27 2.50
CA THR B 121 1.17 -5.07 3.12
C THR B 121 0.93 -5.48 4.57
N SER B 122 0.91 -6.78 4.86
CA SER B 122 0.71 -7.32 6.22
C SER B 122 1.89 -7.05 7.14
N ASN B 123 1.59 -6.82 8.41
CA ASN B 123 2.65 -6.51 9.35
C ASN B 123 3.35 -7.77 9.87
N GLY B 125 7.09 -8.28 9.12
CA GLY B 125 8.51 -8.09 9.29
C GLY B 125 9.37 -9.04 8.46
N CYS B 126 10.43 -9.59 9.06
CA CYS B 126 11.33 -10.46 8.33
C CYS B 126 10.76 -11.84 8.23
N THR B 127 10.40 -12.25 7.00
CA THR B 127 9.83 -13.58 6.80
C THR B 127 10.59 -14.50 5.82
N LEU B 128 10.95 -15.70 6.29
CA LEU B 128 11.59 -16.70 5.43
C LEU B 128 10.47 -17.65 5.07
N ILE B 129 10.41 -18.16 3.85
CA ILE B 129 9.35 -19.10 3.47
C ILE B 129 9.93 -20.45 3.12
N LEU B 130 9.44 -21.49 3.77
CA LEU B 130 9.87 -22.86 3.49
C LEU B 130 8.77 -23.59 2.67
N GLU B 131 9.18 -24.27 1.60
CA GLU B 131 8.20 -24.97 0.75
C GLU B 131 7.77 -26.36 1.29
N ASP B 132 8.66 -27.35 1.30
CA ASP B 132 8.31 -28.69 1.79
C ASP B 132 9.11 -28.97 3.09
N SER B 133 8.57 -29.75 4.04
CA SER B 133 9.22 -29.96 5.36
C SER B 133 10.57 -30.69 5.55
N ARG B 134 10.96 -31.56 4.64
CA ARG B 134 12.26 -32.20 4.82
C ARG B 134 13.23 -31.27 4.11
N ASN B 135 13.96 -30.45 4.86
CA ASN B 135 14.89 -29.53 4.23
C ASN B 135 16.02 -29.10 5.16
N ASN B 136 16.89 -30.04 5.55
CA ASN B 136 18.00 -29.75 6.45
C ASN B 136 18.86 -28.54 6.08
N PHE B 137 19.48 -28.56 4.93
CA PHE B 137 20.30 -27.45 4.52
C PHE B 137 19.51 -26.13 4.69
N LEU B 138 18.24 -26.11 4.25
CA LEU B 138 17.43 -24.88 4.41
C LEU B 138 17.09 -24.59 5.88
N ILE B 139 16.65 -25.63 6.58
CA ILE B 139 16.30 -25.51 8.00
C ILE B 139 17.50 -25.01 8.76
N GLN B 140 18.64 -25.55 8.39
CA GLN B 140 19.92 -25.16 8.96
C GLN B 140 20.19 -23.72 8.53
N PHE B 142 18.01 -21.29 7.53
CA PHE B 142 17.04 -20.42 8.20
C PHE B 142 17.39 -20.25 9.67
N HIS B 143 17.68 -21.37 10.33
CA HIS B 143 18.06 -21.31 11.73
C HIS B 143 19.17 -20.24 11.92
N TYR B 144 20.25 -20.43 11.17
CA TYR B 144 21.37 -19.47 11.24
C TYR B 144 20.86 -18.01 11.14
N ILE B 145 20.01 -17.73 10.14
CA ILE B 145 19.49 -16.40 9.92
C ILE B 145 18.79 -15.89 11.18
N LYS B 146 17.84 -16.69 11.70
CA LYS B 146 17.13 -16.30 12.93
C LYS B 146 18.13 -16.00 14.06
N THR B 147 18.89 -17.03 14.42
CA THR B 147 19.92 -16.93 15.45
C THR B 147 21.01 -15.97 14.98
N SER B 148 20.64 -14.70 14.90
CA SER B 148 21.54 -13.63 14.48
C SER B 148 20.83 -12.26 14.52
N LEU B 149 19.52 -12.29 14.33
CA LEU B 149 18.68 -11.12 14.34
C LEU B 149 18.17 -10.61 15.67
N ALA B 150 18.32 -11.41 16.73
CA ALA B 150 17.86 -10.88 18.03
C ALA B 150 18.44 -9.54 18.09
N PRO B 151 17.68 -8.49 18.32
CA PRO B 151 16.30 -8.05 18.52
C PRO B 151 15.44 -8.16 17.25
N LEU B 152 15.85 -7.58 16.10
CA LEU B 152 15.00 -7.68 14.90
C LEU B 152 14.50 -9.14 14.78
N PRO B 153 13.21 -9.42 15.02
CA PRO B 153 12.68 -10.81 14.93
C PRO B 153 12.71 -11.46 13.53
N CYS B 154 12.19 -12.68 13.45
CA CYS B 154 12.15 -13.40 12.18
C CYS B 154 11.30 -14.63 12.30
N TYR B 155 10.46 -14.89 11.29
CA TYR B 155 9.54 -16.03 11.32
C TYR B 155 9.69 -16.86 10.04
N VAL B 156 9.32 -18.13 10.12
CA VAL B 156 9.39 -19.06 8.99
C VAL B 156 7.99 -19.58 8.68
N TYR B 157 7.56 -19.41 7.42
CA TYR B 157 6.25 -19.85 6.95
C TYR B 157 6.34 -21.17 6.12
N LEU B 158 5.44 -22.14 6.32
CA LEU B 158 5.50 -23.40 5.55
C LEU B 158 4.34 -23.74 4.56
N ILE B 159 4.74 -24.28 3.39
CA ILE B 159 3.77 -24.67 2.38
C ILE B 159 3.77 -26.21 2.17
N GLU B 160 3.78 -26.96 3.29
CA GLU B 160 3.81 -28.42 3.26
C GLU B 160 2.57 -29.00 2.66
N HIS B 161 2.76 -30.06 1.88
CA HIS B 161 1.69 -30.75 1.18
C HIS B 161 1.90 -32.30 1.14
N PRO B 162 0.80 -33.07 1.22
CA PRO B 162 0.97 -34.55 1.15
C PRO B 162 1.30 -34.98 -0.32
N SER B 163 0.94 -34.11 -1.28
CA SER B 163 1.16 -34.30 -2.73
C SER B 163 2.57 -33.89 -3.19
N LEU B 164 3.04 -32.76 -2.68
CA LEU B 164 4.36 -32.18 -2.98
C LEU B 164 4.51 -31.44 -4.32
N LYS B 165 3.42 -30.93 -4.91
CA LYS B 165 3.53 -30.22 -6.19
C LYS B 165 3.68 -28.69 -6.07
N TYR B 166 4.58 -28.13 -6.89
CA TYR B 166 4.87 -26.68 -6.87
C TYR B 166 5.10 -25.90 -8.21
N ALA B 167 4.87 -24.57 -8.21
CA ALA B 167 5.03 -23.73 -9.39
C ALA B 167 5.45 -22.29 -9.09
N THR B 168 6.49 -22.13 -8.29
CA THR B 168 6.99 -20.82 -7.96
C THR B 168 8.32 -20.50 -8.67
N THR B 169 8.40 -19.29 -9.20
CA THR B 169 9.61 -18.80 -9.88
C THR B 169 10.83 -19.33 -9.15
N ARG B 170 10.86 -19.22 -7.82
CA ARG B 170 12.02 -19.69 -7.06
C ARG B 170 12.21 -21.21 -7.07
N SER B 171 11.14 -21.95 -7.33
CA SER B 171 11.27 -23.40 -7.28
C SER B 171 12.16 -24.06 -8.37
N ILE B 172 12.81 -23.26 -9.23
CA ILE B 172 13.71 -23.84 -10.24
C ILE B 172 14.95 -24.32 -9.48
N ALA B 173 15.37 -23.51 -8.51
CA ALA B 173 16.52 -23.80 -7.69
C ALA B 173 16.37 -25.15 -6.99
N LYS B 174 17.52 -25.73 -6.63
CA LYS B 174 17.58 -27.01 -5.92
C LYS B 174 17.34 -26.73 -4.41
N TYR B 175 17.34 -25.44 -4.09
CA TYR B 175 17.14 -24.98 -2.73
C TYR B 175 16.52 -23.60 -2.77
N PRO B 176 15.19 -23.52 -2.98
CA PRO B 176 14.42 -22.25 -3.06
C PRO B 176 14.27 -21.57 -1.70
N VAL B 177 14.44 -20.26 -1.69
CA VAL B 177 14.26 -19.50 -0.46
C VAL B 177 13.40 -18.27 -0.81
N GLY B 178 12.13 -18.27 -0.39
CA GLY B 178 11.22 -17.17 -0.65
C GLY B 178 11.46 -16.19 0.48
N ILE B 179 11.51 -14.88 0.21
CA ILE B 179 11.72 -13.87 1.27
C ILE B 179 10.70 -12.69 1.34
N GLU B 180 10.56 -12.08 2.51
CA GLU B 180 9.62 -10.96 2.67
C GLU B 180 9.93 -10.04 3.87
N VAL B 181 9.30 -8.86 3.87
CA VAL B 181 9.48 -7.87 4.94
C VAL B 181 8.19 -7.06 5.17
N GLY B 182 7.56 -7.21 6.33
CA GLY B 182 6.33 -6.47 6.56
C GLY B 182 6.43 -5.30 7.54
N PRO B 183 5.55 -4.31 7.37
CA PRO B 183 4.56 -4.38 6.29
C PRO B 183 4.87 -3.28 5.31
N GLN B 184 4.40 -3.37 4.08
CA GLN B 184 4.66 -2.23 3.22
C GLN B 184 3.66 -2.06 2.08
N PRO B 185 3.28 -0.80 1.75
CA PRO B 185 2.31 -0.64 0.64
C PRO B 185 2.98 -0.89 -0.70
N GLN B 186 2.22 -1.45 -1.64
CA GLN B 186 2.76 -1.73 -2.96
C GLN B 186 3.24 -0.43 -3.58
N GLY B 187 4.29 -0.46 -4.36
CA GLY B 187 4.73 0.75 -4.98
C GLY B 187 5.32 1.78 -4.07
N VAL B 188 5.66 1.40 -2.84
CA VAL B 188 6.26 2.40 -1.92
C VAL B 188 7.45 1.80 -1.27
N LEU B 189 8.61 2.45 -1.41
CA LEU B 189 9.84 1.93 -0.84
C LEU B 189 10.17 2.47 0.54
N ARG B 190 10.01 1.65 1.58
CA ARG B 190 10.36 2.09 2.95
C ARG B 190 11.81 1.67 3.28
N ALA B 191 12.49 2.52 4.05
CA ALA B 191 13.87 2.29 4.44
C ALA B 191 13.97 1.19 5.50
N ASP B 192 13.09 1.22 6.52
CA ASP B 192 13.11 0.17 7.54
C ASP B 192 12.87 -1.21 6.92
N ILE B 193 12.09 -1.27 5.83
CA ILE B 193 11.80 -2.49 5.09
C ILE B 193 13.04 -2.92 4.26
N LEU B 194 13.67 -1.96 3.60
CA LEU B 194 14.83 -2.24 2.76
C LEU B 194 16.03 -2.62 3.62
N ASP B 195 16.07 -2.09 4.83
CA ASP B 195 17.18 -2.46 5.67
C ASP B 195 17.04 -3.90 6.23
N GLN B 196 15.80 -4.29 6.57
CA GLN B 196 15.57 -5.62 7.09
C GLN B 196 15.99 -6.67 6.04
N ARG B 198 17.86 -6.31 3.56
CA ARG B 198 19.29 -6.10 3.29
C ARG B 198 20.08 -7.04 4.22
N LYS B 199 19.67 -7.04 5.50
CA LYS B 199 20.30 -7.88 6.51
C LYS B 199 19.95 -9.37 6.41
N ILE B 201 19.45 -10.99 3.72
CA ILE B 201 20.31 -11.44 2.65
C ILE B 201 21.75 -11.60 3.14
N LYS B 202 22.27 -10.63 3.91
CA LYS B 202 23.64 -10.75 4.44
C LYS B 202 23.77 -12.06 5.23
N HIS B 203 23.04 -12.18 6.34
CA HIS B 203 23.09 -13.39 7.14
C HIS B 203 23.02 -14.67 6.30
N ALA B 204 21.98 -14.73 5.46
CA ALA B 204 21.80 -15.86 4.61
C ALA B 204 23.12 -16.17 3.86
N LEU B 205 23.74 -15.16 3.23
CA LEU B 205 24.99 -15.43 2.52
C LEU B 205 26.11 -15.81 3.54
N ASP B 206 26.02 -15.25 4.75
CA ASP B 206 27.00 -15.52 5.77
C ASP B 206 27.00 -17.01 6.10
N PHE B 207 25.86 -17.67 5.95
CA PHE B 207 25.75 -19.11 6.23
C PHE B 207 26.12 -20.00 5.03
N ILE B 208 25.79 -19.56 3.82
CA ILE B 208 26.12 -20.35 2.64
C ILE B 208 27.64 -20.38 2.55
N HIS B 209 28.25 -19.20 2.56
CA HIS B 209 29.69 -19.16 2.47
C HIS B 209 30.37 -20.16 3.43
N HIS B 210 29.94 -20.13 4.71
CA HIS B 210 30.48 -21.03 5.74
C HIS B 210 30.37 -22.50 5.30
N PHE B 211 29.29 -22.81 4.60
CA PHE B 211 29.04 -24.15 4.08
C PHE B 211 30.25 -24.57 3.25
N ASN B 212 30.41 -23.87 2.13
CA ASN B 212 31.50 -24.18 1.22
C ASN B 212 32.85 -23.77 1.82
N GLU B 213 32.85 -23.40 3.10
CA GLU B 213 34.07 -23.00 3.81
C GLU B 213 34.41 -24.15 4.73
N GLY B 214 33.48 -25.11 4.85
CA GLY B 214 33.69 -26.28 5.68
C GLY B 214 33.15 -26.22 7.10
N LYS B 215 32.48 -25.13 7.45
CA LYS B 215 31.92 -25.01 8.77
C LYS B 215 30.92 -26.15 9.01
N GLU B 216 30.96 -26.71 10.21
CA GLU B 216 30.02 -27.75 10.57
C GLU B 216 28.92 -27.03 11.39
N PHE B 217 27.81 -27.72 11.62
CA PHE B 217 26.67 -27.19 12.38
C PHE B 217 25.93 -28.40 12.96
N PRO B 218 25.73 -28.41 14.27
CA PRO B 218 25.01 -29.49 14.96
C PRO B 218 23.55 -29.54 14.61
N PRO B 219 22.87 -30.60 15.06
CA PRO B 219 21.42 -30.78 14.80
C PRO B 219 20.80 -29.49 15.27
N CYS B 220 19.67 -29.12 14.68
CA CYS B 220 18.94 -27.91 15.10
C CYS B 220 17.44 -28.08 14.91
N ALA B 221 16.69 -27.16 15.50
CA ALA B 221 15.25 -27.23 15.42
C ALA B 221 14.67 -25.84 15.16
N ILE B 222 13.68 -25.72 14.27
CA ILE B 222 13.06 -24.41 14.09
C ILE B 222 11.53 -24.38 14.19
N GLU B 223 10.99 -23.30 14.76
CA GLU B 223 9.53 -23.09 14.85
C GLU B 223 9.11 -22.60 13.46
N VAL B 224 7.98 -23.10 12.96
CA VAL B 224 7.48 -22.68 11.65
C VAL B 224 5.97 -22.53 11.63
N TYR B 225 5.40 -22.08 10.51
CA TYR B 225 3.96 -21.98 10.43
C TYR B 225 3.32 -22.66 9.21
N LYS B 226 2.41 -23.58 9.49
CA LYS B 226 1.71 -24.31 8.45
C LYS B 226 0.32 -23.71 8.40
N ILE B 227 -0.09 -23.26 7.23
CA ILE B 227 -1.42 -22.71 7.08
C ILE B 227 -2.30 -23.92 7.36
N ILE B 228 -3.44 -23.70 7.98
CA ILE B 228 -4.29 -24.82 8.24
C ILE B 228 -5.68 -24.46 7.83
N GLU B 229 -5.89 -23.19 7.49
CA GLU B 229 -7.19 -22.69 7.04
C GLU B 229 -7.18 -21.31 6.41
N LYS B 230 -7.29 -21.24 5.09
CA LYS B 230 -7.34 -19.93 4.42
C LYS B 230 -8.71 -19.31 4.83
N VAL B 231 -8.70 -18.39 5.80
CA VAL B 231 -9.92 -17.75 6.33
C VAL B 231 -10.40 -16.55 5.54
N ASP B 232 -11.69 -16.48 5.25
CA ASP B 232 -12.24 -15.36 4.48
C ASP B 232 -13.12 -14.28 5.19
N TYR B 233 -13.27 -13.15 4.49
CA TYR B 233 -14.07 -12.02 4.95
C TYR B 233 -15.57 -12.40 4.74
N PRO B 234 -16.44 -11.96 5.66
CA PRO B 234 -17.90 -12.20 5.63
C PRO B 234 -18.57 -11.51 4.43
N ARG B 235 -19.09 -12.27 3.45
CA ARG B 235 -19.74 -11.62 2.29
C ARG B 235 -21.19 -11.17 2.64
N ASP B 236 -21.84 -10.41 1.75
CA ASP B 236 -23.23 -9.98 2.02
C ASP B 236 -24.27 -10.75 1.16
N GLU B 237 -25.51 -10.26 1.13
CA GLU B 237 -26.57 -10.93 0.36
C GLU B 237 -26.58 -10.58 -1.14
N ASN B 238 -25.73 -9.64 -1.55
CA ASN B 238 -25.65 -9.27 -2.95
C ASN B 238 -24.30 -9.77 -3.44
N GLY B 239 -23.26 -9.16 -2.91
CA GLY B 239 -21.92 -9.53 -3.28
C GLY B 239 -20.89 -8.68 -2.56
N GLU B 240 -21.35 -7.70 -1.79
CA GLU B 240 -20.47 -6.80 -1.04
C GLU B 240 -19.99 -7.32 0.33
N ILE B 241 -18.71 -7.18 0.63
CA ILE B 241 -18.19 -7.62 1.91
C ILE B 241 -18.99 -7.00 3.09
N ALA B 242 -19.26 -7.86 4.07
CA ALA B 242 -20.00 -7.55 5.30
C ALA B 242 -19.18 -7.14 6.52
N ALA B 243 -18.12 -7.88 6.82
CA ALA B 243 -17.28 -7.59 7.95
C ALA B 243 -15.82 -7.48 7.48
N ILE B 244 -15.08 -6.55 8.08
CA ILE B 244 -13.69 -6.36 7.73
C ILE B 244 -12.78 -6.81 8.91
N ILE B 245 -11.47 -6.95 8.72
CA ILE B 245 -10.60 -7.37 9.83
C ILE B 245 -10.87 -6.54 11.11
N HIS B 246 -10.97 -7.18 12.27
CA HIS B 246 -11.24 -6.40 13.46
C HIS B 246 -10.01 -5.61 13.83
N PRO B 247 -10.16 -4.47 14.51
CA PRO B 247 -8.91 -3.77 14.83
C PRO B 247 -8.03 -4.61 15.72
N ASN B 248 -8.63 -5.60 16.33
CA ASN B 248 -7.90 -6.52 17.21
C ASN B 248 -6.94 -7.44 16.44
N LEU B 249 -7.45 -8.06 15.38
CA LEU B 249 -6.66 -8.94 14.56
C LEU B 249 -5.57 -8.20 13.80
N GLN B 250 -5.95 -7.02 13.30
CA GLN B 250 -5.07 -6.14 12.51
C GLN B 250 -3.65 -5.98 13.04
N ASP B 251 -2.69 -6.17 12.14
CA ASP B 251 -1.28 -6.05 12.44
C ASP B 251 -0.84 -7.02 13.52
N GLN B 252 -1.56 -8.14 13.61
CA GLN B 252 -1.30 -9.17 14.61
C GLN B 252 -0.88 -10.53 14.05
N ASP B 253 -0.24 -10.53 12.89
CA ASP B 253 0.24 -11.75 12.28
C ASP B 253 1.17 -12.39 13.30
N TRP B 254 1.33 -13.70 13.20
CA TRP B 254 2.24 -14.49 14.07
C TRP B 254 1.84 -14.63 15.53
N LYS B 255 1.02 -13.69 16.03
CA LYS B 255 0.55 -13.72 17.43
C LYS B 255 -0.67 -14.63 17.51
N PRO B 256 -0.81 -15.38 18.61
CA PRO B 256 -1.89 -16.33 18.90
C PRO B 256 -3.29 -15.73 18.90
N LEU B 257 -4.21 -16.37 18.19
CA LEU B 257 -5.59 -15.90 18.16
C LEU B 257 -6.49 -16.94 18.82
N HIS B 258 -7.16 -16.52 19.88
CA HIS B 258 -8.03 -17.39 20.63
C HIS B 258 -9.48 -17.44 20.12
N PRO B 259 -10.24 -18.45 20.56
CA PRO B 259 -11.64 -18.66 20.19
C PRO B 259 -12.58 -17.48 20.31
N GLY B 260 -12.50 -16.76 21.42
CA GLY B 260 -13.41 -15.63 21.52
C GLY B 260 -12.88 -14.30 20.97
N ASP B 261 -11.64 -14.31 20.47
CA ASP B 261 -10.97 -13.13 19.95
C ASP B 261 -11.64 -12.47 18.77
N PRO B 262 -11.73 -11.14 18.81
CA PRO B 262 -12.38 -10.47 17.68
C PRO B 262 -11.59 -10.82 16.43
N PHE B 264 -13.51 -10.23 12.86
CA PHE B 264 -14.10 -9.35 11.85
C PHE B 264 -14.94 -8.29 12.51
N LEU B 265 -15.14 -7.19 11.77
CA LEU B 265 -15.96 -6.05 12.17
C LEU B 265 -16.97 -5.84 11.04
N THR B 266 -18.25 -5.91 11.39
CA THR B 266 -19.35 -5.73 10.44
C THR B 266 -19.37 -4.28 10.03
N LEU B 267 -19.55 -4.01 8.74
CA LEU B 267 -19.49 -2.64 8.32
C LEU B 267 -20.50 -1.79 9.04
N ASP B 268 -21.42 -2.45 9.74
CA ASP B 268 -22.51 -1.79 10.39
C ASP B 268 -22.52 -1.76 11.93
N GLY B 269 -21.35 -1.95 12.53
CA GLY B 269 -21.25 -1.90 13.98
C GLY B 269 -20.93 -3.18 14.73
N LYS B 270 -21.22 -4.35 14.16
CA LYS B 270 -20.99 -5.59 14.88
C LYS B 270 -19.60 -6.27 14.88
N THR B 271 -19.37 -7.03 15.95
CA THR B 271 -18.11 -7.75 16.17
C THR B 271 -18.26 -9.29 16.06
N ILE B 272 -17.43 -9.91 15.22
CA ILE B 272 -17.43 -11.35 15.02
C ILE B 272 -16.10 -11.86 15.54
N PRO B 273 -16.14 -12.82 16.48
CA PRO B 273 -15.04 -13.50 17.19
C PRO B 273 -14.50 -14.71 16.42
N LEU B 274 -13.32 -15.18 16.79
CA LEU B 274 -12.76 -16.33 16.10
C LEU B 274 -13.67 -17.56 16.15
N GLY B 275 -13.54 -18.36 17.19
CA GLY B 275 -14.34 -19.56 17.25
C GLY B 275 -13.48 -20.82 17.33
N GLY B 276 -14.14 -21.93 17.69
CA GLY B 276 -13.44 -23.19 17.81
C GLY B 276 -12.54 -23.24 19.04
N ASP B 277 -12.26 -24.46 19.49
CA ASP B 277 -11.43 -24.73 20.67
C ASP B 277 -9.96 -24.62 20.34
N CYS B 278 -9.69 -24.93 19.08
CA CYS B 278 -8.37 -24.92 18.46
C CYS B 278 -7.87 -23.50 18.20
N THR B 279 -6.58 -23.31 18.52
CA THR B 279 -5.89 -22.03 18.39
C THR B 279 -5.11 -21.87 17.09
N VAL B 280 -5.32 -20.75 16.43
CA VAL B 280 -4.71 -20.47 15.16
C VAL B 280 -3.79 -19.26 15.15
N TYR B 281 -2.87 -19.22 14.18
CA TYR B 281 -1.93 -18.12 14.05
C TYR B 281 -2.16 -17.44 12.72
N PRO B 282 -2.72 -16.23 12.78
CA PRO B 282 -3.00 -15.49 11.55
C PRO B 282 -1.75 -14.83 10.97
N VAL B 283 -1.53 -15.11 9.68
CA VAL B 283 -0.42 -14.50 8.95
C VAL B 283 -1.05 -13.95 7.67
N PHE B 284 -0.43 -12.93 7.10
CA PHE B 284 -0.95 -12.33 5.89
C PHE B 284 -2.28 -11.65 6.22
N VAL B 285 -2.40 -11.26 7.49
CA VAL B 285 -3.56 -10.55 7.96
C VAL B 285 -3.58 -9.19 7.28
N ASN B 286 -4.60 -9.01 6.43
CA ASN B 286 -4.89 -7.80 5.68
C ASN B 286 -4.00 -7.53 4.49
N GLU B 287 -3.73 -8.56 3.69
CA GLU B 287 -2.86 -8.42 2.52
C GLU B 287 -3.60 -8.00 1.22
N ALA B 288 -3.11 -6.94 0.55
CA ALA B 288 -3.73 -6.47 -0.68
C ALA B 288 -3.67 -7.53 -1.77
N ALA B 289 -2.49 -8.11 -1.96
CA ALA B 289 -2.31 -9.13 -2.98
C ALA B 289 -3.50 -10.07 -2.98
N TYR B 290 -4.21 -10.15 -1.87
CA TYR B 290 -5.33 -11.06 -1.82
C TYR B 290 -6.66 -10.42 -1.36
N TYR B 291 -7.17 -9.48 -2.18
CA TYR B 291 -8.43 -8.84 -1.90
C TYR B 291 -9.28 -9.11 -3.11
N GLU B 292 -8.69 -9.78 -4.09
CA GLU B 292 -9.34 -10.18 -5.36
C GLU B 292 -10.16 -11.47 -5.15
N LYS B 293 -9.92 -12.14 -4.02
CA LYS B 293 -10.62 -13.37 -3.73
C LYS B 293 -11.27 -13.21 -2.38
N LYS B 294 -11.28 -11.98 -1.89
CA LYS B 294 -11.87 -11.64 -0.60
C LYS B 294 -11.30 -12.43 0.56
N GLU B 295 -10.01 -12.69 0.52
CA GLU B 295 -9.30 -13.46 1.53
C GLU B 295 -8.80 -12.57 2.67
N ALA B 296 -9.29 -12.82 3.87
CA ALA B 296 -8.89 -12.03 5.01
C ALA B 296 -7.55 -12.52 5.55
N PHE B 297 -7.34 -13.83 5.64
CA PHE B 297 -6.06 -14.40 6.11
C PHE B 297 -5.93 -15.90 5.95
N ALA B 298 -4.79 -16.44 6.38
CA ALA B 298 -4.50 -17.90 6.38
C ALA B 298 -4.29 -18.33 7.84
N LYS B 299 -5.22 -19.09 8.44
CA LYS B 299 -5.03 -19.54 9.82
C LYS B 299 -3.81 -20.46 9.82
N THR B 300 -2.98 -20.40 10.85
CA THR B 300 -1.81 -21.27 10.83
C THR B 300 -1.43 -21.91 12.12
N THR B 301 -0.70 -23.02 11.99
CA THR B 301 -0.15 -23.72 13.16
C THR B 301 1.37 -23.54 13.23
N LYS B 302 1.87 -23.58 14.46
CA LYS B 302 3.29 -23.46 14.72
C LYS B 302 3.68 -24.91 15.01
N LEU B 303 4.41 -25.54 14.09
CA LEU B 303 4.82 -26.91 14.29
C LEU B 303 6.34 -26.95 14.18
N THR B 304 7.01 -27.91 14.84
CA THR B 304 8.49 -27.95 14.75
C THR B 304 9.13 -28.80 13.67
N LEU B 305 10.30 -28.35 13.27
CA LEU B 305 11.06 -29.05 12.28
C LEU B 305 12.50 -29.19 12.81
N ASN B 306 13.17 -30.27 12.41
CA ASN B 306 14.57 -30.51 12.82
C ASN B 306 15.51 -30.79 11.67
N ALA B 307 16.79 -30.53 11.85
CA ALA B 307 17.72 -30.77 10.77
C ALA B 307 18.87 -31.69 11.12
N LYS B 308 18.86 -32.96 10.65
CA LYS B 308 19.99 -33.88 10.89
C LYS B 308 21.18 -32.95 10.65
N SER B 309 22.27 -33.10 11.39
CA SER B 309 23.38 -32.18 11.16
C SER B 309 23.82 -32.18 9.72
N ILE B 310 24.58 -31.17 9.32
CA ILE B 310 25.06 -31.06 7.95
C ILE B 310 26.50 -30.48 7.93
N ARG B 311 27.26 -30.89 6.93
CA ARG B 311 28.64 -30.39 6.76
C ARG B 311 29.02 -30.53 5.31
N CYS B 312 29.57 -29.48 4.69
CA CYS B 312 29.96 -29.64 3.29
C CYS B 312 31.20 -30.52 3.24
N GLU A 11 -25.34 32.41 3.51
CA GLU A 11 -26.58 31.77 2.96
C GLU A 11 -26.66 30.26 3.26
N HIS A 12 -27.87 29.76 3.03
CA HIS A 12 -28.29 28.37 3.25
C HIS A 12 -27.48 27.21 2.64
N ILE A 13 -27.54 26.06 3.30
CA ILE A 13 -26.86 24.84 2.84
C ILE A 13 -27.90 23.74 2.64
N GLN A 14 -28.26 23.49 1.39
CA GLN A 14 -29.26 22.48 1.09
C GLN A 14 -28.70 21.35 0.25
N LYS A 15 -27.73 21.67 -0.60
CA LYS A 15 -27.10 20.66 -1.45
C LYS A 15 -25.72 20.20 -0.95
N VAL A 16 -25.68 18.98 -0.41
CA VAL A 16 -24.46 18.38 0.10
C VAL A 16 -24.32 16.92 -0.31
N ALA A 17 -23.19 16.58 -0.94
CA ALA A 17 -22.93 15.20 -1.35
C ALA A 17 -21.64 14.60 -0.77
N ILE A 18 -21.55 13.28 -0.82
CA ILE A 18 -20.36 12.56 -0.37
C ILE A 18 -19.97 11.62 -1.49
N PHE A 19 -18.85 11.95 -2.15
CA PHE A 19 -18.29 11.15 -3.24
C PHE A 19 -17.30 10.09 -2.75
N GLY A 20 -17.44 8.88 -3.29
CA GLY A 20 -16.54 7.78 -2.95
C GLY A 20 -16.01 7.09 -4.22
N GLY A 21 -14.75 6.65 -4.17
CA GLY A 21 -14.17 5.97 -5.31
C GLY A 21 -13.63 6.88 -6.39
N THR A 22 -13.39 8.16 -6.07
CA THR A 22 -12.80 9.05 -7.07
C THR A 22 -11.52 8.36 -7.53
N HIS A 23 -10.77 7.82 -6.58
CA HIS A 23 -9.56 7.03 -6.89
C HIS A 23 -9.91 5.62 -6.42
N GLY A 24 -9.80 4.66 -7.34
CA GLY A 24 -10.12 3.28 -7.04
C GLY A 24 -9.15 2.63 -6.06
N ASN A 25 -7.86 2.93 -6.11
CA ASN A 25 -7.03 2.26 -5.15
C ASN A 25 -7.17 2.68 -3.71
N GLU A 26 -8.15 3.55 -3.38
CA GLU A 26 -8.41 3.99 -1.99
C GLU A 26 -9.75 3.38 -1.50
N LEU A 27 -9.78 2.54 -0.46
CA LEU A 27 -11.07 1.92 -0.18
C LEU A 27 -11.98 2.40 0.90
N THR A 28 -11.51 3.27 1.79
CA THR A 28 -12.39 3.69 2.88
C THR A 28 -13.80 4.13 2.40
N GLY A 29 -13.94 5.34 1.88
CA GLY A 29 -15.26 5.78 1.45
C GLY A 29 -15.97 4.96 0.35
N VAL A 30 -15.20 4.11 -0.35
CA VAL A 30 -15.74 3.29 -1.42
C VAL A 30 -16.62 2.21 -0.81
N PHE A 31 -16.31 1.89 0.44
CA PHE A 31 -17.01 0.88 1.25
C PHE A 31 -18.20 1.57 1.99
N LEU A 32 -17.95 2.75 2.56
CA LEU A 32 -18.97 3.52 3.25
C LEU A 32 -19.99 4.01 2.22
N VAL A 33 -19.53 4.47 1.05
CA VAL A 33 -20.46 4.96 0.04
C VAL A 33 -21.30 3.81 -0.50
N LYS A 34 -20.67 2.67 -0.71
CA LYS A 34 -21.42 1.55 -1.18
C LYS A 34 -22.47 1.16 -0.14
N HIS A 35 -22.08 1.16 1.13
CA HIS A 35 -23.02 0.82 2.20
C HIS A 35 -24.15 1.86 2.27
N TRP A 36 -23.78 3.13 2.14
CA TRP A 36 -24.75 4.22 2.20
C TRP A 36 -25.74 4.12 1.04
N LEU A 37 -25.23 3.82 -0.15
CA LEU A 37 -26.09 3.66 -1.28
C LEU A 37 -27.20 2.70 -0.92
N GLU A 38 -26.89 1.73 -0.05
CA GLU A 38 -27.88 0.74 0.40
C GLU A 38 -28.65 1.23 1.63
N ASN A 39 -27.93 1.81 2.59
CA ASN A 39 -28.52 2.35 3.83
C ASN A 39 -27.80 3.65 4.19
N GLY A 40 -28.50 4.76 3.92
CA GLY A 40 -27.94 6.06 4.16
C GLY A 40 -28.32 6.69 5.47
N ALA A 41 -28.77 5.86 6.39
CA ALA A 41 -29.15 6.32 7.70
C ALA A 41 -28.04 7.18 8.36
N GLU A 42 -26.78 6.69 8.42
CA GLU A 42 -25.69 7.46 9.05
C GLU A 42 -25.46 8.88 8.49
N ILE A 43 -25.62 9.06 7.20
CA ILE A 43 -25.36 10.41 6.67
C ILE A 43 -26.56 11.31 6.41
N GLN A 44 -27.58 11.22 7.27
CA GLN A 44 -28.78 12.06 7.18
C GLN A 44 -28.89 12.88 8.47
N ARG A 45 -29.27 14.15 8.33
CA ARG A 45 -29.45 14.98 9.51
C ARG A 45 -30.88 15.55 9.63
N THR A 46 -31.17 16.26 10.70
CA THR A 46 -32.48 16.84 10.79
C THR A 46 -32.45 18.00 9.82
N GLY A 47 -33.37 17.96 8.86
CA GLY A 47 -33.43 19.00 7.87
C GLY A 47 -32.31 18.95 6.86
N LEU A 48 -31.28 18.13 7.13
CA LEU A 48 -30.14 17.98 6.21
C LEU A 48 -30.04 16.61 5.54
N GLU A 49 -30.13 16.59 4.20
CA GLU A 49 -30.01 15.35 3.43
C GLU A 49 -28.60 15.27 2.75
N VAL A 50 -28.09 14.04 2.57
CA VAL A 50 -26.77 13.81 1.96
C VAL A 50 -26.80 12.61 1.00
N LYS A 51 -26.42 12.86 -0.25
CA LYS A 51 -26.41 11.82 -1.27
C LYS A 51 -25.04 11.18 -1.57
N PRO A 52 -24.90 9.85 -1.35
CA PRO A 52 -23.64 9.14 -1.61
C PRO A 52 -23.58 8.78 -3.09
N PHE A 53 -22.39 8.88 -3.66
CA PHE A 53 -22.20 8.60 -5.08
C PHE A 53 -20.79 8.04 -5.34
N ILE A 54 -20.71 6.93 -6.08
CA ILE A 54 -19.40 6.36 -6.42
C ILE A 54 -18.99 6.92 -7.77
N THR A 55 -18.11 7.94 -7.76
CA THR A 55 -17.67 8.62 -8.99
C THR A 55 -17.06 7.78 -10.11
N ASN A 56 -15.99 7.03 -9.84
CA ASN A 56 -15.38 6.20 -10.89
C ASN A 56 -15.61 4.71 -10.63
N PRO A 57 -16.79 4.19 -11.05
CA PRO A 57 -17.21 2.80 -10.88
C PRO A 57 -16.25 1.78 -11.45
N ARG A 58 -15.71 2.06 -12.64
CA ARG A 58 -14.79 1.11 -13.23
C ARG A 58 -13.43 1.03 -12.50
N ALA A 59 -13.00 2.16 -11.93
CA ALA A 59 -11.74 2.18 -11.21
C ALA A 59 -11.99 1.57 -9.83
N VAL A 60 -13.26 1.27 -9.55
CA VAL A 60 -13.62 0.60 -8.30
C VAL A 60 -13.82 -0.84 -8.72
N LYS A 61 -14.20 -1.10 -9.96
CA LYS A 61 -14.33 -2.50 -10.37
C LYS A 61 -12.97 -3.23 -10.58
N LYS A 62 -11.98 -2.56 -11.15
CA LYS A 62 -10.68 -3.16 -11.40
C LYS A 62 -9.76 -2.90 -10.24
N CYS A 63 -10.26 -2.06 -9.32
CA CYS A 63 -9.48 -1.56 -8.20
C CYS A 63 -8.27 -0.90 -8.87
N THR A 64 -8.39 0.35 -9.24
CA THR A 64 -7.28 0.98 -9.92
C THR A 64 -7.33 2.49 -9.68
N ARG A 65 -6.18 3.15 -9.54
CA ARG A 65 -6.17 4.62 -9.34
C ARG A 65 -7.00 5.13 -10.51
N TYR A 66 -6.69 4.69 -11.72
CA TYR A 66 -7.56 5.06 -12.83
C TYR A 66 -7.61 4.00 -13.96
N ILE A 67 -8.50 4.26 -14.93
CA ILE A 67 -8.65 3.38 -16.09
C ILE A 67 -7.89 3.96 -17.25
N ASP A 68 -8.09 5.24 -17.54
CA ASP A 68 -7.39 5.90 -18.62
C ASP A 68 -6.62 7.14 -18.20
N CYS A 69 -7.24 7.93 -17.32
CA CYS A 69 -6.63 9.16 -16.80
C CYS A 69 -7.13 9.45 -15.40
N ASP A 70 -6.53 10.42 -14.72
CA ASP A 70 -6.94 10.75 -13.35
C ASP A 70 -8.21 11.57 -13.29
N LEU A 71 -9.28 10.97 -12.77
CA LEU A 71 -10.60 11.64 -12.64
C LEU A 71 -10.52 12.92 -11.82
N ASN A 72 -9.55 12.95 -10.90
CA ASN A 72 -9.36 14.11 -10.01
C ASN A 72 -8.46 15.23 -10.53
N ARG A 73 -8.15 15.21 -11.83
CA ARG A 73 -7.27 16.21 -12.42
C ARG A 73 -7.81 16.86 -13.74
N ILE A 74 -8.94 16.35 -14.21
CA ILE A 74 -9.54 16.78 -15.46
C ILE A 74 -10.80 17.68 -15.41
N PHE A 75 -11.23 18.10 -14.22
CA PHE A 75 -12.43 18.95 -14.19
C PHE A 75 -12.15 20.44 -14.57
N ASP A 76 -11.57 20.56 -15.75
CA ASP A 76 -11.21 21.80 -16.37
C ASP A 76 -11.93 21.74 -17.72
N LEU A 77 -11.37 22.37 -18.75
CA LEU A 77 -12.06 22.34 -20.03
C LEU A 77 -11.56 21.38 -21.17
N GLU A 78 -10.28 20.98 -21.29
CA GLU A 78 -9.91 20.06 -22.41
C GLU A 78 -10.90 18.89 -22.46
N ASN A 79 -11.66 18.67 -21.39
CA ASN A 79 -12.60 17.54 -21.41
C ASN A 79 -14.06 17.85 -21.19
N LEU A 80 -14.34 18.89 -20.40
CA LEU A 80 -15.73 19.29 -20.11
C LEU A 80 -16.29 20.09 -21.28
N GLY A 81 -15.44 20.35 -22.27
CA GLY A 81 -15.88 21.08 -23.44
C GLY A 81 -15.66 20.33 -24.75
N LYS A 82 -15.27 19.07 -24.65
CA LYS A 82 -15.05 18.23 -25.83
C LYS A 82 -16.41 17.81 -26.30
N LYS A 83 -16.67 17.77 -27.61
CA LYS A 83 -18.01 17.31 -28.01
C LYS A 83 -18.06 15.90 -27.42
N SER A 85 -18.40 12.10 -26.30
CA SER A 85 -18.32 10.85 -27.03
C SER A 85 -17.67 9.66 -26.31
N GLU A 86 -17.85 8.51 -26.94
CA GLU A 86 -17.35 7.26 -26.45
C GLU A 86 -15.91 7.04 -26.83
N ASP A 87 -15.27 8.01 -27.47
CA ASP A 87 -13.90 7.78 -27.87
C ASP A 87 -12.87 8.46 -26.99
N LEU A 88 -13.33 9.36 -26.12
CA LEU A 88 -12.41 10.02 -25.19
C LEU A 88 -12.06 9.03 -24.07
N PRO A 89 -11.00 9.32 -23.31
CA PRO A 89 -10.61 8.43 -22.21
C PRO A 89 -11.78 8.30 -21.23
N TYR A 90 -12.03 7.08 -20.78
CA TYR A 90 -13.13 6.81 -19.88
C TYR A 90 -13.44 7.92 -18.83
N GLU A 91 -12.44 8.27 -18.01
CA GLU A 91 -12.63 9.29 -16.99
C GLU A 91 -13.19 10.64 -17.51
N VAL A 92 -12.97 10.96 -18.78
CA VAL A 92 -13.51 12.21 -19.33
C VAL A 92 -15.06 12.23 -19.48
N ARG A 93 -15.60 11.30 -20.26
CA ARG A 93 -17.06 11.22 -20.40
C ARG A 93 -17.60 11.34 -18.97
N ARG A 94 -17.03 10.51 -18.12
CA ARG A 94 -17.35 10.40 -16.73
C ARG A 94 -17.32 11.80 -16.10
N ALA A 95 -16.33 12.62 -16.52
CA ALA A 95 -16.20 13.98 -16.00
C ALA A 95 -17.40 14.82 -16.51
N GLN A 96 -17.84 14.53 -17.73
CA GLN A 96 -19.01 15.23 -18.22
C GLN A 96 -20.23 14.74 -17.43
N GLU A 97 -20.38 13.41 -17.41
CA GLU A 97 -21.45 12.72 -16.69
C GLU A 97 -21.60 13.25 -15.26
N ILE A 98 -20.51 13.21 -14.48
CA ILE A 98 -20.54 13.68 -13.10
C ILE A 98 -20.79 15.20 -12.95
N ASN A 99 -20.09 16.02 -13.72
CA ASN A 99 -20.36 17.44 -13.62
C ASN A 99 -21.84 17.69 -13.95
N HIS A 100 -22.29 17.22 -15.12
CA HIS A 100 -23.66 17.41 -15.51
C HIS A 100 -24.51 16.68 -14.50
N LEU A 101 -23.89 15.73 -13.79
CA LEU A 101 -24.63 15.02 -12.76
C LEU A 101 -24.88 15.91 -11.54
N PHE A 102 -23.83 16.42 -10.88
CA PHE A 102 -24.00 17.25 -9.67
C PHE A 102 -23.71 18.75 -9.85
N GLY A 103 -23.53 19.17 -11.10
CA GLY A 103 -23.20 20.57 -11.36
C GLY A 103 -24.38 21.42 -11.76
N PRO A 104 -24.21 22.30 -12.74
CA PRO A 104 -22.96 22.54 -13.50
C PRO A 104 -22.00 23.41 -12.70
N LYS A 105 -20.70 23.19 -12.90
CA LYS A 105 -19.67 23.97 -12.18
C LYS A 105 -19.73 25.42 -12.67
N ASP A 106 -19.42 26.36 -11.75
CA ASP A 106 -19.44 27.80 -12.04
C ASP A 106 -20.90 28.25 -12.30
N SER A 107 -21.85 27.40 -11.92
CA SER A 107 -23.27 27.62 -12.09
C SER A 107 -24.03 27.69 -10.74
N GLU A 108 -25.30 28.11 -10.78
CA GLU A 108 -26.09 28.25 -9.56
C GLU A 108 -26.79 26.95 -9.17
N ASP A 109 -26.99 26.06 -10.14
CA ASP A 109 -27.66 24.82 -9.84
C ASP A 109 -26.71 23.87 -9.09
N SER A 110 -25.42 24.16 -9.15
CA SER A 110 -24.40 23.33 -8.53
C SER A 110 -24.64 23.01 -7.06
N TYR A 111 -24.18 21.83 -6.66
CA TYR A 111 -24.30 21.42 -5.26
C TYR A 111 -23.56 22.44 -4.42
N ASP A 112 -23.99 22.57 -3.17
CA ASP A 112 -23.42 23.53 -2.23
C ASP A 112 -22.12 23.04 -1.63
N ILE A 113 -22.15 21.83 -1.07
CA ILE A 113 -20.95 21.24 -0.51
C ILE A 113 -20.93 19.77 -0.94
N ILE A 114 -19.84 19.34 -1.57
CA ILE A 114 -19.65 17.92 -1.95
C ILE A 114 -18.42 17.50 -1.16
N PHE A 115 -18.32 16.23 -0.80
CA PHE A 115 -17.14 15.72 -0.08
C PHE A 115 -16.41 14.65 -0.97
N ASP A 116 -15.12 14.89 -1.22
CA ASP A 116 -14.26 13.99 -2.01
C ASP A 116 -13.37 13.18 -0.99
N LEU A 117 -13.71 11.92 -0.73
CA LEU A 117 -12.91 11.08 0.21
C LEU A 117 -11.65 10.47 -0.45
N HIS A 118 -10.52 10.62 0.19
CA HIS A 118 -9.28 10.06 -0.32
C HIS A 118 -8.35 9.46 0.77
N ASN A 119 -7.46 8.57 0.32
CA ASN A 119 -6.51 7.91 1.20
C ASN A 119 -5.12 8.22 0.74
N THR A 120 -4.19 8.19 1.70
CA THR A 120 -2.78 8.40 1.41
C THR A 120 -1.99 7.30 2.09
N THR A 121 -0.94 6.83 1.45
CA THR A 121 -0.11 5.81 2.07
C THR A 121 0.79 6.55 3.05
N SER A 122 0.71 7.88 3.03
CA SER A 122 1.45 8.73 3.95
C SER A 122 0.77 8.70 5.35
N ASN A 123 1.56 8.96 6.39
CA ASN A 123 1.07 8.95 7.75
C ASN A 123 0.66 10.34 8.30
N GLY A 125 -2.89 10.86 9.22
CA GLY A 125 -4.16 10.78 9.89
C GLY A 125 -5.18 11.67 9.21
N CYS A 126 -6.09 12.25 9.99
CA CYS A 126 -7.17 13.10 9.45
C CYS A 126 -6.67 14.37 8.78
N THR A 127 -7.07 14.55 7.53
CA THR A 127 -6.69 15.73 6.76
C THR A 127 -7.88 16.36 6.04
N LEU A 128 -7.94 17.70 6.10
CA LEU A 128 -8.98 18.46 5.40
C LEU A 128 -8.18 19.31 4.43
N ILE A 129 -8.64 19.39 3.17
CA ILE A 129 -7.92 20.19 2.21
C ILE A 129 -8.69 21.45 1.78
N LEU A 130 -7.98 22.57 1.67
CA LEU A 130 -8.62 23.80 1.29
C LEU A 130 -8.04 24.33 -0.04
N GLU A 131 -8.89 24.89 -0.91
CA GLU A 131 -8.45 25.44 -2.22
C GLU A 131 -8.66 26.97 -2.41
N ASP A 132 -8.44 27.74 -1.34
CA ASP A 132 -8.57 29.22 -1.30
C ASP A 132 -8.38 29.60 0.19
N SER A 133 -7.78 30.76 0.47
CA SER A 133 -7.55 31.18 1.85
C SER A 133 -8.74 32.01 2.28
N ARG A 134 -9.29 32.68 1.28
CA ARG A 134 -10.43 33.54 1.46
C ARG A 134 -11.66 32.65 1.33
N ASN A 135 -12.14 32.10 2.44
CA ASN A 135 -13.32 31.23 2.40
C ASN A 135 -13.77 30.95 3.85
N ASN A 136 -14.36 31.98 4.46
CA ASN A 136 -14.87 31.93 5.84
C ASN A 136 -15.77 30.72 6.18
N PHE A 137 -16.72 30.43 5.29
CA PHE A 137 -17.61 29.30 5.54
C PHE A 137 -16.78 28.04 5.65
N LEU A 138 -15.70 27.97 4.86
CA LEU A 138 -14.83 26.82 4.92
C LEU A 138 -13.96 26.86 6.15
N ILE A 139 -13.35 28.01 6.46
CA ILE A 139 -12.49 28.02 7.64
C ILE A 139 -13.36 27.67 8.84
N GLN A 140 -14.60 28.14 8.83
CA GLN A 140 -15.51 27.86 9.93
C GLN A 140 -15.74 26.35 10.12
N PHE A 142 -14.05 23.78 9.09
CA PHE A 142 -12.82 23.12 9.50
C PHE A 142 -12.50 23.39 10.97
N HIS A 143 -12.75 24.62 11.40
CA HIS A 143 -12.47 24.92 12.78
C HIS A 143 -13.30 23.94 13.57
N TYR A 144 -14.62 23.93 13.35
CA TYR A 144 -15.49 22.99 14.07
C TYR A 144 -14.83 21.59 14.01
N ILE A 145 -14.57 21.13 12.77
CA ILE A 145 -13.95 19.86 12.52
C ILE A 145 -12.70 19.66 13.37
N LYS A 146 -11.64 20.39 13.06
CA LYS A 146 -10.40 20.32 13.83
C LYS A 146 -10.81 20.37 15.28
N THR A 147 -11.51 21.44 15.64
CA THR A 147 -11.94 21.62 17.02
C THR A 147 -12.52 20.35 17.56
N SER A 148 -13.72 19.96 17.12
CA SER A 148 -14.34 18.75 17.62
C SER A 148 -13.45 17.48 17.76
N LEU A 149 -12.72 17.19 16.70
CA LEU A 149 -11.83 16.04 16.59
C LEU A 149 -11.05 15.58 17.77
N ALA A 150 -10.36 16.51 18.43
CA ALA A 150 -9.60 16.11 19.61
C ALA A 150 -10.37 15.16 20.55
N PRO A 151 -9.61 14.29 21.22
CA PRO A 151 -8.15 14.26 21.09
C PRO A 151 -7.50 13.76 19.77
N LEU A 152 -8.25 13.03 18.93
CA LEU A 152 -7.71 12.46 17.69
C LEU A 152 -7.30 13.61 16.81
N PRO A 153 -5.99 13.71 16.54
CA PRO A 153 -5.35 14.74 15.72
C PRO A 153 -6.13 15.06 14.44
N CYS A 154 -5.81 16.19 13.82
CA CYS A 154 -6.52 16.64 12.61
C CYS A 154 -5.71 17.73 11.94
N TYR A 155 -5.64 17.69 10.61
CA TYR A 155 -4.85 18.65 9.85
C TYR A 155 -5.51 19.20 8.62
N VAL A 156 -5.26 20.49 8.36
CA VAL A 156 -5.79 21.16 7.19
C VAL A 156 -4.66 21.57 6.25
N TYR A 157 -4.78 21.17 4.98
CA TYR A 157 -3.82 21.46 3.92
C TYR A 157 -4.43 22.49 2.99
N LEU A 158 -3.71 23.56 2.65
CA LEU A 158 -4.25 24.56 1.73
C LEU A 158 -3.62 24.49 0.33
N ILE A 159 -4.44 24.49 -0.72
CA ILE A 159 -3.90 24.48 -2.10
C ILE A 159 -4.24 25.76 -2.93
N GLU A 160 -3.36 26.76 -2.88
CA GLU A 160 -3.57 28.06 -3.55
C GLU A 160 -2.84 28.21 -4.88
N HIS A 161 -3.33 27.53 -5.90
CA HIS A 161 -2.72 27.61 -7.21
C HIS A 161 -2.68 29.08 -7.67
N PRO A 162 -1.51 29.53 -8.21
CA PRO A 162 -1.39 30.91 -8.68
C PRO A 162 -2.31 30.99 -9.91
N SER A 163 -2.75 29.81 -10.37
CA SER A 163 -3.67 29.66 -11.49
C SER A 163 -4.92 30.41 -11.09
N LEU A 164 -5.49 29.89 -10.00
CA LEU A 164 -6.71 30.35 -9.38
C LEU A 164 -7.79 29.44 -9.92
N LYS A 165 -7.37 28.35 -10.57
CA LYS A 165 -8.28 27.38 -11.17
C LYS A 165 -8.14 25.95 -10.64
N TYR A 166 -9.19 25.15 -10.73
CA TYR A 166 -9.08 23.78 -10.24
C TYR A 166 -9.80 22.71 -11.12
N ALA A 167 -9.19 21.54 -11.23
CA ALA A 167 -9.74 20.47 -12.04
C ALA A 167 -10.21 19.25 -11.22
N THR A 168 -10.30 19.41 -9.90
CA THR A 168 -10.74 18.34 -9.01
C THR A 168 -12.16 17.90 -9.17
N THR A 169 -12.49 16.79 -8.52
CA THR A 169 -13.84 16.23 -8.55
C THR A 169 -14.73 17.06 -7.60
N ARG A 170 -14.18 17.47 -6.46
CA ARG A 170 -14.96 18.27 -5.49
C ARG A 170 -15.15 19.78 -5.88
N SER A 171 -14.33 20.24 -6.83
CA SER A 171 -14.36 21.61 -7.27
C SER A 171 -15.68 21.93 -8.02
N ILE A 172 -16.45 20.90 -8.34
CA ILE A 172 -17.74 21.12 -8.98
C ILE A 172 -18.70 21.90 -8.01
N ALA A 173 -18.62 21.64 -6.71
CA ALA A 173 -19.51 22.28 -5.73
C ALA A 173 -19.28 23.76 -5.48
N LYS A 174 -20.14 24.36 -4.66
CA LYS A 174 -20.02 25.77 -4.27
C LYS A 174 -18.99 25.78 -3.15
N TYR A 175 -19.11 24.79 -2.26
CA TYR A 175 -18.21 24.61 -1.12
C TYR A 175 -17.56 23.23 -1.17
N PRO A 176 -16.40 23.12 -1.86
CA PRO A 176 -15.60 21.88 -2.04
C PRO A 176 -14.68 21.64 -0.87
N VAL A 177 -14.81 20.47 -0.26
CA VAL A 177 -13.95 20.07 0.87
C VAL A 177 -13.22 18.74 0.63
N GLY A 178 -11.90 18.74 0.75
CA GLY A 178 -11.19 17.49 0.54
C GLY A 178 -10.99 16.70 1.83
N ILE A 179 -11.40 15.42 1.88
CA ILE A 179 -11.13 14.58 3.07
C ILE A 179 -10.17 13.41 2.72
N GLU A 180 -8.93 13.48 3.20
CA GLU A 180 -7.93 12.45 2.90
C GLU A 180 -7.36 11.95 4.21
N VAL A 181 -7.31 10.64 4.41
CA VAL A 181 -6.72 10.15 5.65
C VAL A 181 -5.77 8.97 5.52
N GLY A 182 -4.62 9.09 6.18
CA GLY A 182 -3.61 8.02 6.14
C GLY A 182 -3.12 7.61 7.52
N PRO A 183 -2.31 6.56 7.63
CA PRO A 183 -1.83 5.77 6.49
C PRO A 183 -2.56 4.46 6.22
N GLN A 184 -2.66 4.11 4.93
CA GLN A 184 -3.27 2.86 4.58
C GLN A 184 -2.73 2.49 3.24
N PRO A 185 -2.35 1.22 3.03
CA PRO A 185 -1.83 0.87 1.70
C PRO A 185 -2.98 0.91 0.68
N GLN A 186 -2.67 1.18 -0.60
CA GLN A 186 -3.75 1.15 -1.58
C GLN A 186 -4.30 -0.27 -1.57
N GLY A 187 -5.60 -0.42 -1.84
CA GLY A 187 -6.21 -1.73 -1.91
C GLY A 187 -6.34 -2.45 -0.60
N VAL A 188 -6.47 -1.69 0.47
CA VAL A 188 -6.60 -2.34 1.78
C VAL A 188 -7.49 -1.59 2.74
N LEU A 189 -8.53 -2.26 3.24
CA LEU A 189 -9.44 -1.62 4.19
C LEU A 189 -9.15 -1.85 5.69
N ARG A 190 -8.49 -0.90 6.34
CA ARG A 190 -8.17 -0.95 7.77
C ARG A 190 -9.30 -0.35 8.62
N ALA A 191 -9.64 -1.00 9.75
CA ALA A 191 -10.73 -0.50 10.60
C ALA A 191 -10.47 0.85 11.21
N ASP A 192 -9.26 1.06 11.72
CA ASP A 192 -8.97 2.37 12.31
C ASP A 192 -9.14 3.50 11.29
N ILE A 193 -8.68 3.30 10.06
CA ILE A 193 -8.84 4.33 9.02
C ILE A 193 -10.33 4.57 8.73
N LEU A 194 -11.08 3.49 8.48
CA LEU A 194 -12.49 3.63 8.22
C LEU A 194 -13.31 4.30 9.34
N ASP A 195 -12.88 4.10 10.58
CA ASP A 195 -13.58 4.62 11.73
C ASP A 195 -13.27 6.08 11.86
N GLN A 196 -12.00 6.41 11.67
CA GLN A 196 -11.63 7.80 11.80
C GLN A 196 -12.36 8.68 10.77
N ARG A 198 -15.07 7.82 9.17
CA ARG A 198 -16.52 7.71 9.22
C ARG A 198 -16.91 8.64 10.36
N LYS A 199 -15.96 8.89 11.25
CA LYS A 199 -16.17 9.81 12.36
C LYS A 199 -16.03 11.27 11.86
N ILE A 201 -16.81 12.50 8.89
CA ILE A 201 -18.01 12.89 8.18
C ILE A 201 -19.05 13.41 9.21
N LYS A 202 -19.13 12.73 10.37
CA LYS A 202 -20.07 13.12 11.43
C LYS A 202 -19.86 14.54 11.94
N HIS A 203 -18.61 14.95 12.14
CA HIS A 203 -18.40 16.30 12.62
C HIS A 203 -18.72 17.28 11.53
N ALA A 204 -18.15 17.11 10.34
CA ALA A 204 -18.47 18.03 9.24
C ALA A 204 -20.00 18.13 9.07
N LEU A 205 -20.71 17.03 9.31
CA LEU A 205 -22.16 17.06 9.18
C LEU A 205 -22.83 17.69 10.42
N ASP A 206 -22.25 17.52 11.61
CA ASP A 206 -22.81 18.15 12.82
C ASP A 206 -22.81 19.67 12.52
N PHE A 207 -21.63 20.23 12.21
CA PHE A 207 -21.50 21.65 11.87
C PHE A 207 -22.64 22.18 10.95
N ILE A 208 -22.80 21.59 9.77
CA ILE A 208 -23.84 22.06 8.88
C ILE A 208 -25.22 21.95 9.51
N HIS A 209 -25.40 20.89 10.32
CA HIS A 209 -26.65 20.61 11.02
C HIS A 209 -26.91 21.60 12.15
N HIS A 210 -25.94 22.47 12.39
CA HIS A 210 -26.08 23.49 13.39
C HIS A 210 -26.23 24.82 12.67
N PHE A 211 -25.59 24.93 11.50
CA PHE A 211 -25.66 26.13 10.66
C PHE A 211 -27.09 26.17 10.05
N ASN A 212 -27.48 25.12 9.35
CA ASN A 212 -28.78 25.10 8.77
C ASN A 212 -29.79 25.57 9.82
N GLU A 213 -29.73 24.97 11.02
CA GLU A 213 -30.66 25.33 12.12
C GLU A 213 -30.52 26.80 12.47
N GLY A 214 -29.47 27.44 11.97
CA GLY A 214 -29.26 28.84 12.23
C GLY A 214 -28.57 29.13 13.53
N LYS A 215 -27.94 28.12 14.13
CA LYS A 215 -27.25 28.35 15.38
C LYS A 215 -25.96 29.04 15.04
N GLU A 216 -25.91 30.35 15.33
CA GLU A 216 -24.79 31.25 15.04
C GLU A 216 -23.39 30.64 15.13
N PHE A 217 -22.45 31.28 14.45
CA PHE A 217 -21.07 30.82 14.46
C PHE A 217 -20.12 32.01 14.61
N PRO A 218 -19.51 32.14 15.80
CA PRO A 218 -18.56 33.22 16.12
C PRO A 218 -17.31 33.17 15.27
N PRO A 219 -16.62 34.30 15.17
CA PRO A 219 -15.38 34.31 14.35
C PRO A 219 -14.39 33.32 14.95
N CYS A 220 -13.73 32.53 14.10
CA CYS A 220 -12.71 31.57 14.57
C CYS A 220 -11.49 31.56 13.66
N ALA A 221 -10.46 30.83 14.07
CA ALA A 221 -9.23 30.75 13.28
C ALA A 221 -8.82 29.28 13.17
N ILE A 222 -8.28 28.85 12.04
CA ILE A 222 -7.81 27.46 11.97
C ILE A 222 -6.37 27.50 11.52
N GLU A 223 -5.60 26.47 11.86
CA GLU A 223 -4.21 26.42 11.42
C GLU A 223 -4.20 25.59 10.13
N VAL A 224 -3.33 25.99 9.20
CA VAL A 224 -3.21 25.29 7.92
C VAL A 224 -1.74 25.21 7.45
N TYR A 225 -1.52 24.37 6.43
CA TYR A 225 -0.20 24.12 5.82
C TYR A 225 -0.28 24.33 4.31
N LYS A 226 0.64 25.12 3.78
CA LYS A 226 0.66 25.48 2.34
C LYS A 226 1.94 24.89 1.75
N ILE A 227 1.90 24.50 0.48
CA ILE A 227 3.05 23.88 -0.18
C ILE A 227 3.99 24.80 -0.94
N ILE A 228 5.16 25.08 -0.39
CA ILE A 228 6.13 25.93 -1.07
C ILE A 228 6.99 25.21 -2.12
N GLU A 229 6.90 23.88 -2.22
CA GLU A 229 7.66 23.09 -3.21
C GLU A 229 7.37 21.59 -3.15
N LYS A 230 7.34 20.94 -4.32
CA LYS A 230 7.16 19.48 -4.40
C LYS A 230 8.62 19.00 -4.66
N VAL A 231 9.17 18.18 -3.76
CA VAL A 231 10.55 17.69 -3.83
C VAL A 231 10.69 16.26 -4.38
N ASP A 232 11.67 16.05 -5.26
CA ASP A 232 11.88 14.71 -5.80
C ASP A 232 12.96 13.94 -5.07
N TYR A 233 12.89 12.63 -5.21
CA TYR A 233 13.85 11.76 -4.63
C TYR A 233 14.99 12.18 -5.59
N PRO A 234 16.26 11.95 -5.23
CA PRO A 234 17.36 12.32 -6.14
C PRO A 234 17.28 11.41 -7.35
N ARG A 235 17.30 11.94 -8.58
CA ARG A 235 17.19 11.05 -9.75
C ARG A 235 18.60 10.71 -10.26
N ASP A 236 18.72 9.83 -11.27
CA ASP A 236 20.07 9.52 -11.75
C ASP A 236 20.35 10.03 -13.17
N GLU A 237 21.43 9.53 -13.78
CA GLU A 237 21.80 9.98 -15.12
C GLU A 237 20.57 9.83 -16.00
N ASN A 238 19.88 8.70 -15.83
CA ASN A 238 18.69 8.36 -16.56
C ASN A 238 17.45 8.73 -15.76
N GLY A 239 17.55 9.86 -15.05
CA GLY A 239 16.45 10.36 -14.24
C GLY A 239 15.76 9.29 -13.42
N GLU A 240 16.50 8.60 -12.55
CA GLU A 240 15.86 7.57 -11.75
C GLU A 240 16.11 7.80 -10.29
N ILE A 241 15.07 7.53 -9.48
CA ILE A 241 15.12 7.63 -8.02
C ILE A 241 16.48 7.10 -7.48
N ALA A 242 17.39 8.04 -7.20
CA ALA A 242 18.73 7.68 -6.74
C ALA A 242 18.89 7.60 -5.24
N ALA A 243 17.78 7.50 -4.54
CA ALA A 243 17.81 7.40 -3.09
C ALA A 243 16.39 7.10 -2.50
N ILE A 244 16.30 6.95 -1.19
CA ILE A 244 15.05 6.67 -0.50
C ILE A 244 14.72 7.68 0.62
N ILE A 245 13.45 7.85 0.95
CA ILE A 245 13.07 8.78 2.02
C ILE A 245 13.83 8.32 3.27
N HIS A 246 14.56 9.22 3.92
CA HIS A 246 15.35 8.86 5.11
C HIS A 246 14.50 8.24 6.23
N PRO A 247 15.13 7.48 7.11
CA PRO A 247 14.18 6.99 8.11
C PRO A 247 13.67 8.02 9.11
N ASN A 248 14.35 9.14 9.31
CA ASN A 248 13.81 10.12 10.26
C ASN A 248 12.74 11.03 9.67
N LEU A 249 12.57 10.99 8.34
CA LEU A 249 11.57 11.81 7.67
C LEU A 249 10.31 10.99 7.47
N GLN A 250 10.48 9.68 7.32
CA GLN A 250 9.34 8.76 7.14
C GLN A 250 8.33 8.78 8.29
N ASP A 251 7.06 8.94 7.93
CA ASP A 251 5.94 8.93 8.86
C ASP A 251 5.82 10.19 9.67
N GLN A 252 6.85 11.03 9.59
CA GLN A 252 6.85 12.29 10.33
C GLN A 252 6.23 13.43 9.54
N ASP A 253 5.09 13.14 8.90
CA ASP A 253 4.36 14.13 8.14
C ASP A 253 3.95 15.20 9.13
N TRP A 254 3.98 16.45 8.71
CA TRP A 254 3.64 17.60 9.54
C TRP A 254 4.72 18.02 10.55
N LYS A 255 5.38 17.08 11.25
CA LYS A 255 6.43 17.44 12.22
C LYS A 255 7.36 18.38 11.44
N PRO A 256 7.81 19.49 12.06
CA PRO A 256 8.67 20.45 11.39
C PRO A 256 10.00 20.02 10.85
N LEU A 257 10.30 20.40 9.62
CA LEU A 257 11.58 20.03 9.04
C LEU A 257 12.44 21.28 8.98
N HIS A 258 13.58 21.23 9.67
CA HIS A 258 14.51 22.36 9.74
C HIS A 258 15.03 22.69 8.34
N PRO A 259 16.11 23.50 8.23
CA PRO A 259 16.68 23.87 6.92
C PRO A 259 17.58 22.89 6.17
N GLY A 260 18.50 22.22 6.88
CA GLY A 260 19.40 21.26 6.22
C GLY A 260 19.58 20.01 7.06
N ASP A 261 18.64 19.07 6.92
CA ASP A 261 18.64 17.86 7.70
C ASP A 261 18.54 16.56 6.90
N PRO A 262 18.48 15.41 7.60
CA PRO A 262 18.39 14.16 6.85
C PRO A 262 16.98 14.00 6.27
N PHE A 264 16.84 12.25 2.79
CA PHE A 264 17.14 11.19 1.85
C PHE A 264 18.41 10.53 2.30
N LEU A 265 18.32 9.20 2.48
CA LEU A 265 19.44 8.35 2.87
C LEU A 265 19.86 7.55 1.62
N THR A 266 21.13 7.17 1.52
CA THR A 266 21.51 6.37 0.35
C THR A 266 21.86 4.97 0.76
N LEU A 267 21.77 4.03 -0.18
CA LEU A 267 22.07 2.62 0.10
C LEU A 267 23.47 2.49 0.67
N ASP A 268 24.39 3.29 0.14
CA ASP A 268 25.73 3.27 0.69
C ASP A 268 25.50 3.57 2.19
N GLY A 269 24.87 4.72 2.45
CA GLY A 269 24.57 5.13 3.82
C GLY A 269 24.59 6.63 4.07
N LYS A 270 24.87 7.41 3.04
CA LYS A 270 24.90 8.84 3.26
C LYS A 270 23.53 9.50 3.26
N THR A 271 23.41 10.56 4.06
CA THR A 271 22.16 11.30 4.15
C THR A 271 22.19 12.55 3.24
N ILE A 272 21.32 12.59 2.23
CA ILE A 272 21.28 13.74 1.33
C ILE A 272 20.45 14.86 2.01
N PRO A 273 21.12 15.71 2.80
CA PRO A 273 20.55 16.83 3.57
C PRO A 273 19.76 17.89 2.82
N LEU A 274 18.67 18.32 3.47
CA LEU A 274 17.72 19.32 2.95
C LEU A 274 18.39 20.60 2.46
N GLY A 275 19.46 20.95 3.16
CA GLY A 275 20.22 22.13 2.78
C GLY A 275 19.37 23.32 2.46
N GLY A 276 20.00 24.43 2.11
CA GLY A 276 19.24 25.62 1.87
C GLY A 276 19.12 26.20 3.24
N ASP A 277 18.11 27.04 3.47
CA ASP A 277 17.99 27.67 4.76
C ASP A 277 16.62 28.27 5.11
N CYS A 278 15.68 27.43 5.50
CA CYS A 278 14.33 27.81 5.91
C CYS A 278 13.64 26.55 6.38
N THR A 279 13.03 26.62 7.54
CA THR A 279 12.32 25.47 8.07
C THR A 279 11.10 25.18 7.21
N VAL A 280 10.74 23.91 7.12
CA VAL A 280 9.59 23.51 6.30
C VAL A 280 8.73 22.42 6.92
N TYR A 281 7.59 22.11 6.31
CA TYR A 281 6.75 21.08 6.90
C TYR A 281 6.37 20.01 5.90
N PRO A 282 6.98 18.80 6.05
CA PRO A 282 6.67 17.71 5.12
C PRO A 282 5.26 17.14 5.23
N VAL A 283 4.68 16.88 4.06
CA VAL A 283 3.33 16.35 3.90
C VAL A 283 3.44 15.42 2.67
N PHE A 284 2.64 14.35 2.63
CA PHE A 284 2.67 13.37 1.55
C PHE A 284 4.03 12.64 1.43
N VAL A 285 4.64 12.37 2.58
CA VAL A 285 5.93 11.73 2.63
C VAL A 285 5.83 10.27 2.28
N ASN A 286 6.52 9.91 1.21
CA ASN A 286 6.55 8.54 0.71
C ASN A 286 5.16 8.04 0.34
N GLU A 287 4.43 8.86 -0.44
CA GLU A 287 3.08 8.54 -0.92
C GLU A 287 3.31 7.78 -2.21
N ALA A 288 2.52 6.71 -2.40
CA ALA A 288 2.62 5.83 -3.56
C ALA A 288 2.29 6.51 -4.87
N ALA A 289 1.20 7.26 -4.87
CA ALA A 289 0.76 7.98 -6.08
C ALA A 289 1.76 9.01 -6.60
N TYR A 290 2.71 9.46 -5.78
CA TYR A 290 3.61 10.46 -6.30
C TYR A 290 5.07 10.08 -6.71
N TYR A 291 5.44 8.78 -6.73
CA TYR A 291 6.83 8.47 -7.17
C TYR A 291 7.12 9.00 -8.59
N GLU A 292 6.29 8.60 -9.56
CA GLU A 292 6.49 9.05 -10.93
C GLU A 292 6.04 10.50 -11.10
N LYS A 293 5.82 11.15 -9.96
CA LYS A 293 5.38 12.55 -9.90
C LYS A 293 6.47 13.36 -9.22
N LYS A 294 7.73 13.00 -9.53
CA LYS A 294 8.89 13.67 -8.94
C LYS A 294 8.62 14.31 -7.57
N GLU A 295 7.65 13.77 -6.83
CA GLU A 295 7.31 14.27 -5.51
C GLU A 295 7.63 13.19 -4.48
N ALA A 296 8.74 13.37 -3.77
CA ALA A 296 9.12 12.41 -2.74
C ALA A 296 8.43 12.86 -1.45
N PHE A 297 7.71 13.97 -1.57
CA PHE A 297 6.93 14.54 -0.48
C PHE A 297 6.58 15.97 -0.81
N ALA A 298 5.66 16.54 -0.05
CA ALA A 298 5.29 17.93 -0.28
C ALA A 298 5.89 18.78 0.84
N LYS A 299 6.69 19.78 0.44
CA LYS A 299 7.35 20.71 1.36
C LYS A 299 6.35 21.83 1.62
N THR A 300 5.95 21.99 2.87
CA THR A 300 4.95 23.00 3.24
C THR A 300 5.42 24.02 4.26
N THR A 301 4.72 25.18 4.29
CA THR A 301 4.97 26.29 5.24
C THR A 301 3.69 26.49 6.04
N LYS A 302 3.83 26.53 7.38
CA LYS A 302 2.66 26.69 8.24
C LYS A 302 2.23 28.16 8.31
N LEU A 303 0.92 28.44 8.19
CA LEU A 303 0.43 29.81 8.25
C LEU A 303 -0.93 29.94 8.95
N THR A 304 -1.39 31.18 9.20
CA THR A 304 -2.68 31.29 9.89
C THR A 304 -3.82 31.87 9.08
N LEU A 305 -4.98 31.21 9.17
CA LEU A 305 -6.18 31.63 8.46
C LEU A 305 -7.20 31.99 9.51
N ASN A 306 -7.79 33.19 9.39
CA ASN A 306 -8.80 33.71 10.33
C ASN A 306 -10.19 33.80 9.69
N ALA A 307 -11.25 33.61 10.46
CA ALA A 307 -12.59 33.69 9.89
C ALA A 307 -13.57 34.60 10.65
N LYS A 308 -14.55 35.14 9.92
CA LYS A 308 -15.57 35.99 10.52
C LYS A 308 -16.59 35.02 11.08
N SER A 309 -17.72 35.57 11.54
CA SER A 309 -18.83 34.82 12.11
C SER A 309 -19.71 34.39 10.94
N ILE A 310 -20.65 33.46 11.17
CA ILE A 310 -21.55 33.01 10.08
C ILE A 310 -22.87 32.41 10.61
N ARG A 311 -23.99 32.73 9.93
CA ARG A 311 -25.32 32.22 10.31
C ARG A 311 -26.33 32.10 9.16
N CYS A 312 -27.16 31.04 9.23
CA CYS A 312 -28.22 30.72 8.28
C CYS A 312 -29.20 31.89 8.24
N GLU B 11 27.02 -31.37 -4.34
CA GLU B 11 28.15 -30.92 -3.49
C GLU B 11 28.53 -29.47 -3.79
N HIS B 12 29.05 -28.76 -2.78
CA HIS B 12 29.47 -27.35 -2.88
C HIS B 12 28.54 -26.41 -3.66
N ILE B 13 27.99 -25.42 -2.95
CA ILE B 13 27.08 -24.45 -3.58
C ILE B 13 27.89 -23.59 -4.55
N GLN B 14 27.37 -23.40 -5.76
CA GLN B 14 28.07 -22.62 -6.78
C GLN B 14 27.29 -21.49 -7.49
N LYS B 15 26.19 -21.87 -8.13
CA LYS B 15 25.38 -20.90 -8.85
C LYS B 15 24.22 -20.37 -7.99
N VAL B 16 24.32 -19.11 -7.56
CA VAL B 16 23.31 -18.50 -6.71
C VAL B 16 22.76 -17.22 -7.31
N ALA B 17 21.45 -17.16 -7.42
CA ALA B 17 20.79 -15.98 -7.95
C ALA B 17 19.83 -15.38 -6.92
N ILE B 18 19.76 -14.04 -6.88
CA ILE B 18 18.83 -13.34 -6.02
C ILE B 18 17.83 -12.71 -6.98
N PHE B 19 16.60 -13.24 -7.03
CA PHE B 19 15.52 -12.72 -7.91
C PHE B 19 14.70 -11.67 -7.14
N GLY B 20 14.50 -10.52 -7.81
CA GLY B 20 13.71 -9.43 -7.27
C GLY B 20 12.85 -9.02 -8.44
N GLY B 21 11.61 -8.59 -8.20
CA GLY B 21 10.75 -8.22 -9.32
C GLY B 21 9.75 -9.26 -9.86
N THR B 22 9.45 -10.32 -9.13
CA THR B 22 8.47 -11.32 -9.57
C THR B 22 7.09 -10.60 -9.57
N HIS B 23 7.03 -9.59 -8.69
CA HIS B 23 5.89 -8.72 -8.58
C HIS B 23 6.42 -7.25 -8.74
N GLY B 24 6.29 -6.68 -9.95
CA GLY B 24 6.82 -5.35 -10.26
C GLY B 24 6.51 -4.14 -9.42
N ASN B 25 5.64 -4.33 -8.43
CA ASN B 25 5.25 -3.25 -7.54
C ASN B 25 5.55 -3.59 -6.09
N GLU B 26 6.55 -4.46 -5.89
CA GLU B 26 7.09 -4.88 -4.59
C GLU B 26 8.55 -4.42 -4.63
N LEU B 27 8.68 -3.10 -4.70
CA LEU B 27 9.94 -2.38 -4.82
C LEU B 27 11.13 -2.74 -3.94
N THR B 28 10.95 -3.43 -2.81
CA THR B 28 12.14 -3.71 -2.02
C THR B 28 13.16 -4.48 -2.89
N GLY B 29 12.81 -5.70 -3.29
CA GLY B 29 13.74 -6.43 -4.13
C GLY B 29 14.16 -5.75 -5.45
N VAL B 30 13.28 -4.93 -6.04
CA VAL B 30 13.62 -4.27 -7.27
C VAL B 30 14.72 -3.22 -7.07
N PHE B 31 14.56 -2.38 -6.05
CA PHE B 31 15.55 -1.34 -5.81
C PHE B 31 16.90 -1.98 -5.47
N LEU B 32 16.86 -3.06 -4.67
CA LEU B 32 18.06 -3.81 -4.27
C LEU B 32 18.78 -4.44 -5.47
N VAL B 33 18.05 -5.29 -6.20
CA VAL B 33 18.61 -5.97 -7.35
C VAL B 33 19.13 -4.95 -8.38
N LYS B 34 18.37 -3.90 -8.66
CA LYS B 34 18.84 -2.95 -9.64
C LYS B 34 20.10 -2.35 -9.13
N HIS B 35 20.19 -2.10 -7.84
CA HIS B 35 21.42 -1.55 -7.26
C HIS B 35 22.59 -2.50 -7.54
N TRP B 36 22.57 -3.66 -6.87
CA TRP B 36 23.59 -4.70 -7.02
C TRP B 36 23.94 -4.89 -8.51
N LEU B 37 22.91 -5.00 -9.35
CA LEU B 37 23.11 -5.18 -10.78
C LEU B 37 24.02 -4.21 -11.47
N GLU B 38 24.18 -3.01 -10.91
CA GLU B 38 25.05 -1.96 -11.45
C GLU B 38 26.40 -2.19 -10.82
N ASN B 39 26.40 -2.37 -9.52
CA ASN B 39 27.62 -2.68 -8.81
C ASN B 39 27.34 -3.83 -7.88
N GLY B 40 27.77 -5.03 -8.26
CA GLY B 40 27.53 -6.23 -7.46
C GLY B 40 28.39 -6.34 -6.21
N ALA B 41 29.26 -5.35 -6.02
CA ALA B 41 30.14 -5.37 -4.89
C ALA B 41 29.43 -5.64 -3.61
N GLU B 42 28.12 -5.42 -3.59
CA GLU B 42 27.44 -5.72 -2.35
C GLU B 42 27.17 -7.25 -2.10
N ILE B 43 26.61 -7.97 -3.06
CA ILE B 43 26.38 -9.39 -2.82
C ILE B 43 27.61 -10.25 -3.11
N GLN B 44 28.68 -9.66 -3.63
CA GLN B 44 29.87 -10.47 -3.92
C GLN B 44 30.21 -11.16 -2.59
N ARG B 45 30.58 -12.44 -2.58
CA ARG B 45 30.95 -13.11 -1.30
C ARG B 45 32.37 -13.68 -1.11
N THR B 46 32.79 -13.73 0.15
CA THR B 46 34.08 -14.26 0.54
C THR B 46 34.19 -15.69 0.00
N GLY B 47 34.58 -15.82 -1.26
CA GLY B 47 34.70 -17.14 -1.86
C GLY B 47 33.73 -17.36 -3.00
N LEU B 48 32.56 -16.75 -2.89
CA LEU B 48 31.50 -16.90 -3.90
C LEU B 48 30.99 -15.59 -4.48
N GLU B 49 30.01 -15.71 -5.38
CA GLU B 49 29.36 -14.57 -6.01
C GLU B 49 27.86 -14.82 -6.05
N VAL B 50 27.12 -13.94 -6.71
CA VAL B 50 25.66 -14.07 -6.81
C VAL B 50 25.19 -13.24 -8.03
N LYS B 51 24.37 -13.81 -8.90
CA LYS B 51 23.89 -13.07 -10.08
C LYS B 51 22.53 -12.38 -9.77
N PRO B 52 22.52 -11.06 -9.47
CA PRO B 52 21.18 -10.54 -9.21
C PRO B 52 20.41 -10.62 -10.51
N PHE B 53 19.11 -10.43 -10.43
CA PHE B 53 18.30 -10.54 -11.62
C PHE B 53 16.85 -10.09 -11.42
N ILE B 54 16.34 -9.28 -12.35
CA ILE B 54 14.96 -8.78 -12.28
C ILE B 54 14.11 -9.75 -13.08
N THR B 55 13.16 -10.44 -12.43
CA THR B 55 12.43 -11.45 -13.16
C THR B 55 11.32 -10.99 -14.07
N ASN B 56 10.67 -9.88 -13.70
CA ASN B 56 9.51 -9.36 -14.41
C ASN B 56 9.65 -7.87 -14.73
N PRO B 57 10.47 -7.55 -15.73
CA PRO B 57 10.70 -6.17 -16.15
C PRO B 57 9.40 -5.44 -16.51
N ARG B 58 8.59 -6.10 -17.33
CA ARG B 58 7.35 -5.48 -17.77
C ARG B 58 6.53 -4.91 -16.60
N ALA B 59 6.12 -5.81 -15.70
CA ALA B 59 5.32 -5.44 -14.55
C ALA B 59 6.06 -4.46 -13.65
N VAL B 60 7.37 -4.52 -13.68
CA VAL B 60 8.14 -3.59 -12.86
C VAL B 60 7.92 -2.22 -13.50
N LYS B 61 7.81 -2.18 -14.84
CA LYS B 61 7.60 -0.92 -15.53
C LYS B 61 6.15 -0.35 -15.42
N LYS B 62 5.10 -1.16 -15.45
CA LYS B 62 3.72 -0.62 -15.33
C LYS B 62 3.27 -0.74 -13.86
N CYS B 63 4.19 -0.53 -12.93
CA CYS B 63 4.03 -0.74 -11.49
C CYS B 63 2.85 -1.59 -10.97
N THR B 64 2.71 -2.75 -11.61
CA THR B 64 1.70 -3.71 -11.26
C THR B 64 2.29 -4.99 -10.66
N ARG B 65 1.40 -5.78 -10.07
CA ARG B 65 1.76 -7.07 -9.50
C ARG B 65 2.14 -7.89 -10.71
N TYR B 66 1.16 -8.15 -11.58
CA TYR B 66 1.44 -8.86 -12.82
C TYR B 66 0.82 -8.17 -13.99
N ILE B 67 1.30 -8.57 -15.18
CA ILE B 67 0.86 -8.03 -16.49
C ILE B 67 -0.37 -8.75 -17.00
N ASP B 68 -0.27 -10.08 -17.02
CA ASP B 68 -1.36 -10.97 -17.46
C ASP B 68 -1.61 -12.12 -16.52
N CYS B 69 -1.13 -11.99 -15.28
CA CYS B 69 -1.24 -13.04 -14.22
C CYS B 69 0.13 -13.31 -13.61
N ASP B 70 0.14 -13.70 -12.34
CA ASP B 70 1.35 -13.96 -11.53
C ASP B 70 2.45 -14.86 -12.11
N LEU B 71 3.66 -14.33 -12.21
CA LEU B 71 4.77 -15.12 -12.76
C LEU B 71 5.18 -16.15 -11.73
N ASN B 72 4.77 -15.91 -10.48
CA ASN B 72 5.08 -16.80 -9.34
C ASN B 72 4.12 -17.95 -9.19
N ARG B 73 3.39 -18.26 -10.23
CA ARG B 73 2.48 -19.39 -10.16
C ARG B 73 2.55 -20.23 -11.42
N ILE B 74 3.59 -20.04 -12.23
CA ILE B 74 3.66 -20.79 -13.47
C ILE B 74 4.89 -21.64 -13.79
N PHE B 75 5.81 -21.79 -12.84
CA PHE B 75 7.00 -22.57 -13.12
C PHE B 75 6.71 -24.01 -12.80
N ASP B 76 5.89 -24.61 -13.65
CA ASP B 76 5.47 -25.99 -13.54
C ASP B 76 5.36 -26.57 -14.96
N LEU B 77 5.17 -27.90 -15.02
CA LEU B 77 5.06 -28.68 -16.25
C LEU B 77 3.98 -28.24 -17.25
N GLU B 78 2.73 -27.97 -16.81
CA GLU B 78 1.70 -27.52 -17.80
C GLU B 78 2.25 -26.25 -18.44
N ASN B 79 2.81 -25.36 -17.62
CA ASN B 79 3.39 -24.13 -18.17
C ASN B 79 4.72 -24.36 -18.86
N LEU B 80 5.71 -24.86 -18.13
CA LEU B 80 7.01 -25.06 -18.72
C LEU B 80 6.92 -26.02 -19.89
N GLY B 81 5.81 -26.70 -20.03
CA GLY B 81 5.68 -27.63 -21.16
C GLY B 81 5.28 -27.09 -22.54
N LYS B 82 5.46 -25.81 -22.82
CA LYS B 82 5.09 -25.31 -24.15
C LYS B 82 6.33 -25.15 -25.05
N LYS B 83 6.11 -24.91 -26.35
CA LYS B 83 7.21 -24.67 -27.28
C LYS B 83 7.16 -23.13 -27.34
N SER B 85 6.74 -19.60 -28.28
CA SER B 85 5.93 -19.08 -29.36
C SER B 85 5.62 -17.62 -29.12
N GLU B 86 4.31 -17.33 -29.14
CA GLU B 86 3.71 -16.02 -28.93
C GLU B 86 2.23 -16.31 -28.68
N ASP B 87 1.79 -17.50 -29.09
CA ASP B 87 0.39 -17.89 -28.88
C ASP B 87 0.05 -17.84 -27.40
N LEU B 88 0.90 -18.43 -26.57
CA LEU B 88 0.69 -18.46 -25.11
C LEU B 88 1.01 -17.09 -24.52
N PRO B 89 0.38 -16.74 -23.39
CA PRO B 89 0.69 -15.41 -22.82
C PRO B 89 2.16 -15.03 -22.59
N TYR B 90 2.31 -13.76 -22.20
CA TYR B 90 3.59 -13.15 -21.89
C TYR B 90 4.38 -13.65 -20.67
N GLU B 91 3.71 -13.83 -19.52
CA GLU B 91 4.44 -14.29 -18.33
C GLU B 91 5.06 -15.69 -18.50
N VAL B 92 4.26 -16.62 -19.04
CA VAL B 92 4.75 -17.97 -19.29
C VAL B 92 6.00 -17.93 -20.18
N ARG B 93 6.07 -16.97 -21.09
CA ARG B 93 7.21 -16.84 -21.96
C ARG B 93 8.48 -16.45 -21.15
N ARG B 94 8.28 -15.53 -20.19
CA ARG B 94 9.38 -15.04 -19.33
C ARG B 94 9.83 -16.15 -18.37
N ALA B 95 8.87 -16.97 -17.93
CA ALA B 95 9.11 -18.10 -17.04
C ALA B 95 9.84 -19.16 -17.85
N GLN B 96 9.28 -19.46 -19.03
CA GLN B 96 9.91 -20.42 -19.92
C GLN B 96 11.27 -19.87 -20.40
N GLU B 97 11.55 -18.62 -20.05
CA GLU B 97 12.84 -18.03 -20.37
C GLU B 97 13.62 -18.00 -19.05
N ILE B 98 13.04 -17.44 -18.01
CA ILE B 98 13.70 -17.40 -16.71
C ILE B 98 14.28 -18.79 -16.43
N ASN B 99 13.44 -19.82 -16.62
CA ASN B 99 13.87 -21.20 -16.41
C ASN B 99 15.10 -21.51 -17.25
N HIS B 100 14.95 -21.36 -18.56
CA HIS B 100 16.05 -21.63 -19.46
C HIS B 100 17.31 -20.87 -19.13
N LEU B 101 17.31 -20.07 -18.07
CA LEU B 101 18.50 -19.32 -17.62
C LEU B 101 19.02 -19.81 -16.26
N PHE B 102 18.16 -19.94 -15.25
CA PHE B 102 18.66 -20.38 -13.93
C PHE B 102 18.28 -21.83 -13.66
N GLY B 103 17.66 -22.43 -14.68
CA GLY B 103 17.24 -23.83 -14.60
C GLY B 103 18.16 -24.75 -15.38
N PRO B 104 17.62 -25.79 -16.04
CA PRO B 104 16.17 -26.01 -15.98
C PRO B 104 15.77 -26.63 -14.64
N LYS B 105 14.51 -26.36 -14.25
CA LYS B 105 13.94 -26.87 -13.01
C LYS B 105 14.05 -28.40 -13.01
N ASP B 106 14.60 -28.98 -11.95
CA ASP B 106 14.69 -30.42 -11.81
C ASP B 106 15.94 -31.05 -12.47
N SER B 107 16.78 -30.19 -13.05
CA SER B 107 18.04 -30.63 -13.68
C SER B 107 19.18 -30.45 -12.66
N GLU B 108 20.03 -31.45 -12.43
CA GLU B 108 21.08 -31.23 -11.41
C GLU B 108 21.98 -30.06 -11.79
N ASP B 109 21.81 -29.53 -13.00
CA ASP B 109 22.62 -28.40 -13.48
C ASP B 109 21.89 -27.07 -13.32
N SER B 110 20.68 -27.12 -12.80
CA SER B 110 19.85 -25.94 -12.58
C SER B 110 20.63 -25.09 -11.59
N TYR B 111 20.08 -23.94 -11.22
CA TYR B 111 20.79 -23.10 -10.28
C TYR B 111 20.85 -23.66 -8.86
N ASP B 112 21.97 -23.46 -8.21
CA ASP B 112 22.18 -23.93 -6.85
C ASP B 112 20.95 -23.66 -6.03
N ILE B 113 20.92 -22.42 -5.51
CA ILE B 113 19.85 -21.91 -4.67
C ILE B 113 19.20 -20.72 -5.36
N ILE B 114 18.05 -20.29 -4.86
CA ILE B 114 17.41 -19.09 -5.38
C ILE B 114 16.65 -18.36 -4.27
N PHE B 115 17.02 -17.09 -4.07
CA PHE B 115 16.38 -16.23 -3.12
C PHE B 115 15.44 -15.32 -3.93
N ASP B 116 14.12 -15.42 -3.79
CA ASP B 116 13.27 -14.50 -4.52
C ASP B 116 12.67 -13.55 -3.51
N LEU B 117 12.90 -12.25 -3.72
CA LEU B 117 12.40 -11.20 -2.83
C LEU B 117 10.92 -10.73 -3.08
N HIS B 118 10.22 -10.42 -1.98
CA HIS B 118 8.85 -9.99 -2.03
C HIS B 118 8.58 -9.09 -0.80
N ASN B 119 7.41 -8.45 -0.77
CA ASN B 119 6.98 -7.60 0.33
C ASN B 119 5.55 -8.00 0.70
N THR B 120 5.02 -7.47 1.80
CA THR B 120 3.66 -7.78 2.17
C THR B 120 3.09 -6.51 2.75
N THR B 121 1.81 -6.25 2.51
CA THR B 121 1.20 -5.06 3.12
C THR B 121 0.96 -5.47 4.57
N SER B 122 0.89 -6.77 4.84
CA SER B 122 0.70 -7.30 6.21
C SER B 122 1.92 -7.06 7.09
N ASN B 123 1.67 -6.89 8.38
CA ASN B 123 2.77 -6.62 9.28
C ASN B 123 3.44 -7.89 9.77
N GLY B 125 6.76 -8.63 9.17
CA GLY B 125 8.18 -8.43 9.43
C GLY B 125 9.14 -9.26 8.56
N CYS B 126 10.20 -9.80 9.18
CA CYS B 126 11.19 -10.55 8.45
C CYS B 126 10.69 -11.96 8.26
N THR B 127 10.33 -12.31 7.01
CA THR B 127 9.82 -13.65 6.75
C THR B 127 10.60 -14.55 5.76
N LEU B 128 10.91 -15.78 6.22
CA LEU B 128 11.55 -16.78 5.36
C LEU B 128 10.44 -17.74 5.00
N ILE B 129 10.36 -18.19 3.75
CA ILE B 129 9.31 -19.14 3.36
C ILE B 129 9.92 -20.45 2.98
N LEU B 130 9.45 -21.51 3.64
CA LEU B 130 9.92 -22.87 3.36
C LEU B 130 8.94 -23.72 2.51
N GLU B 131 9.47 -24.45 1.54
CA GLU B 131 8.61 -25.29 0.71
C GLU B 131 8.97 -26.80 0.73
N ASP B 132 9.36 -27.31 1.90
CA ASP B 132 9.69 -28.72 2.12
C ASP B 132 10.06 -28.91 3.59
N SER B 133 9.30 -29.75 4.32
CA SER B 133 9.60 -30.01 5.74
C SER B 133 11.00 -30.62 5.82
N ARG B 134 11.17 -31.79 5.22
CA ARG B 134 12.48 -32.42 5.22
C ARG B 134 13.39 -31.52 4.38
N ASN B 135 14.40 -30.92 4.99
CA ASN B 135 15.34 -30.09 4.24
C ASN B 135 16.37 -29.44 5.16
N ASN B 136 17.27 -30.25 5.70
CA ASN B 136 18.30 -29.77 6.61
C ASN B 136 19.10 -28.54 6.14
N PHE B 137 19.59 -28.54 4.93
CA PHE B 137 20.34 -27.39 4.48
C PHE B 137 19.51 -26.11 4.61
N LEU B 138 18.24 -26.14 4.19
CA LEU B 138 17.40 -24.93 4.32
C LEU B 138 17.06 -24.65 5.78
N ILE B 139 16.65 -25.71 6.49
CA ILE B 139 16.30 -25.58 7.90
C ILE B 139 17.47 -25.05 8.68
N GLN B 140 18.64 -25.61 8.38
CA GLN B 140 19.89 -25.19 8.98
C GLN B 140 20.10 -23.73 8.58
N PHE B 142 17.91 -21.37 7.60
CA PHE B 142 16.94 -20.53 8.32
C PHE B 142 17.33 -20.33 9.77
N HIS B 143 17.71 -21.43 10.43
CA HIS B 143 18.14 -21.30 11.81
C HIS B 143 19.28 -20.27 11.88
N TYR B 144 20.27 -20.48 11.02
CA TYR B 144 21.43 -19.59 10.95
C TYR B 144 20.97 -18.13 10.73
N ILE B 145 19.87 -17.95 9.97
CA ILE B 145 19.36 -16.62 9.75
C ILE B 145 18.61 -16.19 10.99
N LYS B 146 17.63 -16.98 11.42
CA LYS B 146 16.85 -16.64 12.64
C LYS B 146 17.84 -16.09 13.68
N THR B 147 18.89 -16.88 13.93
CA THR B 147 19.98 -16.56 14.87
C THR B 147 20.79 -15.27 14.74
N SER B 148 21.25 -14.94 13.53
CA SER B 148 22.01 -13.72 13.31
C SER B 148 21.20 -12.44 13.52
N LEU B 149 19.96 -12.41 13.05
CA LEU B 149 19.11 -11.23 13.23
C LEU B 149 18.61 -11.13 14.69
N ALA B 150 18.75 -12.21 15.46
CA ALA B 150 18.31 -12.23 16.86
C ALA B 150 18.73 -10.93 17.55
N PRO B 151 17.94 -10.42 18.49
CA PRO B 151 16.67 -10.86 19.09
C PRO B 151 15.52 -10.50 18.14
N LEU B 152 15.89 -10.01 16.96
CA LEU B 152 14.92 -9.61 15.94
C LEU B 152 14.25 -10.82 15.30
N PRO B 153 12.92 -10.89 15.39
CA PRO B 153 12.08 -11.96 14.84
C PRO B 153 12.36 -12.11 13.35
N CYS B 154 12.37 -13.34 12.88
CA CYS B 154 12.57 -13.60 11.47
C CYS B 154 11.81 -14.88 11.41
N TYR B 155 10.49 -14.76 11.35
CA TYR B 155 9.55 -15.88 11.30
C TYR B 155 9.73 -16.70 10.03
N VAL B 156 9.40 -17.98 10.12
CA VAL B 156 9.51 -18.92 9.01
C VAL B 156 8.11 -19.46 8.66
N TYR B 157 7.66 -19.20 7.43
CA TYR B 157 6.35 -19.65 6.95
C TYR B 157 6.57 -20.94 6.10
N LEU B 158 5.87 -22.03 6.42
CA LEU B 158 6.01 -23.32 5.72
C LEU B 158 4.93 -23.76 4.75
N ILE B 159 5.33 -24.34 3.61
CA ILE B 159 4.31 -24.84 2.68
C ILE B 159 4.47 -26.30 2.24
N GLU B 160 3.72 -27.21 2.86
CA GLU B 160 3.84 -28.59 2.47
C GLU B 160 2.80 -28.90 1.42
N HIS B 161 3.28 -29.14 0.20
CA HIS B 161 2.43 -29.50 -0.93
C HIS B 161 2.44 -31.02 -1.10
N PRO B 162 1.31 -31.66 -0.84
CA PRO B 162 1.27 -33.12 -0.99
C PRO B 162 1.79 -33.62 -2.34
N SER B 163 1.35 -32.94 -3.41
CA SER B 163 1.76 -33.27 -4.77
C SER B 163 3.27 -33.29 -4.90
N LEU B 164 4.00 -32.92 -3.85
CA LEU B 164 5.48 -32.89 -3.85
C LEU B 164 6.06 -32.12 -5.06
N LYS B 165 5.32 -31.11 -5.51
CA LYS B 165 5.73 -30.27 -6.63
C LYS B 165 5.41 -28.82 -6.29
N TYR B 166 5.97 -27.89 -7.04
CA TYR B 166 5.68 -26.47 -6.84
C TYR B 166 5.57 -25.69 -8.19
N ALA B 167 4.99 -24.49 -8.19
CA ALA B 167 4.83 -23.75 -9.42
C ALA B 167 5.56 -22.45 -9.35
N THR B 168 5.85 -22.01 -8.13
CA THR B 168 6.54 -20.77 -7.86
C THR B 168 7.61 -20.35 -8.86
N THR B 169 8.37 -19.33 -8.51
CA THR B 169 9.43 -18.82 -9.38
C THR B 169 10.78 -19.31 -8.86
N ARG B 170 10.91 -19.39 -7.53
CA ARG B 170 12.19 -19.85 -6.99
C ARG B 170 12.36 -21.37 -7.05
N SER B 171 11.33 -22.10 -7.47
CA SER B 171 11.48 -23.55 -7.50
C SER B 171 12.29 -24.06 -8.71
N ILE B 172 13.30 -23.29 -9.07
CA ILE B 172 14.23 -23.64 -10.13
C ILE B 172 15.40 -24.29 -9.36
N ALA B 173 15.68 -23.72 -8.18
CA ALA B 173 16.75 -24.16 -7.30
C ALA B 173 16.55 -25.52 -6.64
N LYS B 174 17.65 -26.12 -6.13
CA LYS B 174 17.59 -27.40 -5.38
C LYS B 174 16.92 -26.97 -4.07
N TYR B 175 17.47 -25.90 -3.48
CA TYR B 175 16.97 -25.30 -2.26
C TYR B 175 16.42 -23.93 -2.58
N PRO B 176 15.09 -23.81 -2.77
CA PRO B 176 14.42 -22.52 -3.07
C PRO B 176 14.18 -21.78 -1.77
N VAL B 177 14.46 -20.49 -1.76
CA VAL B 177 14.24 -19.70 -0.54
C VAL B 177 13.39 -18.46 -0.85
N GLY B 178 12.35 -18.23 -0.04
CA GLY B 178 11.50 -17.06 -0.21
C GLY B 178 11.84 -16.03 0.84
N ILE B 179 12.00 -14.77 0.45
CA ILE B 179 12.25 -13.73 1.44
C ILE B 179 11.16 -12.66 1.33
N GLU B 180 10.33 -12.54 2.38
CA GLU B 180 9.24 -11.58 2.42
C GLU B 180 9.45 -10.63 3.61
N VAL B 181 9.16 -9.36 3.41
CA VAL B 181 9.32 -8.39 4.48
C VAL B 181 8.16 -7.40 4.47
N GLY B 182 7.68 -7.08 5.67
CA GLY B 182 6.55 -6.18 5.81
C GLY B 182 6.50 -5.41 7.12
N PRO B 183 5.48 -4.60 7.31
CA PRO B 183 4.41 -4.40 6.33
C PRO B 183 4.80 -3.32 5.36
N GLN B 184 4.36 -3.41 4.11
CA GLN B 184 4.65 -2.29 3.23
C GLN B 184 3.64 -2.16 2.08
N PRO B 185 3.13 -0.93 1.82
CA PRO B 185 2.16 -0.76 0.71
C PRO B 185 2.80 -0.96 -0.65
N GLN B 186 2.06 -1.58 -1.57
CA GLN B 186 2.60 -1.85 -2.90
C GLN B 186 3.03 -0.53 -3.52
N GLY B 187 3.96 -0.57 -4.45
CA GLY B 187 4.36 0.66 -5.07
C GLY B 187 5.06 1.63 -4.16
N VAL B 188 5.50 1.16 -3.00
CA VAL B 188 6.20 2.09 -2.09
C VAL B 188 7.62 1.58 -1.94
N LEU B 189 8.48 2.28 -1.22
CA LEU B 189 9.84 1.82 -0.99
C LEU B 189 10.37 2.27 0.36
N ARG B 190 9.89 1.66 1.46
CA ARG B 190 10.35 2.04 2.81
C ARG B 190 11.82 1.64 3.12
N ALA B 191 12.50 2.51 3.87
CA ALA B 191 13.89 2.31 4.26
C ALA B 191 14.02 1.24 5.34
N ASP B 192 13.16 1.26 6.36
CA ASP B 192 13.21 0.24 7.41
C ASP B 192 12.94 -1.18 6.86
N ILE B 193 12.17 -1.25 5.76
CA ILE B 193 11.85 -2.51 5.08
C ILE B 193 13.07 -2.98 4.26
N LEU B 194 13.82 -2.02 3.73
CA LEU B 194 14.98 -2.32 2.90
C LEU B 194 16.23 -2.71 3.72
N ASP B 195 16.43 -2.03 4.85
CA ASP B 195 17.58 -2.39 5.67
C ASP B 195 17.49 -3.84 6.17
N GLN B 196 16.26 -4.36 6.22
CA GLN B 196 16.01 -5.71 6.67
C GLN B 196 16.22 -6.78 5.59
N ARG B 198 17.94 -6.83 2.60
CA ARG B 198 19.37 -6.87 2.31
C ARG B 198 20.19 -7.52 3.45
N LYS B 199 19.77 -7.18 4.68
CA LYS B 199 20.37 -7.63 5.93
C LYS B 199 19.94 -9.05 6.27
N ILE B 201 19.51 -10.88 3.85
CA ILE B 201 20.32 -11.43 2.78
C ILE B 201 21.77 -11.54 3.26
N LYS B 202 22.25 -10.55 4.02
CA LYS B 202 23.63 -10.56 4.56
C LYS B 202 23.89 -11.83 5.38
N HIS B 203 22.96 -12.17 6.27
CA HIS B 203 23.14 -13.35 7.11
C HIS B 203 22.92 -14.70 6.41
N ALA B 204 22.07 -14.69 5.39
CA ALA B 204 21.82 -15.90 4.64
C ALA B 204 23.10 -16.35 3.88
N LEU B 205 23.74 -15.47 3.11
CA LEU B 205 24.93 -15.87 2.36
C LEU B 205 26.09 -16.44 3.27
N ASP B 206 26.12 -15.99 4.52
CA ASP B 206 27.13 -16.40 5.48
C ASP B 206 27.12 -17.90 5.72
N PHE B 207 25.91 -18.44 5.83
CA PHE B 207 25.70 -19.86 6.05
C PHE B 207 26.04 -20.65 4.78
N ILE B 208 25.83 -20.04 3.60
CA ILE B 208 26.16 -20.71 2.35
C ILE B 208 27.69 -20.75 2.27
N HIS B 209 28.28 -19.56 2.18
CA HIS B 209 29.72 -19.45 2.10
C HIS B 209 30.39 -20.45 3.07
N HIS B 210 29.99 -20.35 4.34
CA HIS B 210 30.52 -21.22 5.39
C HIS B 210 30.39 -22.69 5.01
N PHE B 211 29.22 -23.05 4.49
CA PHE B 211 28.94 -24.40 4.04
C PHE B 211 29.96 -24.77 2.98
N ASN B 212 30.14 -23.86 2.02
CA ASN B 212 31.07 -24.12 0.95
C ASN B 212 32.48 -24.35 1.46
N GLU B 213 32.78 -23.82 2.65
CA GLU B 213 34.08 -23.97 3.30
C GLU B 213 33.98 -25.12 4.33
N GLY B 214 33.11 -26.10 4.03
CA GLY B 214 32.93 -27.26 4.88
C GLY B 214 32.79 -26.96 6.35
N LYS B 215 32.31 -25.78 6.68
CA LYS B 215 32.12 -25.40 8.05
C LYS B 215 31.20 -26.45 8.69
N GLU B 216 31.43 -26.71 9.97
CA GLU B 216 30.61 -27.66 10.70
C GLU B 216 29.35 -26.94 11.24
N PHE B 217 28.29 -27.71 11.46
CA PHE B 217 27.04 -27.18 11.98
C PHE B 217 26.33 -28.30 12.72
N PRO B 218 26.04 -28.09 14.00
CA PRO B 218 25.35 -29.09 14.81
C PRO B 218 23.87 -29.17 14.57
N PRO B 219 23.26 -30.27 14.97
CA PRO B 219 21.81 -30.39 14.75
C PRO B 219 21.10 -29.26 15.46
N CYS B 220 20.05 -28.70 14.82
CA CYS B 220 19.20 -27.62 15.38
C CYS B 220 17.73 -27.79 15.01
N ALA B 221 16.88 -26.93 15.55
CA ALA B 221 15.46 -27.05 15.27
C ALA B 221 14.81 -25.68 15.08
N ILE B 222 13.71 -25.62 14.28
CA ILE B 222 13.03 -24.32 14.15
C ILE B 222 11.49 -24.31 14.33
N GLU B 223 10.97 -23.25 14.99
CA GLU B 223 9.50 -23.05 15.19
C GLU B 223 9.02 -22.55 13.83
N VAL B 224 7.90 -23.07 13.34
CA VAL B 224 7.35 -22.61 12.05
C VAL B 224 5.82 -22.50 12.00
N TYR B 225 5.29 -21.86 10.95
CA TYR B 225 3.85 -21.77 10.83
C TYR B 225 3.47 -22.31 9.44
N LYS B 226 2.82 -23.45 9.41
CA LYS B 226 2.43 -24.13 8.17
C LYS B 226 1.06 -23.66 7.78
N ILE B 227 0.87 -23.44 6.49
CA ILE B 227 -0.43 -23.00 6.06
C ILE B 227 -1.36 -24.22 6.04
N ILE B 228 -2.54 -24.01 6.65
CA ILE B 228 -3.59 -25.03 6.76
C ILE B 228 -4.88 -24.51 6.16
N GLU B 229 -5.03 -23.17 6.12
CA GLU B 229 -6.23 -22.58 5.55
C GLU B 229 -6.27 -21.05 5.28
N LYS B 230 -6.95 -20.68 4.20
CA LYS B 230 -7.14 -19.27 3.92
C LYS B 230 -8.55 -18.91 4.38
N VAL B 231 -8.68 -18.00 5.33
CA VAL B 231 -10.01 -17.59 5.83
C VAL B 231 -10.56 -16.54 4.88
N ASP B 232 -11.75 -16.78 4.32
CA ASP B 232 -12.28 -15.86 3.35
C ASP B 232 -13.37 -14.92 3.82
N TYR B 233 -13.93 -14.18 2.86
CA TYR B 233 -15.02 -13.25 3.15
C TYR B 233 -16.32 -13.93 2.83
N PRO B 234 -17.34 -13.78 3.68
CA PRO B 234 -18.53 -14.48 3.22
C PRO B 234 -18.92 -13.73 1.90
N ARG B 235 -18.37 -14.22 0.79
CA ARG B 235 -18.57 -13.67 -0.57
C ARG B 235 -20.01 -14.04 -1.01
N ASP B 236 -20.95 -13.37 -0.34
CA ASP B 236 -22.40 -13.51 -0.48
C ASP B 236 -23.08 -13.92 -1.78
N GLU B 237 -24.30 -13.42 -1.85
CA GLU B 237 -25.23 -13.59 -2.94
C GLU B 237 -24.58 -12.97 -4.16
N ASN B 238 -23.97 -11.80 -3.97
CA ASN B 238 -23.28 -11.06 -5.02
C ASN B 238 -21.77 -11.33 -4.94
N GLY B 239 -21.32 -11.62 -3.72
CA GLY B 239 -19.92 -11.92 -3.47
C GLY B 239 -19.17 -10.74 -2.88
N GLU B 240 -19.92 -9.68 -2.62
CA GLU B 240 -19.39 -8.44 -2.05
C GLU B 240 -18.88 -8.72 -0.63
N ILE B 241 -17.71 -8.19 -0.28
CA ILE B 241 -17.19 -8.42 1.05
C ILE B 241 -18.32 -8.10 2.02
N ALA B 242 -18.48 -8.95 3.03
CA ALA B 242 -19.53 -8.73 4.02
C ALA B 242 -18.96 -8.18 5.35
N ALA B 243 -17.64 -8.21 5.52
CA ALA B 243 -17.03 -7.69 6.75
C ALA B 243 -15.49 -7.47 6.59
N ILE B 244 -14.91 -6.61 7.42
CA ILE B 244 -13.48 -6.33 7.35
C ILE B 244 -12.69 -6.87 8.59
N ILE B 245 -11.36 -6.89 8.55
CA ILE B 245 -10.59 -7.37 9.70
C ILE B 245 -10.87 -6.54 11.00
N HIS B 246 -10.94 -7.18 12.16
CA HIS B 246 -11.23 -6.41 13.37
C HIS B 246 -10.01 -5.62 13.77
N PRO B 247 -10.17 -4.49 14.48
CA PRO B 247 -8.93 -3.79 14.81
C PRO B 247 -8.05 -4.63 15.72
N ASN B 248 -8.66 -5.64 16.30
CA ASN B 248 -7.93 -6.56 17.18
C ASN B 248 -6.98 -7.47 16.40
N LEU B 249 -7.45 -8.05 15.30
CA LEU B 249 -6.66 -8.92 14.49
C LEU B 249 -5.60 -8.16 13.69
N GLN B 250 -5.98 -7.00 13.19
CA GLN B 250 -5.13 -6.12 12.38
C GLN B 250 -3.70 -5.97 12.88
N ASP B 251 -2.77 -6.03 11.94
CA ASP B 251 -1.35 -5.91 12.21
C ASP B 251 -1.00 -6.73 13.42
N GLN B 252 -1.62 -7.90 13.51
CA GLN B 252 -1.40 -8.85 14.61
C GLN B 252 -0.94 -10.18 14.08
N ASP B 253 -0.35 -10.12 12.89
CA ASP B 253 0.21 -11.26 12.19
C ASP B 253 1.07 -11.99 13.22
N TRP B 254 0.89 -13.31 13.31
CA TRP B 254 1.62 -14.20 14.26
C TRP B 254 0.99 -14.17 15.66
N LYS B 255 1.08 -13.04 16.36
CA LYS B 255 0.50 -12.90 17.70
C LYS B 255 -0.73 -13.81 17.86
N PRO B 256 -0.67 -14.71 18.84
CA PRO B 256 -1.64 -15.73 19.26
C PRO B 256 -3.08 -15.27 19.31
N LEU B 257 -3.93 -15.92 18.54
CA LEU B 257 -5.35 -15.59 18.48
C LEU B 257 -6.15 -16.77 19.07
N HIS B 258 -6.98 -16.47 20.06
CA HIS B 258 -7.75 -17.48 20.73
C HIS B 258 -9.20 -17.65 20.28
N PRO B 259 -9.80 -18.80 20.62
CA PRO B 259 -11.19 -18.99 20.20
C PRO B 259 -12.11 -17.92 20.70
N GLY B 260 -11.66 -17.13 21.65
CA GLY B 260 -12.51 -16.05 22.12
C GLY B 260 -12.36 -14.67 21.45
N ASP B 261 -11.17 -14.42 20.88
CA ASP B 261 -10.77 -13.14 20.26
C ASP B 261 -11.52 -12.61 19.05
N PRO B 262 -11.66 -11.26 18.97
CA PRO B 262 -12.37 -10.67 17.84
C PRO B 262 -11.61 -10.97 16.56
N PHE B 264 -13.56 -10.22 12.88
CA PHE B 264 -14.14 -9.35 11.84
C PHE B 264 -14.99 -8.29 12.50
N LEU B 265 -15.32 -7.28 11.70
CA LEU B 265 -16.16 -6.15 12.12
C LEU B 265 -17.01 -5.71 10.93
N THR B 266 -18.25 -5.32 11.22
CA THR B 266 -19.19 -4.86 10.20
C THR B 266 -19.36 -3.37 10.42
N LEU B 267 -19.67 -2.59 9.38
CA LEU B 267 -19.84 -1.16 9.59
C LEU B 267 -20.87 -0.81 10.67
N ASP B 268 -21.94 -1.57 10.81
CA ASP B 268 -22.90 -1.20 11.87
C ASP B 268 -22.37 -1.68 13.23
N GLY B 269 -21.05 -1.73 13.30
CA GLY B 269 -20.37 -2.11 14.51
C GLY B 269 -20.37 -3.53 15.04
N LYS B 270 -20.88 -4.52 14.32
CA LYS B 270 -20.84 -5.86 14.89
C LYS B 270 -19.53 -6.64 14.68
N THR B 271 -19.26 -7.52 15.65
CA THR B 271 -18.06 -8.36 15.69
C THR B 271 -18.36 -9.83 15.37
N ILE B 272 -17.57 -10.40 14.47
CA ILE B 272 -17.72 -11.79 14.13
C ILE B 272 -16.57 -12.37 14.88
N PRO B 273 -16.85 -13.32 15.77
CA PRO B 273 -15.95 -14.05 16.66
C PRO B 273 -15.24 -15.21 15.96
N LEU B 274 -14.03 -15.47 16.40
CA LEU B 274 -13.21 -16.52 15.86
C LEU B 274 -13.86 -17.94 15.80
N GLY B 275 -14.06 -18.57 16.95
CA GLY B 275 -14.61 -19.90 16.91
C GLY B 275 -13.65 -20.97 16.42
N GLY B 276 -14.22 -22.03 15.83
CA GLY B 276 -13.40 -23.12 15.32
C GLY B 276 -13.05 -24.19 16.35
N ASP B 277 -11.77 -24.36 16.69
CA ASP B 277 -11.37 -25.36 17.68
C ASP B 277 -10.10 -25.09 18.52
N CYS B 278 -9.10 -24.45 17.94
CA CYS B 278 -7.86 -24.16 18.67
C CYS B 278 -7.59 -22.68 18.69
N THR B 279 -6.44 -22.38 19.27
CA THR B 279 -5.89 -21.06 19.40
C THR B 279 -5.00 -20.98 18.16
N VAL B 280 -4.99 -19.82 17.52
CA VAL B 280 -4.22 -19.74 16.32
C VAL B 280 -3.25 -18.58 16.14
N TYR B 281 -2.65 -18.52 14.95
CA TYR B 281 -1.70 -17.47 14.61
C TYR B 281 -1.95 -17.13 13.15
N PRO B 282 -2.54 -15.95 12.90
CA PRO B 282 -2.74 -15.69 11.47
C PRO B 282 -1.60 -14.90 10.87
N VAL B 283 -1.35 -15.13 9.58
CA VAL B 283 -0.30 -14.39 8.86
C VAL B 283 -0.97 -13.88 7.59
N PHE B 284 -0.40 -12.84 7.00
CA PHE B 284 -0.95 -12.27 5.79
C PHE B 284 -2.30 -11.60 6.10
N VAL B 285 -2.39 -11.14 7.35
CA VAL B 285 -3.57 -10.45 7.87
C VAL B 285 -3.76 -9.11 7.17
N ASN B 286 -4.60 -9.13 6.14
CA ASN B 286 -4.99 -7.96 5.37
C ASN B 286 -4.03 -7.56 4.30
N GLU B 287 -3.63 -8.51 3.45
CA GLU B 287 -2.70 -8.22 2.36
C GLU B 287 -3.45 -7.77 1.09
N ALA B 288 -2.97 -6.72 0.43
CA ALA B 288 -3.64 -6.23 -0.77
C ALA B 288 -3.86 -7.34 -1.81
N ALA B 289 -2.80 -8.06 -2.14
CA ALA B 289 -2.89 -9.11 -3.13
C ALA B 289 -3.90 -10.21 -2.80
N TYR B 290 -4.51 -10.14 -1.63
CA TYR B 290 -5.41 -11.21 -1.31
C TYR B 290 -6.92 -10.96 -1.17
N TYR B 291 -7.43 -9.84 -1.68
CA TYR B 291 -8.86 -9.62 -1.63
C TYR B 291 -9.48 -10.43 -2.77
N GLU B 292 -9.11 -10.10 -4.00
CA GLU B 292 -9.64 -10.84 -5.14
C GLU B 292 -9.51 -12.32 -4.83
N LYS B 293 -8.32 -12.87 -5.09
CA LYS B 293 -7.98 -14.29 -4.87
C LYS B 293 -8.38 -14.79 -3.47
N LYS B 294 -9.69 -14.68 -3.17
CA LYS B 294 -10.31 -15.06 -1.88
C LYS B 294 -9.33 -15.45 -0.73
N GLU B 295 -9.35 -14.62 0.33
CA GLU B 295 -8.50 -14.75 1.51
C GLU B 295 -8.81 -13.45 2.25
N ALA B 296 -8.28 -13.30 3.46
CA ALA B 296 -8.47 -12.13 4.31
C ALA B 296 -7.34 -12.21 5.34
N PHE B 297 -6.73 -13.37 5.44
CA PHE B 297 -5.58 -13.63 6.34
C PHE B 297 -5.29 -15.13 6.36
N ALA B 298 -4.03 -15.55 6.28
CA ALA B 298 -3.72 -16.98 6.36
C ALA B 298 -3.54 -17.35 7.83
N LYS B 299 -4.43 -18.25 8.29
CA LYS B 299 -4.48 -18.77 9.66
C LYS B 299 -3.58 -20.02 9.73
N THR B 300 -2.76 -20.10 10.78
CA THR B 300 -1.84 -21.21 10.85
C THR B 300 -1.74 -21.92 12.18
N THR B 301 -1.16 -23.13 12.12
CA THR B 301 -0.89 -23.94 13.33
C THR B 301 0.63 -23.86 13.51
N LYS B 302 1.10 -23.69 14.74
CA LYS B 302 2.55 -23.58 14.89
C LYS B 302 3.21 -24.96 15.09
N LEU B 303 4.37 -25.16 14.49
CA LEU B 303 5.07 -26.44 14.66
C LEU B 303 6.59 -26.31 14.66
N THR B 304 7.25 -27.39 15.13
CA THR B 304 8.74 -27.40 15.18
C THR B 304 9.31 -28.46 14.29
N LEU B 305 10.27 -28.08 13.46
CA LEU B 305 10.90 -29.02 12.59
C LEU B 305 12.32 -29.23 13.15
N ASN B 306 12.89 -30.43 12.94
CA ASN B 306 14.26 -30.70 13.43
C ASN B 306 15.27 -30.75 12.27
N ALA B 307 16.49 -30.32 12.52
CA ALA B 307 17.51 -30.44 11.49
C ALA B 307 18.57 -31.41 12.01
N LYS B 308 19.10 -32.23 11.11
CA LYS B 308 20.18 -33.16 11.46
C LYS B 308 21.50 -32.38 11.31
N SER B 309 22.57 -32.84 11.93
CA SER B 309 23.86 -32.15 11.84
C SER B 309 24.10 -32.12 10.35
N ILE B 310 24.77 -31.10 9.83
CA ILE B 310 25.05 -31.04 8.40
C ILE B 310 26.50 -30.56 8.20
N ARG B 311 27.09 -31.01 7.09
CA ARG B 311 28.46 -30.66 6.72
C ARG B 311 28.58 -31.20 5.31
N CYS B 312 29.47 -30.66 4.47
CA CYS B 312 29.62 -31.22 3.11
C CYS B 312 31.06 -31.59 2.77
N GLU A 11 -25.74 32.04 3.93
CA GLU A 11 -26.97 31.37 3.40
C GLU A 11 -27.04 29.91 3.80
N HIS A 12 -28.28 29.45 3.96
CA HIS A 12 -28.63 28.09 4.36
C HIS A 12 -28.07 27.03 3.41
N ILE A 13 -27.71 25.87 3.94
CA ILE A 13 -27.18 24.78 3.11
C ILE A 13 -28.25 23.72 2.93
N GLN A 14 -28.66 23.48 1.68
CA GLN A 14 -29.69 22.49 1.42
C GLN A 14 -29.15 21.37 0.58
N LYS A 15 -28.02 21.60 -0.10
CA LYS A 15 -27.41 20.59 -0.96
C LYS A 15 -25.96 20.14 -0.62
N VAL A 16 -25.84 18.93 -0.09
CA VAL A 16 -24.54 18.34 0.28
C VAL A 16 -24.42 16.87 -0.09
N ALA A 17 -23.34 16.52 -0.79
CA ALA A 17 -23.08 15.12 -1.18
C ALA A 17 -21.75 14.55 -0.66
N ILE A 18 -21.62 13.23 -0.77
CA ILE A 18 -20.40 12.55 -0.37
C ILE A 18 -19.99 11.63 -1.50
N PHE A 19 -18.87 11.98 -2.15
CA PHE A 19 -18.29 11.21 -3.25
C PHE A 19 -17.29 10.18 -2.75
N GLY A 20 -17.45 8.93 -3.20
CA GLY A 20 -16.54 7.86 -2.84
C GLY A 20 -16.05 7.09 -4.08
N GLY A 21 -14.76 6.71 -4.08
CA GLY A 21 -14.22 5.98 -5.19
C GLY A 21 -13.66 6.84 -6.32
N THR A 22 -13.33 8.10 -6.04
CA THR A 22 -12.73 8.91 -7.10
C THR A 22 -11.54 8.11 -7.66
N HIS A 23 -10.97 7.24 -6.81
CA HIS A 23 -9.90 6.30 -7.21
C HIS A 23 -10.36 4.96 -6.61
N GLY A 24 -10.65 4.02 -7.49
CA GLY A 24 -11.17 2.70 -7.13
C GLY A 24 -10.33 1.79 -6.28
N ASN A 25 -9.07 2.17 -6.08
CA ASN A 25 -8.18 1.40 -5.28
C ASN A 25 -7.90 2.18 -4.02
N GLU A 26 -8.91 2.96 -3.63
CA GLU A 26 -8.96 3.79 -2.40
C GLU A 26 -10.37 3.58 -1.69
N LEU A 27 -10.58 2.33 -1.24
CA LEU A 27 -11.74 1.76 -0.58
C LEU A 27 -12.49 2.42 0.57
N THR A 28 -11.79 2.91 1.60
CA THR A 28 -12.51 3.46 2.76
C THR A 28 -13.85 4.06 2.33
N GLY A 29 -13.79 4.94 1.35
CA GLY A 29 -15.01 5.55 0.84
C GLY A 29 -15.81 4.65 -0.08
N VAL A 30 -15.13 3.77 -0.81
CA VAL A 30 -15.82 2.86 -1.71
C VAL A 30 -16.73 2.00 -0.85
N PHE A 31 -16.24 1.66 0.34
CA PHE A 31 -16.95 0.83 1.32
C PHE A 31 -18.14 1.63 1.96
N LEU A 32 -17.83 2.67 2.73
CA LEU A 32 -18.85 3.51 3.34
C LEU A 32 -19.86 3.98 2.29
N VAL A 33 -19.40 4.39 1.10
CA VAL A 33 -20.33 4.86 0.07
C VAL A 33 -21.21 3.74 -0.47
N LYS A 34 -20.61 2.60 -0.75
CA LYS A 34 -21.42 1.49 -1.22
C LYS A 34 -22.48 1.18 -0.18
N HIS A 35 -22.12 1.19 1.11
CA HIS A 35 -23.09 0.90 2.15
C HIS A 35 -24.16 2.02 2.28
N TRP A 36 -23.74 3.26 2.09
CA TRP A 36 -24.65 4.40 2.20
C TRP A 36 -25.49 4.60 0.95
N LEU A 37 -25.52 3.58 0.11
CA LEU A 37 -26.26 3.58 -1.12
C LEU A 37 -27.37 2.56 -0.96
N GLU A 38 -27.30 1.78 0.13
CA GLU A 38 -28.31 0.79 0.44
C GLU A 38 -29.01 1.12 1.77
N ASN A 39 -28.27 1.76 2.68
CA ASN A 39 -28.73 2.17 4.02
C ASN A 39 -28.01 3.45 4.41
N GLY A 40 -28.58 4.57 3.95
CA GLY A 40 -27.98 5.87 4.19
C GLY A 40 -28.39 6.56 5.46
N ALA A 41 -28.88 5.76 6.40
CA ALA A 41 -29.31 6.29 7.69
C ALA A 41 -28.26 7.16 8.37
N GLU A 42 -26.99 6.70 8.39
CA GLU A 42 -25.88 7.41 9.03
C GLU A 42 -25.54 8.83 8.51
N ILE A 43 -25.77 9.10 7.25
CA ILE A 43 -25.43 10.44 6.77
C ILE A 43 -26.62 11.32 6.34
N GLN A 44 -27.67 11.31 7.15
CA GLN A 44 -28.88 12.12 6.93
C GLN A 44 -29.00 13.25 7.95
N ARG A 45 -29.51 14.39 7.54
CA ARG A 45 -29.66 15.48 8.51
C ARG A 45 -30.94 16.27 8.28
N THR A 46 -31.76 16.46 9.32
CA THR A 46 -32.98 17.23 9.09
C THR A 46 -32.60 18.55 8.41
N GLY A 47 -33.23 18.82 7.29
CA GLY A 47 -32.96 20.03 6.55
C GLY A 47 -31.80 19.87 5.60
N LEU A 48 -30.66 19.43 6.15
CA LEU A 48 -29.44 19.22 5.37
C LEU A 48 -29.29 17.80 4.82
N GLU A 49 -29.91 17.50 3.67
CA GLU A 49 -29.77 16.15 3.13
C GLU A 49 -28.38 15.88 2.48
N VAL A 50 -27.94 14.60 2.52
CA VAL A 50 -26.65 14.17 1.97
C VAL A 50 -26.81 12.96 1.05
N LYS A 51 -26.12 13.01 -0.08
CA LYS A 51 -26.22 11.93 -1.08
C LYS A 51 -24.89 11.22 -1.47
N PRO A 52 -24.89 9.86 -1.51
CA PRO A 52 -23.74 9.04 -1.88
C PRO A 52 -23.74 8.80 -3.39
N PHE A 53 -22.61 8.35 -3.92
CA PHE A 53 -22.46 8.15 -5.37
C PHE A 53 -21.02 7.70 -5.70
N ILE A 54 -20.85 6.61 -6.48
CA ILE A 54 -19.46 6.24 -6.84
C ILE A 54 -18.98 6.98 -8.10
N THR A 55 -18.05 7.93 -7.94
CA THR A 55 -17.57 8.71 -9.09
C THR A 55 -16.81 7.94 -10.17
N ASN A 56 -16.06 6.89 -9.80
CA ASN A 56 -15.33 6.11 -10.81
C ASN A 56 -15.53 4.59 -10.69
N PRO A 57 -16.75 4.10 -11.00
CA PRO A 57 -17.13 2.69 -10.93
C PRO A 57 -16.17 1.68 -11.54
N ARG A 58 -15.70 1.95 -12.75
CA ARG A 58 -14.79 1.00 -13.41
C ARG A 58 -13.43 0.80 -12.70
N ALA A 59 -12.80 1.91 -12.33
CA ALA A 59 -11.51 1.86 -11.66
C ALA A 59 -11.74 1.20 -10.32
N VAL A 60 -12.97 1.33 -9.80
CA VAL A 60 -13.33 0.72 -8.50
C VAL A 60 -13.46 -0.76 -8.74
N LYS A 61 -14.05 -1.17 -9.85
CA LYS A 61 -14.15 -2.60 -10.10
C LYS A 61 -12.84 -3.28 -10.60
N LYS A 62 -11.98 -2.56 -11.33
CA LYS A 62 -10.73 -3.14 -11.82
C LYS A 62 -9.76 -2.86 -10.73
N CYS A 63 -10.29 -2.10 -9.77
CA CYS A 63 -9.51 -1.68 -8.63
C CYS A 63 -8.22 -0.93 -9.07
N THR A 64 -8.18 0.37 -8.83
CA THR A 64 -7.01 1.17 -9.17
C THR A 64 -7.25 2.66 -9.06
N ARG A 65 -6.21 3.47 -9.27
CA ARG A 65 -6.35 4.91 -9.19
C ARG A 65 -7.32 5.26 -10.31
N TYR A 66 -7.06 4.72 -11.50
CA TYR A 66 -7.98 4.96 -12.61
C TYR A 66 -7.92 3.94 -13.79
N ILE A 67 -8.69 4.21 -14.85
CA ILE A 67 -8.70 3.34 -16.03
C ILE A 67 -7.95 3.92 -17.22
N ASP A 68 -8.39 5.06 -17.73
CA ASP A 68 -7.74 5.68 -18.87
C ASP A 68 -6.92 6.92 -18.46
N CYS A 69 -7.53 7.82 -17.70
CA CYS A 69 -6.83 9.04 -17.24
C CYS A 69 -7.12 9.26 -15.78
N ASP A 70 -6.86 10.45 -15.28
CA ASP A 70 -7.19 10.72 -13.89
C ASP A 70 -8.40 11.60 -13.69
N LEU A 71 -9.48 10.96 -13.23
CA LEU A 71 -10.76 11.61 -12.94
C LEU A 71 -10.58 12.86 -12.09
N ASN A 72 -9.55 12.86 -11.24
CA ASN A 72 -9.33 13.97 -10.34
C ASN A 72 -8.67 15.28 -10.83
N ARG A 73 -8.37 15.39 -12.13
CA ARG A 73 -7.75 16.62 -12.61
C ARG A 73 -8.23 17.08 -14.01
N ILE A 74 -9.46 16.69 -14.32
CA ILE A 74 -10.07 16.95 -15.59
C ILE A 74 -11.42 17.69 -15.53
N PHE A 75 -11.96 17.90 -14.35
CA PHE A 75 -13.22 18.62 -14.21
C PHE A 75 -13.04 20.11 -14.62
N ASP A 76 -12.04 20.36 -15.45
CA ASP A 76 -11.79 21.71 -15.90
C ASP A 76 -12.43 21.89 -17.28
N LEU A 77 -12.48 23.14 -17.72
CA LEU A 77 -13.08 23.53 -18.98
C LEU A 77 -12.48 22.85 -20.22
N GLU A 78 -11.18 22.49 -20.10
CA GLU A 78 -10.42 21.82 -21.15
C GLU A 78 -10.93 20.40 -21.32
N ASN A 79 -11.50 19.85 -20.26
CA ASN A 79 -12.03 18.51 -20.32
C ASN A 79 -13.51 18.52 -20.31
N LEU A 80 -14.07 19.29 -19.39
CA LEU A 80 -15.51 19.39 -19.29
C LEU A 80 -16.00 20.03 -20.57
N GLY A 81 -15.14 20.80 -21.21
CA GLY A 81 -15.55 21.42 -22.45
C GLY A 81 -15.54 20.59 -23.73
N LYS A 82 -14.83 19.46 -23.73
CA LYS A 82 -14.74 18.62 -24.93
C LYS A 82 -15.98 17.81 -25.28
N LYS A 83 -16.34 17.77 -26.55
CA LYS A 83 -17.54 17.04 -27.02
C LYS A 83 -17.70 15.55 -26.67
N SER A 85 -18.25 11.81 -26.56
CA SER A 85 -18.05 10.76 -27.54
C SER A 85 -17.61 9.42 -26.91
N GLU A 86 -17.97 8.36 -27.61
CA GLU A 86 -17.66 7.02 -27.16
C GLU A 86 -16.14 6.79 -27.22
N ASP A 87 -15.42 7.69 -27.87
CA ASP A 87 -13.99 7.54 -27.98
C ASP A 87 -13.22 8.44 -27.03
N LEU A 88 -13.92 9.24 -26.22
CA LEU A 88 -13.20 10.06 -25.25
C LEU A 88 -12.61 9.16 -24.14
N PRO A 89 -11.47 9.54 -23.55
CA PRO A 89 -10.90 8.70 -22.49
C PRO A 89 -11.91 8.54 -21.34
N TYR A 90 -12.28 7.29 -21.06
CA TYR A 90 -13.27 6.96 -20.03
C TYR A 90 -13.49 8.05 -18.93
N GLU A 91 -12.45 8.32 -18.13
CA GLU A 91 -12.57 9.31 -17.06
C GLU A 91 -13.14 10.65 -17.54
N VAL A 92 -12.81 11.07 -18.77
CA VAL A 92 -13.40 12.33 -19.25
C VAL A 92 -14.92 12.18 -19.54
N ARG A 93 -15.28 11.01 -20.07
CA ARG A 93 -16.67 10.71 -20.33
C ARG A 93 -17.37 10.54 -18.94
N ARG A 94 -16.68 9.87 -18.01
CA ARG A 94 -17.25 9.64 -16.71
C ARG A 94 -17.38 10.98 -16.02
N ALA A 95 -16.34 11.82 -16.17
CA ALA A 95 -16.36 13.17 -15.57
C ALA A 95 -17.70 13.80 -15.91
N GLN A 96 -17.87 14.09 -17.21
CA GLN A 96 -19.10 14.67 -17.73
C GLN A 96 -20.39 14.15 -17.07
N GLU A 97 -20.49 12.81 -16.96
CA GLU A 97 -21.62 12.16 -16.32
C GLU A 97 -21.80 12.91 -14.98
N ILE A 98 -20.70 13.02 -14.21
CA ILE A 98 -20.71 13.73 -12.92
C ILE A 98 -20.79 15.27 -13.09
N ASN A 99 -19.86 15.81 -13.89
CA ASN A 99 -19.86 17.24 -14.16
C ASN A 99 -21.28 17.76 -14.38
N HIS A 100 -22.21 16.88 -14.70
CA HIS A 100 -23.59 17.29 -14.95
C HIS A 100 -24.60 16.92 -13.88
N LEU A 101 -24.56 15.66 -13.44
CA LEU A 101 -25.47 15.22 -12.39
C LEU A 101 -25.33 16.14 -11.16
N PHE A 102 -24.13 16.33 -10.63
CA PHE A 102 -23.98 17.20 -9.47
C PHE A 102 -23.52 18.53 -10.01
N GLY A 103 -23.33 18.53 -11.33
CA GLY A 103 -22.87 19.73 -12.02
C GLY A 103 -24.06 20.55 -12.43
N PRO A 104 -23.87 21.52 -13.34
CA PRO A 104 -22.58 21.84 -13.95
C PRO A 104 -21.76 22.60 -12.94
N LYS A 105 -20.46 22.78 -13.22
CA LYS A 105 -19.56 23.55 -12.35
C LYS A 105 -19.75 25.02 -12.79
N ASP A 106 -19.65 25.95 -11.82
CA ASP A 106 -19.82 27.39 -12.04
C ASP A 106 -21.29 27.86 -12.18
N SER A 107 -22.23 26.92 -12.12
CA SER A 107 -23.65 27.24 -12.19
C SER A 107 -24.26 27.48 -10.80
N GLU A 108 -25.47 28.02 -10.81
CA GLU A 108 -26.17 28.32 -9.56
C GLU A 108 -26.82 27.06 -8.99
N ASP A 109 -27.03 26.06 -9.83
CA ASP A 109 -27.68 24.86 -9.35
C ASP A 109 -26.83 23.72 -8.80
N SER A 110 -25.52 23.80 -8.97
CA SER A 110 -24.64 22.75 -8.49
C SER A 110 -24.73 22.59 -6.98
N TYR A 111 -24.68 21.35 -6.52
CA TYR A 111 -24.73 21.06 -5.08
C TYR A 111 -23.93 22.10 -4.28
N ASP A 112 -24.31 22.29 -3.03
CA ASP A 112 -23.66 23.28 -2.17
C ASP A 112 -22.32 22.83 -1.64
N ILE A 113 -22.28 21.61 -1.13
CA ILE A 113 -21.05 21.05 -0.62
C ILE A 113 -20.95 19.59 -1.12
N ILE A 114 -19.81 19.23 -1.71
CA ILE A 114 -19.56 17.85 -2.12
C ILE A 114 -18.38 17.47 -1.23
N PHE A 115 -18.43 16.30 -0.61
CA PHE A 115 -17.31 15.81 0.24
C PHE A 115 -16.60 14.69 -0.57
N ASP A 116 -15.31 14.86 -0.85
CA ASP A 116 -14.58 13.80 -1.57
C ASP A 116 -13.59 13.08 -0.60
N LEU A 117 -13.75 11.77 -0.48
CA LEU A 117 -12.91 10.94 0.39
C LEU A 117 -11.66 10.39 -0.33
N HIS A 118 -10.51 10.57 0.29
CA HIS A 118 -9.26 10.06 -0.25
C HIS A 118 -8.34 9.43 0.81
N ASN A 119 -7.47 8.52 0.33
CA ASN A 119 -6.52 7.83 1.19
C ASN A 119 -5.12 8.14 0.75
N THR A 120 -4.21 8.15 1.71
CA THR A 120 -2.81 8.38 1.43
C THR A 120 -2.00 7.30 2.15
N THR A 121 -1.07 6.70 1.44
CA THR A 121 -0.23 5.68 2.03
C THR A 121 0.70 6.40 3.00
N SER A 122 0.66 7.73 2.96
CA SER A 122 1.47 8.55 3.85
C SER A 122 0.79 8.64 5.25
N ASN A 123 1.61 8.92 6.26
CA ASN A 123 1.15 9.02 7.63
C ASN A 123 0.64 10.40 8.04
N GLY A 125 -2.60 11.02 8.84
CA GLY A 125 -3.70 10.95 9.79
C GLY A 125 -4.99 11.42 9.16
N CYS A 126 -5.74 12.29 9.85
CA CYS A 126 -6.99 12.84 9.29
C CYS A 126 -6.70 14.24 8.76
N THR A 127 -6.85 14.42 7.45
CA THR A 127 -6.57 15.70 6.83
C THR A 127 -7.76 16.29 6.05
N LEU A 128 -7.96 17.59 6.22
CA LEU A 128 -9.03 18.30 5.51
C LEU A 128 -8.34 19.10 4.42
N ILE A 129 -8.84 18.99 3.19
CA ILE A 129 -8.23 19.72 2.09
C ILE A 129 -9.13 20.88 1.66
N LEU A 130 -8.55 22.08 1.74
CA LEU A 130 -9.24 23.31 1.42
C LEU A 130 -8.63 24.05 0.24
N GLU A 131 -9.46 24.56 -0.68
CA GLU A 131 -8.94 25.30 -1.84
C GLU A 131 -9.43 26.77 -1.94
N ASP A 132 -10.48 27.11 -1.19
CA ASP A 132 -10.96 28.50 -1.20
C ASP A 132 -10.40 29.16 0.05
N SER A 133 -9.06 29.24 0.11
CA SER A 133 -8.30 29.84 1.22
C SER A 133 -9.03 30.89 2.01
N ARG A 134 -10.00 31.53 1.38
CA ARG A 134 -10.78 32.54 2.04
C ARG A 134 -12.25 32.19 2.20
N ASN A 135 -12.58 30.94 2.51
CA ASN A 135 -13.98 30.60 2.75
C ASN A 135 -14.20 30.54 4.25
N ASN A 136 -15.02 31.47 4.75
CA ASN A 136 -15.34 31.56 6.20
C ASN A 136 -16.14 30.33 6.70
N PHE A 137 -17.12 29.95 5.87
CA PHE A 137 -17.98 28.82 6.13
C PHE A 137 -17.11 27.54 6.24
N LEU A 138 -16.19 27.37 5.30
CA LEU A 138 -15.27 26.23 5.29
C LEU A 138 -14.30 26.31 6.46
N ILE A 139 -13.65 27.45 6.65
CA ILE A 139 -12.70 27.58 7.75
C ILE A 139 -13.47 27.29 9.05
N GLN A 140 -14.74 27.67 9.05
CA GLN A 140 -15.62 27.45 10.19
C GLN A 140 -15.97 25.98 10.25
N PHE A 142 -14.30 23.49 9.17
CA PHE A 142 -13.12 22.79 9.61
C PHE A 142 -12.76 23.05 11.06
N HIS A 143 -12.65 24.33 11.41
CA HIS A 143 -12.31 24.69 12.77
C HIS A 143 -13.16 23.84 13.67
N TYR A 144 -14.43 23.71 13.30
CA TYR A 144 -15.39 22.88 14.07
C TYR A 144 -14.89 21.42 14.20
N ILE A 145 -14.76 20.73 13.06
CA ILE A 145 -14.34 19.33 13.02
C ILE A 145 -13.08 19.01 13.84
N LYS A 146 -12.05 19.86 13.75
CA LYS A 146 -10.80 19.68 14.49
C LYS A 146 -11.05 19.65 16.00
N THR A 147 -11.69 20.70 16.49
CA THR A 147 -12.01 20.82 17.90
C THR A 147 -12.86 19.63 18.25
N SER A 148 -13.80 19.34 17.34
CA SER A 148 -14.66 18.20 17.54
C SER A 148 -13.85 16.89 17.63
N LEU A 149 -12.85 16.77 16.75
CA LEU A 149 -11.98 15.59 16.70
C LEU A 149 -10.92 15.60 17.77
N ALA A 150 -10.42 16.78 18.08
CA ALA A 150 -9.44 17.03 19.11
C ALA A 150 -9.77 16.29 20.45
N PRO A 151 -8.76 15.72 21.16
CA PRO A 151 -7.30 15.60 21.03
C PRO A 151 -6.79 14.79 19.84
N LEU A 152 -7.69 14.40 18.95
CA LEU A 152 -7.23 13.67 17.80
C LEU A 152 -6.77 14.78 16.85
N PRO A 153 -5.55 14.64 16.31
CA PRO A 153 -4.97 15.63 15.38
C PRO A 153 -5.87 15.62 14.16
N CYS A 154 -5.88 16.69 13.39
CA CYS A 154 -6.74 16.78 12.22
C CYS A 154 -6.22 18.00 11.55
N TYR A 155 -5.32 17.77 10.59
CA TYR A 155 -4.65 18.84 9.86
C TYR A 155 -5.42 19.26 8.65
N VAL A 156 -5.25 20.53 8.28
CA VAL A 156 -5.93 21.07 7.12
C VAL A 156 -4.88 21.41 6.05
N TYR A 157 -5.01 20.75 4.89
CA TYR A 157 -4.12 20.95 3.77
C TYR A 157 -4.75 22.03 2.88
N LEU A 158 -4.06 23.18 2.72
CA LEU A 158 -4.60 24.26 1.90
C LEU A 158 -3.99 24.38 0.52
N ILE A 159 -4.81 24.41 -0.53
CA ILE A 159 -4.25 24.61 -1.87
C ILE A 159 -4.58 26.04 -2.45
N GLU A 160 -3.66 26.59 -3.27
CA GLU A 160 -3.84 27.94 -3.80
C GLU A 160 -3.22 28.19 -5.17
N HIS A 161 -4.00 27.96 -6.21
CA HIS A 161 -3.51 28.15 -7.57
C HIS A 161 -3.69 29.60 -8.09
N PRO A 162 -2.62 30.18 -8.64
CA PRO A 162 -2.70 31.55 -9.17
C PRO A 162 -3.61 31.65 -10.45
N SER A 163 -4.14 30.48 -10.85
CA SER A 163 -5.05 30.37 -11.98
C SER A 163 -6.44 30.80 -11.52
N LEU A 164 -6.62 30.86 -10.19
CA LEU A 164 -7.90 31.24 -9.55
C LEU A 164 -8.96 30.12 -9.63
N LYS A 165 -8.82 29.25 -10.64
CA LYS A 165 -9.72 28.14 -10.95
C LYS A 165 -9.13 26.74 -10.79
N TYR A 166 -9.70 25.91 -9.92
CA TYR A 166 -9.19 24.54 -9.73
C TYR A 166 -9.87 23.58 -10.74
N ALA A 167 -9.51 22.28 -10.68
CA ALA A 167 -10.06 21.26 -11.61
C ALA A 167 -10.43 19.88 -10.97
N THR A 168 -10.28 19.76 -9.65
CA THR A 168 -10.60 18.53 -8.95
C THR A 168 -12.05 18.11 -9.03
N THR A 169 -12.33 16.90 -8.60
CA THR A 169 -13.69 16.34 -8.60
C THR A 169 -14.59 17.17 -7.68
N ARG A 170 -14.14 17.45 -6.47
CA ARG A 170 -14.94 18.24 -5.52
C ARG A 170 -15.11 19.75 -5.91
N SER A 171 -14.28 20.20 -6.85
CA SER A 171 -14.31 21.57 -7.30
C SER A 171 -15.64 21.85 -8.05
N ILE A 172 -16.37 20.81 -8.39
CA ILE A 172 -17.68 21.00 -9.04
C ILE A 172 -18.62 21.74 -8.05
N ALA A 173 -18.66 21.34 -6.79
CA ALA A 173 -19.56 21.95 -5.79
C ALA A 173 -19.39 23.44 -5.63
N LYS A 174 -20.30 24.02 -4.83
CA LYS A 174 -20.25 25.44 -4.54
C LYS A 174 -19.15 25.64 -3.52
N TYR A 175 -19.26 24.95 -2.37
CA TYR A 175 -18.31 24.99 -1.26
C TYR A 175 -17.61 23.61 -1.12
N PRO A 176 -16.42 23.41 -1.75
CA PRO A 176 -15.58 22.18 -1.78
C PRO A 176 -14.85 21.74 -0.52
N VAL A 177 -14.80 20.44 -0.31
CA VAL A 177 -14.09 19.88 0.86
C VAL A 177 -13.33 18.57 0.60
N GLY A 178 -12.05 18.56 0.93
CA GLY A 178 -11.30 17.33 0.71
C GLY A 178 -11.17 16.52 1.99
N ILE A 179 -11.46 15.22 1.96
CA ILE A 179 -11.23 14.39 3.15
C ILE A 179 -10.23 13.25 2.83
N GLU A 180 -9.13 13.17 3.59
CA GLU A 180 -8.10 12.14 3.37
C GLU A 180 -7.69 11.52 4.70
N VAL A 181 -7.37 10.23 4.74
CA VAL A 181 -6.96 9.67 6.03
C VAL A 181 -5.81 8.67 6.07
N GLY A 182 -4.60 9.12 6.36
CA GLY A 182 -3.46 8.20 6.41
C GLY A 182 -3.10 7.60 7.77
N PRO A 183 -2.34 6.49 7.79
CA PRO A 183 -1.84 5.83 6.59
C PRO A 183 -2.54 4.50 6.26
N GLN A 184 -2.64 4.19 4.98
CA GLN A 184 -3.22 2.92 4.63
C GLN A 184 -2.73 2.51 3.29
N PRO A 185 -2.37 1.22 3.12
CA PRO A 185 -1.91 0.84 1.76
C PRO A 185 -3.13 0.88 0.85
N GLN A 186 -2.93 1.02 -0.46
CA GLN A 186 -4.06 1.03 -1.37
C GLN A 186 -4.90 -0.26 -1.26
N GLY A 187 -5.91 -0.41 -2.09
CA GLY A 187 -6.70 -1.62 -2.07
C GLY A 187 -6.79 -2.35 -0.74
N VAL A 188 -6.60 -1.63 0.36
CA VAL A 188 -6.67 -2.29 1.67
C VAL A 188 -7.50 -1.56 2.71
N LEU A 189 -8.54 -2.21 3.23
CA LEU A 189 -9.41 -1.61 4.25
C LEU A 189 -9.10 -1.84 5.74
N ARG A 190 -8.50 -0.86 6.41
CA ARG A 190 -8.16 -0.93 7.85
C ARG A 190 -9.30 -0.34 8.72
N ALA A 191 -9.54 -0.92 9.91
CA ALA A 191 -10.62 -0.43 10.76
C ALA A 191 -10.36 0.95 11.32
N ASP A 192 -9.15 1.20 11.82
CA ASP A 192 -8.87 2.53 12.36
C ASP A 192 -9.12 3.63 11.32
N ILE A 193 -8.61 3.44 10.10
CA ILE A 193 -8.83 4.41 9.04
C ILE A 193 -10.33 4.63 8.79
N LEU A 194 -11.05 3.55 8.49
CA LEU A 194 -12.48 3.66 8.26
C LEU A 194 -13.30 4.33 9.39
N ASP A 195 -12.87 4.10 10.63
CA ASP A 195 -13.56 4.64 11.77
C ASP A 195 -13.25 6.10 11.85
N GLN A 196 -11.99 6.41 11.60
CA GLN A 196 -11.62 7.81 11.66
C GLN A 196 -12.32 8.61 10.53
N ARG A 198 -14.91 8.36 9.44
CA ARG A 198 -16.35 8.47 9.57
C ARG A 198 -16.68 9.52 10.62
N LYS A 199 -15.93 9.48 11.72
CA LYS A 199 -16.11 10.48 12.75
C LYS A 199 -15.96 11.89 12.11
N ILE A 201 -16.74 12.84 8.87
CA ILE A 201 -17.99 13.10 8.18
C ILE A 201 -19.07 13.56 9.19
N LYS A 202 -19.14 12.86 10.34
CA LYS A 202 -20.12 13.20 11.38
C LYS A 202 -19.95 14.61 11.91
N HIS A 203 -18.72 15.01 12.19
CA HIS A 203 -18.55 16.35 12.71
C HIS A 203 -18.73 17.39 11.63
N ALA A 204 -18.49 17.02 10.37
CA ALA A 204 -18.72 17.96 9.27
C ALA A 204 -20.24 18.18 9.14
N LEU A 205 -20.98 17.08 8.97
CA LEU A 205 -22.42 17.18 8.82
C LEU A 205 -23.05 17.87 10.06
N ASP A 206 -22.44 17.68 11.24
CA ASP A 206 -22.93 18.35 12.47
C ASP A 206 -22.83 19.86 12.28
N PHE A 207 -21.61 20.39 12.21
CA PHE A 207 -21.40 21.82 11.99
C PHE A 207 -22.48 22.42 11.06
N ILE A 208 -22.45 22.04 9.79
CA ILE A 208 -23.40 22.55 8.83
C ILE A 208 -24.79 22.54 9.47
N HIS A 209 -25.18 21.39 10.02
CA HIS A 209 -26.48 21.25 10.64
C HIS A 209 -26.73 22.27 11.76
N HIS A 210 -25.68 22.59 12.51
CA HIS A 210 -25.77 23.55 13.59
C HIS A 210 -25.69 24.96 13.00
N PHE A 211 -25.06 25.08 11.83
CA PHE A 211 -24.94 26.35 11.07
C PHE A 211 -26.34 26.63 10.54
N ASN A 212 -26.99 25.54 10.12
CA ASN A 212 -28.33 25.62 9.58
C ASN A 212 -29.37 25.96 10.63
N GLU A 213 -29.48 25.15 11.68
CA GLU A 213 -30.46 25.41 12.75
C GLU A 213 -30.48 26.91 13.04
N GLY A 214 -29.31 27.52 13.21
CA GLY A 214 -29.24 28.93 13.47
C GLY A 214 -28.03 29.40 14.26
N LYS A 215 -27.06 28.54 14.52
CA LYS A 215 -25.87 28.96 15.30
C LYS A 215 -24.85 29.86 14.56
N GLU A 216 -24.12 30.65 15.34
CA GLU A 216 -23.10 31.55 14.84
C GLU A 216 -21.78 31.24 15.53
N PHE A 217 -20.68 31.73 14.97
CA PHE A 217 -19.37 31.49 15.55
C PHE A 217 -18.51 32.75 15.52
N PRO A 218 -17.90 33.12 16.67
CA PRO A 218 -17.05 34.28 16.89
C PRO A 218 -15.79 34.25 16.07
N PRO A 219 -15.57 35.28 15.22
CA PRO A 219 -14.40 35.37 14.35
C PRO A 219 -13.20 34.69 14.96
N CYS A 220 -12.52 33.88 14.16
CA CYS A 220 -11.35 33.16 14.62
C CYS A 220 -10.39 32.65 13.54
N ALA A 221 -9.45 31.79 13.94
CA ALA A 221 -8.43 31.32 13.03
C ALA A 221 -8.19 29.83 13.09
N ILE A 222 -7.65 29.25 12.01
CA ILE A 222 -7.28 27.82 12.06
C ILE A 222 -5.80 27.74 11.72
N GLU A 223 -5.15 26.61 12.02
CA GLU A 223 -3.75 26.44 11.62
C GLU A 223 -3.86 25.63 10.31
N VAL A 224 -3.08 26.03 9.30
CA VAL A 224 -3.10 25.34 8.02
C VAL A 224 -1.72 25.19 7.35
N TYR A 225 -1.69 24.33 6.31
CA TYR A 225 -0.47 24.04 5.53
C TYR A 225 -0.66 24.29 4.03
N LYS A 226 0.08 25.29 3.55
CA LYS A 226 0.06 25.77 2.18
C LYS A 226 1.15 25.08 1.37
N ILE A 227 0.72 24.31 0.41
CA ILE A 227 1.63 23.61 -0.47
C ILE A 227 2.46 24.71 -1.15
N ILE A 228 3.79 24.61 -1.14
CA ILE A 228 4.59 25.63 -1.80
C ILE A 228 5.55 25.08 -2.85
N GLU A 229 6.00 23.84 -2.63
CA GLU A 229 6.94 23.21 -3.57
C GLU A 229 6.97 21.68 -3.42
N LYS A 230 6.46 20.97 -4.43
CA LYS A 230 6.44 19.51 -4.44
C LYS A 230 7.86 19.09 -4.81
N VAL A 231 8.57 18.45 -3.87
CA VAL A 231 9.96 17.99 -4.00
C VAL A 231 10.05 16.57 -4.56
N ASP A 232 10.94 16.37 -5.52
CA ASP A 232 11.08 15.08 -6.14
C ASP A 232 12.34 14.38 -5.64
N TYR A 233 12.47 13.11 -6.00
CA TYR A 233 13.57 12.27 -5.58
C TYR A 233 14.77 12.60 -6.45
N PRO A 234 15.98 12.37 -5.90
CA PRO A 234 17.30 12.56 -6.51
C PRO A 234 17.41 11.54 -7.62
N ARG A 235 17.81 11.97 -8.82
CA ARG A 235 17.88 11.00 -9.92
C ARG A 235 19.33 10.73 -10.35
N ASP A 236 19.57 10.04 -11.46
CA ASP A 236 20.94 9.80 -11.90
C ASP A 236 21.11 10.11 -13.40
N GLU A 237 22.29 9.82 -13.95
CA GLU A 237 22.56 10.08 -15.37
C GLU A 237 21.36 9.60 -16.21
N ASN A 238 21.06 8.31 -16.16
CA ASN A 238 19.93 7.73 -16.90
C ASN A 238 18.62 8.36 -16.42
N GLY A 239 18.65 8.87 -15.20
CA GLY A 239 17.49 9.50 -14.61
C GLY A 239 16.78 8.63 -13.58
N GLU A 240 17.37 7.49 -13.26
CA GLU A 240 16.73 6.62 -12.29
C GLU A 240 16.88 7.13 -10.87
N ILE A 241 16.07 6.56 -9.97
CA ILE A 241 16.12 6.95 -8.56
C ILE A 241 17.42 6.38 -8.02
N ALA A 242 18.01 7.12 -7.09
CA ALA A 242 19.31 6.78 -6.51
C ALA A 242 19.30 6.56 -5.00
N ALA A 243 18.60 7.48 -4.32
CA ALA A 243 18.46 7.45 -2.87
C ALA A 243 16.95 7.46 -2.56
N ILE A 244 16.61 7.25 -1.27
CA ILE A 244 15.23 7.24 -0.84
C ILE A 244 14.93 7.90 0.54
N ILE A 245 13.72 8.45 0.67
CA ILE A 245 13.27 9.11 1.89
C ILE A 245 13.98 8.52 3.11
N HIS A 246 14.64 9.37 3.90
CA HIS A 246 15.39 8.92 5.07
C HIS A 246 14.54 8.25 6.16
N PRO A 247 15.16 7.42 7.00
CA PRO A 247 14.21 6.89 7.99
C PRO A 247 13.68 7.92 8.98
N ASN A 248 14.40 9.00 9.27
CA ASN A 248 13.85 9.98 10.20
C ASN A 248 12.83 10.89 9.53
N LEU A 249 12.73 10.81 8.20
CA LEU A 249 11.79 11.63 7.43
C LEU A 249 10.61 10.80 6.94
N GLN A 250 10.52 9.56 7.41
CA GLN A 250 9.39 8.68 7.09
C GLN A 250 8.36 8.75 8.23
N ASP A 251 7.09 8.94 7.86
CA ASP A 251 6.01 8.99 8.81
C ASP A 251 6.09 10.21 9.66
N GLN A 252 6.91 11.17 9.25
CA GLN A 252 7.05 12.40 10.02
C GLN A 252 6.41 13.60 9.33
N ASP A 253 5.21 13.35 8.78
CA ASP A 253 4.42 14.34 8.09
C ASP A 253 4.08 15.47 9.03
N TRP A 254 4.04 16.67 8.47
CA TRP A 254 3.77 17.91 9.20
C TRP A 254 4.90 18.34 10.14
N LYS A 255 5.48 17.39 10.91
CA LYS A 255 6.58 17.72 11.84
C LYS A 255 7.65 18.48 11.03
N PRO A 256 8.13 19.61 11.58
CA PRO A 256 9.12 20.52 11.00
C PRO A 256 10.44 19.90 10.56
N LEU A 257 11.04 20.45 9.51
CA LEU A 257 12.29 19.90 9.03
C LEU A 257 13.26 21.05 8.81
N HIS A 258 14.34 21.08 9.59
CA HIS A 258 15.34 22.15 9.49
C HIS A 258 16.52 21.71 8.66
N PRO A 259 17.20 22.67 8.04
CA PRO A 259 18.35 22.40 7.18
C PRO A 259 19.32 21.25 7.51
N GLY A 260 19.53 20.95 8.77
CA GLY A 260 20.44 19.86 9.04
C GLY A 260 19.82 18.48 8.96
N ASP A 261 18.54 18.39 9.27
CA ASP A 261 17.79 17.13 9.29
C ASP A 261 17.91 16.35 7.98
N PRO A 262 17.99 15.01 8.07
CA PRO A 262 18.10 14.18 6.85
C PRO A 262 16.91 14.27 5.90
N PHE A 264 17.05 12.35 2.43
CA PHE A 264 17.08 11.10 1.73
C PHE A 264 18.20 10.23 2.16
N LEU A 265 18.06 8.95 1.80
CA LEU A 265 19.04 7.91 2.04
C LEU A 265 19.33 7.18 0.72
N THR A 266 20.59 7.17 0.30
CA THR A 266 21.01 6.47 -0.93
C THR A 266 21.30 5.03 -0.52
N LEU A 267 21.02 4.08 -1.41
CA LEU A 267 21.24 2.68 -1.07
C LEU A 267 22.71 2.44 -0.74
N ASP A 268 23.52 3.47 -0.88
CA ASP A 268 24.93 3.37 -0.58
C ASP A 268 25.16 3.67 0.90
N GLY A 269 24.04 3.76 1.62
CA GLY A 269 24.06 3.97 3.05
C GLY A 269 24.41 5.32 3.61
N LYS A 270 24.58 6.33 2.77
CA LYS A 270 24.93 7.63 3.31
C LYS A 270 23.74 8.58 3.57
N THR A 271 23.83 9.43 4.60
CA THR A 271 22.69 10.35 4.80
C THR A 271 22.82 11.66 4.04
N ILE A 272 21.68 12.15 3.54
CA ILE A 272 21.57 13.40 2.79
C ILE A 272 20.55 14.27 3.57
N PRO A 273 20.98 15.44 4.08
CA PRO A 273 20.16 16.38 4.87
C PRO A 273 19.41 17.51 4.17
N LEU A 274 18.23 17.83 4.69
CA LEU A 274 17.40 18.89 4.14
C LEU A 274 18.20 20.06 3.69
N GLY A 275 19.37 20.25 4.26
CA GLY A 275 20.19 21.37 3.82
C GLY A 275 19.43 22.65 3.47
N GLY A 276 20.02 23.46 2.60
CA GLY A 276 19.44 24.73 2.22
C GLY A 276 19.84 25.68 3.32
N ASP A 277 18.97 26.62 3.66
CA ASP A 277 19.20 27.61 4.71
C ASP A 277 17.91 28.24 5.24
N CYS A 278 16.90 27.39 5.44
CA CYS A 278 15.61 27.79 5.99
C CYS A 278 14.64 26.62 6.08
N THR A 279 13.86 26.64 7.16
CA THR A 279 12.92 25.58 7.48
C THR A 279 11.65 25.51 6.63
N VAL A 280 11.34 24.30 6.20
CA VAL A 280 10.14 24.01 5.39
C VAL A 280 9.28 22.91 6.05
N TYR A 281 8.08 22.67 5.51
CA TYR A 281 7.19 21.71 6.13
C TYR A 281 6.77 20.71 5.06
N PRO A 282 7.20 19.43 5.19
CA PRO A 282 6.89 18.36 4.23
C PRO A 282 5.59 17.61 4.52
N VAL A 283 4.85 17.32 3.45
CA VAL A 283 3.59 16.60 3.55
C VAL A 283 3.60 15.56 2.41
N PHE A 284 2.71 14.56 2.51
CA PHE A 284 2.66 13.47 1.54
C PHE A 284 3.98 12.69 1.42
N VAL A 285 4.61 12.43 2.58
CA VAL A 285 5.87 11.74 2.62
C VAL A 285 5.72 10.28 2.30
N ASN A 286 6.31 9.91 1.16
CA ASN A 286 6.29 8.56 0.64
C ASN A 286 4.89 8.12 0.18
N GLU A 287 4.16 9.01 -0.50
CA GLU A 287 2.85 8.68 -0.99
C GLU A 287 3.11 7.84 -2.25
N ALA A 288 2.34 6.77 -2.40
CA ALA A 288 2.49 5.85 -3.53
C ALA A 288 2.19 6.56 -4.82
N ALA A 289 1.13 7.36 -4.82
CA ALA A 289 0.75 8.14 -6.01
C ALA A 289 1.90 9.07 -6.40
N TYR A 290 2.90 9.16 -5.52
CA TYR A 290 4.03 10.01 -5.84
C TYR A 290 5.12 9.39 -6.71
N TYR A 291 5.25 8.07 -6.79
CA TYR A 291 6.30 7.56 -7.66
C TYR A 291 5.91 7.63 -9.14
N GLU A 292 4.74 7.12 -9.52
CA GLU A 292 4.41 7.19 -10.93
C GLU A 292 3.97 8.62 -11.19
N LYS A 293 4.40 9.48 -10.29
CA LYS A 293 4.11 10.91 -10.36
C LYS A 293 5.39 11.76 -10.16
N LYS A 294 6.53 11.12 -9.88
CA LYS A 294 7.77 11.85 -9.64
C LYS A 294 7.59 12.90 -8.52
N GLU A 295 7.93 12.54 -7.28
CA GLU A 295 7.80 13.46 -6.16
C GLU A 295 7.98 12.67 -4.87
N ALA A 296 8.91 13.11 -4.03
CA ALA A 296 9.16 12.39 -2.78
C ALA A 296 8.30 12.93 -1.65
N PHE A 297 7.95 14.20 -1.74
CA PHE A 297 7.05 14.80 -0.75
C PHE A 297 6.74 16.23 -1.12
N ALA A 298 5.80 16.81 -0.39
CA ALA A 298 5.42 18.19 -0.63
C ALA A 298 6.02 19.09 0.45
N LYS A 299 6.72 20.14 0.00
CA LYS A 299 7.36 21.14 0.87
C LYS A 299 6.31 22.25 0.93
N THR A 300 5.73 22.44 2.11
CA THR A 300 4.66 23.43 2.36
C THR A 300 5.09 24.48 3.42
N THR A 301 4.22 25.45 3.71
CA THR A 301 4.50 26.48 4.73
C THR A 301 3.33 26.51 5.70
N LYS A 302 3.61 26.79 6.97
CA LYS A 302 2.56 26.84 7.97
C LYS A 302 2.07 28.27 8.14
N LEU A 303 0.75 28.49 8.10
CA LEU A 303 0.21 29.85 8.26
C LEU A 303 -1.15 29.95 8.96
N THR A 304 -1.65 31.17 9.15
CA THR A 304 -2.94 31.30 9.82
C THR A 304 -4.04 31.89 8.96
N LEU A 305 -5.19 31.21 8.90
CA LEU A 305 -6.31 31.71 8.12
C LEU A 305 -7.36 32.20 9.11
N ASN A 306 -7.95 33.35 8.83
CA ASN A 306 -8.97 33.98 9.68
C ASN A 306 -10.40 33.93 9.11
N ALA A 307 -11.39 33.62 9.92
CA ALA A 307 -12.76 33.55 9.44
C ALA A 307 -13.78 34.44 10.19
N LYS A 308 -14.45 35.33 9.46
CA LYS A 308 -15.46 36.21 10.05
C LYS A 308 -16.53 35.28 10.60
N SER A 309 -17.30 35.79 11.56
CA SER A 309 -18.38 35.03 12.18
C SER A 309 -19.34 34.70 11.06
N ILE A 310 -20.21 33.71 11.28
CA ILE A 310 -21.19 33.33 10.25
C ILE A 310 -22.44 32.74 10.90
N ARG A 311 -23.60 33.01 10.28
CA ARG A 311 -24.89 32.47 10.75
C ARG A 311 -25.94 32.40 9.65
N CYS A 312 -27.15 32.82 9.97
CA CYS A 312 -28.22 32.78 8.98
C CYS A 312 -28.88 34.12 8.78
N GLU B 11 26.43 -31.74 1.00
CA GLU B 11 26.99 -31.50 -0.37
C GLU B 11 27.19 -30.03 -0.64
N HIS B 12 28.18 -29.75 -1.49
CA HIS B 12 28.63 -28.42 -1.91
C HIS B 12 27.74 -27.58 -2.85
N ILE B 13 27.47 -26.35 -2.42
CA ILE B 13 26.63 -25.42 -3.19
C ILE B 13 27.47 -24.69 -4.23
N GLN B 14 27.09 -24.81 -5.49
CA GLN B 14 27.81 -24.15 -6.55
C GLN B 14 27.13 -22.79 -6.86
N LYS B 15 26.16 -22.72 -7.77
CA LYS B 15 25.51 -21.44 -8.11
C LYS B 15 24.42 -20.88 -7.16
N VAL B 16 24.17 -19.56 -7.23
CA VAL B 16 23.17 -18.88 -6.39
C VAL B 16 22.42 -17.77 -7.14
N ALA B 17 21.23 -17.43 -6.66
CA ALA B 17 20.47 -16.34 -7.28
C ALA B 17 19.65 -15.48 -6.28
N ILE B 18 19.54 -14.20 -6.61
CA ILE B 18 18.74 -13.26 -5.85
C ILE B 18 17.81 -12.64 -6.88
N PHE B 19 16.55 -13.08 -6.93
CA PHE B 19 15.52 -12.57 -7.86
C PHE B 19 14.68 -11.49 -7.15
N GLY B 20 14.42 -10.39 -7.89
CA GLY B 20 13.63 -9.27 -7.38
C GLY B 20 12.71 -8.70 -8.46
N GLY B 21 11.40 -8.86 -8.31
CA GLY B 21 10.51 -8.35 -9.34
C GLY B 21 9.55 -9.37 -9.94
N THR B 22 9.18 -10.39 -9.18
CA THR B 22 8.22 -11.40 -9.63
C THR B 22 6.84 -10.65 -9.58
N HIS B 23 6.86 -9.65 -8.72
CA HIS B 23 5.76 -8.72 -8.52
C HIS B 23 6.36 -7.28 -8.69
N GLY B 24 6.22 -6.70 -9.90
CA GLY B 24 6.81 -5.40 -10.20
C GLY B 24 6.49 -4.17 -9.38
N ASN B 25 5.61 -4.34 -8.41
CA ASN B 25 5.20 -3.24 -7.53
C ASN B 25 5.54 -3.56 -6.08
N GLU B 26 6.51 -4.48 -5.91
CA GLU B 26 7.10 -4.89 -4.64
C GLU B 26 8.55 -4.46 -4.86
N LEU B 27 8.76 -3.16 -4.68
CA LEU B 27 10.03 -2.47 -4.94
C LEU B 27 11.29 -2.79 -4.15
N THR B 28 11.19 -3.05 -2.84
CA THR B 28 12.42 -3.26 -2.09
C THR B 28 13.36 -4.23 -2.83
N GLY B 29 12.78 -5.24 -3.45
CA GLY B 29 13.59 -6.16 -4.20
C GLY B 29 14.05 -5.55 -5.52
N VAL B 30 13.23 -4.68 -6.11
CA VAL B 30 13.62 -4.07 -7.36
C VAL B 30 14.82 -3.11 -7.14
N PHE B 31 14.81 -2.35 -6.04
CA PHE B 31 15.90 -1.41 -5.81
C PHE B 31 17.20 -2.06 -5.29
N LEU B 32 17.07 -3.15 -4.51
CA LEU B 32 18.26 -3.86 -4.00
C LEU B 32 18.96 -4.57 -5.16
N VAL B 33 18.20 -5.36 -5.92
CA VAL B 33 18.74 -6.09 -7.05
C VAL B 33 19.52 -5.12 -7.95
N LYS B 34 18.87 -4.07 -8.44
CA LYS B 34 19.51 -3.12 -9.32
C LYS B 34 20.85 -2.52 -8.82
N HIS B 35 20.89 -2.04 -7.57
CA HIS B 35 22.10 -1.50 -6.95
C HIS B 35 23.25 -2.55 -6.90
N TRP B 36 22.88 -3.84 -6.87
CA TRP B 36 23.82 -4.96 -6.85
C TRP B 36 24.18 -5.33 -8.29
N LEU B 37 23.26 -5.03 -9.22
CA LEU B 37 23.51 -5.27 -10.62
C LEU B 37 24.45 -4.20 -11.10
N GLU B 38 24.86 -3.31 -10.18
CA GLU B 38 25.77 -2.21 -10.47
C GLU B 38 26.72 -2.07 -9.28
N ASN B 39 27.01 -3.19 -8.63
CA ASN B 39 27.94 -3.36 -7.49
C ASN B 39 27.62 -4.48 -6.44
N GLY B 40 27.81 -5.71 -6.92
CA GLY B 40 27.53 -6.91 -6.16
C GLY B 40 28.28 -7.22 -4.89
N ALA B 41 29.13 -6.30 -4.43
CA ALA B 41 29.87 -6.58 -3.20
C ALA B 41 28.96 -7.19 -2.08
N GLU B 42 28.21 -6.35 -1.36
CA GLU B 42 27.31 -6.82 -0.27
C GLU B 42 26.74 -8.24 -0.40
N ILE B 43 26.60 -8.70 -1.65
CA ILE B 43 26.03 -10.01 -1.94
C ILE B 43 27.03 -11.01 -2.59
N GLN B 44 28.33 -10.76 -2.40
CA GLN B 44 29.32 -11.67 -2.97
C GLN B 44 30.19 -12.40 -1.88
N ARG B 45 30.34 -13.71 -1.98
CA ARG B 45 31.15 -14.46 -1.03
C ARG B 45 32.04 -15.29 -1.90
N THR B 46 33.36 -15.13 -1.75
CA THR B 46 34.27 -15.89 -2.61
C THR B 46 33.87 -17.37 -2.58
N GLY B 47 33.86 -17.97 -3.77
CA GLY B 47 33.51 -19.37 -3.89
C GLY B 47 32.12 -19.79 -4.36
N LEU B 48 31.31 -18.81 -4.74
CA LEU B 48 29.96 -19.10 -5.20
C LEU B 48 29.55 -18.20 -6.33
N GLU B 49 28.38 -18.50 -6.89
CA GLU B 49 27.86 -17.63 -7.93
C GLU B 49 26.63 -16.96 -7.39
N VAL B 50 26.57 -15.64 -7.53
CA VAL B 50 25.43 -14.88 -7.03
C VAL B 50 25.02 -13.85 -8.09
N LYS B 51 23.96 -14.14 -8.83
CA LYS B 51 23.53 -13.18 -9.83
C LYS B 51 22.25 -12.38 -9.43
N PRO B 52 22.35 -11.05 -9.36
CA PRO B 52 21.12 -10.36 -9.01
C PRO B 52 20.40 -10.20 -10.34
N PHE B 53 19.17 -10.66 -10.39
CA PHE B 53 18.39 -10.62 -11.61
C PHE B 53 16.94 -10.15 -11.38
N ILE B 54 16.38 -9.41 -12.34
CA ILE B 54 15.01 -8.90 -12.26
C ILE B 54 14.12 -9.88 -13.02
N THR B 55 13.05 -10.39 -12.41
CA THR B 55 12.30 -11.39 -13.14
C THR B 55 11.17 -10.99 -14.07
N ASN B 56 10.40 -9.97 -13.68
CA ASN B 56 9.23 -9.54 -14.44
C ASN B 56 9.33 -8.12 -14.95
N PRO B 57 10.21 -7.89 -15.92
CA PRO B 57 10.44 -6.57 -16.49
C PRO B 57 9.16 -5.79 -16.78
N ARG B 58 8.42 -6.23 -17.80
CA ARG B 58 7.21 -5.52 -18.17
C ARG B 58 6.30 -5.12 -16.97
N ALA B 59 6.41 -5.86 -15.87
CA ALA B 59 5.61 -5.56 -14.70
C ALA B 59 6.29 -4.51 -13.83
N VAL B 60 7.62 -4.47 -13.87
CA VAL B 60 8.32 -3.48 -13.07
C VAL B 60 8.26 -2.10 -13.76
N LYS B 61 8.38 -2.05 -15.09
CA LYS B 61 8.29 -0.76 -15.76
C LYS B 61 6.88 -0.19 -15.58
N LYS B 62 5.89 -1.02 -15.24
CA LYS B 62 4.53 -0.49 -15.04
C LYS B 62 4.17 -0.42 -13.54
N CYS B 63 5.09 -0.90 -12.69
CA CYS B 63 4.88 -0.97 -11.24
C CYS B 63 3.53 -1.65 -11.06
N THR B 64 3.52 -2.91 -11.43
CA THR B 64 2.31 -3.64 -11.37
C THR B 64 2.61 -5.08 -10.95
N ARG B 65 1.63 -5.73 -10.30
CA ARG B 65 1.79 -7.12 -9.84
C ARG B 65 2.15 -8.00 -11.02
N TYR B 66 1.23 -8.14 -11.99
CA TYR B 66 1.55 -8.91 -13.20
C TYR B 66 0.97 -8.26 -14.43
N ILE B 67 1.53 -8.59 -15.61
CA ILE B 67 1.08 -8.00 -16.89
C ILE B 67 0.01 -8.85 -17.56
N ASP B 68 0.22 -10.17 -17.64
CA ASP B 68 -0.77 -11.08 -18.22
C ASP B 68 -1.18 -12.22 -17.26
N CYS B 69 -0.24 -12.79 -16.51
CA CYS B 69 -0.54 -13.84 -15.49
C CYS B 69 0.34 -13.69 -14.24
N ASP B 70 -0.13 -14.14 -13.08
CA ASP B 70 0.62 -14.05 -11.80
C ASP B 70 1.96 -14.77 -11.96
N LEU B 71 3.09 -14.06 -11.86
CA LEU B 71 4.35 -14.75 -12.11
C LEU B 71 4.69 -16.02 -11.35
N ASN B 72 5.05 -15.87 -10.06
CA ASN B 72 5.46 -16.99 -9.19
C ASN B 72 4.35 -18.02 -9.02
N ARG B 73 3.61 -18.29 -10.08
CA ARG B 73 2.57 -19.30 -10.02
C ARG B 73 2.58 -20.20 -11.24
N ILE B 74 3.51 -19.99 -12.16
CA ILE B 74 3.53 -20.81 -13.36
C ILE B 74 4.80 -21.62 -13.67
N PHE B 75 5.68 -21.81 -12.69
CA PHE B 75 6.90 -22.55 -12.94
C PHE B 75 6.70 -24.02 -12.69
N ASP B 76 5.72 -24.55 -13.43
CA ASP B 76 5.30 -25.93 -13.40
C ASP B 76 5.38 -26.46 -14.83
N LEU B 77 5.23 -27.79 -14.97
CA LEU B 77 5.30 -28.48 -16.25
C LEU B 77 4.37 -27.88 -17.30
N GLU B 78 3.05 -27.95 -17.05
CA GLU B 78 2.02 -27.43 -17.98
C GLU B 78 2.48 -26.10 -18.60
N ASN B 79 2.96 -25.19 -17.76
CA ASN B 79 3.45 -23.90 -18.27
C ASN B 79 4.86 -23.96 -18.81
N LEU B 80 5.80 -24.35 -17.95
CA LEU B 80 7.20 -24.38 -18.34
C LEU B 80 7.41 -25.17 -19.59
N GLY B 81 6.42 -26.02 -19.91
CA GLY B 81 6.49 -26.82 -21.12
C GLY B 81 5.51 -26.54 -22.29
N LYS B 82 4.55 -25.61 -22.15
CA LYS B 82 3.65 -25.35 -23.28
C LYS B 82 4.54 -24.79 -24.42
N LYS B 83 4.28 -25.21 -25.66
CA LYS B 83 5.07 -24.69 -26.78
C LYS B 83 5.01 -23.16 -26.80
N SER B 85 5.66 -19.61 -28.26
CA SER B 85 5.71 -18.86 -29.51
C SER B 85 6.06 -17.37 -29.40
N GLU B 86 5.06 -16.51 -29.58
CA GLU B 86 5.23 -15.05 -29.52
C GLU B 86 3.94 -14.44 -28.95
N ASP B 87 2.87 -15.22 -29.04
CA ASP B 87 1.53 -14.84 -28.60
C ASP B 87 1.15 -15.28 -27.17
N LEU B 88 1.69 -16.42 -26.73
CA LEU B 88 1.42 -16.88 -25.37
C LEU B 88 1.55 -15.74 -24.37
N PRO B 89 0.86 -15.83 -23.24
CA PRO B 89 0.99 -14.72 -22.27
C PRO B 89 2.45 -14.42 -21.86
N TYR B 90 2.76 -13.13 -21.87
CA TYR B 90 4.10 -12.62 -21.52
C TYR B 90 4.84 -13.42 -20.44
N GLU B 91 4.24 -13.50 -19.26
CA GLU B 91 4.86 -14.19 -18.13
C GLU B 91 5.33 -15.63 -18.46
N VAL B 92 4.43 -16.42 -19.05
CA VAL B 92 4.72 -17.78 -19.48
C VAL B 92 6.05 -17.82 -20.25
N ARG B 93 6.19 -16.87 -21.16
CA ARG B 93 7.39 -16.75 -21.98
C ARG B 93 8.65 -16.44 -21.13
N ARG B 94 8.49 -15.52 -20.17
CA ARG B 94 9.58 -15.09 -19.27
C ARG B 94 9.98 -16.24 -18.33
N ALA B 95 9.00 -17.06 -17.95
CA ALA B 95 9.20 -18.23 -17.07
C ALA B 95 9.87 -19.35 -17.85
N GLN B 96 9.38 -19.60 -19.08
CA GLN B 96 9.97 -20.61 -19.92
C GLN B 96 11.42 -20.25 -20.35
N GLU B 97 11.71 -18.97 -20.49
CA GLU B 97 13.04 -18.53 -20.86
C GLU B 97 13.89 -18.25 -19.58
N ILE B 98 13.24 -17.93 -18.45
CA ILE B 98 13.97 -17.69 -17.20
C ILE B 98 14.49 -19.05 -16.71
N ASN B 99 13.71 -20.11 -17.03
CA ASN B 99 14.05 -21.48 -16.65
C ASN B 99 15.25 -22.02 -17.43
N HIS B 100 15.73 -21.21 -18.36
CA HIS B 100 16.88 -21.54 -19.14
C HIS B 100 18.12 -20.93 -18.50
N LEU B 101 18.01 -19.68 -18.08
CA LEU B 101 19.10 -18.96 -17.42
C LEU B 101 19.49 -19.51 -16.04
N PHE B 102 18.51 -19.76 -15.16
CA PHE B 102 18.83 -20.25 -13.81
C PHE B 102 18.38 -21.68 -13.61
N GLY B 103 17.73 -22.20 -14.65
CA GLY B 103 17.25 -23.58 -14.62
C GLY B 103 18.23 -24.50 -15.34
N PRO B 104 17.73 -25.58 -15.99
CA PRO B 104 16.29 -25.84 -15.99
C PRO B 104 15.89 -26.45 -14.65
N LYS B 105 14.60 -26.33 -14.33
CA LYS B 105 14.04 -26.85 -13.09
C LYS B 105 14.03 -28.38 -13.03
N ASP B 106 14.83 -28.95 -12.12
CA ASP B 106 14.87 -30.40 -11.89
C ASP B 106 16.03 -31.15 -12.56
N SER B 107 16.82 -30.47 -13.38
CA SER B 107 17.98 -31.09 -14.04
C SER B 107 19.11 -31.30 -13.04
N GLU B 108 19.81 -32.44 -13.06
CA GLU B 108 20.88 -32.54 -12.06
C GLU B 108 22.03 -31.53 -12.33
N ASP B 109 21.69 -30.24 -12.54
CA ASP B 109 22.67 -29.18 -12.83
C ASP B 109 22.12 -27.73 -12.93
N SER B 110 21.59 -27.24 -11.82
CA SER B 110 21.04 -25.89 -11.68
C SER B 110 21.37 -25.37 -10.24
N TYR B 111 21.31 -24.05 -10.06
CA TYR B 111 21.59 -23.38 -8.78
C TYR B 111 21.04 -24.14 -7.59
N ASP B 112 21.79 -24.10 -6.50
CA ASP B 112 21.38 -24.80 -5.31
C ASP B 112 20.64 -23.92 -4.32
N ILE B 113 20.76 -22.61 -4.51
CA ILE B 113 20.10 -21.61 -3.68
C ILE B 113 19.72 -20.43 -4.54
N ILE B 114 18.41 -20.20 -4.72
CA ILE B 114 17.91 -18.99 -5.41
C ILE B 114 17.06 -18.28 -4.35
N PHE B 115 17.30 -17.00 -4.14
CA PHE B 115 16.51 -16.23 -3.21
C PHE B 115 15.56 -15.36 -4.05
N ASP B 116 14.26 -15.35 -3.79
CA ASP B 116 13.38 -14.46 -4.55
C ASP B 116 12.73 -13.53 -3.56
N LEU B 117 13.02 -12.23 -3.70
CA LEU B 117 12.47 -11.21 -2.78
C LEU B 117 10.98 -10.78 -3.08
N HIS B 118 10.25 -10.54 -2.01
CA HIS B 118 8.87 -10.13 -2.08
C HIS B 118 8.62 -9.16 -0.92
N ASN B 119 7.37 -8.70 -0.79
CA ASN B 119 6.92 -7.76 0.24
C ASN B 119 5.42 -7.96 0.48
N THR B 120 4.94 -7.62 1.67
CA THR B 120 3.52 -7.75 1.92
C THR B 120 3.03 -6.46 2.51
N THR B 121 1.76 -6.14 2.25
CA THR B 121 1.16 -4.91 2.82
C THR B 121 0.98 -5.30 4.26
N SER B 122 0.80 -6.60 4.49
CA SER B 122 0.62 -7.17 5.83
C SER B 122 1.87 -6.95 6.72
N ASN B 123 1.71 -7.09 8.03
CA ASN B 123 2.84 -6.80 8.90
C ASN B 123 3.66 -7.98 9.40
N GLY B 125 6.48 -8.85 9.23
CA GLY B 125 7.85 -8.72 9.66
C GLY B 125 8.72 -9.59 8.73
N CYS B 126 9.99 -9.75 9.08
CA CYS B 126 10.90 -10.49 8.23
C CYS B 126 10.58 -11.96 8.18
N THR B 127 10.29 -12.41 6.96
CA THR B 127 9.90 -13.80 6.74
C THR B 127 10.74 -14.65 5.76
N LEU B 128 10.92 -15.93 6.12
CA LEU B 128 11.59 -16.88 5.24
C LEU B 128 10.46 -17.86 4.93
N ILE B 129 10.31 -18.32 3.69
CA ILE B 129 9.27 -19.31 3.41
C ILE B 129 9.99 -20.60 3.08
N LEU B 130 9.55 -21.69 3.71
CA LEU B 130 10.12 -23.01 3.51
C LEU B 130 9.66 -23.81 2.26
N GLU B 131 10.57 -24.23 1.39
CA GLU B 131 10.09 -25.00 0.25
C GLU B 131 9.29 -26.24 0.73
N ASP B 132 9.85 -27.02 1.66
CA ASP B 132 9.22 -28.18 2.31
C ASP B 132 9.98 -28.51 3.59
N SER B 133 9.30 -29.06 4.60
CA SER B 133 9.89 -29.40 5.90
C SER B 133 10.96 -30.50 5.84
N ARG B 134 10.57 -31.77 5.75
CA ARG B 134 11.56 -32.83 5.63
C ARG B 134 12.51 -32.20 4.61
N ASN B 135 13.66 -31.71 5.07
CA ASN B 135 14.62 -31.07 4.19
C ASN B 135 15.66 -30.55 5.12
N ASN B 136 16.67 -31.37 5.47
CA ASN B 136 17.64 -30.90 6.44
C ASN B 136 18.41 -29.67 5.98
N PHE B 137 19.04 -29.67 4.80
CA PHE B 137 19.81 -28.50 4.32
C PHE B 137 19.25 -27.14 4.69
N LEU B 138 18.15 -26.76 4.02
CA LEU B 138 17.47 -25.46 4.22
C LEU B 138 17.00 -25.09 5.61
N ILE B 139 16.72 -26.08 6.45
CA ILE B 139 16.30 -25.81 7.82
C ILE B 139 17.44 -25.22 8.62
N GLN B 140 18.63 -25.77 8.37
CA GLN B 140 19.84 -25.28 9.00
C GLN B 140 20.06 -23.84 8.56
N PHE B 142 17.81 -21.54 7.61
CA PHE B 142 16.85 -20.70 8.33
C PHE B 142 17.17 -20.59 9.81
N HIS B 143 17.70 -21.66 10.39
CA HIS B 143 18.08 -21.58 11.78
C HIS B 143 19.18 -20.52 11.96
N TYR B 144 20.24 -20.64 11.15
CA TYR B 144 21.34 -19.69 11.25
C TYR B 144 20.80 -18.25 11.25
N ILE B 145 19.96 -17.93 10.24
CA ILE B 145 19.39 -16.62 10.05
C ILE B 145 18.66 -16.06 11.27
N LYS B 146 17.69 -16.81 11.82
CA LYS B 146 16.97 -16.31 13.02
C LYS B 146 17.97 -15.75 14.06
N THR B 147 18.84 -16.63 14.57
CA THR B 147 19.90 -16.28 15.52
C THR B 147 20.80 -15.15 15.05
N SER B 148 21.46 -15.35 13.93
CA SER B 148 22.35 -14.34 13.35
C SER B 148 21.69 -12.98 13.27
N LEU B 149 20.40 -12.94 13.55
CA LEU B 149 19.66 -11.69 13.50
C LEU B 149 18.91 -11.41 14.81
N ALA B 150 18.94 -12.38 15.72
CA ALA B 150 18.28 -12.25 17.01
C ALA B 150 18.64 -10.90 17.64
N PRO B 151 17.85 -10.41 18.58
CA PRO B 151 16.61 -10.93 19.16
C PRO B 151 15.46 -10.67 18.18
N LEU B 152 15.85 -10.06 17.05
CA LEU B 152 14.91 -9.70 15.99
C LEU B 152 14.19 -10.88 15.38
N PRO B 153 12.85 -10.89 15.44
CA PRO B 153 11.96 -11.93 14.91
C PRO B 153 12.25 -12.08 13.45
N CYS B 154 12.36 -13.31 12.99
CA CYS B 154 12.60 -13.57 11.60
C CYS B 154 11.77 -14.82 11.48
N TYR B 155 10.48 -14.71 11.83
CA TYR B 155 9.51 -15.80 11.77
C TYR B 155 9.70 -16.47 10.42
N VAL B 156 9.51 -17.78 10.38
CA VAL B 156 9.64 -18.62 9.17
C VAL B 156 8.30 -19.23 8.79
N TYR B 157 7.74 -18.83 7.64
CA TYR B 157 6.45 -19.36 7.17
C TYR B 157 6.72 -20.62 6.35
N LEU B 158 6.15 -21.76 6.79
CA LEU B 158 6.34 -23.07 6.14
C LEU B 158 5.26 -23.45 5.20
N ILE B 159 5.58 -23.56 3.89
CA ILE B 159 4.57 -23.97 2.91
C ILE B 159 4.76 -25.46 2.76
N GLU B 160 3.67 -26.18 2.42
CA GLU B 160 3.72 -27.65 2.28
C GLU B 160 2.40 -28.22 1.80
N HIS B 161 2.33 -28.64 0.54
CA HIS B 161 1.11 -29.20 -0.02
C HIS B 161 1.10 -30.74 0.05
N PRO B 162 -0.06 -31.36 0.40
CA PRO B 162 -0.04 -32.81 0.46
C PRO B 162 0.20 -33.30 -0.95
N SER B 163 0.39 -32.32 -1.85
CA SER B 163 0.66 -32.52 -3.28
C SER B 163 2.18 -32.38 -3.59
N LEU B 164 2.81 -31.50 -2.80
CA LEU B 164 4.21 -31.13 -2.87
C LEU B 164 4.67 -30.28 -4.04
N LYS B 165 3.83 -30.04 -5.04
CA LYS B 165 4.31 -29.18 -6.11
C LYS B 165 4.06 -27.70 -5.70
N TYR B 166 5.18 -26.97 -5.57
CA TYR B 166 5.19 -25.55 -5.19
C TYR B 166 5.63 -24.80 -6.42
N ALA B 167 4.86 -23.81 -6.91
CA ALA B 167 5.27 -23.20 -8.19
C ALA B 167 5.95 -21.84 -8.19
N THR B 168 6.86 -21.64 -7.25
CA THR B 168 7.55 -20.36 -7.16
C THR B 168 8.68 -20.11 -8.18
N THR B 169 8.89 -18.85 -8.55
CA THR B 169 9.95 -18.52 -9.51
C THR B 169 11.18 -19.08 -8.84
N ARG B 170 11.24 -18.95 -7.52
CA ARG B 170 12.38 -19.46 -6.79
C ARG B 170 12.38 -20.98 -6.90
N SER B 171 11.24 -21.56 -7.27
CA SER B 171 11.20 -23.01 -7.34
C SER B 171 12.27 -23.58 -8.28
N ILE B 172 12.38 -23.09 -9.53
CA ILE B 172 13.39 -23.62 -10.45
C ILE B 172 14.79 -23.69 -9.86
N ALA B 173 14.94 -24.35 -8.72
CA ALA B 173 16.21 -24.45 -8.03
C ALA B 173 16.24 -25.65 -7.07
N LYS B 174 17.46 -26.04 -6.67
CA LYS B 174 17.69 -27.14 -5.71
C LYS B 174 17.06 -26.79 -4.35
N TYR B 175 17.60 -25.74 -3.72
CA TYR B 175 17.10 -25.25 -2.45
C TYR B 175 16.50 -23.88 -2.68
N PRO B 176 15.16 -23.80 -2.88
CA PRO B 176 14.43 -22.53 -3.12
C PRO B 176 14.17 -21.79 -1.81
N VAL B 177 14.45 -20.50 -1.81
CA VAL B 177 14.22 -19.70 -0.61
C VAL B 177 13.44 -18.41 -0.95
N GLY B 178 12.14 -18.38 -0.63
CA GLY B 178 11.33 -17.22 -0.88
C GLY B 178 11.42 -16.39 0.37
N ILE B 179 11.77 -15.10 0.26
CA ILE B 179 11.91 -14.15 1.39
C ILE B 179 10.79 -13.06 1.47
N GLU B 180 10.66 -12.40 2.63
CA GLU B 180 9.65 -11.37 2.76
C GLU B 180 9.85 -10.42 3.95
N VAL B 181 9.38 -9.19 3.78
CA VAL B 181 9.50 -8.16 4.81
C VAL B 181 8.24 -7.31 4.87
N GLY B 182 7.67 -7.15 6.06
CA GLY B 182 6.45 -6.36 6.19
C GLY B 182 6.48 -5.35 7.33
N PRO B 183 5.54 -4.41 7.33
CA PRO B 183 4.54 -4.34 6.27
C PRO B 183 4.93 -3.22 5.34
N GLN B 184 4.55 -3.29 4.07
CA GLN B 184 4.87 -2.14 3.25
C GLN B 184 3.78 -1.85 2.24
N PRO B 185 3.38 -0.57 2.06
CA PRO B 185 2.32 -0.41 1.05
C PRO B 185 2.87 -0.68 -0.34
N GLN B 186 2.08 -1.36 -1.16
CA GLN B 186 2.45 -1.73 -2.52
C GLN B 186 2.94 -0.52 -3.30
N GLY B 187 4.07 -0.66 -3.94
CA GLY B 187 4.63 0.42 -4.70
C GLY B 187 5.51 1.26 -3.82
N VAL B 188 5.44 1.08 -2.52
CA VAL B 188 6.23 1.97 -1.66
C VAL B 188 7.56 1.45 -1.20
N LEU B 189 8.55 2.33 -1.20
CA LEU B 189 9.90 1.96 -0.77
C LEU B 189 10.27 2.63 0.55
N ARG B 190 10.21 1.86 1.64
CA ARG B 190 10.57 2.37 3.00
C ARG B 190 12.06 2.07 3.32
N ALA B 191 12.82 3.10 3.70
CA ALA B 191 14.22 2.93 4.05
C ALA B 191 14.43 1.76 5.03
N ASP B 192 13.58 1.66 6.06
CA ASP B 192 13.65 0.57 7.06
C ASP B 192 13.44 -0.87 6.57
N ILE B 193 12.29 -1.12 5.93
CA ILE B 193 11.99 -2.41 5.33
C ILE B 193 13.25 -2.84 4.57
N LEU B 194 14.03 -1.84 4.17
CA LEU B 194 15.27 -2.04 3.40
C LEU B 194 16.49 -2.45 4.26
N ASP B 195 16.60 -1.89 5.47
CA ASP B 195 17.70 -2.24 6.39
C ASP B 195 17.58 -3.73 6.83
N GLN B 196 16.34 -4.15 7.09
CA GLN B 196 16.05 -5.50 7.51
C GLN B 196 16.30 -6.34 6.28
N ARG B 198 18.17 -6.07 2.98
CA ARG B 198 19.52 -6.38 2.50
C ARG B 198 20.32 -7.10 3.60
N LYS B 199 19.85 -6.90 4.85
CA LYS B 199 20.42 -7.45 6.06
C LYS B 199 20.03 -8.90 6.27
N ILE B 201 19.53 -10.74 3.79
CA ILE B 201 20.30 -11.34 2.72
C ILE B 201 21.75 -11.43 3.19
N LYS B 202 22.23 -10.44 3.95
CA LYS B 202 23.61 -10.43 4.47
C LYS B 202 23.98 -11.73 5.19
N HIS B 203 23.05 -12.33 5.90
CA HIS B 203 23.41 -13.55 6.59
C HIS B 203 23.18 -14.84 5.83
N ALA B 204 22.27 -14.80 4.87
CA ALA B 204 22.02 -15.96 4.05
C ALA B 204 23.27 -16.27 3.18
N LEU B 205 23.76 -15.30 2.38
CA LEU B 205 24.94 -15.49 1.53
C LEU B 205 26.16 -15.89 2.37
N ASP B 206 26.41 -15.09 3.40
CA ASP B 206 27.52 -15.33 4.34
C ASP B 206 27.40 -16.75 4.94
N PHE B 207 26.18 -17.14 5.32
CA PHE B 207 25.97 -18.48 5.85
C PHE B 207 26.33 -19.50 4.78
N ILE B 208 25.83 -19.27 3.56
CA ILE B 208 26.13 -20.17 2.45
C ILE B 208 27.64 -20.31 2.49
N HIS B 209 28.28 -19.29 3.05
CA HIS B 209 29.72 -19.35 3.13
C HIS B 209 30.28 -20.25 4.25
N HIS B 210 29.91 -20.04 5.52
CA HIS B 210 30.45 -20.93 6.56
C HIS B 210 29.78 -22.33 6.51
N PHE B 211 29.73 -22.92 5.32
CA PHE B 211 29.15 -24.25 5.10
C PHE B 211 29.97 -24.99 4.03
N ASN B 212 30.04 -24.34 2.86
CA ASN B 212 30.76 -24.86 1.70
C ASN B 212 32.25 -24.73 1.90
N GLU B 213 32.61 -24.35 3.12
CA GLU B 213 33.99 -24.21 3.57
C GLU B 213 34.09 -25.42 4.49
N GLY B 214 33.20 -26.39 4.25
CA GLY B 214 33.19 -27.61 5.03
C GLY B 214 32.87 -27.38 6.47
N LYS B 215 32.48 -26.17 6.79
CA LYS B 215 32.09 -25.88 8.16
C LYS B 215 31.03 -26.96 8.43
N GLU B 216 31.01 -27.41 9.68
CA GLU B 216 30.10 -28.43 10.13
C GLU B 216 28.94 -27.76 10.88
N PHE B 217 27.78 -28.39 10.87
CA PHE B 217 26.62 -27.86 11.56
C PHE B 217 25.94 -28.91 12.44
N PRO B 218 25.76 -28.60 13.74
CA PRO B 218 25.11 -29.51 14.68
C PRO B 218 23.61 -29.51 14.46
N PRO B 219 22.92 -30.54 14.95
CA PRO B 219 21.46 -30.64 14.80
C PRO B 219 20.88 -29.31 15.24
N CYS B 220 19.73 -28.92 14.71
CA CYS B 220 19.05 -27.67 15.10
C CYS B 220 17.53 -27.72 14.99
N ALA B 221 16.86 -26.80 15.64
CA ALA B 221 15.42 -26.78 15.60
C ALA B 221 14.79 -25.38 15.47
N ILE B 222 13.90 -25.22 14.46
CA ILE B 222 13.23 -23.94 14.27
C ILE B 222 11.69 -23.98 14.39
N GLU B 223 11.08 -22.85 14.77
CA GLU B 223 9.60 -22.76 14.86
C GLU B 223 9.18 -22.44 13.41
N VAL B 224 8.11 -23.09 12.92
CA VAL B 224 7.62 -22.81 11.57
C VAL B 224 6.10 -22.68 11.61
N TYR B 225 5.50 -21.76 10.84
CA TYR B 225 4.05 -21.68 10.88
C TYR B 225 3.42 -22.32 9.60
N LYS B 226 2.42 -23.17 9.80
CA LYS B 226 1.76 -23.87 8.69
C LYS B 226 0.30 -23.45 8.54
N ILE B 227 -0.10 -23.10 7.33
CA ILE B 227 -1.47 -22.70 7.05
C ILE B 227 -2.34 -23.95 7.09
N ILE B 228 -3.58 -23.81 7.53
CA ILE B 228 -4.44 -24.98 7.61
C ILE B 228 -5.71 -24.91 6.83
N GLU B 229 -6.15 -23.70 6.46
CA GLU B 229 -7.40 -23.49 5.71
C GLU B 229 -7.64 -22.00 5.63
N LYS B 230 -7.54 -21.41 4.42
CA LYS B 230 -7.75 -19.95 4.25
C LYS B 230 -9.09 -19.41 4.82
N VAL B 231 -9.04 -18.22 5.41
CA VAL B 231 -10.23 -17.56 5.96
C VAL B 231 -10.47 -16.25 5.22
N ASP B 232 -11.59 -16.10 4.50
CA ASP B 232 -11.87 -14.83 3.82
C ASP B 232 -12.88 -13.90 4.58
N TYR B 233 -13.06 -12.68 4.07
CA TYR B 233 -13.97 -11.72 4.68
C TYR B 233 -15.43 -12.14 4.41
N PRO B 234 -16.34 -11.84 5.35
CA PRO B 234 -17.75 -12.18 5.15
C PRO B 234 -18.31 -11.46 3.90
N ARG B 235 -19.45 -11.91 3.38
CA ARG B 235 -20.08 -11.27 2.20
C ARG B 235 -21.52 -10.86 2.54
N ASP B 236 -21.98 -9.69 2.10
CA ASP B 236 -23.34 -9.21 2.40
C ASP B 236 -24.48 -9.90 1.61
N GLU B 237 -25.62 -9.23 1.47
CA GLU B 237 -26.74 -9.81 0.71
C GLU B 237 -26.38 -9.91 -0.79
N ASN B 238 -25.67 -8.91 -1.31
CA ASN B 238 -25.25 -8.90 -2.71
C ASN B 238 -24.13 -9.91 -2.78
N GLY B 239 -23.56 -10.22 -1.61
CA GLY B 239 -22.48 -11.18 -1.51
C GLY B 239 -21.10 -10.54 -1.49
N GLU B 240 -21.05 -9.29 -1.04
CA GLU B 240 -19.83 -8.48 -0.97
C GLU B 240 -19.28 -8.34 0.46
N ILE B 241 -17.98 -8.13 0.59
CA ILE B 241 -17.39 -7.96 1.91
C ILE B 241 -18.30 -7.12 2.83
N ALA B 242 -18.82 -7.80 3.85
CA ALA B 242 -19.71 -7.20 4.84
C ALA B 242 -19.07 -7.02 6.22
N ALA B 243 -17.77 -7.23 6.29
CA ALA B 243 -17.03 -7.08 7.54
C ALA B 243 -15.51 -6.97 7.25
N ILE B 244 -14.85 -6.04 7.95
CA ILE B 244 -13.43 -5.87 7.73
C ILE B 244 -12.62 -6.42 8.92
N ILE B 245 -11.31 -6.63 8.76
CA ILE B 245 -10.52 -7.13 9.89
C ILE B 245 -10.73 -6.29 11.19
N HIS B 246 -11.04 -6.94 12.29
CA HIS B 246 -11.26 -6.20 13.52
C HIS B 246 -9.98 -5.51 13.92
N PRO B 247 -10.06 -4.35 14.56
CA PRO B 247 -8.79 -3.70 14.93
C PRO B 247 -7.97 -4.59 15.86
N ASN B 248 -8.61 -5.63 16.36
CA ASN B 248 -7.93 -6.57 17.25
C ASN B 248 -7.01 -7.53 16.49
N LEU B 249 -7.46 -8.01 15.33
CA LEU B 249 -6.67 -8.91 14.54
C LEU B 249 -5.59 -8.18 13.77
N GLN B 250 -5.95 -7.01 13.25
CA GLN B 250 -5.07 -6.14 12.46
C GLN B 250 -3.69 -5.93 13.06
N ASP B 251 -2.68 -6.10 12.20
CA ASP B 251 -1.28 -5.93 12.55
C ASP B 251 -0.85 -6.92 13.61
N GLN B 252 -1.62 -8.00 13.75
CA GLN B 252 -1.36 -9.05 14.73
C GLN B 252 -0.95 -10.36 14.10
N ASP B 253 -0.39 -10.27 12.91
CA ASP B 253 0.13 -11.40 12.18
C ASP B 253 1.13 -12.06 13.13
N TRP B 254 1.07 -13.39 13.23
CA TRP B 254 1.96 -14.20 14.08
C TRP B 254 1.56 -14.35 15.55
N LYS B 255 0.96 -13.31 16.13
CA LYS B 255 0.53 -13.35 17.54
C LYS B 255 -0.68 -14.28 17.64
N PRO B 256 -0.74 -15.06 18.74
CA PRO B 256 -1.79 -16.03 19.05
C PRO B 256 -3.18 -15.44 19.14
N LEU B 257 -4.13 -16.04 18.44
CA LEU B 257 -5.53 -15.59 18.46
C LEU B 257 -6.36 -16.69 19.16
N HIS B 258 -7.04 -16.32 20.23
CA HIS B 258 -7.82 -17.26 20.99
C HIS B 258 -9.29 -17.37 20.56
N PRO B 259 -9.90 -18.54 20.80
CA PRO B 259 -11.29 -18.74 20.42
C PRO B 259 -12.18 -17.60 20.88
N GLY B 260 -11.75 -16.92 21.94
CA GLY B 260 -12.54 -15.79 22.41
C GLY B 260 -12.37 -14.48 21.61
N ASP B 261 -11.11 -14.17 21.27
CA ASP B 261 -10.65 -12.98 20.53
C ASP B 261 -11.39 -12.51 19.29
N PRO B 262 -11.50 -11.18 19.15
CA PRO B 262 -12.18 -10.56 18.01
C PRO B 262 -11.42 -10.82 16.72
N PHE B 264 -13.49 -10.01 13.19
CA PHE B 264 -14.14 -9.12 12.23
C PHE B 264 -14.98 -8.07 12.96
N LEU B 265 -15.01 -6.88 12.36
CA LEU B 265 -15.78 -5.74 12.86
C LEU B 265 -16.67 -5.25 11.71
N THR B 266 -17.97 -5.10 11.99
CA THR B 266 -18.90 -4.63 10.96
C THR B 266 -19.08 -3.13 11.10
N LEU B 267 -19.74 -2.50 10.12
CA LEU B 267 -20.00 -1.06 10.21
C LEU B 267 -21.00 -0.77 11.35
N ASP B 268 -21.97 -1.65 11.56
CA ASP B 268 -22.92 -1.42 12.67
C ASP B 268 -22.12 -1.65 13.95
N GLY B 269 -20.81 -1.72 13.76
CA GLY B 269 -19.86 -1.90 14.85
C GLY B 269 -19.95 -3.14 15.71
N LYS B 270 -20.35 -4.28 15.14
CA LYS B 270 -20.41 -5.51 15.93
C LYS B 270 -19.14 -6.33 15.71
N THR B 271 -18.67 -6.97 16.77
CA THR B 271 -17.48 -7.80 16.68
C THR B 271 -17.86 -9.26 16.49
N ILE B 272 -17.19 -9.91 15.53
CA ILE B 272 -17.36 -11.31 15.24
C ILE B 272 -16.05 -11.86 15.71
N PRO B 273 -16.08 -12.80 16.69
CA PRO B 273 -14.93 -13.48 17.32
C PRO B 273 -14.47 -14.69 16.52
N LEU B 274 -13.46 -15.37 17.04
CA LEU B 274 -12.95 -16.54 16.34
C LEU B 274 -13.72 -17.85 16.67
N GLY B 275 -13.55 -18.34 17.87
CA GLY B 275 -14.19 -19.60 18.18
C GLY B 275 -13.42 -20.83 17.68
N GLY B 276 -14.14 -21.93 17.50
CA GLY B 276 -13.50 -23.15 17.04
C GLY B 276 -13.07 -24.06 18.18
N ASP B 277 -12.05 -23.65 18.94
CA ASP B 277 -11.54 -24.39 20.10
C ASP B 277 -10.06 -24.15 20.44
N CYS B 278 -9.27 -23.81 19.44
CA CYS B 278 -7.84 -23.59 19.64
C CYS B 278 -7.39 -22.13 19.47
N THR B 279 -6.15 -21.90 19.88
CA THR B 279 -5.53 -20.62 19.72
C THR B 279 -4.80 -20.78 18.41
N VAL B 280 -5.29 -20.08 17.41
CA VAL B 280 -4.69 -20.16 16.11
C VAL B 280 -3.78 -18.95 15.99
N TYR B 281 -2.93 -18.96 14.97
CA TYR B 281 -2.02 -17.87 14.75
C TYR B 281 -2.25 -17.40 13.33
N PRO B 282 -2.51 -16.11 13.17
CA PRO B 282 -2.76 -15.59 11.82
C PRO B 282 -1.55 -14.92 11.20
N VAL B 283 -1.35 -15.21 9.92
CA VAL B 283 -0.27 -14.61 9.16
C VAL B 283 -0.94 -14.19 7.86
N PHE B 284 -0.48 -13.08 7.31
CA PHE B 284 -1.00 -12.52 6.08
C PHE B 284 -2.35 -11.86 6.31
N VAL B 285 -2.48 -11.30 7.52
CA VAL B 285 -3.66 -10.55 7.93
C VAL B 285 -3.67 -9.34 6.99
N ASN B 286 -4.86 -9.00 6.52
CA ASN B 286 -5.14 -7.88 5.64
C ASN B 286 -4.12 -7.55 4.58
N GLU B 287 -3.82 -8.51 3.70
CA GLU B 287 -2.84 -8.32 2.62
C GLU B 287 -3.49 -7.76 1.34
N ALA B 288 -2.95 -6.66 0.78
CA ALA B 288 -3.52 -6.08 -0.42
C ALA B 288 -3.74 -7.09 -1.52
N ALA B 289 -2.69 -7.78 -1.90
CA ALA B 289 -2.77 -8.77 -2.96
C ALA B 289 -3.97 -9.66 -2.76
N TYR B 290 -4.02 -10.32 -1.60
CA TYR B 290 -5.06 -11.28 -1.29
C TYR B 290 -6.37 -11.16 -2.01
N TYR B 291 -6.92 -9.95 -2.18
CA TYR B 291 -8.17 -9.80 -2.91
C TYR B 291 -7.98 -10.31 -4.33
N GLU B 292 -6.74 -10.65 -4.68
CA GLU B 292 -6.46 -11.23 -5.99
C GLU B 292 -6.62 -12.72 -5.73
N LYS B 293 -6.25 -13.12 -4.52
CA LYS B 293 -6.29 -14.50 -4.06
C LYS B 293 -7.16 -14.66 -2.82
N LYS B 294 -8.40 -14.17 -2.88
CA LYS B 294 -9.36 -14.20 -1.74
C LYS B 294 -8.83 -14.81 -0.42
N GLU B 295 -9.01 -14.06 0.68
CA GLU B 295 -8.55 -14.44 2.01
C GLU B 295 -8.45 -13.15 2.83
N ALA B 296 -8.98 -13.18 4.05
CA ALA B 296 -8.91 -12.03 4.91
C ALA B 296 -7.58 -12.19 5.66
N PHE B 297 -7.15 -13.44 5.82
CA PHE B 297 -5.87 -13.75 6.49
C PHE B 297 -5.63 -15.26 6.39
N ALA B 298 -4.38 -15.72 6.46
CA ALA B 298 -4.10 -17.17 6.42
C ALA B 298 -3.96 -17.69 7.86
N LYS B 299 -4.84 -18.63 8.22
CA LYS B 299 -4.82 -19.23 9.55
C LYS B 299 -3.69 -20.25 9.56
N THR B 300 -2.64 -19.93 10.31
CA THR B 300 -1.51 -20.81 10.37
C THR B 300 -1.32 -21.53 11.66
N THR B 301 -0.43 -22.51 11.60
CA THR B 301 -0.09 -23.29 12.77
C THR B 301 1.37 -23.11 13.18
N LYS B 302 1.55 -22.97 14.50
CA LYS B 302 2.85 -22.79 15.10
C LYS B 302 3.36 -24.21 15.35
N LEU B 303 4.54 -24.53 14.83
CA LEU B 303 5.12 -25.84 15.09
C LEU B 303 6.64 -25.78 15.02
N THR B 304 7.25 -26.93 15.25
CA THR B 304 8.72 -26.98 15.23
C THR B 304 9.30 -28.18 14.53
N LEU B 305 10.09 -27.90 13.51
CA LEU B 305 10.73 -28.90 12.71
C LEU B 305 12.13 -29.15 13.30
N ASN B 306 12.59 -30.40 13.21
CA ASN B 306 13.91 -30.75 13.74
C ASN B 306 14.80 -31.25 12.63
N ALA B 307 15.91 -30.56 12.39
CA ALA B 307 16.85 -31.01 11.35
C ALA B 307 18.03 -31.77 11.92
N LYS B 308 18.84 -32.30 11.00
CA LYS B 308 20.07 -33.04 11.35
C LYS B 308 21.24 -32.06 11.29
N SER B 309 22.42 -32.59 11.56
CA SER B 309 23.63 -31.80 11.51
C SER B 309 23.99 -31.96 10.05
N ILE B 310 24.52 -30.92 9.40
CA ILE B 310 24.89 -31.04 7.99
C ILE B 310 26.37 -30.64 7.85
N ARG B 311 27.03 -31.17 6.83
CA ARG B 311 28.45 -30.85 6.60
C ARG B 311 28.75 -30.97 5.13
N CYS B 312 29.48 -30.03 4.56
CA CYS B 312 29.84 -30.16 3.14
C CYS B 312 31.17 -30.93 3.10
N GLU A 11 -26.89 31.22 3.58
CA GLU A 11 -27.98 30.79 2.66
C GLU A 11 -28.24 29.29 2.55
N HIS A 12 -29.32 28.85 3.19
CA HIS A 12 -29.75 27.46 3.22
C HIS A 12 -28.93 26.52 2.32
N ILE A 13 -28.21 25.58 2.94
CA ILE A 13 -27.39 24.59 2.22
C ILE A 13 -28.26 23.46 1.72
N GLN A 14 -28.56 23.47 0.43
CA GLN A 14 -29.41 22.48 -0.20
C GLN A 14 -28.70 21.20 -0.56
N LYS A 15 -28.42 21.06 -1.85
CA LYS A 15 -27.75 19.90 -2.42
C LYS A 15 -26.38 19.59 -1.77
N VAL A 16 -26.28 18.42 -1.11
CA VAL A 16 -25.04 17.98 -0.45
C VAL A 16 -24.61 16.58 -0.85
N ALA A 17 -23.38 16.48 -1.35
CA ALA A 17 -22.84 15.17 -1.78
C ALA A 17 -21.50 14.80 -1.13
N ILE A 18 -21.34 13.51 -0.90
CA ILE A 18 -20.11 12.92 -0.37
C ILE A 18 -19.72 11.91 -1.43
N PHE A 19 -18.61 12.17 -2.13
CA PHE A 19 -18.10 11.28 -3.17
C PHE A 19 -17.06 10.31 -2.63
N GLY A 20 -17.22 9.04 -2.99
CA GLY A 20 -16.26 8.00 -2.59
C GLY A 20 -15.90 7.17 -3.83
N GLY A 21 -14.62 6.90 -4.03
CA GLY A 21 -14.21 6.11 -5.17
C GLY A 21 -13.65 6.94 -6.30
N THR A 22 -13.32 8.21 -6.04
CA THR A 22 -12.71 9.02 -7.10
C THR A 22 -11.49 8.24 -7.60
N HIS A 23 -10.83 7.54 -6.68
CA HIS A 23 -9.72 6.63 -7.02
C HIS A 23 -10.23 5.28 -6.49
N GLY A 24 -10.50 4.37 -7.41
CA GLY A 24 -11.04 3.06 -7.10
C GLY A 24 -10.27 2.08 -6.24
N ASN A 25 -9.01 2.36 -5.96
CA ASN A 25 -8.27 1.45 -5.14
C ASN A 25 -8.12 1.98 -3.72
N GLU A 26 -8.55 3.23 -3.48
CA GLU A 26 -8.53 3.80 -2.12
C GLU A 26 -9.79 3.17 -1.47
N LEU A 27 -9.70 2.38 -0.40
CA LEU A 27 -10.94 1.73 -0.03
C LEU A 27 -11.84 2.23 1.05
N THR A 28 -11.41 3.22 1.83
CA THR A 28 -12.30 3.65 2.90
C THR A 28 -13.66 4.13 2.36
N GLY A 29 -13.64 5.13 1.50
CA GLY A 29 -14.90 5.64 0.96
C GLY A 29 -15.69 4.78 -0.03
N VAL A 30 -15.01 3.95 -0.82
CA VAL A 30 -15.67 3.10 -1.77
C VAL A 30 -16.55 2.18 -0.96
N PHE A 31 -16.15 2.05 0.30
CA PHE A 31 -16.79 1.20 1.30
C PHE A 31 -17.87 2.01 2.09
N LEU A 32 -17.43 3.01 2.87
CA LEU A 32 -18.34 3.85 3.62
C LEU A 32 -19.47 4.32 2.73
N VAL A 33 -19.16 4.86 1.54
CA VAL A 33 -20.23 5.34 0.63
C VAL A 33 -21.26 4.26 0.24
N LYS A 34 -20.78 3.11 -0.24
CA LYS A 34 -21.67 2.04 -0.59
C LYS A 34 -22.59 1.65 0.57
N HIS A 35 -22.03 1.51 1.77
CA HIS A 35 -22.84 1.19 2.96
C HIS A 35 -24.02 2.20 3.08
N TRP A 36 -23.72 3.45 2.75
CA TRP A 36 -24.71 4.52 2.81
C TRP A 36 -25.74 4.36 1.70
N LEU A 37 -25.29 4.08 0.49
CA LEU A 37 -26.20 3.90 -0.61
C LEU A 37 -27.23 2.89 -0.20
N GLU A 38 -26.98 2.19 0.91
CA GLU A 38 -27.92 1.20 1.40
C GLU A 38 -28.61 1.57 2.69
N ASN A 39 -28.01 2.49 3.44
CA ASN A 39 -28.58 2.94 4.72
C ASN A 39 -27.88 4.26 5.13
N GLY A 40 -28.39 5.37 4.58
CA GLY A 40 -27.84 6.70 4.82
C GLY A 40 -28.16 7.43 6.12
N ALA A 41 -28.95 6.79 6.97
CA ALA A 41 -29.34 7.32 8.26
C ALA A 41 -28.28 8.19 8.93
N GLU A 42 -27.01 7.78 8.82
CA GLU A 42 -25.84 8.43 9.41
C GLU A 42 -25.42 9.72 8.71
N ILE A 43 -25.43 9.71 7.39
CA ILE A 43 -25.04 10.93 6.69
C ILE A 43 -26.24 11.82 6.38
N GLN A 44 -27.32 11.62 7.14
CA GLN A 44 -28.56 12.42 7.01
C GLN A 44 -28.74 13.28 8.26
N ARG A 45 -29.21 14.50 8.09
CA ARG A 45 -29.45 15.31 9.27
C ARG A 45 -30.91 15.79 9.33
N THR A 46 -31.36 16.18 10.50
CA THR A 46 -32.72 16.68 10.56
C THR A 46 -32.70 17.83 9.57
N GLY A 47 -33.61 17.76 8.61
CA GLY A 47 -33.71 18.76 7.57
C GLY A 47 -32.55 18.78 6.60
N LEU A 48 -31.98 17.61 6.28
CA LEU A 48 -30.83 17.51 5.35
C LEU A 48 -30.77 16.24 4.47
N GLU A 49 -30.90 16.43 3.16
CA GLU A 49 -30.87 15.32 2.19
C GLU A 49 -29.45 15.21 1.62
N VAL A 50 -28.80 14.08 1.92
CA VAL A 50 -27.42 13.85 1.50
C VAL A 50 -27.23 12.59 0.66
N LYS A 51 -26.76 12.77 -0.57
CA LYS A 51 -26.58 11.65 -1.48
C LYS A 51 -25.13 11.13 -1.57
N PRO A 52 -24.91 9.86 -1.20
CA PRO A 52 -23.57 9.25 -1.26
C PRO A 52 -23.36 8.80 -2.70
N PHE A 53 -22.30 9.31 -3.32
CA PHE A 53 -22.03 8.98 -4.72
C PHE A 53 -20.68 8.28 -4.89
N ILE A 54 -20.69 7.21 -5.69
CA ILE A 54 -19.47 6.45 -6.00
C ILE A 54 -19.07 6.94 -7.38
N THR A 55 -18.12 7.89 -7.42
CA THR A 55 -17.67 8.53 -8.70
C THR A 55 -17.10 7.71 -9.84
N ASN A 56 -15.95 7.04 -9.66
CA ASN A 56 -15.39 6.23 -10.74
C ASN A 56 -15.68 4.75 -10.49
N PRO A 57 -16.84 4.27 -11.00
CA PRO A 57 -17.32 2.90 -10.83
C PRO A 57 -16.38 1.86 -11.39
N ARG A 58 -15.82 2.11 -12.56
CA ARG A 58 -14.90 1.13 -13.14
C ARG A 58 -13.55 1.04 -12.43
N ALA A 59 -13.06 2.18 -11.92
CA ALA A 59 -11.79 2.18 -11.23
C ALA A 59 -12.01 1.50 -9.88
N VAL A 60 -13.28 1.18 -9.60
CA VAL A 60 -13.63 0.46 -8.38
C VAL A 60 -13.83 -0.96 -8.89
N LYS A 61 -14.07 -1.15 -10.18
CA LYS A 61 -14.17 -2.53 -10.69
C LYS A 61 -12.77 -3.17 -10.97
N LYS A 62 -11.95 -2.54 -11.83
CA LYS A 62 -10.62 -3.10 -12.13
C LYS A 62 -9.82 -2.86 -10.92
N CYS A 63 -10.40 -2.03 -10.06
CA CYS A 63 -9.73 -1.72 -8.81
C CYS A 63 -8.35 -1.02 -9.09
N THR A 64 -8.33 0.30 -9.00
CA THR A 64 -7.09 1.07 -9.20
C THR A 64 -7.32 2.57 -9.05
N ARG A 65 -6.27 3.37 -9.28
CA ARG A 65 -6.38 4.81 -9.15
C ARG A 65 -7.36 5.22 -10.25
N TYR A 66 -7.10 4.73 -11.47
CA TYR A 66 -8.01 5.01 -12.56
C TYR A 66 -7.94 4.02 -13.77
N ILE A 67 -8.72 4.28 -14.82
CA ILE A 67 -8.71 3.45 -16.02
C ILE A 67 -7.85 4.04 -17.11
N ASP A 68 -7.97 5.34 -17.38
CA ASP A 68 -7.16 5.98 -18.40
C ASP A 68 -6.39 7.21 -17.93
N CYS A 69 -6.94 7.88 -16.90
CA CYS A 69 -6.33 9.09 -16.34
C CYS A 69 -7.04 9.53 -15.06
N ASP A 70 -6.36 10.28 -14.21
CA ASP A 70 -6.90 10.72 -12.92
C ASP A 70 -8.14 11.57 -13.01
N LEU A 71 -9.27 10.98 -12.59
CA LEU A 71 -10.57 11.65 -12.59
C LEU A 71 -10.47 12.94 -11.80
N ASN A 72 -9.52 12.96 -10.87
CA ASN A 72 -9.29 14.11 -10.00
C ASN A 72 -8.45 15.26 -10.56
N ARG A 73 -8.19 15.23 -11.87
CA ARG A 73 -7.35 16.24 -12.50
C ARG A 73 -7.99 16.88 -13.76
N ILE A 74 -9.22 16.50 -14.05
CA ILE A 74 -9.91 16.97 -15.25
C ILE A 74 -11.29 17.65 -15.04
N PHE A 75 -11.59 18.13 -13.84
CA PHE A 75 -12.87 18.81 -13.66
C PHE A 75 -12.71 20.32 -13.96
N ASP A 76 -12.37 20.57 -15.21
CA ASP A 76 -12.15 21.89 -15.74
C ASP A 76 -12.63 21.98 -17.20
N LEU A 77 -12.66 23.21 -17.70
CA LEU A 77 -13.12 23.56 -19.03
C LEU A 77 -12.47 22.86 -20.23
N GLU A 78 -11.17 22.54 -20.10
CA GLU A 78 -10.40 21.85 -21.12
C GLU A 78 -10.92 20.43 -21.34
N ASN A 79 -11.65 19.93 -20.34
CA ASN A 79 -12.19 18.59 -20.44
C ASN A 79 -13.67 18.58 -20.21
N LEU A 80 -14.12 19.27 -19.16
CA LEU A 80 -15.53 19.33 -18.84
C LEU A 80 -16.30 20.02 -19.94
N GLY A 81 -15.56 20.49 -20.95
CA GLY A 81 -16.17 21.16 -22.08
C GLY A 81 -15.89 20.59 -23.47
N LYS A 82 -15.21 19.45 -23.55
CA LYS A 82 -14.92 18.84 -24.85
C LYS A 82 -16.05 17.92 -25.31
N LYS A 83 -16.37 17.92 -26.61
CA LYS A 83 -17.49 17.10 -27.11
C LYS A 83 -17.55 15.58 -26.84
N SER A 85 -18.29 11.59 -26.87
CA SER A 85 -18.21 10.55 -27.86
C SER A 85 -17.65 9.26 -27.26
N GLU A 86 -17.81 8.20 -28.03
CA GLU A 86 -17.30 6.92 -27.60
C GLU A 86 -15.78 6.95 -27.71
N ASP A 87 -15.23 8.00 -28.30
CA ASP A 87 -13.78 8.11 -28.43
C ASP A 87 -13.28 8.90 -27.23
N LEU A 88 -14.17 9.33 -26.35
CA LEU A 88 -13.71 10.04 -25.16
C LEU A 88 -13.26 9.02 -24.08
N PRO A 89 -12.09 9.25 -23.44
CA PRO A 89 -11.69 8.29 -22.39
C PRO A 89 -12.83 8.04 -21.38
N TYR A 90 -12.78 6.90 -20.71
CA TYR A 90 -13.80 6.55 -19.73
C TYR A 90 -14.01 7.66 -18.67
N GLU A 91 -12.89 8.19 -18.16
CA GLU A 91 -12.88 9.23 -17.16
C GLU A 91 -13.52 10.55 -17.65
N VAL A 92 -13.04 11.07 -18.79
CA VAL A 92 -13.61 12.31 -19.31
C VAL A 92 -15.18 12.29 -19.31
N ARG A 93 -15.73 11.19 -19.80
CA ARG A 93 -17.18 11.00 -19.84
C ARG A 93 -17.84 11.09 -18.44
N ARG A 94 -17.34 10.31 -17.47
CA ARG A 94 -17.91 10.29 -16.12
C ARG A 94 -17.84 11.69 -15.43
N ALA A 95 -16.75 12.44 -15.66
CA ALA A 95 -16.57 13.80 -15.10
C ALA A 95 -17.79 14.62 -15.60
N GLN A 96 -17.95 14.61 -16.93
CA GLN A 96 -19.06 15.27 -17.62
C GLN A 96 -20.41 14.77 -17.03
N GLU A 97 -20.53 13.45 -16.94
CA GLU A 97 -21.69 12.76 -16.38
C GLU A 97 -21.94 13.23 -14.94
N ILE A 98 -20.87 13.19 -14.13
CA ILE A 98 -20.91 13.61 -12.73
C ILE A 98 -21.20 15.13 -12.60
N ASN A 99 -20.53 15.90 -13.47
CA ASN A 99 -20.73 17.33 -13.48
C ASN A 99 -22.19 17.64 -13.84
N HIS A 100 -22.76 16.86 -14.76
CA HIS A 100 -24.15 17.08 -15.15
C HIS A 100 -25.08 16.77 -13.97
N LEU A 101 -24.69 15.82 -13.12
CA LEU A 101 -25.48 15.47 -11.95
C LEU A 101 -25.34 16.38 -10.70
N PHE A 102 -24.15 16.90 -10.39
CA PHE A 102 -23.98 17.72 -9.17
C PHE A 102 -23.57 19.18 -9.50
N GLY A 103 -23.47 19.45 -10.81
CA GLY A 103 -23.09 20.77 -11.29
C GLY A 103 -24.34 21.37 -11.90
N PRO A 104 -24.23 22.08 -13.03
CA PRO A 104 -22.98 22.34 -13.76
C PRO A 104 -22.03 23.07 -12.83
N LYS A 105 -20.73 22.93 -13.06
CA LYS A 105 -19.75 23.64 -12.23
C LYS A 105 -20.02 25.13 -12.50
N ASP A 106 -20.03 25.95 -11.45
CA ASP A 106 -20.31 27.40 -11.60
C ASP A 106 -21.76 27.76 -11.98
N SER A 107 -22.68 26.82 -11.80
CA SER A 107 -24.09 27.02 -12.09
C SER A 107 -24.91 26.99 -10.78
N GLU A 108 -25.32 28.17 -10.31
CA GLU A 108 -26.08 28.33 -9.08
C GLU A 108 -27.00 27.14 -8.81
N ASP A 109 -27.48 26.53 -9.89
CA ASP A 109 -28.37 25.39 -9.80
C ASP A 109 -27.57 24.11 -9.58
N SER A 110 -26.88 24.07 -8.44
CA SER A 110 -26.03 22.93 -8.06
C SER A 110 -25.72 22.77 -6.55
N TYR A 111 -25.11 21.64 -6.20
CA TYR A 111 -24.73 21.29 -4.83
C TYR A 111 -23.87 22.35 -4.15
N ASP A 112 -24.11 22.54 -2.86
CA ASP A 112 -23.39 23.54 -2.07
C ASP A 112 -22.12 22.99 -1.47
N ILE A 113 -22.20 21.77 -0.96
CA ILE A 113 -21.03 21.14 -0.40
C ILE A 113 -20.93 19.70 -0.93
N ILE A 114 -19.78 19.35 -1.51
CA ILE A 114 -19.52 17.97 -1.94
C ILE A 114 -18.31 17.57 -1.09
N PHE A 115 -18.36 16.39 -0.48
CA PHE A 115 -17.24 15.87 0.33
C PHE A 115 -16.58 14.76 -0.49
N ASP A 116 -15.30 14.91 -0.87
CA ASP A 116 -14.62 13.84 -1.61
C ASP A 116 -13.66 13.06 -0.65
N LEU A 117 -13.89 11.77 -0.50
CA LEU A 117 -13.06 10.92 0.37
C LEU A 117 -11.81 10.34 -0.34
N HIS A 118 -10.66 10.51 0.31
CA HIS A 118 -9.41 10.00 -0.21
C HIS A 118 -8.49 9.34 0.84
N ASN A 119 -7.55 8.53 0.33
CA ASN A 119 -6.61 7.79 1.14
C ASN A 119 -5.19 8.10 0.72
N THR A 120 -4.28 8.13 1.70
CA THR A 120 -2.86 8.34 1.43
C THR A 120 -2.06 7.26 2.13
N THR A 121 -1.05 6.74 1.44
CA THR A 121 -0.20 5.71 2.04
C THR A 121 0.73 6.41 3.01
N SER A 122 0.69 7.75 3.01
CA SER A 122 1.49 8.54 3.91
C SER A 122 0.82 8.63 5.31
N ASN A 123 1.65 8.88 6.33
CA ASN A 123 1.18 8.96 7.70
C ASN A 123 0.69 10.36 8.11
N GLY A 125 -2.61 10.94 8.91
CA GLY A 125 -3.78 10.87 9.77
C GLY A 125 -5.02 11.40 9.10
N CYS A 126 -5.79 12.24 9.80
CA CYS A 126 -7.02 12.83 9.24
C CYS A 126 -6.70 14.22 8.71
N THR A 127 -6.87 14.41 7.41
CA THR A 127 -6.58 15.69 6.80
C THR A 127 -7.75 16.28 6.03
N LEU A 128 -7.95 17.59 6.19
CA LEU A 128 -9.02 18.31 5.48
C LEU A 128 -8.30 19.13 4.42
N ILE A 129 -8.78 19.05 3.18
CA ILE A 129 -8.16 19.80 2.12
C ILE A 129 -9.06 20.97 1.71
N LEU A 130 -8.49 22.17 1.75
CA LEU A 130 -9.22 23.38 1.43
C LEU A 130 -8.67 24.15 0.25
N GLU A 131 -9.53 24.72 -0.61
CA GLU A 131 -9.04 25.51 -1.76
C GLU A 131 -9.61 26.95 -1.89
N ASP A 132 -10.75 27.21 -1.24
CA ASP A 132 -11.36 28.56 -1.24
C ASP A 132 -10.67 29.28 -0.08
N SER A 133 -9.33 29.40 -0.10
CA SER A 133 -8.53 30.07 0.95
C SER A 133 -9.31 31.21 1.58
N ARG A 134 -10.17 31.81 0.77
CA ARG A 134 -11.05 32.87 1.21
C ARG A 134 -12.42 32.18 1.36
N ASN A 135 -12.66 31.57 2.52
CA ASN A 135 -13.95 30.93 2.76
C ASN A 135 -14.16 30.73 4.25
N ASN A 136 -14.99 31.63 4.82
CA ASN A 136 -15.32 31.61 6.26
C ASN A 136 -16.12 30.35 6.68
N PHE A 137 -17.11 30.00 5.86
CA PHE A 137 -17.95 28.84 6.07
C PHE A 137 -17.06 27.58 6.19
N LEU A 138 -16.15 27.41 5.24
CA LEU A 138 -15.23 26.27 5.24
C LEU A 138 -14.25 26.36 6.40
N ILE A 139 -13.61 27.53 6.58
CA ILE A 139 -12.64 27.65 7.66
C ILE A 139 -13.35 27.32 8.98
N GLN A 140 -14.58 27.84 9.11
CA GLN A 140 -15.39 27.60 10.30
C GLN A 140 -15.75 26.12 10.41
N PHE A 142 -13.97 23.67 9.21
CA PHE A 142 -12.72 23.01 9.55
C PHE A 142 -12.38 23.30 11.02
N HIS A 143 -12.65 24.53 11.43
CA HIS A 143 -12.37 24.86 12.79
C HIS A 143 -13.22 23.91 13.60
N TYR A 144 -14.52 23.85 13.29
CA TYR A 144 -15.44 22.94 14.02
C TYR A 144 -14.89 21.50 14.03
N ILE A 145 -14.78 20.90 12.84
CA ILE A 145 -14.28 19.54 12.70
C ILE A 145 -12.98 19.36 13.48
N LYS A 146 -11.96 20.10 13.08
CA LYS A 146 -10.67 20.06 13.75
C LYS A 146 -10.90 20.23 15.24
N THR A 147 -11.67 21.23 15.63
CA THR A 147 -11.90 21.48 17.03
C THR A 147 -12.36 20.28 17.82
N SER A 148 -13.67 20.06 17.89
CA SER A 148 -14.30 18.97 18.68
C SER A 148 -13.46 17.72 19.08
N LEU A 149 -13.12 17.13 17.90
CA LEU A 149 -12.35 15.95 17.48
C LEU A 149 -11.31 15.41 18.35
N ALA A 150 -10.49 16.32 18.88
CA ALA A 150 -9.49 15.89 19.83
C ALA A 150 -10.16 14.85 20.76
N PRO A 151 -9.33 14.02 21.37
CA PRO A 151 -7.89 14.18 21.12
C PRO A 151 -7.32 13.69 19.77
N LEU A 152 -8.12 12.98 18.97
CA LEU A 152 -7.67 12.42 17.69
C LEU A 152 -7.34 13.55 16.78
N PRO A 153 -6.07 13.66 16.39
CA PRO A 153 -5.45 14.67 15.52
C PRO A 153 -6.07 14.80 14.13
N CYS A 154 -6.19 16.05 13.68
CA CYS A 154 -6.76 16.47 12.40
C CYS A 154 -5.92 17.58 11.79
N TYR A 155 -5.74 17.52 10.48
CA TYR A 155 -4.91 18.52 9.81
C TYR A 155 -5.51 19.12 8.57
N VAL A 156 -5.27 20.42 8.40
CA VAL A 156 -5.75 21.13 7.21
C VAL A 156 -4.55 21.64 6.40
N TYR A 157 -4.59 21.31 5.10
CA TYR A 157 -3.58 21.68 4.11
C TYR A 157 -4.17 22.86 3.34
N LEU A 158 -3.42 23.46 2.40
CA LEU A 158 -4.00 24.55 1.62
C LEU A 158 -3.50 24.61 0.16
N ILE A 159 -4.40 24.81 -0.78
CA ILE A 159 -3.97 24.94 -2.18
C ILE A 159 -4.29 26.34 -2.84
N GLU A 160 -3.49 27.36 -2.48
CA GLU A 160 -3.64 28.69 -3.02
C GLU A 160 -3.09 28.73 -4.46
N HIS A 161 -3.93 28.41 -5.44
CA HIS A 161 -3.49 28.44 -6.84
C HIS A 161 -3.48 29.88 -7.41
N PRO A 162 -2.29 30.38 -7.79
CA PRO A 162 -2.25 31.74 -8.35
C PRO A 162 -3.20 31.87 -9.56
N SER A 163 -3.38 30.72 -10.24
CA SER A 163 -4.24 30.58 -11.42
C SER A 163 -5.70 30.85 -11.05
N LEU A 164 -6.04 30.56 -9.80
CA LEU A 164 -7.39 30.72 -9.26
C LEU A 164 -8.33 29.61 -9.76
N LYS A 165 -7.74 28.63 -10.48
CA LYS A 165 -8.49 27.52 -11.07
C LYS A 165 -8.21 26.13 -10.48
N TYR A 166 -9.20 25.25 -10.52
CA TYR A 166 -9.01 23.90 -10.00
C TYR A 166 -9.71 22.86 -10.89
N ALA A 167 -9.15 21.66 -11.00
CA ALA A 167 -9.72 20.62 -11.87
C ALA A 167 -10.16 19.37 -11.09
N THR A 168 -10.24 19.47 -9.76
CA THR A 168 -10.63 18.38 -8.89
C THR A 168 -12.08 18.02 -8.99
N THR A 169 -12.38 16.77 -8.63
CA THR A 169 -13.76 16.26 -8.64
C THR A 169 -14.65 17.10 -7.72
N ARG A 170 -14.17 17.42 -6.53
CA ARG A 170 -14.99 18.22 -5.58
C ARG A 170 -15.16 19.73 -5.94
N SER A 171 -14.31 20.20 -6.85
CA SER A 171 -14.34 21.59 -7.27
C SER A 171 -15.65 21.91 -8.00
N ILE A 172 -16.41 20.89 -8.35
CA ILE A 172 -17.70 21.10 -8.99
C ILE A 172 -18.67 21.86 -8.02
N ALA A 173 -18.54 21.64 -6.70
CA ALA A 173 -19.44 22.26 -5.72
C ALA A 173 -19.25 23.75 -5.46
N LYS A 174 -20.12 24.30 -4.61
CA LYS A 174 -20.05 25.71 -4.20
C LYS A 174 -19.04 25.73 -3.07
N TYR A 175 -19.17 24.75 -2.18
CA TYR A 175 -18.28 24.58 -1.02
C TYR A 175 -17.60 23.21 -1.08
N PRO A 176 -16.41 23.13 -1.72
CA PRO A 176 -15.59 21.91 -1.89
C PRO A 176 -14.86 21.50 -0.65
N VAL A 177 -14.93 20.23 -0.31
CA VAL A 177 -14.22 19.72 0.86
C VAL A 177 -13.41 18.44 0.54
N GLY A 178 -12.12 18.48 0.83
CA GLY A 178 -11.31 17.31 0.57
C GLY A 178 -11.10 16.54 1.87
N ILE A 179 -11.46 15.26 1.92
CA ILE A 179 -11.18 14.45 3.12
C ILE A 179 -10.19 13.29 2.79
N GLU A 180 -9.05 13.25 3.49
CA GLU A 180 -8.05 12.21 3.24
C GLU A 180 -7.63 11.58 4.56
N VAL A 181 -7.42 10.27 4.60
CA VAL A 181 -7.01 9.69 5.88
C VAL A 181 -5.85 8.69 5.84
N GLY A 182 -4.69 9.08 6.37
CA GLY A 182 -3.54 8.18 6.37
C GLY A 182 -3.12 7.62 7.73
N PRO A 183 -2.33 6.54 7.75
CA PRO A 183 -1.82 5.84 6.57
C PRO A 183 -2.54 4.52 6.27
N GLN A 184 -2.60 4.19 4.98
CA GLN A 184 -3.21 2.93 4.63
C GLN A 184 -2.71 2.51 3.29
N PRO A 185 -2.30 1.24 3.13
CA PRO A 185 -1.82 0.86 1.79
C PRO A 185 -3.01 0.94 0.83
N GLN A 186 -2.75 1.15 -0.46
CA GLN A 186 -3.87 1.18 -1.39
C GLN A 186 -4.68 -0.13 -1.30
N GLY A 187 -5.96 -0.07 -1.66
CA GLY A 187 -6.75 -1.27 -1.64
C GLY A 187 -6.87 -1.97 -0.32
N VAL A 188 -6.53 -1.29 0.76
CA VAL A 188 -6.63 -1.96 2.05
C VAL A 188 -7.52 -1.31 3.08
N LEU A 189 -8.51 -2.05 3.57
CA LEU A 189 -9.40 -1.53 4.59
C LEU A 189 -8.78 -1.67 5.99
N ARG A 190 -8.60 -0.57 6.71
CA ARG A 190 -8.04 -0.58 8.06
C ARG A 190 -8.99 0.13 9.03
N ALA A 191 -9.68 -0.66 9.88
CA ALA A 191 -10.66 -0.15 10.83
C ALA A 191 -10.26 1.17 11.44
N ASP A 192 -8.97 1.34 11.74
CA ASP A 192 -8.57 2.63 12.29
C ASP A 192 -8.78 3.72 11.24
N ILE A 193 -8.56 3.41 9.97
CA ILE A 193 -8.77 4.37 8.90
C ILE A 193 -10.27 4.57 8.61
N LEU A 194 -10.99 3.47 8.36
CA LEU A 194 -12.41 3.60 8.10
C LEU A 194 -13.23 4.25 9.24
N ASP A 195 -12.67 4.26 10.44
CA ASP A 195 -13.37 4.79 11.57
C ASP A 195 -13.07 6.24 11.79
N GLN A 196 -11.80 6.61 11.62
CA GLN A 196 -11.43 8.00 11.80
C GLN A 196 -12.12 8.94 10.75
N ARG A 198 -15.12 8.54 9.23
CA ARG A 198 -16.51 8.83 9.54
C ARG A 198 -16.67 9.85 10.66
N LYS A 199 -15.84 9.75 11.70
CA LYS A 199 -15.89 10.76 12.77
C LYS A 199 -15.69 12.16 12.12
N ILE A 201 -16.60 13.07 8.94
CA ILE A 201 -17.87 13.31 8.29
C ILE A 201 -18.94 13.75 9.35
N LYS A 202 -18.90 13.10 10.54
CA LYS A 202 -19.83 13.40 11.64
C LYS A 202 -19.68 14.84 12.12
N HIS A 203 -18.46 15.30 12.35
CA HIS A 203 -18.32 16.66 12.80
C HIS A 203 -18.62 17.59 11.66
N ALA A 204 -18.30 17.21 10.43
CA ALA A 204 -18.62 18.07 9.28
C ALA A 204 -20.16 18.22 9.16
N LEU A 205 -20.87 17.10 9.00
CA LEU A 205 -22.31 17.15 8.86
C LEU A 205 -22.95 17.83 10.10
N ASP A 206 -22.41 17.59 11.30
CA ASP A 206 -22.93 18.25 12.49
C ASP A 206 -22.88 19.76 12.23
N PHE A 207 -21.71 20.26 11.84
CA PHE A 207 -21.54 21.67 11.52
C PHE A 207 -22.63 22.20 10.55
N ILE A 208 -22.79 21.56 9.39
CA ILE A 208 -23.80 22.04 8.45
C ILE A 208 -25.18 22.08 9.11
N HIS A 209 -25.42 21.16 10.04
CA HIS A 209 -26.71 21.09 10.74
C HIS A 209 -26.80 22.14 11.84
N HIS A 210 -25.77 22.21 12.69
CA HIS A 210 -25.74 23.17 13.77
C HIS A 210 -25.64 24.57 13.21
N PHE A 211 -25.28 24.69 11.93
CA PHE A 211 -25.21 25.98 11.20
C PHE A 211 -26.62 26.19 10.66
N ASN A 212 -27.14 25.16 10.01
CA ASN A 212 -28.45 25.24 9.44
C ASN A 212 -29.52 25.63 10.45
N GLU A 213 -29.56 24.95 11.61
CA GLU A 213 -30.55 25.25 12.64
C GLU A 213 -30.59 26.76 12.92
N GLY A 214 -29.42 27.37 13.06
CA GLY A 214 -29.35 28.80 13.31
C GLY A 214 -28.21 29.31 14.17
N LYS A 215 -27.29 28.44 14.59
CA LYS A 215 -26.17 28.87 15.45
C LYS A 215 -25.26 29.99 14.88
N GLU A 216 -24.81 30.86 15.80
CA GLU A 216 -23.91 31.97 15.47
C GLU A 216 -22.46 31.57 15.72
N PHE A 217 -21.65 31.60 14.67
CA PHE A 217 -20.25 31.23 14.82
C PHE A 217 -19.35 32.48 14.91
N PRO A 218 -18.68 32.65 16.07
CA PRO A 218 -17.77 33.78 16.30
C PRO A 218 -16.53 33.69 15.47
N PRO A 219 -15.84 34.82 15.27
CA PRO A 219 -14.63 34.74 14.47
C PRO A 219 -13.72 33.70 15.12
N CYS A 220 -13.07 32.86 14.30
CA CYS A 220 -12.16 31.82 14.78
C CYS A 220 -10.98 31.70 13.83
N ALA A 221 -9.91 31.06 14.29
CA ALA A 221 -8.72 30.91 13.45
C ALA A 221 -8.31 29.44 13.39
N ILE A 222 -7.98 28.92 12.20
CA ILE A 222 -7.50 27.53 12.15
C ILE A 222 -6.02 27.54 11.79
N GLU A 223 -5.37 26.39 11.89
CA GLU A 223 -3.97 26.30 11.49
C GLU A 223 -4.03 25.50 10.17
N VAL A 224 -3.19 25.88 9.21
CA VAL A 224 -3.13 25.19 7.92
C VAL A 224 -1.71 24.99 7.38
N TYR A 225 -1.60 24.25 6.26
CA TYR A 225 -0.31 23.96 5.60
C TYR A 225 -0.42 24.16 4.10
N LYS A 226 0.56 24.87 3.54
CA LYS A 226 0.56 25.22 2.10
C LYS A 226 1.91 24.78 1.50
N ILE A 227 1.91 24.43 0.22
CA ILE A 227 3.13 23.95 -0.43
C ILE A 227 4.10 24.99 -0.96
N ILE A 228 5.23 25.14 -0.30
CA ILE A 228 6.27 26.07 -0.71
C ILE A 228 7.14 25.48 -1.81
N GLU A 229 7.01 24.17 -2.09
CA GLU A 229 7.81 23.46 -3.11
C GLU A 229 7.54 21.96 -3.16
N LYS A 230 7.59 21.37 -4.36
CA LYS A 230 7.40 19.93 -4.58
C LYS A 230 8.84 19.35 -4.70
N VAL A 231 9.20 18.40 -3.85
CA VAL A 231 10.55 17.83 -3.82
C VAL A 231 10.76 16.53 -4.62
N ASP A 232 11.99 16.04 -4.63
CA ASP A 232 12.31 14.83 -5.35
C ASP A 232 13.28 13.88 -4.68
N TYR A 233 13.29 12.67 -5.20
CA TYR A 233 14.19 11.67 -4.68
C TYR A 233 15.51 12.18 -5.24
N PRO A 234 16.60 12.01 -4.50
CA PRO A 234 17.82 12.51 -5.12
C PRO A 234 18.10 11.57 -6.31
N ARG A 235 17.86 12.03 -7.54
CA ARG A 235 18.05 11.19 -8.72
C ARG A 235 19.52 10.94 -9.07
N ASP A 236 19.86 9.72 -9.49
CA ASP A 236 21.25 9.42 -9.87
C ASP A 236 21.48 9.95 -11.27
N GLU A 237 22.65 9.65 -11.84
CA GLU A 237 22.98 10.11 -13.20
C GLU A 237 22.43 9.11 -14.21
N ASN A 238 21.47 8.29 -13.77
CA ASN A 238 20.87 7.28 -14.62
C ASN A 238 19.35 7.45 -14.70
N GLY A 239 18.64 6.54 -14.03
CA GLY A 239 17.19 6.58 -14.01
C GLY A 239 16.72 6.27 -12.59
N GLU A 240 17.20 5.16 -12.03
CA GLU A 240 16.81 4.75 -10.69
C GLU A 240 17.11 5.76 -9.62
N ILE A 241 16.63 5.46 -8.42
CA ILE A 241 16.81 6.35 -7.29
C ILE A 241 18.05 5.97 -6.53
N ALA A 242 18.84 6.99 -6.21
CA ALA A 242 20.12 6.82 -5.53
C ALA A 242 20.02 6.60 -4.04
N ALA A 243 19.34 7.57 -3.43
CA ALA A 243 19.12 7.68 -1.99
C ALA A 243 17.68 8.05 -1.76
N ILE A 244 16.96 7.18 -1.04
CA ILE A 244 15.53 7.36 -0.73
C ILE A 244 15.17 7.95 0.66
N ILE A 245 13.95 8.49 0.75
CA ILE A 245 13.43 9.10 1.97
C ILE A 245 14.01 8.45 3.21
N HIS A 246 14.70 9.26 4.03
CA HIS A 246 15.35 8.77 5.26
C HIS A 246 14.42 8.13 6.30
N PRO A 247 14.97 7.23 7.12
CA PRO A 247 14.00 6.71 8.07
C PRO A 247 13.51 7.77 9.06
N ASN A 248 14.25 8.88 9.22
CA ASN A 248 13.78 9.90 10.14
C ASN A 248 12.72 10.83 9.54
N LEU A 249 12.47 10.69 8.23
CA LEU A 249 11.47 11.50 7.54
C LEU A 249 10.25 10.63 7.30
N GLN A 250 10.46 9.33 7.20
CA GLN A 250 9.32 8.41 7.00
C GLN A 250 8.29 8.54 8.12
N ASP A 251 7.02 8.59 7.73
CA ASP A 251 5.95 8.69 8.67
C ASP A 251 6.22 9.92 9.45
N GLN A 252 6.55 10.98 8.72
CA GLN A 252 6.86 12.27 9.35
C GLN A 252 6.15 13.52 8.82
N ASP A 253 4.91 13.35 8.35
CA ASP A 253 4.14 14.47 7.84
C ASP A 253 3.56 15.21 9.03
N TRP A 254 3.28 16.50 8.89
CA TRP A 254 2.68 17.32 9.96
C TRP A 254 3.60 17.71 11.13
N LYS A 255 4.48 16.78 11.51
CA LYS A 255 5.45 16.95 12.61
C LYS A 255 6.64 17.71 12.01
N PRO A 256 7.19 18.75 12.69
CA PRO A 256 8.30 19.52 12.13
C PRO A 256 9.66 18.95 12.07
N LEU A 257 10.24 19.10 10.87
CA LEU A 257 11.60 18.67 10.45
C LEU A 257 12.41 19.93 10.22
N HIS A 258 13.48 20.08 10.98
CA HIS A 258 14.28 21.29 10.98
C HIS A 258 15.43 21.44 9.97
N PRO A 259 15.66 22.68 9.50
CA PRO A 259 16.66 23.07 8.52
C PRO A 259 18.09 22.68 8.79
N GLY A 260 18.27 21.64 9.55
CA GLY A 260 19.61 21.23 9.86
C GLY A 260 19.52 19.91 10.55
N ASP A 261 19.22 18.87 9.77
CA ASP A 261 19.09 17.44 10.16
C ASP A 261 18.94 16.62 8.86
N PRO A 262 19.07 15.27 8.93
CA PRO A 262 18.97 14.42 7.74
C PRO A 262 17.62 14.31 7.08
N PHE A 264 17.50 11.66 3.86
CA PHE A 264 17.57 10.71 2.78
C PHE A 264 18.54 9.60 3.15
N LEU A 265 18.33 8.44 2.54
CA LEU A 265 19.22 7.32 2.73
C LEU A 265 19.62 6.83 1.33
N THR A 266 20.91 6.69 1.04
CA THR A 266 21.33 6.18 -0.28
C THR A 266 21.51 4.69 -0.12
N LEU A 267 21.40 3.96 -1.23
CA LEU A 267 21.57 2.52 -1.19
C LEU A 267 22.95 2.24 -0.59
N ASP A 268 23.91 3.13 -0.82
CA ASP A 268 25.24 2.92 -0.29
C ASP A 268 25.48 3.56 1.07
N GLY A 269 24.37 3.88 1.73
CA GLY A 269 24.45 4.42 3.07
C GLY A 269 24.50 5.90 3.33
N LYS A 270 24.50 6.74 2.29
CA LYS A 270 24.56 8.16 2.62
C LYS A 270 23.22 8.93 2.74
N THR A 271 23.32 10.10 3.36
CA THR A 271 22.18 10.99 3.60
C THR A 271 22.20 12.20 2.66
N ILE A 272 21.12 12.98 2.68
CA ILE A 272 21.00 14.20 1.87
C ILE A 272 19.95 15.07 2.60
N PRO A 273 20.42 15.99 3.48
CA PRO A 273 19.63 16.91 4.31
C PRO A 273 18.81 18.01 3.68
N LEU A 274 18.14 18.80 4.50
CA LEU A 274 17.33 19.88 4.00
C LEU A 274 18.02 21.21 4.27
N GLY A 275 17.55 21.90 5.31
CA GLY A 275 18.15 23.16 5.67
C GLY A 275 17.38 24.38 5.25
N GLY A 276 18.03 25.52 5.40
CA GLY A 276 17.40 26.77 5.03
C GLY A 276 17.31 27.58 6.30
N ASP A 277 16.37 28.55 6.30
CA ASP A 277 16.17 29.44 7.45
C ASP A 277 14.65 29.77 7.76
N CYS A 278 13.95 28.69 8.14
CA CYS A 278 12.52 28.63 8.52
C CYS A 278 12.23 27.14 8.74
N THR A 279 11.13 26.79 9.41
CA THR A 279 10.83 25.37 9.61
C THR A 279 9.80 24.85 8.62
N VAL A 280 10.14 23.84 7.82
CA VAL A 280 9.14 23.35 6.85
C VAL A 280 8.34 22.15 7.36
N TYR A 281 7.21 21.90 6.71
CA TYR A 281 6.39 20.80 7.18
C TYR A 281 6.05 19.72 6.18
N PRO A 282 6.71 18.55 6.28
CA PRO A 282 6.43 17.47 5.34
C PRO A 282 4.99 16.97 5.39
N VAL A 283 4.46 16.72 4.19
CA VAL A 283 3.09 16.23 3.96
C VAL A 283 3.23 15.37 2.68
N PHE A 284 2.44 14.31 2.57
CA PHE A 284 2.53 13.39 1.44
C PHE A 284 3.90 12.70 1.31
N VAL A 285 4.51 12.44 2.46
CA VAL A 285 5.83 11.84 2.51
C VAL A 285 5.79 10.38 2.17
N ASN A 286 6.54 10.01 1.14
CA ASN A 286 6.62 8.65 0.67
C ASN A 286 5.23 8.10 0.35
N GLU A 287 4.47 8.88 -0.44
CA GLU A 287 3.12 8.54 -0.89
C GLU A 287 3.32 7.79 -2.19
N ALA A 288 2.53 6.72 -2.37
CA ALA A 288 2.61 5.84 -3.54
C ALA A 288 2.24 6.53 -4.82
N ALA A 289 1.12 7.26 -4.81
CA ALA A 289 0.67 7.99 -6.00
C ALA A 289 1.69 8.95 -6.57
N TYR A 290 2.57 9.51 -5.75
CA TYR A 290 3.52 10.45 -6.30
C TYR A 290 4.90 9.92 -6.79
N TYR A 291 5.14 8.59 -6.81
CA TYR A 291 6.44 8.14 -7.34
C TYR A 291 6.56 8.46 -8.84
N GLU A 292 5.75 7.80 -9.67
CA GLU A 292 5.82 8.08 -11.10
C GLU A 292 5.66 9.59 -11.24
N LYS A 293 4.75 10.13 -10.45
CA LYS A 293 4.46 11.58 -10.46
C LYS A 293 5.57 12.41 -9.80
N LYS A 294 6.83 11.99 -9.98
CA LYS A 294 7.99 12.66 -9.40
C LYS A 294 7.71 13.53 -8.14
N GLU A 295 7.87 12.93 -6.96
CA GLU A 295 7.63 13.62 -5.70
C GLU A 295 7.83 12.70 -4.50
N ALA A 296 8.81 13.05 -3.66
CA ALA A 296 9.09 12.24 -2.47
C ALA A 296 8.21 12.74 -1.32
N PHE A 297 7.86 14.02 -1.38
CA PHE A 297 6.98 14.62 -0.39
C PHE A 297 6.74 16.05 -0.77
N ALA A 298 5.81 16.71 -0.10
CA ALA A 298 5.54 18.11 -0.36
C ALA A 298 6.07 18.95 0.81
N LYS A 299 6.85 19.99 0.49
CA LYS A 299 7.44 20.89 1.48
C LYS A 299 6.38 21.95 1.77
N THR A 300 6.11 22.20 3.05
CA THR A 300 5.05 23.17 3.42
C THR A 300 5.42 24.20 4.49
N THR A 301 4.78 25.38 4.45
CA THR A 301 4.96 26.47 5.43
C THR A 301 3.67 26.56 6.23
N LYS A 302 3.77 26.55 7.56
CA LYS A 302 2.58 26.61 8.42
C LYS A 302 2.00 28.00 8.55
N LEU A 303 0.66 28.12 8.62
CA LEU A 303 0.00 29.43 8.78
C LEU A 303 -1.45 29.48 9.30
N THR A 304 -1.89 30.67 9.70
CA THR A 304 -3.26 30.85 10.20
C THR A 304 -4.09 31.62 9.20
N LEU A 305 -5.30 31.12 8.94
CA LEU A 305 -6.19 31.81 8.04
C LEU A 305 -7.28 32.39 8.91
N ASN A 306 -6.90 33.28 9.83
CA ASN A 306 -7.85 33.92 10.74
C ASN A 306 -9.08 34.34 9.92
N ALA A 307 -10.29 33.91 10.33
CA ALA A 307 -11.55 34.25 9.62
C ALA A 307 -12.65 35.02 10.44
N LYS A 308 -13.53 35.74 9.73
CA LYS A 308 -14.63 36.49 10.35
C LYS A 308 -15.80 35.56 10.73
N SER A 309 -16.57 35.97 11.74
CA SER A 309 -17.74 35.22 12.19
C SER A 309 -18.69 35.00 11.02
N ILE A 310 -19.57 34.01 11.17
CA ILE A 310 -20.57 33.69 10.14
C ILE A 310 -21.89 33.28 10.79
N ARG A 311 -22.98 33.49 10.05
CA ARG A 311 -24.33 33.15 10.50
C ARG A 311 -25.17 32.84 9.26
N CYS A 312 -26.05 31.85 9.40
CA CYS A 312 -26.93 31.39 8.33
C CYS A 312 -27.27 32.42 7.22
N GLU B 11 27.90 -30.91 -1.07
CA GLU B 11 28.27 -30.28 -2.38
C GLU B 11 28.41 -28.73 -2.38
N HIS B 12 29.62 -28.24 -2.62
CA HIS B 12 29.95 -26.80 -2.64
C HIS B 12 28.92 -26.01 -3.45
N ILE B 13 28.11 -25.21 -2.74
CA ILE B 13 27.11 -24.39 -3.41
C ILE B 13 27.84 -23.57 -4.47
N GLN B 14 27.43 -23.72 -5.71
CA GLN B 14 28.05 -23.02 -6.82
C GLN B 14 27.25 -21.85 -7.41
N LYS B 15 26.06 -22.16 -7.90
CA LYS B 15 25.20 -21.15 -8.49
C LYS B 15 24.17 -20.59 -7.48
N VAL B 16 24.21 -19.27 -7.28
CA VAL B 16 23.32 -18.57 -6.34
C VAL B 16 22.90 -17.22 -6.91
N ALA B 17 21.64 -17.16 -7.35
CA ALA B 17 21.07 -15.92 -7.89
C ALA B 17 20.03 -15.33 -6.90
N ILE B 18 19.89 -14.00 -6.91
CA ILE B 18 18.89 -13.34 -6.09
C ILE B 18 17.89 -12.71 -7.06
N PHE B 19 16.65 -13.21 -7.09
CA PHE B 19 15.57 -12.69 -7.97
C PHE B 19 14.74 -11.61 -7.24
N GLY B 20 14.48 -10.50 -7.96
CA GLY B 20 13.69 -9.38 -7.43
C GLY B 20 12.81 -8.88 -8.57
N GLY B 21 11.75 -8.11 -8.28
CA GLY B 21 10.90 -7.66 -9.36
C GLY B 21 9.93 -8.73 -9.86
N THR B 22 9.90 -9.84 -9.12
CA THR B 22 9.02 -10.95 -9.40
C THR B 22 7.61 -10.36 -9.52
N HIS B 23 7.29 -9.47 -8.58
CA HIS B 23 6.05 -8.72 -8.59
C HIS B 23 6.44 -7.21 -8.82
N GLY B 24 6.18 -6.70 -10.04
CA GLY B 24 6.59 -5.33 -10.38
C GLY B 24 6.36 -4.14 -9.47
N ASN B 25 5.49 -4.33 -8.48
CA ASN B 25 5.16 -3.26 -7.53
C ASN B 25 5.55 -3.57 -6.10
N GLU B 26 6.41 -4.58 -5.93
CA GLU B 26 6.99 -4.96 -4.64
C GLU B 26 8.43 -4.47 -4.80
N LEU B 27 8.59 -3.18 -4.51
CA LEU B 27 9.83 -2.45 -4.69
C LEU B 27 11.07 -2.78 -3.85
N THR B 28 10.94 -3.44 -2.70
CA THR B 28 12.18 -3.68 -1.96
C THR B 28 13.17 -4.46 -2.87
N GLY B 29 12.74 -5.64 -3.32
CA GLY B 29 13.63 -6.38 -4.20
C GLY B 29 14.08 -5.67 -5.48
N VAL B 30 13.23 -4.82 -6.05
CA VAL B 30 13.60 -4.14 -7.27
C VAL B 30 14.79 -3.18 -7.08
N PHE B 31 14.73 -2.33 -6.05
CA PHE B 31 15.82 -1.38 -5.85
C PHE B 31 17.13 -2.06 -5.47
N LEU B 32 17.02 -3.19 -4.73
CA LEU B 32 18.21 -3.96 -4.33
C LEU B 32 18.84 -4.64 -5.57
N VAL B 33 18.00 -5.32 -6.36
CA VAL B 33 18.51 -5.99 -7.53
C VAL B 33 19.09 -5.01 -8.58
N LYS B 34 18.56 -3.79 -8.67
CA LYS B 34 19.12 -2.93 -9.67
C LYS B 34 20.55 -2.56 -9.30
N HIS B 35 20.73 -1.94 -8.15
CA HIS B 35 22.04 -1.53 -7.61
C HIS B 35 23.10 -2.68 -7.56
N TRP B 36 22.68 -3.91 -7.22
CA TRP B 36 23.60 -5.06 -7.15
C TRP B 36 24.03 -5.41 -8.59
N LEU B 37 23.31 -4.84 -9.56
CA LEU B 37 23.63 -5.03 -10.96
C LEU B 37 24.61 -3.97 -11.40
N GLU B 38 24.68 -2.85 -10.67
CA GLU B 38 25.60 -1.79 -11.00
C GLU B 38 26.83 -2.06 -10.19
N ASN B 39 26.64 -2.67 -9.04
CA ASN B 39 27.75 -3.06 -8.19
C ASN B 39 27.38 -4.05 -7.10
N GLY B 40 27.76 -5.31 -7.31
CA GLY B 40 27.43 -6.35 -6.36
C GLY B 40 28.42 -6.70 -5.27
N ALA B 41 29.29 -5.77 -4.89
CA ALA B 41 30.27 -6.10 -3.86
C ALA B 41 29.62 -6.73 -2.60
N GLU B 42 28.61 -6.06 -2.04
CA GLU B 42 27.86 -6.55 -0.86
C GLU B 42 27.30 -8.00 -0.95
N ILE B 43 27.02 -8.47 -2.16
CA ILE B 43 26.47 -9.80 -2.29
C ILE B 43 27.44 -10.84 -2.87
N GLN B 44 28.66 -10.44 -3.23
CA GLN B 44 29.59 -11.44 -3.77
C GLN B 44 30.27 -12.18 -2.61
N ARG B 45 30.52 -13.48 -2.71
CA ARG B 45 31.22 -14.18 -1.62
C ARG B 45 32.37 -14.95 -2.24
N THR B 46 33.51 -14.99 -1.55
CA THR B 46 34.63 -15.75 -2.13
C THR B 46 34.17 -17.19 -2.36
N GLY B 47 34.34 -17.65 -3.60
CA GLY B 47 33.96 -19.00 -3.96
C GLY B 47 32.49 -19.17 -4.27
N LEU B 48 31.84 -18.02 -4.42
CA LEU B 48 30.43 -17.98 -4.71
C LEU B 48 30.12 -16.88 -5.72
N GLU B 49 29.52 -17.23 -6.84
CA GLU B 49 29.10 -16.19 -7.77
C GLU B 49 27.58 -15.99 -7.53
N VAL B 50 27.21 -14.80 -7.08
CA VAL B 50 25.80 -14.50 -6.84
C VAL B 50 25.29 -13.59 -7.96
N LYS B 51 24.40 -14.10 -8.81
CA LYS B 51 23.86 -13.30 -9.91
C LYS B 51 22.50 -12.65 -9.55
N PRO B 52 22.41 -11.31 -9.57
CA PRO B 52 21.12 -10.70 -9.24
C PRO B 52 20.35 -10.69 -10.56
N PHE B 53 19.04 -10.47 -10.47
CA PHE B 53 18.25 -10.49 -11.68
C PHE B 53 16.79 -10.07 -11.45
N ILE B 54 16.23 -9.29 -12.39
CA ILE B 54 14.83 -8.83 -12.31
C ILE B 54 13.98 -9.80 -13.10
N THR B 55 12.95 -10.38 -12.47
CA THR B 55 12.21 -11.39 -13.21
C THR B 55 11.05 -11.03 -14.12
N ASN B 56 10.24 -10.01 -13.76
CA ASN B 56 9.04 -9.64 -14.51
C ASN B 56 9.12 -8.26 -15.16
N PRO B 57 10.01 -8.11 -16.12
CA PRO B 57 10.22 -6.85 -16.83
C PRO B 57 8.95 -6.11 -17.21
N ARG B 58 8.24 -6.60 -18.22
CA ARG B 58 7.03 -5.92 -18.68
C ARG B 58 6.01 -5.67 -17.53
N ALA B 59 6.51 -5.69 -16.29
CA ALA B 59 5.72 -5.46 -15.10
C ALA B 59 6.38 -4.43 -14.19
N VAL B 60 7.67 -4.58 -13.92
CA VAL B 60 8.34 -3.61 -13.06
C VAL B 60 8.29 -2.23 -13.72
N LYS B 61 8.47 -2.16 -15.05
CA LYS B 61 8.42 -0.86 -15.70
C LYS B 61 7.05 -0.23 -15.52
N LYS B 62 6.11 -0.91 -14.85
CA LYS B 62 4.78 -0.30 -14.62
C LYS B 62 4.28 -0.29 -13.12
N CYS B 63 5.07 -0.87 -12.19
CA CYS B 63 4.69 -0.98 -10.76
C CYS B 63 3.29 -1.61 -10.63
N THR B 64 3.10 -2.61 -11.45
CA THR B 64 1.89 -3.35 -11.52
C THR B 64 2.25 -4.73 -10.91
N ARG B 65 1.31 -5.37 -10.20
CA ARG B 65 1.56 -6.68 -9.59
C ARG B 65 1.89 -7.64 -10.71
N TYR B 66 1.61 -7.22 -11.95
CA TYR B 66 1.96 -7.97 -13.16
C TYR B 66 1.29 -7.58 -14.46
N ILE B 67 1.54 -8.41 -15.50
CA ILE B 67 0.97 -8.23 -16.85
C ILE B 67 -0.09 -9.27 -17.16
N ASP B 68 0.27 -10.33 -17.87
CA ASP B 68 -0.69 -11.40 -18.21
C ASP B 68 -1.08 -12.39 -17.10
N CYS B 69 -0.10 -13.08 -16.49
CA CYS B 69 -0.37 -14.04 -15.40
C CYS B 69 0.48 -13.66 -14.18
N ASP B 70 0.21 -14.29 -13.03
CA ASP B 70 0.98 -14.09 -11.80
C ASP B 70 2.28 -14.87 -12.05
N LEU B 71 3.44 -14.20 -11.99
CA LEU B 71 4.69 -14.92 -12.29
C LEU B 71 5.14 -15.98 -11.29
N ASN B 72 4.60 -15.89 -10.06
CA ASN B 72 4.94 -16.82 -8.98
C ASN B 72 4.00 -18.01 -8.95
N ARG B 73 3.34 -18.28 -10.06
CA ARG B 73 2.45 -19.42 -10.12
C ARG B 73 2.55 -20.24 -11.39
N ILE B 74 3.58 -20.05 -12.20
CA ILE B 74 3.65 -20.80 -13.44
C ILE B 74 4.87 -21.66 -13.76
N PHE B 75 5.77 -21.85 -12.79
CA PHE B 75 6.96 -22.63 -13.06
C PHE B 75 6.71 -24.09 -12.79
N ASP B 76 6.10 -24.74 -13.78
CA ASP B 76 5.75 -26.15 -13.73
C ASP B 76 5.69 -26.73 -15.18
N LEU B 77 5.70 -28.08 -15.27
CA LEU B 77 5.69 -28.83 -16.53
C LEU B 77 4.56 -28.52 -17.50
N GLU B 78 3.53 -27.85 -16.98
CA GLU B 78 2.39 -27.49 -17.79
C GLU B 78 2.69 -26.22 -18.60
N ASN B 79 3.27 -25.21 -17.94
CA ASN B 79 3.61 -23.96 -18.65
C ASN B 79 5.03 -23.96 -19.10
N LEU B 80 5.93 -24.24 -18.15
CA LEU B 80 7.36 -24.18 -18.44
C LEU B 80 7.78 -25.04 -19.56
N GLY B 81 6.95 -26.04 -19.88
CA GLY B 81 7.25 -26.96 -20.98
C GLY B 81 6.37 -26.93 -22.22
N LYS B 82 5.37 -26.05 -22.29
CA LYS B 82 4.52 -25.98 -23.48
C LYS B 82 5.25 -25.03 -24.47
N LYS B 83 5.29 -25.40 -25.75
CA LYS B 83 5.99 -24.63 -26.80
C LYS B 83 5.66 -23.12 -26.86
N SER B 85 5.15 -19.24 -27.85
CA SER B 85 4.49 -18.53 -28.93
C SER B 85 3.91 -17.18 -28.48
N GLU B 86 3.91 -16.20 -29.38
CA GLU B 86 3.42 -14.88 -29.02
C GLU B 86 2.04 -14.83 -28.37
N ASP B 87 1.22 -15.86 -28.61
CA ASP B 87 -0.12 -15.91 -28.00
C ASP B 87 0.00 -16.24 -26.52
N LEU B 88 1.09 -16.89 -26.13
CA LEU B 88 1.27 -17.25 -24.72
C LEU B 88 1.38 -16.03 -23.84
N PRO B 89 0.69 -16.04 -22.67
CA PRO B 89 0.74 -14.89 -21.75
C PRO B 89 2.19 -14.49 -21.39
N TYR B 90 2.42 -13.17 -21.40
CA TYR B 90 3.74 -12.62 -21.08
C TYR B 90 4.53 -13.38 -20.01
N GLU B 91 3.93 -13.57 -18.83
CA GLU B 91 4.65 -14.28 -17.77
C GLU B 91 5.03 -15.72 -18.13
N VAL B 92 4.13 -16.46 -18.79
CA VAL B 92 4.44 -17.81 -19.24
C VAL B 92 5.60 -17.71 -20.26
N ARG B 93 5.49 -16.79 -21.20
CA ARG B 93 6.53 -16.62 -22.20
C ARG B 93 7.79 -16.22 -21.45
N ARG B 94 7.63 -15.35 -20.45
CA ARG B 94 8.75 -14.84 -19.65
C ARG B 94 9.36 -15.93 -18.79
N ALA B 95 8.50 -16.63 -18.02
CA ALA B 95 8.90 -17.74 -17.14
C ALA B 95 9.88 -18.66 -17.83
N GLN B 96 9.43 -19.25 -18.95
CA GLN B 96 10.25 -20.16 -19.74
C GLN B 96 11.65 -19.62 -20.11
N GLU B 97 11.79 -18.31 -20.18
CA GLU B 97 13.08 -17.71 -20.47
C GLU B 97 13.93 -17.76 -19.18
N ILE B 98 13.27 -17.58 -18.04
CA ILE B 98 13.94 -17.62 -16.75
C ILE B 98 14.47 -19.04 -16.48
N ASN B 99 13.66 -20.05 -16.86
CA ASN B 99 14.03 -21.45 -16.65
C ASN B 99 15.23 -21.94 -17.46
N HIS B 100 15.58 -21.19 -18.49
CA HIS B 100 16.72 -21.51 -19.30
C HIS B 100 17.95 -20.97 -18.61
N LEU B 101 17.91 -19.71 -18.18
CA LEU B 101 19.00 -19.04 -17.47
C LEU B 101 19.40 -19.63 -16.10
N PHE B 102 18.43 -19.89 -15.22
CA PHE B 102 18.78 -20.40 -13.88
C PHE B 102 18.32 -21.83 -13.67
N GLY B 103 17.68 -22.36 -14.73
CA GLY B 103 17.19 -23.74 -14.69
C GLY B 103 18.16 -24.68 -15.38
N PRO B 104 17.65 -25.76 -16.01
CA PRO B 104 16.21 -26.02 -16.01
C PRO B 104 15.77 -26.66 -14.70
N LYS B 105 14.66 -26.15 -14.17
CA LYS B 105 14.06 -26.64 -12.94
C LYS B 105 14.06 -28.17 -12.95
N ASP B 106 14.86 -28.77 -12.04
CA ASP B 106 14.96 -30.21 -11.88
C ASP B 106 16.08 -30.90 -12.65
N SER B 107 16.93 -30.12 -13.32
CA SER B 107 18.07 -30.69 -14.06
C SER B 107 19.38 -30.56 -13.23
N GLU B 108 20.41 -31.32 -13.57
CA GLU B 108 21.66 -31.16 -12.80
C GLU B 108 22.19 -29.74 -13.01
N ASP B 109 21.99 -29.17 -14.20
CA ASP B 109 22.45 -27.80 -14.53
C ASP B 109 21.92 -26.74 -13.59
N SER B 110 20.64 -26.90 -13.25
CA SER B 110 19.85 -26.01 -12.38
C SER B 110 20.60 -25.22 -11.34
N TYR B 111 20.13 -24.02 -11.02
CA TYR B 111 20.80 -23.24 -9.99
C TYR B 111 20.69 -23.93 -8.63
N ASP B 112 21.64 -23.69 -7.75
CA ASP B 112 21.61 -24.35 -6.46
C ASP B 112 20.66 -23.76 -5.45
N ILE B 113 20.81 -22.46 -5.21
CA ILE B 113 19.99 -21.73 -4.26
C ILE B 113 19.53 -20.46 -4.92
N ILE B 114 18.22 -20.22 -4.96
CA ILE B 114 17.69 -18.96 -5.50
C ILE B 114 16.89 -18.28 -4.38
N PHE B 115 17.20 -17.00 -4.14
CA PHE B 115 16.47 -16.22 -3.17
C PHE B 115 15.49 -15.37 -4.01
N ASP B 116 14.19 -15.41 -3.71
CA ASP B 116 13.24 -14.60 -4.46
C ASP B 116 12.62 -13.61 -3.49
N LEU B 117 12.94 -12.32 -3.63
CA LEU B 117 12.41 -11.27 -2.72
C LEU B 117 10.92 -10.79 -3.00
N HIS B 118 10.20 -10.52 -1.93
CA HIS B 118 8.81 -10.10 -2.01
C HIS B 118 8.51 -9.18 -0.81
N ASN B 119 7.34 -8.52 -0.85
CA ASN B 119 6.87 -7.63 0.20
C ASN B 119 5.41 -8.00 0.54
N THR B 120 4.91 -7.51 1.66
CA THR B 120 3.52 -7.79 2.00
C THR B 120 2.99 -6.54 2.65
N THR B 121 1.69 -6.32 2.54
CA THR B 121 1.10 -5.17 3.21
C THR B 121 0.74 -5.67 4.61
N SER B 122 0.92 -6.97 4.87
CA SER B 122 0.65 -7.58 6.20
C SER B 122 1.73 -7.16 7.18
N ASN B 123 1.36 -7.07 8.45
CA ASN B 123 2.31 -6.62 9.45
C ASN B 123 3.11 -7.68 10.22
N GLY B 125 7.15 -8.11 9.28
CA GLY B 125 8.53 -8.09 8.83
C GLY B 125 9.22 -9.35 8.31
N CYS B 126 10.51 -9.44 8.65
CA CYS B 126 11.39 -10.50 8.24
C CYS B 126 10.70 -11.84 8.25
N THR B 127 10.43 -12.37 7.05
CA THR B 127 9.77 -13.67 6.89
C THR B 127 10.53 -14.63 5.93
N LEU B 128 10.74 -15.89 6.37
CA LEU B 128 11.37 -16.90 5.52
C LEU B 128 10.36 -17.88 4.94
N ILE B 129 10.38 -18.14 3.64
CA ILE B 129 9.43 -19.10 3.08
C ILE B 129 10.09 -20.36 2.55
N LEU B 130 9.80 -21.46 3.24
CA LEU B 130 10.28 -22.81 2.92
C LEU B 130 9.20 -23.75 2.33
N GLU B 131 9.55 -24.56 1.33
CA GLU B 131 8.56 -25.47 0.75
C GLU B 131 8.77 -26.96 1.15
N ASP B 132 10.02 -27.42 1.17
CA ASP B 132 10.31 -28.80 1.56
C ASP B 132 10.27 -28.91 3.09
N SER B 133 9.37 -29.74 3.63
CA SER B 133 9.25 -29.95 5.09
C SER B 133 10.53 -30.65 5.59
N ARG B 134 10.96 -31.64 4.86
CA ARG B 134 12.17 -32.36 5.19
C ARG B 134 13.21 -31.64 4.28
N ASN B 135 14.16 -30.92 4.87
CA ASN B 135 15.20 -30.22 4.10
C ASN B 135 16.26 -29.65 5.06
N ASN B 136 17.07 -30.51 5.66
CA ASN B 136 18.08 -30.07 6.60
C ASN B 136 18.88 -28.83 6.18
N PHE B 137 19.52 -28.87 5.02
CA PHE B 137 20.29 -27.72 4.56
C PHE B 137 19.53 -26.42 4.78
N LEU B 138 18.34 -26.29 4.17
CA LEU B 138 17.52 -25.07 4.34
C LEU B 138 17.11 -24.76 5.77
N ILE B 139 16.72 -25.82 6.50
CA ILE B 139 16.32 -25.66 7.90
C ILE B 139 17.49 -25.13 8.69
N GLN B 140 18.66 -25.72 8.41
CA GLN B 140 19.90 -25.30 9.04
C GLN B 140 20.06 -23.80 8.76
N PHE B 142 17.92 -21.41 7.79
CA PHE B 142 16.91 -20.60 8.48
C PHE B 142 17.20 -20.53 9.97
N HIS B 143 17.84 -21.56 10.50
CA HIS B 143 18.21 -21.54 11.89
C HIS B 143 19.33 -20.47 12.00
N TYR B 144 20.31 -20.54 11.09
CA TYR B 144 21.41 -19.56 11.11
C TYR B 144 20.91 -18.12 10.92
N ILE B 145 19.89 -17.93 10.06
CA ILE B 145 19.35 -16.61 9.83
C ILE B 145 18.58 -16.17 11.05
N LYS B 146 17.59 -16.97 11.47
CA LYS B 146 16.80 -16.61 12.66
C LYS B 146 17.79 -16.08 13.71
N THR B 147 18.80 -16.90 14.01
CA THR B 147 19.88 -16.62 14.97
C THR B 147 20.68 -15.31 14.89
N SER B 148 21.18 -14.98 13.70
CA SER B 148 21.95 -13.74 13.49
C SER B 148 21.11 -12.47 13.62
N LEU B 149 19.83 -12.53 13.22
CA LEU B 149 18.95 -11.38 13.32
C LEU B 149 18.49 -11.06 14.76
N ALA B 150 18.56 -12.05 15.66
CA ALA B 150 18.16 -11.83 17.05
C ALA B 150 18.80 -10.54 17.49
N PRO B 151 18.08 -9.64 18.18
CA PRO B 151 16.73 -9.54 18.70
C PRO B 151 15.67 -9.19 17.66
N LEU B 152 16.11 -9.04 16.41
CA LEU B 152 15.20 -8.74 15.32
C LEU B 152 14.47 -10.03 15.04
N PRO B 153 13.15 -10.08 15.26
CA PRO B 153 12.30 -11.27 15.05
C PRO B 153 12.35 -11.71 13.60
N CYS B 154 12.24 -13.01 13.36
CA CYS B 154 12.25 -13.53 12.00
C CYS B 154 11.48 -14.83 12.04
N TYR B 155 10.35 -14.86 11.34
CA TYR B 155 9.47 -16.02 11.33
C TYR B 155 9.64 -16.81 10.05
N VAL B 156 9.34 -18.09 10.11
CA VAL B 156 9.43 -19.02 8.98
C VAL B 156 8.04 -19.53 8.65
N TYR B 157 7.60 -19.29 7.41
CA TYR B 157 6.29 -19.73 6.93
C TYR B 157 6.49 -20.99 6.06
N LEU B 158 5.74 -22.08 6.34
CA LEU B 158 5.87 -23.35 5.60
C LEU B 158 4.78 -23.70 4.57
N ILE B 159 5.20 -24.22 3.42
CA ILE B 159 4.21 -24.62 2.41
C ILE B 159 4.31 -26.12 2.09
N GLU B 160 3.23 -26.87 2.30
CA GLU B 160 3.28 -28.31 2.05
C GLU B 160 2.20 -28.85 1.11
N HIS B 161 2.43 -28.81 -0.20
CA HIS B 161 1.44 -29.32 -1.16
C HIS B 161 1.51 -30.82 -1.19
N PRO B 162 0.35 -31.49 -1.08
CA PRO B 162 0.43 -32.96 -1.12
C PRO B 162 0.61 -33.53 -2.55
N SER B 163 0.94 -32.60 -3.45
CA SER B 163 1.21 -32.90 -4.85
C SER B 163 2.74 -33.07 -4.94
N LEU B 164 3.43 -32.64 -3.89
CA LEU B 164 4.89 -32.69 -3.83
C LEU B 164 5.45 -31.82 -4.97
N LYS B 165 4.56 -30.97 -5.52
CA LYS B 165 4.92 -30.07 -6.62
C LYS B 165 4.75 -28.59 -6.27
N TYR B 166 5.61 -27.76 -6.84
CA TYR B 166 5.53 -26.31 -6.64
C TYR B 166 5.60 -25.52 -7.99
N ALA B 167 5.04 -24.31 -8.05
CA ALA B 167 5.08 -23.55 -9.29
C ALA B 167 5.63 -22.17 -9.05
N THR B 168 6.20 -21.95 -7.88
CA THR B 168 6.77 -20.66 -7.58
C THR B 168 7.82 -20.32 -8.62
N THR B 169 8.41 -19.13 -8.52
CA THR B 169 9.46 -18.71 -9.46
C THR B 169 10.75 -19.25 -8.89
N ARG B 170 10.89 -19.22 -7.56
CA ARG B 170 12.11 -19.73 -6.93
C ARG B 170 12.24 -21.25 -7.02
N SER B 171 11.17 -21.95 -7.35
CA SER B 171 11.25 -23.40 -7.38
C SER B 171 12.15 -24.02 -8.48
N ILE B 172 12.86 -23.18 -9.23
CA ILE B 172 13.79 -23.68 -10.25
C ILE B 172 15.02 -24.22 -9.49
N ALA B 173 15.42 -23.46 -8.49
CA ALA B 173 16.56 -23.79 -7.65
C ALA B 173 16.41 -25.15 -6.98
N LYS B 174 17.57 -25.74 -6.62
CA LYS B 174 17.61 -27.02 -5.91
C LYS B 174 17.32 -26.74 -4.42
N TYR B 175 17.37 -25.46 -4.07
CA TYR B 175 17.13 -24.99 -2.73
C TYR B 175 16.51 -23.61 -2.78
N PRO B 176 15.19 -23.53 -2.99
CA PRO B 176 14.41 -22.27 -3.06
C PRO B 176 14.29 -21.58 -1.71
N VAL B 177 14.48 -20.27 -1.69
CA VAL B 177 14.34 -19.54 -0.44
C VAL B 177 13.50 -18.28 -0.65
N GLY B 178 12.40 -18.16 0.10
CA GLY B 178 11.56 -16.99 0.01
C GLY B 178 11.96 -15.98 1.06
N ILE B 179 12.16 -14.73 0.67
CA ILE B 179 12.47 -13.69 1.64
C ILE B 179 11.44 -12.58 1.49
N GLU B 180 10.42 -12.58 2.36
CA GLU B 180 9.36 -11.58 2.33
C GLU B 180 9.50 -10.64 3.53
N VAL B 181 9.21 -9.36 3.31
CA VAL B 181 9.32 -8.40 4.38
C VAL B 181 8.18 -7.42 4.33
N GLY B 182 7.68 -7.05 5.52
CA GLY B 182 6.58 -6.13 5.64
C GLY B 182 6.52 -5.44 7.00
N PRO B 183 5.49 -4.65 7.25
CA PRO B 183 4.39 -4.41 6.30
C PRO B 183 4.80 -3.32 5.33
N GLN B 184 4.36 -3.38 4.09
CA GLN B 184 4.68 -2.26 3.22
C GLN B 184 3.67 -2.10 2.08
N PRO B 185 3.23 -0.85 1.77
CA PRO B 185 2.26 -0.69 0.66
C PRO B 185 2.91 -0.93 -0.69
N GLN B 186 2.14 -1.54 -1.61
CA GLN B 186 2.67 -1.83 -2.93
C GLN B 186 3.08 -0.51 -3.55
N GLY B 187 4.18 -0.47 -4.25
CA GLY B 187 4.59 0.75 -4.90
C GLY B 187 5.22 1.75 -3.99
N VAL B 188 5.65 1.34 -2.81
CA VAL B 188 6.29 2.31 -1.89
C VAL B 188 7.53 1.74 -1.29
N LEU B 189 8.63 2.49 -1.34
CA LEU B 189 9.90 2.03 -0.80
C LEU B 189 10.27 2.69 0.53
N ARG B 190 10.24 1.91 1.61
CA ARG B 190 10.59 2.41 2.96
C ARG B 190 12.08 2.12 3.28
N ALA B 191 12.86 3.16 3.58
CA ALA B 191 14.27 3.01 3.91
C ALA B 191 14.50 1.84 4.87
N ASP B 192 13.66 1.72 5.89
CA ASP B 192 13.73 0.65 6.91
C ASP B 192 13.47 -0.81 6.45
N ILE B 193 12.31 -1.04 5.84
CA ILE B 193 11.94 -2.34 5.29
C ILE B 193 13.14 -2.89 4.51
N LEU B 194 13.68 -2.04 3.64
CA LEU B 194 14.81 -2.39 2.78
C LEU B 194 16.02 -2.80 3.62
N ASP B 195 16.18 -2.15 4.77
CA ASP B 195 17.31 -2.52 5.59
C ASP B 195 17.17 -3.94 6.20
N GLN B 196 15.95 -4.30 6.59
CA GLN B 196 15.70 -5.59 7.14
C GLN B 196 15.98 -6.63 6.05
N ARG B 198 17.80 -6.60 3.62
CA ARG B 198 19.23 -6.75 3.44
C ARG B 198 19.94 -7.61 4.47
N LYS B 199 19.68 -7.35 5.75
CA LYS B 199 20.27 -8.10 6.85
C LYS B 199 20.14 -9.60 6.65
N ILE B 201 19.70 -11.24 3.72
CA ILE B 201 20.53 -11.56 2.60
C ILE B 201 21.97 -11.61 3.15
N LYS B 202 22.36 -10.64 3.97
CA LYS B 202 23.73 -10.62 4.56
C LYS B 202 23.96 -11.91 5.37
N HIS B 203 23.23 -12.06 6.47
CA HIS B 203 23.36 -13.25 7.30
C HIS B 203 23.22 -14.54 6.50
N ALA B 204 22.35 -14.52 5.49
CA ALA B 204 22.13 -15.66 4.65
C ALA B 204 23.35 -15.90 3.71
N LEU B 205 23.88 -14.85 3.06
CA LEU B 205 25.05 -15.03 2.18
C LEU B 205 26.30 -15.23 3.04
N ASP B 206 26.08 -15.80 4.24
CA ASP B 206 27.13 -16.10 5.21
C ASP B 206 27.15 -17.59 5.54
N PHE B 207 25.94 -18.16 5.73
CA PHE B 207 25.77 -19.58 6.04
C PHE B 207 26.16 -20.45 4.84
N ILE B 208 26.02 -19.89 3.63
CA ILE B 208 26.43 -20.63 2.43
C ILE B 208 27.94 -20.51 2.31
N HIS B 209 28.44 -19.27 2.38
CA HIS B 209 29.87 -19.05 2.28
C HIS B 209 30.71 -19.92 3.25
N HIS B 210 30.32 -19.91 4.53
CA HIS B 210 30.99 -20.68 5.56
C HIS B 210 30.76 -22.17 5.24
N PHE B 211 29.57 -22.48 4.74
CA PHE B 211 29.22 -23.85 4.36
C PHE B 211 30.21 -24.29 3.29
N ASN B 212 30.12 -23.66 2.12
CA ASN B 212 30.99 -24.01 1.02
C ASN B 212 32.41 -24.36 1.45
N GLU B 213 32.79 -23.87 2.63
CA GLU B 213 34.09 -24.11 3.26
C GLU B 213 33.94 -25.33 4.18
N GLY B 214 33.15 -26.31 3.74
CA GLY B 214 32.95 -27.50 4.54
C GLY B 214 32.74 -27.17 5.99
N LYS B 215 32.13 -26.03 6.24
CA LYS B 215 31.88 -25.67 7.62
C LYS B 215 30.87 -26.75 7.99
N GLU B 216 30.80 -27.01 9.30
CA GLU B 216 29.93 -27.99 9.90
C GLU B 216 28.90 -27.28 10.80
N PHE B 217 27.77 -27.94 11.03
CA PHE B 217 26.70 -27.40 11.86
C PHE B 217 26.02 -28.53 12.64
N PRO B 218 25.80 -28.33 13.94
CA PRO B 218 25.14 -29.33 14.78
C PRO B 218 23.64 -29.39 14.54
N PRO B 219 23.02 -30.49 14.95
CA PRO B 219 21.55 -30.65 14.76
C PRO B 219 20.86 -29.42 15.30
N CYS B 220 19.69 -29.09 14.73
CA CYS B 220 18.88 -27.94 15.19
C CYS B 220 17.38 -28.16 15.04
N ALA B 221 16.60 -27.28 15.64
CA ALA B 221 15.16 -27.39 15.60
C ALA B 221 14.51 -26.01 15.43
N ILE B 222 13.69 -25.84 14.38
CA ILE B 222 13.02 -24.53 14.20
C ILE B 222 11.49 -24.50 14.29
N GLU B 223 10.95 -23.42 14.86
CA GLU B 223 9.47 -23.19 14.97
C GLU B 223 9.06 -22.68 13.59
N VAL B 224 7.90 -23.16 13.11
CA VAL B 224 7.40 -22.70 11.80
C VAL B 224 5.88 -22.56 11.77
N TYR B 225 5.33 -22.05 10.66
CA TYR B 225 3.88 -21.95 10.57
C TYR B 225 3.27 -22.61 9.32
N LYS B 226 2.36 -23.53 9.55
CA LYS B 226 1.69 -24.23 8.48
C LYS B 226 0.28 -23.64 8.44
N ILE B 227 -0.12 -23.17 7.27
CA ILE B 227 -1.45 -22.63 7.11
C ILE B 227 -2.34 -23.82 7.37
N ILE B 228 -3.54 -23.59 7.89
CA ILE B 228 -4.40 -24.72 8.11
C ILE B 228 -5.79 -24.41 7.72
N GLU B 229 -6.02 -23.15 7.29
CA GLU B 229 -7.33 -22.67 6.84
C GLU B 229 -7.35 -21.21 6.47
N LYS B 230 -7.69 -20.92 5.22
CA LYS B 230 -7.82 -19.52 4.78
C LYS B 230 -9.23 -19.06 5.18
N VAL B 231 -9.34 -17.87 5.75
CA VAL B 231 -10.62 -17.30 6.15
C VAL B 231 -10.91 -16.18 5.15
N ASP B 232 -12.16 -15.71 5.09
CA ASP B 232 -12.49 -14.60 4.19
C ASP B 232 -13.12 -13.35 4.85
N TYR B 233 -13.05 -12.21 4.14
CA TYR B 233 -13.62 -10.96 4.62
C TYR B 233 -15.11 -11.06 4.29
N PRO B 234 -15.93 -11.72 5.15
CA PRO B 234 -17.38 -11.88 4.92
C PRO B 234 -17.94 -11.11 3.72
N ARG B 235 -18.48 -11.85 2.75
CA ARG B 235 -19.05 -11.28 1.55
C ARG B 235 -20.53 -10.94 1.78
N ASP B 236 -21.30 -10.79 0.71
CA ASP B 236 -22.72 -10.50 0.85
C ASP B 236 -23.57 -11.05 -0.30
N GLU B 237 -24.66 -10.35 -0.66
CA GLU B 237 -25.49 -10.82 -1.74
C GLU B 237 -25.08 -10.04 -2.97
N ASN B 238 -23.77 -9.84 -3.11
CA ASN B 238 -23.23 -9.09 -4.23
C ASN B 238 -21.71 -9.16 -4.35
N GLY B 239 -21.05 -8.76 -3.26
CA GLY B 239 -19.59 -8.74 -3.21
C GLY B 239 -19.11 -7.69 -2.21
N GLU B 240 -19.97 -7.39 -1.25
CA GLU B 240 -19.64 -6.43 -0.22
C GLU B 240 -19.07 -7.15 1.03
N ILE B 241 -18.79 -6.39 2.08
CA ILE B 241 -18.27 -6.93 3.34
C ILE B 241 -19.00 -6.21 4.48
N ALA B 242 -19.35 -6.98 5.53
CA ALA B 242 -20.10 -6.51 6.71
C ALA B 242 -19.28 -6.08 7.90
N ALA B 243 -18.09 -6.70 8.05
CA ALA B 243 -17.19 -6.39 9.14
C ALA B 243 -15.77 -6.29 8.58
N ILE B 244 -14.95 -5.36 9.03
CA ILE B 244 -13.60 -5.36 8.46
C ILE B 244 -12.57 -5.82 9.49
N ILE B 245 -11.33 -6.11 9.07
CA ILE B 245 -10.35 -6.53 10.08
C ILE B 245 -10.16 -5.48 11.19
N HIS B 246 -10.63 -5.94 12.34
CA HIS B 246 -10.66 -5.27 13.62
C HIS B 246 -9.31 -5.04 14.30
N PRO B 247 -9.25 -4.06 15.22
CA PRO B 247 -8.03 -3.72 15.98
C PRO B 247 -7.17 -4.77 16.75
N ASN B 248 -7.77 -5.84 17.28
CA ASN B 248 -7.00 -6.89 17.99
C ASN B 248 -6.34 -7.66 16.81
N LEU B 249 -7.11 -8.17 15.86
CA LEU B 249 -6.52 -8.90 14.74
C LEU B 249 -5.49 -8.15 13.90
N GLN B 250 -5.91 -7.01 13.37
CA GLN B 250 -5.05 -6.16 12.52
C GLN B 250 -3.67 -5.92 13.12
N ASP B 251 -2.66 -6.16 12.28
CA ASP B 251 -1.25 -5.98 12.63
C ASP B 251 -0.75 -6.97 13.67
N GLN B 252 -1.46 -8.09 13.81
CA GLN B 252 -1.08 -9.11 14.78
C GLN B 252 -0.84 -10.50 14.19
N ASP B 253 -0.20 -10.55 13.02
CA ASP B 253 0.16 -11.82 12.39
C ASP B 253 1.11 -12.42 13.40
N TRP B 254 1.32 -13.74 13.29
CA TRP B 254 2.27 -14.48 14.16
C TRP B 254 1.79 -14.71 15.58
N LYS B 255 1.02 -13.77 16.12
CA LYS B 255 0.51 -13.87 17.48
C LYS B 255 -0.67 -14.82 17.49
N PRO B 256 -0.76 -15.63 18.54
CA PRO B 256 -1.87 -16.57 18.60
C PRO B 256 -3.09 -15.77 19.07
N LEU B 257 -4.22 -16.04 18.44
CA LEU B 257 -5.51 -15.39 18.72
C LEU B 257 -6.42 -16.43 19.40
N HIS B 258 -7.49 -15.97 20.01
CA HIS B 258 -8.36 -16.90 20.69
C HIS B 258 -9.90 -16.76 20.48
N PRO B 259 -10.70 -17.63 21.10
CA PRO B 259 -12.15 -17.73 21.08
C PRO B 259 -13.00 -16.48 20.72
N GLY B 260 -13.13 -15.56 21.67
CA GLY B 260 -13.91 -14.36 21.43
C GLY B 260 -13.07 -13.17 20.99
N ASP B 261 -11.76 -13.32 21.20
CA ASP B 261 -10.73 -12.34 20.86
C ASP B 261 -11.23 -11.49 19.74
N PRO B 262 -11.17 -10.16 19.93
CA PRO B 262 -11.63 -9.18 18.95
C PRO B 262 -10.97 -9.51 17.62
N PHE B 264 -13.09 -8.76 14.72
CA PHE B 264 -14.12 -8.29 13.84
C PHE B 264 -14.91 -7.07 14.31
N LEU B 265 -15.63 -6.49 13.38
CA LEU B 265 -16.36 -5.28 13.66
C LEU B 265 -17.32 -4.98 12.54
N THR B 266 -18.59 -4.92 12.85
CA THR B 266 -19.58 -4.55 11.85
C THR B 266 -19.25 -3.07 11.57
N LEU B 267 -19.70 -2.53 10.43
CA LEU B 267 -19.49 -1.10 10.22
C LEU B 267 -20.57 -0.50 11.15
N ASP B 268 -21.17 -1.39 11.94
CA ASP B 268 -22.19 -1.06 12.94
C ASP B 268 -21.37 -0.80 14.21
N GLY B 269 -20.14 -1.37 14.20
CA GLY B 269 -19.17 -1.23 15.29
C GLY B 269 -19.08 -2.23 16.44
N LYS B 270 -19.51 -3.47 16.20
CA LYS B 270 -19.48 -4.54 17.21
C LYS B 270 -18.31 -5.47 16.90
N THR B 271 -17.84 -6.24 17.88
CA THR B 271 -16.75 -7.19 17.61
C THR B 271 -17.22 -8.66 17.31
N ILE B 272 -16.66 -9.30 16.27
CA ILE B 272 -16.98 -10.70 15.94
C ILE B 272 -15.67 -11.46 16.10
N PRO B 273 -15.61 -12.46 17.00
CA PRO B 273 -14.59 -13.41 17.49
C PRO B 273 -14.21 -14.65 16.67
N LEU B 274 -13.23 -15.42 17.15
CA LEU B 274 -12.81 -16.65 16.49
C LEU B 274 -13.24 -17.86 17.34
N GLY B 275 -12.24 -18.49 17.96
CA GLY B 275 -12.47 -19.64 18.84
C GLY B 275 -12.22 -21.08 18.41
N GLY B 276 -13.11 -21.94 18.90
CA GLY B 276 -13.07 -23.36 18.62
C GLY B 276 -12.52 -24.13 19.81
N ASP B 277 -11.43 -24.84 19.58
CA ASP B 277 -10.76 -25.59 20.62
C ASP B 277 -9.30 -25.26 20.47
N CYS B 278 -8.64 -25.96 19.53
CA CYS B 278 -7.21 -25.78 19.21
C CYS B 278 -6.98 -24.37 18.65
N THR B 279 -5.80 -23.82 18.88
CA THR B 279 -5.51 -22.44 18.45
C THR B 279 -4.77 -22.22 17.13
N VAL B 280 -5.23 -21.24 16.37
CA VAL B 280 -4.69 -20.89 15.07
C VAL B 280 -3.86 -19.59 15.11
N TYR B 281 -2.94 -19.44 14.15
CA TYR B 281 -2.07 -18.26 14.06
C TYR B 281 -2.36 -17.53 12.78
N PRO B 282 -2.82 -16.28 12.90
CA PRO B 282 -3.15 -15.47 11.73
C PRO B 282 -1.92 -14.89 11.04
N VAL B 283 -1.85 -15.12 9.73
CA VAL B 283 -0.76 -14.62 8.90
C VAL B 283 -1.33 -13.96 7.64
N PHE B 284 -0.59 -13.00 7.11
CA PHE B 284 -1.02 -12.29 5.93
C PHE B 284 -2.35 -11.59 6.22
N VAL B 285 -2.47 -11.15 7.47
CA VAL B 285 -3.63 -10.44 7.94
C VAL B 285 -3.72 -9.13 7.18
N ASN B 286 -4.68 -9.07 6.27
CA ASN B 286 -5.00 -7.92 5.45
C ASN B 286 -4.04 -7.59 4.33
N GLU B 287 -3.68 -8.59 3.53
CA GLU B 287 -2.74 -8.39 2.42
C GLU B 287 -3.47 -7.85 1.17
N ALA B 288 -2.95 -6.78 0.58
CA ALA B 288 -3.57 -6.19 -0.60
C ALA B 288 -3.91 -7.21 -1.68
N ALA B 289 -2.99 -8.13 -1.96
CA ALA B 289 -3.18 -9.12 -2.99
C ALA B 289 -4.14 -10.27 -2.64
N TYR B 290 -4.64 -10.30 -1.41
CA TYR B 290 -5.50 -11.41 -1.09
C TYR B 290 -7.02 -11.15 -0.98
N TYR B 291 -7.51 -10.02 -1.48
CA TYR B 291 -8.94 -9.77 -1.45
C TYR B 291 -9.68 -10.69 -2.43
N GLU B 292 -9.39 -10.53 -3.71
CA GLU B 292 -10.02 -11.37 -4.70
C GLU B 292 -9.91 -12.80 -4.16
N LYS B 293 -8.68 -13.28 -3.98
CA LYS B 293 -8.41 -14.63 -3.44
C LYS B 293 -9.16 -14.90 -2.13
N LYS B 294 -10.23 -14.11 -1.88
CA LYS B 294 -11.07 -14.18 -0.68
C LYS B 294 -10.34 -14.62 0.61
N GLU B 295 -9.24 -13.93 0.91
CA GLU B 295 -8.41 -14.22 2.07
C GLU B 295 -8.26 -13.02 2.97
N ALA B 296 -8.99 -13.03 4.07
CA ALA B 296 -8.86 -11.94 5.02
C ALA B 296 -7.54 -12.26 5.69
N PHE B 297 -7.16 -13.54 5.68
CA PHE B 297 -5.88 -14.02 6.26
C PHE B 297 -5.70 -15.53 6.12
N ALA B 298 -4.53 -16.03 6.50
CA ALA B 298 -4.23 -17.48 6.49
C ALA B 298 -4.08 -17.93 7.96
N LYS B 299 -4.94 -18.85 8.41
CA LYS B 299 -4.88 -19.39 9.77
C LYS B 299 -3.70 -20.35 9.78
N THR B 300 -2.92 -20.36 10.85
CA THR B 300 -1.80 -21.27 10.85
C THR B 300 -1.47 -21.93 12.16
N THR B 301 -0.81 -23.09 12.04
CA THR B 301 -0.33 -23.81 13.22
C THR B 301 1.19 -23.65 13.33
N LYS B 302 1.66 -23.53 14.57
CA LYS B 302 3.07 -23.40 14.81
C LYS B 302 3.54 -24.84 15.06
N LEU B 303 4.45 -25.34 14.24
CA LEU B 303 4.93 -26.70 14.42
C LEU B 303 6.46 -26.71 14.33
N THR B 304 7.10 -27.76 14.85
CA THR B 304 8.58 -27.83 14.79
C THR B 304 9.19 -28.73 13.74
N LEU B 305 10.34 -28.30 13.23
CA LEU B 305 11.04 -29.09 12.25
C LEU B 305 12.49 -29.26 12.76
N ASN B 306 13.17 -30.31 12.27
CA ASN B 306 14.55 -30.59 12.69
C ASN B 306 15.61 -30.82 11.61
N ALA B 307 16.83 -30.32 11.82
CA ALA B 307 17.87 -30.52 10.81
C ALA B 307 19.05 -31.34 11.26
N LYS B 308 19.15 -32.57 10.76
CA LYS B 308 20.29 -33.46 11.09
C LYS B 308 21.50 -32.54 10.96
N SER B 309 22.53 -32.72 11.77
CA SER B 309 23.66 -31.81 11.69
C SER B 309 24.25 -31.83 10.30
N ILE B 310 25.02 -30.81 9.94
CA ILE B 310 25.61 -30.75 8.60
C ILE B 310 27.02 -30.17 8.61
N ARG B 311 27.59 -30.05 7.41
CA ARG B 311 28.94 -29.52 7.17
C ARG B 311 29.18 -29.60 5.68
N CYS B 312 29.63 -28.54 5.01
CA CYS B 312 29.83 -28.76 3.58
C CYS B 312 30.84 -29.87 3.27
N GLU A 11 -24.04 28.83 3.25
CA GLU A 11 -25.32 29.31 3.82
C GLU A 11 -26.46 28.23 3.86
N HIS A 12 -27.61 28.53 3.27
CA HIS A 12 -28.72 27.58 3.23
C HIS A 12 -28.36 26.51 2.20
N ILE A 13 -27.84 25.38 2.68
CA ILE A 13 -27.44 24.29 1.80
C ILE A 13 -28.43 23.14 1.78
N GLN A 14 -29.08 22.97 0.63
CA GLN A 14 -30.05 21.91 0.44
C GLN A 14 -29.27 20.69 -0.10
N LYS A 15 -28.70 20.84 -1.29
CA LYS A 15 -27.97 19.75 -1.94
C LYS A 15 -26.58 19.39 -1.34
N VAL A 16 -26.48 18.16 -0.81
CA VAL A 16 -25.21 17.68 -0.23
C VAL A 16 -24.78 16.31 -0.71
N ALA A 17 -23.57 16.22 -1.23
CA ALA A 17 -23.04 14.95 -1.72
C ALA A 17 -21.71 14.51 -1.07
N ILE A 18 -21.50 13.21 -1.11
CA ILE A 18 -20.26 12.62 -0.63
C ILE A 18 -19.84 11.62 -1.70
N PHE A 19 -18.74 11.94 -2.38
CA PHE A 19 -18.18 11.05 -3.42
C PHE A 19 -17.17 10.09 -2.78
N GLY A 20 -17.25 8.83 -3.19
CA GLY A 20 -16.31 7.81 -2.75
C GLY A 20 -15.83 7.02 -3.96
N GLY A 21 -14.54 6.65 -3.99
CA GLY A 21 -14.01 5.90 -5.11
C GLY A 21 -13.54 6.76 -6.28
N THR A 22 -13.23 8.04 -6.06
CA THR A 22 -12.71 8.83 -7.19
C THR A 22 -11.35 8.26 -7.64
N HIS A 23 -10.56 7.83 -6.66
CA HIS A 23 -9.29 7.15 -6.93
C HIS A 23 -9.63 5.72 -6.53
N GLY A 24 -9.47 4.80 -7.48
CA GLY A 24 -9.79 3.40 -7.23
C GLY A 24 -8.94 2.75 -6.14
N ASN A 25 -7.65 3.03 -6.10
CA ASN A 25 -6.89 2.39 -5.08
C ASN A 25 -7.21 2.80 -3.65
N GLU A 26 -8.18 3.70 -3.42
CA GLU A 26 -8.56 4.15 -2.06
C GLU A 26 -10.00 3.71 -1.64
N LEU A 27 -10.10 2.61 -0.89
CA LEU A 27 -11.37 2.00 -0.51
C LEU A 27 -12.19 2.55 0.62
N THR A 28 -11.60 3.26 1.59
CA THR A 28 -12.42 3.71 2.72
C THR A 28 -13.82 4.20 2.30
N GLY A 29 -13.96 5.48 1.95
CA GLY A 29 -15.28 5.97 1.56
C GLY A 29 -16.11 5.09 0.60
N VAL A 30 -15.42 4.20 -0.14
CA VAL A 30 -16.04 3.29 -1.08
C VAL A 30 -16.91 2.32 -0.26
N PHE A 31 -16.28 1.47 0.53
CA PHE A 31 -16.98 0.53 1.39
C PHE A 31 -18.20 1.24 2.10
N LEU A 32 -18.03 2.53 2.40
CA LEU A 32 -19.03 3.38 3.03
C LEU A 32 -20.09 3.83 2.03
N VAL A 33 -19.64 4.28 0.87
CA VAL A 33 -20.59 4.76 -0.12
C VAL A 33 -21.28 3.59 -0.79
N LYS A 34 -20.50 2.61 -1.23
CA LYS A 34 -21.07 1.46 -1.88
C LYS A 34 -22.15 0.87 -0.94
N HIS A 35 -21.97 1.13 0.36
CA HIS A 35 -22.90 0.65 1.39
C HIS A 35 -24.17 1.51 1.45
N TRP A 36 -23.96 2.81 1.59
CA TRP A 36 -25.01 3.81 1.69
C TRP A 36 -25.70 3.98 0.33
N LEU A 37 -26.07 2.85 -0.23
CA LEU A 37 -26.75 2.79 -1.48
C LEU A 37 -27.66 1.55 -1.39
N GLU A 38 -27.51 0.77 -0.31
CA GLU A 38 -28.37 -0.38 -0.10
C GLU A 38 -29.18 -0.19 1.19
N ASN A 39 -28.52 -0.31 2.35
CA ASN A 39 -29.22 -0.12 3.61
C ASN A 39 -29.00 1.37 3.97
N GLY A 40 -28.74 2.12 2.90
CA GLY A 40 -28.50 3.54 2.99
C GLY A 40 -29.47 4.35 3.84
N ALA A 41 -28.91 4.73 5.00
CA ALA A 41 -29.54 5.48 6.08
C ALA A 41 -28.65 6.47 6.85
N GLU A 42 -27.50 6.00 7.38
CA GLU A 42 -26.62 6.88 8.16
C GLU A 42 -26.23 8.26 7.57
N ILE A 43 -26.30 8.39 6.26
CA ILE A 43 -25.94 9.64 5.57
C ILE A 43 -27.02 10.70 5.54
N GLN A 44 -28.15 10.42 6.16
CA GLN A 44 -29.28 11.34 6.15
C GLN A 44 -29.41 12.06 7.45
N ARG A 45 -29.81 13.32 7.43
CA ARG A 45 -29.98 14.01 8.71
C ARG A 45 -31.30 14.84 8.75
N THR A 46 -31.89 15.03 9.93
CA THR A 46 -33.14 15.79 9.99
C THR A 46 -32.90 17.15 9.36
N GLY A 47 -33.71 17.45 8.35
CA GLY A 47 -33.56 18.69 7.62
C GLY A 47 -32.28 18.70 6.82
N LEU A 48 -32.10 17.72 5.90
CA LEU A 48 -30.90 17.61 5.04
C LEU A 48 -30.84 16.35 4.14
N GLU A 49 -30.94 16.57 2.84
CA GLU A 49 -30.91 15.46 1.87
C GLU A 49 -29.49 15.33 1.29
N VAL A 50 -28.83 14.22 1.66
CA VAL A 50 -27.45 13.91 1.26
C VAL A 50 -27.40 12.69 0.33
N LYS A 51 -26.93 12.90 -0.90
CA LYS A 51 -26.91 11.87 -1.94
C LYS A 51 -25.67 11.03 -2.25
N PRO A 52 -25.53 9.85 -1.63
CA PRO A 52 -24.30 9.15 -2.03
C PRO A 52 -24.26 8.93 -3.52
N PHE A 53 -23.07 8.54 -3.97
CA PHE A 53 -22.78 8.33 -5.37
C PHE A 53 -21.39 7.72 -5.36
N ILE A 54 -21.23 6.49 -5.84
CA ILE A 54 -19.86 5.96 -5.85
C ILE A 54 -19.22 6.66 -7.01
N THR A 55 -18.19 7.47 -6.80
CA THR A 55 -17.60 8.24 -7.92
C THR A 55 -16.85 7.63 -9.11
N ASN A 56 -15.96 6.64 -8.91
CA ASN A 56 -15.29 6.06 -10.08
C ASN A 56 -15.49 4.55 -10.25
N PRO A 57 -16.48 4.16 -11.07
CA PRO A 57 -16.85 2.77 -11.34
C PRO A 57 -15.80 1.86 -11.99
N ARG A 58 -15.21 2.29 -13.11
CA ARG A 58 -14.22 1.42 -13.78
C ARG A 58 -12.99 1.02 -12.94
N ALA A 59 -12.45 2.01 -12.24
CA ALA A 59 -11.27 1.85 -11.41
C ALA A 59 -11.57 1.12 -10.10
N VAL A 60 -12.67 1.48 -9.43
CA VAL A 60 -13.06 0.84 -8.16
C VAL A 60 -13.09 -0.65 -8.41
N LYS A 61 -14.17 -1.09 -9.01
CA LYS A 61 -14.37 -2.49 -9.34
C LYS A 61 -13.08 -3.26 -9.58
N LYS A 62 -12.24 -2.69 -10.44
CA LYS A 62 -10.96 -3.23 -10.85
C LYS A 62 -9.85 -2.96 -9.83
N CYS A 63 -10.22 -2.19 -8.80
CA CYS A 63 -9.29 -1.69 -7.77
C CYS A 63 -8.12 -1.08 -8.54
N THR A 64 -8.19 0.21 -8.84
CA THR A 64 -7.09 0.71 -9.64
C THR A 64 -7.03 2.22 -9.91
N ARG A 65 -6.39 3.03 -9.06
CA ARG A 65 -6.28 4.51 -9.20
C ARG A 65 -7.17 4.97 -10.33
N TYR A 66 -6.78 4.69 -11.57
CA TYR A 66 -7.68 5.02 -12.68
C TYR A 66 -7.67 4.00 -13.85
N ILE A 67 -8.37 4.34 -14.92
CA ILE A 67 -8.45 3.50 -16.12
C ILE A 67 -7.65 4.11 -17.25
N ASP A 68 -7.84 5.41 -17.49
CA ASP A 68 -7.10 6.07 -18.55
C ASP A 68 -6.29 7.29 -18.08
N CYS A 69 -6.85 7.99 -17.08
CA CYS A 69 -6.23 9.18 -16.49
C CYS A 69 -6.93 9.52 -15.19
N ASP A 70 -6.30 10.32 -14.33
CA ASP A 70 -6.89 10.65 -13.03
C ASP A 70 -8.11 11.53 -13.10
N LEU A 71 -9.26 10.92 -12.78
CA LEU A 71 -10.55 11.60 -12.78
C LEU A 71 -10.49 12.87 -11.94
N ASN A 72 -9.51 12.87 -11.03
CA ASN A 72 -9.31 14.00 -10.12
C ASN A 72 -8.53 15.20 -10.66
N ARG A 73 -8.19 15.17 -11.95
CA ARG A 73 -7.39 16.25 -12.52
C ARG A 73 -8.02 16.87 -13.78
N ILE A 74 -9.29 16.55 -14.01
CA ILE A 74 -10.00 17.00 -15.19
C ILE A 74 -11.38 17.66 -14.97
N PHE A 75 -11.69 18.14 -13.77
CA PHE A 75 -12.98 18.79 -13.59
C PHE A 75 -12.85 20.32 -13.76
N ASP A 76 -12.53 20.67 -14.99
CA ASP A 76 -12.33 22.04 -15.37
C ASP A 76 -12.68 22.30 -16.84
N LEU A 77 -12.76 23.59 -17.20
CA LEU A 77 -13.13 23.98 -18.53
C LEU A 77 -12.23 23.38 -19.56
N GLU A 78 -10.94 23.21 -19.23
CA GLU A 78 -9.99 22.60 -20.15
C GLU A 78 -10.47 21.20 -20.58
N ASN A 79 -11.02 20.44 -19.62
CA ASN A 79 -11.50 19.10 -19.92
C ASN A 79 -12.95 18.88 -20.02
N LEU A 80 -13.73 19.46 -19.11
CA LEU A 80 -15.18 19.30 -19.15
C LEU A 80 -15.74 19.58 -20.52
N GLY A 81 -15.26 20.64 -21.17
CA GLY A 81 -15.73 20.98 -22.50
C GLY A 81 -15.41 20.15 -23.74
N LYS A 82 -14.49 19.19 -23.66
CA LYS A 82 -14.19 18.36 -24.83
C LYS A 82 -15.50 17.58 -25.18
N LYS A 83 -16.02 17.72 -26.42
CA LYS A 83 -17.28 17.05 -26.91
C LYS A 83 -17.59 15.55 -26.56
N SER A 85 -18.24 12.01 -26.56
CA SER A 85 -18.16 10.93 -27.52
C SER A 85 -17.70 9.60 -26.91
N GLU A 86 -17.99 8.55 -27.66
CA GLU A 86 -17.63 7.22 -27.21
C GLU A 86 -16.11 7.08 -27.16
N ASP A 87 -15.41 7.71 -28.11
CA ASP A 87 -13.98 7.61 -28.16
C ASP A 87 -13.23 8.43 -27.14
N LEU A 88 -13.93 9.21 -26.32
CA LEU A 88 -13.21 9.98 -25.29
C LEU A 88 -12.67 9.06 -24.17
N PRO A 89 -11.54 9.44 -23.55
CA PRO A 89 -10.99 8.60 -22.47
C PRO A 89 -12.00 8.48 -21.32
N TYR A 90 -12.42 7.24 -21.08
CA TYR A 90 -13.41 6.93 -20.04
C TYR A 90 -13.63 8.02 -18.97
N GLU A 91 -12.55 8.32 -18.22
CA GLU A 91 -12.61 9.31 -17.16
C GLU A 91 -13.23 10.65 -17.58
N VAL A 92 -12.83 11.17 -18.75
CA VAL A 92 -13.43 12.42 -19.21
C VAL A 92 -14.98 12.28 -19.29
N ARG A 93 -15.43 11.34 -20.10
CA ARG A 93 -16.85 11.03 -20.25
C ARG A 93 -17.54 10.94 -18.86
N ARG A 94 -16.85 10.33 -17.91
CA ARG A 94 -17.39 10.14 -16.59
C ARG A 94 -17.41 11.51 -15.89
N ALA A 95 -16.41 12.35 -16.21
CA ALA A 95 -16.32 13.71 -15.64
C ALA A 95 -17.44 14.59 -16.22
N GLN A 96 -17.65 14.50 -17.53
CA GLN A 96 -18.70 15.26 -18.19
C GLN A 96 -20.02 14.91 -17.53
N GLU A 97 -20.30 13.61 -17.51
CA GLU A 97 -21.52 13.08 -16.90
C GLU A 97 -21.56 13.63 -15.46
N ILE A 98 -20.63 13.19 -14.60
CA ILE A 98 -20.60 13.67 -13.21
C ILE A 98 -20.71 15.20 -13.14
N ASN A 99 -19.86 15.88 -13.90
CA ASN A 99 -19.93 17.33 -13.96
C ASN A 99 -21.38 17.80 -14.25
N HIS A 100 -22.10 17.08 -15.11
CA HIS A 100 -23.49 17.45 -15.45
C HIS A 100 -24.40 16.89 -14.38
N LEU A 101 -24.17 15.61 -14.08
CA LEU A 101 -24.94 14.90 -13.09
C LEU A 101 -25.14 15.71 -11.83
N PHE A 102 -24.06 16.24 -11.26
CA PHE A 102 -24.16 17.06 -10.05
C PHE A 102 -23.96 18.53 -10.44
N GLY A 103 -23.61 18.75 -11.71
CA GLY A 103 -23.32 20.10 -12.17
C GLY A 103 -24.47 21.09 -12.17
N PRO A 104 -24.32 22.19 -12.93
CA PRO A 104 -23.14 22.49 -13.78
C PRO A 104 -22.15 23.25 -12.91
N LYS A 105 -20.86 22.99 -13.09
CA LYS A 105 -19.85 23.70 -12.30
C LYS A 105 -19.98 25.19 -12.62
N ASP A 106 -19.85 26.03 -11.59
CA ASP A 106 -19.98 27.50 -11.73
C ASP A 106 -21.42 28.05 -11.87
N SER A 107 -22.38 27.40 -11.22
CA SER A 107 -23.77 27.82 -11.21
C SER A 107 -24.57 27.26 -10.00
N GLU A 108 -25.11 28.20 -9.25
CA GLU A 108 -25.94 28.00 -8.07
C GLU A 108 -26.69 26.67 -8.13
N ASP A 109 -26.93 26.18 -9.33
CA ASP A 109 -27.62 24.91 -9.52
C ASP A 109 -26.90 23.74 -8.86
N SER A 110 -25.62 23.55 -9.21
CA SER A 110 -24.85 22.42 -8.69
C SER A 110 -24.84 22.31 -7.18
N TYR A 111 -24.88 21.07 -6.70
CA TYR A 111 -24.86 20.79 -5.26
C TYR A 111 -24.01 21.88 -4.55
N ASP A 112 -24.32 22.20 -3.30
CA ASP A 112 -23.61 23.26 -2.61
C ASP A 112 -22.27 22.87 -2.04
N ILE A 113 -22.25 21.68 -1.44
CA ILE A 113 -21.02 21.13 -0.89
C ILE A 113 -20.95 19.64 -1.26
N ILE A 114 -19.81 19.21 -1.80
CA ILE A 114 -19.56 17.80 -2.14
C ILE A 114 -18.35 17.45 -1.26
N PHE A 115 -18.36 16.29 -0.61
CA PHE A 115 -17.19 15.83 0.20
C PHE A 115 -16.74 14.48 -0.41
N ASP A 116 -15.63 14.44 -1.15
CA ASP A 116 -15.13 13.15 -1.70
C ASP A 116 -14.13 12.54 -0.69
N LEU A 117 -14.37 11.30 -0.29
CA LEU A 117 -13.44 10.65 0.61
C LEU A 117 -12.19 10.13 -0.16
N HIS A 118 -11.03 10.30 0.46
CA HIS A 118 -9.77 9.86 -0.11
C HIS A 118 -8.86 9.12 0.92
N ASN A 119 -7.79 8.51 0.40
CA ASN A 119 -6.83 7.74 1.19
C ASN A 119 -5.41 8.13 0.82
N THR A 120 -4.47 7.94 1.74
CA THR A 120 -3.06 8.22 1.46
C THR A 120 -2.14 7.30 2.25
N THR A 121 -1.51 6.36 1.56
CA THR A 121 -0.60 5.41 2.19
C THR A 121 0.42 6.16 3.03
N SER A 122 0.48 7.47 2.86
CA SER A 122 1.38 8.28 3.63
C SER A 122 0.76 8.54 5.02
N ASN A 123 1.62 8.94 5.95
CA ASN A 123 1.21 9.18 7.32
C ASN A 123 0.49 10.50 7.62
N GLY A 125 -2.50 11.14 8.38
CA GLY A 125 -3.45 11.17 9.49
C GLY A 125 -4.63 11.96 8.95
N CYS A 126 -5.56 12.39 9.80
CA CYS A 126 -6.72 13.15 9.28
C CYS A 126 -6.35 14.51 8.75
N THR A 127 -6.73 14.73 7.49
CA THR A 127 -6.45 15.99 6.82
C THR A 127 -7.68 16.51 6.06
N LEU A 128 -7.85 17.83 6.03
CA LEU A 128 -8.97 18.44 5.30
C LEU A 128 -8.50 19.11 4.00
N ILE A 129 -9.17 18.79 2.89
CA ILE A 129 -8.74 19.36 1.65
C ILE A 129 -9.56 20.61 1.24
N LEU A 130 -8.96 21.73 1.66
CA LEU A 130 -9.43 23.08 1.46
C LEU A 130 -8.80 23.63 0.23
N GLU A 131 -9.54 23.79 -0.87
CA GLU A 131 -8.90 24.35 -2.08
C GLU A 131 -9.10 25.84 -2.24
N ASP A 132 -9.59 26.55 -1.21
CA ASP A 132 -9.78 28.01 -1.29
C ASP A 132 -8.94 28.78 -0.27
N SER A 133 -8.19 29.79 -0.73
CA SER A 133 -7.39 30.61 0.16
C SER A 133 -8.32 31.56 0.87
N ARG A 134 -8.70 32.63 0.17
CA ARG A 134 -9.63 33.64 0.70
C ARG A 134 -10.98 32.96 0.62
N ASN A 135 -11.40 32.46 1.76
CA ASN A 135 -12.66 31.74 1.86
C ASN A 135 -13.26 31.97 3.24
N ASN A 136 -14.38 31.30 3.50
CA ASN A 136 -15.06 31.45 4.76
C ASN A 136 -15.67 30.15 5.30
N PHE A 137 -16.89 29.86 4.83
CA PHE A 137 -17.66 28.70 5.28
C PHE A 137 -16.92 27.36 5.54
N LEU A 138 -15.71 27.21 5.01
CA LEU A 138 -14.96 25.97 5.23
C LEU A 138 -14.04 26.16 6.44
N ILE A 139 -13.52 27.37 6.60
CA ILE A 139 -12.63 27.65 7.73
C ILE A 139 -13.43 27.30 9.00
N GLN A 140 -14.67 27.78 9.03
CA GLN A 140 -15.57 27.53 10.14
C GLN A 140 -15.92 26.04 10.18
N PHE A 142 -14.13 23.51 9.15
CA PHE A 142 -13.00 22.76 9.63
C PHE A 142 -12.59 22.97 11.10
N HIS A 143 -12.52 24.23 11.53
CA HIS A 143 -12.14 24.52 12.89
C HIS A 143 -13.13 23.75 13.74
N TYR A 144 -14.38 23.66 13.26
CA TYR A 144 -15.44 22.90 13.98
C TYR A 144 -15.14 21.38 14.05
N ILE A 145 -15.25 20.69 12.90
CA ILE A 145 -15.04 19.23 12.82
C ILE A 145 -13.77 18.76 13.54
N LYS A 146 -12.77 19.63 13.56
CA LYS A 146 -11.46 19.34 14.14
C LYS A 146 -11.33 19.45 15.67
N THR A 147 -11.61 20.64 16.21
CA THR A 147 -11.49 20.92 17.66
C THR A 147 -12.12 19.83 18.52
N SER A 148 -13.36 19.57 18.17
CA SER A 148 -14.18 18.57 18.84
C SER A 148 -13.42 17.34 19.44
N LEU A 149 -13.14 16.39 18.51
CA LEU A 149 -12.35 15.14 18.69
C LEU A 149 -10.92 15.48 18.95
N ALA A 150 -10.48 16.61 18.43
CA ALA A 150 -9.14 17.07 18.80
C ALA A 150 -9.14 16.97 20.31
N PRO A 151 -8.08 16.53 21.04
CA PRO A 151 -6.75 15.98 20.74
C PRO A 151 -6.42 15.25 19.42
N LEU A 152 -7.29 14.35 18.99
CA LEU A 152 -7.00 13.68 17.77
C LEU A 152 -6.63 14.80 16.80
N PRO A 153 -5.40 14.75 16.26
CA PRO A 153 -4.90 15.75 15.32
C PRO A 153 -5.88 15.69 14.17
N CYS A 154 -5.82 16.67 13.28
CA CYS A 154 -6.75 16.70 12.15
C CYS A 154 -6.25 17.93 11.46
N TYR A 155 -5.26 17.71 10.60
CA TYR A 155 -4.59 18.76 9.86
C TYR A 155 -5.38 19.16 8.64
N VAL A 156 -5.29 20.44 8.30
CA VAL A 156 -5.99 20.97 7.14
C VAL A 156 -4.93 21.37 6.10
N TYR A 157 -5.03 20.79 4.90
CA TYR A 157 -4.12 21.08 3.81
C TYR A 157 -4.76 22.10 2.87
N LEU A 158 -4.03 23.18 2.56
CA LEU A 158 -4.54 24.21 1.65
C LEU A 158 -3.82 24.22 0.29
N ILE A 159 -4.49 23.86 -0.81
CA ILE A 159 -3.82 23.89 -2.13
C ILE A 159 -3.79 25.33 -2.64
N GLU A 160 -2.63 25.91 -2.97
CA GLU A 160 -2.68 27.34 -3.39
C GLU A 160 -2.84 27.80 -4.88
N HIS A 161 -3.97 28.39 -5.27
CA HIS A 161 -4.06 28.79 -6.69
C HIS A 161 -4.19 30.25 -7.12
N PRO A 162 -3.13 30.84 -7.69
CA PRO A 162 -3.25 32.22 -8.11
C PRO A 162 -4.54 32.46 -8.87
N SER A 163 -4.62 31.89 -10.07
CA SER A 163 -5.79 31.96 -10.94
C SER A 163 -6.98 31.28 -10.27
N LEU A 164 -6.72 30.31 -9.41
CA LEU A 164 -7.82 29.63 -8.69
C LEU A 164 -8.53 28.51 -9.50
N LYS A 165 -7.82 27.89 -10.43
CA LYS A 165 -8.43 26.87 -11.26
C LYS A 165 -8.14 25.38 -10.90
N TYR A 166 -8.84 24.92 -9.85
CA TYR A 166 -8.76 23.55 -9.30
C TYR A 166 -9.45 22.54 -10.19
N ALA A 167 -8.80 21.41 -10.52
CA ALA A 167 -9.45 20.44 -11.41
C ALA A 167 -9.96 19.20 -10.66
N THR A 168 -10.18 19.38 -9.36
CA THR A 168 -10.65 18.33 -8.47
C THR A 168 -12.07 17.91 -8.80
N THR A 169 -12.57 16.96 -8.02
CA THR A 169 -13.93 16.41 -8.19
C THR A 169 -14.91 17.34 -7.47
N ARG A 170 -14.73 17.45 -6.16
CA ARG A 170 -15.58 18.30 -5.29
C ARG A 170 -15.59 19.83 -5.60
N SER A 171 -14.83 20.20 -6.64
CA SER A 171 -14.70 21.58 -7.05
C SER A 171 -15.88 22.00 -7.93
N ILE A 172 -16.71 21.05 -8.33
CA ILE A 172 -17.89 21.44 -9.07
C ILE A 172 -18.78 22.22 -8.04
N ALA A 173 -18.51 22.05 -6.75
CA ALA A 173 -19.31 22.69 -5.68
C ALA A 173 -18.87 24.07 -5.18
N LYS A 174 -19.83 24.83 -4.62
CA LYS A 174 -19.58 26.16 -4.05
C LYS A 174 -18.68 26.01 -2.83
N TYR A 175 -18.76 24.84 -2.22
CA TYR A 175 -17.98 24.53 -1.05
C TYR A 175 -17.41 23.11 -1.15
N PRO A 176 -16.22 22.98 -1.77
CA PRO A 176 -15.53 21.68 -1.95
C PRO A 176 -14.94 21.19 -0.65
N VAL A 177 -15.23 19.95 -0.28
CA VAL A 177 -14.65 19.39 0.93
C VAL A 177 -13.93 18.08 0.56
N GLY A 178 -12.61 18.11 0.72
CA GLY A 178 -11.83 16.93 0.42
C GLY A 178 -11.39 16.29 1.72
N ILE A 179 -11.72 15.02 1.95
CA ILE A 179 -11.24 14.35 3.16
C ILE A 179 -10.22 13.26 2.75
N GLU A 180 -8.96 13.44 3.16
CA GLU A 180 -7.91 12.48 2.81
C GLU A 180 -7.32 12.00 4.09
N VAL A 181 -7.34 10.69 4.32
CA VAL A 181 -6.75 10.18 5.56
C VAL A 181 -5.77 9.05 5.33
N GLY A 182 -4.70 9.05 6.12
CA GLY A 182 -3.66 8.02 6.05
C GLY A 182 -3.13 7.66 7.43
N PRO A 183 -2.32 6.61 7.56
CA PRO A 183 -1.86 5.75 6.46
C PRO A 183 -2.61 4.45 6.21
N GLN A 184 -2.73 4.10 4.92
CA GLN A 184 -3.34 2.84 4.58
C GLN A 184 -2.77 2.51 3.24
N PRO A 185 -2.35 1.24 3.00
CA PRO A 185 -1.81 0.94 1.67
C PRO A 185 -2.94 0.92 0.62
N GLN A 186 -2.63 1.19 -0.65
CA GLN A 186 -3.69 1.11 -1.64
C GLN A 186 -4.08 -0.38 -1.75
N GLY A 187 -5.38 -0.61 -2.06
CA GLY A 187 -5.90 -1.95 -2.26
C GLY A 187 -6.33 -2.64 -0.99
N VAL A 188 -6.09 -1.95 0.12
CA VAL A 188 -6.42 -2.52 1.42
C VAL A 188 -7.53 -1.66 2.03
N LEU A 189 -8.21 -2.21 3.05
CA LEU A 189 -9.27 -1.52 3.80
C LEU A 189 -9.17 -1.75 5.33
N ARG A 190 -8.43 -0.90 6.04
CA ARG A 190 -8.26 -0.99 7.51
C ARG A 190 -9.43 -0.39 8.31
N ALA A 191 -9.93 -1.15 9.30
CA ALA A 191 -11.07 -0.71 10.12
C ALA A 191 -10.80 0.63 10.76
N ASP A 192 -9.86 0.62 11.68
CA ASP A 192 -9.43 1.79 12.41
C ASP A 192 -9.52 3.07 11.56
N ILE A 193 -8.82 3.10 10.43
CA ILE A 193 -8.88 4.23 9.52
C ILE A 193 -10.38 4.53 9.39
N LEU A 194 -11.06 3.69 8.62
CA LEU A 194 -12.49 3.84 8.40
C LEU A 194 -13.26 4.57 9.53
N ASP A 195 -12.81 4.39 10.76
CA ASP A 195 -13.44 5.00 11.89
C ASP A 195 -12.65 6.22 12.29
N GLN A 196 -11.31 6.12 12.27
CA GLN A 196 -10.48 7.28 12.61
C GLN A 196 -10.88 8.22 11.54
N ARG A 198 -14.53 8.04 9.68
CA ARG A 198 -15.88 8.58 9.73
C ARG A 198 -16.11 9.69 10.74
N LYS A 199 -15.47 9.63 11.89
CA LYS A 199 -15.64 10.71 12.86
C LYS A 199 -15.49 12.08 12.14
N ILE A 201 -16.65 12.66 8.76
CA ILE A 201 -17.91 12.84 8.05
C ILE A 201 -19.05 13.22 9.02
N LYS A 202 -19.30 12.34 10.00
CA LYS A 202 -20.37 12.59 10.95
C LYS A 202 -20.44 14.09 11.25
N HIS A 203 -19.40 14.62 11.90
CA HIS A 203 -19.33 16.05 12.22
C HIS A 203 -19.08 16.77 10.92
N ALA A 204 -20.10 16.73 10.08
CA ALA A 204 -20.09 17.34 8.76
C ALA A 204 -21.44 17.01 8.10
N LEU A 205 -22.04 15.89 8.48
CA LEU A 205 -23.35 15.52 7.93
C LEU A 205 -24.36 15.91 8.97
N ASP A 206 -23.87 16.55 10.02
CA ASP A 206 -24.64 17.07 11.15
C ASP A 206 -24.35 18.55 11.00
N PHE A 207 -23.13 18.85 10.55
CA PHE A 207 -22.66 20.22 10.36
C PHE A 207 -23.59 21.07 9.50
N ILE A 208 -23.87 20.61 8.29
CA ILE A 208 -24.77 21.39 7.43
C ILE A 208 -26.17 21.33 8.02
N HIS A 209 -26.42 20.25 8.77
CA HIS A 209 -27.72 19.94 9.44
C HIS A 209 -28.18 20.94 10.48
N HIS A 210 -27.42 21.05 11.55
CA HIS A 210 -27.74 22.01 12.56
C HIS A 210 -27.50 23.41 11.95
N PHE A 211 -26.68 23.50 10.91
CA PHE A 211 -26.47 24.80 10.30
C PHE A 211 -27.77 25.11 9.53
N ASN A 212 -28.77 24.32 9.86
CA ASN A 212 -30.11 24.45 9.30
C ASN A 212 -31.07 24.40 10.50
N GLU A 213 -30.62 23.83 11.63
CA GLU A 213 -31.42 23.71 12.86
C GLU A 213 -31.10 24.92 13.74
N GLY A 214 -30.73 26.00 13.07
CA GLY A 214 -30.41 27.26 13.72
C GLY A 214 -29.40 27.16 14.85
N LYS A 215 -28.25 27.81 14.66
CA LYS A 215 -27.18 27.83 15.65
C LYS A 215 -26.51 29.20 15.55
N GLU A 216 -25.27 29.29 16.03
CA GLU A 216 -24.47 30.53 15.96
C GLU A 216 -22.96 30.23 16.10
N PHE A 217 -22.14 30.94 15.34
CA PHE A 217 -20.70 30.71 15.37
C PHE A 217 -19.82 31.95 15.42
N PRO A 218 -19.14 32.16 16.56
CA PRO A 218 -18.23 33.30 16.82
C PRO A 218 -16.96 33.19 16.01
N PRO A 219 -16.16 34.26 16.01
CA PRO A 219 -14.90 34.23 15.24
C PRO A 219 -14.17 32.91 15.45
N CYS A 220 -13.30 32.54 14.49
CA CYS A 220 -12.53 31.30 14.57
C CYS A 220 -11.24 31.41 13.74
N ALA A 221 -10.21 30.71 14.18
CA ALA A 221 -8.94 30.70 13.45
C ALA A 221 -8.37 29.28 13.44
N ILE A 222 -7.66 28.89 12.39
CA ILE A 222 -7.00 27.56 12.36
C ILE A 222 -5.61 27.67 11.74
N GLU A 223 -4.73 26.70 11.99
CA GLU A 223 -3.41 26.71 11.35
C GLU A 223 -3.52 25.81 10.09
N VAL A 224 -2.69 26.07 9.08
CA VAL A 224 -2.67 25.30 7.84
C VAL A 224 -1.26 25.17 7.19
N TYR A 225 -1.17 24.36 6.13
CA TYR A 225 0.09 24.10 5.42
C TYR A 225 -0.08 24.16 3.91
N LYS A 226 0.92 24.74 3.27
CA LYS A 226 0.91 24.94 1.82
C LYS A 226 2.29 24.67 1.19
N ILE A 227 2.27 24.08 0.00
CA ILE A 227 3.50 23.70 -0.68
C ILE A 227 4.38 24.83 -1.19
N ILE A 228 5.46 25.08 -0.46
CA ILE A 228 6.47 26.11 -0.76
C ILE A 228 7.54 25.60 -1.73
N GLU A 229 7.54 24.29 -2.01
CA GLU A 229 8.52 23.66 -2.91
C GLU A 229 8.31 22.16 -2.94
N LYS A 230 8.22 21.61 -4.15
CA LYS A 230 8.07 20.16 -4.31
C LYS A 230 9.48 19.52 -4.22
N VAL A 231 9.57 18.37 -3.58
CA VAL A 231 10.86 17.70 -3.45
C VAL A 231 10.72 16.24 -3.74
N ASP A 232 11.43 15.83 -4.80
CA ASP A 232 11.44 14.47 -5.25
C ASP A 232 12.79 13.83 -4.88
N TYR A 233 12.84 12.50 -4.86
CA TYR A 233 14.06 11.79 -4.54
C TYR A 233 15.10 12.29 -5.56
N PRO A 234 16.36 11.85 -5.44
CA PRO A 234 17.51 12.14 -6.29
C PRO A 234 17.42 11.26 -7.54
N ARG A 235 17.91 11.74 -8.68
CA ARG A 235 17.86 10.87 -9.87
C ARG A 235 19.30 10.57 -10.35
N ASP A 236 19.46 9.69 -11.34
CA ASP A 236 20.81 9.39 -11.85
C ASP A 236 20.88 9.69 -13.34
N GLU A 237 21.91 9.18 -14.02
CA GLU A 237 22.04 9.46 -15.45
C GLU A 237 20.75 9.08 -16.18
N ASN A 238 20.44 7.77 -16.24
CA ASN A 238 19.21 7.31 -16.88
C ASN A 238 18.05 8.06 -16.26
N GLY A 239 18.30 8.61 -15.07
CA GLY A 239 17.29 9.36 -14.37
C GLY A 239 16.49 8.53 -13.38
N GLU A 240 17.13 7.58 -12.73
CA GLU A 240 16.40 6.74 -11.80
C GLU A 240 16.59 7.21 -10.38
N ILE A 241 15.64 6.81 -9.55
CA ILE A 241 15.64 7.13 -8.11
C ILE A 241 16.94 6.59 -7.51
N ALA A 242 17.71 7.52 -6.94
CA ALA A 242 19.02 7.21 -6.38
C ALA A 242 19.05 7.04 -4.88
N ALA A 243 18.08 7.65 -4.21
CA ALA A 243 18.02 7.54 -2.75
C ALA A 243 16.54 7.54 -2.25
N ILE A 244 16.26 6.78 -1.18
CA ILE A 244 14.93 6.66 -0.57
C ILE A 244 14.63 7.77 0.46
N ILE A 245 13.39 7.85 0.91
CA ILE A 245 13.07 8.86 1.93
C ILE A 245 13.75 8.32 3.19
N HIS A 246 14.52 9.17 3.89
CA HIS A 246 15.25 8.73 5.08
C HIS A 246 14.39 8.13 6.21
N PRO A 247 14.99 7.31 7.06
CA PRO A 247 14.06 6.81 8.08
C PRO A 247 13.56 7.86 9.07
N ASN A 248 14.31 8.93 9.33
CA ASN A 248 13.80 9.92 10.26
C ASN A 248 12.84 10.89 9.58
N LEU A 249 12.76 10.79 8.26
CA LEU A 249 11.87 11.63 7.46
C LEU A 249 10.84 10.74 6.77
N GLN A 250 10.23 9.88 7.59
CA GLN A 250 9.16 8.94 7.19
C GLN A 250 8.16 8.80 8.35
N ASP A 251 6.87 8.90 8.01
CA ASP A 251 5.78 8.75 8.96
C ASP A 251 5.47 10.01 9.74
N GLN A 252 6.51 10.79 9.98
CA GLN A 252 6.42 12.05 10.72
C GLN A 252 6.04 13.25 9.85
N ASP A 253 4.89 13.16 9.18
CA ASP A 253 4.41 14.24 8.33
C ASP A 253 4.14 15.48 9.16
N TRP A 254 4.14 16.62 8.50
CA TRP A 254 3.94 17.94 9.11
C TRP A 254 5.04 18.37 10.08
N LYS A 255 5.65 17.42 10.81
CA LYS A 255 6.72 17.74 11.77
C LYS A 255 7.82 18.48 10.96
N PRO A 256 8.30 19.61 11.49
CA PRO A 256 9.31 20.51 10.94
C PRO A 256 10.67 19.96 10.53
N LEU A 257 10.85 19.71 9.25
CA LEU A 257 12.09 19.16 8.74
C LEU A 257 13.14 20.25 8.83
N HIS A 258 14.24 19.99 9.52
CA HIS A 258 15.28 21.02 9.68
C HIS A 258 16.54 20.83 8.79
N PRO A 259 17.42 21.83 8.78
CA PRO A 259 18.69 21.89 8.04
C PRO A 259 19.58 20.65 7.87
N GLY A 260 19.86 19.95 8.95
CA GLY A 260 20.69 18.77 8.82
C GLY A 260 19.88 17.50 8.97
N ASP A 261 18.61 17.67 9.33
CA ASP A 261 17.68 16.57 9.53
C ASP A 261 17.80 15.73 8.29
N PRO A 262 18.04 14.42 8.44
CA PRO A 262 18.17 13.59 7.23
C PRO A 262 16.99 13.79 6.30
N PHE A 264 17.08 12.12 2.63
CA PHE A 264 17.09 10.95 1.80
C PHE A 264 18.16 10.02 2.28
N LEU A 265 18.03 8.77 1.84
CA LEU A 265 19.01 7.75 2.11
C LEU A 265 19.33 7.06 0.77
N THR A 266 20.60 7.03 0.39
CA THR A 266 21.02 6.37 -0.85
C THR A 266 21.35 4.94 -0.44
N LEU A 267 21.10 3.98 -1.32
CA LEU A 267 21.32 2.58 -0.99
C LEU A 267 22.77 2.31 -0.54
N ASP A 268 23.66 3.28 -0.69
CA ASP A 268 25.04 3.07 -0.25
C ASP A 268 25.26 3.58 1.18
N GLY A 269 24.13 3.80 1.86
CA GLY A 269 24.15 4.20 3.25
C GLY A 269 24.43 5.61 3.70
N LYS A 270 24.54 6.56 2.78
CA LYS A 270 24.82 7.92 3.22
C LYS A 270 23.59 8.82 3.43
N THR A 271 23.67 9.75 4.38
CA THR A 271 22.52 10.66 4.57
C THR A 271 22.61 11.98 3.80
N ILE A 272 21.51 12.34 3.15
CA ILE A 272 21.41 13.57 2.39
C ILE A 272 20.47 14.48 3.21
N PRO A 273 20.98 15.62 3.72
CA PRO A 273 20.22 16.57 4.54
C PRO A 273 19.57 17.77 3.88
N LEU A 274 18.47 18.23 4.49
CA LEU A 274 17.71 19.37 4.01
C LEU A 274 18.55 20.62 3.77
N GLY A 275 19.66 20.77 4.51
CA GLY A 275 20.50 21.94 4.31
C GLY A 275 19.85 23.32 4.17
N GLY A 276 20.69 24.35 3.99
CA GLY A 276 20.21 25.72 3.84
C GLY A 276 19.54 26.34 5.06
N ASP A 277 19.86 27.62 5.34
CA ASP A 277 19.25 28.29 6.49
C ASP A 277 17.79 28.68 6.25
N CYS A 278 16.93 27.65 6.12
CA CYS A 278 15.49 27.85 5.91
C CYS A 278 14.66 26.60 6.23
N THR A 279 14.04 26.59 7.40
CA THR A 279 13.24 25.47 7.91
C THR A 279 11.99 25.20 7.08
N VAL A 280 11.49 23.96 7.15
CA VAL A 280 10.27 23.60 6.41
C VAL A 280 9.43 22.52 7.10
N TYR A 281 8.25 22.22 6.53
CA TYR A 281 7.37 21.21 7.12
C TYR A 281 6.93 20.28 5.99
N PRO A 282 7.45 19.03 5.94
CA PRO A 282 7.03 18.11 4.85
C PRO A 282 5.77 17.30 5.10
N VAL A 283 4.93 17.21 4.06
CA VAL A 283 3.66 16.47 4.06
C VAL A 283 3.73 15.54 2.84
N PHE A 284 2.93 14.46 2.85
CA PHE A 284 2.93 13.45 1.77
C PHE A 284 4.22 12.59 1.71
N VAL A 285 4.82 12.32 2.87
CA VAL A 285 6.05 11.57 2.89
C VAL A 285 5.89 10.13 2.47
N ASN A 286 6.50 9.83 1.31
CA ASN A 286 6.49 8.50 0.73
C ASN A 286 5.10 7.99 0.36
N GLU A 287 4.37 8.78 -0.46
CA GLU A 287 3.05 8.41 -0.93
C GLU A 287 3.24 7.69 -2.26
N ALA A 288 2.47 6.63 -2.45
CA ALA A 288 2.53 5.76 -3.62
C ALA A 288 2.27 6.49 -4.91
N ALA A 289 1.19 7.27 -4.96
CA ALA A 289 0.84 8.03 -6.18
C ALA A 289 1.86 9.12 -6.53
N TYR A 290 2.65 9.56 -5.55
CA TYR A 290 3.61 10.61 -5.85
C TYR A 290 4.98 10.15 -6.42
N TYR A 291 5.35 8.85 -6.39
CA TYR A 291 6.66 8.48 -6.98
C TYR A 291 6.80 9.00 -8.43
N GLU A 292 5.93 8.52 -9.31
CA GLU A 292 5.99 8.98 -10.69
C GLU A 292 5.60 10.46 -10.71
N LYS A 293 4.77 10.84 -9.74
CA LYS A 293 4.30 12.23 -9.59
C LYS A 293 5.46 13.10 -9.09
N LYS A 294 6.66 12.79 -9.57
CA LYS A 294 7.89 13.51 -9.18
C LYS A 294 7.85 14.29 -7.87
N GLU A 295 7.18 13.73 -6.88
CA GLU A 295 7.08 14.34 -5.57
C GLU A 295 7.41 13.30 -4.51
N ALA A 296 8.56 13.44 -3.87
CA ALA A 296 8.94 12.51 -2.84
C ALA A 296 8.21 12.94 -1.55
N PHE A 297 7.58 14.10 -1.63
CA PHE A 297 6.78 14.67 -0.54
C PHE A 297 6.44 16.09 -0.87
N ALA A 298 5.62 16.70 -0.03
CA ALA A 298 5.27 18.09 -0.24
C ALA A 298 5.83 18.90 0.94
N LYS A 299 6.59 19.97 0.61
CA LYS A 299 7.19 20.84 1.62
C LYS A 299 6.19 21.96 1.92
N THR A 300 5.99 22.26 3.20
CA THR A 300 4.98 23.28 3.60
C THR A 300 5.46 24.26 4.68
N THR A 301 4.89 25.48 4.70
CA THR A 301 5.18 26.51 5.73
C THR A 301 3.86 26.71 6.50
N LYS A 302 3.91 26.58 7.83
CA LYS A 302 2.74 26.73 8.69
C LYS A 302 1.99 28.04 8.45
N LEU A 303 0.65 28.02 8.59
CA LEU A 303 -0.20 29.22 8.38
C LEU A 303 -1.57 29.23 9.16
N THR A 304 -1.83 30.30 9.92
CA THR A 304 -3.06 30.40 10.74
C THR A 304 -4.26 31.15 10.09
N LEU A 305 -5.20 30.41 9.49
CA LEU A 305 -6.36 31.01 8.85
C LEU A 305 -7.48 31.38 9.82
N ASN A 306 -8.15 32.52 9.55
CA ASN A 306 -9.22 33.11 10.39
C ASN A 306 -10.50 33.57 9.68
N ALA A 307 -11.63 33.64 10.38
CA ALA A 307 -12.87 34.07 9.73
C ALA A 307 -13.81 35.06 10.50
N LYS A 308 -14.62 35.81 9.74
CA LYS A 308 -15.59 36.73 10.34
C LYS A 308 -16.72 35.85 10.86
N SER A 309 -17.17 36.13 12.09
CA SER A 309 -18.24 35.39 12.76
C SER A 309 -19.55 35.40 11.99
N ILE A 310 -20.15 34.22 11.79
CA ILE A 310 -21.41 34.12 11.02
C ILE A 310 -22.57 33.29 11.54
N ARG A 311 -23.71 33.47 10.85
CA ARG A 311 -24.99 32.80 11.12
C ARG A 311 -25.68 32.52 9.79
N CYS A 312 -26.56 31.53 9.74
CA CYS A 312 -27.28 31.19 8.51
C CYS A 312 -28.32 32.24 8.09
N GLU B 11 26.28 -31.62 -2.20
CA GLU B 11 27.30 -30.98 -3.05
C GLU B 11 27.44 -29.48 -2.83
N HIS B 12 28.68 -29.01 -3.04
CA HIS B 12 29.11 -27.63 -2.90
C HIS B 12 28.31 -26.64 -3.79
N ILE B 13 27.75 -25.63 -3.12
CA ILE B 13 26.93 -24.60 -3.78
C ILE B 13 27.77 -23.81 -4.78
N GLN B 14 27.16 -23.38 -5.89
CA GLN B 14 27.91 -22.65 -6.91
C GLN B 14 27.18 -21.50 -7.62
N LYS B 15 26.07 -21.82 -8.26
CA LYS B 15 25.29 -20.82 -8.97
C LYS B 15 24.12 -20.35 -8.10
N VAL B 16 24.20 -19.11 -7.63
CA VAL B 16 23.18 -18.55 -6.75
C VAL B 16 22.48 -17.37 -7.41
N ALA B 17 21.19 -17.26 -7.12
CA ALA B 17 20.45 -16.14 -7.67
C ALA B 17 19.59 -15.43 -6.63
N ILE B 18 19.58 -14.10 -6.72
CA ILE B 18 18.75 -13.26 -5.89
C ILE B 18 17.81 -12.64 -6.92
N PHE B 19 16.59 -13.15 -7.02
CA PHE B 19 15.56 -12.64 -7.95
C PHE B 19 14.73 -11.55 -7.25
N GLY B 20 14.50 -10.45 -7.98
CA GLY B 20 13.72 -9.32 -7.46
C GLY B 20 12.76 -8.88 -8.55
N GLY B 21 11.66 -8.21 -8.21
CA GLY B 21 10.72 -7.82 -9.25
C GLY B 21 9.81 -8.92 -9.83
N THR B 22 9.67 -10.05 -9.13
CA THR B 22 8.80 -11.13 -9.58
C THR B 22 7.39 -10.51 -9.62
N HIS B 23 7.14 -9.65 -8.64
CA HIS B 23 5.91 -8.89 -8.58
C HIS B 23 6.31 -7.41 -8.82
N GLY B 24 6.00 -6.89 -10.02
CA GLY B 24 6.40 -5.55 -10.40
C GLY B 24 6.36 -4.38 -9.45
N ASN B 25 5.41 -4.42 -8.50
CA ASN B 25 5.19 -3.34 -7.55
C ASN B 25 5.62 -3.62 -6.11
N GLU B 26 6.54 -4.59 -5.96
CA GLU B 26 7.16 -4.97 -4.69
C GLU B 26 8.62 -4.54 -4.94
N LEU B 27 8.84 -3.25 -4.72
CA LEU B 27 10.09 -2.53 -4.99
C LEU B 27 11.35 -2.83 -4.18
N THR B 28 11.26 -3.09 -2.87
CA THR B 28 12.48 -3.30 -2.09
C THR B 28 13.45 -4.24 -2.83
N GLY B 29 12.89 -5.22 -3.51
CA GLY B 29 13.73 -6.11 -4.27
C GLY B 29 14.16 -5.50 -5.60
N VAL B 30 13.28 -4.70 -6.20
CA VAL B 30 13.64 -4.08 -7.45
C VAL B 30 14.81 -3.12 -7.19
N PHE B 31 14.77 -2.40 -6.07
CA PHE B 31 15.84 -1.45 -5.75
C PHE B 31 17.15 -2.11 -5.33
N LEU B 32 17.07 -3.17 -4.49
CA LEU B 32 18.27 -3.89 -4.05
C LEU B 32 18.94 -4.59 -5.24
N VAL B 33 18.14 -5.36 -5.99
CA VAL B 33 18.66 -6.06 -7.15
C VAL B 33 19.35 -5.08 -8.12
N LYS B 34 18.65 -4.05 -8.56
CA LYS B 34 19.24 -3.13 -9.51
C LYS B 34 20.60 -2.60 -9.11
N HIS B 35 20.73 -2.13 -7.87
CA HIS B 35 22.01 -1.62 -7.34
C HIS B 35 23.13 -2.70 -7.30
N TRP B 36 22.74 -3.99 -7.15
CA TRP B 36 23.69 -5.10 -7.10
C TRP B 36 24.06 -5.49 -8.55
N LEU B 37 23.27 -5.00 -9.50
CA LEU B 37 23.53 -5.22 -10.91
C LEU B 37 24.34 -4.08 -11.45
N GLU B 38 24.56 -3.05 -10.63
CA GLU B 38 25.29 -1.85 -11.01
C GLU B 38 26.08 -1.42 -9.80
N ASN B 39 26.69 -2.41 -9.15
CA ASN B 39 27.50 -2.21 -7.93
C ASN B 39 27.28 -3.48 -7.12
N GLY B 40 27.69 -4.60 -7.72
CA GLY B 40 27.52 -5.92 -7.13
C GLY B 40 28.47 -6.37 -6.03
N ALA B 41 29.29 -5.48 -5.51
CA ALA B 41 30.24 -5.87 -4.50
C ALA B 41 29.59 -6.59 -3.36
N GLU B 42 28.55 -5.94 -2.80
CA GLU B 42 27.77 -6.47 -1.66
C GLU B 42 27.38 -7.95 -1.72
N ILE B 43 26.74 -8.36 -2.81
CA ILE B 43 26.31 -9.75 -2.90
C ILE B 43 27.37 -10.71 -3.48
N GLN B 44 28.64 -10.32 -3.41
CA GLN B 44 29.69 -11.21 -3.92
C GLN B 44 30.30 -12.03 -2.77
N ARG B 45 30.54 -13.33 -2.93
CA ARG B 45 31.21 -14.08 -1.85
C ARG B 45 32.29 -14.94 -2.44
N THR B 46 33.41 -15.07 -1.72
CA THR B 46 34.50 -15.89 -2.27
C THR B 46 34.02 -17.34 -2.40
N GLY B 47 34.09 -17.86 -3.62
CA GLY B 47 33.71 -19.24 -3.88
C GLY B 47 32.29 -19.54 -4.32
N LEU B 48 31.56 -18.49 -4.70
CA LEU B 48 30.19 -18.61 -5.12
C LEU B 48 29.85 -17.66 -6.26
N GLU B 49 28.74 -17.93 -6.92
CA GLU B 49 28.30 -17.02 -7.96
C GLU B 49 26.88 -16.64 -7.58
N VAL B 50 26.64 -15.34 -7.47
CA VAL B 50 25.34 -14.81 -7.12
C VAL B 50 24.90 -13.85 -8.25
N LYS B 51 23.95 -14.25 -9.07
CA LYS B 51 23.48 -13.36 -10.12
C LYS B 51 22.25 -12.55 -9.62
N PRO B 52 22.38 -11.22 -9.50
CA PRO B 52 21.20 -10.49 -9.05
C PRO B 52 20.50 -10.16 -10.37
N PHE B 53 19.34 -10.77 -10.56
CA PHE B 53 18.57 -10.63 -11.78
C PHE B 53 17.13 -10.18 -11.47
N ILE B 54 16.54 -9.39 -12.38
CA ILE B 54 15.16 -8.88 -12.25
C ILE B 54 14.25 -9.85 -13.01
N THR B 55 13.27 -10.47 -12.33
CA THR B 55 12.50 -11.46 -13.07
C THR B 55 11.44 -10.96 -14.00
N ASN B 56 10.76 -9.88 -13.60
CA ASN B 56 9.65 -9.32 -14.39
C ASN B 56 9.93 -7.83 -14.66
N PRO B 57 10.91 -7.58 -15.53
CA PRO B 57 11.49 -6.33 -16.07
C PRO B 57 10.45 -5.28 -16.38
N ARG B 58 9.33 -5.84 -16.84
CA ARG B 58 8.13 -5.15 -17.29
C ARG B 58 7.12 -4.75 -16.22
N ALA B 59 6.57 -5.75 -15.53
CA ALA B 59 5.57 -5.48 -14.52
C ALA B 59 6.17 -4.46 -13.58
N VAL B 60 7.49 -4.40 -13.63
CA VAL B 60 8.24 -3.45 -12.84
C VAL B 60 8.04 -2.07 -13.52
N LYS B 61 8.10 -2.03 -14.86
CA LYS B 61 7.89 -0.78 -15.59
C LYS B 61 6.46 -0.22 -15.47
N LYS B 62 5.44 -1.07 -15.39
CA LYS B 62 4.07 -0.55 -15.25
C LYS B 62 3.73 -0.53 -13.75
N CYS B 63 4.76 -0.65 -12.91
CA CYS B 63 4.63 -0.77 -11.46
C CYS B 63 3.33 -1.49 -11.13
N THR B 64 3.35 -2.77 -11.48
CA THR B 64 2.19 -3.56 -11.30
C THR B 64 2.53 -5.00 -10.87
N ARG B 65 1.60 -5.66 -10.16
CA ARG B 65 1.79 -7.05 -9.68
C ARG B 65 2.15 -7.89 -10.89
N TYR B 66 1.17 -8.19 -11.74
CA TYR B 66 1.48 -8.92 -12.97
C TYR B 66 0.90 -8.24 -14.17
N ILE B 67 1.43 -8.61 -15.36
CA ILE B 67 1.01 -8.03 -16.66
C ILE B 67 -0.05 -8.91 -17.34
N ASP B 68 0.31 -10.15 -17.64
CA ASP B 68 -0.66 -11.08 -18.24
C ASP B 68 -1.09 -12.21 -17.29
N CYS B 69 -0.16 -12.79 -16.52
CA CYS B 69 -0.46 -13.85 -15.52
C CYS B 69 0.44 -13.72 -14.29
N ASP B 70 0.08 -14.32 -13.16
CA ASP B 70 0.90 -14.27 -11.92
C ASP B 70 2.22 -15.04 -12.15
N LEU B 71 3.35 -14.34 -12.26
CA LEU B 71 4.62 -15.03 -12.54
C LEU B 71 5.04 -15.95 -11.42
N ASN B 72 4.27 -15.93 -10.33
CA ASN B 72 4.58 -16.78 -9.17
C ASN B 72 3.79 -18.06 -9.08
N ARG B 73 3.05 -18.39 -10.12
CA ARG B 73 2.29 -19.63 -10.08
C ARG B 73 2.42 -20.37 -11.42
N ILE B 74 3.49 -20.14 -12.16
CA ILE B 74 3.56 -20.83 -13.44
C ILE B 74 4.79 -21.68 -13.81
N PHE B 75 5.72 -21.85 -12.88
CA PHE B 75 6.89 -22.62 -13.23
C PHE B 75 6.59 -24.11 -13.26
N ASP B 76 5.30 -24.41 -13.08
CA ASP B 76 4.76 -25.77 -13.11
C ASP B 76 4.98 -26.29 -14.51
N LEU B 77 4.50 -27.51 -14.75
CA LEU B 77 4.65 -28.19 -16.04
C LEU B 77 3.57 -27.91 -17.11
N GLU B 78 2.33 -27.55 -16.75
CA GLU B 78 1.35 -27.24 -17.82
C GLU B 78 1.99 -26.06 -18.56
N ASN B 79 2.62 -25.15 -17.81
CA ASN B 79 3.28 -23.98 -18.41
C ASN B 79 4.65 -24.29 -19.02
N LEU B 80 5.58 -24.79 -18.20
CA LEU B 80 6.90 -25.05 -18.71
C LEU B 80 6.82 -26.04 -19.86
N GLY B 81 5.72 -26.73 -20.00
CA GLY B 81 5.61 -27.65 -21.13
C GLY B 81 5.16 -27.04 -22.47
N LYS B 82 4.22 -26.09 -22.46
CA LYS B 82 3.71 -25.49 -23.69
C LYS B 82 4.79 -24.83 -24.58
N LYS B 83 4.75 -25.13 -25.89
CA LYS B 83 5.69 -24.61 -26.91
C LYS B 83 5.65 -23.06 -27.08
N SER B 85 5.17 -19.51 -28.03
CA SER B 85 4.15 -18.92 -28.90
C SER B 85 3.80 -17.51 -28.40
N GLU B 86 4.04 -16.50 -29.25
CA GLU B 86 3.80 -15.10 -28.90
C GLU B 86 2.42 -14.77 -28.32
N ASP B 87 1.59 -15.79 -28.18
CA ASP B 87 0.24 -15.64 -27.64
C ASP B 87 0.18 -15.98 -26.17
N LEU B 88 1.14 -16.76 -25.72
CA LEU B 88 1.19 -17.13 -24.31
C LEU B 88 1.24 -15.87 -23.48
N PRO B 89 0.52 -15.85 -22.33
CA PRO B 89 0.49 -14.67 -21.44
C PRO B 89 1.92 -14.29 -21.01
N TYR B 90 2.27 -13.03 -21.27
CA TYR B 90 3.61 -12.51 -20.96
C TYR B 90 4.42 -13.34 -19.96
N GLU B 91 3.88 -13.56 -18.76
CA GLU B 91 4.61 -14.31 -17.75
C GLU B 91 4.99 -15.76 -18.16
N VAL B 92 4.10 -16.44 -18.89
CA VAL B 92 4.41 -17.78 -19.40
C VAL B 92 5.65 -17.66 -20.31
N ARG B 93 5.55 -16.81 -21.32
CA ARG B 93 6.63 -16.59 -22.25
C ARG B 93 7.88 -16.20 -21.46
N ARG B 94 7.70 -15.29 -20.50
CA ARG B 94 8.81 -14.80 -19.67
C ARG B 94 9.42 -15.90 -18.84
N ALA B 95 8.58 -16.60 -18.08
CA ALA B 95 8.99 -17.72 -17.21
C ALA B 95 10.08 -18.56 -17.82
N GLN B 96 9.77 -19.13 -19.00
CA GLN B 96 10.70 -19.99 -19.75
C GLN B 96 12.14 -19.49 -19.93
N GLU B 97 12.29 -18.18 -20.12
CA GLU B 97 13.60 -17.58 -20.30
C GLU B 97 14.43 -17.66 -19.01
N ILE B 98 13.73 -17.73 -17.87
CA ILE B 98 14.33 -17.81 -16.54
C ILE B 98 14.68 -19.30 -16.29
N ASN B 99 13.75 -20.18 -16.72
CA ASN B 99 13.88 -21.63 -16.59
C ASN B 99 15.06 -22.13 -17.42
N HIS B 100 15.49 -21.31 -18.38
CA HIS B 100 16.63 -21.60 -19.21
C HIS B 100 17.87 -21.04 -18.56
N LEU B 101 17.83 -19.78 -18.15
CA LEU B 101 18.96 -19.10 -17.49
C LEU B 101 19.36 -19.66 -16.11
N PHE B 102 18.40 -19.89 -15.21
CA PHE B 102 18.77 -20.38 -13.88
C PHE B 102 18.33 -21.82 -13.66
N GLY B 103 17.70 -22.36 -14.71
CA GLY B 103 17.24 -23.73 -14.69
C GLY B 103 18.28 -24.66 -15.29
N PRO B 104 17.87 -25.78 -15.89
CA PRO B 104 16.44 -26.09 -15.93
C PRO B 104 15.98 -26.84 -14.70
N LYS B 105 15.01 -26.23 -14.03
CA LYS B 105 14.40 -26.79 -12.84
C LYS B 105 14.48 -28.34 -12.85
N ASP B 106 14.87 -28.94 -11.72
CA ASP B 106 14.89 -30.39 -11.67
C ASP B 106 16.03 -31.06 -12.47
N SER B 107 16.82 -30.29 -13.21
CA SER B 107 17.95 -30.87 -13.95
C SER B 107 19.25 -30.72 -13.15
N GLU B 108 20.22 -31.64 -13.26
CA GLU B 108 21.46 -31.41 -12.49
C GLU B 108 21.97 -30.00 -12.83
N ASP B 109 21.64 -29.52 -14.04
CA ASP B 109 22.03 -28.20 -14.57
C ASP B 109 21.56 -27.01 -13.73
N SER B 110 20.27 -27.06 -13.36
CA SER B 110 19.57 -26.03 -12.61
C SER B 110 20.34 -25.36 -11.51
N TYR B 111 19.94 -24.12 -11.19
CA TYR B 111 20.62 -23.38 -10.14
C TYR B 111 20.53 -24.03 -8.75
N ASP B 112 21.51 -23.74 -7.92
CA ASP B 112 21.53 -24.33 -6.59
C ASP B 112 20.60 -23.67 -5.61
N ILE B 113 20.85 -22.37 -5.38
CA ILE B 113 20.05 -21.58 -4.45
C ILE B 113 19.43 -20.38 -5.14
N ILE B 114 18.13 -20.17 -4.93
CA ILE B 114 17.48 -18.97 -5.48
C ILE B 114 16.68 -18.28 -4.37
N PHE B 115 16.93 -16.98 -4.21
CA PHE B 115 16.22 -16.16 -3.25
C PHE B 115 15.14 -15.36 -4.05
N ASP B 116 13.87 -15.72 -3.92
CA ASP B 116 12.74 -15.06 -4.61
C ASP B 116 12.36 -13.89 -3.67
N LEU B 117 12.81 -12.65 -3.91
CA LEU B 117 12.41 -11.52 -3.01
C LEU B 117 10.94 -10.95 -3.24
N HIS B 118 10.27 -10.65 -2.13
CA HIS B 118 8.89 -10.15 -2.14
C HIS B 118 8.64 -9.18 -0.96
N ASN B 119 7.41 -8.69 -0.87
CA ASN B 119 6.93 -7.76 0.17
C ASN B 119 5.43 -7.99 0.45
N THR B 120 4.94 -7.64 1.63
CA THR B 120 3.52 -7.81 1.90
C THR B 120 3.02 -6.56 2.55
N THR B 121 1.71 -6.35 2.52
CA THR B 121 1.16 -5.17 3.19
C THR B 121 0.95 -5.50 4.66
N SER B 122 0.85 -6.80 5.02
CA SER B 122 0.68 -7.24 6.42
C SER B 122 1.92 -7.00 7.28
N ASN B 123 1.68 -6.69 8.56
CA ASN B 123 2.80 -6.40 9.45
C ASN B 123 3.38 -7.71 9.96
N GLY B 125 6.99 -8.44 9.26
CA GLY B 125 8.43 -8.35 9.35
C GLY B 125 9.23 -9.32 8.50
N CYS B 126 10.32 -9.84 9.05
CA CYS B 126 11.17 -10.72 8.29
C CYS B 126 10.64 -12.12 8.18
N THR B 127 10.25 -12.49 6.95
CA THR B 127 9.70 -13.83 6.73
C THR B 127 10.48 -14.73 5.76
N LEU B 128 10.84 -15.93 6.23
CA LEU B 128 11.49 -16.91 5.39
C LEU B 128 10.38 -17.86 5.00
N ILE B 129 10.30 -18.28 3.75
CA ILE B 129 9.24 -19.20 3.34
C ILE B 129 9.85 -20.51 2.95
N LEU B 130 9.34 -21.58 3.56
CA LEU B 130 9.80 -22.94 3.26
C LEU B 130 8.79 -23.80 2.46
N GLU B 131 9.31 -24.53 1.47
CA GLU B 131 8.48 -25.43 0.67
C GLU B 131 8.95 -26.90 0.92
N ASP B 132 8.24 -27.57 1.84
CA ASP B 132 8.47 -28.95 2.30
C ASP B 132 9.34 -29.00 3.57
N SER B 133 8.80 -29.66 4.60
CA SER B 133 9.47 -29.78 5.90
C SER B 133 10.76 -30.62 5.87
N ARG B 134 10.75 -31.70 5.11
CA ARG B 134 11.92 -32.54 4.97
C ARG B 134 12.95 -31.75 4.15
N ASN B 135 13.95 -31.17 4.79
CA ASN B 135 14.99 -30.44 4.06
C ASN B 135 16.01 -29.89 5.06
N ASN B 136 16.96 -30.71 5.49
CA ASN B 136 17.93 -30.26 6.47
C ASN B 136 18.72 -29.02 6.04
N PHE B 137 19.36 -29.06 4.88
CA PHE B 137 20.12 -27.90 4.41
C PHE B 137 19.40 -26.58 4.64
N LEU B 138 18.22 -26.41 4.03
CA LEU B 138 17.44 -25.16 4.18
C LEU B 138 17.05 -24.83 5.61
N ILE B 139 16.71 -25.86 6.39
CA ILE B 139 16.36 -25.65 7.78
C ILE B 139 17.56 -25.06 8.47
N GLN B 140 18.73 -25.41 7.94
CA GLN B 140 20.01 -24.94 8.43
C GLN B 140 20.23 -23.44 8.24
N PHE B 142 17.72 -21.25 7.82
CA PHE B 142 16.61 -20.66 8.55
C PHE B 142 16.92 -20.65 10.03
N HIS B 143 17.70 -21.63 10.49
CA HIS B 143 18.08 -21.59 11.88
C HIS B 143 19.21 -20.54 11.99
N TYR B 144 20.21 -20.69 11.13
CA TYR B 144 21.33 -19.76 11.14
C TYR B 144 20.79 -18.32 11.13
N ILE B 145 19.97 -18.00 10.12
CA ILE B 145 19.39 -16.68 9.94
C ILE B 145 18.66 -16.20 11.19
N LYS B 146 17.68 -16.98 11.67
CA LYS B 146 16.93 -16.55 12.87
C LYS B 146 17.90 -15.90 13.89
N THR B 147 18.91 -16.67 14.31
CA THR B 147 19.97 -16.25 15.26
C THR B 147 20.91 -15.15 14.79
N SER B 148 21.22 -15.10 13.50
CA SER B 148 22.10 -14.07 12.96
C SER B 148 21.40 -12.71 12.99
N LEU B 149 20.07 -12.71 13.11
CA LEU B 149 19.29 -11.48 13.17
C LEU B 149 18.74 -11.15 14.57
N ALA B 150 18.77 -12.12 15.49
CA ALA B 150 18.24 -11.90 16.85
C ALA B 150 18.87 -10.61 17.39
N PRO B 151 18.14 -9.83 18.18
CA PRO B 151 16.79 -9.83 18.75
C PRO B 151 15.72 -9.41 17.75
N LEU B 152 16.15 -9.25 16.49
CA LEU B 152 15.23 -8.89 15.42
C LEU B 152 14.49 -10.17 15.08
N PRO B 153 13.16 -10.20 15.29
CA PRO B 153 12.31 -11.37 15.02
C PRO B 153 12.34 -11.77 13.56
N CYS B 154 12.24 -13.07 13.29
CA CYS B 154 12.23 -13.55 11.92
C CYS B 154 11.48 -14.85 11.95
N TYR B 155 10.31 -14.87 11.31
CA TYR B 155 9.45 -16.04 11.30
C TYR B 155 9.64 -16.83 10.02
N VAL B 156 9.32 -18.12 10.09
CA VAL B 156 9.42 -19.05 8.97
C VAL B 156 8.02 -19.55 8.65
N TYR B 157 7.55 -19.30 7.42
CA TYR B 157 6.24 -19.73 6.95
C TYR B 157 6.40 -21.04 6.14
N LEU B 158 5.61 -22.09 6.44
CA LEU B 158 5.73 -23.37 5.73
C LEU B 158 4.64 -23.76 4.71
N ILE B 159 5.09 -24.27 3.56
CA ILE B 159 4.14 -24.70 2.54
C ILE B 159 4.26 -26.22 2.27
N GLU B 160 3.52 -27.02 3.04
CA GLU B 160 3.58 -28.46 2.88
C GLU B 160 2.45 -28.87 1.96
N HIS B 161 2.79 -29.00 0.67
CA HIS B 161 1.85 -29.38 -0.36
C HIS B 161 1.76 -30.90 -0.48
N PRO B 162 0.63 -31.50 -0.03
CA PRO B 162 0.68 -32.95 -0.22
C PRO B 162 1.00 -33.23 -1.70
N SER B 163 0.50 -32.35 -2.55
CA SER B 163 0.70 -32.40 -4.00
C SER B 163 2.21 -32.59 -4.31
N LEU B 164 3.03 -31.96 -3.48
CA LEU B 164 4.47 -31.98 -3.56
C LEU B 164 5.01 -31.16 -4.73
N LYS B 165 4.16 -30.32 -5.28
CA LYS B 165 4.58 -29.45 -6.36
C LYS B 165 4.51 -27.99 -5.88
N TYR B 166 5.57 -27.24 -6.14
CA TYR B 166 5.65 -25.84 -5.76
C TYR B 166 6.03 -25.02 -7.01
N ALA B 167 5.11 -24.20 -7.52
CA ALA B 167 5.36 -23.44 -8.76
C ALA B 167 5.87 -22.02 -8.59
N THR B 168 6.75 -21.81 -7.63
CA THR B 168 7.32 -20.50 -7.44
C THR B 168 8.53 -20.28 -8.36
N THR B 169 8.69 -19.05 -8.83
CA THR B 169 9.80 -18.69 -9.72
C THR B 169 11.05 -19.24 -9.05
N ARG B 170 11.07 -19.22 -7.71
CA ARG B 170 12.25 -19.73 -7.00
C ARG B 170 12.34 -21.26 -7.03
N SER B 171 11.25 -21.94 -7.37
CA SER B 171 11.30 -23.39 -7.35
C SER B 171 12.19 -24.08 -8.40
N ILE B 172 12.84 -23.33 -9.28
CA ILE B 172 13.74 -23.95 -10.26
C ILE B 172 14.97 -24.46 -9.49
N ALA B 173 15.42 -23.64 -8.55
CA ALA B 173 16.55 -23.93 -7.70
C ALA B 173 16.42 -25.27 -6.97
N LYS B 174 17.58 -25.83 -6.60
CA LYS B 174 17.66 -27.08 -5.84
C LYS B 174 17.36 -26.77 -4.37
N TYR B 175 17.39 -25.47 -4.05
CA TYR B 175 17.15 -24.98 -2.71
C TYR B 175 16.53 -23.61 -2.77
N PRO B 176 15.20 -23.53 -2.97
CA PRO B 176 14.44 -22.26 -3.05
C PRO B 176 14.29 -21.57 -1.71
N VAL B 177 14.48 -20.27 -1.69
CA VAL B 177 14.32 -19.52 -0.45
C VAL B 177 13.42 -18.31 -0.78
N GLY B 178 12.17 -18.33 -0.28
CA GLY B 178 11.26 -17.24 -0.53
C GLY B 178 11.47 -16.26 0.58
N ILE B 179 11.59 -14.97 0.27
CA ILE B 179 11.77 -13.94 1.31
C ILE B 179 10.81 -12.74 1.11
N GLU B 180 9.78 -12.66 1.98
CA GLU B 180 8.78 -11.61 1.93
C GLU B 180 8.86 -10.77 3.18
N VAL B 181 9.12 -9.48 3.03
CA VAL B 181 9.21 -8.60 4.19
C VAL B 181 8.09 -7.55 4.16
N GLY B 182 7.64 -7.16 5.36
CA GLY B 182 6.55 -6.20 5.51
C GLY B 182 6.51 -5.56 6.90
N PRO B 183 5.51 -4.76 7.18
CA PRO B 183 4.39 -4.41 6.30
C PRO B 183 4.82 -3.33 5.33
N GLN B 184 4.37 -3.38 4.09
CA GLN B 184 4.68 -2.26 3.23
C GLN B 184 3.69 -2.09 2.09
N PRO B 185 3.24 -0.85 1.78
CA PRO B 185 2.29 -0.69 0.67
C PRO B 185 2.95 -0.92 -0.68
N GLN B 186 2.18 -1.49 -1.61
CA GLN B 186 2.72 -1.76 -2.93
C GLN B 186 3.19 -0.45 -3.54
N GLY B 187 4.15 -0.51 -4.45
CA GLY B 187 4.59 0.71 -5.05
C GLY B 187 5.26 1.68 -4.11
N VAL B 188 5.68 1.23 -2.94
CA VAL B 188 6.35 2.17 -2.02
C VAL B 188 7.67 1.59 -1.58
N LEU B 189 8.62 2.44 -1.18
CA LEU B 189 9.90 1.95 -0.72
C LEU B 189 10.27 2.40 0.70
N ARG B 190 10.01 1.57 1.72
CA ARG B 190 10.38 1.96 3.10
C ARG B 190 11.84 1.58 3.44
N ALA B 191 12.48 2.43 4.26
CA ALA B 191 13.84 2.23 4.71
C ALA B 191 13.92 1.03 5.64
N ASP B 192 13.06 1.03 6.67
CA ASP B 192 13.01 -0.07 7.61
C ASP B 192 12.80 -1.44 6.90
N ILE B 193 12.03 -1.46 5.82
CA ILE B 193 11.80 -2.67 5.03
C ILE B 193 13.03 -3.07 4.18
N LEU B 194 13.76 -2.05 3.72
CA LEU B 194 14.94 -2.23 2.89
C LEU B 194 16.13 -2.73 3.71
N ASP B 195 16.34 -2.10 4.86
CA ASP B 195 17.45 -2.52 5.69
C ASP B 195 17.27 -3.94 6.28
N GLN B 196 16.01 -4.30 6.57
CA GLN B 196 15.71 -5.58 7.11
C GLN B 196 15.98 -6.64 6.03
N ARG B 198 17.81 -6.62 3.56
CA ARG B 198 19.24 -6.75 3.37
C ARG B 198 19.92 -7.63 4.42
N LYS B 199 19.62 -7.37 5.69
CA LYS B 199 20.16 -8.13 6.80
C LYS B 199 19.93 -9.63 6.62
N ILE B 201 19.51 -11.20 3.69
CA ILE B 201 20.37 -11.56 2.60
C ILE B 201 21.82 -11.70 3.07
N LYS B 202 22.32 -10.73 3.85
CA LYS B 202 23.71 -10.82 4.35
C LYS B 202 23.92 -12.13 5.14
N HIS B 203 23.44 -12.17 6.37
CA HIS B 203 23.59 -13.38 7.17
C HIS B 203 23.32 -14.64 6.35
N ALA B 204 22.34 -14.52 5.45
CA ALA B 204 22.00 -15.60 4.58
C ALA B 204 23.23 -15.98 3.74
N LEU B 205 23.84 -15.01 3.03
CA LEU B 205 25.03 -15.30 2.22
C LEU B 205 26.22 -15.70 3.12
N ASP B 206 26.01 -15.58 4.44
CA ASP B 206 27.06 -15.93 5.39
C ASP B 206 27.07 -17.42 5.65
N PHE B 207 25.88 -17.98 5.84
CA PHE B 207 25.73 -19.42 6.08
C PHE B 207 26.05 -20.19 4.80
N ILE B 208 25.81 -19.58 3.64
CA ILE B 208 26.14 -20.26 2.39
C ILE B 208 27.66 -20.27 2.32
N HIS B 209 28.28 -19.48 3.19
CA HIS B 209 29.72 -19.47 3.25
C HIS B 209 30.21 -20.22 4.51
N HIS B 210 29.35 -20.31 5.53
CA HIS B 210 29.69 -21.02 6.75
C HIS B 210 29.33 -22.54 6.64
N PHE B 211 29.15 -23.02 5.41
CA PHE B 211 28.81 -24.40 5.12
C PHE B 211 29.85 -25.00 4.19
N ASN B 212 30.14 -24.22 3.14
CA ASN B 212 31.11 -24.56 2.10
C ASN B 212 32.50 -24.70 2.69
N GLU B 213 32.85 -23.81 3.61
CA GLU B 213 34.14 -23.80 4.28
C GLU B 213 34.38 -25.15 4.95
N GLY B 214 33.32 -25.97 5.03
CA GLY B 214 33.45 -27.28 5.61
C GLY B 214 33.00 -27.53 7.04
N LYS B 215 32.66 -26.49 7.77
CA LYS B 215 32.20 -26.69 9.13
C LYS B 215 30.99 -27.65 9.22
N GLU B 216 30.89 -28.40 10.32
CA GLU B 216 29.79 -29.32 10.51
C GLU B 216 28.70 -28.60 11.32
N PHE B 217 27.50 -28.47 10.77
CA PHE B 217 26.44 -27.80 11.51
C PHE B 217 25.78 -28.72 12.53
N PRO B 218 25.85 -28.37 13.81
CA PRO B 218 25.25 -29.19 14.85
C PRO B 218 23.75 -29.28 14.71
N PRO B 219 23.18 -30.40 15.12
CA PRO B 219 21.71 -30.54 15.01
C PRO B 219 21.02 -29.36 15.63
N CYS B 220 19.96 -28.86 14.96
CA CYS B 220 19.14 -27.73 15.45
C CYS B 220 17.66 -27.99 15.23
N ALA B 221 16.84 -26.98 15.49
CA ALA B 221 15.41 -27.13 15.32
C ALA B 221 14.75 -25.76 15.15
N ILE B 222 13.72 -25.66 14.28
CA ILE B 222 13.05 -24.36 14.15
C ILE B 222 11.52 -24.33 14.30
N GLU B 223 11.00 -23.28 14.94
CA GLU B 223 9.53 -23.06 15.09
C GLU B 223 9.11 -22.56 13.71
N VAL B 224 7.98 -23.08 13.20
CA VAL B 224 7.50 -22.63 11.88
C VAL B 224 5.98 -22.44 11.85
N TYR B 225 5.46 -21.78 10.82
CA TYR B 225 4.02 -21.64 10.75
C TYR B 225 3.45 -22.29 9.49
N LYS B 226 2.44 -23.12 9.68
CA LYS B 226 1.84 -23.84 8.57
C LYS B 226 0.35 -23.51 8.51
N ILE B 227 -0.10 -23.09 7.33
CA ILE B 227 -1.50 -22.75 7.12
C ILE B 227 -2.31 -24.02 7.26
N ILE B 228 -3.58 -23.88 7.65
CA ILE B 228 -4.38 -25.07 7.80
C ILE B 228 -5.71 -24.98 7.13
N GLU B 229 -6.07 -23.78 6.65
CA GLU B 229 -7.34 -23.52 5.94
C GLU B 229 -7.45 -22.04 5.73
N LYS B 230 -7.47 -21.57 4.47
CA LYS B 230 -7.60 -20.11 4.22
C LYS B 230 -8.97 -19.50 4.63
N VAL B 231 -8.95 -18.32 5.24
CA VAL B 231 -10.20 -17.66 5.64
C VAL B 231 -10.53 -16.38 4.88
N ASP B 232 -11.73 -16.32 4.30
CA ASP B 232 -12.14 -15.12 3.59
C ASP B 232 -12.99 -14.14 4.45
N TYR B 233 -13.12 -12.89 3.98
CA TYR B 233 -13.90 -11.88 4.69
C TYR B 233 -15.39 -12.27 4.58
N PRO B 234 -16.17 -12.01 5.64
CA PRO B 234 -17.61 -12.30 5.70
C PRO B 234 -18.33 -11.60 4.56
N ARG B 235 -18.64 -12.31 3.48
CA ARG B 235 -19.31 -11.70 2.32
C ARG B 235 -20.80 -11.35 2.56
N ASP B 236 -21.39 -10.51 1.71
CA ASP B 236 -22.80 -10.20 1.91
C ASP B 236 -23.71 -10.95 0.93
N GLU B 237 -24.97 -10.50 0.82
CA GLU B 237 -25.91 -11.16 -0.07
C GLU B 237 -25.56 -11.03 -1.56
N ASN B 238 -24.63 -10.14 -1.87
CA ASN B 238 -24.20 -9.96 -3.25
C ASN B 238 -22.88 -10.66 -3.42
N GLY B 239 -22.48 -11.37 -2.37
CA GLY B 239 -21.24 -12.13 -2.35
C GLY B 239 -20.02 -11.28 -2.22
N GLU B 240 -20.21 -10.10 -1.63
CA GLU B 240 -19.14 -9.11 -1.48
C GLU B 240 -18.56 -8.94 -0.07
N ILE B 241 -17.53 -8.12 0.06
CA ILE B 241 -16.95 -7.93 1.39
C ILE B 241 -17.91 -7.17 2.29
N ALA B 242 -18.67 -7.94 3.05
CA ALA B 242 -19.65 -7.39 3.99
C ALA B 242 -19.06 -7.25 5.41
N ALA B 243 -17.79 -6.85 5.53
CA ALA B 243 -17.14 -6.70 6.82
C ALA B 243 -15.62 -6.41 6.67
N ILE B 244 -14.97 -6.00 7.74
CA ILE B 244 -13.55 -5.70 7.65
C ILE B 244 -12.78 -6.20 8.89
N ILE B 245 -11.51 -6.63 8.74
CA ILE B 245 -10.73 -7.16 9.86
C ILE B 245 -10.94 -6.37 11.20
N HIS B 246 -11.07 -7.06 12.31
CA HIS B 246 -11.29 -6.34 13.55
C HIS B 246 -10.03 -5.58 13.89
N PRO B 247 -10.12 -4.49 14.65
CA PRO B 247 -8.85 -3.81 14.92
C PRO B 247 -7.87 -4.62 15.78
N ASN B 248 -8.35 -5.70 16.37
CA ASN B 248 -7.48 -6.57 17.17
C ASN B 248 -6.61 -7.42 16.21
N LEU B 249 -7.26 -8.18 15.36
CA LEU B 249 -6.55 -9.01 14.43
C LEU B 249 -5.46 -8.22 13.70
N GLN B 250 -5.86 -7.05 13.20
CA GLN B 250 -4.98 -6.15 12.45
C GLN B 250 -3.63 -5.91 13.10
N ASP B 251 -2.58 -6.16 12.31
CA ASP B 251 -1.18 -5.99 12.68
C ASP B 251 -0.67 -7.06 13.65
N GLN B 252 -1.47 -8.11 13.84
CA GLN B 252 -1.14 -9.20 14.76
C GLN B 252 -0.84 -10.56 14.13
N ASP B 253 -0.22 -10.56 12.95
CA ASP B 253 0.15 -11.80 12.28
C ASP B 253 1.13 -12.49 13.22
N TRP B 254 1.24 -13.82 13.09
CA TRP B 254 2.16 -14.69 13.89
C TRP B 254 1.80 -14.90 15.36
N LYS B 255 0.79 -14.16 15.85
CA LYS B 255 0.34 -14.28 17.25
C LYS B 255 -0.99 -15.03 17.28
N PRO B 256 -1.11 -16.00 18.21
CA PRO B 256 -2.26 -16.90 18.45
C PRO B 256 -3.67 -16.29 18.42
N LEU B 257 -4.61 -17.03 17.84
CA LEU B 257 -5.98 -16.54 17.79
C LEU B 257 -6.95 -17.59 18.32
N HIS B 258 -7.37 -17.37 19.57
CA HIS B 258 -8.31 -18.26 20.23
C HIS B 258 -9.70 -18.23 19.59
N PRO B 259 -10.45 -19.33 19.74
CA PRO B 259 -11.81 -19.48 19.19
C PRO B 259 -12.82 -18.34 19.41
N GLY B 260 -12.72 -17.68 20.56
CA GLY B 260 -13.67 -16.61 20.77
C GLY B 260 -13.18 -15.24 20.36
N ASP B 261 -11.96 -15.19 19.83
CA ASP B 261 -11.31 -13.95 19.42
C ASP B 261 -11.96 -13.33 18.19
N PRO B 262 -11.78 -12.03 17.99
CA PRO B 262 -12.42 -11.46 16.80
C PRO B 262 -11.62 -11.69 15.51
N PHE B 264 -13.34 -10.67 12.57
CA PHE B 264 -13.97 -9.58 11.80
C PHE B 264 -14.88 -8.64 12.61
N LEU B 265 -15.33 -7.60 11.90
CA LEU B 265 -16.24 -6.54 12.39
C LEU B 265 -16.97 -5.87 11.22
N THR B 266 -18.23 -5.46 11.45
CA THR B 266 -19.05 -4.80 10.43
C THR B 266 -19.27 -3.34 10.79
N LEU B 267 -19.90 -2.59 9.90
CA LEU B 267 -20.22 -1.18 10.19
C LEU B 267 -21.26 -1.07 11.33
N ASP B 268 -22.25 -1.94 11.37
CA ASP B 268 -23.23 -1.86 12.47
C ASP B 268 -22.51 -2.24 13.77
N GLY B 269 -21.18 -2.17 13.70
CA GLY B 269 -20.33 -2.45 14.83
C GLY B 269 -20.26 -3.89 15.31
N LYS B 270 -20.88 -4.84 14.61
CA LYS B 270 -20.85 -6.23 15.07
C LYS B 270 -19.51 -6.96 14.87
N THR B 271 -19.15 -7.79 15.85
CA THR B 271 -17.93 -8.60 15.81
C THR B 271 -18.26 -10.02 15.39
N ILE B 272 -17.40 -10.59 14.54
CA ILE B 272 -17.57 -11.95 14.07
C ILE B 272 -16.36 -12.71 14.53
N PRO B 273 -16.58 -13.71 15.39
CA PRO B 273 -15.55 -14.57 15.97
C PRO B 273 -15.03 -15.72 15.12
N LEU B 274 -13.88 -16.22 15.56
CA LEU B 274 -13.14 -17.30 14.92
C LEU B 274 -13.76 -18.74 14.72
N GLY B 275 -14.03 -19.42 15.83
CA GLY B 275 -14.55 -20.77 15.72
C GLY B 275 -13.50 -21.82 15.96
N GLY B 276 -13.87 -23.10 15.78
CA GLY B 276 -12.93 -24.19 16.01
C GLY B 276 -12.43 -24.19 17.46
N ASP B 277 -11.49 -25.07 17.80
CA ASP B 277 -10.99 -25.11 19.16
C ASP B 277 -9.55 -25.60 19.44
N CYS B 278 -8.60 -25.02 18.69
CA CYS B 278 -7.12 -25.22 18.78
C CYS B 278 -6.55 -23.85 18.39
N THR B 279 -5.91 -23.17 19.33
CA THR B 279 -5.33 -21.85 19.06
C THR B 279 -4.65 -21.84 17.69
N VAL B 280 -5.01 -20.86 16.89
CA VAL B 280 -4.48 -20.73 15.55
C VAL B 280 -3.66 -19.45 15.43
N TYR B 281 -2.79 -19.39 14.42
CA TYR B 281 -1.96 -18.20 14.22
C TYR B 281 -2.29 -17.70 12.83
N PRO B 282 -2.54 -16.39 12.71
CA PRO B 282 -2.87 -15.79 11.41
C PRO B 282 -1.70 -15.03 10.82
N VAL B 283 -1.45 -15.26 9.53
CA VAL B 283 -0.40 -14.52 8.84
C VAL B 283 -1.04 -13.98 7.57
N PHE B 284 -0.46 -12.92 7.01
CA PHE B 284 -0.96 -12.31 5.82
C PHE B 284 -2.31 -11.63 6.12
N VAL B 285 -2.44 -11.21 7.38
CA VAL B 285 -3.60 -10.50 7.88
C VAL B 285 -3.66 -9.16 7.16
N ASN B 286 -4.62 -9.06 6.24
CA ASN B 286 -4.94 -7.89 5.45
C ASN B 286 -4.04 -7.59 4.28
N GLU B 287 -3.67 -8.63 3.51
CA GLU B 287 -2.79 -8.45 2.36
C GLU B 287 -3.56 -7.95 1.11
N ALA B 288 -3.02 -6.96 0.41
CA ALA B 288 -3.67 -6.44 -0.79
C ALA B 288 -4.01 -7.53 -1.81
N ALA B 289 -3.06 -8.41 -2.11
CA ALA B 289 -3.30 -9.48 -3.05
C ALA B 289 -4.30 -10.53 -2.51
N TYR B 290 -4.72 -10.35 -1.26
CA TYR B 290 -5.66 -11.27 -0.68
C TYR B 290 -7.13 -10.96 -1.01
N TYR B 291 -7.50 -9.69 -1.23
CA TYR B 291 -8.88 -9.42 -1.58
C TYR B 291 -9.15 -10.09 -2.92
N GLU B 292 -8.50 -9.55 -3.96
CA GLU B 292 -8.62 -10.10 -5.31
C GLU B 292 -9.18 -11.52 -5.24
N LYS B 293 -8.29 -12.43 -4.85
CA LYS B 293 -8.58 -13.86 -4.74
C LYS B 293 -9.36 -14.30 -3.48
N LYS B 294 -10.42 -13.55 -3.09
CA LYS B 294 -11.31 -13.80 -1.91
C LYS B 294 -10.73 -14.28 -0.55
N GLU B 295 -10.24 -13.37 0.29
CA GLU B 295 -9.63 -13.83 1.53
C GLU B 295 -9.17 -12.72 2.46
N ALA B 296 -9.04 -13.04 3.75
CA ALA B 296 -8.64 -12.08 4.76
C ALA B 296 -7.29 -12.39 5.45
N PHE B 297 -6.87 -13.65 5.41
CA PHE B 297 -5.56 -14.09 5.99
C PHE B 297 -5.36 -15.60 5.86
N ALA B 298 -4.16 -16.09 6.16
CA ALA B 298 -3.90 -17.55 6.13
C ALA B 298 -3.89 -18.02 7.56
N LYS B 299 -4.78 -18.96 7.89
CA LYS B 299 -4.87 -19.52 9.24
C LYS B 299 -3.80 -20.61 9.34
N THR B 300 -2.95 -20.51 10.36
CA THR B 300 -1.87 -21.48 10.48
C THR B 300 -1.71 -22.20 11.80
N THR B 301 -1.10 -23.39 11.72
CA THR B 301 -0.78 -24.22 12.89
C THR B 301 0.73 -24.11 13.12
N LYS B 302 1.13 -23.98 14.37
CA LYS B 302 2.56 -23.81 14.62
C LYS B 302 3.21 -25.16 14.92
N LEU B 303 4.32 -25.45 14.25
CA LEU B 303 5.01 -26.70 14.45
C LEU B 303 6.53 -26.57 14.46
N THR B 304 7.20 -27.63 14.94
CA THR B 304 8.68 -27.61 14.97
C THR B 304 9.31 -28.54 13.95
N LEU B 305 10.36 -28.06 13.32
CA LEU B 305 11.06 -28.89 12.38
C LEU B 305 12.43 -29.13 13.04
N ASN B 306 12.96 -30.35 12.86
CA ASN B 306 14.28 -30.70 13.43
C ASN B 306 15.40 -30.61 12.39
N ALA B 307 16.62 -30.30 12.83
CA ALA B 307 17.76 -30.29 11.91
C ALA B 307 18.90 -31.11 12.52
N LYS B 308 19.64 -31.76 11.64
CA LYS B 308 20.79 -32.61 12.02
C LYS B 308 22.04 -31.80 11.84
N SER B 309 23.09 -32.51 11.42
CA SER B 309 24.36 -31.89 11.09
C SER B 309 24.29 -32.03 9.56
N ILE B 310 25.01 -31.22 8.80
CA ILE B 310 25.07 -31.31 7.32
C ILE B 310 26.52 -30.90 7.02
N ARG B 311 27.15 -31.43 5.95
CA ARG B 311 28.55 -31.03 5.61
C ARG B 311 29.10 -31.65 4.31
N CYS B 312 29.02 -30.92 3.19
CA CYS B 312 29.45 -31.46 1.91
C CYS B 312 30.82 -31.02 1.34
N GLU A 11 -26.88 32.20 4.47
CA GLU A 11 -27.78 31.21 3.80
C GLU A 11 -27.40 29.75 4.07
N HIS A 12 -28.42 28.92 4.36
CA HIS A 12 -28.28 27.50 4.65
C HIS A 12 -27.69 26.66 3.51
N ILE A 13 -27.75 25.34 3.66
CA ILE A 13 -27.23 24.44 2.63
C ILE A 13 -28.22 23.31 2.39
N GLN A 14 -28.56 23.10 1.13
CA GLN A 14 -29.52 22.08 0.71
C GLN A 14 -28.85 20.93 -0.02
N LYS A 15 -28.26 21.20 -1.18
CA LYS A 15 -27.62 20.15 -1.96
C LYS A 15 -26.19 19.72 -1.48
N VAL A 16 -26.14 18.56 -0.80
CA VAL A 16 -24.90 18.02 -0.25
C VAL A 16 -24.56 16.60 -0.71
N ALA A 17 -23.31 16.39 -1.13
CA ALA A 17 -22.89 15.04 -1.57
C ALA A 17 -21.63 14.48 -0.90
N ILE A 18 -21.48 13.17 -1.07
CA ILE A 18 -20.32 12.43 -0.60
C ILE A 18 -19.94 11.48 -1.73
N PHE A 19 -18.78 11.75 -2.36
CA PHE A 19 -18.24 10.91 -3.44
C PHE A 19 -17.38 9.75 -2.95
N GLY A 20 -17.47 8.62 -3.66
CA GLY A 20 -16.66 7.44 -3.35
C GLY A 20 -15.83 6.92 -4.56
N GLY A 21 -14.70 6.27 -4.24
CA GLY A 21 -13.86 5.73 -5.28
C GLY A 21 -13.46 6.71 -6.38
N THR A 22 -13.23 7.99 -6.03
CA THR A 22 -12.74 8.91 -7.07
C THR A 22 -11.40 8.33 -7.56
N HIS A 23 -10.55 7.93 -6.60
CA HIS A 23 -9.31 7.23 -6.94
C HIS A 23 -9.71 5.77 -6.66
N GLY A 24 -9.68 4.96 -7.71
CA GLY A 24 -10.09 3.57 -7.64
C GLY A 24 -9.64 2.62 -6.54
N ASN A 25 -8.37 2.64 -6.16
CA ASN A 25 -7.94 1.72 -5.16
C ASN A 25 -7.88 2.28 -3.74
N GLU A 26 -8.59 3.40 -3.49
CA GLU A 26 -8.66 4.00 -2.14
C GLU A 26 -10.06 3.65 -1.52
N LEU A 27 -10.13 2.44 -0.95
CA LEU A 27 -11.32 1.82 -0.42
C LEU A 27 -12.12 2.36 0.72
N THR A 28 -11.56 3.18 1.61
CA THR A 28 -12.43 3.57 2.73
C THR A 28 -13.77 4.11 2.20
N GLY A 29 -13.76 5.29 1.58
CA GLY A 29 -15.03 5.81 1.06
C GLY A 29 -15.92 4.87 0.26
N VAL A 30 -15.33 3.84 -0.37
CA VAL A 30 -16.08 2.87 -1.13
C VAL A 30 -16.95 2.07 -0.14
N PHE A 31 -16.32 1.16 0.60
CA PHE A 31 -17.01 0.36 1.61
C PHE A 31 -18.26 1.09 2.23
N LEU A 32 -18.05 2.35 2.64
CA LEU A 32 -19.08 3.21 3.21
C LEU A 32 -20.04 3.75 2.13
N VAL A 33 -19.51 4.12 0.96
CA VAL A 33 -20.40 4.65 -0.07
C VAL A 33 -21.22 3.52 -0.66
N LYS A 34 -20.56 2.43 -1.02
CA LYS A 34 -21.28 1.30 -1.55
C LYS A 34 -22.34 0.93 -0.54
N HIS A 35 -22.02 1.14 0.73
CA HIS A 35 -22.95 0.82 1.82
C HIS A 35 -24.09 1.85 1.93
N TRP A 36 -23.70 3.14 1.89
CA TRP A 36 -24.66 4.21 2.02
C TRP A 36 -25.71 4.09 0.90
N LEU A 37 -25.27 3.66 -0.28
CA LEU A 37 -26.20 3.46 -1.34
C LEU A 37 -27.17 2.38 -0.88
N GLU A 38 -26.74 1.41 -0.07
CA GLU A 38 -27.65 0.39 0.42
C GLU A 38 -28.49 1.03 1.54
N ASN A 39 -27.81 1.56 2.55
CA ASN A 39 -28.48 2.23 3.67
C ASN A 39 -27.77 3.55 3.92
N GLY A 40 -28.55 4.64 3.83
CA GLY A 40 -27.98 5.95 4.00
C GLY A 40 -28.39 6.51 5.32
N ALA A 41 -28.96 5.63 6.13
CA ALA A 41 -29.40 5.99 7.47
C ALA A 41 -28.34 6.81 8.20
N GLU A 42 -27.11 6.29 8.26
CA GLU A 42 -26.00 6.97 8.93
C GLU A 42 -25.65 8.40 8.50
N ILE A 43 -25.91 8.77 7.27
CA ILE A 43 -25.55 10.12 6.89
C ILE A 43 -26.69 11.09 6.64
N GLN A 44 -27.69 11.02 7.52
CA GLN A 44 -28.88 11.88 7.54
C GLN A 44 -28.87 12.62 8.89
N ARG A 45 -29.13 13.92 8.86
CA ARG A 45 -29.22 14.69 10.09
C ARG A 45 -30.67 15.27 10.24
N THR A 46 -30.94 15.98 11.33
CA THR A 46 -32.28 16.54 11.40
C THR A 46 -32.44 17.56 10.27
N GLY A 47 -33.57 17.46 9.58
CA GLY A 47 -33.86 18.35 8.48
C GLY A 47 -32.87 18.20 7.35
N LEU A 48 -31.71 17.61 7.67
CA LEU A 48 -30.62 17.39 6.72
C LEU A 48 -30.55 16.04 5.99
N GLU A 49 -30.09 16.09 4.74
CA GLU A 49 -29.88 14.93 3.87
C GLU A 49 -28.44 14.95 3.26
N VAL A 50 -27.94 13.78 2.85
CA VAL A 50 -26.60 13.69 2.24
C VAL A 50 -26.55 12.63 1.16
N LYS A 51 -25.92 13.00 0.04
CA LYS A 51 -25.79 12.13 -1.14
C LYS A 51 -24.47 11.34 -1.36
N PRO A 52 -24.53 9.98 -1.42
CA PRO A 52 -23.38 9.10 -1.65
C PRO A 52 -23.32 8.76 -3.14
N PHE A 53 -22.12 8.79 -3.73
CA PHE A 53 -21.95 8.52 -5.17
C PHE A 53 -20.55 7.97 -5.51
N ILE A 54 -20.49 6.87 -6.30
CA ILE A 54 -19.17 6.36 -6.72
C ILE A 54 -18.80 7.12 -7.99
N THR A 55 -17.75 7.95 -7.93
CA THR A 55 -17.38 8.71 -9.12
C THR A 55 -16.58 7.98 -10.19
N ASN A 56 -15.97 6.84 -9.85
CA ASN A 56 -15.18 6.13 -10.85
C ASN A 56 -15.34 4.58 -10.82
N PRO A 57 -16.59 4.09 -11.01
CA PRO A 57 -16.98 2.67 -11.00
C PRO A 57 -16.06 1.67 -11.67
N ARG A 58 -15.68 1.96 -12.91
CA ARG A 58 -14.81 1.04 -13.63
C ARG A 58 -13.40 0.83 -13.00
N ALA A 59 -12.84 1.89 -12.44
CA ALA A 59 -11.53 1.84 -11.79
C ALA A 59 -11.67 1.16 -10.45
N VAL A 60 -12.77 1.45 -9.73
CA VAL A 60 -13.06 0.85 -8.41
C VAL A 60 -13.07 -0.64 -8.60
N LYS A 61 -14.11 -1.11 -9.28
CA LYS A 61 -14.25 -2.52 -9.55
C LYS A 61 -12.93 -3.26 -9.86
N LYS A 62 -12.01 -2.61 -10.56
CA LYS A 62 -10.73 -3.23 -10.91
C LYS A 62 -9.73 -2.99 -9.76
N CYS A 63 -10.21 -2.29 -8.72
CA CYS A 63 -9.40 -1.81 -7.59
C CYS A 63 -8.21 -1.16 -8.33
N THR A 64 -8.38 0.07 -8.80
CA THR A 64 -7.29 0.57 -9.59
C THR A 64 -7.23 2.07 -9.89
N ARG A 65 -6.66 2.89 -8.98
CA ARG A 65 -6.58 4.36 -9.13
C ARG A 65 -7.25 4.87 -10.41
N TYR A 66 -6.72 4.55 -11.58
CA TYR A 66 -7.52 4.92 -12.76
C TYR A 66 -7.49 3.94 -13.96
N ILE A 67 -8.44 4.13 -14.88
CA ILE A 67 -8.53 3.32 -16.10
C ILE A 67 -7.80 4.11 -17.17
N ASP A 68 -8.52 4.95 -17.88
CA ASP A 68 -7.95 5.75 -18.94
C ASP A 68 -7.11 6.90 -18.39
N CYS A 69 -7.64 7.64 -17.41
CA CYS A 69 -6.85 8.74 -16.81
C CYS A 69 -7.27 9.25 -15.44
N ASP A 70 -6.41 9.97 -14.75
CA ASP A 70 -6.80 10.42 -13.42
C ASP A 70 -7.90 11.41 -13.31
N LEU A 71 -9.01 10.94 -12.76
CA LEU A 71 -10.21 11.77 -12.57
C LEU A 71 -9.79 13.04 -11.82
N ASN A 72 -9.58 12.92 -10.50
CA ASN A 72 -9.25 14.07 -9.64
C ASN A 72 -8.37 15.19 -10.19
N ARG A 73 -7.97 15.02 -11.45
CA ARG A 73 -7.10 15.94 -12.15
C ARG A 73 -7.86 16.69 -13.26
N ILE A 74 -9.03 16.16 -13.66
CA ILE A 74 -9.79 16.76 -14.76
C ILE A 74 -11.18 17.47 -14.53
N PHE A 75 -11.33 18.29 -13.52
CA PHE A 75 -12.64 18.94 -13.42
C PHE A 75 -12.58 20.49 -13.65
N ASP A 76 -12.10 20.80 -14.85
CA ASP A 76 -11.96 22.13 -15.39
C ASP A 76 -12.48 22.18 -16.82
N LEU A 77 -12.56 23.41 -17.34
CA LEU A 77 -13.07 23.70 -18.65
C LEU A 77 -12.41 22.87 -19.75
N GLU A 78 -11.08 22.80 -19.71
CA GLU A 78 -10.31 22.01 -20.69
C GLU A 78 -10.82 20.59 -20.87
N ASN A 79 -11.08 19.88 -19.78
CA ASN A 79 -11.57 18.52 -19.89
C ASN A 79 -13.00 18.61 -20.19
N LEU A 80 -13.67 19.42 -19.39
CA LEU A 80 -15.10 19.65 -19.53
C LEU A 80 -15.34 20.72 -20.59
N GLY A 81 -15.79 20.28 -21.78
CA GLY A 81 -16.08 21.16 -22.91
C GLY A 81 -15.96 20.66 -24.37
N LYS A 82 -15.70 19.36 -24.55
CA LYS A 82 -15.53 18.75 -25.88
C LYS A 82 -16.71 17.98 -26.45
N LYS A 83 -16.87 17.95 -27.78
CA LYS A 83 -18.03 17.19 -28.35
C LYS A 83 -17.76 15.76 -27.92
N SER A 85 -17.95 11.68 -27.05
CA SER A 85 -17.80 10.52 -27.90
C SER A 85 -17.64 9.19 -27.18
N GLU A 86 -18.01 8.14 -27.91
CA GLU A 86 -17.85 6.81 -27.38
C GLU A 86 -16.31 6.77 -27.21
N ASP A 87 -15.62 7.27 -28.23
CA ASP A 87 -14.18 7.32 -28.29
C ASP A 87 -13.62 8.21 -27.23
N LEU A 88 -14.44 8.90 -26.45
CA LEU A 88 -13.85 9.75 -25.42
C LEU A 88 -13.23 8.95 -24.24
N PRO A 89 -12.08 9.42 -23.71
CA PRO A 89 -11.42 8.72 -22.58
C PRO A 89 -12.32 8.58 -21.34
N TYR A 90 -12.65 7.33 -21.03
CA TYR A 90 -13.55 6.97 -19.92
C TYR A 90 -13.74 7.99 -18.76
N GLU A 91 -12.67 8.28 -17.99
CA GLU A 91 -12.82 9.20 -16.87
C GLU A 91 -13.30 10.58 -17.39
N VAL A 92 -12.84 10.96 -18.60
CA VAL A 92 -13.33 12.23 -19.14
C VAL A 92 -14.86 12.15 -19.42
N ARG A 93 -15.28 11.10 -20.12
CA ARG A 93 -16.69 10.93 -20.36
C ARG A 93 -17.36 10.93 -18.96
N ARG A 94 -16.72 10.20 -18.05
CA ARG A 94 -17.23 10.03 -16.72
C ARG A 94 -17.28 11.37 -16.01
N ALA A 95 -16.28 12.23 -16.26
CA ALA A 95 -16.24 13.58 -15.65
C ALA A 95 -17.45 14.40 -16.13
N GLN A 96 -17.62 14.48 -17.45
CA GLN A 96 -18.73 15.21 -18.01
C GLN A 96 -20.04 14.58 -17.51
N GLU A 97 -20.05 13.24 -17.49
CA GLU A 97 -21.18 12.43 -16.98
C GLU A 97 -21.45 12.95 -15.56
N ILE A 98 -20.39 13.17 -14.78
CA ILE A 98 -20.52 13.65 -13.41
C ILE A 98 -20.91 15.15 -13.22
N ASN A 99 -20.34 16.05 -14.02
CA ASN A 99 -20.76 17.43 -13.87
C ASN A 99 -22.19 17.71 -14.44
N HIS A 100 -22.56 17.05 -15.54
CA HIS A 100 -23.89 17.24 -16.12
C HIS A 100 -24.87 16.60 -15.13
N LEU A 101 -24.39 16.34 -13.91
CA LEU A 101 -25.19 15.72 -12.84
C LEU A 101 -25.15 16.41 -11.44
N PHE A 102 -24.00 16.85 -10.94
CA PHE A 102 -23.97 17.48 -9.61
C PHE A 102 -23.72 19.03 -9.67
N GLY A 103 -23.59 19.54 -10.90
CA GLY A 103 -23.32 20.97 -11.05
C GLY A 103 -24.53 21.64 -11.63
N PRO A 104 -24.37 22.35 -12.76
CA PRO A 104 -23.11 22.56 -13.51
C PRO A 104 -22.13 23.36 -12.70
N LYS A 105 -20.83 23.04 -12.81
CA LYS A 105 -19.81 23.78 -12.07
C LYS A 105 -19.98 25.26 -12.41
N ASP A 106 -19.94 26.12 -11.39
CA ASP A 106 -20.11 27.58 -11.58
C ASP A 106 -21.54 28.01 -12.00
N SER A 107 -22.52 27.25 -11.52
CA SER A 107 -23.94 27.48 -11.77
C SER A 107 -24.60 27.79 -10.42
N GLU A 108 -25.48 28.79 -10.39
CA GLU A 108 -26.16 29.10 -9.14
C GLU A 108 -26.83 27.79 -8.73
N ASP A 109 -26.98 26.90 -9.69
CA ASP A 109 -27.59 25.62 -9.49
C ASP A 109 -26.54 24.53 -9.32
N SER A 110 -25.27 24.93 -9.34
CA SER A 110 -24.19 23.98 -9.14
C SER A 110 -24.53 23.17 -7.91
N TYR A 111 -23.57 22.45 -7.35
CA TYR A 111 -23.89 21.73 -6.15
C TYR A 111 -23.37 22.54 -4.98
N ASP A 112 -24.05 22.37 -3.85
CA ASP A 112 -23.76 23.08 -2.62
C ASP A 112 -22.46 22.65 -1.98
N ILE A 113 -22.44 21.40 -1.51
CA ILE A 113 -21.23 20.83 -0.93
C ILE A 113 -20.97 19.41 -1.55
N ILE A 114 -19.78 19.19 -2.10
CA ILE A 114 -19.42 17.84 -2.57
C ILE A 114 -18.21 17.54 -1.71
N PHE A 115 -18.29 16.58 -0.78
CA PHE A 115 -17.12 16.16 0.07
C PHE A 115 -16.43 14.99 -0.68
N ASP A 116 -15.13 15.04 -0.91
CA ASP A 116 -14.42 13.92 -1.56
C ASP A 116 -13.46 13.18 -0.55
N LEU A 117 -13.55 11.86 -0.50
CA LEU A 117 -12.70 11.04 0.40
C LEU A 117 -11.48 10.43 -0.34
N HIS A 118 -10.30 10.65 0.20
CA HIS A 118 -9.10 10.07 -0.37
C HIS A 118 -8.15 9.58 0.75
N ASN A 119 -7.28 8.62 0.41
CA ASN A 119 -6.33 8.12 1.38
C ASN A 119 -4.95 8.30 0.83
N THR A 120 -3.99 8.39 1.74
CA THR A 120 -2.59 8.52 1.36
C THR A 120 -1.87 7.25 1.77
N THR A 121 -0.59 7.21 1.52
CA THR A 121 0.22 6.07 1.92
C THR A 121 1.20 6.74 2.87
N SER A 122 1.35 8.06 2.73
CA SER A 122 2.28 8.83 3.57
C SER A 122 1.74 8.93 4.98
N ASN A 123 2.59 9.22 5.96
CA ASN A 123 2.02 9.32 7.30
C ASN A 123 1.21 10.58 7.69
N GLY A 125 -2.48 10.92 8.63
CA GLY A 125 -3.47 11.03 9.68
C GLY A 125 -4.63 11.87 9.17
N CYS A 126 -5.47 12.44 10.05
CA CYS A 126 -6.61 13.24 9.55
C CYS A 126 -6.26 14.53 8.88
N THR A 127 -6.94 14.76 7.75
CA THR A 127 -6.75 15.96 6.97
C THR A 127 -8.06 16.66 6.54
N LEU A 128 -7.87 17.89 6.07
CA LEU A 128 -8.95 18.69 5.49
C LEU A 128 -8.21 19.41 4.39
N ILE A 129 -8.68 19.26 3.16
CA ILE A 129 -8.03 19.94 2.08
C ILE A 129 -8.92 21.13 1.68
N LEU A 130 -8.38 22.34 1.80
CA LEU A 130 -9.16 23.52 1.49
C LEU A 130 -8.61 24.26 0.29
N GLU A 131 -9.47 24.76 -0.60
CA GLU A 131 -9.00 25.53 -1.77
C GLU A 131 -9.57 26.97 -1.90
N ASP A 132 -10.64 27.28 -1.14
CA ASP A 132 -11.27 28.61 -1.13
C ASP A 132 -10.66 29.28 0.11
N SER A 133 -9.31 29.32 0.20
CA SER A 133 -8.53 29.91 1.33
C SER A 133 -9.21 31.10 1.97
N ARG A 134 -10.04 31.73 1.16
CA ARG A 134 -10.85 32.84 1.58
C ARG A 134 -12.25 32.21 1.65
N ASN A 135 -12.58 31.59 2.78
CA ASN A 135 -13.90 30.99 2.99
C ASN A 135 -14.14 30.80 4.47
N ASN A 136 -15.07 31.61 5.01
CA ASN A 136 -15.45 31.60 6.44
C ASN A 136 -16.21 30.32 6.90
N PHE A 137 -17.22 29.96 6.10
CA PHE A 137 -18.07 28.81 6.30
C PHE A 137 -17.17 27.56 6.43
N LEU A 138 -16.49 27.23 5.33
CA LEU A 138 -15.58 26.09 5.31
C LEU A 138 -14.41 26.25 6.30
N ILE A 139 -13.84 27.45 6.45
CA ILE A 139 -12.70 27.55 7.39
C ILE A 139 -13.07 27.30 8.86
N GLN A 140 -13.85 28.22 9.44
CA GLN A 140 -14.31 28.12 10.84
C GLN A 140 -14.96 26.76 11.07
N PHE A 142 -13.92 23.87 9.42
CA PHE A 142 -12.89 22.85 9.49
C PHE A 142 -12.45 22.98 10.95
N HIS A 143 -12.42 24.23 11.41
CA HIS A 143 -12.05 24.54 12.75
C HIS A 143 -13.02 23.80 13.63
N TYR A 144 -14.29 23.75 13.22
CA TYR A 144 -15.30 23.01 14.02
C TYR A 144 -14.90 21.51 14.13
N ILE A 145 -14.78 20.84 12.97
CA ILE A 145 -14.45 19.42 12.92
C ILE A 145 -13.22 19.02 13.77
N LYS A 146 -12.16 19.82 13.70
CA LYS A 146 -10.92 19.57 14.46
C LYS A 146 -11.18 19.56 15.97
N THR A 147 -11.83 20.64 16.43
CA THR A 147 -12.14 20.77 17.83
C THR A 147 -13.06 19.62 18.17
N SER A 148 -14.03 19.39 17.29
CA SER A 148 -14.91 18.29 17.58
C SER A 148 -14.21 16.93 17.41
N LEU A 149 -12.96 16.99 16.94
CA LEU A 149 -12.11 15.81 16.71
C LEU A 149 -11.00 15.72 17.72
N ALA A 150 -10.45 16.88 18.07
CA ALA A 150 -9.39 17.04 19.05
C ALA A 150 -9.69 16.36 20.42
N PRO A 151 -8.67 15.81 21.14
CA PRO A 151 -7.22 15.68 21.03
C PRO A 151 -6.73 14.84 19.86
N LEU A 152 -7.63 14.46 18.96
CA LEU A 152 -7.15 13.71 17.83
C LEU A 152 -6.70 14.82 16.89
N PRO A 153 -5.47 14.70 16.37
CA PRO A 153 -4.93 15.71 15.45
C PRO A 153 -5.92 15.73 14.31
N CYS A 154 -5.79 16.69 13.42
CA CYS A 154 -6.72 16.81 12.31
C CYS A 154 -6.19 18.02 11.64
N TYR A 155 -5.17 17.79 10.83
CA TYR A 155 -4.46 18.84 10.11
C TYR A 155 -5.27 19.26 8.94
N VAL A 156 -5.17 20.55 8.62
CA VAL A 156 -5.85 21.09 7.46
C VAL A 156 -4.73 21.46 6.51
N TYR A 157 -4.90 20.94 5.29
CA TYR A 157 -4.01 21.06 4.15
C TYR A 157 -4.66 22.08 3.22
N LEU A 158 -3.96 23.19 2.90
CA LEU A 158 -4.54 24.21 2.02
C LEU A 158 -3.96 24.34 0.63
N ILE A 159 -4.79 24.31 -0.41
CA ILE A 159 -4.27 24.52 -1.76
C ILE A 159 -4.62 25.93 -2.36
N GLU A 160 -3.73 26.50 -3.19
CA GLU A 160 -3.96 27.84 -3.73
C GLU A 160 -3.27 28.16 -5.06
N HIS A 161 -3.96 27.89 -6.16
CA HIS A 161 -3.39 28.16 -7.47
C HIS A 161 -3.50 29.66 -7.86
N PRO A 162 -2.41 30.23 -8.41
CA PRO A 162 -2.46 31.65 -8.82
C PRO A 162 -3.34 31.85 -10.11
N SER A 163 -3.79 30.72 -10.66
CA SER A 163 -4.66 30.68 -11.84
C SER A 163 -6.09 30.82 -11.36
N LEU A 164 -6.29 30.73 -10.04
CA LEU A 164 -7.62 30.82 -9.41
C LEU A 164 -8.52 29.62 -9.80
N LYS A 165 -7.94 28.63 -10.52
CA LYS A 165 -8.66 27.44 -11.03
C LYS A 165 -8.30 26.06 -10.39
N TYR A 166 -9.25 25.15 -10.27
CA TYR A 166 -8.97 23.82 -9.69
C TYR A 166 -9.59 22.66 -10.48
N ALA A 167 -9.06 21.44 -10.37
CA ALA A 167 -9.65 20.33 -11.17
C ALA A 167 -9.89 19.09 -10.27
N THR A 168 -10.17 19.41 -9.01
CA THR A 168 -10.43 18.50 -7.93
C THR A 168 -11.77 17.82 -7.98
N THR A 169 -12.02 17.01 -9.03
CA THR A 169 -13.30 16.31 -9.20
C THR A 169 -14.35 17.04 -8.37
N ARG A 170 -14.29 16.85 -7.06
CA ARG A 170 -15.21 17.53 -6.18
C ARG A 170 -15.57 18.97 -6.57
N SER A 171 -14.57 19.71 -7.06
CA SER A 171 -14.72 21.12 -7.38
C SER A 171 -16.01 21.49 -8.13
N ILE A 172 -16.71 20.51 -8.70
CA ILE A 172 -18.01 20.81 -9.30
C ILE A 172 -18.75 21.81 -8.36
N ALA A 173 -18.63 21.62 -7.04
CA ALA A 173 -19.34 22.42 -6.01
C ALA A 173 -18.91 23.82 -5.62
N LYS A 174 -19.82 24.53 -4.93
CA LYS A 174 -19.58 25.89 -4.42
C LYS A 174 -18.85 25.70 -3.09
N TYR A 175 -19.10 24.54 -2.46
CA TYR A 175 -18.46 24.15 -1.20
C TYR A 175 -17.85 22.73 -1.30
N PRO A 176 -16.72 22.62 -2.02
CA PRO A 176 -15.96 21.37 -2.26
C PRO A 176 -15.13 20.97 -1.04
N VAL A 177 -15.46 19.84 -0.45
CA VAL A 177 -14.73 19.32 0.68
C VAL A 177 -14.08 17.97 0.33
N GLY A 178 -12.79 17.87 0.61
CA GLY A 178 -12.11 16.62 0.33
C GLY A 178 -11.61 16.07 1.65
N ILE A 179 -11.99 14.86 2.04
CA ILE A 179 -11.43 14.31 3.28
C ILE A 179 -10.24 13.40 2.94
N GLU A 180 -9.08 13.74 3.47
CA GLU A 180 -7.89 12.99 3.15
C GLU A 180 -7.50 12.12 4.29
N VAL A 181 -7.64 10.81 4.13
CA VAL A 181 -7.21 9.99 5.20
C VAL A 181 -6.42 8.80 4.74
N GLY A 182 -5.26 8.65 5.37
CA GLY A 182 -4.33 7.58 5.06
C GLY A 182 -3.66 7.08 6.30
N PRO A 183 -2.84 6.04 6.19
CA PRO A 183 -2.44 5.28 5.03
C PRO A 183 -3.19 3.94 4.92
N GLN A 184 -4.42 3.98 4.42
CA GLN A 184 -5.25 2.77 4.23
C GLN A 184 -4.79 2.45 2.77
N PRO A 185 -3.81 1.52 2.74
CA PRO A 185 -3.08 0.90 1.62
C PRO A 185 -3.85 0.70 0.36
N GLN A 186 -3.32 1.16 -0.76
CA GLN A 186 -4.09 0.97 -1.96
C GLN A 186 -4.54 -0.50 -1.82
N GLY A 187 -5.83 -0.74 -1.99
CA GLY A 187 -6.37 -2.09 -1.91
C GLY A 187 -6.41 -2.64 -0.50
N VAL A 188 -6.60 -1.76 0.47
CA VAL A 188 -6.64 -2.26 1.85
C VAL A 188 -7.39 -1.41 2.86
N LEU A 189 -8.47 -1.97 3.44
CA LEU A 189 -9.30 -1.31 4.47
C LEU A 189 -8.94 -1.71 5.92
N ARG A 190 -8.49 -0.78 6.75
CA ARG A 190 -8.12 -1.01 8.17
C ARG A 190 -9.22 -0.54 9.15
N ALA A 191 -8.94 -0.54 10.46
CA ALA A 191 -9.96 0.02 11.35
C ALA A 191 -9.48 1.33 12.00
N ASP A 192 -8.17 1.47 12.32
CA ASP A 192 -7.63 2.73 12.90
C ASP A 192 -8.34 3.81 12.00
N ILE A 193 -7.80 4.09 10.82
CA ILE A 193 -8.40 5.04 9.89
C ILE A 193 -9.94 5.07 9.97
N LEU A 194 -10.55 4.10 9.31
CA LEU A 194 -11.99 4.00 9.27
C LEU A 194 -12.66 4.77 10.44
N ASP A 195 -12.07 4.75 11.63
CA ASP A 195 -12.67 5.51 12.69
C ASP A 195 -12.21 6.97 12.61
N GLN A 196 -10.89 7.23 12.39
CA GLN A 196 -10.35 8.61 12.29
C GLN A 196 -11.29 9.45 11.38
N ARG A 198 -14.28 7.86 9.46
CA ARG A 198 -15.72 7.63 9.53
C ARG A 198 -16.24 8.29 10.77
N LYS A 199 -15.37 8.89 11.57
CA LYS A 199 -15.83 9.62 12.75
C LYS A 199 -15.87 11.09 12.32
N ILE A 201 -16.38 12.39 9.70
CA ILE A 201 -17.51 12.76 8.84
C ILE A 201 -18.53 13.37 9.83
N LYS A 202 -18.88 12.61 10.88
CA LYS A 202 -19.83 13.10 11.88
C LYS A 202 -19.64 14.55 12.27
N HIS A 203 -18.41 15.04 12.32
CA HIS A 203 -18.27 16.41 12.72
C HIS A 203 -18.59 17.35 11.59
N ALA A 204 -18.14 17.06 10.37
CA ALA A 204 -18.53 17.94 9.27
C ALA A 204 -20.06 17.87 9.15
N LEU A 205 -20.67 17.02 9.98
CA LEU A 205 -22.11 16.84 9.99
C LEU A 205 -22.69 17.14 11.40
N ASP A 206 -21.80 17.50 12.31
CA ASP A 206 -22.18 17.93 13.65
C ASP A 206 -22.51 19.37 13.21
N PHE A 207 -21.70 19.88 12.28
CA PHE A 207 -21.79 21.21 11.71
C PHE A 207 -22.95 21.53 10.72
N ILE A 208 -23.12 20.77 9.62
CA ILE A 208 -24.21 21.16 8.72
C ILE A 208 -25.57 21.20 9.41
N HIS A 209 -25.83 20.21 10.26
CA HIS A 209 -27.07 20.10 11.03
C HIS A 209 -27.24 21.33 11.94
N HIS A 210 -26.19 22.15 12.04
CA HIS A 210 -26.29 23.40 12.77
C HIS A 210 -26.61 24.45 11.77
N PHE A 211 -25.78 24.57 10.74
CA PHE A 211 -26.03 25.56 9.73
C PHE A 211 -27.45 25.30 9.15
N ASN A 212 -28.08 24.27 9.68
CA ASN A 212 -29.42 23.88 9.28
C ASN A 212 -30.40 24.53 10.29
N GLU A 213 -30.07 24.47 11.58
CA GLU A 213 -30.89 24.99 12.68
C GLU A 213 -30.85 26.51 12.83
N GLY A 214 -29.66 27.07 13.06
CA GLY A 214 -29.53 28.51 13.19
C GLY A 214 -28.39 29.00 14.07
N LYS A 215 -27.56 28.09 14.59
CA LYS A 215 -26.47 28.50 15.48
C LYS A 215 -25.49 29.53 14.91
N GLU A 216 -24.83 30.23 15.84
CA GLU A 216 -23.83 31.24 15.52
C GLU A 216 -22.44 30.75 15.97
N PHE A 217 -21.41 31.39 15.43
CA PHE A 217 -20.05 31.04 15.79
C PHE A 217 -19.18 32.30 15.57
N PRO A 218 -18.38 32.69 16.59
CA PRO A 218 -17.51 33.87 16.53
C PRO A 218 -16.30 33.70 15.65
N PRO A 219 -15.69 34.82 15.25
CA PRO A 219 -14.51 34.74 14.40
C PRO A 219 -13.56 33.72 15.01
N CYS A 220 -12.80 33.00 14.17
CA CYS A 220 -11.83 31.99 14.63
C CYS A 220 -10.63 31.99 13.69
N ALA A 221 -9.60 31.26 14.06
CA ALA A 221 -8.40 31.20 13.24
C ALA A 221 -7.91 29.78 13.09
N ILE A 222 -7.25 29.44 11.96
CA ILE A 222 -6.63 28.09 11.84
C ILE A 222 -5.30 28.13 11.08
N GLU A 223 -4.38 27.26 11.50
CA GLU A 223 -3.08 27.08 10.83
C GLU A 223 -3.26 26.14 9.60
N VAL A 224 -2.41 26.33 8.60
CA VAL A 224 -2.43 25.48 7.40
C VAL A 224 -1.02 25.32 6.74
N TYR A 225 -0.92 24.34 5.86
CA TYR A 225 0.29 24.03 5.15
C TYR A 225 -0.07 24.05 3.69
N LYS A 226 0.68 24.90 3.01
CA LYS A 226 0.53 25.20 1.61
C LYS A 226 1.85 24.81 0.95
N ILE A 227 1.77 24.10 -0.16
CA ILE A 227 2.99 23.67 -0.82
C ILE A 227 3.87 24.83 -1.24
N ILE A 228 5.15 24.80 -0.88
CA ILE A 228 6.11 25.87 -1.25
C ILE A 228 7.30 25.35 -2.08
N GLU A 229 7.25 24.06 -2.49
CA GLU A 229 8.25 23.35 -3.30
C GLU A 229 7.92 21.87 -3.13
N LYS A 230 7.71 21.14 -4.23
CA LYS A 230 7.39 19.70 -4.14
C LYS A 230 8.55 18.65 -4.13
N VAL A 231 9.70 19.03 -3.57
CA VAL A 231 10.92 18.20 -3.40
C VAL A 231 10.79 16.81 -4.01
N ASP A 232 11.49 16.64 -5.13
CA ASP A 232 11.47 15.41 -5.87
C ASP A 232 12.57 14.47 -5.42
N TYR A 233 12.53 13.24 -5.91
CA TYR A 233 13.53 12.29 -5.53
C TYR A 233 14.63 12.60 -6.53
N PRO A 234 15.89 12.48 -6.08
CA PRO A 234 17.23 12.65 -6.64
C PRO A 234 17.48 11.69 -7.76
N ARG A 235 18.28 12.07 -8.72
CA ARG A 235 18.45 11.09 -9.80
C ARG A 235 19.89 10.78 -10.25
N ASP A 236 20.01 10.27 -11.47
CA ASP A 236 21.31 10.02 -12.04
C ASP A 236 21.18 10.47 -13.49
N GLU A 237 22.29 10.41 -14.22
CA GLU A 237 22.31 10.83 -15.62
C GLU A 237 21.01 10.34 -16.29
N ASN A 238 20.62 9.10 -15.97
CA ASN A 238 19.41 8.47 -16.48
C ASN A 238 18.30 8.46 -15.43
N GLY A 239 18.08 9.63 -14.83
CA GLY A 239 17.06 9.82 -13.80
C GLY A 239 16.88 8.71 -12.77
N GLU A 240 17.65 8.72 -11.69
CA GLU A 240 17.52 7.66 -10.70
C GLU A 240 17.63 7.99 -9.23
N ILE A 241 16.49 7.84 -8.53
CA ILE A 241 16.39 8.02 -7.07
C ILE A 241 17.55 7.17 -6.57
N ALA A 242 18.55 7.82 -5.96
CA ALA A 242 19.77 7.14 -5.51
C ALA A 242 19.71 6.64 -4.10
N ALA A 243 18.87 7.36 -3.34
CA ALA A 243 18.63 7.12 -1.93
C ALA A 243 17.09 7.08 -1.69
N ILE A 244 16.64 6.54 -0.58
CA ILE A 244 15.20 6.51 -0.31
C ILE A 244 14.82 7.67 0.64
N ILE A 245 13.54 7.85 0.97
CA ILE A 245 13.23 8.94 1.92
C ILE A 245 13.90 8.43 3.20
N HIS A 246 14.63 9.29 3.91
CA HIS A 246 15.34 8.87 5.13
C HIS A 246 14.45 8.15 6.16
N PRO A 247 15.02 7.16 6.84
CA PRO A 247 14.10 6.55 7.81
C PRO A 247 13.65 7.57 8.85
N ASN A 248 14.42 8.64 9.09
CA ASN A 248 14.04 9.65 10.08
C ASN A 248 12.95 10.60 9.60
N LEU A 249 12.66 10.58 8.30
CA LEU A 249 11.62 11.45 7.73
C LEU A 249 10.28 10.74 7.59
N GLN A 250 10.33 9.45 7.26
CA GLN A 250 9.09 8.66 7.10
C GLN A 250 8.16 8.74 8.33
N ASP A 251 6.88 8.96 8.05
CA ASP A 251 5.84 8.99 9.07
C ASP A 251 5.66 10.31 9.80
N GLN A 252 6.77 11.01 9.97
CA GLN A 252 6.78 12.30 10.64
C GLN A 252 6.24 13.40 9.73
N ASP A 253 5.09 13.13 9.09
CA ASP A 253 4.43 14.10 8.23
C ASP A 253 4.05 15.27 9.11
N TRP A 254 4.20 16.46 8.55
CA TRP A 254 3.95 17.72 9.25
C TRP A 254 5.06 18.07 10.27
N LYS A 255 5.57 17.10 11.05
CA LYS A 255 6.64 17.42 12.03
C LYS A 255 7.71 18.18 11.19
N PRO A 256 8.13 19.37 11.68
CA PRO A 256 9.08 20.33 11.11
C PRO A 256 10.48 19.89 10.71
N LEU A 257 10.84 20.16 9.46
CA LEU A 257 12.15 19.75 8.99
C LEU A 257 13.07 20.97 8.94
N HIS A 258 14.16 20.91 9.71
CA HIS A 258 15.12 22.02 9.78
C HIS A 258 16.24 21.77 8.77
N PRO A 259 16.88 22.84 8.31
CA PRO A 259 17.94 22.62 7.32
C PRO A 259 18.97 21.50 7.54
N GLY A 260 19.45 21.31 8.75
CA GLY A 260 20.40 20.24 8.90
C GLY A 260 19.68 18.95 8.54
N ASP A 261 18.76 18.57 9.43
CA ASP A 261 17.88 17.41 9.38
C ASP A 261 18.04 16.46 8.20
N PRO A 262 18.08 15.14 8.48
CA PRO A 262 18.23 14.14 7.41
C PRO A 262 17.02 14.08 6.48
N PHE A 264 17.24 11.90 3.26
CA PHE A 264 17.33 10.61 2.62
C PHE A 264 18.29 9.66 3.31
N LEU A 265 18.28 8.44 2.81
CA LEU A 265 19.21 7.43 3.23
C LEU A 265 19.84 7.00 1.88
N THR A 266 21.17 6.98 1.74
CA THR A 266 21.76 6.53 0.44
C THR A 266 22.35 5.15 0.55
N LEU A 267 21.69 4.20 -0.12
CA LEU A 267 22.09 2.80 -0.11
C LEU A 267 23.58 2.46 0.07
N ASP A 268 24.52 3.28 -0.41
CA ASP A 268 25.94 2.90 -0.22
C ASP A 268 26.67 3.53 1.00
N GLY A 269 25.98 4.43 1.71
CA GLY A 269 26.58 5.07 2.89
C GLY A 269 26.53 6.61 3.01
N LYS A 270 25.36 7.21 2.72
CA LYS A 270 25.16 8.67 2.77
C LYS A 270 23.71 9.23 3.05
N THR A 271 23.62 10.36 3.77
CA THR A 271 22.32 11.02 4.05
C THR A 271 22.17 12.38 3.29
N ILE A 272 21.21 12.51 2.38
CA ILE A 272 21.08 13.81 1.69
C ILE A 272 20.21 14.81 2.51
N PRO A 273 20.81 15.92 2.98
CA PRO A 273 20.06 16.90 3.78
C PRO A 273 19.32 18.03 3.08
N LEU A 274 18.34 18.59 3.80
CA LEU A 274 17.43 19.64 3.33
C LEU A 274 17.91 20.93 2.58
N GLY A 275 18.61 21.80 3.28
CA GLY A 275 19.07 23.01 2.64
C GLY A 275 18.22 24.20 2.96
N GLY A 276 18.73 25.38 2.60
CA GLY A 276 18.01 26.61 2.84
C GLY A 276 18.16 27.03 4.30
N ASP A 277 17.75 28.26 4.57
CA ASP A 277 17.81 28.78 5.92
C ASP A 277 16.41 29.13 6.39
N CYS A 278 15.56 28.10 6.48
CA CYS A 278 14.18 28.26 6.96
C CYS A 278 13.48 26.93 7.17
N THR A 279 12.75 26.81 8.27
CA THR A 279 12.05 25.58 8.61
C THR A 279 10.89 25.24 7.72
N VAL A 280 10.65 23.93 7.55
CA VAL A 280 9.56 23.45 6.71
C VAL A 280 8.82 22.24 7.34
N TYR A 281 7.65 21.91 6.81
CA TYR A 281 6.92 20.78 7.37
C TYR A 281 6.60 19.77 6.28
N PRO A 282 7.49 18.78 6.03
CA PRO A 282 7.19 17.83 4.95
C PRO A 282 5.77 17.23 4.96
N VAL A 283 5.13 17.24 3.79
CA VAL A 283 3.79 16.67 3.59
C VAL A 283 3.83 15.67 2.43
N PHE A 284 2.97 14.66 2.54
CA PHE A 284 2.87 13.55 1.60
C PHE A 284 4.17 12.72 1.43
N VAL A 285 4.86 12.47 2.56
CA VAL A 285 6.09 11.72 2.54
C VAL A 285 5.83 10.43 1.84
N ASN A 286 6.15 10.37 0.54
CA ASN A 286 5.96 9.14 -0.21
C ASN A 286 4.50 8.67 -0.60
N GLU A 287 3.67 9.49 -1.23
CA GLU A 287 2.36 8.92 -1.57
C GLU A 287 2.53 7.92 -2.74
N ALA A 288 2.45 6.62 -2.45
CA ALA A 288 2.60 5.56 -3.45
C ALA A 288 2.27 6.09 -4.81
N ALA A 289 1.03 6.56 -4.93
CA ALA A 289 0.56 7.11 -6.20
C ALA A 289 1.70 7.84 -6.93
N TYR A 290 1.77 9.12 -6.58
CA TYR A 290 2.72 10.08 -7.09
C TYR A 290 4.13 9.50 -7.17
N TYR A 291 4.26 8.31 -7.77
CA TYR A 291 5.58 7.76 -7.93
C TYR A 291 5.85 7.74 -9.41
N GLU A 292 4.81 7.62 -10.24
CA GLU A 292 5.09 7.62 -11.68
C GLU A 292 5.88 8.88 -11.97
N LYS A 293 5.77 9.87 -11.08
CA LYS A 293 6.50 11.11 -11.28
C LYS A 293 7.80 11.23 -10.49
N LYS A 294 8.46 10.09 -10.23
CA LYS A 294 9.74 10.04 -9.54
C LYS A 294 9.76 11.12 -8.46
N GLU A 295 8.63 11.23 -7.76
CA GLU A 295 8.42 12.24 -6.73
C GLU A 295 8.36 11.71 -5.30
N ALA A 296 8.95 12.48 -4.40
CA ALA A 296 8.99 12.10 -3.01
C ALA A 296 7.90 12.81 -2.23
N PHE A 297 8.27 13.78 -1.40
CA PHE A 297 7.27 14.52 -0.63
C PHE A 297 7.30 15.96 -1.09
N ALA A 298 6.33 16.74 -0.60
CA ALA A 298 6.24 18.18 -0.89
C ALA A 298 6.53 19.02 0.37
N LYS A 299 7.33 20.09 0.21
CA LYS A 299 7.71 20.97 1.32
C LYS A 299 6.60 21.97 1.54
N THR A 300 6.23 22.19 2.82
CA THR A 300 5.13 23.12 3.16
C THR A 300 5.45 24.07 4.30
N THR A 301 4.78 25.25 4.33
CA THR A 301 4.93 26.26 5.41
C THR A 301 3.57 26.44 6.08
N LYS A 302 3.58 26.72 7.38
CA LYS A 302 2.34 26.91 8.13
C LYS A 302 1.87 28.35 8.13
N LEU A 303 0.55 28.56 8.18
CA LEU A 303 0.00 29.91 8.28
C LEU A 303 -1.39 30.03 8.91
N THR A 304 -1.80 31.26 9.19
CA THR A 304 -3.12 31.41 9.79
C THR A 304 -4.10 32.01 8.83
N LEU A 305 -5.28 31.40 8.73
CA LEU A 305 -6.30 31.91 7.83
C LEU A 305 -7.51 32.23 8.69
N ASN A 306 -7.52 33.39 9.35
CA ASN A 306 -8.62 33.80 10.23
C ASN A 306 -9.94 34.03 9.52
N ALA A 307 -11.07 33.81 10.18
CA ALA A 307 -12.36 34.04 9.54
C ALA A 307 -13.25 35.16 10.21
N LYS A 308 -13.86 36.00 9.38
CA LYS A 308 -14.76 37.05 9.87
C LYS A 308 -15.94 36.32 10.49
N SER A 309 -16.63 37.00 11.41
CA SER A 309 -17.77 36.43 12.15
C SER A 309 -18.65 35.51 11.32
N ILE A 310 -19.39 34.61 11.98
CA ILE A 310 -20.26 33.69 11.21
C ILE A 310 -21.62 33.50 11.85
N ARG A 311 -22.64 33.87 11.06
CA ARG A 311 -24.05 33.82 11.46
C ARG A 311 -24.71 32.48 11.13
N CYS A 312 -25.51 32.43 10.08
CA CYS A 312 -26.16 31.16 9.76
C CYS A 312 -26.94 31.16 8.45
N GLU B 11 26.63 -31.42 -0.37
CA GLU B 11 26.80 -30.91 -1.77
C GLU B 11 27.16 -29.43 -1.74
N HIS B 12 28.31 -29.14 -2.35
CA HIS B 12 28.93 -27.81 -2.44
C HIS B 12 28.20 -26.78 -3.33
N ILE B 13 27.90 -25.62 -2.73
CA ILE B 13 27.16 -24.56 -3.41
C ILE B 13 28.02 -23.65 -4.30
N GLN B 14 27.79 -23.74 -5.61
CA GLN B 14 28.52 -22.92 -6.57
C GLN B 14 27.68 -21.76 -7.14
N LYS B 15 26.42 -22.04 -7.46
CA LYS B 15 25.56 -21.00 -8.02
C LYS B 15 24.40 -20.52 -7.11
N VAL B 16 24.34 -19.20 -6.90
CA VAL B 16 23.33 -18.54 -6.07
C VAL B 16 22.73 -17.35 -6.79
N ALA B 17 21.40 -17.25 -6.78
CA ALA B 17 20.76 -16.10 -7.41
C ALA B 17 19.90 -15.28 -6.39
N ILE B 18 19.75 -14.00 -6.68
CA ILE B 18 18.89 -13.12 -5.90
C ILE B 18 18.07 -12.44 -7.01
N PHE B 19 16.78 -12.75 -7.12
CA PHE B 19 15.88 -12.13 -8.14
C PHE B 19 15.23 -10.81 -7.67
N GLY B 20 14.47 -10.18 -8.59
CA GLY B 20 13.80 -8.93 -8.24
C GLY B 20 12.51 -8.64 -9.02
N GLY B 21 11.45 -8.16 -8.35
CA GLY B 21 10.23 -7.95 -9.11
C GLY B 21 9.51 -9.12 -9.79
N THR B 22 9.21 -10.20 -9.06
CA THR B 22 8.42 -11.32 -9.60
C THR B 22 6.99 -10.68 -9.63
N HIS B 23 6.84 -9.76 -8.68
CA HIS B 23 5.66 -8.95 -8.64
C HIS B 23 6.21 -7.51 -8.85
N GLY B 24 5.93 -6.94 -10.02
CA GLY B 24 6.48 -5.63 -10.38
C GLY B 24 6.44 -4.47 -9.42
N ASN B 25 5.43 -4.49 -8.55
CA ASN B 25 5.21 -3.41 -7.59
C ASN B 25 5.54 -3.71 -6.14
N GLU B 26 6.42 -4.71 -5.92
CA GLU B 26 6.96 -5.07 -4.61
C GLU B 26 8.39 -4.55 -4.82
N LEU B 27 8.55 -3.27 -4.52
CA LEU B 27 9.77 -2.52 -4.76
C LEU B 27 11.09 -2.78 -4.04
N THR B 28 11.09 -3.05 -2.72
CA THR B 28 12.39 -3.21 -2.06
C THR B 28 13.28 -4.24 -2.77
N GLY B 29 12.64 -5.29 -3.29
CA GLY B 29 13.43 -6.24 -4.03
C GLY B 29 13.94 -5.67 -5.35
N VAL B 30 13.11 -4.88 -6.05
CA VAL B 30 13.50 -4.31 -7.32
C VAL B 30 14.65 -3.34 -7.14
N PHE B 31 14.61 -2.55 -6.07
CA PHE B 31 15.65 -1.57 -5.82
C PHE B 31 17.01 -2.24 -5.64
N LEU B 32 17.05 -3.25 -4.74
CA LEU B 32 18.28 -4.00 -4.44
C LEU B 32 18.86 -4.66 -5.73
N VAL B 33 18.01 -5.33 -6.49
CA VAL B 33 18.50 -5.96 -7.69
C VAL B 33 18.87 -4.89 -8.75
N LYS B 34 18.27 -3.71 -8.70
CA LYS B 34 18.61 -2.75 -9.70
C LYS B 34 19.94 -2.21 -9.36
N HIS B 35 20.19 -2.06 -8.07
CA HIS B 35 21.47 -1.54 -7.56
C HIS B 35 22.64 -2.53 -7.66
N TRP B 36 22.54 -3.66 -6.94
CA TRP B 36 23.58 -4.70 -6.94
C TRP B 36 24.06 -4.90 -8.38
N LEU B 37 23.11 -5.05 -9.31
CA LEU B 37 23.49 -5.22 -10.71
C LEU B 37 24.45 -4.16 -11.16
N GLU B 38 24.80 -3.23 -10.27
CA GLU B 38 25.73 -2.16 -10.59
C GLU B 38 26.92 -2.36 -9.68
N ASN B 39 26.73 -2.96 -8.51
CA ASN B 39 27.81 -3.32 -7.58
C ASN B 39 27.50 -4.36 -6.43
N GLY B 40 27.62 -5.62 -6.86
CA GLY B 40 27.35 -6.75 -6.00
C GLY B 40 28.43 -7.03 -4.99
N ALA B 41 29.35 -6.09 -4.86
CA ALA B 41 30.47 -6.26 -3.94
C ALA B 41 29.93 -6.87 -2.64
N GLU B 42 28.89 -6.22 -2.08
CA GLU B 42 28.15 -6.61 -0.88
C GLU B 42 27.45 -8.00 -0.91
N ILE B 43 27.05 -8.45 -2.09
CA ILE B 43 26.40 -9.74 -2.11
C ILE B 43 27.38 -10.83 -2.46
N GLN B 44 28.56 -10.49 -3.01
CA GLN B 44 29.49 -11.57 -3.37
C GLN B 44 30.16 -12.16 -2.10
N ARG B 45 30.59 -13.41 -2.13
CA ARG B 45 31.27 -14.03 -0.98
C ARG B 45 32.45 -14.69 -1.61
N THR B 46 33.68 -14.44 -1.16
CA THR B 46 34.74 -15.14 -1.87
C THR B 46 34.41 -16.66 -1.96
N GLY B 47 34.41 -17.16 -3.20
CA GLY B 47 34.12 -18.55 -3.42
C GLY B 47 32.75 -18.86 -3.94
N LEU B 48 31.95 -17.81 -4.15
CA LEU B 48 30.61 -17.98 -4.70
C LEU B 48 30.24 -16.67 -5.39
N GLU B 49 29.89 -16.74 -6.66
CA GLU B 49 29.46 -15.54 -7.40
C GLU B 49 27.94 -15.34 -7.19
N VAL B 50 27.53 -14.26 -6.54
CA VAL B 50 26.09 -14.05 -6.36
C VAL B 50 25.50 -13.16 -7.47
N LYS B 51 24.66 -13.75 -8.31
CA LYS B 51 24.03 -13.03 -9.41
C LYS B 51 22.61 -12.42 -9.17
N PRO B 52 22.42 -11.13 -9.45
CA PRO B 52 21.08 -10.59 -9.23
C PRO B 52 20.37 -10.68 -10.58
N PHE B 53 19.06 -10.49 -10.55
CA PHE B 53 18.26 -10.61 -11.75
C PHE B 53 16.83 -10.11 -11.48
N ILE B 54 16.33 -9.19 -12.30
CA ILE B 54 14.96 -8.66 -12.12
C ILE B 54 14.01 -9.54 -12.93
N THR B 55 13.26 -10.41 -12.24
CA THR B 55 12.46 -11.38 -12.96
C THR B 55 11.37 -10.92 -13.90
N ASN B 56 10.76 -9.76 -13.61
CA ASN B 56 9.65 -9.27 -14.41
C ASN B 56 9.71 -7.78 -14.73
N PRO B 57 10.56 -7.43 -15.70
CA PRO B 57 10.75 -6.05 -16.13
C PRO B 57 9.43 -5.37 -16.48
N ARG B 58 8.66 -6.04 -17.33
CA ARG B 58 7.40 -5.46 -17.76
C ARG B 58 6.59 -4.91 -16.59
N ALA B 59 6.21 -5.83 -15.70
CA ALA B 59 5.42 -5.51 -14.55
C ALA B 59 6.14 -4.58 -13.59
N VAL B 60 7.48 -4.60 -13.63
CA VAL B 60 8.22 -3.71 -12.75
C VAL B 60 8.04 -2.32 -13.35
N LYS B 61 8.00 -2.22 -14.68
CA LYS B 61 7.80 -0.92 -15.32
C LYS B 61 6.30 -0.53 -15.39
N LYS B 62 5.39 -1.48 -15.54
CA LYS B 62 3.97 -1.08 -15.54
C LYS B 62 3.84 -1.04 -14.01
N CYS B 63 4.93 -1.53 -13.36
CA CYS B 63 5.08 -1.73 -11.89
C CYS B 63 3.65 -1.89 -11.34
N THR B 64 3.25 -3.14 -11.47
CA THR B 64 1.99 -3.58 -10.98
C THR B 64 2.44 -4.97 -10.52
N ARG B 65 1.57 -5.69 -9.82
CA ARG B 65 1.92 -7.03 -9.35
C ARG B 65 2.45 -7.73 -10.58
N TYR B 66 1.52 -8.09 -11.47
CA TYR B 66 1.88 -8.72 -12.74
C TYR B 66 1.13 -8.07 -13.87
N ILE B 67 1.58 -8.40 -15.11
CA ILE B 67 1.05 -7.86 -16.40
C ILE B 67 -0.05 -8.73 -17.04
N ASP B 68 0.03 -10.06 -16.87
CA ASP B 68 -0.99 -11.00 -17.42
C ASP B 68 -1.37 -12.27 -16.67
N CYS B 69 -0.57 -12.66 -15.68
CA CYS B 69 -0.81 -13.79 -14.78
C CYS B 69 0.43 -13.78 -13.93
N ASP B 70 0.32 -14.15 -12.66
CA ASP B 70 1.45 -14.16 -11.72
C ASP B 70 2.64 -15.05 -12.13
N LEU B 71 3.86 -14.56 -11.90
CA LEU B 71 5.05 -15.34 -12.29
C LEU B 71 5.62 -16.24 -11.16
N ASN B 72 4.91 -16.32 -10.02
CA ASN B 72 5.31 -17.13 -8.86
C ASN B 72 4.15 -18.07 -8.56
N ARG B 73 3.25 -18.22 -9.53
CA ARG B 73 2.11 -19.11 -9.31
C ARG B 73 2.09 -20.28 -10.29
N ILE B 74 2.87 -20.12 -11.36
CA ILE B 74 2.91 -21.06 -12.47
C ILE B 74 4.17 -21.84 -12.88
N PHE B 75 5.22 -21.97 -12.06
CA PHE B 75 6.42 -22.67 -12.53
C PHE B 75 6.47 -24.19 -12.52
N ASP B 76 5.37 -24.80 -12.95
CA ASP B 76 5.23 -26.24 -13.06
C ASP B 76 5.40 -26.60 -14.53
N LEU B 77 5.22 -27.90 -14.83
CA LEU B 77 5.37 -28.47 -16.18
C LEU B 77 4.42 -27.99 -17.27
N GLU B 78 3.16 -27.73 -16.93
CA GLU B 78 2.18 -27.27 -17.94
C GLU B 78 2.58 -26.03 -18.75
N ASN B 79 3.22 -25.03 -18.15
CA ASN B 79 3.63 -23.84 -18.93
C ASN B 79 5.10 -23.69 -19.10
N LEU B 80 5.89 -24.21 -18.15
CA LEU B 80 7.34 -24.03 -18.21
C LEU B 80 7.95 -24.84 -19.28
N GLY B 81 7.17 -25.82 -19.72
CA GLY B 81 7.59 -26.69 -20.81
C GLY B 81 6.57 -26.94 -21.91
N LYS B 82 5.66 -26.00 -22.14
CA LYS B 82 4.64 -26.14 -23.20
C LYS B 82 5.08 -25.32 -24.41
N LYS B 83 4.51 -25.57 -25.59
CA LYS B 83 4.93 -24.81 -26.78
C LYS B 83 4.54 -23.32 -26.75
N SER B 85 4.52 -19.33 -28.33
CA SER B 85 4.31 -18.66 -29.60
C SER B 85 4.35 -17.15 -29.41
N GLU B 86 3.23 -16.51 -29.68
CA GLU B 86 3.06 -15.09 -29.53
C GLU B 86 1.70 -14.79 -28.96
N ASP B 87 0.87 -15.84 -28.84
CA ASP B 87 -0.46 -15.72 -28.26
C ASP B 87 -0.34 -16.06 -26.77
N LEU B 88 0.37 -17.14 -26.47
CA LEU B 88 0.53 -17.60 -25.08
C LEU B 88 1.00 -16.49 -24.15
N PRO B 89 0.20 -16.18 -23.10
CA PRO B 89 0.48 -15.11 -22.10
C PRO B 89 1.94 -14.71 -21.84
N TYR B 90 2.14 -13.40 -21.80
CA TYR B 90 3.45 -12.82 -21.54
C TYR B 90 4.18 -13.45 -20.35
N GLU B 91 3.51 -13.62 -19.20
CA GLU B 91 4.20 -14.20 -18.07
C GLU B 91 4.45 -15.72 -18.21
N VAL B 92 3.79 -16.33 -19.20
CA VAL B 92 4.06 -17.73 -19.50
C VAL B 92 5.27 -17.60 -20.45
N ARG B 93 5.11 -16.73 -21.43
CA ARG B 93 6.16 -16.49 -22.39
C ARG B 93 7.40 -16.10 -21.60
N ARG B 94 7.23 -15.23 -20.58
CA ARG B 94 8.37 -14.79 -19.78
C ARG B 94 8.98 -15.87 -18.93
N ALA B 95 8.15 -16.53 -18.11
CA ALA B 95 8.60 -17.65 -17.24
C ALA B 95 9.65 -18.46 -17.93
N GLN B 96 9.24 -19.11 -19.03
CA GLN B 96 10.13 -19.94 -19.84
C GLN B 96 11.49 -19.30 -20.18
N GLU B 97 11.50 -17.98 -20.37
CA GLU B 97 12.78 -17.35 -20.59
C GLU B 97 13.44 -17.56 -19.20
N ILE B 98 12.81 -17.03 -18.14
CA ILE B 98 13.39 -17.21 -16.82
C ILE B 98 13.89 -18.66 -16.67
N ASN B 99 12.96 -19.64 -16.86
CA ASN B 99 13.31 -21.06 -16.75
C ASN B 99 14.40 -21.50 -17.70
N HIS B 100 14.32 -21.14 -18.98
CA HIS B 100 15.41 -21.50 -19.87
C HIS B 100 16.72 -20.94 -19.29
N LEU B 101 16.67 -19.90 -18.46
CA LEU B 101 17.90 -19.29 -17.84
C LEU B 101 18.47 -19.83 -16.54
N PHE B 102 17.73 -19.78 -15.42
CA PHE B 102 18.35 -20.24 -14.16
C PHE B 102 18.09 -21.69 -13.84
N GLY B 103 17.51 -22.34 -14.84
CA GLY B 103 17.22 -23.74 -14.69
C GLY B 103 18.37 -24.53 -15.29
N PRO B 104 18.06 -25.62 -15.98
CA PRO B 104 16.63 -25.90 -16.06
C PRO B 104 16.09 -26.61 -14.82
N LYS B 105 15.20 -25.91 -14.13
CA LYS B 105 14.53 -26.44 -12.95
C LYS B 105 14.49 -27.97 -13.05
N ASP B 106 15.20 -28.65 -12.14
CA ASP B 106 15.23 -30.09 -12.08
C ASP B 106 16.32 -30.77 -12.86
N SER B 107 17.18 -29.98 -13.49
CA SER B 107 18.32 -30.52 -14.25
C SER B 107 19.59 -30.41 -13.37
N GLU B 108 20.69 -31.02 -13.80
CA GLU B 108 21.92 -30.90 -12.99
C GLU B 108 22.48 -29.50 -13.19
N ASP B 109 21.95 -28.75 -14.14
CA ASP B 109 22.46 -27.40 -14.42
C ASP B 109 22.02 -26.35 -13.43
N SER B 110 20.92 -26.64 -12.73
CA SER B 110 20.25 -25.80 -11.73
C SER B 110 21.02 -25.10 -10.58
N TYR B 111 20.49 -23.95 -10.14
CA TYR B 111 21.10 -23.21 -9.04
C TYR B 111 20.97 -23.90 -7.69
N ASP B 112 21.97 -23.68 -6.87
CA ASP B 112 22.00 -24.28 -5.56
C ASP B 112 21.10 -23.57 -4.56
N ILE B 113 21.07 -22.25 -4.68
CA ILE B 113 20.23 -21.43 -3.82
C ILE B 113 19.85 -20.24 -4.65
N ILE B 114 18.54 -19.98 -4.78
CA ILE B 114 18.01 -18.76 -5.45
C ILE B 114 17.13 -18.09 -4.36
N PHE B 115 17.29 -16.80 -4.15
CA PHE B 115 16.43 -16.10 -3.21
C PHE B 115 15.38 -15.34 -4.07
N ASP B 116 14.09 -15.43 -3.77
CA ASP B 116 13.06 -14.72 -4.51
C ASP B 116 12.50 -13.69 -3.54
N LEU B 117 12.89 -12.42 -3.67
CA LEU B 117 12.39 -11.33 -2.75
C LEU B 117 10.90 -10.84 -2.99
N HIS B 118 10.19 -10.64 -1.89
CA HIS B 118 8.81 -10.21 -1.92
C HIS B 118 8.52 -9.26 -0.75
N ASN B 119 7.91 -8.14 -1.05
CA ASN B 119 7.56 -7.16 -0.04
C ASN B 119 6.04 -7.38 0.14
N THR B 120 5.47 -7.43 1.35
CA THR B 120 3.99 -7.60 1.47
C THR B 120 3.35 -6.55 2.38
N THR B 121 2.06 -6.29 2.26
CA THR B 121 1.42 -5.28 3.15
C THR B 121 1.02 -5.79 4.53
N SER B 122 1.12 -7.11 4.77
CA SER B 122 0.81 -7.70 6.10
C SER B 122 1.88 -7.27 7.12
N ASN B 123 1.45 -7.00 8.35
CA ASN B 123 2.43 -6.56 9.34
C ASN B 123 3.18 -7.78 9.87
N GLY B 125 6.98 -8.42 9.10
CA GLY B 125 8.42 -8.34 9.26
C GLY B 125 9.28 -9.37 8.53
N CYS B 126 10.45 -9.67 9.11
CA CYS B 126 11.40 -10.58 8.49
C CYS B 126 10.79 -11.95 8.37
N THR B 127 10.44 -12.33 7.13
CA THR B 127 9.84 -13.66 6.87
C THR B 127 10.63 -14.58 5.91
N LEU B 128 10.83 -15.85 6.30
CA LEU B 128 11.49 -16.82 5.42
C LEU B 128 10.47 -17.79 4.82
N ILE B 129 10.52 -18.05 3.52
CA ILE B 129 9.56 -18.99 2.95
C ILE B 129 10.22 -20.22 2.31
N LEU B 130 10.00 -21.35 3.00
CA LEU B 130 10.51 -22.68 2.66
C LEU B 130 9.51 -23.73 2.17
N GLU B 131 9.85 -24.56 1.18
CA GLU B 131 8.88 -25.59 0.74
C GLU B 131 9.26 -27.07 1.08
N ASP B 132 10.53 -27.46 0.95
CA ASP B 132 10.94 -28.83 1.30
C ASP B 132 10.76 -28.82 2.81
N SER B 133 9.84 -29.63 3.35
CA SER B 133 9.63 -29.71 4.81
C SER B 133 10.76 -30.63 5.32
N ARG B 134 11.38 -31.27 4.36
CA ARG B 134 12.48 -32.18 4.55
C ARG B 134 13.66 -31.47 3.81
N ASN B 135 14.44 -30.65 4.53
CA ASN B 135 15.63 -29.98 3.93
C ASN B 135 16.56 -29.38 4.99
N ASN B 136 17.40 -30.21 5.59
CA ASN B 136 18.31 -29.74 6.61
C ASN B 136 19.13 -28.50 6.21
N PHE B 137 19.76 -28.52 5.05
CA PHE B 137 20.52 -27.37 4.63
C PHE B 137 19.65 -26.11 4.70
N LEU B 138 18.45 -26.14 4.10
CA LEU B 138 17.58 -24.94 4.17
C LEU B 138 17.07 -24.63 5.59
N ILE B 139 16.60 -25.66 6.32
CA ILE B 139 16.14 -25.45 7.70
C ILE B 139 17.25 -24.85 8.52
N GLN B 140 18.39 -25.53 8.44
CA GLN B 140 19.61 -25.14 9.09
C GLN B 140 20.12 -23.77 8.62
N PHE B 142 18.08 -21.24 7.61
CA PHE B 142 17.10 -20.32 8.23
C PHE B 142 17.43 -20.26 9.72
N HIS B 143 17.66 -21.46 10.28
CA HIS B 143 18.07 -21.63 11.67
C HIS B 143 19.22 -20.64 11.81
N TYR B 144 20.10 -20.72 10.82
CA TYR B 144 21.25 -19.86 10.75
C TYR B 144 20.88 -18.37 10.59
N ILE B 145 19.95 -18.02 9.68
CA ILE B 145 19.57 -16.61 9.53
C ILE B 145 18.92 -16.19 10.83
N LYS B 146 17.94 -16.98 11.29
CA LYS B 146 17.24 -16.67 12.53
C LYS B 146 18.24 -16.22 13.61
N THR B 147 19.21 -17.12 13.86
CA THR B 147 20.31 -16.88 14.80
C THR B 147 20.87 -15.47 14.83
N SER B 148 21.31 -14.99 13.68
CA SER B 148 21.86 -13.65 13.54
C SER B 148 20.87 -12.51 13.74
N LEU B 149 19.70 -12.62 13.11
CA LEU B 149 18.67 -11.59 13.23
C LEU B 149 18.37 -11.09 14.63
N ALA B 150 18.43 -11.98 15.64
CA ALA B 150 18.06 -11.55 17.02
C ALA B 150 18.86 -10.35 17.37
N PRO B 151 18.24 -9.34 17.93
CA PRO B 151 16.93 -8.94 18.42
C PRO B 151 15.92 -8.67 17.28
N LEU B 152 16.35 -8.37 16.06
CA LEU B 152 15.38 -8.15 14.98
C LEU B 152 14.71 -9.51 14.82
N PRO B 153 13.40 -9.63 15.10
CA PRO B 153 12.62 -10.90 14.99
C PRO B 153 12.57 -11.51 13.58
N CYS B 154 12.22 -12.79 13.49
CA CYS B 154 12.16 -13.46 12.19
C CYS B 154 11.31 -14.70 12.27
N TYR B 155 10.47 -14.93 11.26
CA TYR B 155 9.55 -16.08 11.25
C TYR B 155 9.67 -16.91 9.98
N VAL B 156 9.34 -18.19 10.09
CA VAL B 156 9.39 -19.14 8.98
C VAL B 156 7.96 -19.61 8.70
N TYR B 157 7.51 -19.37 7.47
CA TYR B 157 6.18 -19.73 6.99
C TYR B 157 6.30 -21.11 6.27
N LEU B 158 5.50 -22.14 6.61
CA LEU B 158 5.64 -23.46 5.94
C LEU B 158 4.52 -23.92 5.00
N ILE B 159 4.94 -24.44 3.81
CA ILE B 159 3.99 -24.98 2.83
C ILE B 159 4.12 -26.48 2.43
N GLU B 160 3.22 -27.30 2.96
CA GLU B 160 3.24 -28.73 2.68
C GLU B 160 2.28 -29.11 1.57
N HIS B 161 2.80 -29.19 0.34
CA HIS B 161 2.03 -29.57 -0.83
C HIS B 161 1.88 -31.08 -1.01
N PRO B 162 0.66 -31.64 -0.85
CA PRO B 162 0.62 -33.08 -1.06
C PRO B 162 0.74 -33.51 -2.56
N SER B 163 0.96 -32.50 -3.41
CA SER B 163 1.16 -32.71 -4.84
C SER B 163 2.65 -33.01 -5.04
N LEU B 164 3.48 -32.56 -4.11
CA LEU B 164 4.94 -32.75 -4.19
C LEU B 164 5.48 -31.94 -5.39
N LYS B 165 4.64 -31.02 -5.86
CA LYS B 165 4.97 -30.14 -6.98
C LYS B 165 4.81 -28.70 -6.52
N TYR B 166 5.60 -27.80 -7.09
CA TYR B 166 5.50 -26.36 -6.79
C TYR B 166 5.54 -25.48 -8.08
N ALA B 167 5.09 -24.22 -8.02
CA ALA B 167 5.11 -23.39 -9.21
C ALA B 167 5.61 -21.99 -8.93
N THR B 168 6.53 -21.88 -7.99
CA THR B 168 7.09 -20.59 -7.68
C THR B 168 8.36 -20.31 -8.52
N THR B 169 8.51 -19.06 -8.95
CA THR B 169 9.68 -18.64 -9.72
C THR B 169 10.85 -19.29 -9.01
N ARG B 170 10.89 -19.19 -7.68
CA ARG B 170 12.01 -19.77 -6.93
C ARG B 170 12.11 -21.30 -7.00
N SER B 171 10.99 -22.01 -7.13
CA SER B 171 11.08 -23.46 -7.13
C SER B 171 12.04 -24.01 -8.22
N ILE B 172 12.63 -23.10 -8.99
CA ILE B 172 13.59 -23.41 -10.06
C ILE B 172 14.96 -23.85 -9.49
N ALA B 173 15.21 -23.54 -8.22
CA ALA B 173 16.46 -23.90 -7.55
C ALA B 173 16.40 -25.27 -6.87
N LYS B 174 17.58 -25.81 -6.49
CA LYS B 174 17.68 -27.09 -5.74
C LYS B 174 17.20 -26.76 -4.30
N TYR B 175 17.61 -25.58 -3.84
CA TYR B 175 17.25 -25.05 -2.54
C TYR B 175 16.62 -23.69 -2.70
N PRO B 176 15.29 -23.59 -2.75
CA PRO B 176 14.60 -22.29 -2.91
C PRO B 176 14.52 -21.42 -1.63
N VAL B 177 14.50 -20.12 -1.78
CA VAL B 177 14.34 -19.34 -0.56
C VAL B 177 13.36 -18.24 -0.98
N GLY B 178 12.18 -18.24 -0.37
CA GLY B 178 11.18 -17.24 -0.67
C GLY B 178 11.38 -16.28 0.46
N ILE B 179 11.51 -14.98 0.18
CA ILE B 179 11.67 -13.97 1.24
C ILE B 179 10.66 -12.80 1.08
N GLU B 180 9.65 -12.77 1.95
CA GLU B 180 8.59 -11.77 1.94
C GLU B 180 8.73 -10.90 3.16
N VAL B 181 9.13 -9.64 2.97
CA VAL B 181 9.24 -8.74 4.10
C VAL B 181 8.14 -7.70 3.97
N GLY B 182 7.57 -7.32 5.12
CA GLY B 182 6.47 -6.38 5.22
C GLY B 182 6.43 -5.74 6.60
N PRO B 183 5.68 -4.67 6.80
CA PRO B 183 4.80 -3.99 5.84
C PRO B 183 5.37 -2.79 5.06
N GLN B 184 5.03 -2.71 3.77
CA GLN B 184 5.45 -1.58 2.96
C GLN B 184 4.26 -1.58 2.05
N PRO B 185 3.73 -0.40 1.62
CA PRO B 185 2.58 -0.54 0.71
C PRO B 185 3.13 -0.82 -0.68
N GLN B 186 2.30 -1.34 -1.59
CA GLN B 186 2.79 -1.62 -2.94
C GLN B 186 3.30 -0.32 -3.54
N GLY B 187 4.23 -0.38 -4.46
CA GLY B 187 4.69 0.84 -5.05
C GLY B 187 5.22 1.89 -4.12
N VAL B 188 5.66 1.51 -2.93
CA VAL B 188 6.23 2.52 -1.99
C VAL B 188 7.40 1.86 -1.34
N LEU B 189 8.57 2.49 -1.38
CA LEU B 189 9.77 1.92 -0.82
C LEU B 189 10.16 2.41 0.58
N ARG B 190 9.98 1.58 1.61
CA ARG B 190 10.37 1.99 2.99
C ARG B 190 11.82 1.60 3.37
N ALA B 191 12.42 2.43 4.21
CA ALA B 191 13.79 2.25 4.71
C ALA B 191 13.86 1.08 5.68
N ASP B 192 13.00 1.12 6.71
CA ASP B 192 12.96 0.04 7.65
C ASP B 192 12.74 -1.32 6.94
N ILE B 193 11.93 -1.36 5.88
CA ILE B 193 11.72 -2.60 5.11
C ILE B 193 12.98 -3.00 4.30
N LEU B 194 13.56 -2.03 3.59
CA LEU B 194 14.74 -2.30 2.77
C LEU B 194 15.94 -2.69 3.63
N ASP B 195 16.01 -2.12 4.83
CA ASP B 195 17.12 -2.52 5.64
C ASP B 195 17.00 -3.94 6.26
N GLN B 196 15.80 -4.27 6.74
CA GLN B 196 15.61 -5.57 7.32
C GLN B 196 16.00 -6.59 6.24
N ARG B 198 17.90 -6.17 3.75
CA ARG B 198 19.34 -6.03 3.48
C ARG B 198 20.13 -6.98 4.41
N LYS B 199 19.75 -7.01 5.69
CA LYS B 199 20.40 -7.85 6.69
C LYS B 199 20.14 -9.36 6.55
N ILE B 201 19.53 -11.12 3.76
CA ILE B 201 20.30 -11.66 2.68
C ILE B 201 21.78 -11.69 3.07
N LYS B 202 22.28 -10.73 3.85
CA LYS B 202 23.70 -10.79 4.28
C LYS B 202 23.89 -12.11 5.05
N HIS B 203 23.24 -12.19 6.21
CA HIS B 203 23.34 -13.40 7.03
C HIS B 203 23.18 -14.68 6.20
N ALA B 204 22.17 -14.69 5.34
CA ALA B 204 21.94 -15.82 4.50
C ALA B 204 23.21 -16.12 3.65
N LEU B 205 23.79 -15.13 2.96
CA LEU B 205 24.98 -15.39 2.15
C LEU B 205 26.17 -15.84 3.05
N ASP B 206 26.03 -15.59 4.35
CA ASP B 206 27.06 -15.97 5.30
C ASP B 206 27.05 -17.46 5.51
N PHE B 207 25.84 -18.01 5.50
CA PHE B 207 25.65 -19.45 5.66
C PHE B 207 25.94 -20.13 4.30
N ILE B 208 25.66 -19.44 3.19
CA ILE B 208 25.94 -20.05 1.89
C ILE B 208 27.42 -19.93 1.67
N HIS B 209 28.12 -19.88 2.80
CA HIS B 209 29.56 -19.84 2.81
C HIS B 209 29.98 -20.72 4.01
N HIS B 210 29.34 -20.54 5.17
CA HIS B 210 29.62 -21.31 6.40
C HIS B 210 29.11 -22.81 6.44
N PHE B 211 28.93 -23.38 5.25
CA PHE B 211 28.51 -24.76 5.11
C PHE B 211 29.58 -25.34 4.21
N ASN B 212 29.85 -24.49 3.22
CA ASN B 212 30.81 -24.65 2.14
C ASN B 212 32.21 -24.66 2.69
N GLU B 213 32.33 -24.44 4.00
CA GLU B 213 33.63 -24.45 4.65
C GLU B 213 33.69 -25.74 5.44
N GLY B 214 32.79 -26.66 5.12
CA GLY B 214 32.82 -27.92 5.80
C GLY B 214 32.64 -27.88 7.29
N LYS B 215 32.38 -26.70 7.85
CA LYS B 215 32.13 -26.57 9.29
C LYS B 215 30.97 -27.51 9.73
N GLU B 216 30.93 -27.93 10.99
CA GLU B 216 29.82 -28.79 11.50
C GLU B 216 28.55 -28.03 11.86
N PHE B 217 27.43 -28.69 11.59
CA PHE B 217 26.10 -28.22 11.91
C PHE B 217 25.42 -29.40 12.63
N PRO B 218 25.19 -29.32 13.95
CA PRO B 218 24.53 -30.43 14.65
C PRO B 218 23.11 -30.64 14.07
N PRO B 219 22.16 -31.23 14.85
CA PRO B 219 20.76 -31.51 14.51
C PRO B 219 20.07 -30.23 14.21
N CYS B 220 18.94 -30.09 14.90
CA CYS B 220 18.11 -28.88 14.90
C CYS B 220 16.60 -28.99 14.83
N ALA B 221 15.98 -28.39 15.84
CA ALA B 221 14.55 -28.39 16.03
C ALA B 221 13.99 -27.00 15.84
N ILE B 222 13.47 -26.66 14.65
CA ILE B 222 12.92 -25.29 14.42
C ILE B 222 11.42 -24.94 14.41
N GLU B 223 11.04 -23.86 15.10
CA GLU B 223 9.63 -23.36 15.17
C GLU B 223 9.16 -22.80 13.83
N VAL B 224 7.97 -23.24 13.38
CA VAL B 224 7.41 -22.70 12.14
C VAL B 224 5.90 -22.50 12.22
N TYR B 225 5.35 -21.63 11.39
CA TYR B 225 3.92 -21.44 11.42
C TYR B 225 3.50 -21.97 10.06
N LYS B 226 2.60 -22.94 10.04
CA LYS B 226 2.17 -23.59 8.80
C LYS B 226 0.68 -23.39 8.56
N ILE B 227 0.37 -23.13 7.30
CA ILE B 227 -1.00 -22.88 6.91
C ILE B 227 -1.83 -24.15 6.78
N ILE B 228 -3.02 -24.07 7.37
CA ILE B 228 -3.98 -25.16 7.37
C ILE B 228 -5.25 -24.76 6.67
N GLU B 229 -5.43 -23.44 6.42
CA GLU B 229 -6.60 -22.91 5.69
C GLU B 229 -6.57 -21.43 5.24
N LYS B 230 -7.02 -21.14 4.02
CA LYS B 230 -7.07 -19.73 3.62
C LYS B 230 -8.43 -19.20 4.15
N VAL B 231 -8.46 -18.13 4.93
CA VAL B 231 -9.74 -17.63 5.47
C VAL B 231 -10.32 -16.35 4.86
N ASP B 232 -11.58 -16.42 4.37
CA ASP B 232 -12.24 -15.28 3.76
C ASP B 232 -13.05 -14.31 4.69
N TYR B 233 -13.27 -13.09 4.20
CA TYR B 233 -14.00 -12.06 4.91
C TYR B 233 -15.51 -12.42 4.79
N PRO B 234 -16.32 -11.97 5.74
CA PRO B 234 -17.77 -12.16 5.79
C PRO B 234 -18.45 -11.47 4.61
N ARG B 235 -18.99 -12.22 3.65
CA ARG B 235 -19.64 -11.59 2.46
C ARG B 235 -21.15 -11.23 2.59
N ASP B 236 -21.69 -10.39 1.70
CA ASP B 236 -23.11 -10.01 1.79
C ASP B 236 -24.12 -10.97 1.05
N GLU B 237 -25.42 -10.67 1.07
CA GLU B 237 -26.41 -11.54 0.40
C GLU B 237 -25.87 -11.76 -1.02
N ASN B 238 -25.42 -10.67 -1.65
CA ASN B 238 -24.85 -10.73 -2.99
C ASN B 238 -23.51 -11.44 -2.94
N GLY B 239 -22.89 -11.40 -1.76
CA GLY B 239 -21.59 -12.02 -1.56
C GLY B 239 -20.45 -11.04 -1.69
N GLU B 240 -20.48 -10.01 -0.86
CA GLU B 240 -19.49 -8.94 -0.86
C GLU B 240 -18.92 -8.60 0.53
N ILE B 241 -17.68 -8.11 0.60
CA ILE B 241 -17.09 -7.78 1.90
C ILE B 241 -17.99 -6.89 2.76
N ALA B 242 -18.51 -7.53 3.81
CA ALA B 242 -19.41 -6.91 4.77
C ALA B 242 -18.74 -6.50 6.08
N ALA B 243 -17.41 -6.48 6.08
CA ALA B 243 -16.70 -6.07 7.29
C ALA B 243 -15.19 -5.85 7.09
N ILE B 244 -14.54 -5.30 8.12
CA ILE B 244 -13.10 -5.09 8.02
C ILE B 244 -12.44 -5.76 9.20
N ILE B 245 -11.28 -6.42 8.99
CA ILE B 245 -10.56 -7.09 10.11
C ILE B 245 -10.81 -6.39 11.48
N HIS B 246 -10.85 -7.14 12.56
CA HIS B 246 -11.11 -6.45 13.80
C HIS B 246 -10.01 -5.52 14.18
N PRO B 247 -10.32 -4.47 14.90
CA PRO B 247 -9.10 -3.69 15.14
C PRO B 247 -8.01 -4.38 15.95
N ASN B 248 -8.37 -4.90 17.12
CA ASN B 248 -7.42 -5.55 18.00
C ASN B 248 -6.37 -6.38 17.31
N LEU B 249 -6.85 -7.14 16.31
CA LEU B 249 -6.14 -8.04 15.38
C LEU B 249 -5.20 -7.38 14.36
N GLN B 250 -5.61 -6.26 13.77
CA GLN B 250 -4.80 -5.58 12.74
C GLN B 250 -3.39 -5.40 13.26
N ASP B 251 -2.44 -6.04 12.57
CA ASP B 251 -1.00 -5.94 12.86
C ASP B 251 -0.34 -7.11 13.66
N GLN B 252 -1.15 -7.78 14.47
CA GLN B 252 -0.71 -8.88 15.28
C GLN B 252 -0.72 -10.18 14.47
N ASP B 253 -0.09 -10.11 13.29
CA ASP B 253 0.09 -11.23 12.35
C ASP B 253 1.12 -12.09 13.12
N TRP B 254 1.07 -13.42 12.98
CA TRP B 254 2.03 -14.35 13.66
C TRP B 254 1.63 -14.85 15.06
N LYS B 255 0.73 -14.13 15.75
CA LYS B 255 0.28 -14.47 17.10
C LYS B 255 -1.06 -15.21 17.08
N PRO B 256 -1.18 -16.31 17.86
CA PRO B 256 -2.33 -17.22 18.03
C PRO B 256 -3.70 -16.57 18.19
N LEU B 257 -4.71 -17.17 17.58
CA LEU B 257 -6.05 -16.59 17.72
C LEU B 257 -6.99 -17.65 18.29
N HIS B 258 -7.36 -17.46 19.55
CA HIS B 258 -8.28 -18.38 20.20
C HIS B 258 -9.68 -18.26 19.60
N PRO B 259 -10.49 -19.32 19.73
CA PRO B 259 -11.85 -19.44 19.23
C PRO B 259 -12.89 -18.30 19.31
N GLY B 260 -12.86 -17.52 20.38
CA GLY B 260 -13.86 -16.47 20.40
C GLY B 260 -13.30 -15.08 20.36
N ASP B 261 -12.10 -14.93 19.81
CA ASP B 261 -11.47 -13.62 19.77
C ASP B 261 -11.90 -12.81 18.57
N PRO B 262 -11.81 -11.49 18.67
CA PRO B 262 -12.26 -10.75 17.48
C PRO B 262 -11.46 -11.03 16.23
N PHE B 264 -13.56 -10.32 13.06
CA PHE B 264 -14.22 -9.33 12.20
C PHE B 264 -15.08 -8.35 12.98
N LEU B 265 -14.93 -7.07 12.60
CA LEU B 265 -15.66 -5.91 13.15
C LEU B 265 -16.48 -5.22 12.05
N THR B 266 -17.71 -4.84 12.36
CA THR B 266 -18.50 -4.13 11.34
C THR B 266 -18.69 -2.63 11.61
N LEU B 267 -19.43 -2.00 10.68
CA LEU B 267 -19.77 -0.59 10.87
C LEU B 267 -20.73 -0.53 12.07
N ASP B 268 -21.91 -1.12 11.95
CA ASP B 268 -22.88 -1.13 13.04
C ASP B 268 -22.31 -2.02 14.17
N GLY B 269 -21.02 -2.27 14.06
CA GLY B 269 -20.28 -3.05 15.05
C GLY B 269 -20.50 -4.54 15.14
N LYS B 270 -21.22 -5.15 14.22
CA LYS B 270 -21.45 -6.57 14.36
C LYS B 270 -20.24 -7.54 14.30
N THR B 271 -19.53 -7.66 15.44
CA THR B 271 -18.34 -8.53 15.63
C THR B 271 -18.54 -10.01 15.31
N ILE B 272 -17.59 -10.55 14.55
CA ILE B 272 -17.62 -11.94 14.17
C ILE B 272 -16.36 -12.60 14.63
N PRO B 273 -16.50 -13.62 15.48
CA PRO B 273 -15.46 -14.44 16.09
C PRO B 273 -14.95 -15.60 15.25
N LEU B 274 -13.79 -16.09 15.69
CA LEU B 274 -13.07 -17.19 15.01
C LEU B 274 -13.75 -18.61 14.81
N GLY B 275 -14.12 -19.24 15.92
CA GLY B 275 -14.70 -20.55 15.82
C GLY B 275 -13.69 -21.62 16.11
N GLY B 276 -14.10 -22.89 15.98
CA GLY B 276 -13.17 -23.96 16.30
C GLY B 276 -12.88 -23.88 17.79
N ASP B 277 -11.94 -24.68 18.31
CA ASP B 277 -11.61 -24.66 19.72
C ASP B 277 -10.09 -24.70 19.94
N CYS B 278 -9.40 -25.03 18.85
CA CYS B 278 -7.94 -25.05 18.86
C CYS B 278 -7.44 -23.69 18.37
N THR B 279 -6.18 -23.42 18.67
CA THR B 279 -5.54 -22.15 18.35
C THR B 279 -4.84 -22.01 17.01
N VAL B 280 -5.15 -20.94 16.30
CA VAL B 280 -4.59 -20.65 14.98
C VAL B 280 -3.67 -19.42 15.02
N TYR B 281 -2.94 -19.16 13.93
CA TYR B 281 -2.03 -18.01 13.88
C TYR B 281 -2.38 -17.16 12.69
N PRO B 282 -3.28 -16.19 12.90
CA PRO B 282 -3.66 -15.32 11.78
C PRO B 282 -2.39 -14.85 11.07
N VAL B 283 -2.28 -15.28 9.82
CA VAL B 283 -1.15 -14.94 8.98
C VAL B 283 -1.59 -14.23 7.69
N PHE B 284 -0.80 -13.25 7.27
CA PHE B 284 -1.11 -12.52 6.07
C PHE B 284 -2.42 -11.77 6.33
N VAL B 285 -2.58 -11.37 7.58
CA VAL B 285 -3.71 -10.58 7.99
C VAL B 285 -3.62 -9.44 6.99
N ASN B 286 -4.60 -9.41 6.09
CA ASN B 286 -4.76 -8.40 5.08
C ASN B 286 -3.83 -8.47 3.86
N GLU B 287 -3.11 -9.56 3.68
CA GLU B 287 -2.20 -9.68 2.54
C GLU B 287 -2.84 -9.07 1.27
N ALA B 288 -2.65 -7.74 1.16
CA ALA B 288 -3.16 -6.84 0.12
C ALA B 288 -3.36 -7.24 -1.32
N ALA B 289 -2.97 -8.45 -1.72
CA ALA B 289 -3.10 -8.91 -3.11
C ALA B 289 -4.43 -9.62 -3.43
N TYR B 290 -4.44 -10.94 -3.24
CA TYR B 290 -5.61 -11.74 -3.52
C TYR B 290 -6.76 -11.19 -2.65
N TYR B 291 -7.03 -9.88 -2.79
CA TYR B 291 -8.10 -9.18 -2.08
C TYR B 291 -9.13 -9.18 -3.15
N GLU B 292 -8.68 -9.49 -4.37
CA GLU B 292 -9.60 -9.60 -5.51
C GLU B 292 -10.10 -11.05 -5.48
N LYS B 293 -9.96 -11.67 -4.33
CA LYS B 293 -10.39 -13.04 -4.20
C LYS B 293 -11.02 -13.28 -2.85
N LYS B 294 -11.28 -12.21 -2.11
CA LYS B 294 -11.93 -12.34 -0.81
C LYS B 294 -10.98 -13.03 0.19
N GLU B 295 -10.02 -12.29 0.72
CA GLU B 295 -9.04 -12.87 1.64
C GLU B 295 -8.64 -12.03 2.84
N ALA B 296 -9.04 -12.52 4.01
CA ALA B 296 -8.75 -11.85 5.25
C ALA B 296 -7.41 -12.37 5.79
N PHE B 297 -7.27 -13.70 5.85
CA PHE B 297 -6.02 -14.34 6.30
C PHE B 297 -6.11 -15.83 6.14
N ALA B 298 -5.22 -16.57 6.81
CA ALA B 298 -5.17 -18.05 6.81
C ALA B 298 -5.16 -18.69 8.24
N LYS B 299 -5.64 -19.93 8.36
CA LYS B 299 -5.57 -20.65 9.63
C LYS B 299 -4.28 -21.42 9.43
N THR B 300 -3.36 -21.27 10.38
CA THR B 300 -2.06 -21.94 10.31
C THR B 300 -1.74 -22.61 11.61
N THR B 301 -1.03 -23.73 11.57
CA THR B 301 -0.63 -24.38 12.82
C THR B 301 0.85 -24.18 13.10
N LYS B 302 1.16 -23.90 14.37
CA LYS B 302 2.55 -23.62 14.74
C LYS B 302 3.36 -24.89 15.01
N LEU B 303 4.67 -24.82 14.84
CA LEU B 303 5.50 -25.98 15.11
C LEU B 303 7.01 -25.84 15.11
N THR B 304 7.62 -27.02 15.16
CA THR B 304 9.10 -27.21 15.17
C THR B 304 9.38 -28.40 14.29
N LEU B 305 10.16 -28.21 13.23
CA LEU B 305 10.51 -29.28 12.30
C LEU B 305 11.92 -29.76 12.72
N ASN B 306 12.60 -30.66 11.98
CA ASN B 306 14.01 -30.97 12.41
C ASN B 306 15.18 -31.04 11.38
N ALA B 307 16.37 -30.53 11.72
CA ALA B 307 17.45 -30.60 10.73
C ALA B 307 18.73 -31.33 11.00
N LYS B 308 18.82 -32.60 10.60
CA LYS B 308 20.07 -33.36 10.76
C LYS B 308 21.21 -32.44 10.31
N SER B 309 22.38 -32.73 10.87
CA SER B 309 23.62 -32.02 10.58
C SER B 309 23.93 -32.12 9.09
N ILE B 310 24.75 -31.23 8.54
CA ILE B 310 25.09 -31.23 7.12
C ILE B 310 26.55 -30.75 6.97
N ARG B 311 27.20 -31.10 5.84
CA ARG B 311 28.59 -30.67 5.47
C ARG B 311 28.87 -30.98 3.97
N CYS B 312 29.99 -30.55 3.38
CA CYS B 312 30.25 -30.90 1.96
C CYS B 312 30.85 -32.31 1.82
N GLU A 11 -27.94 30.96 4.41
CA GLU A 11 -28.70 30.39 3.27
C GLU A 11 -28.90 28.88 3.23
N HIS A 12 -29.48 28.34 4.32
CA HIS A 12 -29.75 26.90 4.48
C HIS A 12 -29.18 25.96 3.43
N ILE A 13 -28.05 25.32 3.73
CA ILE A 13 -27.42 24.37 2.82
C ILE A 13 -28.42 23.28 2.49
N GLN A 14 -28.63 23.02 1.20
CA GLN A 14 -29.59 22.02 0.78
C GLN A 14 -28.93 20.87 0.02
N LYS A 15 -28.35 21.15 -1.14
CA LYS A 15 -27.72 20.08 -1.93
C LYS A 15 -26.30 19.63 -1.45
N VAL A 16 -26.24 18.46 -0.80
CA VAL A 16 -24.98 17.91 -0.25
C VAL A 16 -24.64 16.48 -0.69
N ALA A 17 -23.38 16.25 -1.03
CA ALA A 17 -22.95 14.90 -1.45
C ALA A 17 -21.69 14.33 -0.80
N ILE A 18 -21.53 13.03 -1.02
CA ILE A 18 -20.37 12.28 -0.58
C ILE A 18 -19.98 11.39 -1.75
N PHE A 19 -18.83 11.71 -2.38
CA PHE A 19 -18.30 10.92 -3.50
C PHE A 19 -17.45 9.74 -3.04
N GLY A 20 -17.58 8.60 -3.74
CA GLY A 20 -16.78 7.41 -3.44
C GLY A 20 -15.91 6.90 -4.61
N GLY A 21 -14.77 6.25 -4.26
CA GLY A 21 -13.89 5.73 -5.27
C GLY A 21 -13.48 6.69 -6.38
N THR A 22 -13.21 7.96 -6.06
CA THR A 22 -12.73 8.84 -7.13
C THR A 22 -11.37 8.28 -7.59
N HIS A 23 -10.55 7.85 -6.64
CA HIS A 23 -9.30 7.17 -6.97
C HIS A 23 -9.67 5.71 -6.68
N GLY A 24 -9.69 4.94 -7.76
CA GLY A 24 -10.08 3.54 -7.71
C GLY A 24 -9.74 2.64 -6.54
N ASN A 25 -8.49 2.59 -6.11
CA ASN A 25 -8.16 1.70 -5.04
C ASN A 25 -8.03 2.29 -3.63
N GLU A 26 -8.52 3.53 -3.42
CA GLU A 26 -8.53 4.17 -2.07
C GLU A 26 -9.91 3.70 -1.48
N LEU A 27 -9.92 2.54 -0.82
CA LEU A 27 -11.13 1.87 -0.38
C LEU A 27 -11.93 2.13 0.87
N THR A 28 -11.37 2.67 1.96
CA THR A 28 -12.24 2.82 3.14
C THR A 28 -13.41 3.69 2.64
N GLY A 29 -13.17 4.33 1.49
CA GLY A 29 -14.21 5.13 0.89
C GLY A 29 -15.29 4.42 0.04
N VAL A 30 -14.95 3.37 -0.65
CA VAL A 30 -15.99 2.70 -1.41
C VAL A 30 -16.86 2.04 -0.34
N PHE A 31 -16.24 1.20 0.48
CA PHE A 31 -16.93 0.51 1.56
C PHE A 31 -18.09 1.40 2.15
N LEU A 32 -17.77 2.48 2.86
CA LEU A 32 -18.77 3.39 3.39
C LEU A 32 -19.78 3.86 2.32
N VAL A 33 -19.31 4.26 1.12
CA VAL A 33 -20.24 4.73 0.09
C VAL A 33 -21.15 3.63 -0.46
N LYS A 34 -20.58 2.48 -0.74
CA LYS A 34 -21.41 1.40 -1.20
C LYS A 34 -22.52 1.12 -0.20
N HIS A 35 -22.21 1.15 1.09
CA HIS A 35 -23.25 0.90 2.10
C HIS A 35 -24.28 2.05 2.19
N TRP A 36 -23.80 3.28 2.06
CA TRP A 36 -24.67 4.43 2.18
C TRP A 36 -25.55 4.60 0.95
N LEU A 37 -25.52 3.59 0.09
CA LEU A 37 -26.29 3.54 -1.12
C LEU A 37 -27.30 2.43 -0.92
N GLU A 38 -27.25 1.79 0.25
CA GLU A 38 -28.19 0.74 0.57
C GLU A 38 -28.92 1.08 1.88
N ASN A 39 -28.17 1.70 2.80
CA ASN A 39 -28.64 2.12 4.13
C ASN A 39 -27.96 3.45 4.44
N GLY A 40 -28.57 4.52 3.95
CA GLY A 40 -28.00 5.85 4.11
C GLY A 40 -28.40 6.52 5.39
N ALA A 41 -28.91 5.72 6.29
CA ALA A 41 -29.34 6.19 7.60
C ALA A 41 -28.28 7.06 8.30
N GLU A 42 -27.02 6.60 8.32
CA GLU A 42 -25.91 7.31 8.97
C GLU A 42 -25.53 8.73 8.50
N ILE A 43 -25.63 9.02 7.22
CA ILE A 43 -25.25 10.37 6.81
C ILE A 43 -26.39 11.37 6.63
N GLN A 44 -27.36 11.33 7.54
CA GLN A 44 -28.53 12.23 7.55
C GLN A 44 -28.59 13.01 8.88
N ARG A 45 -28.80 14.32 8.79
CA ARG A 45 -28.95 15.15 9.97
C ARG A 45 -30.37 15.75 9.90
N THR A 46 -31.27 15.33 10.80
CA THR A 46 -32.63 15.85 10.73
C THR A 46 -32.53 17.27 10.18
N GLY A 47 -33.44 17.61 9.28
CA GLY A 47 -33.42 18.92 8.68
C GLY A 47 -32.49 18.92 7.48
N LEU A 48 -31.18 18.91 7.72
CA LEU A 48 -30.21 18.87 6.62
C LEU A 48 -30.09 17.46 6.07
N GLU A 49 -29.55 17.35 4.86
CA GLU A 49 -29.40 16.05 4.24
C GLU A 49 -28.14 15.92 3.33
N VAL A 50 -27.55 14.72 3.35
CA VAL A 50 -26.33 14.38 2.58
C VAL A 50 -26.67 13.41 1.45
N LYS A 51 -25.68 12.65 0.96
CA LYS A 51 -25.89 11.73 -0.17
C LYS A 51 -24.60 11.02 -0.70
N PRO A 52 -24.70 9.74 -1.10
CA PRO A 52 -23.61 8.91 -1.64
C PRO A 52 -23.68 8.75 -3.17
N PHE A 53 -22.59 8.29 -3.77
CA PHE A 53 -22.48 8.13 -5.24
C PHE A 53 -21.06 7.66 -5.64
N ILE A 54 -20.92 6.59 -6.44
CA ILE A 54 -19.52 6.24 -6.84
C ILE A 54 -19.09 6.97 -8.14
N THR A 55 -18.09 7.86 -8.03
CA THR A 55 -17.63 8.63 -9.21
C THR A 55 -16.80 7.92 -10.26
N ASN A 56 -16.01 6.91 -9.88
CA ASN A 56 -15.16 6.22 -10.86
C ASN A 56 -15.28 4.66 -10.84
N PRO A 57 -16.48 4.12 -11.16
CA PRO A 57 -16.83 2.70 -11.19
C PRO A 57 -15.87 1.71 -11.83
N ARG A 58 -15.38 2.00 -13.03
CA ARG A 58 -14.46 1.03 -13.65
C ARG A 58 -13.10 0.86 -12.92
N ALA A 59 -12.63 1.95 -12.33
CA ALA A 59 -11.37 1.93 -11.61
C ALA A 59 -11.61 1.16 -10.32
N VAL A 60 -12.78 1.37 -9.70
CA VAL A 60 -13.15 0.67 -8.45
C VAL A 60 -13.24 -0.79 -8.80
N LYS A 61 -14.26 -1.18 -9.53
CA LYS A 61 -14.41 -2.57 -9.92
C LYS A 61 -13.07 -3.31 -10.16
N LYS A 62 -12.10 -2.64 -10.77
CA LYS A 62 -10.83 -3.26 -11.09
C LYS A 62 -9.75 -2.95 -10.04
N CYS A 63 -10.21 -2.48 -8.88
CA CYS A 63 -9.34 -1.98 -7.81
C CYS A 63 -8.15 -1.31 -8.52
N THR A 64 -8.34 -0.07 -8.88
CA THR A 64 -7.34 0.56 -9.66
C THR A 64 -7.52 2.05 -9.56
N ARG A 65 -6.43 2.82 -9.41
CA ARG A 65 -6.54 4.27 -9.27
C ARG A 65 -7.41 4.81 -10.36
N TYR A 66 -7.25 4.27 -11.56
CA TYR A 66 -8.12 4.65 -12.66
C TYR A 66 -8.02 3.72 -13.91
N ILE A 67 -8.88 3.97 -14.89
CA ILE A 67 -8.86 3.20 -16.13
C ILE A 67 -7.91 3.89 -17.07
N ASP A 68 -8.21 5.15 -17.38
CA ASP A 68 -7.37 5.93 -18.26
C ASP A 68 -6.71 7.11 -17.58
N CYS A 69 -7.33 7.61 -16.47
CA CYS A 69 -6.78 8.78 -15.73
C CYS A 69 -7.64 9.55 -14.70
N ASP A 70 -6.94 10.02 -13.67
CA ASP A 70 -7.35 10.79 -12.51
C ASP A 70 -8.65 11.57 -12.61
N LEU A 71 -9.77 10.93 -12.28
CA LEU A 71 -11.07 11.59 -12.32
C LEU A 71 -10.96 12.83 -11.49
N ASN A 72 -9.86 12.92 -10.75
CA ASN A 72 -9.57 14.06 -9.88
C ASN A 72 -8.72 15.23 -10.45
N ARG A 73 -8.31 15.13 -11.72
CA ARG A 73 -7.45 16.15 -12.33
C ARG A 73 -7.99 16.80 -13.64
N ILE A 74 -9.16 16.36 -14.07
CA ILE A 74 -9.75 16.79 -15.34
C ILE A 74 -11.07 17.60 -15.35
N PHE A 75 -11.66 17.90 -14.20
CA PHE A 75 -12.91 18.65 -14.19
C PHE A 75 -12.74 20.15 -14.63
N ASP A 76 -11.79 20.37 -15.52
CA ASP A 76 -11.56 21.70 -16.02
C ASP A 76 -12.33 21.80 -17.34
N LEU A 77 -12.47 23.02 -17.82
CA LEU A 77 -13.18 23.36 -19.04
C LEU A 77 -12.71 22.60 -20.30
N GLU A 78 -11.41 22.27 -20.32
CA GLU A 78 -10.76 21.56 -21.42
C GLU A 78 -11.35 20.18 -21.52
N ASN A 79 -11.66 19.59 -20.38
CA ASN A 79 -12.25 18.28 -20.40
C ASN A 79 -13.72 18.40 -20.40
N LEU A 80 -14.22 19.34 -19.62
CA LEU A 80 -15.64 19.56 -19.49
C LEU A 80 -16.23 20.20 -20.75
N GLY A 81 -15.38 20.63 -21.68
CA GLY A 81 -15.92 21.23 -22.89
C GLY A 81 -15.66 20.50 -24.20
N LYS A 82 -14.94 19.38 -24.11
CA LYS A 82 -14.63 18.59 -25.30
C LYS A 82 -15.87 17.89 -25.84
N LYS A 83 -16.03 17.79 -27.15
CA LYS A 83 -17.23 17.09 -27.64
C LYS A 83 -17.32 15.61 -27.21
N SER A 85 -17.66 11.96 -26.47
CA SER A 85 -17.36 10.79 -27.26
C SER A 85 -16.71 9.61 -26.52
N GLU A 86 -17.41 8.50 -26.64
CA GLU A 86 -16.99 7.23 -26.12
C GLU A 86 -15.64 6.99 -26.77
N ASP A 87 -14.93 8.03 -27.17
CA ASP A 87 -13.63 7.81 -27.76
C ASP A 87 -12.50 8.41 -26.93
N LEU A 88 -12.77 9.49 -26.18
CA LEU A 88 -11.74 10.06 -25.32
C LEU A 88 -11.40 8.99 -24.26
N PRO A 89 -10.63 9.35 -23.21
CA PRO A 89 -10.28 8.41 -22.14
C PRO A 89 -11.50 8.17 -21.29
N TYR A 90 -11.57 7.02 -20.63
CA TYR A 90 -12.75 6.73 -19.82
C TYR A 90 -13.20 7.83 -18.80
N GLU A 91 -12.34 8.17 -17.83
CA GLU A 91 -12.77 9.18 -16.87
C GLU A 91 -13.13 10.56 -17.46
N VAL A 92 -12.72 10.83 -18.70
CA VAL A 92 -13.11 12.10 -19.31
C VAL A 92 -14.56 11.95 -19.89
N ARG A 93 -14.80 10.76 -20.44
CA ARG A 93 -16.11 10.46 -20.96
C ARG A 93 -16.92 10.15 -19.71
N ARG A 94 -16.20 9.83 -18.62
CA ARG A 94 -16.86 9.51 -17.38
C ARG A 94 -17.16 10.78 -16.65
N ALA A 95 -16.17 11.69 -16.61
CA ALA A 95 -16.31 13.01 -15.91
C ALA A 95 -17.65 13.70 -16.16
N GLN A 96 -17.80 14.21 -17.41
CA GLN A 96 -18.99 14.89 -17.88
C GLN A 96 -20.28 14.62 -17.09
N GLU A 97 -20.50 13.32 -16.85
CA GLU A 97 -21.63 12.83 -16.10
C GLU A 97 -21.66 13.47 -14.71
N ILE A 98 -20.65 13.20 -13.87
CA ILE A 98 -20.62 13.82 -12.53
C ILE A 98 -20.82 15.31 -12.76
N ASN A 99 -20.00 15.83 -13.70
CA ASN A 99 -20.11 17.22 -14.09
C ASN A 99 -21.64 17.45 -14.23
N HIS A 100 -22.18 17.25 -15.43
CA HIS A 100 -23.60 17.45 -15.69
C HIS A 100 -24.42 16.95 -14.48
N LEU A 101 -24.02 15.80 -13.91
CA LEU A 101 -24.73 15.22 -12.76
C LEU A 101 -24.87 16.15 -11.55
N PHE A 102 -23.84 16.28 -10.72
CA PHE A 102 -23.96 17.13 -9.52
C PHE A 102 -23.62 18.54 -9.90
N GLY A 103 -23.44 18.74 -11.21
CA GLY A 103 -23.08 20.05 -11.72
C GLY A 103 -24.29 20.89 -11.98
N PRO A 104 -24.20 21.77 -12.99
CA PRO A 104 -22.96 21.89 -13.79
C PRO A 104 -21.98 22.74 -13.03
N LYS A 105 -20.72 22.31 -12.95
CA LYS A 105 -19.74 23.11 -12.25
C LYS A 105 -19.96 24.52 -12.83
N ASP A 106 -20.35 25.42 -11.91
CA ASP A 106 -20.64 26.85 -12.15
C ASP A 106 -22.07 27.40 -12.29
N SER A 107 -23.08 26.61 -12.69
CA SER A 107 -24.45 27.15 -12.77
C SER A 107 -24.88 27.82 -11.47
N GLU A 108 -25.57 28.97 -11.53
CA GLU A 108 -25.94 29.62 -10.28
C GLU A 108 -26.91 28.81 -9.40
N ASP A 109 -26.91 27.49 -9.61
CA ASP A 109 -27.73 26.57 -8.85
C ASP A 109 -27.14 25.20 -9.07
N SER A 110 -26.09 24.90 -8.29
CA SER A 110 -25.39 23.62 -8.31
C SER A 110 -25.41 23.09 -6.86
N TYR A 111 -24.87 21.89 -6.64
CA TYR A 111 -24.84 21.28 -5.32
C TYR A 111 -24.20 22.16 -4.27
N ASP A 112 -24.77 22.14 -3.08
CA ASP A 112 -24.26 22.94 -1.99
C ASP A 112 -22.83 22.57 -1.75
N ILE A 113 -22.65 21.34 -1.26
CA ILE A 113 -21.35 20.76 -0.94
C ILE A 113 -21.18 19.31 -1.50
N ILE A 114 -20.06 19.03 -2.17
CA ILE A 114 -19.75 17.66 -2.62
C ILE A 114 -18.52 17.35 -1.77
N PHE A 115 -18.51 16.24 -1.01
CA PHE A 115 -17.31 15.82 -0.21
C PHE A 115 -16.75 14.52 -0.89
N ASP A 116 -15.48 14.49 -1.34
CA ASP A 116 -14.92 13.24 -1.89
C ASP A 116 -13.89 12.64 -0.91
N LEU A 117 -14.12 11.39 -0.51
CA LEU A 117 -13.18 10.68 0.37
C LEU A 117 -11.90 10.25 -0.38
N HIS A 118 -10.77 10.42 0.27
CA HIS A 118 -9.51 9.97 -0.26
C HIS A 118 -8.79 9.21 0.86
N ASN A 119 -8.27 8.05 0.46
CA ASN A 119 -7.61 7.11 1.33
C ASN A 119 -6.09 7.11 0.98
N THR A 120 -5.17 6.84 1.94
CA THR A 120 -3.70 6.84 1.62
C THR A 120 -2.59 6.07 2.39
N THR A 121 -1.40 6.13 1.79
CA THR A 121 -0.20 5.47 2.35
C THR A 121 0.72 6.43 3.09
N SER A 122 0.56 7.73 2.86
CA SER A 122 1.36 8.70 3.60
C SER A 122 0.73 8.73 5.04
N ASN A 123 1.58 8.98 6.04
CA ASN A 123 1.12 9.00 7.42
C ASN A 123 0.59 10.35 7.92
N GLY A 125 -2.64 10.98 8.83
CA GLY A 125 -3.71 10.97 9.81
C GLY A 125 -4.92 11.74 9.33
N CYS A 126 -6.00 11.73 10.13
CA CYS A 126 -7.30 12.38 9.77
C CYS A 126 -7.12 13.81 9.17
N THR A 127 -7.21 13.91 7.84
CA THR A 127 -6.98 15.17 7.09
C THR A 127 -8.12 15.93 6.35
N LEU A 128 -8.04 17.28 6.41
CA LEU A 128 -8.98 18.19 5.70
C LEU A 128 -8.17 19.03 4.72
N ILE A 129 -8.61 19.08 3.45
CA ILE A 129 -7.93 19.87 2.42
C ILE A 129 -8.74 21.11 2.06
N LEU A 130 -8.10 22.26 1.99
CA LEU A 130 -8.78 23.49 1.69
C LEU A 130 -8.36 24.10 0.36
N GLU A 131 -9.32 24.61 -0.43
CA GLU A 131 -9.03 25.24 -1.74
C GLU A 131 -9.51 26.71 -1.87
N ASP A 132 -10.68 27.04 -1.30
CA ASP A 132 -11.18 28.44 -1.35
C ASP A 132 -10.73 29.10 -0.05
N SER A 133 -9.40 29.17 0.16
CA SER A 133 -8.76 29.79 1.36
C SER A 133 -9.36 31.14 1.70
N ARG A 134 -10.02 31.70 0.70
CA ARG A 134 -10.71 32.96 0.84
C ARG A 134 -12.16 32.46 0.83
N ASN A 135 -12.56 31.77 1.91
CA ASN A 135 -13.92 31.26 2.12
C ASN A 135 -14.22 31.27 3.62
N ASN A 136 -15.41 31.74 4.04
CA ASN A 136 -15.66 31.73 5.47
C ASN A 136 -16.45 30.52 5.97
N PHE A 137 -17.26 29.95 5.08
CA PHE A 137 -18.05 28.79 5.45
C PHE A 137 -17.14 27.55 5.61
N LEU A 138 -16.07 27.48 4.83
CA LEU A 138 -15.13 26.36 4.92
C LEU A 138 -14.21 26.50 6.11
N ILE A 139 -13.56 27.66 6.28
CA ILE A 139 -12.66 27.78 7.42
C ILE A 139 -13.44 27.56 8.68
N GLN A 140 -14.67 28.10 8.69
CA GLN A 140 -15.51 27.91 9.87
C GLN A 140 -15.75 26.42 10.11
N PHE A 142 -14.08 24.25 9.56
CA PHE A 142 -12.79 23.71 9.97
C PHE A 142 -12.33 24.05 11.38
N HIS A 143 -12.51 25.31 11.78
CA HIS A 143 -12.11 25.64 13.12
C HIS A 143 -12.82 24.57 13.94
N TYR A 144 -13.96 24.10 13.38
CA TYR A 144 -14.84 23.10 14.02
C TYR A 144 -14.46 21.57 14.08
N ILE A 145 -14.59 20.87 12.93
CA ILE A 145 -14.35 19.43 12.86
C ILE A 145 -13.17 18.93 13.73
N LYS A 146 -12.11 19.73 13.80
CA LYS A 146 -10.91 19.45 14.58
C LYS A 146 -11.14 19.46 16.11
N THR A 147 -11.72 20.57 16.56
CA THR A 147 -12.03 20.76 17.96
C THR A 147 -12.88 19.58 18.31
N SER A 148 -13.81 19.31 17.39
CA SER A 148 -14.67 18.17 17.59
C SER A 148 -13.89 16.84 17.62
N LEU A 149 -12.95 16.72 16.68
CA LEU A 149 -12.11 15.53 16.51
C LEU A 149 -11.30 15.12 17.69
N ALA A 150 -10.66 16.13 18.29
CA ALA A 150 -9.87 15.86 19.48
C ALA A 150 -10.64 15.00 20.53
N PRO A 151 -9.88 14.15 21.23
CA PRO A 151 -8.43 14.04 21.03
C PRO A 151 -7.77 13.64 19.68
N LEU A 152 -8.46 12.85 18.84
CA LEU A 152 -7.90 12.32 17.59
C LEU A 152 -7.56 13.41 16.62
N PRO A 153 -6.26 13.52 16.31
CA PRO A 153 -5.52 14.44 15.45
C PRO A 153 -5.93 14.65 13.98
N CYS A 154 -6.13 15.95 13.70
CA CYS A 154 -6.56 16.54 12.41
C CYS A 154 -5.59 17.67 12.04
N TYR A 155 -5.57 18.00 10.74
CA TYR A 155 -4.67 19.02 10.16
C TYR A 155 -5.26 19.70 8.96
N VAL A 156 -4.81 20.93 8.66
CA VAL A 156 -5.34 21.57 7.47
C VAL A 156 -4.28 21.81 6.40
N TYR A 157 -4.61 21.30 5.20
CA TYR A 157 -3.83 21.33 3.98
C TYR A 157 -4.46 22.34 3.01
N LEU A 158 -3.77 23.46 2.76
CA LEU A 158 -4.29 24.50 1.86
C LEU A 158 -3.71 24.49 0.44
N ILE A 159 -4.55 24.62 -0.59
CA ILE A 159 -4.02 24.70 -1.97
C ILE A 159 -4.34 26.04 -2.75
N GLU A 160 -3.35 26.94 -2.85
CA GLU A 160 -3.55 28.23 -3.50
C GLU A 160 -2.96 28.38 -4.90
N HIS A 161 -3.69 27.91 -5.89
CA HIS A 161 -3.21 28.04 -7.26
C HIS A 161 -3.30 29.53 -7.68
N PRO A 162 -2.16 30.12 -8.09
CA PRO A 162 -2.22 31.53 -8.51
C PRO A 162 -3.17 31.71 -9.71
N SER A 163 -3.44 30.58 -10.39
CA SER A 163 -4.33 30.49 -11.55
C SER A 163 -5.75 30.80 -11.12
N LEU A 164 -6.08 30.40 -9.88
CA LEU A 164 -7.41 30.56 -9.28
C LEU A 164 -8.35 29.43 -9.72
N LYS A 165 -7.79 28.44 -10.44
CA LYS A 165 -8.54 27.29 -10.99
C LYS A 165 -8.22 25.92 -10.35
N TYR A 166 -9.21 25.04 -10.25
CA TYR A 166 -8.97 23.71 -9.65
C TYR A 166 -9.62 22.59 -10.47
N ALA A 167 -9.03 21.39 -10.51
CA ALA A 167 -9.64 20.32 -11.34
C ALA A 167 -9.92 19.06 -10.46
N THR A 168 -10.16 19.35 -9.19
CA THR A 168 -10.43 18.40 -8.12
C THR A 168 -11.80 17.77 -8.16
N THR A 169 -12.06 16.83 -9.09
CA THR A 169 -13.37 16.18 -9.20
C THR A 169 -14.38 16.98 -8.37
N ARG A 170 -14.30 16.83 -7.06
CA ARG A 170 -15.17 17.56 -6.17
C ARG A 170 -15.52 19.01 -6.58
N SER A 171 -14.54 19.71 -7.15
CA SER A 171 -14.68 21.11 -7.50
C SER A 171 -15.98 21.45 -8.24
N ILE A 172 -16.75 20.45 -8.64
CA ILE A 172 -18.06 20.74 -9.21
C ILE A 172 -18.73 21.75 -8.24
N ALA A 173 -18.68 21.48 -6.93
CA ALA A 173 -19.33 22.29 -5.89
C ALA A 173 -18.89 23.72 -5.67
N LYS A 174 -19.78 24.51 -5.05
CA LYS A 174 -19.48 25.89 -4.69
C LYS A 174 -18.79 25.72 -3.34
N TYR A 175 -19.00 24.53 -2.76
CA TYR A 175 -18.39 24.16 -1.47
C TYR A 175 -17.79 22.74 -1.54
N PRO A 176 -16.64 22.62 -2.23
CA PRO A 176 -15.90 21.36 -2.41
C PRO A 176 -14.96 21.10 -1.24
N VAL A 177 -15.25 20.03 -0.51
CA VAL A 177 -14.43 19.62 0.62
C VAL A 177 -13.84 18.23 0.39
N GLY A 178 -12.51 18.17 0.41
CA GLY A 178 -11.82 16.91 0.22
C GLY A 178 -11.09 16.63 1.53
N ILE A 179 -11.53 15.56 2.24
CA ILE A 179 -11.02 15.03 3.55
C ILE A 179 -10.06 13.78 3.41
N GLU A 180 -8.75 13.95 3.49
CA GLU A 180 -7.84 12.82 3.27
C GLU A 180 -7.44 12.07 4.52
N VAL A 181 -7.34 10.74 4.44
CA VAL A 181 -6.88 10.04 5.64
C VAL A 181 -5.86 8.94 5.38
N GLY A 182 -4.76 8.98 6.15
CA GLY A 182 -3.68 8.00 6.06
C GLY A 182 -3.19 7.57 7.43
N PRO A 183 -2.40 6.49 7.55
CA PRO A 183 -1.95 5.67 6.42
C PRO A 183 -2.66 4.33 6.18
N GLN A 184 -2.79 3.98 4.91
CA GLN A 184 -3.40 2.73 4.56
C GLN A 184 -2.78 2.42 3.23
N PRO A 185 -2.31 1.18 3.01
CA PRO A 185 -1.73 0.92 1.68
C PRO A 185 -2.86 0.92 0.63
N GLN A 186 -2.55 1.08 -0.66
CA GLN A 186 -3.63 1.01 -1.63
C GLN A 186 -4.03 -0.48 -1.71
N GLY A 187 -5.32 -0.70 -2.01
CA GLY A 187 -5.89 -2.03 -2.20
C GLY A 187 -6.29 -2.73 -0.94
N VAL A 188 -6.13 -2.01 0.16
CA VAL A 188 -6.45 -2.57 1.45
C VAL A 188 -7.61 -1.78 2.06
N LEU A 189 -8.22 -2.33 3.12
CA LEU A 189 -9.32 -1.73 3.88
C LEU A 189 -9.17 -1.86 5.44
N ARG A 190 -8.51 -0.90 6.10
CA ARG A 190 -8.31 -0.89 7.57
C ARG A 190 -9.42 -0.29 8.47
N ALA A 191 -9.61 -0.87 9.65
CA ALA A 191 -10.66 -0.39 10.58
C ALA A 191 -10.26 0.88 11.31
N ASP A 192 -8.96 1.11 11.50
CA ASP A 192 -8.55 2.36 12.17
C ASP A 192 -8.91 3.54 11.27
N ILE A 193 -8.42 3.54 10.03
CA ILE A 193 -8.73 4.60 9.10
C ILE A 193 -10.24 4.78 9.07
N LEU A 194 -10.97 3.68 8.94
CA LEU A 194 -12.41 3.80 8.91
C LEU A 194 -13.08 4.58 10.09
N ASP A 195 -12.79 4.23 11.34
CA ASP A 195 -13.41 4.96 12.41
C ASP A 195 -13.00 6.39 12.16
N GLN A 196 -11.79 6.55 11.62
CA GLN A 196 -11.31 7.89 11.33
C GLN A 196 -12.31 8.66 10.40
N ARG A 198 -15.02 8.10 9.72
CA ARG A 198 -16.42 8.04 10.11
C ARG A 198 -16.49 9.27 11.00
N LYS A 199 -15.54 9.40 11.94
CA LYS A 199 -15.52 10.59 12.79
C LYS A 199 -15.27 11.94 12.04
N ILE A 201 -16.18 12.64 9.00
CA ILE A 201 -17.43 12.97 8.32
C ILE A 201 -18.45 13.40 9.44
N LYS A 202 -18.62 12.55 10.45
CA LYS A 202 -19.54 12.81 11.56
C LYS A 202 -19.59 14.24 12.07
N HIS A 203 -18.47 14.96 12.05
CA HIS A 203 -18.57 16.32 12.56
C HIS A 203 -18.78 17.33 11.48
N ALA A 204 -18.28 17.07 10.29
CA ALA A 204 -18.57 18.02 9.21
C ALA A 204 -20.11 18.08 9.19
N LEU A 205 -20.73 17.00 9.66
CA LEU A 205 -22.18 16.89 9.71
C LEU A 205 -22.81 17.28 11.09
N ASP A 206 -21.97 17.52 12.10
CA ASP A 206 -22.48 18.02 13.39
C ASP A 206 -22.67 19.50 12.98
N PHE A 207 -21.57 20.16 12.59
CA PHE A 207 -21.53 21.54 12.16
C PHE A 207 -22.60 22.03 11.13
N ILE A 208 -22.42 21.70 9.85
CA ILE A 208 -23.36 22.17 8.83
C ILE A 208 -24.79 22.22 9.38
N HIS A 209 -25.12 21.26 10.22
CA HIS A 209 -26.44 21.21 10.84
C HIS A 209 -26.72 22.54 11.46
N HIS A 210 -25.81 22.92 12.34
CA HIS A 210 -25.89 24.14 13.09
C HIS A 210 -25.96 25.44 12.31
N PHE A 211 -25.15 25.57 11.25
CA PHE A 211 -25.17 26.76 10.42
C PHE A 211 -26.67 26.97 10.11
N ASN A 212 -27.27 25.93 9.53
CA ASN A 212 -28.65 25.93 9.17
C ASN A 212 -29.58 25.75 10.36
N GLU A 213 -29.04 25.44 11.53
CA GLU A 213 -29.91 25.25 12.70
C GLU A 213 -30.25 26.59 13.30
N GLY A 214 -29.53 27.63 12.84
CA GLY A 214 -29.77 28.98 13.31
C GLY A 214 -28.56 29.59 13.98
N LYS A 215 -27.68 28.73 14.48
CA LYS A 215 -26.48 29.16 15.20
C LYS A 215 -25.55 30.15 14.43
N GLU A 216 -24.88 31.02 15.19
CA GLU A 216 -23.97 32.02 14.63
C GLU A 216 -22.50 31.71 14.72
N PHE A 217 -21.74 32.27 13.78
CA PHE A 217 -20.29 32.09 13.76
C PHE A 217 -19.67 33.43 13.41
N PRO A 218 -18.57 33.81 14.09
CA PRO A 218 -17.87 35.07 13.82
C PRO A 218 -16.59 34.85 12.94
N PRO A 219 -15.73 35.89 12.80
CA PRO A 219 -14.58 35.60 11.95
C PRO A 219 -13.66 34.61 12.64
N CYS A 220 -12.47 34.41 12.07
CA CYS A 220 -11.50 33.50 12.66
C CYS A 220 -10.31 33.19 11.78
N ALA A 221 -9.55 32.19 12.20
CA ALA A 221 -8.36 31.81 11.49
C ALA A 221 -7.83 30.53 12.09
N ILE A 222 -7.43 29.58 11.25
CA ILE A 222 -6.88 28.30 11.70
C ILE A 222 -5.41 28.18 11.24
N GLU A 223 -4.66 27.23 11.82
CA GLU A 223 -3.28 26.94 11.38
C GLU A 223 -3.45 26.01 10.14
N VAL A 224 -2.73 26.30 9.06
CA VAL A 224 -2.82 25.47 7.85
C VAL A 224 -1.50 25.28 7.06
N TYR A 225 -1.52 24.33 6.12
CA TYR A 225 -0.38 23.99 5.27
C TYR A 225 -0.69 24.18 3.77
N LYS A 226 -0.07 25.24 3.26
CA LYS A 226 -0.18 25.74 1.91
C LYS A 226 0.99 25.18 1.09
N ILE A 227 0.72 24.12 0.37
CA ILE A 227 1.70 23.48 -0.48
C ILE A 227 2.52 24.54 -1.28
N ILE A 228 3.81 24.29 -1.57
CA ILE A 228 4.63 25.25 -2.34
C ILE A 228 5.60 24.71 -3.45
N GLU A 229 6.60 23.87 -3.10
CA GLU A 229 7.51 23.29 -4.10
C GLU A 229 7.67 21.80 -3.86
N LYS A 230 7.27 20.95 -4.83
CA LYS A 230 7.42 19.50 -4.68
C LYS A 230 8.94 19.16 -4.49
N VAL A 231 9.27 18.28 -3.55
CA VAL A 231 10.66 17.90 -3.30
C VAL A 231 10.81 16.48 -3.80
N ASP A 232 11.67 16.34 -4.81
CA ASP A 232 11.94 15.08 -5.44
C ASP A 232 13.12 14.29 -4.87
N TYR A 233 13.10 12.99 -5.10
CA TYR A 233 14.10 12.08 -4.61
C TYR A 233 15.49 12.44 -5.11
N PRO A 234 16.53 12.15 -4.34
CA PRO A 234 17.89 12.44 -4.77
C PRO A 234 18.20 11.66 -6.06
N ARG A 235 18.44 12.38 -7.15
CA ARG A 235 18.76 11.80 -8.44
C ARG A 235 20.17 11.12 -8.60
N ASP A 236 20.27 9.90 -9.13
CA ASP A 236 21.60 9.25 -9.20
C ASP A 236 22.59 9.80 -10.18
N GLU A 237 23.15 8.91 -11.00
CA GLU A 237 24.13 9.26 -12.01
C GLU A 237 23.49 9.42 -13.41
N ASN A 238 22.20 9.08 -13.49
CA ASN A 238 21.41 9.18 -14.72
C ASN A 238 20.18 10.12 -14.58
N GLY A 239 19.35 9.87 -13.58
CA GLY A 239 18.16 10.69 -13.36
C GLY A 239 17.09 9.90 -12.61
N GLU A 240 17.48 9.25 -11.52
CA GLU A 240 16.55 8.44 -10.76
C GLU A 240 16.32 8.82 -9.28
N ILE A 241 15.54 7.99 -8.59
CA ILE A 241 15.25 8.11 -7.15
C ILE A 241 16.49 7.47 -6.52
N ALA A 242 17.54 8.25 -6.32
CA ALA A 242 18.84 7.69 -5.86
C ALA A 242 19.34 7.70 -4.43
N ALA A 243 18.47 8.09 -3.52
CA ALA A 243 18.78 8.15 -2.10
C ALA A 243 17.39 8.34 -1.56
N ILE A 244 16.78 7.24 -1.07
CA ILE A 244 15.41 7.28 -0.59
C ILE A 244 15.06 7.84 0.78
N ILE A 245 13.79 8.23 0.90
CA ILE A 245 13.23 8.82 2.11
C ILE A 245 13.66 8.17 3.42
N HIS A 246 14.36 8.96 4.23
CA HIS A 246 14.89 8.56 5.55
C HIS A 246 14.03 7.55 6.31
N PRO A 247 14.64 6.41 6.65
CA PRO A 247 14.04 5.28 7.38
C PRO A 247 13.23 5.77 8.58
N ASN A 248 13.77 6.84 9.18
CA ASN A 248 13.25 7.54 10.37
C ASN A 248 12.03 8.49 10.21
N LEU A 249 12.25 9.48 9.31
CA LEU A 249 11.28 10.55 8.92
C LEU A 249 9.94 10.04 8.33
N GLN A 250 9.95 8.83 7.81
CA GLN A 250 8.73 8.20 7.29
C GLN A 250 7.79 8.12 8.50
N ASP A 251 6.52 8.45 8.28
CA ASP A 251 5.49 8.38 9.29
C ASP A 251 5.38 9.65 10.03
N GLN A 252 6.53 10.15 10.45
CA GLN A 252 6.63 11.43 11.14
C GLN A 252 5.81 12.38 10.24
N ASP A 253 5.37 11.82 9.11
CA ASP A 253 4.51 12.40 8.07
C ASP A 253 3.65 13.41 8.91
N TRP A 254 3.89 14.73 8.71
CA TRP A 254 3.25 15.90 9.36
C TRP A 254 4.02 16.78 10.36
N LYS A 255 4.97 16.20 11.13
CA LYS A 255 5.77 16.91 12.18
C LYS A 255 6.80 17.96 11.62
N PRO A 256 7.32 18.92 12.44
CA PRO A 256 8.24 19.92 11.88
C PRO A 256 9.66 19.63 11.56
N LEU A 257 10.15 20.20 10.44
CA LEU A 257 11.54 20.05 9.95
C LEU A 257 12.17 21.44 9.70
N HIS A 258 13.37 21.65 10.28
CA HIS A 258 14.13 22.91 10.26
C HIS A 258 15.50 22.75 9.61
N PRO A 259 15.82 23.55 8.61
CA PRO A 259 17.03 23.61 7.76
C PRO A 259 18.31 22.98 8.25
N GLY A 260 18.31 22.37 9.41
CA GLY A 260 19.55 21.80 9.88
C GLY A 260 19.30 20.61 10.75
N ASP A 261 18.39 19.74 10.26
CA ASP A 261 17.97 18.45 10.86
C ASP A 261 18.15 17.36 9.75
N PRO A 262 17.80 16.08 10.03
CA PRO A 262 18.01 15.08 8.97
C PRO A 262 16.87 14.32 8.27
N PHE A 264 17.84 12.01 4.53
CA PHE A 264 18.03 11.06 3.44
C PHE A 264 19.07 10.05 3.92
N LEU A 265 19.44 9.16 3.03
CA LEU A 265 20.38 8.10 3.32
C LEU A 265 20.54 7.35 2.02
N THR A 266 21.57 6.55 1.89
CA THR A 266 21.63 5.78 0.68
C THR A 266 21.81 4.33 1.01
N LEU A 267 22.06 3.57 -0.04
CA LEU A 267 22.27 2.16 0.09
C LEU A 267 23.66 2.14 0.72
N ASP A 268 24.54 2.90 0.07
CA ASP A 268 25.91 3.02 0.53
C ASP A 268 25.98 3.86 1.82
N GLY A 269 24.87 4.51 2.15
CA GLY A 269 24.83 5.29 3.36
C GLY A 269 24.82 6.80 3.27
N LYS A 270 25.05 7.38 2.09
CA LYS A 270 25.04 8.82 2.07
C LYS A 270 23.72 9.22 2.74
N THR A 271 23.85 9.68 3.98
CA THR A 271 22.69 10.05 4.74
C THR A 271 22.32 11.52 4.58
N ILE A 272 21.65 11.87 3.46
CA ILE A 272 21.27 13.25 3.13
C ILE A 272 20.38 14.11 4.07
N PRO A 273 20.93 15.26 4.53
CA PRO A 273 20.26 16.20 5.44
C PRO A 273 19.10 16.93 4.75
N LEU A 274 19.09 18.26 4.81
CA LEU A 274 18.02 19.02 4.22
C LEU A 274 18.49 20.30 3.59
N GLY A 275 19.50 20.94 4.15
CA GLY A 275 20.00 22.18 3.54
C GLY A 275 19.06 23.23 2.95
N GLY A 276 19.45 24.51 2.98
CA GLY A 276 18.60 25.56 2.45
C GLY A 276 17.86 26.28 3.56
N ASP A 277 18.54 27.23 4.17
CA ASP A 277 18.02 28.03 5.28
C ASP A 277 16.53 28.43 5.14
N CYS A 278 15.66 27.72 5.85
CA CYS A 278 14.20 27.95 5.90
C CYS A 278 13.51 26.66 6.33
N THR A 279 12.89 26.68 7.50
CA THR A 279 12.21 25.51 8.02
C THR A 279 11.00 25.13 7.15
N VAL A 280 10.65 23.84 7.16
CA VAL A 280 9.52 23.37 6.34
C VAL A 280 8.62 22.28 6.97
N TYR A 281 7.46 22.01 6.37
CA TYR A 281 6.60 21.02 7.01
C TYR A 281 6.08 19.87 6.17
N PRO A 282 6.54 18.63 6.48
CA PRO A 282 6.14 17.40 5.77
C PRO A 282 4.69 16.90 5.85
N VAL A 283 4.15 16.65 4.66
CA VAL A 283 2.81 16.14 4.39
C VAL A 283 3.04 15.36 3.08
N PHE A 284 2.47 14.17 2.96
CA PHE A 284 2.63 13.31 1.77
C PHE A 284 4.00 12.60 1.61
N VAL A 285 4.73 12.45 2.71
CA VAL A 285 6.04 11.83 2.64
C VAL A 285 5.87 10.50 1.96
N ASN A 286 6.34 10.38 0.73
CA ASN A 286 6.24 9.12 0.02
C ASN A 286 4.82 8.60 -0.39
N GLU A 287 4.00 9.36 -1.09
CA GLU A 287 2.70 8.79 -1.46
C GLU A 287 2.83 7.85 -2.67
N ALA A 288 2.49 6.58 -2.44
CA ALA A 288 2.59 5.55 -3.48
C ALA A 288 2.27 6.12 -4.83
N ALA A 289 1.08 6.70 -4.97
CA ALA A 289 0.68 7.28 -6.26
C ALA A 289 1.85 8.01 -6.93
N TYR A 290 1.99 9.27 -6.48
CA TYR A 290 3.00 10.21 -6.93
C TYR A 290 4.36 9.57 -7.30
N TYR A 291 4.61 8.28 -7.00
CA TYR A 291 5.89 7.73 -7.42
C TYR A 291 5.89 7.82 -8.92
N GLU A 292 4.72 7.78 -9.54
CA GLU A 292 4.67 7.87 -10.99
C GLU A 292 5.64 8.91 -11.50
N LYS A 293 5.67 10.04 -10.79
CA LYS A 293 6.49 11.18 -11.14
C LYS A 293 7.76 11.26 -10.31
N LYS A 294 8.18 10.15 -9.74
CA LYS A 294 9.38 10.09 -8.90
C LYS A 294 9.50 11.33 -8.01
N GLU A 295 8.42 11.59 -7.30
CA GLU A 295 8.29 12.71 -6.37
C GLU A 295 8.24 12.15 -4.96
N ALA A 296 9.25 12.52 -4.19
CA ALA A 296 9.34 12.06 -2.81
C ALA A 296 8.22 12.81 -2.09
N PHE A 297 8.54 13.75 -1.21
CA PHE A 297 7.48 14.49 -0.56
C PHE A 297 7.49 15.87 -1.19
N ALA A 298 6.37 16.59 -1.05
CA ALA A 298 6.25 17.96 -1.59
C ALA A 298 6.20 18.97 -0.45
N LYS A 299 6.76 20.18 -0.68
CA LYS A 299 6.82 21.25 0.31
C LYS A 299 5.64 22.22 0.39
N THR A 300 4.99 22.22 1.56
CA THR A 300 3.80 23.04 1.86
C THR A 300 4.16 24.47 2.30
N THR A 301 3.67 24.85 3.48
CA THR A 301 3.87 26.12 4.17
C THR A 301 2.86 26.15 5.33
N LYS A 302 3.30 26.71 6.45
CA LYS A 302 2.44 26.74 7.63
C LYS A 302 2.05 28.18 7.92
N LEU A 303 0.76 28.51 7.79
CA LEU A 303 0.31 29.88 8.03
C LEU A 303 -1.07 30.03 8.66
N THR A 304 -1.48 31.27 8.91
CA THR A 304 -2.82 31.46 9.47
C THR A 304 -3.67 32.11 8.42
N LEU A 305 -4.95 31.73 8.33
CA LEU A 305 -5.86 32.29 7.34
C LEU A 305 -7.06 32.83 8.09
N ASN A 306 -7.62 33.99 7.71
CA ASN A 306 -8.76 34.43 8.51
C ASN A 306 -10.19 34.41 7.88
N ALA A 307 -11.18 34.21 8.75
CA ALA A 307 -12.60 34.17 8.38
C ALA A 307 -13.30 35.57 8.53
N LYS A 308 -14.61 35.67 8.27
CA LYS A 308 -15.31 36.97 8.39
C LYS A 308 -16.68 36.74 9.02
N SER A 309 -17.71 37.48 8.62
CA SER A 309 -19.06 37.24 9.15
C SER A 309 -19.89 36.16 8.33
N ILE A 310 -20.24 35.11 9.08
CA ILE A 310 -21.00 33.94 8.61
C ILE A 310 -22.16 33.61 9.57
N ARG A 311 -23.41 33.58 9.06
CA ARG A 311 -24.59 33.25 9.89
C ARG A 311 -25.90 33.03 9.10
N CYS A 312 -26.47 31.83 9.20
CA CYS A 312 -27.73 31.50 8.50
C CYS A 312 -28.82 32.49 8.91
N GLU B 11 27.07 -31.14 0.22
CA GLU B 11 28.12 -30.77 -0.78
C GLU B 11 28.13 -29.28 -1.18
N HIS B 12 29.33 -28.79 -1.57
CA HIS B 12 29.63 -27.39 -1.94
C HIS B 12 28.59 -26.65 -2.77
N ILE B 13 28.19 -25.47 -2.29
CA ILE B 13 27.21 -24.65 -3.00
C ILE B 13 27.84 -23.91 -4.18
N GLN B 14 27.30 -24.17 -5.36
CA GLN B 14 27.77 -23.60 -6.59
C GLN B 14 27.12 -22.29 -7.09
N LYS B 15 26.03 -22.39 -7.83
CA LYS B 15 25.36 -21.21 -8.36
C LYS B 15 24.30 -20.62 -7.38
N VAL B 16 24.24 -19.29 -7.31
CA VAL B 16 23.31 -18.59 -6.42
C VAL B 16 22.79 -17.28 -7.01
N ALA B 17 21.48 -17.15 -7.04
CA ALA B 17 20.87 -15.91 -7.55
C ALA B 17 20.06 -15.16 -6.45
N ILE B 18 19.77 -13.90 -6.74
CA ILE B 18 18.92 -13.10 -5.89
C ILE B 18 18.03 -12.45 -6.94
N PHE B 19 16.76 -12.84 -7.02
CA PHE B 19 15.80 -12.26 -7.99
C PHE B 19 15.09 -11.02 -7.38
N GLY B 20 14.49 -10.21 -8.26
CA GLY B 20 13.76 -9.02 -7.81
C GLY B 20 12.63 -8.71 -8.78
N GLY B 21 11.45 -8.32 -8.29
CA GLY B 21 10.36 -8.06 -9.23
C GLY B 21 9.57 -9.23 -9.86
N THR B 22 9.21 -10.27 -9.08
CA THR B 22 8.37 -11.36 -9.59
C THR B 22 6.93 -10.71 -9.62
N HIS B 23 6.75 -9.83 -8.63
CA HIS B 23 5.55 -9.04 -8.62
C HIS B 23 6.08 -7.62 -8.86
N GLY B 24 5.68 -7.02 -9.98
CA GLY B 24 6.19 -5.71 -10.36
C GLY B 24 6.32 -4.60 -9.33
N ASN B 25 5.25 -4.42 -8.55
CA ASN B 25 5.11 -3.35 -7.54
C ASN B 25 5.64 -3.61 -6.13
N GLU B 26 5.97 -4.87 -5.81
CA GLU B 26 6.58 -5.19 -4.52
C GLU B 26 7.90 -4.50 -4.76
N LEU B 27 7.99 -3.27 -4.28
CA LEU B 27 9.14 -2.48 -4.56
C LEU B 27 10.49 -2.81 -4.00
N THR B 28 10.61 -3.32 -2.76
CA THR B 28 11.95 -3.57 -2.18
C THR B 28 12.83 -4.54 -2.99
N GLY B 29 12.33 -5.78 -3.14
CA GLY B 29 13.12 -6.71 -3.92
C GLY B 29 13.76 -6.08 -5.17
N VAL B 30 13.04 -5.13 -5.79
CA VAL B 30 13.47 -4.47 -7.00
C VAL B 30 14.49 -3.37 -6.82
N PHE B 31 14.29 -2.48 -5.85
CA PHE B 31 15.27 -1.39 -5.70
C PHE B 31 16.62 -2.07 -5.53
N LEU B 32 16.63 -3.15 -4.71
CA LEU B 32 17.84 -3.95 -4.43
C LEU B 32 18.46 -4.64 -5.66
N VAL B 33 17.67 -5.49 -6.33
CA VAL B 33 18.25 -6.14 -7.47
C VAL B 33 18.59 -5.05 -8.53
N LYS B 34 17.59 -4.31 -8.96
CA LYS B 34 17.84 -3.30 -9.96
C LYS B 34 18.92 -2.45 -9.37
N HIS B 35 19.22 -2.59 -8.09
CA HIS B 35 20.33 -1.80 -7.51
C HIS B 35 21.74 -2.36 -7.80
N TRP B 36 21.91 -3.64 -7.42
CA TRP B 36 23.16 -4.40 -7.49
C TRP B 36 23.80 -4.68 -8.85
N LEU B 37 23.02 -5.03 -9.85
CA LEU B 37 23.60 -5.29 -11.16
C LEU B 37 24.48 -4.16 -11.61
N GLU B 38 24.52 -3.09 -10.82
CA GLU B 38 25.31 -1.88 -11.08
C GLU B 38 26.23 -1.86 -9.88
N ASN B 39 27.07 -2.88 -9.83
CA ASN B 39 28.04 -3.18 -8.78
C ASN B 39 27.50 -4.02 -7.65
N GLY B 40 27.97 -5.28 -7.55
CA GLY B 40 27.49 -6.18 -6.50
C GLY B 40 28.46 -6.59 -5.41
N ALA B 41 29.37 -5.72 -5.02
CA ALA B 41 30.37 -6.09 -4.01
C ALA B 41 29.81 -6.80 -2.78
N GLU B 42 28.88 -6.11 -2.08
CA GLU B 42 28.17 -6.57 -0.87
C GLU B 42 27.47 -7.96 -0.91
N ILE B 43 27.07 -8.40 -2.10
CA ILE B 43 26.40 -9.68 -2.12
C ILE B 43 27.37 -10.79 -2.56
N GLN B 44 28.57 -10.44 -3.04
CA GLN B 44 29.48 -11.52 -3.44
C GLN B 44 30.20 -12.11 -2.21
N ARG B 45 30.59 -13.38 -2.21
CA ARG B 45 31.31 -13.95 -1.08
C ARG B 45 32.53 -14.60 -1.68
N THR B 46 33.73 -14.42 -1.14
CA THR B 46 34.81 -15.10 -1.84
C THR B 46 34.47 -16.62 -1.91
N GLY B 47 34.44 -17.12 -3.15
CA GLY B 47 34.14 -18.50 -3.37
C GLY B 47 32.76 -18.80 -3.93
N LEU B 48 31.95 -17.77 -4.10
CA LEU B 48 30.62 -17.94 -4.68
C LEU B 48 30.24 -16.64 -5.37
N GLU B 49 29.91 -16.72 -6.65
CA GLU B 49 29.46 -15.54 -7.40
C GLU B 49 27.94 -15.34 -7.20
N VAL B 50 27.53 -14.26 -6.55
CA VAL B 50 26.09 -14.05 -6.38
C VAL B 50 25.51 -13.16 -7.50
N LYS B 51 24.67 -13.75 -8.33
CA LYS B 51 24.07 -13.03 -9.43
C LYS B 51 22.63 -12.43 -9.27
N PRO B 52 22.51 -11.09 -9.19
CA PRO B 52 21.13 -10.63 -9.07
C PRO B 52 20.46 -10.68 -10.44
N PHE B 53 19.16 -10.48 -10.47
CA PHE B 53 18.41 -10.55 -11.72
C PHE B 53 16.95 -10.10 -11.49
N ILE B 54 16.45 -9.19 -12.34
CA ILE B 54 15.06 -8.69 -12.21
C ILE B 54 14.12 -9.56 -13.03
N THR B 55 13.34 -10.41 -12.35
CA THR B 55 12.53 -11.37 -13.08
C THR B 55 11.48 -10.89 -14.04
N ASN B 56 10.78 -9.81 -13.66
CA ASN B 56 9.67 -9.29 -14.45
C ASN B 56 9.77 -7.79 -14.73
N PRO B 57 10.58 -7.43 -15.71
CA PRO B 57 10.82 -6.05 -16.13
C PRO B 57 9.51 -5.34 -16.49
N ARG B 58 8.73 -6.00 -17.34
CA ARG B 58 7.50 -5.40 -17.79
C ARG B 58 6.68 -4.86 -16.60
N ALA B 59 6.32 -5.78 -15.72
CA ALA B 59 5.54 -5.45 -14.56
C ALA B 59 6.23 -4.48 -13.63
N VAL B 60 7.57 -4.55 -13.60
CA VAL B 60 8.32 -3.65 -12.76
C VAL B 60 8.21 -2.27 -13.40
N LYS B 61 8.42 -2.20 -14.72
CA LYS B 61 8.35 -0.92 -15.44
C LYS B 61 7.10 -0.19 -15.02
N LYS B 62 5.94 -0.83 -15.13
CA LYS B 62 4.69 -0.15 -14.76
C LYS B 62 4.38 -0.10 -13.22
N CYS B 63 5.26 -0.71 -12.39
CA CYS B 63 5.05 -0.82 -10.94
C CYS B 63 3.66 -1.45 -10.78
N THR B 64 3.58 -2.68 -11.26
CA THR B 64 2.33 -3.32 -11.22
C THR B 64 2.58 -4.78 -10.84
N ARG B 65 1.65 -5.38 -10.09
CA ARG B 65 1.76 -6.78 -9.65
C ARG B 65 1.95 -7.71 -10.84
N TYR B 66 2.03 -7.13 -12.04
CA TYR B 66 2.32 -7.85 -13.30
C TYR B 66 1.80 -7.32 -14.63
N ILE B 67 1.86 -8.20 -15.65
CA ILE B 67 1.35 -7.93 -17.02
C ILE B 67 0.32 -9.01 -17.41
N ASP B 68 0.76 -10.10 -18.02
CA ASP B 68 -0.13 -11.21 -18.42
C ASP B 68 -0.57 -12.27 -17.38
N CYS B 69 0.41 -12.94 -16.74
CA CYS B 69 0.20 -13.98 -15.69
C CYS B 69 0.90 -13.46 -14.47
N ASP B 70 0.80 -14.24 -13.40
CA ASP B 70 1.54 -14.01 -12.19
C ASP B 70 2.66 -15.03 -12.48
N LEU B 71 3.81 -14.52 -12.95
CA LEU B 71 4.97 -15.33 -13.33
C LEU B 71 5.38 -16.15 -12.13
N ASN B 72 4.49 -16.19 -11.14
CA ASN B 72 4.69 -16.91 -9.89
C ASN B 72 4.07 -18.29 -9.89
N ARG B 73 2.80 -18.36 -10.19
CA ARG B 73 2.19 -19.68 -10.20
C ARG B 73 2.40 -20.33 -11.58
N ILE B 74 3.54 -20.12 -12.22
CA ILE B 74 3.74 -20.73 -13.54
C ILE B 74 4.94 -21.65 -13.81
N PHE B 75 5.81 -21.84 -12.81
CA PHE B 75 7.00 -22.65 -13.03
C PHE B 75 6.80 -24.08 -12.62
N ASP B 76 5.92 -24.75 -13.36
CA ASP B 76 5.56 -26.15 -13.20
C ASP B 76 5.49 -26.66 -14.64
N LEU B 77 5.42 -28.00 -14.80
CA LEU B 77 5.38 -28.66 -16.10
C LEU B 77 4.51 -27.96 -17.15
N GLU B 78 3.17 -28.06 -16.98
CA GLU B 78 2.18 -27.47 -17.91
C GLU B 78 2.67 -26.18 -18.54
N ASN B 79 3.01 -25.18 -17.74
CA ASN B 79 3.52 -23.94 -18.34
C ASN B 79 4.82 -24.28 -19.04
N LEU B 80 5.73 -24.90 -18.29
CA LEU B 80 7.02 -25.23 -18.84
C LEU B 80 6.89 -26.18 -20.03
N GLY B 81 5.73 -26.78 -20.21
CA GLY B 81 5.60 -27.66 -21.37
C GLY B 81 5.04 -27.00 -22.64
N LYS B 82 4.27 -25.93 -22.48
CA LYS B 82 3.66 -25.21 -23.60
C LYS B 82 4.75 -24.64 -24.55
N LYS B 83 4.66 -24.98 -25.86
CA LYS B 83 5.59 -24.54 -26.93
C LYS B 83 5.67 -22.98 -27.09
N SER B 85 5.63 -19.43 -28.20
CA SER B 85 4.85 -18.70 -29.22
C SER B 85 4.48 -17.23 -28.93
N GLU B 86 4.70 -16.36 -29.92
CA GLU B 86 4.40 -14.94 -29.77
C GLU B 86 2.91 -14.72 -29.55
N ASP B 87 2.17 -15.82 -29.41
CA ASP B 87 0.74 -15.76 -29.16
C ASP B 87 0.55 -16.07 -27.65
N LEU B 88 1.60 -16.61 -27.02
CA LEU B 88 1.61 -16.95 -25.59
C LEU B 88 1.65 -15.76 -24.63
N PRO B 89 1.14 -15.95 -23.41
CA PRO B 89 1.17 -14.82 -22.46
C PRO B 89 2.56 -14.39 -21.97
N TYR B 90 2.77 -13.06 -21.95
CA TYR B 90 4.05 -12.47 -21.51
C TYR B 90 4.79 -13.26 -20.42
N GLU B 91 4.22 -13.32 -19.22
CA GLU B 91 4.89 -13.99 -18.13
C GLU B 91 5.10 -15.54 -18.20
N VAL B 92 4.13 -16.26 -18.80
CA VAL B 92 4.36 -17.69 -18.99
C VAL B 92 5.37 -17.76 -20.16
N ARG B 93 5.11 -16.98 -21.20
CA ARG B 93 6.02 -16.96 -22.33
C ARG B 93 7.33 -16.59 -21.66
N ARG B 94 7.21 -16.04 -20.46
CA ARG B 94 8.37 -15.60 -19.68
C ARG B 94 9.01 -16.71 -18.84
N ALA B 95 8.17 -17.52 -18.17
CA ALA B 95 8.64 -18.60 -17.32
C ALA B 95 9.48 -19.66 -18.04
N GLN B 96 9.56 -19.54 -19.37
CA GLN B 96 10.42 -20.44 -20.12
C GLN B 96 11.84 -19.84 -20.23
N GLU B 97 11.90 -18.54 -20.42
CA GLU B 97 13.19 -17.87 -20.46
C GLU B 97 13.82 -17.86 -19.06
N ILE B 98 13.11 -17.35 -18.06
CA ILE B 98 13.70 -17.35 -16.72
C ILE B 98 14.28 -18.74 -16.47
N ASN B 99 13.44 -19.76 -16.71
CA ASN B 99 13.85 -21.16 -16.52
C ASN B 99 15.13 -21.45 -17.31
N HIS B 100 15.01 -21.43 -18.64
CA HIS B 100 16.15 -21.70 -19.49
C HIS B 100 17.41 -21.09 -18.92
N LEU B 101 17.36 -19.89 -18.37
CA LEU B 101 18.53 -19.24 -17.73
C LEU B 101 18.95 -19.83 -16.37
N PHE B 102 18.05 -19.96 -15.40
CA PHE B 102 18.51 -20.46 -14.09
C PHE B 102 18.15 -21.91 -13.83
N GLY B 103 17.58 -22.54 -14.87
CA GLY B 103 17.16 -23.93 -14.81
C GLY B 103 18.08 -24.96 -15.45
N PRO B 104 17.53 -26.06 -15.99
CA PRO B 104 16.09 -26.25 -15.95
C PRO B 104 15.64 -26.86 -14.61
N LYS B 105 14.54 -26.30 -14.06
CA LYS B 105 13.95 -26.76 -12.81
C LYS B 105 14.01 -28.29 -12.87
N ASP B 106 14.51 -28.94 -11.81
CA ASP B 106 14.55 -30.39 -11.77
C ASP B 106 15.82 -30.97 -12.44
N SER B 107 16.57 -30.14 -13.18
CA SER B 107 17.83 -30.60 -13.80
C SER B 107 18.92 -30.47 -12.72
N GLU B 108 20.18 -30.67 -13.09
CA GLU B 108 21.24 -30.50 -12.11
C GLU B 108 22.16 -29.37 -12.56
N ASP B 109 21.93 -28.83 -13.74
CA ASP B 109 22.74 -27.71 -14.23
C ASP B 109 22.17 -26.44 -13.67
N SER B 110 20.87 -26.48 -13.41
CA SER B 110 20.07 -25.39 -12.87
C SER B 110 20.79 -24.69 -11.74
N TYR B 111 20.54 -23.39 -11.53
CA TYR B 111 21.20 -22.70 -10.43
C TYR B 111 20.97 -23.55 -9.19
N ASP B 112 21.77 -23.38 -8.15
CA ASP B 112 21.58 -24.23 -6.99
C ASP B 112 20.64 -23.69 -5.95
N ILE B 113 20.69 -22.37 -5.76
CA ILE B 113 19.85 -21.66 -4.80
C ILE B 113 19.33 -20.37 -5.43
N ILE B 114 18.24 -19.84 -4.90
CA ILE B 114 17.71 -18.55 -5.36
C ILE B 114 16.83 -17.91 -4.28
N PHE B 115 16.93 -16.60 -4.16
CA PHE B 115 16.12 -15.86 -3.22
C PHE B 115 15.06 -15.06 -4.01
N ASP B 116 13.79 -15.41 -3.90
CA ASP B 116 12.78 -14.62 -4.59
C ASP B 116 12.39 -13.60 -3.52
N LEU B 117 12.75 -12.32 -3.70
CA LEU B 117 12.34 -11.28 -2.70
C LEU B 117 10.84 -10.78 -2.91
N HIS B 118 10.13 -10.55 -1.82
CA HIS B 118 8.75 -10.13 -1.87
C HIS B 118 8.37 -9.22 -0.69
N ASN B 119 7.69 -8.12 -0.96
CA ASN B 119 7.25 -7.22 0.11
C ASN B 119 5.78 -7.55 0.35
N THR B 120 5.25 -7.44 1.56
CA THR B 120 3.81 -7.67 1.73
C THR B 120 3.20 -6.53 2.52
N THR B 121 1.90 -6.32 2.39
CA THR B 121 1.27 -5.25 3.17
C THR B 121 0.89 -5.73 4.56
N SER B 122 0.99 -7.04 4.85
CA SER B 122 0.72 -7.58 6.21
C SER B 122 1.80 -7.17 7.19
N ASN B 123 1.39 -6.90 8.43
CA ASN B 123 2.35 -6.47 9.41
C ASN B 123 3.20 -7.65 9.90
N GLY B 125 7.23 -8.16 8.99
CA GLY B 125 8.67 -8.08 9.16
C GLY B 125 9.50 -9.21 8.53
N CYS B 126 10.68 -9.45 9.11
CA CYS B 126 11.60 -10.43 8.59
C CYS B 126 10.87 -11.74 8.47
N THR B 127 10.61 -12.17 7.23
CA THR B 127 9.92 -13.46 6.99
C THR B 127 10.66 -14.41 6.02
N LEU B 128 10.93 -15.66 6.47
CA LEU B 128 11.53 -16.67 5.60
C LEU B 128 10.42 -17.60 5.18
N ILE B 129 10.34 -18.01 3.91
CA ILE B 129 9.28 -18.94 3.45
C ILE B 129 9.89 -20.25 3.04
N LEU B 130 9.38 -21.34 3.63
CA LEU B 130 9.84 -22.70 3.33
C LEU B 130 8.89 -23.64 2.52
N GLU B 131 9.47 -24.37 1.56
CA GLU B 131 8.70 -25.32 0.74
C GLU B 131 9.33 -26.75 0.85
N ASP B 132 8.78 -27.55 1.76
CA ASP B 132 9.21 -28.91 2.08
C ASP B 132 9.80 -28.93 3.49
N SER B 133 9.14 -29.64 4.42
CA SER B 133 9.58 -29.76 5.82
C SER B 133 10.86 -30.61 5.82
N ARG B 134 10.69 -31.89 5.57
CA ARG B 134 11.83 -32.78 5.47
C ARG B 134 12.78 -32.00 4.58
N ASN B 135 13.91 -31.57 5.11
CA ASN B 135 14.87 -30.83 4.33
C ASN B 135 15.94 -30.34 5.25
N ASN B 136 16.92 -31.18 5.58
CA ASN B 136 17.90 -30.72 6.52
C ASN B 136 18.67 -29.52 5.96
N PHE B 137 19.29 -29.61 4.78
CA PHE B 137 20.07 -28.46 4.26
C PHE B 137 19.44 -27.14 4.59
N LEU B 138 18.37 -26.81 3.84
CA LEU B 138 17.63 -25.55 3.98
C LEU B 138 16.98 -25.19 5.32
N ILE B 139 16.84 -26.16 6.23
CA ILE B 139 16.31 -25.87 7.57
C ILE B 139 17.36 -25.19 8.44
N GLN B 140 18.56 -25.77 8.45
CA GLN B 140 19.71 -25.25 9.17
C GLN B 140 19.96 -23.84 8.71
N PHE B 142 18.00 -21.69 7.48
CA PHE B 142 17.05 -20.72 8.11
C PHE B 142 17.37 -20.56 9.61
N HIS B 143 17.79 -21.69 10.21
CA HIS B 143 18.20 -21.72 11.60
C HIS B 143 19.29 -20.64 11.83
N TYR B 144 20.32 -20.65 11.00
CA TYR B 144 21.36 -19.63 11.16
C TYR B 144 20.72 -18.24 11.01
N ILE B 145 19.78 -18.10 10.06
CA ILE B 145 19.16 -16.82 9.85
C ILE B 145 18.28 -16.48 11.03
N LYS B 146 17.31 -17.34 11.33
CA LYS B 146 16.38 -17.10 12.46
C LYS B 146 17.26 -16.53 13.56
N THR B 147 18.32 -17.27 13.88
CA THR B 147 19.37 -16.91 14.88
C THR B 147 19.87 -15.46 14.91
N SER B 148 20.97 -15.21 14.20
CA SER B 148 21.62 -13.92 14.07
C SER B 148 20.70 -12.70 14.14
N LEU B 149 19.64 -12.69 13.32
CA LEU B 149 18.70 -11.57 13.35
C LEU B 149 18.41 -11.24 14.81
N ALA B 150 18.39 -12.28 15.67
CA ALA B 150 18.13 -12.09 17.09
C ALA B 150 19.01 -10.93 17.48
N PRO B 151 18.45 -9.91 18.14
CA PRO B 151 17.11 -9.60 18.63
C PRO B 151 16.04 -9.26 17.60
N LEU B 152 16.42 -9.20 16.32
CA LEU B 152 15.46 -8.91 15.28
C LEU B 152 14.73 -10.20 14.95
N PRO B 153 13.39 -10.22 15.15
CA PRO B 153 12.54 -11.41 14.88
C PRO B 153 12.45 -11.76 13.40
N CYS B 154 12.41 -13.05 13.10
CA CYS B 154 12.29 -13.52 11.72
C CYS B 154 11.47 -14.76 11.87
N TYR B 155 10.39 -14.88 11.10
CA TYR B 155 9.49 -16.03 11.21
C TYR B 155 9.63 -16.89 9.96
N VAL B 156 9.35 -18.17 10.09
CA VAL B 156 9.42 -19.12 8.99
C VAL B 156 8.01 -19.60 8.68
N TYR B 157 7.54 -19.31 7.46
CA TYR B 157 6.22 -19.69 6.99
C TYR B 157 6.40 -21.04 6.25
N LEU B 158 5.69 -22.11 6.66
CA LEU B 158 5.87 -23.42 6.01
C LEU B 158 4.78 -23.87 5.06
N ILE B 159 5.20 -24.33 3.87
CA ILE B 159 4.22 -24.86 2.90
C ILE B 159 4.47 -26.30 2.45
N GLU B 160 3.64 -27.24 2.91
CA GLU B 160 3.82 -28.59 2.48
C GLU B 160 2.84 -28.85 1.38
N HIS B 161 3.34 -28.97 0.15
CA HIS B 161 2.49 -29.27 -0.99
C HIS B 161 2.57 -30.76 -1.26
N PRO B 162 1.45 -31.45 -1.04
CA PRO B 162 1.32 -32.89 -1.23
C PRO B 162 1.95 -33.47 -2.51
N SER B 163 1.62 -32.85 -3.64
CA SER B 163 2.13 -33.24 -4.94
C SER B 163 3.62 -33.52 -4.99
N LEU B 164 4.44 -32.85 -4.17
CA LEU B 164 5.92 -33.05 -4.19
C LEU B 164 6.53 -32.41 -5.49
N LYS B 165 6.08 -31.17 -5.73
CA LYS B 165 6.46 -30.31 -6.84
C LYS B 165 6.05 -28.90 -6.38
N TYR B 166 6.29 -27.89 -7.19
CA TYR B 166 5.87 -26.52 -6.90
C TYR B 166 5.76 -25.69 -8.24
N ALA B 167 5.06 -24.55 -8.24
CA ALA B 167 4.89 -23.78 -9.48
C ALA B 167 5.65 -22.51 -9.48
N THR B 168 5.83 -21.96 -8.28
CA THR B 168 6.52 -20.72 -7.98
C THR B 168 7.68 -20.23 -8.85
N THR B 169 8.35 -19.17 -8.38
CA THR B 169 9.50 -18.57 -9.09
C THR B 169 10.74 -19.33 -8.69
N ARG B 170 11.07 -19.28 -7.41
CA ARG B 170 12.27 -19.95 -6.92
C ARG B 170 12.33 -21.48 -7.06
N SER B 171 11.22 -22.15 -7.36
CA SER B 171 11.31 -23.60 -7.46
C SER B 171 12.14 -23.99 -8.72
N ILE B 172 12.99 -23.07 -9.11
CA ILE B 172 13.91 -23.23 -10.23
C ILE B 172 15.23 -23.71 -9.56
N ALA B 173 15.35 -23.52 -8.25
CA ALA B 173 16.53 -23.90 -7.50
C ALA B 173 16.42 -25.29 -6.82
N LYS B 174 17.57 -25.86 -6.43
CA LYS B 174 17.64 -27.15 -5.69
C LYS B 174 17.21 -26.81 -4.26
N TYR B 175 17.60 -25.62 -3.83
CA TYR B 175 17.31 -25.10 -2.53
C TYR B 175 16.74 -23.69 -2.64
N PRO B 176 15.40 -23.54 -2.58
CA PRO B 176 14.78 -22.19 -2.69
C PRO B 176 14.79 -21.25 -1.44
N VAL B 177 14.49 -19.99 -1.65
CA VAL B 177 14.42 -19.12 -0.49
C VAL B 177 13.47 -18.02 -0.92
N GLY B 178 12.24 -18.09 -0.40
CA GLY B 178 11.25 -17.10 -0.70
C GLY B 178 11.49 -16.14 0.43
N ILE B 179 11.79 -14.87 0.13
CA ILE B 179 11.98 -13.87 1.21
C ILE B 179 10.75 -12.91 1.26
N GLU B 180 10.05 -12.90 2.40
CA GLU B 180 8.89 -12.06 2.54
C GLU B 180 9.13 -11.00 3.58
N VAL B 181 9.12 -9.76 3.14
CA VAL B 181 9.30 -8.69 4.08
C VAL B 181 8.23 -7.67 3.78
N GLY B 182 7.55 -7.28 4.87
CA GLY B 182 6.44 -6.35 4.87
C GLY B 182 6.29 -5.94 6.31
N PRO B 183 5.52 -4.91 6.65
CA PRO B 183 4.70 -4.01 5.85
C PRO B 183 5.37 -2.85 5.07
N GLN B 184 5.00 -2.73 3.79
CA GLN B 184 5.48 -1.63 2.96
C GLN B 184 4.29 -1.63 2.04
N PRO B 185 3.66 -0.47 1.75
CA PRO B 185 2.53 -0.59 0.79
C PRO B 185 3.04 -0.86 -0.62
N GLN B 186 2.21 -1.45 -1.49
CA GLN B 186 2.70 -1.73 -2.85
C GLN B 186 3.10 -0.42 -3.47
N GLY B 187 3.96 -0.44 -4.45
CA GLY B 187 4.32 0.79 -5.08
C GLY B 187 4.90 1.87 -4.21
N VAL B 188 5.55 1.48 -3.11
CA VAL B 188 6.18 2.50 -2.23
C VAL B 188 7.61 2.02 -2.22
N LEU B 189 8.46 2.42 -1.26
CA LEU B 189 9.80 1.87 -1.18
C LEU B 189 10.38 2.23 0.16
N ARG B 190 9.88 1.62 1.25
CA ARG B 190 10.37 1.94 2.62
C ARG B 190 11.79 1.47 2.96
N ALA B 191 12.47 2.32 3.75
CA ALA B 191 13.83 2.10 4.21
C ALA B 191 13.90 1.04 5.31
N ASP B 192 13.08 1.17 6.37
CA ASP B 192 13.07 0.16 7.43
C ASP B 192 12.82 -1.25 6.82
N ILE B 193 12.02 -1.32 5.76
CA ILE B 193 11.76 -2.57 5.05
C ILE B 193 13.01 -2.95 4.22
N LEU B 194 13.60 -1.95 3.56
CA LEU B 194 14.77 -2.18 2.72
C LEU B 194 15.93 -2.59 3.64
N ASP B 195 15.80 -2.29 4.92
CA ASP B 195 16.85 -2.71 5.79
C ASP B 195 16.61 -4.10 6.48
N GLN B 196 15.41 -4.32 7.01
CA GLN B 196 15.14 -5.61 7.63
C GLN B 196 15.75 -6.61 6.64
N ARG B 198 18.10 -6.09 4.04
CA ARG B 198 19.53 -6.00 3.72
C ARG B 198 20.26 -7.01 4.62
N LYS B 199 19.88 -7.04 5.89
CA LYS B 199 20.47 -7.93 6.89
C LYS B 199 20.22 -9.42 6.68
N ILE B 201 19.55 -11.17 3.72
CA ILE B 201 20.29 -11.71 2.62
C ILE B 201 21.78 -11.71 2.99
N LYS B 202 22.25 -10.72 3.75
CA LYS B 202 23.68 -10.76 4.17
C LYS B 202 23.88 -12.15 4.82
N HIS B 203 23.18 -12.38 5.93
CA HIS B 203 23.33 -13.66 6.58
C HIS B 203 23.29 -14.88 5.66
N ALA B 204 22.24 -14.98 4.85
CA ALA B 204 22.14 -16.08 3.92
C ALA B 204 23.38 -16.29 2.98
N LEU B 205 23.81 -15.28 2.21
CA LEU B 205 24.96 -15.39 1.31
C LEU B 205 26.18 -15.80 2.11
N ASP B 206 26.53 -14.95 3.07
CA ASP B 206 27.64 -15.22 3.99
C ASP B 206 27.49 -16.68 4.50
N PHE B 207 26.37 -16.98 5.16
CA PHE B 207 26.15 -18.35 5.64
C PHE B 207 26.56 -19.39 4.61
N ILE B 208 25.96 -19.35 3.42
CA ILE B 208 26.31 -20.31 2.36
C ILE B 208 27.84 -20.39 2.34
N HIS B 209 28.46 -19.23 2.51
CA HIS B 209 29.90 -19.17 2.51
C HIS B 209 30.58 -20.00 3.64
N HIS B 210 30.03 -19.91 4.87
CA HIS B 210 30.57 -20.64 6.04
C HIS B 210 30.46 -22.14 5.78
N PHE B 211 29.25 -22.58 5.48
CA PHE B 211 29.01 -23.96 5.14
C PHE B 211 30.18 -24.23 4.18
N ASN B 212 30.31 -23.35 3.17
CA ASN B 212 31.37 -23.46 2.18
C ASN B 212 32.81 -23.42 2.72
N GLU B 213 33.08 -22.59 3.73
CA GLU B 213 34.40 -22.51 4.32
C GLU B 213 34.61 -23.84 5.03
N GLY B 214 33.52 -24.45 5.50
CA GLY B 214 33.59 -25.75 6.16
C GLY B 214 33.11 -25.87 7.61
N LYS B 215 31.99 -25.26 7.94
CA LYS B 215 31.49 -25.31 9.30
C LYS B 215 30.47 -26.43 9.72
N GLU B 216 30.85 -27.26 10.70
CA GLU B 216 29.90 -28.26 11.19
C GLU B 216 28.67 -27.47 11.63
N PHE B 217 27.56 -28.17 11.60
CA PHE B 217 26.25 -27.69 12.00
C PHE B 217 25.60 -28.89 12.69
N PRO B 218 25.43 -28.86 14.01
CA PRO B 218 24.81 -29.96 14.73
C PRO B 218 23.35 -30.01 14.34
N PRO B 219 22.56 -30.89 14.99
CA PRO B 219 21.11 -31.03 14.70
C PRO B 219 20.65 -29.61 14.88
N CYS B 220 19.37 -29.33 14.66
CA CYS B 220 18.92 -27.96 14.89
C CYS B 220 17.44 -27.73 14.82
N ALA B 221 16.99 -26.68 15.50
CA ALA B 221 15.57 -26.42 15.48
C ALA B 221 15.15 -24.98 15.13
N ILE B 222 13.91 -24.87 14.65
CA ILE B 222 13.28 -23.60 14.30
C ILE B 222 11.75 -23.70 14.45
N GLU B 223 11.07 -22.56 14.50
CA GLU B 223 9.59 -22.58 14.52
C GLU B 223 9.18 -22.32 13.06
N VAL B 224 8.19 -23.08 12.58
CA VAL B 224 7.71 -22.90 11.23
C VAL B 224 6.20 -22.84 11.26
N TYR B 225 5.58 -21.64 11.24
CA TYR B 225 4.11 -21.55 11.32
C TYR B 225 3.50 -22.16 10.02
N LYS B 226 2.54 -23.09 10.15
CA LYS B 226 1.94 -23.76 8.99
C LYS B 226 0.44 -23.49 8.86
N ILE B 227 0.05 -23.17 7.63
CA ILE B 227 -1.32 -22.86 7.31
C ILE B 227 -2.19 -24.07 7.52
N ILE B 228 -3.37 -23.82 8.07
CA ILE B 228 -4.29 -24.90 8.30
C ILE B 228 -5.63 -24.46 7.87
N GLU B 229 -5.79 -23.14 7.63
CA GLU B 229 -7.06 -22.56 7.17
C GLU B 229 -6.91 -21.21 6.48
N LYS B 230 -7.06 -21.21 5.15
CA LYS B 230 -6.94 -19.97 4.36
C LYS B 230 -8.11 -18.96 4.51
N VAL B 231 -8.70 -18.82 5.71
CA VAL B 231 -9.84 -17.91 6.05
C VAL B 231 -10.18 -16.65 5.22
N ASP B 232 -11.41 -16.61 4.67
CA ASP B 232 -11.93 -15.52 3.82
C ASP B 232 -12.86 -14.50 4.57
N TYR B 233 -12.99 -13.28 4.03
CA TYR B 233 -13.82 -12.24 4.63
C TYR B 233 -15.32 -12.56 4.54
N PRO B 234 -16.09 -12.16 5.55
CA PRO B 234 -17.53 -12.42 5.51
C PRO B 234 -18.08 -11.82 4.21
N ARG B 235 -18.06 -12.60 3.12
CA ARG B 235 -18.54 -12.12 1.81
C ARG B 235 -20.05 -12.18 1.90
N ASP B 236 -20.75 -11.05 1.68
CA ASP B 236 -22.23 -11.04 1.79
C ASP B 236 -23.01 -11.62 0.59
N GLU B 237 -24.32 -11.40 0.57
CA GLU B 237 -25.22 -11.87 -0.49
C GLU B 237 -24.70 -11.68 -1.91
N ASN B 238 -24.28 -10.47 -2.27
CA ASN B 238 -23.76 -10.23 -3.62
C ASN B 238 -22.39 -10.88 -3.76
N GLY B 239 -22.02 -11.64 -2.72
CA GLY B 239 -20.76 -12.35 -2.69
C GLY B 239 -19.62 -11.42 -2.41
N GLU B 240 -19.98 -10.27 -1.86
CA GLU B 240 -19.04 -9.19 -1.59
C GLU B 240 -18.45 -9.06 -0.17
N ILE B 241 -17.45 -8.21 -0.01
CA ILE B 241 -16.89 -8.06 1.31
C ILE B 241 -17.90 -7.41 2.24
N ALA B 242 -18.63 -8.26 2.95
CA ALA B 242 -19.65 -7.83 3.89
C ALA B 242 -19.11 -7.59 5.32
N ALA B 243 -17.81 -7.30 5.44
CA ALA B 243 -17.19 -7.06 6.76
C ALA B 243 -15.67 -6.84 6.53
N ILE B 244 -14.92 -6.56 7.59
CA ILE B 244 -13.49 -6.33 7.42
C ILE B 244 -12.65 -6.93 8.61
N ILE B 245 -11.31 -6.98 8.52
CA ILE B 245 -10.54 -7.52 9.64
C ILE B 245 -10.84 -6.72 10.94
N HIS B 246 -10.88 -7.35 12.11
CA HIS B 246 -11.20 -6.58 13.29
C HIS B 246 -10.08 -5.67 13.67
N PRO B 247 -10.34 -4.62 14.46
CA PRO B 247 -9.12 -3.84 14.73
C PRO B 247 -8.03 -4.56 15.48
N ASN B 248 -8.41 -5.55 16.29
CA ASN B 248 -7.45 -6.37 17.05
C ASN B 248 -6.59 -7.28 16.12
N LEU B 249 -7.25 -8.14 15.36
CA LEU B 249 -6.55 -9.02 14.48
C LEU B 249 -5.40 -8.31 13.75
N GLN B 250 -5.74 -7.14 13.23
CA GLN B 250 -4.83 -6.26 12.46
C GLN B 250 -3.47 -6.05 13.14
N ASP B 251 -2.40 -6.38 12.40
CA ASP B 251 -1.02 -6.19 12.88
C ASP B 251 -0.42 -7.40 13.66
N GLN B 252 -1.32 -8.08 14.36
CA GLN B 252 -1.01 -9.24 15.15
C GLN B 252 -0.73 -10.43 14.26
N ASP B 253 -0.16 -10.11 13.11
CA ASP B 253 0.29 -11.08 12.14
C ASP B 253 1.34 -11.75 13.05
N TRP B 254 1.30 -13.08 13.15
CA TRP B 254 2.24 -13.92 13.97
C TRP B 254 1.83 -14.32 15.39
N LYS B 255 0.94 -13.55 16.03
CA LYS B 255 0.49 -13.82 17.40
C LYS B 255 -0.61 -14.84 17.42
N PRO B 256 -0.82 -15.52 18.56
CA PRO B 256 -1.86 -16.53 18.68
C PRO B 256 -3.24 -15.91 18.83
N LEU B 257 -4.22 -16.41 18.08
CA LEU B 257 -5.59 -15.90 18.16
C LEU B 257 -6.42 -17.01 18.84
N HIS B 258 -6.90 -16.67 20.03
CA HIS B 258 -7.66 -17.57 20.83
C HIS B 258 -9.09 -17.80 20.38
N PRO B 259 -9.64 -18.97 20.74
CA PRO B 259 -11.01 -19.16 20.28
C PRO B 259 -11.95 -18.15 20.89
N GLY B 260 -11.42 -17.20 21.63
CA GLY B 260 -12.29 -16.19 22.18
C GLY B 260 -12.13 -14.80 21.54
N ASP B 261 -10.97 -14.58 20.92
CA ASP B 261 -10.52 -13.31 20.29
C ASP B 261 -11.32 -12.68 19.15
N PRO B 262 -11.38 -11.34 19.11
CA PRO B 262 -12.13 -10.65 18.04
C PRO B 262 -11.43 -10.88 16.71
N PHE B 264 -13.44 -10.13 12.87
CA PHE B 264 -13.99 -9.33 11.78
C PHE B 264 -14.79 -8.18 12.32
N LEU B 265 -15.01 -7.18 11.48
CA LEU B 265 -15.83 -6.01 11.80
C LEU B 265 -16.93 -5.89 10.74
N THR B 266 -18.15 -5.68 11.23
CA THR B 266 -19.33 -5.53 10.39
C THR B 266 -19.47 -4.02 10.29
N LEU B 267 -19.59 -3.44 9.08
CA LEU B 267 -19.75 -2.00 9.05
C LEU B 267 -20.91 -1.75 10.00
N ASP B 268 -21.61 -2.82 10.37
CA ASP B 268 -22.73 -2.74 11.27
C ASP B 268 -22.40 -2.27 12.70
N GLY B 269 -21.18 -2.55 13.16
CA GLY B 269 -20.82 -2.09 14.47
C GLY B 269 -20.39 -3.15 15.47
N LYS B 270 -20.66 -4.43 15.18
CA LYS B 270 -20.27 -5.46 16.14
C LYS B 270 -18.93 -6.13 15.89
N THR B 271 -18.39 -6.71 16.96
CA THR B 271 -17.14 -7.45 16.90
C THR B 271 -17.50 -8.93 16.84
N ILE B 272 -17.03 -9.61 15.78
CA ILE B 272 -17.23 -11.05 15.63
C ILE B 272 -15.99 -11.60 16.31
N PRO B 273 -16.09 -12.75 16.98
CA PRO B 273 -14.96 -13.37 17.67
C PRO B 273 -14.36 -14.45 16.80
N LEU B 274 -13.17 -14.93 17.13
CA LEU B 274 -12.61 -15.98 16.34
C LEU B 274 -13.63 -17.11 16.34
N GLY B 275 -13.32 -18.20 17.01
CA GLY B 275 -14.21 -19.34 17.01
C GLY B 275 -13.43 -20.62 16.83
N GLY B 276 -14.18 -21.70 16.61
CA GLY B 276 -13.56 -23.00 16.45
C GLY B 276 -13.41 -23.61 17.84
N ASP B 277 -12.17 -23.91 18.26
CA ASP B 277 -11.87 -24.51 19.57
C ASP B 277 -10.40 -24.36 19.97
N CYS B 278 -9.55 -24.07 18.99
CA CYS B 278 -8.14 -23.92 19.28
C CYS B 278 -7.59 -22.52 19.04
N THR B 279 -6.35 -22.35 19.50
CA THR B 279 -5.59 -21.13 19.38
C THR B 279 -4.79 -21.16 18.08
N VAL B 280 -4.79 -20.04 17.40
CA VAL B 280 -4.09 -19.99 16.13
C VAL B 280 -3.16 -18.78 15.96
N TYR B 281 -2.66 -18.56 14.76
CA TYR B 281 -1.76 -17.43 14.51
C TYR B 281 -2.06 -16.92 13.12
N PRO B 282 -3.04 -16.00 13.02
CA PRO B 282 -3.40 -15.47 11.71
C PRO B 282 -2.17 -14.91 11.00
N VAL B 283 -2.04 -15.25 9.71
CA VAL B 283 -0.93 -14.77 8.90
C VAL B 283 -1.45 -14.07 7.63
N PHE B 284 -0.70 -13.08 7.18
CA PHE B 284 -1.06 -12.33 6.01
C PHE B 284 -2.38 -11.61 6.33
N VAL B 285 -2.47 -11.19 7.59
CA VAL B 285 -3.61 -10.45 8.06
C VAL B 285 -3.66 -9.15 7.27
N ASN B 286 -4.55 -9.14 6.29
CA ASN B 286 -4.88 -8.02 5.43
C ASN B 286 -3.97 -7.72 4.26
N GLU B 287 -3.58 -8.75 3.52
CA GLU B 287 -2.69 -8.56 2.37
C GLU B 287 -3.41 -8.01 1.11
N ALA B 288 -3.00 -6.82 0.64
CA ALA B 288 -3.63 -6.23 -0.54
C ALA B 288 -3.79 -7.24 -1.67
N ALA B 289 -2.71 -7.91 -2.02
CA ALA B 289 -2.73 -8.88 -3.08
C ALA B 289 -3.82 -9.90 -2.90
N TYR B 290 -4.27 -10.11 -1.67
CA TYR B 290 -5.25 -11.15 -1.48
C TYR B 290 -6.75 -10.86 -1.32
N TYR B 291 -7.27 -9.78 -1.91
CA TYR B 291 -8.69 -9.54 -1.83
C TYR B 291 -9.39 -10.23 -2.99
N GLU B 292 -9.14 -9.72 -4.19
CA GLU B 292 -9.77 -10.27 -5.40
C GLU B 292 -10.05 -11.76 -5.32
N LYS B 293 -9.04 -12.49 -4.87
CA LYS B 293 -9.05 -13.95 -4.74
C LYS B 293 -9.70 -14.46 -3.45
N LYS B 294 -10.73 -13.78 -2.93
CA LYS B 294 -11.47 -14.16 -1.71
C LYS B 294 -10.69 -14.62 -0.43
N GLU B 295 -10.09 -13.67 0.29
CA GLU B 295 -9.28 -14.01 1.45
C GLU B 295 -9.11 -12.82 2.38
N ALA B 296 -8.74 -13.10 3.63
CA ALA B 296 -8.56 -12.09 4.66
C ALA B 296 -7.29 -12.34 5.47
N PHE B 297 -6.83 -13.59 5.50
CA PHE B 297 -5.58 -14.01 6.20
C PHE B 297 -5.46 -15.52 6.15
N ALA B 298 -4.27 -16.07 6.37
CA ALA B 298 -4.10 -17.54 6.44
C ALA B 298 -4.01 -17.86 7.96
N LYS B 299 -4.91 -18.70 8.47
CA LYS B 299 -4.96 -19.11 9.88
C LYS B 299 -3.91 -20.22 10.06
N THR B 300 -3.11 -20.17 11.12
CA THR B 300 -2.08 -21.21 11.21
C THR B 300 -1.78 -21.83 12.56
N THR B 301 -1.11 -22.99 12.48
CA THR B 301 -0.63 -23.75 13.67
C THR B 301 0.89 -23.54 13.79
N LYS B 302 1.34 -23.19 14.99
CA LYS B 302 2.74 -22.93 15.19
C LYS B 302 3.43 -24.30 15.42
N LEU B 303 4.69 -24.48 15.01
CA LEU B 303 5.40 -25.74 15.25
C LEU B 303 6.93 -25.71 15.23
N THR B 304 7.50 -26.92 15.22
CA THR B 304 8.97 -27.14 15.21
C THR B 304 9.43 -28.27 14.33
N LEU B 305 10.38 -28.01 13.45
CA LEU B 305 10.94 -29.02 12.57
C LEU B 305 12.45 -29.14 12.95
N ASN B 306 13.14 -30.19 12.45
CA ASN B 306 14.60 -30.34 12.74
C ASN B 306 15.61 -30.69 11.63
N ALA B 307 16.83 -30.21 11.76
CA ALA B 307 17.84 -30.48 10.74
C ALA B 307 19.04 -31.25 11.21
N LYS B 308 19.16 -32.51 10.73
CA LYS B 308 20.31 -33.38 11.08
C LYS B 308 21.54 -32.46 11.05
N SER B 309 22.55 -32.78 11.85
CA SER B 309 23.72 -31.93 11.87
C SER B 309 24.28 -31.90 10.48
N ILE B 310 24.77 -30.77 9.99
CA ILE B 310 25.36 -30.68 8.65
C ILE B 310 26.75 -29.99 8.74
N ARG B 311 27.39 -29.81 7.59
CA ARG B 311 28.75 -29.22 7.53
C ARG B 311 29.14 -29.30 6.04
N CYS B 312 29.60 -28.21 5.42
CA CYS B 312 29.84 -28.35 3.98
C CYS B 312 30.20 -29.76 3.45
N GLU A 11 -25.03 32.60 3.78
CA GLU A 11 -26.27 31.92 3.32
C GLU A 11 -26.27 30.41 3.52
N HIS A 12 -27.46 29.86 3.27
CA HIS A 12 -27.81 28.44 3.40
C HIS A 12 -26.81 27.37 2.94
N ILE A 13 -27.33 26.14 2.93
CA ILE A 13 -26.63 24.91 2.53
C ILE A 13 -27.73 23.84 2.37
N GLN A 14 -27.89 23.30 1.17
CA GLN A 14 -28.95 22.31 0.92
C GLN A 14 -28.53 21.04 0.21
N LYS A 15 -28.09 21.16 -1.05
CA LYS A 15 -27.66 20.00 -1.83
C LYS A 15 -26.26 19.47 -1.38
N VAL A 16 -26.25 18.32 -0.68
CA VAL A 16 -25.01 17.73 -0.17
C VAL A 16 -24.74 16.29 -0.62
N ALA A 17 -23.52 16.03 -1.05
CA ALA A 17 -23.16 14.67 -1.50
C ALA A 17 -21.93 14.05 -0.81
N ILE A 18 -21.85 12.73 -0.94
CA ILE A 18 -20.72 11.99 -0.44
C ILE A 18 -20.17 11.22 -1.62
N PHE A 19 -19.00 11.67 -2.09
CA PHE A 19 -18.27 11.07 -3.21
C PHE A 19 -17.30 9.95 -2.84
N GLY A 20 -17.44 8.78 -3.51
CA GLY A 20 -16.53 7.67 -3.28
C GLY A 20 -15.88 7.06 -4.56
N GLY A 21 -14.66 6.55 -4.41
CA GLY A 21 -13.98 5.94 -5.53
C GLY A 21 -13.45 6.81 -6.66
N THR A 22 -13.08 8.06 -6.37
CA THR A 22 -12.49 8.94 -7.40
C THR A 22 -11.12 8.30 -7.80
N HIS A 23 -10.44 7.79 -6.79
CA HIS A 23 -9.22 7.03 -7.01
C HIS A 23 -9.75 5.64 -6.66
N GLY A 24 -9.87 4.82 -7.69
CA GLY A 24 -10.42 3.48 -7.54
C GLY A 24 -9.90 2.52 -6.50
N ASN A 25 -8.63 2.61 -6.11
CA ASN A 25 -8.15 1.67 -5.14
C ASN A 25 -7.84 2.32 -3.80
N GLU A 26 -8.36 3.53 -3.56
CA GLU A 26 -8.21 4.22 -2.26
C GLU A 26 -9.55 3.81 -1.59
N LEU A 27 -9.55 2.68 -0.86
CA LEU A 27 -10.78 2.09 -0.34
C LEU A 27 -11.42 2.43 0.96
N THR A 28 -10.73 2.98 1.97
CA THR A 28 -11.58 3.22 3.14
C THR A 28 -12.27 4.50 2.75
N GLY A 29 -12.15 4.81 1.44
CA GLY A 29 -12.81 5.94 0.84
C GLY A 29 -14.05 5.46 0.02
N VAL A 30 -13.99 4.23 -0.49
CA VAL A 30 -15.08 3.70 -1.28
C VAL A 30 -15.99 2.89 -0.43
N PHE A 31 -15.44 2.32 0.63
CA PHE A 31 -16.23 1.50 1.57
C PHE A 31 -17.16 2.40 2.47
N LEU A 32 -16.65 3.57 2.89
CA LEU A 32 -17.47 4.43 3.69
C LEU A 32 -18.63 5.03 2.95
N VAL A 33 -18.71 4.82 1.62
CA VAL A 33 -19.86 5.34 0.84
C VAL A 33 -21.02 4.34 0.56
N LYS A 34 -20.69 3.15 0.05
CA LYS A 34 -21.67 2.10 -0.22
C LYS A 34 -22.44 1.56 1.02
N HIS A 35 -22.06 1.94 2.23
CA HIS A 35 -22.79 1.51 3.42
C HIS A 35 -24.00 2.49 3.57
N TRP A 36 -23.72 3.75 3.23
CA TRP A 36 -24.71 4.79 3.28
C TRP A 36 -25.80 4.56 2.24
N LEU A 37 -25.45 4.03 1.07
CA LEU A 37 -26.47 3.73 0.07
C LEU A 37 -27.31 2.62 0.73
N GLU A 38 -26.72 1.49 1.14
CA GLU A 38 -27.55 0.47 1.77
C GLU A 38 -28.49 1.20 2.76
N ASN A 39 -27.95 1.96 3.71
CA ASN A 39 -28.74 2.75 4.67
C ASN A 39 -27.98 4.03 5.13
N GLY A 40 -28.49 5.17 4.64
CA GLY A 40 -27.91 6.49 4.89
C GLY A 40 -28.18 7.33 6.14
N ALA A 41 -28.85 6.76 7.12
CA ALA A 41 -29.12 7.44 8.37
C ALA A 41 -27.92 8.23 8.89
N GLU A 42 -26.72 7.63 8.88
CA GLU A 42 -25.49 8.27 9.39
C GLU A 42 -25.20 9.61 8.74
N ILE A 43 -25.46 9.69 7.45
CA ILE A 43 -25.16 10.93 6.75
C ILE A 43 -26.36 11.77 6.36
N GLN A 44 -27.43 11.69 7.18
CA GLN A 44 -28.66 12.47 6.97
C GLN A 44 -28.84 13.54 8.06
N ARG A 45 -29.33 14.72 7.68
CA ARG A 45 -29.57 15.74 8.68
C ARG A 45 -30.93 16.36 8.42
N THR A 46 -31.78 16.48 9.44
CA THR A 46 -33.10 17.06 9.17
C THR A 46 -32.94 18.29 8.29
N GLY A 47 -33.67 18.29 7.19
CA GLY A 47 -33.64 19.39 6.25
C GLY A 47 -32.41 19.53 5.40
N LEU A 48 -31.96 18.41 4.84
CA LEU A 48 -30.77 18.28 3.98
C LEU A 48 -30.78 16.81 3.57
N GLU A 49 -31.00 16.52 2.30
CA GLU A 49 -30.98 15.13 1.87
C GLU A 49 -29.58 15.00 1.30
N VAL A 50 -28.86 13.99 1.78
CA VAL A 50 -27.47 13.75 1.37
C VAL A 50 -27.29 12.50 0.53
N LYS A 51 -26.84 12.71 -0.70
CA LYS A 51 -26.65 11.63 -1.67
C LYS A 51 -25.23 11.06 -1.74
N PRO A 52 -24.98 9.90 -1.12
CA PRO A 52 -23.64 9.32 -1.18
C PRO A 52 -23.46 8.76 -2.58
N PHE A 53 -22.52 9.33 -3.30
CA PHE A 53 -22.22 8.94 -4.69
C PHE A 53 -20.85 8.29 -4.78
N ILE A 54 -20.80 7.14 -5.47
CA ILE A 54 -19.52 6.43 -5.71
C ILE A 54 -19.14 7.05 -7.01
N THR A 55 -18.00 7.75 -7.09
CA THR A 55 -17.61 8.45 -8.34
C THR A 55 -16.93 7.75 -9.52
N ASN A 56 -16.10 6.73 -9.27
CA ASN A 56 -15.45 6.05 -10.39
C ASN A 56 -15.69 4.53 -10.43
N PRO A 57 -16.96 4.10 -10.64
CA PRO A 57 -17.40 2.71 -10.69
C PRO A 57 -16.43 1.78 -11.35
N ARG A 58 -15.96 2.16 -12.53
CA ARG A 58 -15.04 1.31 -13.24
C ARG A 58 -13.64 1.19 -12.56
N ALA A 59 -13.20 2.25 -11.88
CA ALA A 59 -11.91 2.21 -11.21
C ALA A 59 -12.02 1.74 -9.74
N VAL A 60 -13.24 1.71 -9.19
CA VAL A 60 -13.44 1.24 -7.80
C VAL A 60 -13.30 -0.26 -7.81
N LYS A 61 -13.97 -0.84 -8.81
CA LYS A 61 -14.08 -2.27 -9.11
C LYS A 61 -12.86 -3.12 -9.48
N LYS A 62 -11.97 -2.60 -10.32
CA LYS A 62 -10.79 -3.34 -10.77
C LYS A 62 -9.58 -2.93 -9.90
N CYS A 63 -9.84 -2.55 -8.64
CA CYS A 63 -8.84 -1.95 -7.73
C CYS A 63 -7.73 -1.36 -8.61
N THR A 64 -8.08 -0.18 -9.13
CA THR A 64 -7.31 0.55 -10.10
C THR A 64 -7.44 2.00 -9.64
N ARG A 65 -6.37 2.80 -9.71
CA ARG A 65 -6.47 4.22 -9.30
C ARG A 65 -7.36 4.84 -10.34
N TYR A 66 -7.18 4.39 -11.56
CA TYR A 66 -8.04 4.82 -12.66
C TYR A 66 -7.79 3.99 -13.95
N ILE A 67 -8.73 4.09 -14.89
CA ILE A 67 -8.61 3.40 -16.16
C ILE A 67 -7.84 4.34 -17.06
N ASP A 68 -8.50 4.86 -18.08
CA ASP A 68 -7.86 5.74 -19.02
C ASP A 68 -7.09 6.90 -18.38
N CYS A 69 -7.66 7.59 -17.39
CA CYS A 69 -6.88 8.67 -16.71
C CYS A 69 -7.39 9.26 -15.40
N ASP A 70 -6.54 10.03 -14.74
CA ASP A 70 -6.92 10.58 -13.44
C ASP A 70 -8.09 11.50 -13.37
N LEU A 71 -9.19 11.00 -12.78
CA LEU A 71 -10.41 11.77 -12.61
C LEU A 71 -10.05 13.07 -11.87
N ASN A 72 -9.55 12.92 -10.64
CA ASN A 72 -9.23 14.06 -9.77
C ASN A 72 -8.25 15.13 -10.25
N ARG A 73 -7.83 15.04 -11.52
CA ARG A 73 -6.84 15.96 -12.06
C ARG A 73 -7.39 16.93 -13.12
N ILE A 74 -8.44 16.47 -13.82
CA ILE A 74 -9.09 17.18 -14.93
C ILE A 74 -10.40 17.93 -14.67
N PHE A 75 -10.76 18.32 -13.45
CA PHE A 75 -12.07 19.01 -13.39
C PHE A 75 -12.04 20.54 -13.68
N ASP A 76 -11.65 20.78 -14.94
CA ASP A 76 -11.50 22.07 -15.53
C ASP A 76 -12.25 22.11 -16.88
N LEU A 77 -12.31 23.31 -17.44
CA LEU A 77 -12.98 23.59 -18.69
C LEU A 77 -12.57 22.67 -19.84
N GLU A 78 -11.25 22.51 -20.09
CA GLU A 78 -10.73 21.66 -21.18
C GLU A 78 -11.44 20.32 -21.28
N ASN A 79 -11.53 19.61 -20.16
CA ASN A 79 -12.21 18.35 -20.19
C ASN A 79 -13.61 18.63 -19.79
N LEU A 80 -13.82 19.24 -18.63
CA LEU A 80 -15.19 19.61 -18.32
C LEU A 80 -15.32 20.78 -19.27
N GLY A 81 -15.37 20.41 -20.54
CA GLY A 81 -15.48 21.32 -21.65
C GLY A 81 -16.08 20.53 -22.79
N LYS A 82 -15.23 19.84 -23.53
CA LYS A 82 -15.55 19.03 -24.72
C LYS A 82 -16.86 18.24 -24.93
N LYS A 83 -16.94 17.68 -26.14
CA LYS A 83 -18.12 16.93 -26.66
C LYS A 83 -18.23 15.44 -26.29
N SER A 85 -18.10 11.90 -26.10
CA SER A 85 -17.68 10.87 -27.01
C SER A 85 -17.29 9.56 -26.28
N GLU A 86 -17.86 8.51 -26.84
CA GLU A 86 -17.68 7.15 -26.40
C GLU A 86 -16.22 6.86 -26.72
N ASP A 87 -15.57 7.81 -27.38
CA ASP A 87 -14.20 7.62 -27.77
C ASP A 87 -13.22 8.45 -26.99
N LEU A 88 -13.70 9.41 -26.20
CA LEU A 88 -12.78 10.19 -25.39
C LEU A 88 -12.12 9.22 -24.38
N PRO A 89 -11.10 9.68 -23.65
CA PRO A 89 -10.45 8.82 -22.64
C PRO A 89 -11.46 8.61 -21.51
N TYR A 90 -11.76 7.36 -21.19
CA TYR A 90 -12.79 7.07 -20.18
C TYR A 90 -13.06 8.17 -19.13
N GLU A 91 -12.16 8.33 -18.15
CA GLU A 91 -12.42 9.34 -17.14
C GLU A 91 -12.85 10.72 -17.68
N VAL A 92 -12.66 10.98 -18.96
CA VAL A 92 -13.16 12.24 -19.48
C VAL A 92 -14.61 12.06 -20.02
N ARG A 93 -14.85 10.88 -20.61
CA ARG A 93 -16.17 10.55 -21.08
C ARG A 93 -16.93 10.31 -19.79
N ARG A 94 -16.15 9.97 -18.76
CA ARG A 94 -16.74 9.70 -17.47
C ARG A 94 -16.90 11.00 -16.78
N ALA A 95 -15.90 11.89 -16.88
CA ALA A 95 -15.95 13.22 -16.25
C ALA A 95 -17.15 14.07 -16.64
N GLN A 96 -17.42 14.18 -17.93
CA GLN A 96 -18.55 14.98 -18.29
C GLN A 96 -19.82 14.28 -17.82
N GLU A 97 -19.74 12.93 -17.79
CA GLU A 97 -20.82 12.05 -17.31
C GLU A 97 -21.17 12.50 -15.87
N ILE A 98 -20.22 13.09 -15.14
CA ILE A 98 -20.42 13.57 -13.78
C ILE A 98 -20.83 15.07 -13.55
N ASN A 99 -20.24 16.01 -14.29
CA ASN A 99 -20.72 17.37 -14.09
C ASN A 99 -22.13 17.59 -14.72
N HIS A 100 -22.48 16.88 -15.81
CA HIS A 100 -23.80 17.05 -16.39
C HIS A 100 -24.73 16.47 -15.33
N LEU A 101 -24.15 16.04 -14.20
CA LEU A 101 -24.93 15.44 -13.09
C LEU A 101 -25.02 16.19 -11.73
N PHE A 102 -23.90 16.61 -11.14
CA PHE A 102 -23.96 17.29 -9.83
C PHE A 102 -23.74 18.82 -9.92
N GLY A 103 -23.53 19.32 -11.13
CA GLY A 103 -23.26 20.75 -11.28
C GLY A 103 -24.48 21.50 -11.70
N PRO A 104 -24.36 22.31 -12.76
CA PRO A 104 -23.11 22.55 -13.53
C PRO A 104 -22.13 23.38 -12.75
N LYS A 105 -20.84 23.02 -12.84
CA LYS A 105 -19.80 23.77 -12.11
C LYS A 105 -19.95 25.25 -12.48
N ASP A 106 -19.91 26.12 -11.46
CA ASP A 106 -20.07 27.58 -11.66
C ASP A 106 -21.47 28.02 -12.19
N SER A 107 -22.49 27.20 -11.97
CA SER A 107 -23.87 27.47 -12.38
C SER A 107 -24.70 27.71 -11.11
N GLU A 108 -25.68 28.62 -11.15
CA GLU A 108 -26.46 28.83 -9.93
C GLU A 108 -27.05 27.47 -9.53
N ASP A 109 -26.96 26.52 -10.47
CA ASP A 109 -27.48 25.19 -10.23
C ASP A 109 -26.35 24.30 -9.71
N SER A 110 -25.12 24.82 -9.66
CA SER A 110 -24.00 24.02 -9.20
C SER A 110 -24.43 23.22 -7.99
N TYR A 111 -23.64 22.26 -7.56
CA TYR A 111 -24.06 21.52 -6.38
C TYR A 111 -23.70 22.33 -5.15
N ASP A 112 -24.51 22.16 -4.11
CA ASP A 112 -24.32 22.85 -2.87
C ASP A 112 -23.00 22.48 -2.27
N ILE A 113 -22.88 21.25 -1.80
CA ILE A 113 -21.62 20.70 -1.24
C ILE A 113 -21.36 19.21 -1.66
N ILE A 114 -20.27 18.96 -2.37
CA ILE A 114 -19.87 17.59 -2.75
C ILE A 114 -18.60 17.33 -1.92
N PHE A 115 -18.57 16.37 -0.99
CA PHE A 115 -17.28 16.06 -0.26
C PHE A 115 -16.67 14.77 -0.92
N ASP A 116 -15.38 14.75 -1.28
CA ASP A 116 -14.81 13.50 -1.84
C ASP A 116 -13.86 12.83 -0.81
N LEU A 117 -14.15 11.58 -0.48
CA LEU A 117 -13.29 10.82 0.43
C LEU A 117 -12.11 10.15 -0.36
N HIS A 118 -10.91 10.29 0.18
CA HIS A 118 -9.71 9.69 -0.38
C HIS A 118 -8.87 9.06 0.76
N ASN A 119 -7.87 8.23 0.40
CA ASN A 119 -7.00 7.66 1.40
C ASN A 119 -5.57 7.68 0.92
N THR A 120 -4.64 7.84 1.86
CA THR A 120 -3.20 7.90 1.52
C THR A 120 -2.29 6.88 2.14
N THR A 121 -1.07 6.80 1.63
CA THR A 121 -0.10 5.88 2.20
C THR A 121 0.90 6.67 3.01
N SER A 122 0.94 7.99 2.83
CA SER A 122 1.85 8.82 3.61
C SER A 122 1.30 8.89 5.06
N ASN A 123 2.18 9.11 6.03
CA ASN A 123 1.70 9.16 7.42
C ASN A 123 1.04 10.48 7.87
N GLY A 125 -2.56 11.04 8.67
CA GLY A 125 -3.68 11.08 9.60
C GLY A 125 -4.99 11.56 9.00
N CYS A 126 -6.02 11.74 9.85
CA CYS A 126 -7.41 12.20 9.46
C CYS A 126 -7.36 13.65 8.97
N THR A 127 -7.33 13.85 7.65
CA THR A 127 -7.19 15.18 7.03
C THR A 127 -8.37 16.00 6.42
N LEU A 128 -8.12 17.31 6.31
CA LEU A 128 -9.05 18.28 5.68
C LEU A 128 -8.26 19.07 4.64
N ILE A 129 -8.71 19.03 3.38
CA ILE A 129 -8.04 19.76 2.32
C ILE A 129 -8.96 20.92 1.94
N LEU A 130 -8.40 22.12 1.82
CA LEU A 130 -9.18 23.29 1.50
C LEU A 130 -8.64 24.04 0.30
N GLU A 131 -9.50 24.45 -0.64
CA GLU A 131 -8.99 25.19 -1.81
C GLU A 131 -9.40 26.68 -1.86
N ASP A 132 -10.33 27.11 -1.00
CA ASP A 132 -10.73 28.53 -0.98
C ASP A 132 -10.17 29.23 0.26
N SER A 133 -8.84 29.24 0.40
CA SER A 133 -8.12 29.87 1.51
C SER A 133 -8.88 30.96 2.22
N ARG A 134 -9.68 31.67 1.45
CA ARG A 134 -10.51 32.73 1.98
C ARG A 134 -11.97 32.30 1.94
N ASN A 135 -12.32 31.23 2.66
CA ASN A 135 -13.71 30.79 2.74
C ASN A 135 -14.06 30.66 4.22
N ASN A 136 -14.87 31.61 4.71
CA ASN A 136 -15.30 31.64 6.13
C ASN A 136 -16.09 30.37 6.55
N PHE A 137 -17.09 30.04 5.74
CA PHE A 137 -17.95 28.90 5.98
C PHE A 137 -17.10 27.63 6.10
N LEU A 138 -16.31 27.32 5.07
CA LEU A 138 -15.45 26.13 5.12
C LEU A 138 -14.47 26.24 6.28
N ILE A 139 -13.81 27.40 6.46
CA ILE A 139 -12.88 27.54 7.57
C ILE A 139 -13.72 27.35 8.82
N GLN A 140 -14.94 27.86 8.77
CA GLN A 140 -15.83 27.70 9.90
C GLN A 140 -16.35 26.25 9.90
N PHE A 142 -15.56 23.54 8.98
CA PHE A 142 -14.57 22.50 9.31
C PHE A 142 -14.39 22.36 10.80
N HIS A 143 -14.07 23.51 11.39
CA HIS A 143 -13.83 23.70 12.82
C HIS A 143 -14.65 22.79 13.76
N TYR A 144 -15.99 22.86 13.70
CA TYR A 144 -16.72 22.00 14.58
C TYR A 144 -16.15 20.56 14.56
N ILE A 145 -15.96 20.01 13.34
CA ILE A 145 -15.42 18.64 13.07
C ILE A 145 -14.15 18.21 13.85
N LYS A 146 -13.30 19.17 14.17
CA LYS A 146 -12.07 18.90 14.88
C LYS A 146 -12.15 18.75 16.43
N THR A 147 -12.48 19.86 17.09
CA THR A 147 -12.58 19.97 18.56
C THR A 147 -13.34 18.72 19.12
N SER A 148 -14.18 18.36 18.13
CA SER A 148 -15.06 17.20 18.13
C SER A 148 -14.03 16.13 18.38
N LEU A 149 -13.47 15.74 17.21
CA LEU A 149 -12.44 14.71 16.91
C LEU A 149 -11.28 14.78 17.84
N ALA A 150 -10.74 16.00 17.89
CA ALA A 150 -9.66 16.41 18.76
C ALA A 150 -9.99 15.91 20.19
N PRO A 151 -8.99 15.43 20.98
CA PRO A 151 -7.54 15.33 20.78
C PRO A 151 -7.01 14.57 19.57
N LEU A 152 -7.89 14.03 18.75
CA LEU A 152 -7.42 13.35 17.57
C LEU A 152 -6.96 14.53 16.74
N PRO A 153 -5.72 14.46 16.22
CA PRO A 153 -5.06 15.47 15.37
C PRO A 153 -5.88 15.54 14.09
N CYS A 154 -5.88 16.69 13.41
CA CYS A 154 -6.69 16.87 12.19
C CYS A 154 -6.17 18.13 11.58
N TYR A 155 -5.32 17.96 10.56
CA TYR A 155 -4.63 19.06 9.89
C TYR A 155 -5.34 19.53 8.65
N VAL A 156 -4.95 20.69 8.13
CA VAL A 156 -5.58 21.23 6.93
C VAL A 156 -4.70 21.36 5.64
N TYR A 157 -4.78 20.37 4.75
CA TYR A 157 -4.03 20.43 3.52
C TYR A 157 -4.70 21.60 2.76
N LEU A 158 -4.13 22.81 2.86
CA LEU A 158 -4.69 24.00 2.19
C LEU A 158 -4.16 24.25 0.80
N ILE A 159 -4.99 24.13 -0.23
CA ILE A 159 -4.51 24.41 -1.58
C ILE A 159 -4.96 25.79 -2.15
N GLU A 160 -4.18 26.35 -3.09
CA GLU A 160 -4.42 27.69 -3.65
C GLU A 160 -3.64 28.03 -4.92
N HIS A 161 -4.28 28.01 -6.08
CA HIS A 161 -3.58 28.33 -7.32
C HIS A 161 -3.63 29.82 -7.75
N PRO A 162 -2.50 30.35 -8.24
CA PRO A 162 -2.49 31.75 -8.69
C PRO A 162 -3.36 31.99 -9.96
N SER A 163 -3.78 30.87 -10.57
CA SER A 163 -4.64 30.85 -11.75
C SER A 163 -6.08 30.92 -11.29
N LEU A 164 -6.29 30.85 -9.97
CA LEU A 164 -7.63 30.89 -9.36
C LEU A 164 -8.51 29.68 -9.77
N LYS A 165 -7.92 28.70 -10.50
CA LYS A 165 -8.61 27.50 -11.01
C LYS A 165 -8.26 26.12 -10.38
N TYR A 166 -9.22 25.20 -10.32
CA TYR A 166 -8.96 23.87 -9.76
C TYR A 166 -9.59 22.71 -10.56
N ALA A 167 -9.07 21.48 -10.46
CA ALA A 167 -9.65 20.39 -11.27
C ALA A 167 -9.92 19.13 -10.43
N THR A 168 -10.14 19.38 -9.14
CA THR A 168 -10.39 18.42 -8.08
C THR A 168 -11.78 17.85 -8.14
N THR A 169 -12.03 16.82 -8.98
CA THR A 169 -13.37 16.22 -9.07
C THR A 169 -14.37 16.98 -8.17
N ARG A 170 -14.13 16.97 -6.86
CA ARG A 170 -15.04 17.68 -5.96
C ARG A 170 -15.41 19.14 -6.38
N SER A 171 -14.40 19.91 -6.81
CA SER A 171 -14.56 21.29 -7.18
C SER A 171 -15.86 21.57 -7.98
N ILE A 172 -16.40 20.56 -8.64
CA ILE A 172 -17.66 20.72 -9.35
C ILE A 172 -18.66 21.59 -8.55
N ALA A 173 -18.64 21.52 -7.21
CA ALA A 173 -19.60 22.20 -6.30
C ALA A 173 -19.63 23.71 -6.05
N LYS A 174 -20.29 24.05 -4.94
CA LYS A 174 -20.39 25.40 -4.40
C LYS A 174 -19.40 25.39 -3.25
N TYR A 175 -19.57 24.42 -2.33
CA TYR A 175 -18.70 24.20 -1.16
C TYR A 175 -17.99 22.82 -1.26
N PRO A 176 -16.84 22.78 -1.95
CA PRO A 176 -15.99 21.58 -2.19
C PRO A 176 -15.06 21.17 -1.04
N VAL A 177 -15.36 20.05 -0.42
CA VAL A 177 -14.54 19.52 0.67
C VAL A 177 -13.82 18.19 0.30
N GLY A 178 -12.52 18.17 0.56
CA GLY A 178 -11.79 16.97 0.25
C GLY A 178 -11.20 16.42 1.53
N ILE A 179 -11.64 15.21 1.97
CA ILE A 179 -11.10 14.55 3.18
C ILE A 179 -10.15 13.36 2.83
N GLU A 180 -9.01 13.27 3.52
CA GLU A 180 -8.05 12.21 3.24
C GLU A 180 -7.67 11.49 4.53
N VAL A 181 -7.36 10.21 4.50
CA VAL A 181 -6.97 9.62 5.79
C VAL A 181 -5.75 8.69 5.82
N GLY A 182 -4.63 9.16 6.34
CA GLY A 182 -3.43 8.31 6.40
C GLY A 182 -3.13 7.59 7.71
N PRO A 183 -2.44 6.45 7.67
CA PRO A 183 -1.93 5.80 6.44
C PRO A 183 -2.59 4.45 6.10
N GLN A 184 -2.61 4.13 4.82
CA GLN A 184 -3.14 2.85 4.44
C GLN A 184 -2.61 2.51 3.08
N PRO A 185 -2.12 1.27 2.87
CA PRO A 185 -1.60 0.97 1.51
C PRO A 185 -2.72 1.10 0.46
N GLN A 186 -2.42 1.46 -0.79
CA GLN A 186 -3.53 1.51 -1.76
C GLN A 186 -4.08 0.08 -1.76
N GLY A 187 -5.41 -0.03 -1.75
CA GLY A 187 -6.08 -1.32 -1.77
C GLY A 187 -6.31 -1.95 -0.43
N VAL A 188 -6.41 -1.17 0.64
CA VAL A 188 -6.61 -1.88 1.93
C VAL A 188 -7.46 -1.28 3.03
N LEU A 189 -8.45 -2.02 3.52
CA LEU A 189 -9.26 -1.52 4.65
C LEU A 189 -8.54 -1.63 6.00
N ARG A 190 -8.57 -0.57 6.79
CA ARG A 190 -7.96 -0.55 8.13
C ARG A 190 -8.93 0.15 9.08
N ALA A 191 -9.54 -0.62 10.00
CA ALA A 191 -10.52 -0.10 10.95
C ALA A 191 -10.11 1.22 11.55
N ASP A 192 -8.82 1.46 11.76
CA ASP A 192 -8.42 2.75 12.31
C ASP A 192 -8.85 3.82 11.29
N ILE A 193 -8.33 3.74 10.07
CA ILE A 193 -8.70 4.70 9.03
C ILE A 193 -10.22 4.80 8.94
N LEU A 194 -10.88 3.72 8.51
CA LEU A 194 -12.32 3.76 8.41
C LEU A 194 -13.11 4.44 9.55
N ASP A 195 -12.79 4.07 10.78
CA ASP A 195 -13.48 4.61 11.91
C ASP A 195 -13.16 6.07 11.82
N GLN A 196 -11.93 6.34 11.46
CA GLN A 196 -11.51 7.71 11.32
C GLN A 196 -12.29 8.52 10.21
N ARG A 198 -15.43 7.85 8.64
CA ARG A 198 -16.84 8.12 8.94
C ARG A 198 -17.02 9.05 10.11
N LYS A 199 -16.02 9.06 10.99
CA LYS A 199 -15.98 9.93 12.14
C LYS A 199 -15.69 11.38 11.70
N ILE A 201 -16.54 12.44 9.15
CA ILE A 201 -17.76 12.88 8.51
C ILE A 201 -18.98 13.00 9.44
N LYS A 202 -19.09 12.10 10.43
CA LYS A 202 -20.20 12.18 11.40
C LYS A 202 -20.24 13.54 12.08
N HIS A 203 -19.26 14.40 11.78
CA HIS A 203 -19.25 15.74 12.39
C HIS A 203 -19.52 16.86 11.43
N ALA A 204 -19.02 16.77 10.21
CA ALA A 204 -19.31 17.79 9.21
C ALA A 204 -20.85 17.95 9.02
N LEU A 205 -21.54 16.86 8.66
CA LEU A 205 -22.97 16.89 8.43
C LEU A 205 -23.74 17.45 9.64
N ASP A 206 -23.11 17.36 10.82
CA ASP A 206 -23.69 17.87 12.07
C ASP A 206 -23.52 19.40 12.09
N PHE A 207 -22.35 19.89 11.67
CA PHE A 207 -22.15 21.33 11.62
C PHE A 207 -23.14 21.91 10.56
N ILE A 208 -23.18 21.37 9.35
CA ILE A 208 -24.12 21.92 8.39
C ILE A 208 -25.48 22.06 9.07
N HIS A 209 -25.76 21.13 9.98
CA HIS A 209 -27.03 21.12 10.72
C HIS A 209 -27.05 22.37 11.61
N HIS A 210 -26.12 22.41 12.57
CA HIS A 210 -25.99 23.51 13.50
C HIS A 210 -25.95 24.87 12.80
N PHE A 211 -25.12 25.01 11.76
CA PHE A 211 -25.01 26.26 10.99
C PHE A 211 -26.37 26.51 10.32
N ASN A 212 -26.96 25.42 9.84
CA ASN A 212 -28.26 25.51 9.20
C ASN A 212 -29.29 25.99 10.18
N GLU A 213 -29.42 25.28 11.30
CA GLU A 213 -30.40 25.62 12.32
C GLU A 213 -30.27 27.05 12.83
N GLY A 214 -29.21 27.75 12.44
CA GLY A 214 -29.05 29.11 12.87
C GLY A 214 -27.99 29.35 13.92
N LYS A 215 -27.11 28.37 14.17
CA LYS A 215 -26.06 28.54 15.16
C LYS A 215 -25.01 29.62 14.83
N GLU A 216 -24.72 30.46 15.82
CA GLU A 216 -23.72 31.51 15.66
C GLU A 216 -22.32 30.93 15.79
N PHE A 217 -21.39 31.48 15.02
CA PHE A 217 -20.02 31.03 15.03
C PHE A 217 -19.16 32.29 15.06
N PRO A 218 -18.48 32.56 16.19
CA PRO A 218 -17.63 33.75 16.30
C PRO A 218 -16.37 33.64 15.50
N PRO A 219 -15.67 34.77 15.34
CA PRO A 219 -14.43 34.72 14.57
C PRO A 219 -13.47 33.79 15.29
N CYS A 220 -12.80 32.90 14.54
CA CYS A 220 -11.82 31.94 15.06
C CYS A 220 -10.74 31.73 14.02
N ALA A 221 -9.58 31.26 14.45
CA ALA A 221 -8.49 31.07 13.50
C ALA A 221 -8.05 29.62 13.43
N ILE A 222 -7.64 29.13 12.26
CA ILE A 222 -7.11 27.75 12.20
C ILE A 222 -5.68 27.81 11.69
N GLU A 223 -4.91 26.76 11.91
CA GLU A 223 -3.56 26.69 11.34
C GLU A 223 -3.75 25.85 10.04
N VAL A 224 -3.08 26.25 8.96
CA VAL A 224 -3.18 25.54 7.70
C VAL A 224 -1.87 25.49 6.90
N TYR A 225 -1.74 24.43 6.08
CA TYR A 225 -0.55 24.21 5.24
C TYR A 225 -0.86 24.24 3.74
N LYS A 226 -0.26 25.25 3.13
CA LYS A 226 -0.36 25.57 1.72
C LYS A 226 0.92 25.08 1.08
N ILE A 227 0.92 23.83 0.65
CA ILE A 227 2.07 23.22 0.00
C ILE A 227 2.84 24.25 -0.85
N ILE A 228 4.12 24.48 -0.54
CA ILE A 228 4.90 25.44 -1.32
C ILE A 228 5.67 24.85 -2.50
N GLU A 229 6.06 23.56 -2.43
CA GLU A 229 6.80 22.91 -3.54
C GLU A 229 6.74 21.37 -3.60
N LYS A 230 7.06 20.78 -4.76
CA LYS A 230 7.15 19.31 -4.92
C LYS A 230 8.67 19.01 -4.76
N VAL A 231 9.06 17.99 -4.00
CA VAL A 231 10.49 17.65 -3.82
C VAL A 231 10.69 16.23 -4.40
N ASP A 232 11.59 16.08 -5.38
CA ASP A 232 11.78 14.78 -5.99
C ASP A 232 12.87 13.92 -5.32
N TYR A 233 12.94 12.67 -5.73
CA TYR A 233 13.93 11.79 -5.14
C TYR A 233 15.24 12.33 -5.68
N PRO A 234 16.30 12.27 -4.87
CA PRO A 234 17.53 12.78 -5.45
C PRO A 234 17.85 11.86 -6.62
N ARG A 235 17.41 12.24 -7.81
CA ARG A 235 17.62 11.44 -9.01
C ARG A 235 18.89 11.99 -9.57
N ASP A 236 19.54 11.18 -10.44
CA ASP A 236 20.80 11.48 -11.17
C ASP A 236 20.72 11.56 -12.74
N GLU A 237 21.89 11.64 -13.40
CA GLU A 237 21.95 11.71 -14.88
C GLU A 237 20.97 10.75 -15.61
N ASN A 238 21.03 9.45 -15.27
CA ASN A 238 20.18 8.41 -15.88
C ASN A 238 18.77 8.56 -15.39
N GLY A 239 18.55 9.65 -14.65
CA GLY A 239 17.23 9.94 -14.10
C GLY A 239 16.72 8.89 -13.12
N GLU A 240 17.30 7.70 -13.13
CA GLU A 240 16.83 6.67 -12.24
C GLU A 240 16.96 7.12 -10.79
N ILE A 241 16.13 6.53 -9.91
CA ILE A 241 16.15 6.91 -8.50
C ILE A 241 17.45 6.46 -7.86
N ALA A 242 17.95 7.29 -6.94
CA ALA A 242 19.24 7.08 -6.29
C ALA A 242 19.22 7.13 -4.77
N ALA A 243 18.39 8.01 -4.22
CA ALA A 243 18.28 8.16 -2.78
C ALA A 243 16.79 8.31 -2.39
N ILE A 244 16.40 7.48 -1.42
CA ILE A 244 15.04 7.41 -0.87
C ILE A 244 14.82 8.17 0.45
N ILE A 245 13.60 8.63 0.72
CA ILE A 245 13.31 9.37 1.94
C ILE A 245 14.14 8.76 3.05
N HIS A 246 14.68 9.59 3.94
CA HIS A 246 15.52 9.10 5.04
C HIS A 246 14.78 8.24 6.07
N PRO A 247 15.39 7.14 6.49
CA PRO A 247 14.67 6.31 7.47
C PRO A 247 13.93 7.09 8.57
N ASN A 248 14.52 8.20 9.05
CA ASN A 248 13.91 9.00 10.13
C ASN A 248 12.59 9.60 9.77
N LEU A 249 12.70 10.65 8.95
CA LEU A 249 11.60 11.45 8.39
C LEU A 249 10.41 10.56 8.10
N GLN A 250 10.72 9.33 7.66
CA GLN A 250 9.68 8.35 7.43
C GLN A 250 8.61 8.30 8.54
N ASP A 251 7.39 8.58 8.04
CA ASP A 251 6.15 8.59 8.78
C ASP A 251 5.97 9.84 9.55
N GLN A 252 6.87 10.80 9.35
CA GLN A 252 6.81 12.08 10.08
C GLN A 252 6.17 13.21 9.28
N ASP A 253 4.96 12.97 8.80
CA ASP A 253 4.24 13.95 8.04
C ASP A 253 3.84 15.11 8.95
N TRP A 254 3.95 16.31 8.41
CA TRP A 254 3.67 17.57 9.10
C TRP A 254 4.65 18.02 10.20
N LYS A 255 5.35 17.10 10.89
CA LYS A 255 6.27 17.51 11.97
C LYS A 255 7.37 18.44 11.41
N PRO A 256 8.13 19.16 12.27
CA PRO A 256 9.04 20.00 11.50
C PRO A 256 10.53 19.75 11.43
N LEU A 257 10.95 19.21 10.29
CA LEU A 257 12.34 18.86 9.96
C LEU A 257 13.04 20.14 9.65
N HIS A 258 14.17 20.37 10.30
CA HIS A 258 14.90 21.61 10.11
C HIS A 258 16.20 21.43 9.36
N PRO A 259 16.85 22.53 9.03
CA PRO A 259 18.10 22.35 8.31
C PRO A 259 19.14 21.39 8.86
N GLY A 260 19.16 21.25 10.18
CA GLY A 260 20.07 20.32 10.81
C GLY A 260 19.51 18.88 10.74
N ASP A 261 18.71 18.56 9.72
CA ASP A 261 18.11 17.22 9.63
C ASP A 261 18.26 16.47 8.31
N PRO A 262 18.38 15.13 8.36
CA PRO A 262 18.53 14.30 7.15
C PRO A 262 17.28 14.33 6.27
N PHE A 264 17.11 11.82 3.07
CA PHE A 264 17.06 10.65 2.22
C PHE A 264 17.89 9.42 2.59
N LEU A 265 18.31 8.75 1.53
CA LEU A 265 19.17 7.59 1.60
C LEU A 265 19.36 6.93 0.23
N THR A 266 20.61 6.88 -0.23
CA THR A 266 20.92 6.20 -1.49
C THR A 266 21.11 4.76 -1.06
N LEU A 267 20.77 3.80 -1.92
CA LEU A 267 20.82 2.40 -1.45
C LEU A 267 22.17 1.85 -1.11
N ASP A 268 23.02 2.66 -0.49
CA ASP A 268 24.31 2.19 -0.04
C ASP A 268 24.97 3.31 0.75
N GLY A 269 24.44 3.56 1.96
CA GLY A 269 24.97 4.55 2.88
C GLY A 269 24.79 6.04 2.72
N LYS A 270 24.74 6.54 1.50
CA LYS A 270 24.64 7.96 1.30
C LYS A 270 23.38 8.65 1.90
N THR A 271 23.58 9.88 2.33
CA THR A 271 22.53 10.66 2.99
C THR A 271 22.33 12.01 2.23
N ILE A 272 21.24 12.72 2.49
CA ILE A 272 20.98 14.05 1.92
C ILE A 272 20.02 14.85 2.85
N PRO A 273 20.50 15.98 3.43
CA PRO A 273 19.69 16.80 4.36
C PRO A 273 18.75 17.91 3.89
N LEU A 274 17.97 18.44 4.81
CA LEU A 274 17.07 19.52 4.48
C LEU A 274 17.85 20.78 4.68
N GLY A 275 17.10 21.88 4.76
CA GLY A 275 17.65 23.20 4.98
C GLY A 275 17.17 24.19 3.95
N GLY A 276 18.15 24.70 3.20
CA GLY A 276 17.90 25.68 2.18
C GLY A 276 17.35 26.86 2.91
N ASP A 277 16.14 27.27 2.54
CA ASP A 277 15.43 28.39 3.18
C ASP A 277 15.38 28.18 4.71
N CYS A 278 14.48 28.85 5.43
CA CYS A 278 14.37 28.63 6.87
C CYS A 278 13.70 27.28 6.96
N THR A 279 12.94 27.05 8.00
CA THR A 279 12.28 25.79 8.17
C THR A 279 11.11 25.61 7.22
N VAL A 280 10.93 24.34 6.80
CA VAL A 280 9.86 23.93 5.90
C VAL A 280 9.03 22.79 6.52
N TYR A 281 7.90 22.43 5.91
CA TYR A 281 7.10 21.39 6.52
C TYR A 281 6.74 20.38 5.45
N PRO A 282 7.27 19.12 5.58
CA PRO A 282 6.97 18.08 4.57
C PRO A 282 5.60 17.44 4.70
N VAL A 283 4.91 17.36 3.57
CA VAL A 283 3.59 16.74 3.48
C VAL A 283 3.67 15.67 2.37
N PHE A 284 2.82 14.65 2.51
CA PHE A 284 2.78 13.52 1.60
C PHE A 284 4.09 12.66 1.51
N VAL A 285 4.69 12.39 2.67
CA VAL A 285 5.93 11.62 2.70
C VAL A 285 5.60 10.21 2.35
N ASN A 286 5.99 9.88 1.11
CA ASN A 286 5.78 8.58 0.48
C ASN A 286 4.35 8.31 -0.09
N GLU A 287 3.69 9.30 -0.65
CA GLU A 287 2.38 8.99 -1.18
C GLU A 287 2.74 8.02 -2.34
N ALA A 288 2.06 6.87 -2.39
CA ALA A 288 2.32 5.85 -3.42
C ALA A 288 2.02 6.48 -4.74
N ALA A 289 0.85 7.12 -4.82
CA ALA A 289 0.42 7.81 -6.04
C ALA A 289 1.48 8.73 -6.58
N TYR A 290 2.35 9.27 -5.75
CA TYR A 290 3.33 10.17 -6.29
C TYR A 290 4.71 9.62 -6.73
N TYR A 291 4.89 8.30 -6.88
CA TYR A 291 6.19 7.84 -7.37
C TYR A 291 6.27 8.03 -8.89
N GLU A 292 5.42 7.35 -9.66
CA GLU A 292 5.48 7.54 -11.12
C GLU A 292 5.35 9.03 -11.26
N LYS A 293 4.44 9.59 -10.47
CA LYS A 293 4.20 11.02 -10.47
C LYS A 293 5.55 11.79 -10.43
N LYS A 294 6.27 11.66 -9.31
CA LYS A 294 7.56 12.29 -9.00
C LYS A 294 7.42 13.34 -7.86
N GLU A 295 7.38 12.84 -6.63
CA GLU A 295 7.25 13.62 -5.41
C GLU A 295 7.66 12.68 -4.27
N ALA A 296 8.83 12.98 -3.70
CA ALA A 296 9.38 12.20 -2.60
C ALA A 296 8.86 12.92 -1.35
N PHE A 297 7.99 13.88 -1.63
CA PHE A 297 7.27 14.71 -0.69
C PHE A 297 7.36 16.14 -1.18
N ALA A 298 6.39 16.95 -0.76
CA ALA A 298 6.31 18.38 -1.09
C ALA A 298 6.26 19.20 0.20
N LYS A 299 6.71 20.46 0.15
CA LYS A 299 6.72 21.34 1.33
C LYS A 299 5.43 22.15 1.53
N THR A 300 5.14 22.46 2.80
CA THR A 300 3.91 23.21 3.21
C THR A 300 4.09 24.52 4.00
N THR A 301 3.43 25.60 3.62
CA THR A 301 3.57 26.80 4.44
C THR A 301 2.65 26.50 5.63
N LYS A 302 3.13 26.81 6.83
CA LYS A 302 2.37 26.56 8.06
C LYS A 302 1.63 27.83 8.50
N LEU A 303 1.25 28.66 7.51
CA LEU A 303 0.57 29.92 7.80
C LEU A 303 -0.74 29.63 8.46
N THR A 304 -1.17 30.55 9.33
CA THR A 304 -2.40 30.43 10.11
C THR A 304 -3.46 31.35 9.53
N LEU A 305 -4.66 30.83 9.25
CA LEU A 305 -5.68 31.72 8.72
C LEU A 305 -6.32 32.47 9.87
N ASN A 306 -7.41 33.18 9.59
CA ASN A 306 -8.17 33.91 10.61
C ASN A 306 -9.53 34.12 9.96
N ALA A 307 -10.63 33.77 10.63
CA ALA A 307 -11.95 34.00 10.03
C ALA A 307 -12.96 34.85 10.85
N LYS A 308 -13.90 35.47 10.11
CA LYS A 308 -14.96 36.28 10.70
C LYS A 308 -16.08 35.33 11.15
N SER A 309 -16.97 35.84 12.00
CA SER A 309 -18.13 35.11 12.54
C SER A 309 -19.18 34.95 11.44
N ILE A 310 -19.90 33.82 11.43
CA ILE A 310 -20.92 33.56 10.38
C ILE A 310 -22.27 33.17 10.98
N ARG A 311 -23.35 33.41 10.21
CA ARG A 311 -24.75 33.11 10.60
C ARG A 311 -25.68 32.98 9.37
N CYS A 312 -25.91 31.74 8.92
CA CYS A 312 -26.78 31.43 7.76
C CYS A 312 -27.47 32.59 7.00
N GLU B 11 28.21 -30.73 -1.08
CA GLU B 11 28.47 -30.05 -2.39
C GLU B 11 28.60 -28.49 -2.33
N HIS B 12 29.80 -27.98 -2.59
CA HIS B 12 30.11 -26.53 -2.57
C HIS B 12 29.03 -25.70 -3.28
N ILE B 13 28.26 -24.93 -2.51
CA ILE B 13 27.23 -24.09 -3.11
C ILE B 13 27.91 -23.32 -4.27
N GLN B 14 27.40 -23.52 -5.49
CA GLN B 14 27.94 -22.93 -6.71
C GLN B 14 27.16 -21.80 -7.45
N LYS B 15 26.10 -22.17 -8.16
CA LYS B 15 25.31 -21.17 -8.90
C LYS B 15 24.22 -20.59 -7.98
N VAL B 16 24.11 -19.27 -7.95
CA VAL B 16 23.15 -18.62 -7.06
C VAL B 16 22.51 -17.34 -7.61
N ALA B 17 21.24 -17.17 -7.28
CA ALA B 17 20.55 -15.98 -7.73
C ALA B 17 19.70 -15.30 -6.64
N ILE B 18 19.65 -13.96 -6.73
CA ILE B 18 18.83 -13.14 -5.88
C ILE B 18 18.01 -12.46 -6.98
N PHE B 19 16.72 -12.81 -7.13
CA PHE B 19 15.82 -12.21 -8.15
C PHE B 19 15.14 -10.92 -7.65
N GLY B 20 14.47 -10.18 -8.55
CA GLY B 20 13.79 -8.96 -8.12
C GLY B 20 12.54 -8.65 -8.94
N GLY B 21 11.46 -8.21 -8.33
CA GLY B 21 10.27 -7.96 -9.13
C GLY B 21 9.53 -9.12 -9.80
N THR B 22 9.19 -10.19 -9.06
CA THR B 22 8.38 -11.29 -9.59
C THR B 22 6.96 -10.63 -9.56
N HIS B 23 6.92 -9.65 -8.66
CA HIS B 23 5.80 -8.77 -8.46
C HIS B 23 6.37 -7.33 -8.77
N GLY B 24 6.07 -6.79 -9.96
CA GLY B 24 6.63 -5.49 -10.33
C GLY B 24 6.43 -4.26 -9.47
N ASN B 25 5.51 -4.38 -8.52
CA ASN B 25 5.16 -3.29 -7.62
C ASN B 25 5.43 -3.66 -6.18
N GLU B 26 6.25 -4.71 -5.98
CA GLU B 26 6.75 -5.18 -4.68
C GLU B 26 8.15 -4.58 -4.80
N LEU B 27 8.25 -3.32 -4.43
CA LEU B 27 9.45 -2.54 -4.58
C LEU B 27 10.75 -2.88 -3.88
N THR B 28 10.76 -3.45 -2.68
CA THR B 28 12.05 -3.70 -2.03
C THR B 28 13.01 -4.47 -2.96
N GLY B 29 12.59 -5.65 -3.39
CA GLY B 29 13.46 -6.38 -4.30
C GLY B 29 13.93 -5.66 -5.58
N VAL B 30 13.09 -4.84 -6.19
CA VAL B 30 13.52 -4.17 -7.39
C VAL B 30 14.70 -3.23 -7.14
N PHE B 31 14.62 -2.43 -6.08
CA PHE B 31 15.69 -1.49 -5.78
C PHE B 31 16.99 -2.23 -5.52
N LEU B 32 16.94 -3.24 -4.62
CA LEU B 32 18.11 -4.05 -4.27
C LEU B 32 18.68 -4.77 -5.52
N VAL B 33 17.82 -5.46 -6.26
CA VAL B 33 18.34 -6.13 -7.43
C VAL B 33 18.88 -5.03 -8.38
N LYS B 34 18.06 -4.04 -8.70
CA LYS B 34 18.52 -3.03 -9.60
C LYS B 34 19.70 -2.37 -9.01
N HIS B 35 19.77 -2.26 -7.69
CA HIS B 35 20.96 -1.62 -7.08
C HIS B 35 22.23 -2.40 -7.41
N TRP B 36 22.39 -3.55 -6.70
CA TRP B 36 23.52 -4.46 -6.85
C TRP B 36 23.93 -4.58 -8.32
N LEU B 37 22.96 -4.79 -9.20
CA LEU B 37 23.24 -4.91 -10.63
C LEU B 37 24.15 -3.87 -11.25
N GLU B 38 24.31 -2.69 -10.61
CA GLU B 38 25.18 -1.64 -11.10
C GLU B 38 26.51 -2.01 -10.49
N ASN B 39 26.49 -2.33 -9.22
CA ASN B 39 27.67 -2.78 -8.52
C ASN B 39 27.29 -3.72 -7.41
N GLY B 40 27.77 -4.98 -7.51
CA GLY B 40 27.43 -5.99 -6.51
C GLY B 40 28.47 -6.45 -5.52
N ALA B 41 29.39 -5.59 -5.11
CA ALA B 41 30.44 -6.02 -4.20
C ALA B 41 29.88 -6.80 -3.02
N GLU B 42 28.89 -6.17 -2.35
CA GLU B 42 28.13 -6.65 -1.19
C GLU B 42 27.48 -8.06 -1.29
N ILE B 43 26.95 -8.42 -2.45
CA ILE B 43 26.34 -9.73 -2.55
C ILE B 43 27.35 -10.80 -3.02
N GLN B 44 28.61 -10.42 -3.26
CA GLN B 44 29.55 -11.47 -3.66
C GLN B 44 30.29 -11.92 -2.41
N ARG B 45 29.87 -13.02 -1.78
CA ARG B 45 30.51 -13.46 -0.55
C ARG B 45 31.80 -14.16 -0.81
N THR B 46 32.82 -13.73 -0.07
CA THR B 46 34.15 -14.28 -0.12
C THR B 46 34.24 -15.72 -0.68
N GLY B 47 34.95 -15.84 -1.79
CA GLY B 47 35.08 -17.14 -2.44
C GLY B 47 33.79 -17.52 -3.12
N LEU B 48 32.68 -16.99 -2.61
CA LEU B 48 31.33 -17.24 -3.10
C LEU B 48 30.84 -16.28 -4.16
N GLU B 49 30.16 -16.82 -5.17
CA GLU B 49 29.60 -16.01 -6.25
C GLU B 49 28.10 -15.73 -5.95
N VAL B 50 27.51 -14.73 -6.62
CA VAL B 50 26.09 -14.37 -6.44
C VAL B 50 25.56 -13.49 -7.59
N LYS B 51 24.52 -13.94 -8.25
CA LYS B 51 23.94 -13.20 -9.36
C LYS B 51 22.55 -12.51 -9.10
N PRO B 52 22.42 -11.22 -9.41
CA PRO B 52 21.11 -10.62 -9.18
C PRO B 52 20.41 -10.69 -10.53
N PHE B 53 19.11 -10.46 -10.51
CA PHE B 53 18.34 -10.54 -11.74
C PHE B 53 16.88 -10.13 -11.48
N ILE B 54 16.31 -9.28 -12.36
CA ILE B 54 14.92 -8.82 -12.21
C ILE B 54 13.99 -9.77 -12.97
N THR B 55 12.95 -10.32 -12.32
CA THR B 55 12.19 -11.32 -13.05
C THR B 55 11.00 -11.03 -13.96
N ASN B 56 10.25 -9.94 -13.73
CA ASN B 56 9.03 -9.65 -14.51
C ASN B 56 9.07 -8.28 -15.17
N PRO B 57 9.98 -8.10 -16.13
CA PRO B 57 10.16 -6.87 -16.86
C PRO B 57 8.91 -6.13 -17.23
N ARG B 58 8.18 -6.62 -18.23
CA ARG B 58 6.95 -5.94 -18.66
C ARG B 58 5.98 -5.66 -17.47
N ALA B 59 6.51 -5.81 -16.25
CA ALA B 59 5.76 -5.56 -15.04
C ALA B 59 6.42 -4.40 -14.31
N VAL B 60 7.73 -4.48 -14.09
CA VAL B 60 8.38 -3.39 -13.40
C VAL B 60 8.46 -2.08 -14.25
N LYS B 61 8.44 -2.14 -15.57
CA LYS B 61 8.43 -0.85 -16.23
C LYS B 61 7.12 -0.21 -15.78
N LYS B 62 6.08 -1.02 -15.62
CA LYS B 62 4.77 -0.50 -15.22
C LYS B 62 4.69 -0.20 -13.71
N CYS B 63 5.45 -0.97 -12.94
CA CYS B 63 5.41 -0.85 -11.49
C CYS B 63 3.99 -1.38 -11.30
N THR B 64 3.89 -2.71 -11.22
CA THR B 64 2.59 -3.27 -11.12
C THR B 64 2.78 -4.76 -10.83
N ARG B 65 1.83 -5.37 -10.12
CA ARG B 65 1.88 -6.78 -9.77
C ARG B 65 2.07 -7.69 -10.97
N TYR B 66 2.23 -7.11 -12.17
CA TYR B 66 2.51 -7.83 -13.43
C TYR B 66 1.98 -7.36 -14.78
N ILE B 67 1.82 -8.37 -15.67
CA ILE B 67 1.26 -8.22 -17.03
C ILE B 67 -0.02 -9.06 -17.18
N ASP B 68 0.12 -10.36 -17.50
CA ASP B 68 -1.04 -11.28 -17.63
C ASP B 68 -1.41 -12.19 -16.43
N CYS B 69 -0.41 -12.75 -15.75
CA CYS B 69 -0.61 -13.58 -14.54
C CYS B 69 0.65 -13.52 -13.70
N ASP B 70 0.58 -13.90 -12.42
CA ASP B 70 1.79 -13.89 -11.59
C ASP B 70 2.81 -14.87 -12.17
N LEU B 71 4.10 -14.53 -12.06
CA LEU B 71 5.14 -15.40 -12.60
C LEU B 71 5.64 -16.30 -11.45
N ASN B 72 4.79 -16.45 -10.43
CA ASN B 72 5.05 -17.23 -9.20
C ASN B 72 3.91 -18.18 -8.88
N ARG B 73 2.90 -18.27 -9.74
CA ARG B 73 1.81 -19.20 -9.43
C ARG B 73 1.87 -20.48 -10.29
N ILE B 74 2.60 -20.40 -11.42
CA ILE B 74 2.75 -21.51 -12.35
C ILE B 74 4.12 -22.04 -12.80
N PHE B 75 5.09 -22.32 -11.93
CA PHE B 75 6.34 -22.81 -12.52
C PHE B 75 6.47 -24.33 -12.71
N ASP B 76 5.36 -25.00 -13.03
CA ASP B 76 5.33 -26.43 -13.28
C ASP B 76 5.49 -26.74 -14.77
N LEU B 77 5.35 -28.04 -15.07
CA LEU B 77 5.47 -28.67 -16.39
C LEU B 77 4.48 -28.27 -17.47
N GLU B 78 3.59 -27.35 -17.12
CA GLU B 78 2.56 -26.87 -18.05
C GLU B 78 3.02 -25.72 -18.94
N ASN B 79 3.71 -24.71 -18.38
CA ASN B 79 4.18 -23.57 -19.16
C ASN B 79 5.68 -23.50 -19.25
N LEU B 80 6.39 -24.13 -18.29
CA LEU B 80 7.83 -24.04 -18.30
C LEU B 80 8.35 -24.69 -19.53
N GLY B 81 7.48 -25.58 -20.02
CA GLY B 81 7.75 -26.34 -21.23
C GLY B 81 6.51 -26.83 -21.96
N LYS B 82 5.75 -25.93 -22.59
CA LYS B 82 4.56 -26.26 -23.40
C LYS B 82 4.98 -25.70 -24.76
N LYS B 83 4.08 -25.64 -25.75
CA LYS B 83 4.54 -25.07 -27.00
C LYS B 83 4.53 -23.52 -27.04
N SER B 85 4.59 -19.83 -28.29
CA SER B 85 3.94 -19.02 -29.30
C SER B 85 3.55 -17.63 -28.78
N GLU B 86 3.58 -16.63 -29.65
CA GLU B 86 3.26 -15.29 -29.22
C GLU B 86 1.81 -15.10 -28.73
N ASP B 87 0.87 -15.93 -29.19
CA ASP B 87 -0.51 -15.82 -28.72
C ASP B 87 -0.43 -15.98 -27.17
N LEU B 88 0.52 -16.79 -26.69
CA LEU B 88 0.67 -17.01 -25.24
C LEU B 88 0.73 -15.77 -24.35
N PRO B 89 0.33 -15.90 -23.07
CA PRO B 89 0.37 -14.74 -22.14
C PRO B 89 1.80 -14.29 -21.81
N TYR B 90 1.98 -12.98 -21.65
CA TYR B 90 3.31 -12.47 -21.31
C TYR B 90 3.97 -13.32 -20.22
N GLU B 91 3.30 -13.51 -19.07
CA GLU B 91 3.93 -14.27 -18.01
C GLU B 91 3.93 -15.80 -18.09
N VAL B 92 3.58 -16.30 -19.27
CA VAL B 92 3.72 -17.72 -19.55
C VAL B 92 4.85 -17.56 -20.58
N ARG B 93 4.64 -16.65 -21.52
CA ARG B 93 5.64 -16.41 -22.52
C ARG B 93 6.92 -15.99 -21.77
N ARG B 94 6.76 -15.21 -20.70
CA ARG B 94 7.93 -14.75 -19.92
C ARG B 94 8.54 -15.77 -18.98
N ALA B 95 7.69 -16.49 -18.23
CA ALA B 95 8.19 -17.55 -17.32
C ALA B 95 9.26 -18.31 -18.04
N GLN B 96 8.87 -18.95 -19.14
CA GLN B 96 9.75 -19.73 -19.97
C GLN B 96 11.05 -19.01 -20.37
N GLU B 97 10.97 -17.70 -20.57
CA GLU B 97 12.21 -16.99 -20.83
C GLU B 97 12.88 -17.41 -19.50
N ILE B 98 12.41 -16.90 -18.35
CA ILE B 98 12.98 -17.35 -17.10
C ILE B 98 13.26 -18.88 -17.19
N ASN B 99 12.23 -19.75 -17.34
CA ASN B 99 12.36 -21.22 -17.47
C ASN B 99 13.57 -21.70 -18.23
N HIS B 100 13.49 -21.73 -19.56
CA HIS B 100 14.59 -22.20 -20.45
C HIS B 100 15.85 -21.40 -20.18
N LEU B 101 15.91 -20.71 -19.08
CA LEU B 101 17.02 -19.82 -18.83
C LEU B 101 17.70 -19.93 -17.46
N PHE B 102 16.90 -19.93 -16.39
CA PHE B 102 17.51 -20.04 -15.09
C PHE B 102 17.43 -21.44 -14.59
N GLY B 103 17.14 -22.33 -15.51
CA GLY B 103 17.02 -23.73 -15.17
C GLY B 103 18.28 -24.49 -15.53
N PRO B 104 18.13 -25.69 -16.11
CA PRO B 104 16.79 -26.22 -16.32
C PRO B 104 16.22 -26.84 -15.05
N LYS B 105 15.52 -26.01 -14.28
CA LYS B 105 14.85 -26.47 -13.05
C LYS B 105 14.82 -28.01 -13.12
N ASP B 106 15.47 -28.67 -12.16
CA ASP B 106 15.44 -30.12 -12.14
C ASP B 106 16.46 -30.77 -13.02
N SER B 107 17.48 -30.01 -13.40
CA SER B 107 18.58 -30.52 -14.22
C SER B 107 19.87 -30.42 -13.41
N GLU B 108 20.94 -31.02 -13.89
CA GLU B 108 22.20 -30.92 -13.14
C GLU B 108 22.56 -29.44 -13.06
N ASP B 109 22.29 -28.68 -14.12
CA ASP B 109 22.63 -27.24 -14.15
C ASP B 109 22.26 -26.44 -12.94
N SER B 110 20.98 -26.54 -12.57
CA SER B 110 20.35 -25.89 -11.43
C SER B 110 21.18 -25.23 -10.30
N TYR B 111 20.83 -23.98 -9.98
CA TYR B 111 21.47 -23.22 -8.93
C TYR B 111 21.28 -23.86 -7.56
N ASP B 112 22.28 -23.71 -6.72
CA ASP B 112 22.25 -24.28 -5.39
C ASP B 112 21.23 -23.57 -4.49
N ILE B 113 21.24 -22.25 -4.56
CA ILE B 113 20.33 -21.45 -3.78
C ILE B 113 20.03 -20.23 -4.61
N ILE B 114 18.74 -19.93 -4.79
CA ILE B 114 18.27 -18.68 -5.45
C ILE B 114 17.30 -18.08 -4.42
N PHE B 115 17.34 -16.77 -4.23
CA PHE B 115 16.40 -16.16 -3.31
C PHE B 115 15.36 -15.35 -4.14
N ASP B 116 14.07 -15.48 -3.84
CA ASP B 116 13.02 -14.75 -4.55
C ASP B 116 12.54 -13.69 -3.57
N LEU B 117 12.87 -12.42 -3.80
CA LEU B 117 12.43 -11.31 -2.89
C LEU B 117 10.94 -10.78 -3.14
N HIS B 118 10.22 -10.54 -2.04
CA HIS B 118 8.83 -10.08 -2.05
C HIS B 118 8.59 -9.17 -0.81
N ASN B 119 7.44 -8.50 -0.76
CA ASN B 119 7.03 -7.66 0.39
C ASN B 119 5.62 -8.06 0.78
N THR B 120 5.05 -7.38 1.76
CA THR B 120 3.67 -7.68 2.11
C THR B 120 3.08 -6.39 2.61
N THR B 121 1.88 -6.05 2.12
CA THR B 121 1.17 -4.82 2.59
C THR B 121 0.97 -5.22 4.02
N SER B 122 0.77 -6.51 4.19
CA SER B 122 0.56 -7.12 5.49
C SER B 122 1.78 -6.96 6.44
N ASN B 123 1.72 -7.59 7.61
CA ASN B 123 2.77 -7.38 8.59
C ASN B 123 3.74 -8.54 8.93
N GLY B 125 6.34 -9.15 9.13
CA GLY B 125 7.69 -8.85 9.59
C GLY B 125 8.67 -9.56 8.65
N CYS B 126 9.91 -9.77 9.07
CA CYS B 126 10.84 -10.39 8.16
C CYS B 126 10.59 -11.86 8.16
N THR B 127 10.16 -12.33 6.98
CA THR B 127 9.79 -13.73 6.79
C THR B 127 10.64 -14.58 5.82
N LEU B 128 10.91 -15.83 6.24
CA LEU B 128 11.61 -16.78 5.37
C LEU B 128 10.55 -17.72 4.85
N ILE B 129 10.50 -18.01 3.56
CA ILE B 129 9.50 -18.95 3.06
C ILE B 129 10.15 -20.22 2.52
N LEU B 130 9.90 -21.30 3.28
CA LEU B 130 10.39 -22.65 2.98
C LEU B 130 9.35 -23.61 2.37
N GLU B 131 9.69 -24.29 1.28
CA GLU B 131 8.73 -25.26 0.71
C GLU B 131 9.40 -26.66 0.84
N ASP B 132 8.67 -27.65 1.35
CA ASP B 132 9.22 -29.00 1.54
C ASP B 132 9.93 -28.95 2.89
N SER B 133 9.34 -29.55 3.93
CA SER B 133 9.92 -29.54 5.29
C SER B 133 11.10 -30.49 5.50
N ARG B 134 11.08 -31.62 4.81
CA ARG B 134 12.21 -32.52 4.92
C ARG B 134 13.24 -31.65 4.18
N ASN B 135 14.16 -31.00 4.90
CA ASN B 135 15.16 -30.20 4.22
C ASN B 135 16.13 -29.59 5.24
N ASN B 136 17.21 -30.31 5.56
CA ASN B 136 18.18 -29.83 6.53
C ASN B 136 19.02 -28.60 6.14
N PHE B 137 19.66 -28.63 4.99
CA PHE B 137 20.44 -27.48 4.58
C PHE B 137 19.60 -26.21 4.69
N LEU B 138 18.38 -26.22 4.12
CA LEU B 138 17.51 -25.02 4.21
C LEU B 138 17.04 -24.68 5.62
N ILE B 139 16.58 -25.70 6.38
CA ILE B 139 16.12 -25.45 7.77
C ILE B 139 17.24 -24.87 8.59
N GLN B 140 18.37 -25.57 8.49
CA GLN B 140 19.59 -25.21 9.16
C GLN B 140 20.07 -23.82 8.74
N PHE B 142 18.01 -21.32 7.65
CA PHE B 142 17.03 -20.39 8.24
C PHE B 142 17.38 -20.29 9.71
N HIS B 143 17.57 -21.47 10.32
CA HIS B 143 17.98 -21.59 11.72
C HIS B 143 19.14 -20.60 11.87
N TYR B 144 20.03 -20.73 10.91
CA TYR B 144 21.20 -19.90 10.81
C TYR B 144 20.86 -18.38 10.68
N ILE B 145 20.00 -18.00 9.72
CA ILE B 145 19.64 -16.58 9.56
C ILE B 145 19.04 -16.13 10.88
N LYS B 146 18.14 -16.96 11.43
CA LYS B 146 17.47 -16.64 12.71
C LYS B 146 18.37 -15.90 13.73
N THR B 147 19.37 -16.62 14.25
CA THR B 147 20.36 -16.10 15.21
C THR B 147 21.27 -15.03 14.65
N SER B 148 21.58 -15.10 13.37
CA SER B 148 22.43 -14.11 12.76
C SER B 148 21.67 -12.79 12.52
N LEU B 149 20.36 -12.87 12.28
CA LEU B 149 19.55 -11.69 12.05
C LEU B 149 18.97 -11.04 13.31
N ALA B 150 18.99 -11.76 14.44
CA ALA B 150 18.43 -11.24 15.71
C ALA B 150 18.81 -9.79 16.03
N PRO B 151 18.25 -9.21 17.11
CA PRO B 151 17.28 -9.72 18.08
C PRO B 151 15.89 -9.30 17.62
N LEU B 152 15.76 -9.17 16.29
CA LEU B 152 14.51 -8.81 15.64
C LEU B 152 13.96 -10.13 15.15
N PRO B 153 12.65 -10.37 15.32
CA PRO B 153 11.97 -11.61 14.91
C PRO B 153 12.18 -11.88 13.44
N CYS B 154 12.22 -13.16 13.06
CA CYS B 154 12.34 -13.56 11.67
C CYS B 154 11.58 -14.86 11.72
N TYR B 155 10.36 -14.88 11.17
CA TYR B 155 9.51 -16.07 11.20
C TYR B 155 9.66 -16.91 9.94
N VAL B 156 9.33 -18.18 10.06
CA VAL B 156 9.39 -19.15 8.97
C VAL B 156 7.99 -19.65 8.65
N TYR B 157 7.61 -19.49 7.37
CA TYR B 157 6.32 -19.88 6.82
C TYR B 157 6.45 -21.28 6.16
N LEU B 158 5.61 -22.27 6.52
CA LEU B 158 5.76 -23.57 5.88
C LEU B 158 4.71 -24.01 4.87
N ILE B 159 5.16 -24.56 3.73
CA ILE B 159 4.18 -25.07 2.75
C ILE B 159 4.34 -26.54 2.27
N GLU B 160 3.63 -27.44 2.93
CA GLU B 160 3.73 -28.82 2.51
C GLU B 160 2.57 -29.04 1.54
N HIS B 161 2.91 -29.39 0.30
CA HIS B 161 1.98 -29.67 -0.77
C HIS B 161 1.82 -31.19 -1.00
N PRO B 162 0.62 -31.75 -0.76
CA PRO B 162 0.62 -33.20 -1.04
C PRO B 162 0.71 -33.59 -2.55
N SER B 163 0.98 -32.57 -3.37
CA SER B 163 1.15 -32.75 -4.81
C SER B 163 2.65 -33.03 -5.04
N LEU B 164 3.49 -32.59 -4.11
CA LEU B 164 4.95 -32.75 -4.22
C LEU B 164 5.48 -31.93 -5.43
N LYS B 165 4.64 -30.98 -5.86
CA LYS B 165 4.96 -30.10 -6.98
C LYS B 165 4.79 -28.66 -6.51
N TYR B 166 5.58 -27.75 -7.09
CA TYR B 166 5.47 -26.32 -6.78
C TYR B 166 5.49 -25.41 -8.06
N ALA B 167 5.03 -24.16 -8.00
CA ALA B 167 5.02 -23.34 -9.20
C ALA B 167 5.54 -21.94 -8.98
N THR B 168 6.59 -21.84 -8.19
CA THR B 168 7.21 -20.57 -7.91
C THR B 168 8.53 -20.38 -8.70
N THR B 169 8.76 -19.21 -9.28
CA THR B 169 10.00 -18.96 -10.02
C THR B 169 11.13 -19.43 -9.15
N ARG B 170 10.97 -19.39 -7.83
CA ARG B 170 12.08 -19.87 -7.02
C ARG B 170 12.20 -21.40 -7.02
N SER B 171 11.10 -22.11 -7.23
CA SER B 171 11.20 -23.56 -7.18
C SER B 171 12.15 -24.21 -8.23
N ILE B 172 12.89 -23.37 -8.96
CA ILE B 172 13.89 -23.78 -9.96
C ILE B 172 15.11 -24.49 -9.25
N ALA B 173 15.58 -23.83 -8.19
CA ALA B 173 16.72 -24.25 -7.37
C ALA B 173 16.63 -25.61 -6.66
N LYS B 174 17.80 -26.12 -6.17
CA LYS B 174 17.87 -27.38 -5.35
C LYS B 174 17.16 -26.94 -4.06
N TYR B 175 17.75 -25.92 -3.43
CA TYR B 175 17.23 -25.32 -2.21
C TYR B 175 16.65 -23.94 -2.56
N PRO B 176 15.29 -23.81 -2.64
CA PRO B 176 14.64 -22.50 -2.96
C PRO B 176 14.41 -21.64 -1.72
N VAL B 177 14.48 -20.32 -1.85
CA VAL B 177 14.19 -19.53 -0.66
C VAL B 177 13.28 -18.37 -1.07
N GLY B 178 12.10 -18.30 -0.45
CA GLY B 178 11.17 -17.22 -0.72
C GLY B 178 11.38 -16.31 0.44
N ILE B 179 11.60 -15.01 0.19
CA ILE B 179 11.78 -14.00 1.26
C ILE B 179 10.81 -12.80 1.06
N GLU B 180 9.80 -12.72 1.94
CA GLU B 180 8.79 -11.69 1.91
C GLU B 180 8.85 -10.81 3.13
N VAL B 181 9.07 -9.52 2.94
CA VAL B 181 9.12 -8.61 4.06
C VAL B 181 7.99 -7.59 3.94
N GLY B 182 7.42 -7.26 5.11
CA GLY B 182 6.30 -6.33 5.24
C GLY B 182 6.36 -5.71 6.62
N PRO B 183 5.73 -4.55 6.84
CA PRO B 183 4.93 -3.79 5.87
C PRO B 183 5.54 -2.56 5.13
N GLN B 184 5.28 -2.51 3.82
CA GLN B 184 5.77 -1.40 3.00
C GLN B 184 4.59 -1.40 2.08
N PRO B 185 4.12 -0.23 1.60
CA PRO B 185 2.97 -0.40 0.68
C PRO B 185 3.50 -0.68 -0.71
N GLN B 186 2.60 -1.12 -1.59
CA GLN B 186 2.97 -1.44 -2.95
C GLN B 186 3.42 -0.17 -3.65
N GLY B 187 4.56 -0.16 -4.28
CA GLY B 187 4.96 1.02 -4.98
C GLY B 187 5.24 2.24 -4.14
N VAL B 188 5.83 2.01 -2.97
CA VAL B 188 6.21 3.09 -2.04
C VAL B 188 7.29 2.40 -1.27
N LEU B 189 8.55 2.72 -1.55
CA LEU B 189 9.66 2.04 -0.91
C LEU B 189 10.11 2.61 0.43
N ARG B 190 9.95 1.82 1.50
CA ARG B 190 10.37 2.27 2.86
C ARG B 190 11.79 1.83 3.24
N ALA B 191 12.48 2.71 3.97
CA ALA B 191 13.83 2.47 4.42
C ALA B 191 13.93 1.35 5.46
N ASP B 192 13.03 1.30 6.45
CA ASP B 192 13.08 0.21 7.42
C ASP B 192 12.82 -1.19 6.80
N ILE B 193 11.95 -1.29 5.79
CA ILE B 193 11.74 -2.55 5.10
C ILE B 193 13.05 -2.85 4.34
N LEU B 194 13.64 -1.80 3.76
CA LEU B 194 14.88 -1.93 3.00
C LEU B 194 15.97 -2.38 3.97
N ASP B 195 15.77 -2.06 5.25
CA ASP B 195 16.73 -2.57 6.21
C ASP B 195 16.22 -3.95 6.75
N GLN B 196 14.96 -4.01 7.19
CA GLN B 196 14.41 -5.24 7.72
C GLN B 196 15.09 -6.29 6.86
N ARG B 198 17.81 -6.06 4.84
CA ARG B 198 19.27 -6.01 4.75
C ARG B 198 19.85 -7.03 5.71
N LYS B 199 19.31 -7.09 6.91
CA LYS B 199 19.80 -8.06 7.87
C LYS B 199 19.34 -9.45 7.51
N ILE B 201 19.32 -10.86 4.00
CA ILE B 201 20.20 -11.45 3.02
C ILE B 201 21.69 -11.45 3.43
N LYS B 202 22.13 -10.46 4.22
CA LYS B 202 23.53 -10.43 4.69
C LYS B 202 23.76 -11.63 5.60
N HIS B 203 22.73 -12.01 6.37
CA HIS B 203 22.89 -13.16 7.25
C HIS B 203 22.64 -14.49 6.54
N ALA B 204 21.77 -14.45 5.53
CA ALA B 204 21.57 -15.63 4.75
C ALA B 204 22.92 -15.82 4.05
N LEU B 205 23.53 -14.73 3.54
CA LEU B 205 24.84 -14.86 2.89
C LEU B 205 25.99 -14.78 3.90
N ASP B 206 25.64 -14.65 5.19
CA ASP B 206 26.63 -14.65 6.26
C ASP B 206 26.67 -16.16 6.52
N PHE B 207 25.94 -16.92 5.70
CA PHE B 207 25.85 -18.39 5.78
C PHE B 207 26.54 -19.12 4.64
N ILE B 208 26.15 -18.80 3.42
CA ILE B 208 26.73 -19.46 2.25
C ILE B 208 28.23 -19.24 2.14
N HIS B 209 28.82 -18.48 3.07
CA HIS B 209 30.27 -18.27 3.08
C HIS B 209 30.98 -19.14 4.14
N HIS B 210 30.32 -19.30 5.30
CA HIS B 210 30.86 -20.09 6.40
C HIS B 210 30.73 -21.56 6.06
N PHE B 211 29.58 -21.93 5.50
CA PHE B 211 29.35 -23.31 5.07
C PHE B 211 30.42 -23.53 3.97
N ASN B 212 30.64 -22.52 3.13
CA ASN B 212 31.65 -22.57 2.06
C ASN B 212 33.06 -22.59 2.63
N GLU B 213 33.26 -21.93 3.78
CA GLU B 213 34.56 -21.94 4.43
C GLU B 213 34.72 -23.39 4.91
N GLY B 214 33.73 -23.92 5.63
CA GLY B 214 33.81 -25.32 6.09
C GLY B 214 33.17 -25.72 7.44
N LYS B 215 32.24 -24.92 7.94
CA LYS B 215 31.63 -25.21 9.22
C LYS B 215 30.61 -26.38 9.36
N GLU B 216 30.73 -27.13 10.46
CA GLU B 216 29.80 -28.21 10.74
C GLU B 216 28.74 -27.65 11.72
N PHE B 217 27.51 -28.12 11.57
CA PHE B 217 26.39 -27.74 12.44
C PHE B 217 25.73 -29.05 12.92
N PRO B 218 25.39 -29.16 14.21
CA PRO B 218 24.74 -30.36 14.76
C PRO B 218 23.31 -30.36 14.23
N PRO B 219 22.36 -31.00 14.95
CA PRO B 219 20.94 -31.06 14.56
C PRO B 219 20.55 -29.60 14.56
N CYS B 220 19.30 -29.30 14.88
CA CYS B 220 18.88 -27.89 15.01
C CYS B 220 17.40 -27.57 15.04
N ALA B 221 17.05 -26.43 15.64
CA ALA B 221 15.64 -26.07 15.68
C ALA B 221 15.28 -24.65 15.24
N ILE B 222 13.96 -24.47 15.11
CA ILE B 222 13.26 -23.26 14.65
C ILE B 222 11.76 -23.42 14.91
N GLU B 223 11.03 -22.33 15.14
CA GLU B 223 9.55 -22.45 15.29
C GLU B 223 9.08 -22.09 13.87
N VAL B 224 7.95 -22.66 13.40
CA VAL B 224 7.44 -22.32 12.03
C VAL B 224 5.91 -22.24 11.91
N TYR B 225 5.41 -21.72 10.80
CA TYR B 225 3.96 -21.68 10.65
C TYR B 225 3.44 -22.15 9.26
N LYS B 226 3.10 -23.43 9.12
CA LYS B 226 2.63 -24.08 7.88
C LYS B 226 1.26 -23.63 7.44
N ILE B 227 1.04 -23.56 6.14
CA ILE B 227 -0.29 -23.16 5.74
C ILE B 227 -1.24 -24.39 5.68
N ILE B 228 -2.48 -24.15 6.10
CA ILE B 228 -3.58 -25.13 6.15
C ILE B 228 -4.84 -24.56 5.55
N GLU B 229 -4.93 -23.23 5.45
CA GLU B 229 -6.14 -22.61 4.91
C GLU B 229 -6.16 -21.09 4.61
N LYS B 230 -7.05 -20.68 3.72
CA LYS B 230 -7.23 -19.26 3.49
C LYS B 230 -8.59 -18.95 4.14
N VAL B 231 -8.72 -17.82 4.83
CA VAL B 231 -10.01 -17.45 5.47
C VAL B 231 -10.77 -16.32 4.73
N ASP B 232 -11.93 -15.94 5.23
CA ASP B 232 -12.66 -14.83 4.61
C ASP B 232 -13.47 -13.95 5.57
N TYR B 233 -13.47 -12.65 5.32
CA TYR B 233 -14.22 -11.72 6.14
C TYR B 233 -15.65 -12.24 6.00
N PRO B 234 -16.64 -11.52 6.51
CA PRO B 234 -17.94 -12.13 6.30
C PRO B 234 -18.58 -11.50 5.06
N ARG B 235 -19.39 -12.25 4.31
CA ARG B 235 -20.05 -11.69 3.10
C ARG B 235 -21.59 -11.52 3.10
N ASP B 236 -22.18 -11.14 1.97
CA ASP B 236 -23.64 -10.99 1.93
C ASP B 236 -24.35 -11.71 0.74
N GLU B 237 -25.68 -11.63 0.66
CA GLU B 237 -26.43 -12.32 -0.41
C GLU B 237 -25.75 -12.10 -1.77
N ASN B 238 -25.16 -10.91 -1.95
CA ASN B 238 -24.46 -10.60 -3.19
C ASN B 238 -22.97 -10.59 -2.95
N GLY B 239 -22.48 -11.62 -2.25
CA GLY B 239 -21.06 -11.81 -1.92
C GLY B 239 -20.29 -10.56 -1.65
N GLU B 240 -20.25 -10.08 -0.40
CA GLU B 240 -19.55 -8.83 -0.09
C GLU B 240 -19.17 -8.58 1.38
N ILE B 241 -18.00 -7.97 1.57
CA ILE B 241 -17.52 -7.65 2.93
C ILE B 241 -18.46 -6.80 3.81
N ALA B 242 -18.82 -7.43 4.94
CA ALA B 242 -19.74 -6.93 5.96
C ALA B 242 -19.10 -6.46 7.27
N ALA B 243 -17.82 -6.80 7.43
CA ALA B 243 -17.05 -6.39 8.60
C ALA B 243 -15.58 -6.18 8.12
N ILE B 244 -14.76 -5.45 8.86
CA ILE B 244 -13.39 -5.31 8.35
C ILE B 244 -12.34 -5.87 9.32
N ILE B 245 -11.07 -6.06 8.89
CA ILE B 245 -10.13 -6.52 9.91
C ILE B 245 -10.02 -5.50 11.09
N HIS B 246 -10.60 -6.02 12.18
CA HIS B 246 -10.75 -5.46 13.50
C HIS B 246 -9.44 -5.08 14.16
N PRO B 247 -9.39 -3.95 14.85
CA PRO B 247 -8.16 -3.51 15.51
C PRO B 247 -7.38 -4.56 16.37
N ASN B 248 -7.98 -5.72 16.62
CA ASN B 248 -7.31 -6.80 17.40
C ASN B 248 -6.73 -7.95 16.53
N LEU B 249 -7.09 -8.02 15.25
CA LEU B 249 -6.54 -9.07 14.45
C LEU B 249 -5.37 -8.44 13.72
N GLN B 250 -5.69 -7.30 13.13
CA GLN B 250 -4.80 -6.43 12.36
C GLN B 250 -3.49 -6.24 13.11
N ASP B 251 -2.37 -6.43 12.42
CA ASP B 251 -1.03 -6.21 13.01
C ASP B 251 -0.38 -7.43 13.71
N GLN B 252 -1.22 -8.21 14.40
CA GLN B 252 -0.82 -9.37 15.13
C GLN B 252 -0.80 -10.70 14.35
N ASP B 253 -0.22 -10.63 13.15
CA ASP B 253 -0.02 -11.79 12.29
C ASP B 253 0.92 -12.66 13.12
N TRP B 254 0.86 -13.99 12.95
CA TRP B 254 1.69 -15.03 13.66
C TRP B 254 1.18 -15.42 15.04
N LYS B 255 0.78 -14.41 15.83
CA LYS B 255 0.31 -14.61 17.20
C LYS B 255 -1.04 -15.30 17.27
N PRO B 256 -1.13 -16.39 18.05
CA PRO B 256 -2.34 -17.19 18.26
C PRO B 256 -3.33 -16.26 18.87
N LEU B 257 -4.50 -16.20 18.27
CA LEU B 257 -5.60 -15.37 18.74
C LEU B 257 -6.57 -16.39 19.36
N HIS B 258 -7.59 -15.91 20.05
CA HIS B 258 -8.48 -16.86 20.65
C HIS B 258 -10.00 -16.68 20.49
N PRO B 259 -10.79 -17.65 20.99
CA PRO B 259 -12.24 -17.74 20.99
C PRO B 259 -13.03 -16.44 20.65
N GLY B 260 -12.97 -15.47 21.56
CA GLY B 260 -13.65 -14.21 21.35
C GLY B 260 -12.72 -13.03 21.09
N ASP B 261 -11.41 -13.28 21.05
CA ASP B 261 -10.43 -12.23 20.77
C ASP B 261 -11.08 -11.55 19.60
N PRO B 262 -11.18 -10.21 19.65
CA PRO B 262 -11.82 -9.42 18.59
C PRO B 262 -11.39 -9.97 17.24
N PHE B 264 -13.38 -9.10 13.75
CA PHE B 264 -13.79 -8.18 12.70
C PHE B 264 -14.59 -7.04 13.32
N LEU B 265 -14.67 -5.98 12.55
CA LEU B 265 -15.48 -4.87 12.95
C LEU B 265 -16.50 -4.75 11.84
N THR B 266 -17.78 -5.00 12.16
CA THR B 266 -18.80 -4.84 11.12
C THR B 266 -18.82 -3.34 10.93
N LEU B 267 -19.16 -2.89 9.73
CA LEU B 267 -19.18 -1.48 9.48
C LEU B 267 -20.35 -0.89 10.19
N ASP B 268 -21.15 -1.77 10.80
CA ASP B 268 -22.33 -1.38 11.55
C ASP B 268 -22.12 -1.37 13.09
N GLY B 269 -20.92 -1.68 13.55
CA GLY B 269 -20.68 -1.63 14.99
C GLY B 269 -20.18 -2.78 15.85
N LYS B 270 -20.33 -4.04 15.43
CA LYS B 270 -19.89 -5.11 16.31
C LYS B 270 -18.52 -5.76 16.09
N THR B 271 -17.97 -6.28 17.20
CA THR B 271 -16.71 -7.01 17.13
C THR B 271 -17.15 -8.49 16.95
N ILE B 272 -16.87 -9.09 15.79
CA ILE B 272 -17.18 -10.49 15.58
C ILE B 272 -15.87 -11.16 15.81
N PRO B 273 -15.59 -11.58 17.07
CA PRO B 273 -14.39 -12.25 17.56
C PRO B 273 -14.41 -13.77 17.42
N LEU B 274 -13.36 -14.28 16.80
CA LEU B 274 -13.16 -15.70 16.55
C LEU B 274 -14.40 -16.60 16.63
N GLY B 275 -14.20 -17.84 17.08
CA GLY B 275 -15.28 -18.80 17.19
C GLY B 275 -14.88 -20.26 16.93
N GLY B 276 -15.30 -21.13 17.86
CA GLY B 276 -14.99 -22.55 17.77
C GLY B 276 -13.93 -22.98 18.76
N ASP B 277 -13.91 -24.29 19.09
CA ASP B 277 -12.94 -24.86 20.03
C ASP B 277 -11.70 -25.25 19.26
N CYS B 278 -11.01 -24.26 18.75
CA CYS B 278 -9.82 -24.50 17.98
C CYS B 278 -9.29 -23.14 17.54
N THR B 279 -8.15 -22.85 18.16
CA THR B 279 -7.32 -21.68 18.05
C THR B 279 -6.48 -21.71 16.76
N VAL B 280 -5.86 -20.59 16.42
CA VAL B 280 -5.13 -20.56 15.17
C VAL B 280 -4.06 -19.49 15.07
N TYR B 281 -3.15 -19.70 14.14
CA TYR B 281 -2.08 -18.76 13.93
C TYR B 281 -2.54 -18.08 12.69
N PRO B 282 -2.41 -16.73 12.67
CA PRO B 282 -2.81 -15.91 11.53
C PRO B 282 -1.63 -15.11 11.00
N VAL B 283 -1.35 -15.29 9.70
CA VAL B 283 -0.28 -14.52 9.09
C VAL B 283 -0.95 -14.06 7.81
N PHE B 284 -0.41 -12.98 7.23
CA PHE B 284 -0.95 -12.44 6.01
C PHE B 284 -2.27 -11.74 6.34
N VAL B 285 -2.37 -11.29 7.60
CA VAL B 285 -3.52 -10.55 8.05
C VAL B 285 -3.53 -9.23 7.30
N ASN B 286 -4.49 -9.12 6.38
CA ASN B 286 -4.80 -7.96 5.58
C ASN B 286 -3.94 -7.70 4.37
N GLU B 287 -3.62 -8.73 3.59
CA GLU B 287 -2.74 -8.57 2.42
C GLU B 287 -3.47 -8.14 1.12
N ALA B 288 -3.14 -6.95 0.60
CA ALA B 288 -3.76 -6.48 -0.63
C ALA B 288 -3.53 -7.51 -1.72
N ALA B 289 -2.32 -8.05 -1.77
CA ALA B 289 -1.99 -9.03 -2.77
C ALA B 289 -3.16 -9.92 -3.01
N TYR B 290 -3.97 -10.20 -2.00
CA TYR B 290 -5.06 -11.13 -2.19
C TYR B 290 -6.51 -10.71 -1.90
N TYR B 291 -6.94 -9.53 -2.37
CA TYR B 291 -8.32 -9.17 -2.17
C TYR B 291 -9.05 -9.66 -3.39
N GLU B 292 -8.47 -9.51 -4.59
CA GLU B 292 -9.08 -9.97 -5.87
C GLU B 292 -9.88 -11.27 -5.66
N LYS B 293 -9.63 -11.91 -4.54
CA LYS B 293 -10.30 -13.15 -4.25
C LYS B 293 -10.98 -13.15 -2.89
N LYS B 294 -11.08 -11.97 -2.29
CA LYS B 294 -11.79 -11.81 -1.04
C LYS B 294 -11.23 -12.50 0.21
N GLU B 295 -9.92 -12.57 0.36
CA GLU B 295 -9.32 -13.25 1.50
C GLU B 295 -8.79 -12.39 2.65
N ALA B 296 -9.16 -12.76 3.86
CA ALA B 296 -8.74 -12.05 5.05
C ALA B 296 -7.38 -12.53 5.55
N PHE B 297 -7.18 -13.83 5.73
CA PHE B 297 -5.86 -14.41 6.11
C PHE B 297 -5.81 -15.91 5.89
N ALA B 298 -4.63 -16.50 5.97
CA ALA B 298 -4.44 -17.97 5.81
C ALA B 298 -4.24 -18.60 7.14
N LYS B 299 -5.25 -19.17 7.80
CA LYS B 299 -4.97 -19.78 9.12
C LYS B 299 -3.80 -20.76 9.04
N THR B 300 -2.73 -20.42 9.75
CA THR B 300 -1.50 -21.21 9.78
C THR B 300 -1.31 -22.03 11.04
N THR B 301 -0.11 -22.60 11.14
CA THR B 301 0.23 -23.34 12.33
C THR B 301 1.66 -23.13 12.85
N LYS B 302 1.78 -23.06 14.18
CA LYS B 302 3.03 -22.87 14.88
C LYS B 302 3.45 -24.28 15.25
N LEU B 303 4.70 -24.63 15.02
CA LEU B 303 5.14 -25.92 15.46
C LEU B 303 6.57 -25.90 15.98
N THR B 304 7.38 -26.62 15.18
CA THR B 304 8.86 -26.87 15.30
C THR B 304 9.51 -27.80 14.24
N LEU B 305 10.54 -27.35 13.53
CA LEU B 305 11.22 -28.25 12.61
C LEU B 305 12.66 -28.41 13.18
N ASN B 306 13.11 -29.69 13.17
CA ASN B 306 14.44 -30.16 13.64
C ASN B 306 15.32 -30.50 12.45
N ALA B 307 16.56 -30.06 12.43
CA ALA B 307 17.44 -30.45 11.31
C ALA B 307 18.46 -31.42 11.82
N LYS B 308 19.04 -32.20 10.91
CA LYS B 308 20.12 -33.14 11.27
C LYS B 308 21.42 -32.32 11.25
N SER B 309 22.49 -32.94 11.69
CA SER B 309 23.79 -32.30 11.76
C SER B 309 24.25 -31.99 10.33
N ILE B 310 25.09 -30.98 10.08
CA ILE B 310 25.53 -30.70 8.69
C ILE B 310 26.93 -30.04 8.51
N ARG B 311 27.35 -29.95 7.23
CA ARG B 311 28.65 -29.38 6.74
C ARG B 311 29.07 -30.18 5.48
N CYS B 312 29.47 -29.50 4.41
CA CYS B 312 29.87 -30.15 3.14
C CYS B 312 31.17 -30.99 3.23
N GLU A 11 -29.31 32.18 2.28
CA GLU A 11 -28.81 31.01 1.51
C GLU A 11 -29.01 29.74 2.27
N HIS A 12 -29.71 28.81 1.66
CA HIS A 12 -30.02 27.52 2.25
C HIS A 12 -29.37 26.36 1.46
N ILE A 13 -28.39 25.70 2.08
CA ILE A 13 -27.67 24.57 1.48
C ILE A 13 -28.56 23.40 1.06
N GLN A 14 -28.96 23.40 -0.20
CA GLN A 14 -29.81 22.34 -0.69
C GLN A 14 -29.00 21.07 -0.91
N LYS A 15 -28.84 20.74 -2.18
CA LYS A 15 -28.14 19.57 -2.66
C LYS A 15 -26.73 19.29 -2.03
N VAL A 16 -26.59 18.13 -1.35
CA VAL A 16 -25.29 17.75 -0.73
C VAL A 16 -24.80 16.34 -1.08
N ALA A 17 -23.50 16.18 -1.30
CA ALA A 17 -23.01 14.85 -1.65
C ALA A 17 -21.69 14.40 -1.00
N ILE A 18 -21.48 13.09 -1.11
CA ILE A 18 -20.27 12.46 -0.64
C ILE A 18 -19.85 11.50 -1.76
N PHE A 19 -18.67 11.76 -2.35
CA PHE A 19 -18.13 10.91 -3.41
C PHE A 19 -17.22 9.80 -2.88
N GLY A 20 -17.26 8.63 -3.53
CA GLY A 20 -16.40 7.50 -3.19
C GLY A 20 -15.62 6.93 -4.40
N GLY A 21 -14.52 6.23 -4.12
CA GLY A 21 -13.75 5.65 -5.19
C GLY A 21 -13.39 6.62 -6.32
N THR A 22 -13.07 7.88 -6.00
CA THR A 22 -12.63 8.78 -7.07
C THR A 22 -11.27 8.29 -7.63
N HIS A 23 -10.34 7.89 -6.76
CA HIS A 23 -9.07 7.30 -7.24
C HIS A 23 -9.18 5.81 -7.10
N GLY A 24 -9.66 5.16 -8.15
CA GLY A 24 -9.85 3.72 -8.16
C GLY A 24 -9.74 2.94 -6.86
N ASN A 25 -8.53 2.44 -6.57
CA ASN A 25 -8.27 1.64 -5.41
C ASN A 25 -8.03 2.38 -4.12
N GLU A 26 -9.05 3.11 -3.64
CA GLU A 26 -9.01 3.80 -2.33
C GLU A 26 -10.30 3.51 -1.42
N LEU A 27 -10.53 2.20 -1.28
CA LEU A 27 -11.57 1.49 -0.55
C LEU A 27 -12.22 1.96 0.73
N THR A 28 -11.48 2.32 1.80
CA THR A 28 -12.19 2.73 3.04
C THR A 28 -13.16 3.78 2.51
N GLY A 29 -12.77 4.38 1.38
CA GLY A 29 -13.64 5.35 0.75
C GLY A 29 -14.83 4.78 -0.07
N VAL A 30 -14.70 3.59 -0.64
CA VAL A 30 -15.82 3.07 -1.38
C VAL A 30 -16.69 2.41 -0.32
N PHE A 31 -16.06 1.62 0.54
CA PHE A 31 -16.76 0.95 1.62
C PHE A 31 -17.57 1.97 2.54
N LEU A 32 -16.91 3.05 3.00
CA LEU A 32 -17.63 4.02 3.79
C LEU A 32 -18.73 4.69 3.02
N VAL A 33 -18.75 4.54 1.69
CA VAL A 33 -19.80 5.13 0.83
C VAL A 33 -21.00 4.17 0.55
N LYS A 34 -20.70 2.98 0.07
CA LYS A 34 -21.70 1.96 -0.20
C LYS A 34 -22.45 1.45 1.06
N HIS A 35 -22.14 1.97 2.24
CA HIS A 35 -22.88 1.59 3.45
C HIS A 35 -24.04 2.61 3.61
N TRP A 36 -23.71 3.89 3.43
CA TRP A 36 -24.67 4.96 3.52
C TRP A 36 -25.64 4.99 2.35
N LEU A 37 -25.26 4.33 1.25
CA LEU A 37 -26.14 4.23 0.10
C LEU A 37 -27.17 3.23 0.49
N GLU A 38 -27.16 2.83 1.76
CA GLU A 38 -28.12 1.85 2.27
C GLU A 38 -28.69 2.26 3.61
N ASN A 39 -28.54 3.53 3.93
CA ASN A 39 -29.02 4.05 5.19
C ASN A 39 -28.05 5.14 5.66
N GLY A 40 -28.25 6.31 5.04
CA GLY A 40 -27.46 7.50 5.31
C GLY A 40 -27.64 8.14 6.67
N ALA A 41 -28.59 7.62 7.45
CA ALA A 41 -28.83 8.12 8.78
C ALA A 41 -27.58 8.70 9.47
N GLU A 42 -26.39 8.17 9.12
CA GLU A 42 -25.12 8.65 9.69
C GLU A 42 -24.67 9.97 9.06
N ILE A 43 -25.12 10.16 7.83
CA ILE A 43 -24.80 11.33 7.01
C ILE A 43 -26.05 12.08 6.51
N GLN A 44 -27.14 12.00 7.28
CA GLN A 44 -28.42 12.70 6.98
C GLN A 44 -28.70 13.75 8.06
N ARG A 45 -29.25 14.89 7.68
CA ARG A 45 -29.60 15.86 8.68
C ARG A 45 -30.85 16.54 8.23
N THR A 46 -31.90 16.54 9.06
CA THR A 46 -33.13 17.19 8.59
C THR A 46 -32.77 18.60 8.16
N GLY A 47 -33.36 19.03 7.04
CA GLY A 47 -33.14 20.36 6.53
C GLY A 47 -31.97 20.53 5.61
N LEU A 48 -31.46 19.39 5.13
CA LEU A 48 -30.28 19.30 4.28
C LEU A 48 -30.34 18.02 3.44
N GLU A 49 -30.29 18.13 2.13
CA GLU A 49 -30.32 16.93 1.32
C GLU A 49 -28.94 16.60 0.74
N VAL A 50 -28.34 15.65 1.47
CA VAL A 50 -27.01 15.03 1.35
C VAL A 50 -27.01 13.65 0.70
N LYS A 51 -26.19 13.45 -0.33
CA LYS A 51 -26.17 12.18 -1.07
C LYS A 51 -24.79 11.49 -1.33
N PRO A 52 -24.74 10.13 -1.28
CA PRO A 52 -23.54 9.30 -1.52
C PRO A 52 -23.46 8.90 -3.00
N PHE A 53 -22.25 8.93 -3.56
CA PHE A 53 -22.05 8.63 -5.00
C PHE A 53 -20.63 8.08 -5.28
N ILE A 54 -20.53 7.00 -6.09
CA ILE A 54 -19.21 6.46 -6.50
C ILE A 54 -18.84 7.23 -7.76
N THR A 55 -17.60 7.71 -7.89
CA THR A 55 -17.28 8.47 -9.11
C THR A 55 -16.28 7.88 -10.09
N ASN A 56 -15.72 6.70 -9.83
CA ASN A 56 -14.72 6.15 -10.76
C ASN A 56 -14.88 4.59 -10.95
N PRO A 57 -16.08 4.13 -11.40
CA PRO A 57 -16.53 2.73 -11.63
C PRO A 57 -15.58 1.71 -12.26
N ARG A 58 -15.16 1.94 -13.50
CA ARG A 58 -14.26 0.98 -14.20
C ARG A 58 -13.20 0.36 -13.26
N ALA A 59 -12.27 1.21 -12.87
CA ALA A 59 -11.20 0.88 -11.98
C ALA A 59 -11.79 0.38 -10.68
N VAL A 60 -12.80 1.05 -10.12
CA VAL A 60 -13.35 0.55 -8.84
C VAL A 60 -13.73 -0.88 -9.07
N LYS A 61 -14.28 -1.22 -10.22
CA LYS A 61 -14.57 -2.63 -10.44
C LYS A 61 -13.21 -3.38 -10.30
N LYS A 62 -12.11 -2.73 -10.66
CA LYS A 62 -10.77 -3.33 -10.60
C LYS A 62 -10.12 -3.21 -9.19
N CYS A 63 -10.21 -2.01 -8.63
CA CYS A 63 -9.59 -1.59 -7.38
C CYS A 63 -8.20 -1.09 -7.91
N THR A 64 -8.26 -0.42 -9.05
CA THR A 64 -7.09 0.10 -9.71
C THR A 64 -7.34 1.60 -9.59
N ARG A 65 -6.30 2.47 -9.52
CA ARG A 65 -6.51 3.93 -9.35
C ARG A 65 -7.13 4.52 -10.59
N TYR A 66 -6.42 4.56 -11.71
CA TYR A 66 -7.18 5.02 -12.86
C TYR A 66 -7.00 4.11 -14.06
N ILE A 67 -8.05 4.12 -14.90
CA ILE A 67 -8.16 3.36 -16.15
C ILE A 67 -7.42 4.21 -17.16
N ASP A 68 -8.13 5.12 -17.80
CA ASP A 68 -7.48 5.94 -18.78
C ASP A 68 -6.81 7.16 -18.18
N CYS A 69 -7.41 7.77 -17.16
CA CYS A 69 -6.79 8.92 -16.49
C CYS A 69 -7.42 9.44 -15.19
N ASP A 70 -6.66 10.22 -14.44
CA ASP A 70 -7.08 10.75 -13.14
C ASP A 70 -8.33 11.60 -13.13
N LEU A 71 -9.42 11.03 -12.61
CA LEU A 71 -10.71 11.71 -12.50
C LEU A 71 -10.62 12.95 -11.65
N ASN A 72 -9.68 12.93 -10.70
CA ASN A 72 -9.45 14.05 -9.76
C ASN A 72 -8.45 15.12 -10.23
N ARG A 73 -8.01 15.00 -11.49
CA ARG A 73 -7.02 15.91 -12.04
C ARG A 73 -7.56 16.84 -13.14
N ILE A 74 -8.66 16.39 -13.77
CA ILE A 74 -9.31 17.08 -14.90
C ILE A 74 -10.66 17.81 -14.71
N PHE A 75 -11.02 18.33 -13.55
CA PHE A 75 -12.33 18.99 -13.55
C PHE A 75 -12.30 20.53 -13.78
N ASP A 76 -11.95 20.82 -15.03
CA ASP A 76 -11.82 22.13 -15.55
C ASP A 76 -12.49 22.17 -16.94
N LEU A 77 -12.60 23.39 -17.47
CA LEU A 77 -13.22 23.64 -18.74
C LEU A 77 -12.57 22.86 -19.86
N GLU A 78 -11.22 22.78 -19.79
CA GLU A 78 -10.37 22.07 -20.77
C GLU A 78 -10.81 20.65 -21.03
N ASN A 79 -11.41 20.01 -20.03
CA ASN A 79 -11.86 18.65 -20.18
C ASN A 79 -13.31 18.52 -20.33
N LEU A 80 -14.01 19.28 -19.49
CA LEU A 80 -15.45 19.26 -19.50
C LEU A 80 -16.00 19.75 -20.82
N GLY A 81 -15.40 20.79 -21.37
CA GLY A 81 -15.89 21.31 -22.64
C GLY A 81 -15.88 20.42 -23.88
N LYS A 82 -15.75 19.12 -23.70
CA LYS A 82 -15.74 18.19 -24.82
C LYS A 82 -17.11 17.51 -25.06
N LYS A 83 -17.13 16.53 -25.97
CA LYS A 83 -18.35 15.77 -26.36
C LYS A 83 -18.03 14.26 -26.49
N SER A 85 -17.16 10.34 -27.19
CA SER A 85 -16.33 9.61 -28.18
C SER A 85 -15.58 8.47 -27.44
N GLU A 86 -15.47 7.25 -27.99
CA GLU A 86 -14.71 6.21 -27.27
C GLU A 86 -13.22 6.26 -27.68
N ASP A 87 -12.85 7.45 -28.18
CA ASP A 87 -11.50 7.75 -28.61
C ASP A 87 -10.70 8.39 -27.43
N LEU A 88 -11.33 9.25 -26.65
CA LEU A 88 -10.66 9.90 -25.53
C LEU A 88 -10.36 8.90 -24.42
N PRO A 89 -10.28 9.35 -23.15
CA PRO A 89 -10.04 8.45 -22.01
C PRO A 89 -11.35 8.06 -21.38
N TYR A 90 -11.29 7.34 -20.26
CA TYR A 90 -12.53 6.95 -19.62
C TYR A 90 -13.14 7.97 -18.56
N GLU A 91 -12.44 8.23 -17.44
CA GLU A 91 -13.03 9.13 -16.43
C GLU A 91 -13.29 10.58 -16.92
N VAL A 92 -12.91 10.83 -18.18
CA VAL A 92 -13.19 12.12 -18.78
C VAL A 92 -14.72 12.05 -19.07
N ARG A 93 -15.06 11.13 -19.96
CA ARG A 93 -16.44 10.87 -20.31
C ARG A 93 -17.19 10.63 -18.97
N ARG A 94 -16.55 9.88 -18.06
CA ARG A 94 -17.17 9.57 -16.81
C ARG A 94 -17.32 10.87 -16.09
N ALA A 95 -16.30 11.74 -16.24
CA ALA A 95 -16.32 13.09 -15.62
C ALA A 95 -17.67 13.73 -15.93
N GLN A 96 -17.81 14.11 -17.21
CA GLN A 96 -19.02 14.75 -17.75
C GLN A 96 -20.34 14.29 -17.10
N GLU A 97 -20.51 12.97 -17.02
CA GLU A 97 -21.67 12.35 -16.39
C GLU A 97 -21.73 13.01 -15.00
N ILE A 98 -20.59 13.00 -14.28
CA ILE A 98 -20.53 13.65 -12.97
C ILE A 98 -20.55 15.18 -13.16
N ASN A 99 -19.60 15.69 -13.96
CA ASN A 99 -19.55 17.12 -14.25
C ASN A 99 -20.96 17.71 -14.34
N HIS A 100 -21.87 17.01 -15.03
CA HIS A 100 -23.24 17.46 -15.22
C HIS A 100 -24.13 17.05 -14.09
N LEU A 101 -24.13 15.74 -13.80
CA LEU A 101 -24.94 15.20 -12.72
C LEU A 101 -24.97 16.09 -11.49
N PHE A 102 -23.83 16.27 -10.81
CA PHE A 102 -23.87 17.12 -9.61
C PHE A 102 -23.49 18.51 -10.10
N GLY A 103 -23.25 18.59 -11.41
CA GLY A 103 -22.85 19.84 -12.02
C GLY A 103 -24.05 20.64 -12.43
N PRO A 104 -23.92 21.50 -13.45
CA PRO A 104 -22.67 21.76 -14.19
C PRO A 104 -21.76 22.72 -13.45
N LYS A 105 -20.51 22.31 -13.18
CA LYS A 105 -19.60 23.18 -12.45
C LYS A 105 -19.78 24.61 -13.02
N ASP A 106 -20.05 25.54 -12.08
CA ASP A 106 -20.29 26.97 -12.29
C ASP A 106 -21.77 27.43 -12.46
N SER A 107 -22.64 26.56 -12.98
CA SER A 107 -24.05 26.89 -13.15
C SER A 107 -24.62 27.28 -11.78
N GLU A 108 -25.74 28.01 -11.73
CA GLU A 108 -26.23 28.38 -10.39
C GLU A 108 -26.88 27.28 -9.53
N ASP A 109 -27.20 26.15 -10.14
CA ASP A 109 -27.88 25.07 -9.43
C ASP A 109 -26.96 24.05 -8.77
N SER A 110 -25.76 23.90 -9.31
CA SER A 110 -24.82 22.90 -8.85
C SER A 110 -24.30 23.01 -7.43
N TYR A 111 -24.42 21.89 -6.72
CA TYR A 111 -23.99 21.73 -5.33
C TYR A 111 -23.01 22.79 -4.82
N ASP A 112 -23.07 22.94 -3.51
CA ASP A 112 -22.27 23.93 -2.82
C ASP A 112 -21.51 23.34 -1.60
N ILE A 113 -22.03 22.24 -1.04
CA ILE A 113 -21.37 21.56 0.06
C ILE A 113 -21.13 20.09 -0.31
N ILE A 114 -19.90 19.75 -0.72
CA ILE A 114 -19.55 18.34 -1.04
C ILE A 114 -18.14 17.91 -0.56
N PHE A 115 -18.05 16.68 -0.07
CA PHE A 115 -16.81 16.05 0.42
C PHE A 115 -16.26 15.01 -0.59
N ASP A 116 -15.00 15.15 -1.03
CA ASP A 116 -14.34 14.20 -1.94
C ASP A 116 -13.52 13.26 -0.96
N LEU A 117 -13.92 12.00 -0.78
CA LEU A 117 -13.18 11.09 0.13
C LEU A 117 -11.95 10.37 -0.53
N HIS A 118 -10.80 10.49 0.12
CA HIS A 118 -9.59 9.85 -0.35
C HIS A 118 -8.77 9.13 0.75
N ASN A 119 -7.75 8.39 0.29
CA ASN A 119 -6.86 7.65 1.18
C ASN A 119 -5.43 7.78 0.70
N THR A 120 -4.49 7.94 1.65
CA THR A 120 -3.07 8.07 1.31
C THR A 120 -2.14 6.99 1.85
N THR A 121 -0.91 6.99 1.37
CA THR A 121 0.07 6.03 1.85
C THR A 121 0.89 6.81 2.86
N SER A 122 0.72 8.13 2.87
CA SER A 122 1.38 8.94 3.88
C SER A 122 0.53 8.76 5.21
N ASN A 123 1.15 8.98 6.37
CA ASN A 123 0.45 8.75 7.62
C ASN A 123 0.01 9.92 8.53
N GLY A 125 -4.12 10.50 8.83
CA GLY A 125 -5.56 10.57 9.03
C GLY A 125 -6.07 12.00 9.25
N CYS A 126 -7.38 12.15 9.43
CA CYS A 126 -7.98 13.47 9.61
C CYS A 126 -7.26 14.48 8.74
N THR A 127 -7.50 14.38 7.44
CA THR A 127 -6.95 15.32 6.46
C THR A 127 -8.09 16.07 5.76
N LEU A 128 -8.20 17.37 6.07
CA LEU A 128 -9.21 18.24 5.45
C LEU A 128 -8.34 19.16 4.58
N ILE A 129 -8.69 19.29 3.29
CA ILE A 129 -7.92 20.13 2.36
C ILE A 129 -8.67 21.41 1.94
N LEU A 130 -7.94 22.47 1.63
CA LEU A 130 -8.58 23.67 1.23
C LEU A 130 -7.97 24.14 -0.13
N GLU A 131 -8.83 24.66 -1.03
CA GLU A 131 -8.37 25.14 -2.36
C GLU A 131 -8.02 26.68 -2.38
N ASP A 132 -8.98 27.59 -2.49
CA ASP A 132 -8.65 29.04 -2.42
C ASP A 132 -8.66 29.33 -0.91
N SER A 133 -7.85 30.29 -0.48
CA SER A 133 -7.78 30.63 0.94
C SER A 133 -8.90 31.52 1.41
N ARG A 134 -9.60 32.13 0.47
CA ARG A 134 -10.73 33.01 0.79
C ARG A 134 -11.97 32.11 0.85
N ASN A 135 -12.23 31.49 1.99
CA ASN A 135 -13.38 30.60 2.15
C ASN A 135 -13.90 30.61 3.60
N ASN A 136 -14.72 31.61 3.93
CA ASN A 136 -15.27 31.72 5.30
C ASN A 136 -16.18 30.53 5.68
N PHE A 137 -16.96 30.02 4.73
CA PHE A 137 -17.81 28.88 5.08
C PHE A 137 -16.95 27.63 5.37
N LEU A 138 -15.83 27.48 4.67
CA LEU A 138 -14.98 26.32 4.91
C LEU A 138 -14.09 26.50 6.13
N ILE A 139 -13.54 27.70 6.33
CA ILE A 139 -12.67 27.88 7.49
C ILE A 139 -13.51 27.69 8.72
N GLN A 140 -14.72 28.25 8.71
CA GLN A 140 -15.58 28.08 9.86
C GLN A 140 -15.73 26.58 10.15
N PHE A 142 -14.05 23.82 9.19
CA PHE A 142 -12.83 23.11 9.59
C PHE A 142 -12.58 23.23 11.10
N HIS A 143 -13.10 24.29 11.69
CA HIS A 143 -12.94 24.48 13.10
C HIS A 143 -13.81 23.46 13.83
N TYR A 144 -15.12 23.50 13.56
CA TYR A 144 -16.06 22.58 14.21
C TYR A 144 -15.57 21.11 14.19
N ILE A 145 -15.45 20.51 12.98
CA ILE A 145 -15.04 19.11 12.80
C ILE A 145 -13.82 18.68 13.64
N LYS A 146 -12.83 19.56 13.71
CA LYS A 146 -11.64 19.28 14.49
C LYS A 146 -12.00 19.20 15.96
N THR A 147 -11.94 20.35 16.65
CA THR A 147 -12.23 20.47 18.07
C THR A 147 -13.03 19.27 18.59
N SER A 148 -13.98 18.93 17.71
CA SER A 148 -14.84 17.78 17.96
C SER A 148 -13.95 16.55 18.20
N LEU A 149 -13.46 16.07 17.03
CA LEU A 149 -12.59 14.90 16.76
C LEU A 149 -11.61 14.57 17.83
N ALA A 150 -10.95 15.66 18.22
CA ALA A 150 -10.00 15.62 19.28
C ALA A 150 -10.65 14.85 20.48
N PRO A 151 -9.79 14.17 21.23
CA PRO A 151 -8.35 14.12 21.02
C PRO A 151 -7.69 13.68 19.66
N LEU A 152 -8.40 12.92 18.83
CA LEU A 152 -7.86 12.38 17.57
C LEU A 152 -7.53 13.48 16.61
N PRO A 153 -6.23 13.61 16.28
CA PRO A 153 -5.48 14.54 15.41
C PRO A 153 -5.88 14.77 13.94
N CYS A 154 -6.06 16.07 13.65
CA CYS A 154 -6.46 16.68 12.36
C CYS A 154 -5.48 17.82 12.04
N TYR A 155 -5.46 18.21 10.74
CA TYR A 155 -4.53 19.25 10.18
C TYR A 155 -5.10 19.93 8.97
N VAL A 156 -4.56 21.09 8.57
CA VAL A 156 -5.10 21.69 7.34
C VAL A 156 -4.07 21.88 6.19
N TYR A 157 -4.37 21.22 5.04
CA TYR A 157 -3.58 21.20 3.79
C TYR A 157 -4.19 22.25 2.84
N LEU A 158 -3.45 23.31 2.48
CA LEU A 158 -4.00 24.32 1.57
C LEU A 158 -3.41 24.36 0.11
N ILE A 159 -4.26 24.30 -0.91
CA ILE A 159 -3.76 24.39 -2.30
C ILE A 159 -4.02 25.82 -2.91
N GLU A 160 -3.70 26.87 -2.14
CA GLU A 160 -3.89 28.26 -2.56
C GLU A 160 -3.45 28.43 -4.01
N HIS A 161 -4.37 28.29 -4.96
CA HIS A 161 -4.00 28.43 -6.37
C HIS A 161 -4.09 29.87 -6.91
N PRO A 162 -2.97 30.43 -7.38
CA PRO A 162 -3.08 31.79 -7.90
C PRO A 162 -4.34 32.08 -8.73
N SER A 163 -4.45 31.39 -9.87
CA SER A 163 -5.55 31.50 -10.82
C SER A 163 -6.80 30.97 -10.14
N LEU A 164 -6.65 29.93 -9.34
CA LEU A 164 -7.80 29.35 -8.61
C LEU A 164 -8.54 28.26 -9.44
N LYS A 165 -7.83 27.72 -10.43
CA LYS A 165 -8.43 26.70 -11.28
C LYS A 165 -8.16 25.23 -10.86
N TYR A 166 -8.85 24.80 -9.78
CA TYR A 166 -8.75 23.44 -9.19
C TYR A 166 -9.34 22.39 -10.08
N ALA A 167 -8.77 21.18 -10.19
CA ALA A 167 -9.40 20.23 -11.13
C ALA A 167 -9.80 18.82 -10.62
N THR A 168 -10.15 18.72 -9.35
CA THR A 168 -10.52 17.45 -8.73
C THR A 168 -11.98 17.16 -9.02
N THR A 169 -12.37 15.89 -9.14
CA THR A 169 -13.78 15.52 -9.38
C THR A 169 -14.62 16.53 -8.59
N ARG A 170 -14.27 16.66 -7.32
CA ARG A 170 -15.01 17.52 -6.45
C ARG A 170 -15.28 18.99 -6.81
N SER A 171 -14.25 19.72 -7.28
CA SER A 171 -14.36 21.14 -7.56
C SER A 171 -15.72 21.59 -8.13
N ILE A 172 -16.59 20.63 -8.40
CA ILE A 172 -17.94 20.91 -8.82
C ILE A 172 -18.65 21.74 -7.66
N ALA A 173 -17.93 22.27 -6.66
CA ALA A 173 -18.59 22.97 -5.52
C ALA A 173 -18.28 24.44 -5.07
N LYS A 174 -19.25 25.04 -4.35
CA LYS A 174 -19.21 26.41 -3.78
C LYS A 174 -18.21 26.54 -2.60
N TYR A 175 -17.74 25.38 -2.15
CA TYR A 175 -16.85 25.33 -1.00
C TYR A 175 -16.22 23.98 -0.90
N PRO A 176 -15.71 23.37 -2.01
CA PRO A 176 -15.10 22.03 -1.92
C PRO A 176 -14.44 21.77 -0.62
N VAL A 177 -14.48 20.53 -0.18
CA VAL A 177 -13.79 20.10 1.06
C VAL A 177 -13.02 18.81 0.79
N GLY A 178 -11.70 18.85 0.87
CA GLY A 178 -11.00 17.59 0.62
C GLY A 178 -10.97 16.74 1.89
N ILE A 179 -11.45 15.48 1.87
CA ILE A 179 -11.33 14.59 3.05
C ILE A 179 -10.33 13.42 2.72
N GLU A 180 -9.34 13.23 3.59
CA GLU A 180 -8.33 12.22 3.32
C GLU A 180 -7.86 11.49 4.57
N VAL A 181 -7.55 10.21 4.48
CA VAL A 181 -7.05 9.59 5.70
C VAL A 181 -5.92 8.61 5.51
N GLY A 182 -4.94 8.69 6.41
CA GLY A 182 -3.77 7.81 6.36
C GLY A 182 -3.35 7.18 7.70
N PRO A 183 -2.51 6.14 7.64
CA PRO A 183 -2.01 5.61 6.37
C PRO A 183 -2.63 4.26 5.98
N GLN A 184 -2.82 4.05 4.69
CA GLN A 184 -3.39 2.79 4.31
C GLN A 184 -2.83 2.38 2.98
N PRO A 185 -2.22 1.19 2.89
CA PRO A 185 -1.69 0.83 1.56
C PRO A 185 -2.85 0.86 0.55
N GLN A 186 -2.54 1.06 -0.74
CA GLN A 186 -3.63 0.99 -1.69
C GLN A 186 -4.01 -0.49 -1.80
N GLY A 187 -5.29 -0.73 -2.11
CA GLY A 187 -5.84 -2.06 -2.32
C GLY A 187 -6.28 -2.77 -1.07
N VAL A 188 -6.05 -2.09 0.03
CA VAL A 188 -6.39 -2.64 1.32
C VAL A 188 -7.53 -1.80 1.90
N LEU A 189 -8.22 -2.35 2.90
CA LEU A 189 -9.32 -1.70 3.63
C LEU A 189 -9.20 -1.81 5.18
N ARG A 190 -8.48 -0.89 5.83
CA ARG A 190 -8.26 -0.88 7.29
C ARG A 190 -9.39 -0.23 8.13
N ALA A 191 -9.96 -1.00 9.07
CA ALA A 191 -11.07 -0.57 9.94
C ALA A 191 -10.75 0.69 10.68
N ASP A 192 -9.58 0.71 11.30
CA ASP A 192 -9.16 1.90 12.01
C ASP A 192 -9.28 3.08 11.02
N ILE A 193 -9.02 2.82 9.75
CA ILE A 193 -9.16 3.84 8.72
C ILE A 193 -10.64 4.01 8.37
N LEU A 194 -11.43 2.93 8.38
CA LEU A 194 -12.83 3.08 8.08
C LEU A 194 -13.69 3.69 9.22
N ASP A 195 -13.06 4.25 10.25
CA ASP A 195 -13.86 4.83 11.31
C ASP A 195 -13.39 6.20 11.69
N GLN A 196 -12.10 6.44 11.55
CA GLN A 196 -11.66 7.79 11.86
C GLN A 196 -12.32 8.76 10.82
N ARG A 198 -15.50 8.04 8.86
CA ARG A 198 -16.95 8.16 8.93
C ARG A 198 -17.27 9.10 10.10
N LYS A 199 -16.26 9.19 10.97
CA LYS A 199 -16.23 10.04 12.15
C LYS A 199 -15.97 11.50 11.73
N ILE A 201 -16.70 12.69 8.87
CA ILE A 201 -17.93 13.06 8.19
C ILE A 201 -19.02 13.39 9.26
N LYS A 202 -19.04 12.64 10.37
CA LYS A 202 -20.01 12.86 11.46
C LYS A 202 -20.17 14.34 11.77
N HIS A 203 -19.07 14.94 12.20
CA HIS A 203 -19.06 16.34 12.59
C HIS A 203 -19.24 17.32 11.47
N ALA A 204 -18.64 17.07 10.31
CA ALA A 204 -18.87 17.98 9.18
C ALA A 204 -20.40 18.21 9.03
N LEU A 205 -21.15 17.13 8.87
CA LEU A 205 -22.59 17.24 8.72
C LEU A 205 -23.25 17.85 9.99
N ASP A 206 -22.67 17.57 11.18
CA ASP A 206 -23.18 18.14 12.42
C ASP A 206 -23.08 19.67 12.27
N PHE A 207 -21.86 20.18 12.05
CA PHE A 207 -21.66 21.60 11.83
C PHE A 207 -22.73 22.17 10.85
N ILE A 208 -22.66 21.78 9.58
CA ILE A 208 -23.60 22.29 8.61
C ILE A 208 -25.01 22.36 9.22
N HIS A 209 -25.47 21.22 9.74
CA HIS A 209 -26.79 21.16 10.35
C HIS A 209 -27.02 22.37 11.25
N HIS A 210 -26.08 22.57 12.18
CA HIS A 210 -26.16 23.69 13.09
C HIS A 210 -26.22 25.02 12.38
N PHE A 211 -25.44 25.16 11.30
CA PHE A 211 -25.44 26.38 10.50
C PHE A 211 -26.91 26.58 10.10
N ASN A 212 -27.50 25.51 9.61
CA ASN A 212 -28.88 25.57 9.22
C ASN A 212 -29.79 25.72 10.41
N GLU A 213 -29.27 25.65 11.63
CA GLU A 213 -30.15 25.80 12.78
C GLU A 213 -30.39 27.26 13.11
N GLY A 214 -29.49 28.16 12.71
CA GLY A 214 -29.72 29.58 12.95
C GLY A 214 -28.71 30.31 13.81
N LYS A 215 -27.76 29.55 14.32
CA LYS A 215 -26.74 30.11 15.18
C LYS A 215 -25.66 30.82 14.34
N GLU A 216 -25.45 32.12 14.59
CA GLU A 216 -24.45 32.88 13.83
C GLU A 216 -23.10 32.34 14.23
N PHE A 217 -22.61 31.38 13.46
CA PHE A 217 -21.31 30.83 13.78
C PHE A 217 -20.34 31.98 14.00
N PRO A 218 -19.80 32.07 15.24
CA PRO A 218 -18.85 33.09 15.69
C PRO A 218 -17.54 33.13 14.95
N PRO A 219 -16.81 34.25 15.07
CA PRO A 219 -15.53 34.31 14.34
C PRO A 219 -14.63 33.22 14.90
N CYS A 220 -13.96 32.47 14.01
CA CYS A 220 -13.03 31.41 14.41
C CYS A 220 -11.77 31.43 13.57
N ALA A 221 -10.79 30.64 13.96
CA ALA A 221 -9.54 30.55 13.21
C ALA A 221 -9.17 29.07 13.13
N ILE A 222 -8.48 28.64 12.07
CA ILE A 222 -8.02 27.25 12.01
C ILE A 222 -6.64 27.27 11.39
N GLU A 223 -5.73 26.42 11.88
CA GLU A 223 -4.37 26.41 11.31
C GLU A 223 -4.36 25.63 9.99
N VAL A 224 -3.49 26.07 9.08
CA VAL A 224 -3.32 25.46 7.77
C VAL A 224 -1.85 25.50 7.30
N TYR A 225 -1.52 24.60 6.36
CA TYR A 225 -0.16 24.46 5.78
C TYR A 225 -0.20 24.56 4.27
N LYS A 226 0.07 25.74 3.74
CA LYS A 226 0.09 26.00 2.29
C LYS A 226 1.17 25.02 1.83
N ILE A 227 1.15 24.62 0.57
CA ILE A 227 2.11 23.68 0.03
C ILE A 227 3.00 24.44 -0.98
N ILE A 228 4.32 24.35 -0.89
CA ILE A 228 5.14 25.10 -1.86
C ILE A 228 5.57 24.35 -3.16
N GLU A 229 6.45 23.33 -3.07
CA GLU A 229 6.87 22.56 -4.28
C GLU A 229 6.43 21.07 -4.26
N LYS A 230 7.04 20.28 -5.13
CA LYS A 230 6.85 18.84 -5.20
C LYS A 230 8.36 18.62 -5.11
N VAL A 231 8.87 17.70 -4.29
CA VAL A 231 10.33 17.47 -4.25
C VAL A 231 10.70 16.24 -5.11
N ASP A 232 11.55 16.42 -6.14
CA ASP A 232 11.87 15.31 -6.99
C ASP A 232 12.61 14.34 -6.12
N TYR A 233 12.61 13.06 -6.47
CA TYR A 233 13.36 12.14 -5.65
C TYR A 233 14.62 12.31 -6.46
N PRO A 234 15.79 12.18 -5.80
CA PRO A 234 17.10 12.28 -6.47
C PRO A 234 17.15 11.11 -7.47
N ARG A 235 16.61 11.34 -8.66
CA ARG A 235 16.56 10.36 -9.74
C ARG A 235 18.05 10.23 -10.10
N ASP A 236 18.54 9.09 -10.61
CA ASP A 236 19.98 9.03 -10.86
C ASP A 236 20.45 9.69 -12.16
N GLU A 237 21.70 9.47 -12.57
CA GLU A 237 22.16 10.10 -13.82
C GLU A 237 21.52 9.42 -15.03
N ASN A 238 20.26 9.04 -14.85
CA ASN A 238 19.47 8.38 -15.87
C ASN A 238 18.00 8.44 -15.48
N GLY A 239 17.73 9.16 -14.38
CA GLY A 239 16.38 9.34 -13.89
C GLY A 239 15.75 8.24 -13.06
N GLU A 240 16.57 7.38 -12.46
CA GLU A 240 16.04 6.27 -11.65
C GLU A 240 16.33 6.46 -10.20
N ILE A 241 15.28 6.78 -9.45
CA ILE A 241 15.36 7.03 -7.99
C ILE A 241 16.71 6.55 -7.40
N ALA A 242 17.56 7.55 -7.17
CA ALA A 242 18.93 7.38 -6.69
C ALA A 242 19.10 7.53 -5.20
N ALA A 243 17.96 7.63 -4.51
CA ALA A 243 17.95 7.72 -3.05
C ALA A 243 16.49 7.58 -2.55
N ILE A 244 16.34 7.02 -1.35
CA ILE A 244 15.07 6.78 -0.69
C ILE A 244 14.74 7.75 0.47
N ILE A 245 13.46 7.89 0.83
CA ILE A 245 13.09 8.80 1.93
C ILE A 245 13.89 8.33 3.15
N HIS A 246 14.59 9.25 3.84
CA HIS A 246 15.41 8.88 5.01
C HIS A 246 14.59 8.19 6.11
N PRO A 247 15.21 7.30 6.86
CA PRO A 247 14.32 6.74 7.87
C PRO A 247 13.86 7.76 8.92
N ASN A 248 14.47 8.94 8.95
CA ASN A 248 14.07 9.96 9.93
C ASN A 248 12.92 10.87 9.47
N LEU A 249 12.73 10.97 8.15
CA LEU A 249 11.65 11.81 7.59
C LEU A 249 10.37 10.97 7.52
N GLN A 250 10.54 9.66 7.37
CA GLN A 250 9.42 8.71 7.31
C GLN A 250 8.42 8.66 8.49
N ASP A 251 7.16 8.99 8.16
CA ASP A 251 6.02 8.98 9.08
C ASP A 251 5.80 10.25 9.86
N GLN A 252 6.88 11.00 10.06
CA GLN A 252 6.84 12.26 10.78
C GLN A 252 6.18 13.30 9.85
N ASP A 253 5.15 12.84 9.12
CA ASP A 253 4.37 13.65 8.21
C ASP A 253 3.77 14.73 9.12
N TRP A 254 3.84 15.98 8.70
CA TRP A 254 3.36 17.15 9.45
C TRP A 254 4.30 17.71 10.54
N LYS A 255 5.25 16.91 11.06
CA LYS A 255 6.18 17.41 12.10
C LYS A 255 7.28 18.26 11.38
N PRO A 256 7.91 19.22 12.09
CA PRO A 256 8.91 20.04 11.40
C PRO A 256 10.28 19.49 11.26
N LEU A 257 10.93 19.80 10.13
CA LEU A 257 12.28 19.35 9.79
C LEU A 257 13.05 20.63 9.54
N HIS A 258 14.21 20.79 10.18
CA HIS A 258 15.01 22.01 10.08
C HIS A 258 16.24 21.83 9.21
N PRO A 259 16.77 22.91 8.67
CA PRO A 259 17.94 22.69 7.82
C PRO A 259 18.98 21.69 8.28
N GLY A 260 19.08 21.45 9.57
CA GLY A 260 20.02 20.44 9.97
C GLY A 260 19.62 19.17 9.18
N ASP A 261 18.62 18.48 9.73
CA ASP A 261 17.99 17.22 9.29
C ASP A 261 18.17 16.69 7.87
N PRO A 262 18.02 15.37 7.67
CA PRO A 262 18.17 14.71 6.34
C PRO A 262 16.91 14.63 5.43
N PHE A 264 17.06 12.69 2.20
CA PHE A 264 17.19 11.37 1.61
C PHE A 264 18.43 10.63 2.01
N LEU A 265 18.32 9.30 1.80
CA LEU A 265 19.37 8.31 2.04
C LEU A 265 19.50 7.34 0.85
N THR A 266 20.72 7.08 0.39
CA THR A 266 20.92 6.12 -0.70
C THR A 266 21.18 4.78 -0.01
N LEU A 267 20.95 3.68 -0.73
CA LEU A 267 21.06 2.34 -0.18
C LEU A 267 22.30 2.16 0.64
N ASP A 268 23.44 2.31 -0.06
CA ASP A 268 24.74 2.14 0.56
C ASP A 268 25.11 3.29 1.54
N GLY A 269 24.11 3.92 2.13
CA GLY A 269 24.36 4.97 3.09
C GLY A 269 24.75 6.33 2.56
N LYS A 270 24.83 6.51 1.24
CA LYS A 270 25.20 7.81 0.72
C LYS A 270 24.15 8.74 1.25
N THR A 271 24.53 9.53 2.23
CA THR A 271 23.58 10.42 2.91
C THR A 271 23.36 11.82 2.29
N ILE A 272 22.10 12.31 2.37
CA ILE A 272 21.67 13.63 1.88
C ILE A 272 20.79 14.35 2.93
N PRO A 273 21.20 15.56 3.39
CA PRO A 273 20.46 16.35 4.41
C PRO A 273 19.60 17.59 4.08
N LEU A 274 18.35 17.57 4.50
CA LEU A 274 17.40 18.65 4.28
C LEU A 274 17.96 19.93 3.80
N GLY A 275 18.93 20.49 4.49
CA GLY A 275 19.46 21.75 4.01
C GLY A 275 18.40 22.79 3.69
N GLY A 276 18.61 23.54 2.60
CA GLY A 276 17.65 24.57 2.21
C GLY A 276 18.02 25.94 2.76
N ASP A 277 17.17 26.52 3.59
CA ASP A 277 17.43 27.81 4.22
C ASP A 277 16.51 28.08 5.38
N CYS A 278 15.45 27.27 5.51
CA CYS A 278 14.51 27.44 6.60
C CYS A 278 13.67 26.19 6.84
N THR A 279 13.13 26.10 8.04
CA THR A 279 12.31 24.97 8.48
C THR A 279 11.07 24.77 7.64
N VAL A 280 10.60 23.52 7.56
CA VAL A 280 9.39 23.22 6.79
C VAL A 280 8.56 22.07 7.41
N TYR A 281 7.33 21.90 6.93
CA TYR A 281 6.53 20.82 7.50
C TYR A 281 6.17 19.74 6.51
N PRO A 282 6.97 18.66 6.45
CA PRO A 282 6.64 17.60 5.49
C PRO A 282 5.24 16.99 5.63
N VAL A 283 4.56 16.87 4.48
CA VAL A 283 3.23 16.30 4.31
C VAL A 283 3.36 15.45 3.05
N PHE A 284 2.66 14.32 3.01
CA PHE A 284 2.70 13.38 1.87
C PHE A 284 4.03 12.58 1.75
N VAL A 285 4.71 12.39 2.87
CA VAL A 285 5.94 11.67 2.86
C VAL A 285 5.58 10.28 2.48
N ASN A 286 5.86 10.01 1.20
CA ASN A 286 5.62 8.75 0.50
C ASN A 286 4.20 8.56 -0.14
N GLU A 287 3.50 9.63 -0.49
CA GLU A 287 2.22 9.40 -1.09
C GLU A 287 2.70 8.42 -2.21
N ALA A 288 2.01 7.29 -2.40
CA ALA A 288 2.39 6.29 -3.42
C ALA A 288 2.06 6.90 -4.73
N ALA A 289 1.07 7.77 -4.70
CA ALA A 289 0.62 8.51 -5.89
C ALA A 289 1.84 9.30 -6.34
N TYR A 290 2.86 9.33 -5.50
CA TYR A 290 4.05 10.05 -5.85
C TYR A 290 5.13 9.37 -6.72
N TYR A 291 5.17 8.03 -6.83
CA TYR A 291 6.21 7.53 -7.71
C TYR A 291 5.86 7.55 -9.20
N GLU A 292 4.76 6.94 -9.64
CA GLU A 292 4.50 6.99 -11.08
C GLU A 292 4.04 8.41 -11.34
N LYS A 293 4.40 9.27 -10.39
CA LYS A 293 4.09 10.69 -10.48
C LYS A 293 5.41 11.51 -10.41
N LYS A 294 6.46 10.91 -9.87
CA LYS A 294 7.74 11.60 -9.72
C LYS A 294 7.66 12.68 -8.62
N GLU A 295 7.99 12.31 -7.38
CA GLU A 295 7.93 13.26 -6.26
C GLU A 295 8.03 12.55 -4.91
N ALA A 296 8.80 13.13 -3.99
CA ALA A 296 8.97 12.50 -2.68
C ALA A 296 8.06 13.16 -1.64
N PHE A 297 7.85 14.46 -1.81
CA PHE A 297 6.95 15.24 -0.96
C PHE A 297 6.97 16.67 -1.44
N ALA A 298 6.37 17.53 -0.64
CA ALA A 298 6.30 18.96 -0.88
C ALA A 298 6.51 19.67 0.47
N LYS A 299 7.04 20.90 0.45
CA LYS A 299 7.25 21.64 1.69
C LYS A 299 5.93 22.35 1.99
N THR A 300 5.63 22.62 3.27
CA THR A 300 4.35 23.27 3.65
C THR A 300 4.37 24.37 4.73
N THR A 301 4.47 25.67 4.40
CA THR A 301 4.46 26.64 5.50
C THR A 301 3.06 26.68 6.10
N LYS A 302 3.01 26.91 7.42
CA LYS A 302 1.73 26.96 8.12
C LYS A 302 0.96 28.22 7.71
N LEU A 303 -0.05 28.60 8.48
CA LEU A 303 -0.84 29.80 8.22
C LEU A 303 -2.13 29.86 9.06
N THR A 304 -2.62 31.06 9.35
CA THR A 304 -3.83 31.18 10.16
C THR A 304 -5.07 31.79 9.53
N LEU A 305 -6.07 30.97 9.29
CA LEU A 305 -7.26 31.54 8.71
C LEU A 305 -8.27 31.81 9.82
N ASN A 306 -8.92 32.97 9.79
CA ASN A 306 -9.97 33.31 10.76
C ASN A 306 -11.25 33.50 9.94
N ALA A 307 -12.41 33.45 10.59
CA ALA A 307 -13.68 33.62 9.90
C ALA A 307 -14.56 34.75 10.51
N LYS A 308 -15.30 35.44 9.66
CA LYS A 308 -16.19 36.49 10.14
C LYS A 308 -17.24 35.71 10.91
N SER A 309 -18.38 35.40 10.29
CA SER A 309 -19.43 34.61 10.96
C SER A 309 -20.59 34.14 10.01
N ILE A 310 -21.03 32.88 10.11
CA ILE A 310 -22.06 32.41 9.20
C ILE A 310 -23.47 31.99 9.69
N ARG A 311 -24.45 32.09 8.80
CA ARG A 311 -25.86 31.76 9.10
C ARG A 311 -26.75 31.57 7.85
N CYS A 312 -27.90 30.94 8.02
CA CYS A 312 -28.82 30.65 6.90
C CYS A 312 -30.13 31.46 6.85
N GLU B 11 25.96 -32.57 -1.13
CA GLU B 11 26.54 -32.08 -2.39
C GLU B 11 26.63 -30.56 -2.33
N HIS B 12 27.78 -30.08 -2.81
CA HIS B 12 28.20 -28.67 -2.79
C HIS B 12 27.63 -27.58 -3.73
N ILE B 13 27.27 -26.44 -3.11
CA ILE B 13 26.69 -25.27 -3.77
C ILE B 13 27.68 -24.40 -4.53
N GLN B 14 27.34 -24.06 -5.76
CA GLN B 14 28.19 -23.22 -6.55
C GLN B 14 27.34 -22.18 -7.32
N LYS B 15 26.02 -22.35 -7.26
CA LYS B 15 25.12 -21.45 -7.97
C LYS B 15 24.03 -20.78 -7.06
N VAL B 16 24.14 -19.46 -6.89
CA VAL B 16 23.22 -18.66 -6.06
C VAL B 16 22.60 -17.48 -6.83
N ALA B 17 21.30 -17.30 -6.70
CA ALA B 17 20.66 -16.15 -7.33
C ALA B 17 19.82 -15.29 -6.34
N ILE B 18 19.68 -14.01 -6.66
CA ILE B 18 18.86 -13.08 -5.91
C ILE B 18 18.11 -12.39 -7.06
N PHE B 19 16.80 -12.66 -7.21
CA PHE B 19 15.92 -12.05 -8.26
C PHE B 19 15.30 -10.68 -7.93
N GLY B 20 14.40 -10.21 -8.79
CA GLY B 20 13.76 -8.91 -8.52
C GLY B 20 12.42 -8.62 -9.19
N GLY B 21 11.43 -8.14 -8.45
CA GLY B 21 10.15 -7.92 -9.10
C GLY B 21 9.45 -9.10 -9.80
N THR B 22 9.14 -10.18 -9.06
CA THR B 22 8.37 -11.30 -9.62
C THR B 22 6.93 -10.68 -9.63
N HIS B 23 6.83 -9.73 -8.69
CA HIS B 23 5.67 -8.91 -8.55
C HIS B 23 6.24 -7.49 -8.82
N GLY B 24 5.96 -6.95 -10.01
CA GLY B 24 6.53 -5.67 -10.41
C GLY B 24 6.49 -4.47 -9.47
N ASN B 25 5.57 -4.53 -8.52
CA ASN B 25 5.35 -3.43 -7.58
C ASN B 25 5.55 -3.81 -6.11
N GLU B 26 6.54 -4.68 -5.86
CA GLU B 26 7.00 -5.09 -4.55
C GLU B 26 8.47 -4.63 -4.58
N LEU B 27 8.54 -3.30 -4.65
CA LEU B 27 9.72 -2.47 -4.79
C LEU B 27 11.05 -2.73 -4.08
N THR B 28 11.06 -2.98 -2.76
CA THR B 28 12.36 -3.13 -2.10
C THR B 28 13.19 -4.23 -2.78
N GLY B 29 12.52 -5.31 -3.17
CA GLY B 29 13.26 -6.32 -3.88
C GLY B 29 13.85 -5.75 -5.19
N VAL B 30 13.09 -4.90 -5.89
CA VAL B 30 13.53 -4.33 -7.15
C VAL B 30 14.67 -3.33 -7.02
N PHE B 31 14.67 -2.50 -5.97
CA PHE B 31 15.73 -1.51 -5.83
C PHE B 31 17.12 -2.11 -5.56
N LEU B 32 17.17 -3.17 -4.74
CA LEU B 32 18.45 -3.86 -4.43
C LEU B 32 19.01 -4.52 -5.72
N VAL B 33 18.13 -5.21 -6.46
CA VAL B 33 18.57 -5.88 -7.66
C VAL B 33 18.85 -4.88 -8.82
N LYS B 34 18.40 -3.64 -8.71
CA LYS B 34 18.67 -2.79 -9.84
C LYS B 34 20.02 -2.17 -9.78
N HIS B 35 20.57 -2.17 -8.56
CA HIS B 35 21.91 -1.63 -8.26
C HIS B 35 22.93 -2.75 -7.95
N TRP B 36 22.47 -3.96 -7.55
CA TRP B 36 23.39 -5.07 -7.26
C TRP B 36 23.97 -5.47 -8.62
N LEU B 37 23.31 -5.01 -9.68
CA LEU B 37 23.80 -5.24 -11.02
C LEU B 37 24.83 -4.15 -11.26
N GLU B 38 25.13 -3.36 -10.23
CA GLU B 38 26.13 -2.30 -10.29
C GLU B 38 27.22 -2.79 -9.36
N ASN B 39 27.10 -2.64 -8.04
CA ASN B 39 28.15 -3.18 -7.13
C ASN B 39 27.75 -4.31 -6.09
N GLY B 40 27.85 -5.52 -6.63
CA GLY B 40 27.51 -6.74 -5.92
C GLY B 40 28.50 -7.05 -4.85
N ALA B 41 29.44 -6.12 -4.64
CA ALA B 41 30.47 -6.32 -3.62
C ALA B 41 29.76 -6.72 -2.34
N GLU B 42 28.58 -6.13 -2.14
CA GLU B 42 27.69 -6.43 -1.01
C GLU B 42 27.23 -7.90 -1.02
N ILE B 43 26.85 -8.41 -2.18
CA ILE B 43 26.38 -9.78 -2.22
C ILE B 43 27.50 -10.77 -2.57
N GLN B 44 28.54 -10.34 -3.30
CA GLN B 44 29.57 -11.31 -3.65
C GLN B 44 30.24 -11.82 -2.39
N ARG B 45 30.65 -13.09 -2.33
CA ARG B 45 31.34 -13.58 -1.12
C ARG B 45 32.68 -14.20 -1.50
N THR B 46 33.65 -14.26 -0.59
CA THR B 46 34.94 -14.86 -0.96
C THR B 46 34.66 -16.33 -1.39
N GLY B 47 34.96 -16.58 -2.68
CA GLY B 47 34.74 -17.87 -3.26
C GLY B 47 33.28 -18.16 -3.44
N LEU B 48 32.46 -17.11 -3.46
CA LEU B 48 31.03 -17.27 -3.63
C LEU B 48 30.49 -16.33 -4.67
N GLU B 49 29.90 -16.90 -5.71
CA GLU B 49 29.32 -16.13 -6.79
C GLU B 49 27.77 -15.95 -6.59
N VAL B 50 27.22 -14.82 -7.03
CA VAL B 50 25.77 -14.60 -6.90
C VAL B 50 25.23 -13.73 -8.08
N LYS B 51 24.31 -14.28 -8.87
CA LYS B 51 23.76 -13.52 -10.00
C LYS B 51 22.45 -12.79 -9.60
N PRO B 52 22.43 -11.44 -9.57
CA PRO B 52 21.17 -10.82 -9.20
C PRO B 52 20.42 -10.74 -10.53
N PHE B 53 19.13 -10.53 -10.46
CA PHE B 53 18.36 -10.55 -11.69
C PHE B 53 16.90 -10.10 -11.46
N ILE B 54 16.39 -9.20 -12.30
CA ILE B 54 14.99 -8.73 -12.17
C ILE B 54 14.11 -9.66 -12.98
N THR B 55 13.19 -10.38 -12.32
CA THR B 55 12.43 -11.37 -13.07
C THR B 55 11.39 -10.91 -14.04
N ASN B 56 10.65 -9.86 -13.68
CA ASN B 56 9.56 -9.33 -14.50
C ASN B 56 9.75 -7.85 -14.77
N PRO B 57 10.69 -7.55 -15.66
CA PRO B 57 11.12 -6.22 -16.12
C PRO B 57 9.93 -5.35 -16.47
N ARG B 58 8.97 -5.99 -17.11
CA ARG B 58 7.78 -5.32 -17.56
C ARG B 58 6.77 -4.90 -16.47
N ALA B 59 6.51 -5.83 -15.54
CA ALA B 59 5.56 -5.54 -14.48
C ALA B 59 6.20 -4.56 -13.50
N VAL B 60 7.52 -4.64 -13.41
CA VAL B 60 8.26 -3.74 -12.54
C VAL B 60 7.95 -2.40 -13.16
N LYS B 61 8.01 -2.40 -14.51
CA LYS B 61 7.76 -1.22 -15.36
C LYS B 61 6.34 -0.65 -15.24
N LYS B 62 5.31 -1.43 -15.53
CA LYS B 62 3.96 -0.88 -15.41
C LYS B 62 3.81 -0.55 -13.90
N CYS B 63 4.84 -0.92 -13.14
CA CYS B 63 4.86 -0.77 -11.69
C CYS B 63 3.55 -1.43 -11.32
N THR B 64 3.57 -2.73 -11.57
CA THR B 64 2.40 -3.47 -11.40
C THR B 64 2.78 -4.87 -10.97
N ARG B 65 1.93 -5.47 -10.13
CA ARG B 65 2.15 -6.82 -9.64
C ARG B 65 2.60 -7.60 -10.85
N TYR B 66 1.64 -8.01 -11.67
CA TYR B 66 1.96 -8.71 -12.92
C TYR B 66 1.24 -8.06 -14.07
N ILE B 67 1.69 -8.39 -15.29
CA ILE B 67 1.14 -7.85 -16.58
C ILE B 67 0.02 -8.71 -17.17
N ASP B 68 0.16 -10.03 -17.14
CA ASP B 68 -0.88 -10.97 -17.64
C ASP B 68 -1.30 -12.18 -16.78
N CYS B 69 -0.36 -12.83 -16.10
CA CYS B 69 -0.64 -13.93 -15.17
C CYS B 69 0.51 -13.80 -14.19
N ASP B 70 0.39 -14.29 -12.96
CA ASP B 70 1.54 -14.17 -12.06
C ASP B 70 2.67 -15.13 -12.50
N LEU B 71 3.86 -14.56 -12.72
CA LEU B 71 5.02 -15.33 -13.14
C LEU B 71 5.41 -16.11 -11.91
N ASN B 72 4.51 -16.09 -10.92
CA ASN B 72 4.75 -16.81 -9.66
C ASN B 72 3.95 -18.07 -9.47
N ARG B 73 2.73 -18.10 -9.92
CA ARG B 73 1.98 -19.33 -9.71
C ARG B 73 2.20 -20.37 -10.78
N ILE B 74 3.03 -20.06 -11.78
CA ILE B 74 3.21 -20.91 -12.95
C ILE B 74 4.49 -21.72 -13.29
N PHE B 75 5.31 -22.14 -12.32
CA PHE B 75 6.52 -22.86 -12.73
C PHE B 75 6.57 -24.41 -12.69
N ASP B 76 5.73 -25.08 -13.48
CA ASP B 76 5.70 -26.55 -13.61
C ASP B 76 5.82 -26.98 -15.11
N LEU B 77 5.94 -28.30 -15.30
CA LEU B 77 6.10 -28.96 -16.62
C LEU B 77 5.08 -28.53 -17.66
N GLU B 78 3.94 -28.12 -17.14
CA GLU B 78 2.82 -27.70 -17.96
C GLU B 78 3.07 -26.36 -18.67
N ASN B 79 4.14 -25.65 -18.32
CA ASN B 79 4.41 -24.36 -18.93
C ASN B 79 5.90 -24.03 -18.99
N LEU B 80 6.72 -24.56 -18.07
CA LEU B 80 8.14 -24.19 -18.13
C LEU B 80 8.71 -24.67 -19.43
N GLY B 81 7.87 -25.47 -20.07
CA GLY B 81 8.18 -26.08 -21.35
C GLY B 81 6.92 -26.58 -22.04
N LYS B 82 6.25 -25.68 -22.76
CA LYS B 82 5.04 -25.94 -23.57
C LYS B 82 5.10 -24.81 -24.61
N LYS B 83 4.78 -25.12 -25.85
CA LYS B 83 4.83 -24.14 -26.94
C LYS B 83 4.09 -22.80 -26.75
N SER B 85 2.41 -19.73 -28.51
CA SER B 85 1.78 -19.04 -29.64
C SER B 85 1.73 -17.53 -29.24
N GLU B 86 2.11 -16.64 -30.16
CA GLU B 86 2.10 -15.19 -29.87
C GLU B 86 0.76 -14.60 -29.46
N ASP B 87 0.10 -15.20 -28.46
CA ASP B 87 -1.20 -14.74 -27.92
C ASP B 87 -1.00 -14.71 -26.39
N LEU B 88 -0.53 -15.85 -25.91
CA LEU B 88 -0.25 -16.15 -24.50
C LEU B 88 0.02 -14.97 -23.55
N PRO B 89 -0.09 -15.24 -22.22
CA PRO B 89 0.14 -14.31 -21.11
C PRO B 89 1.64 -14.04 -20.93
N TYR B 90 2.07 -12.92 -21.51
CA TYR B 90 3.48 -12.50 -21.46
C TYR B 90 4.43 -13.31 -20.56
N GLU B 91 4.19 -13.26 -19.26
CA GLU B 91 5.06 -13.91 -18.30
C GLU B 91 5.45 -15.40 -18.55
N VAL B 92 4.56 -16.17 -19.22
CA VAL B 92 4.84 -17.57 -19.57
C VAL B 92 6.17 -17.65 -20.34
N ARG B 93 6.49 -16.58 -21.05
CA ARG B 93 7.69 -16.44 -21.87
C ARG B 93 9.02 -16.30 -21.03
N ARG B 94 9.06 -15.33 -20.11
CA ARG B 94 10.21 -15.02 -19.26
C ARG B 94 10.51 -16.17 -18.23
N ALA B 95 9.48 -16.98 -17.96
CA ALA B 95 9.53 -18.14 -17.04
C ALA B 95 10.36 -19.27 -17.64
N GLN B 96 10.00 -19.61 -18.90
CA GLN B 96 10.71 -20.64 -19.66
C GLN B 96 12.19 -20.20 -19.75
N GLU B 97 12.33 -18.93 -20.07
CA GLU B 97 13.57 -18.21 -20.20
C GLU B 97 14.42 -18.05 -18.92
N ILE B 98 13.76 -17.86 -17.79
CA ILE B 98 14.45 -17.75 -16.49
C ILE B 98 14.81 -19.22 -16.17
N ASN B 99 13.87 -20.11 -16.56
CA ASN B 99 14.03 -21.55 -16.36
C ASN B 99 15.18 -22.12 -17.17
N HIS B 100 15.67 -21.34 -18.13
CA HIS B 100 16.78 -21.79 -18.89
C HIS B 100 18.08 -21.09 -18.47
N LEU B 101 17.95 -20.05 -17.63
CA LEU B 101 19.07 -19.25 -17.08
C LEU B 101 19.65 -19.66 -15.70
N PHE B 102 18.77 -19.97 -14.73
CA PHE B 102 19.21 -20.32 -13.36
C PHE B 102 18.78 -21.75 -13.10
N GLY B 103 18.11 -22.27 -14.11
CA GLY B 103 17.66 -23.64 -14.04
C GLY B 103 18.55 -24.48 -14.93
N PRO B 104 17.96 -25.42 -15.68
CA PRO B 104 16.49 -25.51 -15.53
C PRO B 104 15.96 -26.39 -14.40
N LYS B 105 14.83 -25.96 -13.83
CA LYS B 105 14.11 -26.64 -12.74
C LYS B 105 14.12 -28.17 -12.96
N ASP B 106 14.59 -28.93 -11.93
CA ASP B 106 14.59 -30.39 -11.96
C ASP B 106 15.87 -31.04 -12.54
N SER B 107 16.73 -30.25 -13.19
CA SER B 107 17.99 -30.78 -13.75
C SER B 107 19.11 -30.81 -12.68
N GLU B 108 19.92 -31.88 -12.59
CA GLU B 108 20.92 -31.79 -11.52
C GLU B 108 21.88 -30.59 -11.70
N ASP B 109 21.72 -29.85 -12.81
CA ASP B 109 22.58 -28.70 -13.13
C ASP B 109 21.95 -27.28 -13.01
N SER B 110 20.72 -27.18 -12.53
CA SER B 110 20.13 -25.87 -12.39
C SER B 110 20.82 -25.09 -11.30
N TYR B 111 20.70 -23.76 -11.33
CA TYR B 111 21.33 -22.93 -10.31
C TYR B 111 21.09 -23.62 -8.98
N ASP B 112 22.02 -23.49 -8.05
CA ASP B 112 21.84 -24.18 -6.81
C ASP B 112 20.76 -23.63 -5.92
N ILE B 113 20.94 -22.37 -5.50
CA ILE B 113 20.01 -21.68 -4.61
C ILE B 113 19.44 -20.43 -5.25
N ILE B 114 18.20 -20.10 -4.93
CA ILE B 114 17.61 -18.83 -5.41
C ILE B 114 16.78 -18.19 -4.29
N PHE B 115 17.04 -16.90 -4.08
CA PHE B 115 16.30 -16.12 -3.13
C PHE B 115 15.32 -15.29 -3.98
N ASP B 116 14.02 -15.42 -3.79
CA ASP B 116 13.06 -14.61 -4.55
C ASP B 116 12.50 -13.63 -3.53
N LEU B 117 12.88 -12.35 -3.62
CA LEU B 117 12.37 -11.30 -2.68
C LEU B 117 10.87 -10.83 -2.92
N HIS B 118 10.12 -10.71 -1.83
CA HIS B 118 8.74 -10.32 -1.89
C HIS B 118 8.42 -9.36 -0.73
N ASN B 119 7.96 -8.18 -1.09
CA ASN B 119 7.63 -7.14 -0.14
C ASN B 119 6.09 -7.26 0.11
N THR B 120 5.55 -7.17 1.35
CA THR B 120 4.05 -7.26 1.56
C THR B 120 3.38 -6.26 2.55
N THR B 121 2.06 -6.11 2.48
CA THR B 121 1.30 -5.17 3.39
C THR B 121 0.64 -5.78 4.62
N SER B 122 1.45 -6.60 5.31
CA SER B 122 1.14 -7.37 6.53
C SER B 122 2.43 -7.10 7.35
N ASN B 123 2.27 -6.55 8.57
CA ASN B 123 3.45 -6.14 9.38
C ASN B 123 4.32 -7.21 9.93
N GLY B 125 8.09 -8.18 8.70
CA GLY B 125 9.51 -7.95 8.82
C GLY B 125 10.28 -9.23 8.45
N CYS B 126 11.32 -9.56 9.21
CA CYS B 126 12.12 -10.72 8.87
C CYS B 126 11.18 -11.87 8.65
N THR B 127 11.00 -12.26 7.38
CA THR B 127 10.15 -13.43 7.04
C THR B 127 10.84 -14.43 6.06
N LEU B 128 10.91 -15.72 6.45
CA LEU B 128 11.42 -16.77 5.54
C LEU B 128 10.32 -17.78 5.31
N ILE B 129 10.15 -18.33 4.09
CA ILE B 129 9.13 -19.39 3.85
C ILE B 129 9.89 -20.69 3.66
N LEU B 130 9.28 -21.82 3.97
CA LEU B 130 9.94 -23.11 3.80
C LEU B 130 9.74 -23.87 2.46
N GLU B 131 10.78 -24.36 1.82
CA GLU B 131 10.49 -25.04 0.59
C GLU B 131 9.78 -26.40 0.88
N ASP B 132 10.05 -27.03 2.03
CA ASP B 132 9.38 -28.29 2.46
C ASP B 132 9.88 -28.71 3.86
N SER B 133 9.07 -29.47 4.61
CA SER B 133 9.44 -29.93 5.95
C SER B 133 10.80 -30.64 5.87
N ARG B 134 10.80 -31.83 5.32
CA ARG B 134 12.05 -32.55 5.17
C ARG B 134 12.85 -31.63 4.26
N ASN B 135 13.81 -30.92 4.86
CA ASN B 135 14.67 -30.01 4.12
C ASN B 135 15.81 -29.75 5.09
N ASN B 136 16.65 -30.76 5.37
CA ASN B 136 17.72 -30.54 6.32
C ASN B 136 18.52 -29.29 5.99
N PHE B 137 19.29 -29.32 4.91
CA PHE B 137 20.10 -28.16 4.51
C PHE B 137 19.43 -26.84 4.81
N LEU B 138 18.31 -26.59 4.09
CA LEU B 138 17.54 -25.34 4.23
C LEU B 138 17.01 -24.94 5.61
N ILE B 139 16.62 -25.92 6.44
CA ILE B 139 16.15 -25.58 7.80
C ILE B 139 17.28 -24.97 8.59
N GLN B 140 18.47 -25.53 8.37
CA GLN B 140 19.70 -25.08 8.97
C GLN B 140 20.15 -23.73 8.40
N PHE B 142 18.18 -21.33 7.46
CA PHE B 142 17.25 -20.37 8.12
C PHE B 142 17.54 -20.19 9.61
N HIS B 143 17.63 -21.33 10.31
CA HIS B 143 17.93 -21.37 11.75
C HIS B 143 19.09 -20.38 12.00
N TYR B 144 20.16 -20.53 11.22
CA TYR B 144 21.29 -19.61 11.37
C TYR B 144 20.80 -18.14 11.24
N ILE B 145 19.97 -17.87 10.20
CA ILE B 145 19.46 -16.53 9.93
C ILE B 145 18.74 -15.98 11.14
N LYS B 146 17.71 -16.72 11.60
CA LYS B 146 16.93 -16.30 12.77
C LYS B 146 17.90 -15.85 13.88
N THR B 147 18.61 -16.84 14.44
CA THR B 147 19.63 -16.62 15.46
C THR B 147 20.40 -15.37 15.09
N SER B 148 21.38 -15.49 14.20
CA SER B 148 22.19 -14.38 13.71
C SER B 148 21.51 -13.10 13.27
N LEU B 149 20.20 -13.11 13.09
CA LEU B 149 19.48 -11.91 12.68
C LEU B 149 18.92 -11.19 13.91
N ALA B 150 18.85 -11.89 15.05
CA ALA B 150 18.31 -11.32 16.30
C ALA B 150 18.92 -9.96 16.59
N PRO B 151 18.30 -9.15 17.45
CA PRO B 151 17.08 -9.27 18.25
C PRO B 151 15.87 -8.82 17.44
N LEU B 152 16.13 -8.57 16.15
CA LEU B 152 15.11 -8.20 15.19
C LEU B 152 14.51 -9.57 14.91
N PRO B 153 13.23 -9.80 15.25
CA PRO B 153 12.46 -11.07 15.09
C PRO B 153 12.39 -11.59 13.67
N CYS B 154 12.20 -12.91 13.53
CA CYS B 154 12.12 -13.51 12.20
C CYS B 154 11.25 -14.74 12.25
N TYR B 155 10.44 -14.96 11.22
CA TYR B 155 9.51 -16.10 11.20
C TYR B 155 9.65 -16.94 9.94
N VAL B 156 9.34 -18.21 10.07
CA VAL B 156 9.39 -19.18 8.98
C VAL B 156 7.97 -19.64 8.69
N TYR B 157 7.54 -19.42 7.45
CA TYR B 157 6.20 -19.80 6.98
C TYR B 157 6.30 -21.20 6.31
N LEU B 158 5.48 -22.19 6.68
CA LEU B 158 5.60 -23.51 6.06
C LEU B 158 4.49 -23.94 5.10
N ILE B 159 4.95 -24.41 3.91
CA ILE B 159 4.02 -24.93 2.88
C ILE B 159 4.25 -26.38 2.43
N GLU B 160 3.41 -27.30 2.88
CA GLU B 160 3.56 -28.67 2.48
C GLU B 160 2.44 -29.00 1.51
N HIS B 161 2.76 -29.03 0.21
CA HIS B 161 1.78 -29.35 -0.82
C HIS B 161 1.71 -30.85 -1.06
N PRO B 162 0.52 -31.47 -0.85
CA PRO B 162 0.56 -32.91 -1.12
C PRO B 162 0.72 -33.25 -2.62
N SER B 163 0.69 -32.21 -3.46
CA SER B 163 0.91 -32.38 -4.89
C SER B 163 2.37 -32.83 -5.11
N LEU B 164 3.25 -32.44 -4.19
CA LEU B 164 4.68 -32.77 -4.29
C LEU B 164 5.27 -31.97 -5.46
N LYS B 165 4.45 -31.06 -5.97
CA LYS B 165 4.84 -30.20 -7.07
C LYS B 165 4.74 -28.75 -6.61
N TYR B 166 5.50 -27.88 -7.27
CA TYR B 166 5.45 -26.45 -6.96
C TYR B 166 5.55 -25.56 -8.26
N ALA B 167 5.07 -24.32 -8.22
CA ALA B 167 5.13 -23.48 -9.42
C ALA B 167 5.62 -22.08 -9.11
N THR B 168 6.22 -21.89 -7.95
CA THR B 168 6.72 -20.58 -7.62
C THR B 168 7.83 -20.17 -8.58
N THR B 169 8.43 -19.00 -8.36
CA THR B 169 9.53 -18.54 -9.21
C THR B 169 10.74 -19.27 -8.69
N ARG B 170 10.92 -19.21 -7.37
CA ARG B 170 12.07 -19.84 -6.74
C ARG B 170 12.20 -21.37 -6.94
N SER B 171 11.12 -22.08 -7.23
CA SER B 171 11.25 -23.52 -7.37
C SER B 171 12.09 -23.94 -8.61
N ILE B 172 12.90 -23.01 -9.08
CA ILE B 172 13.80 -23.23 -10.20
C ILE B 172 15.16 -23.63 -9.59
N ALA B 173 15.24 -23.69 -8.26
CA ALA B 173 16.47 -24.04 -7.54
C ALA B 173 16.43 -25.40 -6.82
N LYS B 174 17.61 -25.92 -6.44
CA LYS B 174 17.74 -27.19 -5.66
C LYS B 174 17.18 -26.88 -4.25
N TYR B 175 17.63 -25.76 -3.71
CA TYR B 175 17.21 -25.26 -2.42
C TYR B 175 16.59 -23.87 -2.67
N PRO B 176 15.25 -23.75 -2.77
CA PRO B 176 14.55 -22.47 -3.01
C PRO B 176 14.38 -21.62 -1.74
N VAL B 177 14.51 -20.32 -1.85
CA VAL B 177 14.30 -19.53 -0.64
C VAL B 177 13.47 -18.30 -0.97
N GLY B 178 12.42 -18.09 -0.18
CA GLY B 178 11.56 -16.94 -0.37
C GLY B 178 11.88 -15.91 0.70
N ILE B 179 11.98 -14.65 0.32
CA ILE B 179 12.19 -13.63 1.34
C ILE B 179 10.97 -12.70 1.32
N GLU B 180 10.11 -12.84 2.34
CA GLU B 180 8.93 -12.05 2.42
C GLU B 180 9.12 -10.96 3.45
N VAL B 181 9.00 -9.74 3.01
CA VAL B 181 9.13 -8.68 3.96
C VAL B 181 8.07 -7.65 3.66
N GLY B 182 7.38 -7.28 4.75
CA GLY B 182 6.28 -6.34 4.79
C GLY B 182 6.26 -5.88 6.22
N PRO B 183 5.61 -4.76 6.57
CA PRO B 183 4.83 -3.79 5.79
C PRO B 183 5.49 -2.59 5.06
N GLN B 184 5.21 -2.50 3.75
CA GLN B 184 5.70 -1.41 2.92
C GLN B 184 4.48 -1.47 2.04
N PRO B 185 3.90 -0.32 1.61
CA PRO B 185 2.72 -0.52 0.72
C PRO B 185 3.21 -0.83 -0.68
N GLN B 186 2.34 -1.37 -1.53
CA GLN B 186 2.77 -1.68 -2.91
C GLN B 186 3.22 -0.37 -3.53
N GLY B 187 4.14 -0.42 -4.45
CA GLY B 187 4.56 0.80 -5.05
C GLY B 187 5.10 1.85 -4.11
N VAL B 188 5.62 1.44 -2.96
CA VAL B 188 6.21 2.44 -2.02
C VAL B 188 7.41 1.81 -1.40
N LEU B 189 8.54 2.52 -1.41
CA LEU B 189 9.79 2.01 -0.86
C LEU B 189 10.22 2.67 0.46
N ARG B 190 10.17 1.91 1.56
CA ARG B 190 10.58 2.41 2.89
C ARG B 190 12.08 2.12 3.18
N ALA B 191 12.87 3.14 3.50
CA ALA B 191 14.30 2.98 3.82
C ALA B 191 14.51 1.79 4.78
N ASP B 192 13.67 1.74 5.81
CA ASP B 192 13.56 0.72 6.90
C ASP B 192 13.40 -0.78 6.46
N ILE B 193 12.28 -1.06 5.79
CA ILE B 193 11.95 -2.37 5.25
C ILE B 193 13.14 -2.86 4.43
N LEU B 194 13.67 -1.95 3.59
CA LEU B 194 14.79 -2.26 2.71
C LEU B 194 16.00 -2.66 3.56
N ASP B 195 15.93 -2.39 4.85
CA ASP B 195 17.05 -2.80 5.64
C ASP B 195 16.91 -4.13 6.45
N GLN B 196 15.72 -4.41 7.01
CA GLN B 196 15.56 -5.63 7.75
C GLN B 196 15.90 -6.78 6.81
N ARG B 198 17.57 -6.64 4.09
CA ARG B 198 18.88 -6.48 3.48
C ARG B 198 19.96 -7.20 4.29
N LYS B 199 19.86 -7.09 5.62
CA LYS B 199 20.81 -7.71 6.53
C LYS B 199 20.85 -9.24 6.39
N ILE B 201 19.95 -11.28 3.50
CA ILE B 201 20.51 -11.76 2.29
C ILE B 201 21.98 -11.74 2.69
N LYS B 202 22.40 -10.76 3.52
CA LYS B 202 23.80 -10.79 4.01
C LYS B 202 23.97 -12.14 4.73
N HIS B 203 23.18 -12.39 5.77
CA HIS B 203 23.33 -13.65 6.45
C HIS B 203 23.22 -14.89 5.58
N ALA B 204 22.20 -14.95 4.72
CA ALA B 204 22.08 -16.07 3.83
C ALA B 204 23.40 -16.31 3.02
N LEU B 205 23.94 -15.27 2.35
CA LEU B 205 25.18 -15.37 1.57
C LEU B 205 26.40 -15.70 2.46
N ASP B 206 26.68 -14.79 3.40
CA ASP B 206 27.77 -14.98 4.38
C ASP B 206 27.63 -16.41 5.01
N PHE B 207 26.39 -16.86 5.21
CA PHE B 207 26.15 -18.21 5.71
C PHE B 207 26.71 -19.13 4.64
N ILE B 208 26.19 -19.01 3.40
CA ILE B 208 26.66 -19.86 2.30
C ILE B 208 28.18 -19.83 2.27
N HIS B 209 28.78 -18.70 2.66
CA HIS B 209 30.24 -18.62 2.67
C HIS B 209 30.94 -19.51 3.74
N HIS B 210 30.44 -19.44 4.98
CA HIS B 210 30.96 -20.20 6.13
C HIS B 210 30.79 -21.69 5.87
N PHE B 211 29.55 -22.10 5.64
CA PHE B 211 29.25 -23.50 5.34
C PHE B 211 30.30 -23.89 4.29
N ASN B 212 30.30 -23.20 3.16
CA ASN B 212 31.25 -23.49 2.08
C ASN B 212 32.71 -23.67 2.53
N GLU B 213 33.01 -23.25 3.76
CA GLU B 213 34.34 -23.34 4.35
C GLU B 213 34.46 -24.66 5.10
N GLY B 214 33.37 -25.43 5.16
CA GLY B 214 33.37 -26.71 5.84
C GLY B 214 32.98 -26.68 7.31
N LYS B 215 32.24 -25.67 7.73
CA LYS B 215 31.79 -25.58 9.11
C LYS B 215 30.72 -26.65 9.50
N GLU B 216 30.86 -27.27 10.67
CA GLU B 216 29.86 -28.24 11.14
C GLU B 216 28.62 -27.50 11.66
N PHE B 217 27.51 -28.22 11.63
CA PHE B 217 26.20 -27.78 12.14
C PHE B 217 25.55 -29.04 12.76
N PRO B 218 25.38 -29.06 14.09
CA PRO B 218 24.76 -30.19 14.76
C PRO B 218 23.32 -30.21 14.28
N PRO B 219 22.43 -30.91 15.00
CA PRO B 219 21.00 -30.99 14.66
C PRO B 219 20.51 -29.59 14.85
N CYS B 220 19.22 -29.34 14.61
CA CYS B 220 18.60 -28.03 14.88
C CYS B 220 17.10 -28.05 14.75
N ALA B 221 16.47 -27.38 15.70
CA ALA B 221 15.02 -27.30 15.79
C ALA B 221 14.48 -25.89 15.52
N ILE B 222 13.70 -25.74 14.44
CA ILE B 222 13.09 -24.43 14.17
C ILE B 222 11.56 -24.40 14.27
N GLU B 223 11.02 -23.29 14.79
CA GLU B 223 9.55 -23.07 14.88
C GLU B 223 9.08 -22.61 13.49
N VAL B 224 7.93 -23.13 13.06
CA VAL B 224 7.37 -22.72 11.77
C VAL B 224 5.85 -22.59 11.85
N TYR B 225 5.22 -21.85 10.92
CA TYR B 225 3.77 -21.78 10.97
C TYR B 225 3.25 -22.28 9.59
N LYS B 226 2.44 -23.33 9.59
CA LYS B 226 1.90 -23.86 8.33
C LYS B 226 0.41 -23.52 8.33
N ILE B 227 -0.12 -23.23 7.15
CA ILE B 227 -1.53 -22.91 7.06
C ILE B 227 -2.32 -24.19 7.27
N ILE B 228 -3.46 -24.05 7.95
CA ILE B 228 -4.30 -25.19 8.18
C ILE B 228 -5.53 -24.97 7.36
N GLU B 229 -5.80 -23.68 7.08
CA GLU B 229 -6.89 -23.19 6.22
C GLU B 229 -6.89 -21.70 6.13
N LYS B 230 -7.00 -21.18 4.91
CA LYS B 230 -7.03 -19.74 4.66
C LYS B 230 -8.38 -19.11 5.10
N VAL B 231 -8.53 -18.68 6.35
CA VAL B 231 -9.78 -18.06 6.87
C VAL B 231 -10.52 -17.28 5.81
N ASP B 232 -11.73 -17.68 5.44
CA ASP B 232 -12.37 -16.97 4.35
C ASP B 232 -13.06 -15.63 4.56
N TYR B 233 -13.38 -15.01 3.42
CA TYR B 233 -14.02 -13.70 3.39
C TYR B 233 -15.56 -13.57 3.32
N PRO B 234 -16.15 -12.77 4.22
CA PRO B 234 -17.60 -12.59 4.19
C PRO B 234 -17.89 -11.81 2.86
N ARG B 235 -17.97 -12.58 1.78
CA ARG B 235 -18.24 -12.06 0.46
C ARG B 235 -19.74 -11.90 0.62
N ASP B 236 -20.45 -11.11 -0.20
CA ASP B 236 -21.90 -10.91 0.05
C ASP B 236 -22.93 -11.89 -0.50
N GLU B 237 -24.08 -11.45 -1.03
CA GLU B 237 -25.01 -12.42 -1.58
C GLU B 237 -24.56 -12.52 -3.05
N ASN B 238 -23.88 -11.45 -3.49
CA ASN B 238 -23.33 -11.32 -4.83
C ASN B 238 -21.86 -11.74 -4.86
N GLY B 239 -21.25 -11.80 -3.66
CA GLY B 239 -19.88 -12.25 -3.49
C GLY B 239 -18.77 -11.32 -3.06
N GLU B 240 -19.08 -10.05 -2.81
CA GLU B 240 -18.01 -9.13 -2.44
C GLU B 240 -17.88 -8.98 -0.89
N ILE B 241 -16.78 -8.42 -0.40
CA ILE B 241 -16.64 -8.31 1.04
C ILE B 241 -17.95 -7.92 1.72
N ALA B 242 -18.00 -8.10 3.03
CA ALA B 242 -19.17 -7.73 3.84
C ALA B 242 -18.65 -7.25 5.20
N ALA B 243 -17.39 -6.79 5.24
CA ALA B 243 -16.82 -6.31 6.48
C ALA B 243 -15.37 -5.77 6.34
N ILE B 244 -14.66 -5.59 7.43
CA ILE B 244 -13.33 -5.00 7.36
C ILE B 244 -12.55 -5.51 8.60
N ILE B 245 -11.33 -6.07 8.43
CA ILE B 245 -10.62 -6.62 9.59
C ILE B 245 -10.69 -5.80 10.91
N HIS B 246 -11.28 -6.47 11.90
CA HIS B 246 -11.50 -5.97 13.23
C HIS B 246 -10.23 -5.34 13.69
N PRO B 247 -10.30 -4.12 14.21
CA PRO B 247 -9.07 -3.46 14.65
C PRO B 247 -8.03 -4.32 15.30
N ASN B 248 -8.30 -4.70 16.54
CA ASN B 248 -7.41 -5.47 17.39
C ASN B 248 -6.53 -6.59 16.89
N LEU B 249 -6.93 -7.21 15.77
CA LEU B 249 -6.24 -8.31 15.07
C LEU B 249 -5.16 -7.77 14.12
N GLN B 250 -5.47 -6.61 13.54
CA GLN B 250 -4.64 -5.88 12.59
C GLN B 250 -3.20 -5.86 13.12
N ASP B 251 -2.23 -6.32 12.32
CA ASP B 251 -0.82 -6.25 12.73
C ASP B 251 -0.25 -7.39 13.60
N GLN B 252 -1.15 -7.95 14.41
CA GLN B 252 -0.88 -9.04 15.33
C GLN B 252 -0.77 -10.31 14.52
N ASP B 253 -0.22 -10.14 13.33
CA ASP B 253 0.08 -11.19 12.39
C ASP B 253 1.20 -11.87 13.22
N TRP B 254 1.22 -13.21 13.25
CA TRP B 254 2.23 -14.03 13.99
C TRP B 254 1.82 -14.42 15.42
N LYS B 255 0.95 -13.61 16.05
CA LYS B 255 0.49 -13.85 17.42
C LYS B 255 -0.59 -14.92 17.43
N PRO B 256 -0.92 -15.46 18.61
CA PRO B 256 -1.94 -16.51 18.70
C PRO B 256 -3.39 -16.01 18.65
N LEU B 257 -4.21 -16.63 17.81
CA LEU B 257 -5.61 -16.23 17.75
C LEU B 257 -6.42 -17.35 18.41
N HIS B 258 -6.60 -17.14 19.70
CA HIS B 258 -7.32 -18.02 20.56
C HIS B 258 -8.69 -18.32 20.02
N PRO B 259 -9.27 -19.44 20.47
CA PRO B 259 -10.60 -19.75 19.96
C PRO B 259 -11.66 -18.94 20.67
N GLY B 260 -11.24 -17.87 21.32
CA GLY B 260 -12.19 -17.00 21.93
C GLY B 260 -12.12 -15.76 21.04
N ASP B 261 -10.89 -15.25 20.94
CA ASP B 261 -10.45 -14.05 20.20
C ASP B 261 -11.39 -13.53 19.11
N PRO B 262 -11.53 -12.20 19.00
CA PRO B 262 -12.39 -11.51 18.02
C PRO B 262 -12.14 -11.97 16.61
N PHE B 264 -13.18 -10.61 12.42
CA PHE B 264 -13.62 -9.76 11.30
C PHE B 264 -14.40 -8.60 11.80
N LEU B 265 -14.64 -7.61 10.94
CA LEU B 265 -15.47 -6.45 11.31
C LEU B 265 -16.44 -5.89 10.26
N THR B 266 -17.73 -6.22 10.41
CA THR B 266 -18.85 -5.75 9.56
C THR B 266 -19.22 -4.32 9.91
N LEU B 267 -19.70 -3.57 8.93
CA LEU B 267 -20.15 -2.25 9.25
C LEU B 267 -21.57 -2.54 9.85
N ASP B 268 -21.63 -3.57 10.67
CA ASP B 268 -22.84 -4.02 11.32
C ASP B 268 -22.72 -3.50 12.73
N GLY B 269 -21.48 -3.31 13.15
CA GLY B 269 -21.22 -2.77 14.45
C GLY B 269 -20.68 -3.78 15.42
N LYS B 270 -21.01 -5.05 15.22
CA LYS B 270 -20.56 -6.08 16.17
C LYS B 270 -19.26 -6.77 15.77
N THR B 271 -18.83 -7.68 16.63
CA THR B 271 -17.60 -8.44 16.39
C THR B 271 -17.99 -9.87 16.03
N ILE B 272 -17.11 -10.48 15.26
CA ILE B 272 -17.27 -11.85 14.86
C ILE B 272 -15.91 -12.37 15.29
N PRO B 273 -15.87 -13.15 16.40
CA PRO B 273 -14.74 -13.81 17.10
C PRO B 273 -14.25 -15.03 16.34
N LEU B 274 -13.52 -15.94 16.98
CA LEU B 274 -13.05 -17.12 16.24
C LEU B 274 -13.90 -18.44 16.35
N GLY B 275 -14.46 -18.74 17.50
CA GLY B 275 -15.25 -19.97 17.62
C GLY B 275 -14.70 -21.38 17.30
N GLY B 276 -14.31 -22.15 18.33
CA GLY B 276 -13.77 -23.50 18.11
C GLY B 276 -12.95 -24.18 19.23
N ASP B 277 -12.41 -25.37 18.97
CA ASP B 277 -11.66 -26.09 20.00
C ASP B 277 -10.12 -26.03 19.85
N CYS B 278 -9.62 -25.04 19.13
CA CYS B 278 -8.18 -24.91 18.99
C CYS B 278 -7.68 -23.55 18.49
N THR B 279 -6.53 -23.18 19.05
CA THR B 279 -5.84 -21.92 18.80
C THR B 279 -5.03 -21.90 17.50
N VAL B 280 -4.87 -20.71 16.96
CA VAL B 280 -4.20 -20.58 15.69
C VAL B 280 -3.35 -19.30 15.58
N TYR B 281 -2.55 -19.20 14.53
CA TYR B 281 -1.72 -18.02 14.33
C TYR B 281 -2.06 -17.38 13.02
N PRO B 282 -2.45 -16.10 13.08
CA PRO B 282 -2.80 -15.46 11.81
C PRO B 282 -1.58 -14.82 11.19
N VAL B 283 -1.44 -15.10 9.91
CA VAL B 283 -0.35 -14.54 9.12
C VAL B 283 -0.97 -14.19 7.78
N PHE B 284 -0.53 -13.04 7.25
CA PHE B 284 -1.00 -12.48 6.00
C PHE B 284 -2.33 -11.78 6.26
N VAL B 285 -2.45 -11.31 7.49
CA VAL B 285 -3.60 -10.55 7.95
C VAL B 285 -3.62 -9.25 7.18
N ASN B 286 -4.60 -9.14 6.30
CA ASN B 286 -4.92 -8.01 5.47
C ASN B 286 -4.01 -7.69 4.31
N GLU B 287 -3.63 -8.71 3.54
CA GLU B 287 -2.74 -8.52 2.40
C GLU B 287 -3.47 -7.94 1.16
N ALA B 288 -2.98 -6.83 0.62
CA ALA B 288 -3.59 -6.22 -0.56
C ALA B 288 -3.86 -7.20 -1.67
N ALA B 289 -2.85 -7.98 -2.04
CA ALA B 289 -2.97 -8.95 -3.11
C ALA B 289 -3.97 -10.03 -2.80
N TYR B 290 -4.41 -10.12 -1.56
CA TYR B 290 -5.29 -11.21 -1.26
C TYR B 290 -6.82 -10.97 -1.22
N TYR B 291 -7.31 -9.77 -1.57
CA TYR B 291 -8.75 -9.56 -1.61
C TYR B 291 -9.32 -10.33 -2.79
N GLU B 292 -8.91 -9.95 -4.00
CA GLU B 292 -9.40 -10.66 -5.19
C GLU B 292 -9.29 -12.15 -4.85
N LYS B 293 -8.06 -12.67 -4.85
CA LYS B 293 -7.75 -14.09 -4.55
C LYS B 293 -8.29 -14.54 -3.19
N LYS B 294 -9.58 -14.24 -2.91
CA LYS B 294 -10.31 -14.54 -1.64
C LYS B 294 -9.39 -14.94 -0.43
N GLU B 295 -9.31 -14.07 0.58
CA GLU B 295 -8.43 -14.29 1.73
C GLU B 295 -8.41 -13.04 2.62
N ALA B 296 -8.70 -13.20 3.90
CA ALA B 296 -8.68 -12.08 4.81
C ALA B 296 -7.42 -12.17 5.68
N PHE B 297 -6.98 -13.38 6.01
CA PHE B 297 -5.72 -13.57 6.78
C PHE B 297 -5.34 -15.05 6.95
N ALA B 298 -4.28 -15.54 6.28
CA ALA B 298 -3.92 -16.96 6.45
C ALA B 298 -3.69 -17.34 7.92
N LYS B 299 -4.58 -18.23 8.41
CA LYS B 299 -4.57 -18.76 9.76
C LYS B 299 -3.66 -19.98 9.69
N THR B 300 -2.68 -20.00 10.58
CA THR B 300 -1.74 -21.08 10.50
C THR B 300 -1.54 -21.84 11.77
N THR B 301 -0.99 -23.05 11.64
CA THR B 301 -0.63 -23.74 12.86
C THR B 301 0.87 -23.58 13.01
N LYS B 302 1.33 -23.83 14.23
CA LYS B 302 2.71 -23.64 14.56
C LYS B 302 3.46 -24.93 14.86
N LEU B 303 4.77 -24.87 14.80
CA LEU B 303 5.59 -26.01 15.12
C LEU B 303 7.07 -25.81 15.17
N THR B 304 7.74 -26.96 15.25
CA THR B 304 9.20 -27.05 15.31
C THR B 304 9.66 -28.15 14.41
N LEU B 305 10.61 -27.84 13.54
CA LEU B 305 11.17 -28.83 12.66
C LEU B 305 12.67 -28.88 13.02
N ASN B 306 13.34 -30.00 12.65
CA ASN B 306 14.78 -30.20 12.89
C ASN B 306 15.65 -30.57 11.70
N ALA B 307 16.94 -30.30 11.79
CA ALA B 307 17.82 -30.60 10.67
C ALA B 307 18.84 -31.68 11.00
N LYS B 308 18.57 -32.96 10.65
CA LYS B 308 19.49 -34.09 10.96
C LYS B 308 21.00 -33.91 10.78
N SER B 309 21.59 -33.19 11.73
CA SER B 309 23.01 -32.94 11.88
C SER B 309 23.81 -32.83 10.57
N ILE B 310 23.87 -31.66 9.91
CA ILE B 310 24.54 -31.47 8.57
C ILE B 310 26.03 -31.00 8.43
N ARG B 311 26.73 -31.52 7.41
CA ARG B 311 28.13 -31.09 7.22
C ARG B 311 28.66 -30.81 5.83
N CYS B 312 29.32 -29.67 5.74
CA CYS B 312 29.94 -29.14 4.58
C CYS B 312 30.06 -27.74 5.14
#